data_5O7X
#
_entry.id   5O7X
#
_cell.length_a   109.070
_cell.length_b   109.140
_cell.length_c   385.640
_cell.angle_alpha   90.02
_cell.angle_beta   90.01
_cell.angle_gamma   59.98
#
_symmetry.space_group_name_H-M   'P 1'
#
loop_
_entity.id
_entity.type
_entity.pdbx_description
1 polymer 'RNA polymerase I-specific transcription initiation factor RRN6'
2 polymer 'RNA polymerase I-specific transcription initiation factor RRN7'
3 polymer 'RNA polymerase I-specific transcription initiation factor RRN11'
4 non-polymer 'SULFATE ION'
5 non-polymer 'MAGNESIUM ION'
#
loop_
_entity_poly.entity_id
_entity_poly.type
_entity_poly.pdbx_seq_one_letter_code
_entity_poly.pdbx_strand_id
1 'polypeptide(L)'
;MSEGQIPSSDVLGSQLGVGVQGASLYCPQENYTTKKQEKPQWLRPVDDTLAEDALDLHIVVKSLLCDTAIRYISDDKVLQ
ESDADDDLITSDIDEDTDNQGDTSIVVNPVIPVVPKDVHFFKKVDVGNDSMFGVNCDTPVSFQDYIPSDLLRNLDDTLQE
STNSSRPMQDAFFWDPTVANRLDSQYIQTASDLRNYRDGTEIIAYASGKTGSVLNIAVLTRQNTLHLNRHNNVTSIELHS
PIKSIKIPGASESIGRRSNLVGIITENSFQIFRIESVHSRSCDVMVSSSEPLYFVEIDDLQVVDFAFNPWDLQQFAIIDI
KGNWSIGRIPKNFNNNNKRKLQLIDNLHGTIFDPEELSSWKRIEWFSHFQKILVFDRSKMIEIDFMNNWQTEVVQAKAWS
NIRDYKRIDDKNGILLTSREIIIVGASESNDPVRRISWKHDLDPDDTTLRITVQKVKKPDHILLVAFVYSMRHKRIYMHV
FSHRKANLFQSLGCSTVLEIPGGTPTGIETILTLDHIDDESRREEDADENFELVVDFLVKLRNSSEVYYYALSNTQNSEP
NKQETPIIVDHPEWASLFNNADEREKESIGALVSQIKLKERERISRVQNLIEHENSHDEDKYLQDLGYRLSIATNELLES
WQKTKDESILSGSLSHSKLKNLLENSDSFASIPEFSSLLDQFFQYYQDQDVTFIGFEKLLHLFLHEDVPGLDIFYNKLLQ
CWVLVSPQAELLTKEIVKDIIWSLARLEKPSLFEPIQNEISRSLSGPYQDIISSWDMDDINEEDESNEFNFDSQFSAPFN
GRPPFNLNSQSQIPTIKSSQSSGLARRKRILKTQSQKATPLSQSTQNLSVLPDSMTPAFTLMQPPSSQISFVNDSQPRNS
QKAKKKKKRIRGFG
;
A,D,G,J,M,P
2 'polypeptide(L)'
;MSTFIRGPICGTDNCPSRLWRIIDGRRTCQYGHVMEGDVEFNDDEDDLNGLGAGVITRRLNLTTNATGSFQSSQLTNSQL
LQQQQRQSHKKFKKLIGHEAKLLFLKSFQFILKRQIRWLITEMRFPKEFEHVAKIIWLKILKTINDQPQEELKLQLHMTS
TISILYLASTHLSLPVYTCDYIKWICTAKMPYFQASEILPKSWRIQLPNYYVSILEGSISPFNGQLYNKIALTCGMIHFK
EFFNSEISCQGLLLKLVMQCALPPEFYFYTKQVIEFEETDIRNLTLWERTDERHTGRVSNHAELRVLSYFMLTINWMLSF
DRDRQYPLKWILSLTESLTQRTTTSESIGRNIVKVVYPDKPTSSDYFQWSEEETLEFLKWMEKQFLPTQTKSLHNENGSM
EMTIDQKIARRKLYKIFPLDREANHDGEFNDSTHQLTFIEDLQERYAKQTPFFESNKIRDSLNYQEANPPARKEAIGRLL
THIASQLLVDFAISKEQLKDCISRIKNACLHRMN
;
B,E,H,K,N,Q
3 'polypeptide(L)'
;MFEVPITLTNRKFAQRRKLKYQYINYISRRFDRISKKSTTTDSLPTPENSAAENNDEEEGQNSEAGTYRRSVLQQKKRRR
ERHWRSVVGEIYSTTESETDSQEEETEEGGEHDTGIDKEDSDEERKFWKKYEKPEKSFEIWRTVSSQNKQPINKQKMTYH
NFKKIEKIPLRKMEIPLLHCTKENKLYFQSISRGLEPLKTSTSEVRNYRTRHIVTLTDLLHLNVSRHNWSLAYKIFATLI
RIPGVQIKSLWGIGVEILDNLSNSSSGLDFLQWMCQIYSSKSRFVQNINYRSIVPPFQTGSRTHTAKFAITYLWSSLINC
QKSMEPSSNIIDKPFDTENDLLQELIDKISEWVLTPPFMEDAEVWFIYASCHLLKADTLSRQFVNDNKNNDLIGLDRDIK
INQVIKHIHYVRTFLKICLDKGGFAVPSRLIENQLKSFESRLYGEAQDIQERDVANVYDSIDNSSVENSFGDVYETNAEF
LDTQLMDLSPEDNGLDEMHYSDEDSSE
;
C,F,I,L,O,R
#
# COMPACT_ATOMS: atom_id res chain seq x y z
N VAL A 20 -55.00 51.34 5.91
CA VAL A 20 -55.48 52.70 6.09
C VAL A 20 -56.81 52.92 5.34
N GLN A 21 -56.78 52.68 4.03
CA GLN A 21 -57.91 53.02 3.16
C GLN A 21 -59.22 52.42 3.68
N GLY A 22 -59.25 51.09 3.85
CA GLY A 22 -60.45 50.44 4.35
C GLY A 22 -60.59 50.48 5.86
N ALA A 23 -59.46 50.49 6.58
CA ALA A 23 -59.52 50.47 8.05
C ALA A 23 -60.21 51.71 8.59
N SER A 24 -60.00 52.86 7.96
CA SER A 24 -60.65 54.10 8.40
C SER A 24 -61.60 54.68 7.35
N LEU A 25 -61.88 53.95 6.26
CA LEU A 25 -63.17 54.11 5.60
C LEU A 25 -64.27 53.40 6.39
N TYR A 26 -63.90 52.33 7.11
CA TYR A 26 -64.86 51.62 7.95
C TYR A 26 -65.44 52.53 9.03
N CYS A 27 -64.59 52.99 9.95
CA CYS A 27 -65.02 53.72 11.15
C CYS A 27 -65.96 52.89 12.03
N THR A 49 -52.27 53.17 12.92
CA THR A 49 -51.93 53.49 11.52
C THR A 49 -50.75 52.68 11.00
N LEU A 50 -50.48 51.54 11.65
CA LEU A 50 -49.29 50.75 11.31
C LEU A 50 -49.49 49.98 10.01
N ALA A 51 -50.29 48.91 10.05
CA ALA A 51 -50.54 48.09 8.86
C ALA A 51 -51.75 47.19 9.07
N GLU A 52 -51.65 45.95 8.61
CA GLU A 52 -52.61 44.91 8.96
C GLU A 52 -51.95 43.75 9.69
N ASP A 53 -50.64 43.80 9.90
CA ASP A 53 -49.82 42.61 10.14
C ASP A 53 -48.44 43.06 10.61
N ALA A 54 -47.68 42.11 11.16
CA ALA A 54 -46.29 42.31 11.53
C ALA A 54 -45.40 42.08 10.30
N LEU A 55 -44.11 41.86 10.51
CA LEU A 55 -43.08 42.09 9.49
C LEU A 55 -42.36 40.77 9.16
N ASP A 56 -42.61 40.21 7.97
CA ASP A 56 -42.05 38.92 7.59
C ASP A 56 -41.56 38.91 6.14
N LEU A 57 -40.51 38.11 5.90
CA LEU A 57 -39.63 38.23 4.73
C LEU A 57 -39.30 36.91 4.04
N HIS A 58 -38.09 36.77 3.54
CA HIS A 58 -37.73 35.79 2.52
C HIS A 58 -36.69 34.79 3.04
N ILE A 59 -36.82 33.52 2.63
CA ILE A 59 -35.81 32.47 2.84
C ILE A 59 -35.77 31.59 1.59
N VAL A 60 -34.79 30.67 1.53
CA VAL A 60 -34.50 29.87 0.34
C VAL A 60 -34.55 28.35 0.67
N VAL A 61 -34.56 27.53 -0.40
CA VAL A 61 -34.38 26.07 -0.46
C VAL A 61 -34.02 25.70 -1.90
N LYS A 62 -32.80 25.20 -2.14
CA LYS A 62 -32.21 25.15 -3.48
C LYS A 62 -32.06 23.72 -4.01
N SER A 63 -32.01 23.58 -5.33
CA SER A 63 -31.88 22.28 -5.97
C SER A 63 -31.52 22.43 -7.45
N LEU A 64 -30.79 21.45 -7.96
CA LEU A 64 -30.48 21.35 -9.38
C LEU A 64 -31.59 20.61 -10.11
N LEU A 65 -31.89 21.06 -11.35
CA LEU A 65 -32.97 20.44 -12.12
C LEU A 65 -32.49 19.81 -13.43
N CYS A 66 -31.84 20.57 -14.31
CA CYS A 66 -31.34 20.00 -15.56
C CYS A 66 -30.23 20.87 -16.11
N ASP A 67 -29.45 20.29 -17.02
CA ASP A 67 -28.35 20.98 -17.67
C ASP A 67 -28.47 20.82 -19.18
N THR A 68 -27.94 21.79 -19.91
CA THR A 68 -28.04 21.77 -21.37
C THR A 68 -26.72 21.39 -22.07
N GLN A 169 -20.80 45.44 -29.24
CA GLN A 169 -22.24 45.67 -29.34
C GLN A 169 -22.98 44.83 -28.30
N ASP A 170 -22.90 43.51 -28.46
CA ASP A 170 -23.59 42.58 -27.57
C ASP A 170 -23.21 42.79 -26.12
N ALA A 171 -22.04 43.37 -25.86
CA ALA A 171 -21.67 43.69 -24.49
C ALA A 171 -22.51 44.82 -23.90
N PHE A 172 -23.13 45.66 -24.75
CA PHE A 172 -23.86 46.82 -24.29
C PHE A 172 -25.32 46.87 -24.73
N PHE A 173 -25.77 45.98 -25.62
CA PHE A 173 -27.15 45.96 -26.06
C PHE A 173 -27.70 44.54 -26.04
N TRP A 174 -29.02 44.44 -26.10
CA TRP A 174 -29.67 43.14 -26.09
C TRP A 174 -30.87 43.16 -27.02
N ASP A 175 -31.25 41.97 -27.47
CA ASP A 175 -32.35 41.78 -28.39
C ASP A 175 -33.63 41.61 -27.58
N PRO A 176 -34.59 42.52 -27.67
CA PRO A 176 -35.86 42.31 -26.97
C PRO A 176 -36.66 41.13 -27.50
N THR A 177 -36.47 40.72 -28.75
CA THR A 177 -37.29 39.66 -29.30
C THR A 177 -36.98 38.29 -28.71
N VAL A 178 -36.03 38.19 -27.80
CA VAL A 178 -35.80 36.90 -27.18
C VAL A 178 -36.28 37.00 -25.74
N ALA A 179 -37.51 36.54 -25.48
CA ALA A 179 -38.08 36.69 -24.15
C ALA A 179 -37.59 35.59 -23.23
N ASN A 180 -38.05 34.35 -23.47
CA ASN A 180 -37.74 33.24 -22.57
C ASN A 180 -37.61 31.95 -23.36
N ARG A 181 -36.54 31.22 -23.10
CA ARG A 181 -36.19 30.03 -23.87
C ARG A 181 -36.43 28.75 -23.06
N LEU A 182 -37.28 28.82 -22.03
CA LEU A 182 -37.73 27.62 -21.34
C LEU A 182 -39.04 27.90 -20.64
N ASP A 183 -39.96 26.93 -20.73
CA ASP A 183 -41.23 26.95 -20.01
C ASP A 183 -41.42 25.59 -19.34
N SER A 184 -42.30 25.57 -18.33
CA SER A 184 -42.71 24.36 -17.65
C SER A 184 -44.12 24.55 -17.12
N GLN A 185 -45.02 23.63 -17.45
CA GLN A 185 -46.43 23.87 -17.20
C GLN A 185 -47.17 22.55 -17.29
N TYR A 186 -48.42 22.56 -16.82
CA TYR A 186 -49.23 21.35 -16.82
C TYR A 186 -49.90 21.18 -18.18
N ILE A 187 -49.61 20.05 -18.81
CA ILE A 187 -50.14 19.69 -20.11
C ILE A 187 -50.99 18.44 -19.92
N GLN A 188 -51.87 18.19 -20.88
CA GLN A 188 -52.82 17.08 -20.75
C GLN A 188 -53.17 16.55 -22.13
N THR A 189 -52.81 15.30 -22.40
CA THR A 189 -52.97 14.74 -23.72
C THR A 189 -54.32 14.05 -23.84
N ALA A 190 -54.56 13.39 -24.99
CA ALA A 190 -55.82 12.72 -25.22
C ALA A 190 -55.98 11.52 -24.31
N SER A 191 -54.98 10.63 -24.28
CA SER A 191 -55.04 9.46 -23.40
C SER A 191 -55.19 9.86 -21.94
N ASP A 192 -54.80 11.08 -21.58
CA ASP A 192 -55.08 11.60 -20.25
C ASP A 192 -56.53 12.03 -20.10
N LEU A 193 -57.25 12.23 -21.21
CA LEU A 193 -58.65 12.65 -21.20
C LEU A 193 -59.62 11.47 -21.29
N ARG A 194 -59.12 10.25 -21.47
CA ARG A 194 -59.97 9.07 -21.30
C ARG A 194 -60.31 8.84 -19.84
N ASN A 195 -59.33 9.06 -18.96
CA ASN A 195 -59.50 8.84 -17.53
C ASN A 195 -59.88 10.12 -16.81
N TYR A 196 -59.44 10.26 -15.56
CA TYR A 196 -59.59 11.49 -14.79
C TYR A 196 -58.23 12.03 -14.39
N ARG A 197 -57.15 11.48 -14.93
CA ARG A 197 -55.80 11.91 -14.60
C ARG A 197 -55.56 13.32 -15.11
N ASP A 198 -54.97 14.15 -14.27
CA ASP A 198 -54.78 15.57 -14.57
C ASP A 198 -53.49 15.82 -15.36
N GLY A 199 -53.28 15.05 -16.43
CA GLY A 199 -52.13 15.26 -17.30
C GLY A 199 -50.80 15.04 -16.58
N THR A 200 -49.81 15.85 -16.95
CA THR A 200 -48.50 15.82 -16.33
C THR A 200 -47.85 17.19 -16.40
N GLU A 201 -46.78 17.35 -15.64
CA GLU A 201 -45.97 18.56 -15.67
C GLU A 201 -44.78 18.31 -16.58
N ILE A 202 -44.56 19.23 -17.54
CA ILE A 202 -43.47 19.10 -18.48
C ILE A 202 -42.61 20.35 -18.44
N ILE A 203 -41.37 20.19 -18.89
CA ILE A 203 -40.49 21.29 -19.22
C ILE A 203 -40.13 21.18 -20.71
N ALA A 204 -40.03 22.33 -21.36
CA ALA A 204 -39.48 22.47 -22.70
C ALA A 204 -38.47 23.60 -22.63
N TYR A 205 -37.25 23.32 -23.04
CA TYR A 205 -36.16 24.28 -22.99
C TYR A 205 -35.27 24.10 -24.21
N ALA A 206 -34.65 25.20 -24.62
CA ALA A 206 -33.84 25.20 -25.83
C ALA A 206 -32.42 24.77 -25.51
N SER A 207 -31.75 24.21 -26.52
CA SER A 207 -30.40 23.69 -26.37
C SER A 207 -29.67 23.79 -27.70
N GLY A 208 -28.37 23.54 -27.66
CA GLY A 208 -27.56 23.53 -28.86
C GLY A 208 -26.46 24.56 -28.83
N LYS A 209 -25.42 24.35 -29.64
CA LYS A 209 -24.40 25.37 -29.80
C LYS A 209 -25.03 26.68 -30.24
N THR A 210 -25.89 26.63 -31.26
CA THR A 210 -26.62 27.78 -31.74
C THR A 210 -27.99 27.93 -31.09
N GLY A 211 -28.26 27.15 -30.04
CA GLY A 211 -29.56 27.21 -29.37
C GLY A 211 -30.73 26.90 -30.27
N SER A 212 -30.61 25.89 -31.14
CA SER A 212 -31.58 25.63 -32.18
C SER A 212 -32.22 24.25 -32.07
N VAL A 213 -32.22 23.64 -30.89
CA VAL A 213 -32.92 22.38 -30.69
C VAL A 213 -33.89 22.55 -29.53
N LEU A 214 -35.04 21.89 -29.65
CA LEU A 214 -36.08 21.91 -28.63
C LEU A 214 -35.95 20.65 -27.79
N ASN A 215 -36.10 20.79 -26.48
CA ASN A 215 -36.07 19.65 -25.58
C ASN A 215 -37.35 19.67 -24.77
N ILE A 216 -38.11 18.59 -24.83
CA ILE A 216 -39.32 18.42 -24.03
C ILE A 216 -39.21 17.13 -23.22
N ALA A 217 -39.47 17.23 -21.92
CA ALA A 217 -39.38 16.08 -21.04
C ALA A 217 -40.25 16.30 -19.80
N VAL A 218 -40.59 15.19 -19.15
CA VAL A 218 -41.57 15.19 -18.09
C VAL A 218 -40.89 15.37 -16.74
N LEU A 219 -41.66 15.92 -15.81
CA LEU A 219 -41.24 16.08 -14.42
C LEU A 219 -42.11 15.23 -13.51
N THR A 220 -41.54 14.83 -12.39
CA THR A 220 -42.28 14.22 -11.30
C THR A 220 -41.94 14.99 -10.02
N ARG A 221 -42.97 15.44 -9.31
CA ARG A 221 -42.79 16.15 -8.06
C ARG A 221 -43.01 15.21 -6.88
N GLN A 222 -42.08 15.20 -5.93
CA GLN A 222 -42.20 14.36 -4.74
C GLN A 222 -41.87 15.20 -3.50
N ASN A 223 -40.66 15.06 -2.96
CA ASN A 223 -40.24 15.95 -1.89
C ASN A 223 -39.98 17.33 -2.43
N THR A 224 -39.26 17.42 -3.54
CA THR A 224 -39.05 18.65 -4.29
C THR A 224 -39.10 18.31 -5.77
N LEU A 225 -39.52 19.28 -6.57
CA LEU A 225 -39.69 19.04 -8.01
C LEU A 225 -38.39 18.50 -8.60
N HIS A 226 -38.53 17.52 -9.49
CA HIS A 226 -37.36 16.88 -10.07
C HIS A 226 -37.71 16.31 -11.44
N LEU A 227 -36.68 16.18 -12.26
CA LEU A 227 -36.79 15.50 -13.54
C LEU A 227 -37.09 14.01 -13.34
N ASN A 228 -37.73 13.39 -14.34
CA ASN A 228 -38.18 12.02 -14.24
C ASN A 228 -37.00 11.07 -13.98
N ARG A 229 -37.32 9.91 -13.38
CA ARG A 229 -36.27 8.99 -12.94
C ARG A 229 -35.49 8.40 -14.11
N HIS A 230 -36.18 8.08 -15.21
CA HIS A 230 -35.54 7.43 -16.34
C HIS A 230 -34.78 8.40 -17.24
N ASN A 231 -34.85 9.71 -16.94
CA ASN A 231 -34.22 10.78 -17.71
C ASN A 231 -34.16 10.48 -19.20
N ASN A 232 -35.31 10.52 -19.87
CA ASN A 232 -35.39 10.36 -21.31
C ASN A 232 -35.92 11.67 -21.89
N VAL A 233 -35.05 12.67 -21.93
CA VAL A 233 -35.40 13.93 -22.59
C VAL A 233 -35.65 13.66 -24.07
N THR A 234 -36.70 14.25 -24.59
CA THR A 234 -37.04 14.08 -25.99
C THR A 234 -36.72 15.39 -26.71
N SER A 235 -35.62 15.39 -27.46
CA SER A 235 -35.13 16.58 -28.14
C SER A 235 -35.27 16.43 -29.64
N ILE A 236 -35.74 17.50 -30.30
CA ILE A 236 -35.95 17.54 -31.74
C ILE A 236 -35.15 18.74 -32.28
N GLU A 237 -34.45 18.50 -33.39
CA GLU A 237 -33.46 19.45 -33.91
C GLU A 237 -34.09 20.37 -34.94
N LEU A 238 -33.99 21.67 -34.71
CA LEU A 238 -34.31 22.67 -35.72
C LEU A 238 -33.03 23.29 -36.25
N HIS A 239 -33.15 24.01 -37.36
CA HIS A 239 -32.01 24.67 -37.98
C HIS A 239 -31.96 26.17 -37.72
N SER A 240 -32.92 26.70 -36.96
CA SER A 240 -33.01 28.10 -36.60
C SER A 240 -32.93 28.28 -35.09
N PRO A 241 -32.27 29.34 -34.61
CA PRO A 241 -32.17 29.55 -33.16
C PRO A 241 -33.53 29.85 -32.53
N ILE A 242 -33.70 29.37 -31.30
CA ILE A 242 -34.95 29.56 -30.58
C ILE A 242 -34.92 30.89 -29.85
N LYS A 243 -35.91 31.75 -30.13
CA LYS A 243 -36.02 33.04 -29.44
C LYS A 243 -37.05 33.06 -28.32
N SER A 244 -38.09 32.23 -28.42
CA SER A 244 -39.16 32.24 -27.42
C SER A 244 -39.84 30.89 -27.42
N ILE A 245 -40.10 30.36 -26.22
CA ILE A 245 -40.88 29.14 -26.01
C ILE A 245 -41.92 29.43 -24.94
N LYS A 246 -43.16 29.02 -25.20
CA LYS A 246 -44.18 29.08 -24.16
C LYS A 246 -45.22 28.00 -24.41
N ILE A 247 -45.62 27.33 -23.34
CA ILE A 247 -46.70 26.33 -23.37
C ILE A 247 -47.94 26.99 -22.78
N PRO A 248 -49.09 26.94 -23.47
CA PRO A 248 -50.14 27.95 -23.22
C PRO A 248 -51.00 27.66 -22.02
N GLY A 249 -51.25 26.39 -21.73
CA GLY A 249 -52.27 26.10 -20.74
C GLY A 249 -53.68 26.48 -21.22
N ALA A 250 -54.61 26.47 -20.28
CA ALA A 250 -56.02 26.68 -20.60
C ALA A 250 -56.78 27.25 -19.42
N SER A 251 -57.97 27.80 -19.71
CA SER A 251 -58.84 28.29 -18.66
C SER A 251 -59.42 27.13 -17.86
N GLU A 252 -59.87 27.46 -16.65
CA GLU A 252 -60.59 26.47 -15.85
C GLU A 252 -61.96 26.17 -16.44
N SER A 253 -62.48 27.05 -17.30
CA SER A 253 -63.83 26.90 -17.80
C SER A 253 -63.93 25.76 -18.82
N ILE A 254 -62.82 25.41 -19.49
CA ILE A 254 -62.92 24.44 -20.58
C ILE A 254 -62.84 22.99 -20.08
N GLY A 255 -62.34 22.77 -18.86
CA GLY A 255 -62.14 21.43 -18.33
C GLY A 255 -60.87 20.75 -18.78
N ARG A 256 -60.46 21.02 -20.01
CA ARG A 256 -59.25 20.44 -20.56
C ARG A 256 -58.02 21.26 -20.18
N ARG A 257 -56.86 20.78 -20.59
CA ARG A 257 -55.62 21.54 -20.52
C ARG A 257 -54.90 21.42 -21.86
N SER A 258 -53.95 22.32 -22.10
CA SER A 258 -53.26 22.41 -23.38
C SER A 258 -52.71 21.05 -23.80
N ASN A 259 -52.61 20.83 -25.11
CA ASN A 259 -52.02 19.62 -25.68
C ASN A 259 -50.75 19.92 -26.48
N LEU A 260 -50.22 21.12 -26.38
CA LEU A 260 -49.27 21.60 -27.36
C LEU A 260 -48.34 22.63 -26.73
N VAL A 261 -47.24 22.89 -27.42
CA VAL A 261 -46.27 23.91 -27.00
C VAL A 261 -45.64 24.51 -28.26
N GLY A 262 -45.53 25.83 -28.28
CA GLY A 262 -45.17 26.56 -29.48
C GLY A 262 -43.92 27.40 -29.33
N ILE A 263 -43.23 27.63 -30.45
CA ILE A 263 -41.93 28.30 -30.44
C ILE A 263 -41.83 29.29 -31.60
N ILE A 264 -41.14 30.41 -31.33
CA ILE A 264 -40.71 31.39 -32.31
C ILE A 264 -39.20 31.26 -32.48
N THR A 265 -38.75 31.09 -33.71
CA THR A 265 -37.32 31.00 -34.02
C THR A 265 -36.83 32.33 -34.57
N GLU A 266 -35.67 32.32 -35.21
CA GLU A 266 -35.28 33.43 -36.05
C GLU A 266 -35.81 33.28 -37.47
N ASN A 267 -36.33 32.10 -37.82
CA ASN A 267 -36.76 31.82 -39.18
C ASN A 267 -38.20 31.37 -39.29
N SER A 268 -38.81 30.87 -38.22
CA SER A 268 -40.08 30.16 -38.38
C SER A 268 -40.90 30.29 -37.11
N PHE A 269 -42.15 29.84 -37.20
CA PHE A 269 -43.05 29.76 -36.07
C PHE A 269 -43.73 28.40 -36.10
N GLN A 270 -43.50 27.57 -35.07
CA GLN A 270 -43.94 26.18 -35.10
C GLN A 270 -44.76 25.85 -33.87
N ILE A 271 -45.68 24.88 -34.02
CA ILE A 271 -46.50 24.40 -32.91
C ILE A 271 -46.35 22.89 -32.81
N PHE A 272 -46.09 22.38 -31.61
CA PHE A 272 -45.89 20.95 -31.40
C PHE A 272 -47.02 20.35 -30.58
N ARG A 273 -47.56 19.21 -31.04
CA ARG A 273 -48.51 18.44 -30.25
C ARG A 273 -47.75 17.40 -29.45
N ILE A 274 -48.04 17.31 -28.16
CA ILE A 274 -47.60 16.19 -27.34
C ILE A 274 -48.74 15.19 -27.33
N GLU A 275 -48.47 13.97 -27.79
CA GLU A 275 -49.52 12.98 -27.96
C GLU A 275 -49.14 11.72 -27.19
N SER A 276 -49.85 11.46 -26.10
CA SER A 276 -49.84 10.17 -25.42
C SER A 276 -48.51 9.83 -24.77
N VAL A 277 -48.09 10.60 -23.77
CA VAL A 277 -47.01 10.16 -22.91
C VAL A 277 -47.45 8.89 -22.21
N HIS A 278 -46.49 8.02 -21.88
CA HIS A 278 -46.81 6.74 -21.27
C HIS A 278 -45.77 6.37 -20.22
N SER A 279 -46.26 5.80 -19.11
CA SER A 279 -45.46 5.49 -17.94
C SER A 279 -44.60 4.25 -18.12
N ARG A 280 -44.70 3.56 -19.25
CA ARG A 280 -43.87 2.39 -19.51
C ARG A 280 -42.40 2.70 -19.31
N SER A 281 -42.00 3.96 -19.48
CA SER A 281 -40.61 4.36 -19.35
C SER A 281 -40.48 5.88 -19.34
N CYS A 282 -41.59 6.59 -19.19
CA CYS A 282 -41.64 8.07 -19.14
C CYS A 282 -41.26 8.71 -20.48
N ASP A 283 -41.83 8.17 -21.56
CA ASP A 283 -41.58 8.75 -22.88
C ASP A 283 -42.55 9.88 -23.17
N VAL A 284 -42.08 10.84 -23.97
CA VAL A 284 -42.87 11.99 -24.38
C VAL A 284 -42.80 12.12 -25.90
N MET A 285 -43.64 11.38 -26.63
CA MET A 285 -43.57 11.43 -28.08
C MET A 285 -44.38 12.62 -28.58
N VAL A 286 -43.75 13.48 -29.40
CA VAL A 286 -44.32 14.73 -29.89
C VAL A 286 -44.34 14.74 -31.41
N SER A 287 -45.21 15.58 -31.97
CA SER A 287 -45.39 15.71 -33.40
C SER A 287 -45.33 17.17 -33.80
N SER A 288 -44.85 17.42 -35.03
CA SER A 288 -44.42 18.75 -35.49
C SER A 288 -45.51 19.39 -36.32
N SER A 289 -46.43 20.09 -35.64
CA SER A 289 -47.38 20.96 -36.31
C SER A 289 -46.65 22.06 -37.07
N GLU A 290 -46.83 22.02 -38.39
CA GLU A 290 -45.81 22.36 -39.36
C GLU A 290 -45.42 23.83 -39.30
N PRO A 291 -44.14 24.13 -39.56
CA PRO A 291 -43.68 25.53 -39.56
C PRO A 291 -44.33 26.36 -40.65
N LEU A 292 -44.20 27.67 -40.50
CA LEU A 292 -44.44 28.60 -41.59
C LEU A 292 -43.26 29.56 -41.50
N TYR A 293 -42.23 29.31 -42.32
CA TYR A 293 -40.98 30.03 -42.26
C TYR A 293 -41.26 31.53 -42.15
N PHE A 294 -41.80 32.08 -43.22
CA PHE A 294 -42.16 33.49 -43.22
C PHE A 294 -43.15 33.72 -44.35
N VAL A 295 -44.04 34.68 -44.13
CA VAL A 295 -44.84 35.23 -45.21
C VAL A 295 -44.39 36.63 -45.58
N GLU A 296 -43.80 37.37 -44.63
CA GLU A 296 -43.56 38.80 -44.77
C GLU A 296 -42.11 39.20 -44.57
N ILE A 297 -41.19 38.23 -44.52
CA ILE A 297 -39.81 38.50 -44.09
C ILE A 297 -39.86 39.41 -42.87
N ASP A 298 -40.53 38.95 -41.81
CA ASP A 298 -40.61 39.69 -40.56
C ASP A 298 -40.44 38.74 -39.39
N ASP A 299 -39.59 39.12 -38.43
CA ASP A 299 -39.51 38.42 -37.17
C ASP A 299 -40.77 38.71 -36.36
N LEU A 300 -41.17 37.74 -35.55
CA LEU A 300 -42.39 37.83 -34.76
C LEU A 300 -42.05 37.91 -33.29
N GLN A 301 -42.60 38.91 -32.61
CA GLN A 301 -42.33 39.16 -31.21
C GLN A 301 -42.89 38.04 -30.34
N VAL A 302 -44.21 38.00 -30.17
CA VAL A 302 -44.84 37.14 -29.19
C VAL A 302 -45.88 36.26 -29.89
N VAL A 303 -46.04 35.04 -29.35
CA VAL A 303 -47.10 34.10 -29.68
C VAL A 303 -48.04 34.03 -28.49
N ASP A 304 -49.34 34.05 -28.74
CA ASP A 304 -50.27 33.81 -27.66
C ASP A 304 -51.35 32.85 -28.14
N PHE A 305 -51.85 32.06 -27.20
CA PHE A 305 -52.85 31.06 -27.48
C PHE A 305 -54.14 31.37 -26.74
N GLN A 314 -58.57 26.23 -31.32
CA GLN A 314 -57.39 26.76 -30.62
C GLN A 314 -56.52 27.71 -31.47
N PHE A 315 -56.11 28.82 -30.87
CA PHE A 315 -55.82 30.06 -31.57
C PHE A 315 -54.33 30.41 -31.52
N ALA A 316 -53.64 30.25 -32.64
CA ALA A 316 -52.25 30.68 -32.80
C ALA A 316 -52.24 32.16 -33.20
N ILE A 317 -51.89 33.03 -32.24
CA ILE A 317 -51.85 34.47 -32.48
C ILE A 317 -50.39 34.91 -32.54
N ILE A 318 -50.04 35.66 -33.58
CA ILE A 318 -48.67 36.12 -33.75
C ILE A 318 -48.64 37.64 -33.75
N ASP A 319 -47.52 38.18 -33.26
CA ASP A 319 -47.19 39.60 -33.41
C ASP A 319 -45.81 39.72 -34.03
N ILE A 320 -45.73 40.42 -35.17
CA ILE A 320 -44.47 40.91 -35.73
C ILE A 320 -44.45 42.42 -35.52
N LYS A 321 -43.26 42.99 -35.52
CA LYS A 321 -43.05 44.41 -35.20
C LYS A 321 -44.06 45.40 -35.80
N GLY A 322 -45.20 45.56 -35.11
CA GLY A 322 -46.20 46.54 -35.47
C GLY A 322 -47.54 45.94 -35.83
N ASN A 323 -47.55 44.70 -36.32
CA ASN A 323 -48.74 44.14 -36.96
C ASN A 323 -48.95 42.69 -36.53
N TRP A 324 -50.21 42.33 -36.33
CA TRP A 324 -50.58 41.09 -35.69
C TRP A 324 -51.53 40.29 -36.55
N SER A 325 -51.72 39.02 -36.16
CA SER A 325 -52.58 38.11 -36.90
C SER A 325 -53.13 37.04 -35.97
N ILE A 326 -54.46 36.80 -36.06
CA ILE A 326 -55.14 35.68 -35.39
C ILE A 326 -55.18 34.51 -36.36
N GLY A 327 -54.84 33.32 -35.87
CA GLY A 327 -54.73 32.15 -36.71
C GLY A 327 -55.13 30.91 -35.95
N ARG A 328 -55.17 29.79 -36.66
CA ARG A 328 -55.64 28.51 -36.11
C ARG A 328 -54.66 27.40 -36.44
N ILE A 329 -54.67 26.35 -35.61
CA ILE A 329 -53.73 25.24 -35.73
C ILE A 329 -54.43 24.04 -36.34
N PRO A 330 -53.77 23.25 -37.18
CA PRO A 330 -54.42 22.09 -37.77
C PRO A 330 -54.67 20.99 -36.72
N LYS A 331 -55.59 20.09 -37.05
CA LYS A 331 -55.84 18.96 -36.20
C LYS A 331 -54.95 17.77 -36.56
N ASN A 332 -54.33 17.21 -35.53
CA ASN A 332 -53.25 16.22 -35.55
C ASN A 332 -52.33 16.17 -36.78
N PHE A 333 -52.79 15.64 -37.91
CA PHE A 333 -51.85 15.06 -38.87
C PHE A 333 -52.00 15.53 -40.29
N ASN A 334 -50.93 16.13 -40.82
CA ASN A 334 -50.41 15.82 -42.15
C ASN A 334 -51.29 16.34 -43.28
N ASN A 335 -51.56 17.64 -43.29
CA ASN A 335 -52.27 18.22 -44.42
C ASN A 335 -51.41 18.12 -45.67
N GLN A 342 -50.17 24.99 -43.47
CA GLN A 342 -50.65 24.14 -42.37
C GLN A 342 -51.54 24.91 -41.40
N LEU A 343 -51.02 25.95 -40.78
CA LEU A 343 -51.80 26.85 -39.95
C LEU A 343 -52.17 28.09 -40.77
N ILE A 344 -53.41 28.56 -40.62
CA ILE A 344 -53.97 29.60 -41.48
C ILE A 344 -54.43 30.77 -40.61
N ASP A 345 -54.81 31.87 -41.27
CA ASP A 345 -55.33 33.06 -40.60
C ASP A 345 -56.31 33.79 -41.53
N ASN A 346 -57.04 34.78 -40.99
CA ASN A 346 -57.94 35.60 -41.82
C ASN A 346 -58.30 36.94 -41.17
N LEU A 347 -58.03 37.06 -39.88
CA LEU A 347 -58.21 38.30 -39.15
C LEU A 347 -56.83 38.84 -38.83
N HIS A 348 -56.58 40.10 -39.16
CA HIS A 348 -55.24 40.67 -39.07
C HIS A 348 -55.34 42.13 -38.64
N GLY A 349 -54.19 42.71 -38.33
CA GLY A 349 -54.21 44.09 -37.92
C GLY A 349 -52.81 44.62 -37.77
N THR A 350 -52.72 45.83 -37.22
CA THR A 350 -51.41 46.44 -36.98
C THR A 350 -51.53 47.54 -35.92
N ILE A 351 -50.46 47.67 -35.13
CA ILE A 351 -50.33 48.71 -34.12
C ILE A 351 -49.11 49.58 -34.39
N PHE A 352 -48.64 49.59 -35.64
CA PHE A 352 -47.35 50.18 -35.99
C PHE A 352 -47.27 51.63 -35.52
N ASP A 353 -46.06 52.03 -35.15
CA ASP A 353 -45.84 53.34 -34.55
C ASP A 353 -44.43 53.77 -34.90
N PRO A 354 -44.28 54.55 -35.98
CA PRO A 354 -42.91 54.84 -36.48
C PRO A 354 -41.95 55.34 -35.43
N GLU A 355 -42.43 56.07 -34.43
CA GLU A 355 -41.57 56.73 -33.48
C GLU A 355 -41.26 55.89 -32.25
N GLU A 356 -41.50 54.58 -32.29
CA GLU A 356 -40.99 53.68 -31.27
C GLU A 356 -39.98 52.74 -31.92
N LEU A 357 -38.70 52.92 -31.57
CA LEU A 357 -37.62 52.21 -32.23
C LEU A 357 -37.41 50.80 -31.70
N SER A 358 -37.68 50.55 -30.40
CA SER A 358 -37.43 49.24 -29.82
C SER A 358 -38.30 48.18 -30.46
N SER A 359 -37.72 47.01 -30.70
CA SER A 359 -38.42 46.03 -31.53
C SER A 359 -39.54 45.30 -30.80
N TRP A 360 -39.51 45.20 -29.48
CA TRP A 360 -40.46 44.31 -28.83
C TRP A 360 -41.86 44.92 -28.79
N LYS A 361 -42.82 44.11 -29.22
CA LYS A 361 -44.25 44.24 -29.03
C LYS A 361 -44.72 42.97 -28.31
N ARG A 362 -46.01 42.89 -27.97
CA ARG A 362 -46.45 41.74 -27.19
C ARG A 362 -47.96 41.54 -27.29
N ILE A 363 -48.40 40.30 -27.56
CA ILE A 363 -49.83 39.97 -27.62
C ILE A 363 -50.16 38.94 -26.54
N GLU A 364 -51.07 39.30 -25.65
CA GLU A 364 -51.66 38.35 -24.71
C GLU A 364 -53.08 38.82 -24.47
N TRP A 365 -54.03 37.90 -24.50
CA TRP A 365 -55.39 38.40 -24.43
C TRP A 365 -55.88 38.41 -22.99
N PHE A 366 -57.19 38.55 -22.84
CA PHE A 366 -57.73 39.22 -21.67
C PHE A 366 -59.17 38.76 -21.47
N SER A 367 -59.49 38.31 -20.27
CA SER A 367 -60.80 37.77 -19.84
C SER A 367 -61.14 36.43 -20.45
N HIS A 368 -60.33 35.88 -21.38
CA HIS A 368 -60.75 34.77 -22.25
C HIS A 368 -61.99 35.15 -23.07
N PHE A 369 -62.37 36.43 -23.04
CA PHE A 369 -63.53 36.95 -23.74
C PHE A 369 -63.38 36.90 -25.26
N GLN A 370 -62.31 36.28 -25.78
CA GLN A 370 -62.03 36.37 -27.22
C GLN A 370 -61.77 37.83 -27.62
N LYS A 371 -60.92 38.50 -26.83
CA LYS A 371 -60.46 39.87 -26.99
C LYS A 371 -59.02 39.94 -26.51
N ILE A 372 -58.14 40.65 -27.26
CA ILE A 372 -56.70 40.58 -27.06
C ILE A 372 -56.11 41.89 -26.57
N LEU A 373 -54.87 41.77 -26.05
CA LEU A 373 -54.03 42.90 -25.66
C LEU A 373 -52.75 42.91 -26.51
N VAL A 374 -52.42 44.08 -27.03
CA VAL A 374 -51.21 44.27 -27.84
C VAL A 374 -50.42 45.47 -27.29
N PHE A 375 -49.10 45.31 -27.18
CA PHE A 375 -48.21 46.14 -26.39
C PHE A 375 -47.01 46.59 -27.20
N ASP A 376 -46.57 47.82 -27.01
CA ASP A 376 -45.17 48.13 -27.25
C ASP A 376 -44.71 49.05 -26.13
N ARG A 377 -43.40 49.32 -26.07
CA ARG A 377 -42.85 50.06 -24.94
C ARG A 377 -43.41 51.49 -24.88
N SER A 378 -44.29 51.83 -25.82
CA SER A 378 -45.00 53.11 -25.82
C SER A 378 -46.39 53.02 -25.23
N LYS A 379 -47.13 51.94 -25.46
CA LYS A 379 -48.54 51.95 -25.07
C LYS A 379 -49.15 50.56 -25.04
N MET A 380 -50.38 50.53 -24.51
CA MET A 380 -51.19 49.33 -24.33
C MET A 380 -52.51 49.53 -25.05
N ILE A 381 -52.76 48.65 -26.02
CA ILE A 381 -53.91 48.73 -26.91
C ILE A 381 -54.73 47.46 -26.72
N GLU A 382 -56.01 47.62 -26.39
CA GLU A 382 -56.96 46.52 -26.39
C GLU A 382 -57.60 46.42 -27.76
N ILE A 383 -57.87 45.18 -28.19
CA ILE A 383 -58.49 44.95 -29.50
C ILE A 383 -59.54 43.88 -29.34
N ASP A 384 -60.82 44.27 -29.38
CA ASP A 384 -61.89 43.29 -29.46
C ASP A 384 -61.98 42.88 -30.91
N PHE A 385 -61.57 41.63 -31.17
CA PHE A 385 -61.12 41.23 -32.49
C PHE A 385 -62.11 40.33 -33.22
N MET A 386 -63.22 39.95 -32.58
CA MET A 386 -64.28 39.33 -33.35
C MET A 386 -65.43 40.28 -33.63
N ASN A 387 -65.42 41.47 -33.03
CA ASN A 387 -66.11 42.61 -33.62
C ASN A 387 -65.03 43.43 -34.30
N ASN A 388 -65.16 44.75 -34.31
CA ASN A 388 -64.08 45.64 -34.70
C ASN A 388 -63.88 46.62 -33.56
N TRP A 389 -62.77 46.52 -32.83
CA TRP A 389 -62.66 47.37 -31.66
C TRP A 389 -61.20 47.54 -31.26
N GLN A 390 -60.86 48.77 -30.88
CA GLN A 390 -59.47 49.17 -30.61
C GLN A 390 -59.45 50.33 -29.61
N THR A 391 -58.57 50.23 -28.59
CA THR A 391 -58.49 51.29 -27.59
C THR A 391 -57.07 51.43 -27.06
N GLU A 392 -56.64 52.68 -26.90
CA GLU A 392 -55.38 53.04 -26.27
C GLU A 392 -55.68 53.42 -24.83
N VAL A 393 -55.27 52.55 -23.87
CA VAL A 393 -55.68 52.70 -22.48
C VAL A 393 -54.73 53.64 -21.72
N VAL A 394 -55.29 54.28 -20.67
CA VAL A 394 -55.27 55.74 -20.51
C VAL A 394 -53.88 56.38 -20.56
N GLN A 395 -52.83 55.72 -20.08
CA GLN A 395 -51.58 56.44 -20.25
C GLN A 395 -50.96 56.10 -21.62
N ALA A 396 -49.88 56.80 -21.95
CA ALA A 396 -49.18 56.52 -23.19
C ALA A 396 -47.68 56.38 -22.97
N LYS A 397 -46.91 57.39 -23.38
CA LYS A 397 -45.46 57.30 -23.49
C LYS A 397 -44.82 58.62 -23.07
N ALA A 398 -45.14 59.08 -21.86
CA ALA A 398 -44.68 60.38 -21.39
C ALA A 398 -43.54 60.29 -20.37
N TRP A 399 -43.69 59.43 -19.35
CA TRP A 399 -42.71 59.33 -18.27
C TRP A 399 -42.19 57.92 -18.01
N SER A 400 -42.75 56.89 -18.65
CA SER A 400 -42.31 55.53 -18.39
C SER A 400 -42.60 54.69 -19.60
N ASN A 401 -41.91 53.56 -19.69
CA ASN A 401 -42.12 52.59 -20.75
C ASN A 401 -42.84 51.39 -20.18
N ILE A 402 -43.82 50.88 -20.93
CA ILE A 402 -44.23 49.51 -20.69
C ILE A 402 -42.98 48.67 -20.66
N ARG A 403 -42.84 47.86 -19.63
CA ARG A 403 -41.63 47.07 -19.43
C ARG A 403 -41.87 45.58 -19.59
N ASP A 404 -42.96 45.06 -19.03
CA ASP A 404 -43.43 43.72 -19.37
C ASP A 404 -44.91 43.64 -19.04
N TYR A 405 -45.52 42.55 -19.50
CA TYR A 405 -46.87 42.19 -19.11
C TYR A 405 -47.02 40.68 -19.21
N LYS A 406 -47.65 40.11 -18.20
CA LYS A 406 -47.96 38.69 -18.13
C LYS A 406 -49.31 38.57 -17.44
N ARG A 407 -50.16 37.66 -17.94
CA ARG A 407 -51.52 37.51 -17.44
C ARG A 407 -51.49 36.72 -16.14
N ILE A 408 -51.74 37.40 -15.00
CA ILE A 408 -51.73 36.69 -13.73
C ILE A 408 -52.80 35.62 -13.80
N ASP A 409 -52.39 34.38 -13.51
CA ASP A 409 -52.87 33.23 -14.27
C ASP A 409 -54.39 33.21 -14.42
N ASP A 410 -55.11 33.63 -13.39
CA ASP A 410 -56.57 33.65 -13.47
C ASP A 410 -57.02 34.60 -14.56
N LYS A 411 -57.75 34.03 -15.53
CA LYS A 411 -58.33 34.69 -16.71
C LYS A 411 -58.47 36.20 -16.56
N ASN A 412 -59.38 36.65 -15.71
CA ASN A 412 -59.63 38.08 -15.55
C ASN A 412 -58.57 38.78 -14.70
N GLY A 413 -57.28 38.61 -15.02
CA GLY A 413 -56.22 39.14 -14.18
C GLY A 413 -54.92 39.42 -14.90
N ILE A 414 -54.36 40.61 -14.67
CA ILE A 414 -53.40 41.28 -15.56
C ILE A 414 -52.26 41.87 -14.73
N LEU A 415 -51.02 41.44 -15.01
CA LEU A 415 -49.87 41.96 -14.28
C LEU A 415 -48.91 42.62 -15.26
N LEU A 416 -48.68 43.92 -15.08
CA LEU A 416 -47.89 44.72 -16.02
C LEU A 416 -46.80 45.48 -15.27
N THR A 417 -45.54 45.26 -15.65
CA THR A 417 -44.42 46.09 -15.17
C THR A 417 -44.31 47.30 -16.08
N SER A 418 -44.49 48.49 -15.52
CA SER A 418 -44.03 49.67 -16.21
C SER A 418 -42.59 49.90 -15.74
N ARG A 419 -42.05 51.09 -15.97
CA ARG A 419 -40.94 51.56 -15.14
C ARG A 419 -41.54 52.16 -13.87
N GLU A 420 -40.99 51.76 -12.73
CA GLU A 420 -41.42 52.24 -11.43
C GLU A 420 -42.93 52.22 -11.26
N ILE A 421 -43.52 51.04 -11.47
CA ILE A 421 -44.91 50.74 -11.12
C ILE A 421 -45.19 49.27 -11.44
N ILE A 422 -45.72 48.56 -10.44
CA ILE A 422 -46.36 47.26 -10.66
C ILE A 422 -47.84 47.53 -10.85
N ILE A 423 -48.37 47.20 -12.02
CA ILE A 423 -49.75 47.49 -12.38
C ILE A 423 -50.56 46.20 -12.34
N VAL A 424 -51.63 46.22 -11.56
CA VAL A 424 -52.56 45.11 -11.52
C VAL A 424 -53.78 45.50 -12.32
N GLY A 425 -53.71 45.40 -13.64
CA GLY A 425 -54.93 45.45 -14.43
C GLY A 425 -55.68 44.16 -14.26
N ALA A 426 -56.98 44.19 -14.52
CA ALA A 426 -57.89 43.05 -14.38
C ALA A 426 -59.32 43.55 -14.31
N SER A 427 -60.27 42.87 -14.93
CA SER A 427 -61.59 43.44 -15.01
C SER A 427 -62.32 43.41 -13.67
N GLU A 428 -63.01 44.51 -13.37
CA GLU A 428 -64.17 44.50 -12.50
C GLU A 428 -65.38 44.98 -13.28
N SER A 429 -65.46 44.52 -14.53
CA SER A 429 -66.69 44.50 -15.32
C SER A 429 -66.51 43.41 -16.36
N ASN A 430 -67.61 42.80 -16.77
CA ASN A 430 -67.53 41.71 -17.75
C ASN A 430 -66.78 42.15 -19.00
N ASP A 431 -67.08 43.36 -19.48
CA ASP A 431 -66.31 43.93 -20.56
C ASP A 431 -64.88 44.19 -20.09
N PRO A 432 -63.93 44.31 -21.02
CA PRO A 432 -62.53 44.52 -20.64
C PRO A 432 -62.36 45.84 -19.90
N VAL A 433 -61.15 46.06 -19.37
CA VAL A 433 -60.97 47.00 -18.27
C VAL A 433 -59.66 47.76 -18.41
N ARG A 434 -59.55 48.80 -17.57
CA ARG A 434 -58.30 49.13 -16.89
C ARG A 434 -58.54 49.05 -15.38
N ARG A 435 -57.46 48.81 -14.63
CA ARG A 435 -57.46 49.00 -13.18
C ARG A 435 -56.53 50.16 -12.84
N ILE A 436 -57.10 51.15 -12.13
CA ILE A 436 -56.34 52.18 -11.45
C ILE A 436 -56.57 52.11 -9.94
N SER A 437 -57.16 51.00 -9.47
CA SER A 437 -56.93 50.47 -8.14
C SER A 437 -55.44 50.57 -7.84
N TRP A 438 -55.06 51.47 -6.92
CA TRP A 438 -53.68 51.93 -6.81
C TRP A 438 -52.64 50.81 -6.75
N LYS A 439 -51.36 51.15 -7.00
CA LYS A 439 -50.33 50.17 -7.28
C LYS A 439 -49.02 50.58 -6.60
N HIS A 440 -48.01 49.71 -6.65
CA HIS A 440 -46.71 49.97 -6.04
C HIS A 440 -45.69 50.32 -7.13
N ASP A 441 -44.53 50.86 -6.70
CA ASP A 441 -43.52 51.31 -7.66
C ASP A 441 -42.10 50.90 -7.25
N LEU A 442 -41.26 50.66 -8.27
CA LEU A 442 -40.02 49.91 -8.19
C LEU A 442 -38.94 50.62 -8.99
N ASP A 443 -37.69 50.66 -8.49
CA ASP A 443 -37.04 51.94 -8.79
C ASP A 443 -35.80 51.91 -9.70
N PRO A 444 -35.91 51.70 -11.08
CA PRO A 444 -34.75 51.93 -11.97
C PRO A 444 -34.93 52.58 -13.36
N ASP A 445 -33.83 52.55 -14.12
CA ASP A 445 -33.80 53.02 -15.52
C ASP A 445 -33.49 51.90 -16.50
N ASP A 446 -32.86 50.83 -16.01
CA ASP A 446 -32.83 49.50 -16.58
C ASP A 446 -33.97 49.21 -17.56
N THR A 447 -33.61 48.80 -18.78
CA THR A 447 -34.60 48.42 -19.78
C THR A 447 -35.00 46.97 -19.69
N THR A 448 -34.24 46.18 -18.94
CA THR A 448 -34.18 44.73 -19.08
C THR A 448 -35.08 44.01 -18.06
N LEU A 449 -35.85 44.76 -17.29
CA LEU A 449 -36.79 44.22 -16.32
C LEU A 449 -37.85 43.33 -16.96
N ARG A 450 -38.14 42.21 -16.30
CA ARG A 450 -39.24 41.32 -16.65
C ARG A 450 -39.99 40.98 -15.38
N ILE A 451 -41.12 40.27 -15.52
CA ILE A 451 -41.97 39.96 -14.37
C ILE A 451 -42.62 38.59 -14.53
N THR A 452 -42.98 38.00 -13.39
CA THR A 452 -43.83 36.81 -13.30
C THR A 452 -44.56 36.85 -11.96
N VAL A 453 -45.72 36.19 -11.90
CA VAL A 453 -46.48 36.06 -10.66
C VAL A 453 -46.65 34.59 -10.33
N GLN A 454 -46.66 34.30 -9.02
CA GLN A 454 -47.20 33.06 -8.47
C GLN A 454 -48.43 33.39 -7.64
N LYS A 455 -49.34 32.43 -7.56
CA LYS A 455 -50.68 32.65 -7.01
C LYS A 455 -50.93 31.61 -5.92
N VAL A 456 -51.02 32.07 -4.68
CA VAL A 456 -51.27 31.16 -3.55
C VAL A 456 -52.67 31.40 -3.01
N LYS A 457 -53.29 30.30 -2.59
CA LYS A 457 -54.68 30.28 -2.14
C LYS A 457 -54.71 30.16 -0.62
N LYS A 458 -55.65 30.86 -0.01
CA LYS A 458 -55.86 30.82 1.43
C LYS A 458 -57.34 31.09 1.69
N PRO A 459 -57.82 30.84 2.91
CA PRO A 459 -59.26 31.00 3.17
C PRO A 459 -59.79 32.42 3.02
N ASP A 460 -59.13 33.39 3.68
CA ASP A 460 -59.62 34.76 3.76
C ASP A 460 -59.12 35.66 2.64
N HIS A 461 -58.22 35.17 1.79
CA HIS A 461 -57.68 35.99 0.73
C HIS A 461 -57.15 35.07 -0.37
N ILE A 462 -56.72 35.69 -1.49
CA ILE A 462 -56.15 35.00 -2.65
C ILE A 462 -54.97 35.79 -3.18
N LEU A 463 -53.74 35.46 -2.74
CA LEU A 463 -52.65 36.43 -2.83
C LEU A 463 -51.59 36.09 -3.89
N LEU A 464 -51.07 37.14 -4.52
CA LEU A 464 -50.22 37.05 -5.71
C LEU A 464 -48.85 37.63 -5.41
N VAL A 465 -47.79 36.89 -5.73
CA VAL A 465 -46.43 37.33 -5.52
C VAL A 465 -45.83 37.72 -6.87
N ALA A 466 -45.29 38.93 -6.93
CA ALA A 466 -44.77 39.59 -8.13
C ALA A 466 -43.26 39.59 -8.05
N PHE A 467 -42.63 38.81 -8.93
CA PHE A 467 -41.19 38.77 -9.09
C PHE A 467 -40.82 39.63 -10.29
N VAL A 468 -40.14 40.75 -10.04
CA VAL A 468 -39.56 41.56 -11.10
C VAL A 468 -38.04 41.33 -11.05
N TYR A 469 -37.49 40.84 -12.16
CA TYR A 469 -36.08 40.45 -12.25
C TYR A 469 -35.41 41.16 -13.42
N SER A 470 -34.08 41.05 -13.47
CA SER A 470 -33.31 41.82 -14.43
C SER A 470 -32.29 40.93 -15.12
N MET A 471 -31.61 41.54 -16.11
CA MET A 471 -30.49 40.93 -16.84
C MET A 471 -29.17 41.56 -16.44
N ARG A 472 -29.19 42.53 -15.53
CA ARG A 472 -27.99 43.20 -15.08
C ARG A 472 -27.46 42.67 -13.75
N HIS A 473 -28.34 42.41 -12.78
CA HIS A 473 -27.93 41.95 -11.47
C HIS A 473 -28.85 40.82 -11.01
N LYS A 474 -28.27 39.84 -10.32
CA LYS A 474 -28.94 38.60 -9.94
C LYS A 474 -29.95 38.79 -8.81
N ARG A 475 -30.26 40.05 -8.47
CA ARG A 475 -31.25 40.33 -7.45
C ARG A 475 -32.66 40.16 -8.00
N ILE A 476 -33.57 39.71 -7.12
CA ILE A 476 -34.99 39.55 -7.42
C ILE A 476 -35.78 40.51 -6.55
N TYR A 477 -36.73 41.23 -7.15
CA TYR A 477 -37.48 42.26 -6.44
C TYR A 477 -38.93 41.84 -6.35
N MET A 478 -39.42 41.67 -5.13
CA MET A 478 -40.69 41.02 -4.86
C MET A 478 -41.67 41.96 -4.14
N HIS A 479 -42.90 41.93 -4.63
CA HIS A 479 -44.03 42.57 -3.97
C HIS A 479 -45.18 41.58 -3.92
N VAL A 480 -46.15 41.81 -3.03
CA VAL A 480 -47.24 40.87 -2.78
C VAL A 480 -48.58 41.62 -2.76
N PHE A 481 -49.58 41.03 -3.41
CA PHE A 481 -50.92 41.59 -3.43
C PHE A 481 -51.88 40.51 -2.97
N SER A 482 -53.14 40.90 -2.75
CA SER A 482 -54.14 40.01 -2.17
C SER A 482 -55.50 40.25 -2.83
N HIS A 483 -56.22 39.16 -3.07
CA HIS A 483 -57.52 39.18 -3.73
C HIS A 483 -58.54 38.61 -2.75
N ARG A 484 -59.09 39.48 -1.90
CA ARG A 484 -60.29 39.17 -1.13
C ARG A 484 -61.46 39.47 -2.04
N LYS A 485 -62.05 38.44 -2.65
CA LYS A 485 -62.94 38.71 -3.76
C LYS A 485 -64.23 39.43 -3.34
N ALA A 486 -64.06 40.62 -2.77
CA ALA A 486 -64.89 41.77 -3.12
C ALA A 486 -64.26 42.57 -4.25
N ASN A 487 -63.44 41.89 -5.06
CA ASN A 487 -62.38 42.51 -5.86
C ASN A 487 -61.61 43.52 -5.01
N LEU A 488 -61.17 43.05 -3.84
CA LEU A 488 -60.37 43.83 -2.91
C LEU A 488 -58.90 43.57 -3.17
N PHE A 489 -58.12 44.64 -3.35
CA PHE A 489 -56.68 44.57 -3.55
C PHE A 489 -55.98 45.50 -2.58
N GLN A 490 -55.01 44.98 -1.81
CA GLN A 490 -54.16 45.80 -0.96
C GLN A 490 -52.72 45.32 -1.07
N SER A 491 -51.79 46.14 -0.57
CA SER A 491 -50.35 45.93 -0.65
C SER A 491 -49.73 46.13 0.73
N LEU A 492 -48.60 45.51 0.99
CA LEU A 492 -48.13 45.39 2.37
C LEU A 492 -46.74 45.96 2.64
N GLY A 493 -45.82 45.87 1.70
CA GLY A 493 -44.44 46.26 1.94
C GLY A 493 -43.55 45.41 1.05
N CYS A 494 -42.36 45.94 0.77
CA CYS A 494 -41.48 45.42 -0.28
C CYS A 494 -40.43 44.46 0.28
N SER A 495 -39.86 43.63 -0.61
CA SER A 495 -38.70 42.85 -0.19
C SER A 495 -37.90 42.40 -1.41
N THR A 496 -36.58 42.25 -1.21
CA THR A 496 -35.67 41.90 -2.29
C THR A 496 -34.61 40.90 -1.84
N VAL A 497 -34.29 39.94 -2.71
CA VAL A 497 -33.26 38.94 -2.42
C VAL A 497 -32.19 38.99 -3.51
N LEU A 498 -31.05 38.37 -3.22
CA LEU A 498 -29.92 38.26 -4.15
C LEU A 498 -29.80 36.83 -4.66
N GLU A 499 -28.84 36.62 -5.56
CA GLU A 499 -28.26 35.30 -5.81
C GLU A 499 -26.76 35.45 -6.02
N ILE A 500 -26.15 34.65 -6.90
CA ILE A 500 -24.73 34.35 -6.78
C ILE A 500 -23.92 34.88 -7.96
N PRO A 501 -22.58 34.51 -8.19
CA PRO A 501 -21.58 35.52 -8.58
C PRO A 501 -21.85 36.41 -9.80
N GLY A 502 -21.23 36.12 -10.94
CA GLY A 502 -21.35 36.95 -12.13
C GLY A 502 -22.33 36.35 -13.13
N GLY A 503 -23.18 37.20 -13.71
CA GLY A 503 -24.32 36.80 -14.51
C GLY A 503 -25.59 37.41 -13.96
N THR A 504 -26.75 36.96 -14.50
CA THR A 504 -28.06 37.48 -14.07
C THR A 504 -29.25 36.71 -14.69
N PRO A 505 -30.43 36.65 -14.03
CA PRO A 505 -31.56 35.89 -14.59
C PRO A 505 -31.91 36.14 -16.05
N THR A 506 -31.91 35.05 -16.84
CA THR A 506 -32.58 35.04 -18.14
C THR A 506 -34.00 34.46 -18.08
N GLY A 507 -34.32 33.64 -17.07
CA GLY A 507 -35.68 33.19 -16.87
C GLY A 507 -36.01 33.03 -15.40
N ILE A 508 -37.05 33.68 -14.91
CA ILE A 508 -37.67 33.38 -13.62
C ILE A 508 -39.08 32.87 -13.88
N GLU A 509 -39.40 31.67 -13.40
CA GLU A 509 -40.68 31.05 -13.77
C GLU A 509 -41.31 30.38 -12.57
N THR A 510 -42.46 30.88 -12.15
CA THR A 510 -43.23 30.32 -11.05
C THR A 510 -44.11 29.18 -11.55
N ILE A 511 -44.61 28.38 -10.60
CA ILE A 511 -45.54 27.29 -10.90
C ILE A 511 -46.72 27.31 -9.93
N PHE A 531 -49.72 30.88 8.92
CA PHE A 531 -49.27 32.27 8.93
C PHE A 531 -47.91 32.42 8.24
N GLU A 532 -47.72 31.78 7.08
CA GLU A 532 -46.47 31.83 6.35
C GLU A 532 -46.73 31.66 4.85
N LEU A 533 -45.69 31.89 4.04
CA LEU A 533 -45.77 31.82 2.59
C LEU A 533 -44.67 30.92 2.03
N VAL A 534 -45.07 29.99 1.15
CA VAL A 534 -44.14 29.19 0.35
C VAL A 534 -44.39 29.53 -1.11
N VAL A 535 -43.35 29.97 -1.80
CA VAL A 535 -43.46 30.27 -3.22
C VAL A 535 -42.22 29.70 -3.93
N ASP A 536 -42.44 28.95 -5.00
CA ASP A 536 -41.40 28.14 -5.60
C ASP A 536 -41.36 28.34 -7.11
N PHE A 537 -40.15 28.27 -7.68
CA PHE A 537 -39.96 28.63 -9.09
C PHE A 537 -38.65 28.03 -9.59
N LEU A 538 -38.34 28.31 -10.85
CA LEU A 538 -37.04 27.98 -11.40
C LEU A 538 -36.39 29.23 -11.96
N VAL A 539 -35.05 29.26 -11.92
CA VAL A 539 -34.30 30.33 -12.56
C VAL A 539 -33.26 29.73 -13.50
N LYS A 540 -33.01 30.47 -14.56
CA LYS A 540 -31.93 30.22 -15.49
C LYS A 540 -31.17 31.53 -15.60
N LEU A 541 -29.85 31.46 -15.47
CA LEU A 541 -29.00 32.62 -15.43
C LEU A 541 -28.36 32.89 -16.79
N ARG A 542 -28.09 34.17 -17.05
CA ARG A 542 -27.28 34.56 -18.18
C ARG A 542 -26.10 33.61 -18.33
N ASN A 543 -25.98 33.01 -19.52
CA ASN A 543 -24.81 32.23 -19.89
C ASN A 543 -24.46 31.21 -18.82
N SER A 544 -25.43 30.36 -18.50
CA SER A 544 -25.20 29.19 -17.65
C SER A 544 -26.30 28.18 -17.94
N SER A 545 -25.91 27.05 -18.53
CA SER A 545 -26.87 26.06 -19.02
C SER A 545 -27.69 25.41 -17.91
N GLU A 546 -27.45 25.75 -16.65
CA GLU A 546 -28.15 25.11 -15.55
C GLU A 546 -29.52 25.71 -15.32
N VAL A 547 -30.41 24.89 -14.75
CA VAL A 547 -31.79 25.25 -14.44
C VAL A 547 -32.02 24.89 -12.98
N TYR A 548 -32.19 25.90 -12.12
CA TYR A 548 -32.18 25.67 -10.68
C TYR A 548 -33.57 25.87 -10.10
N TYR A 549 -34.06 24.84 -9.41
CA TYR A 549 -35.29 24.92 -8.65
C TYR A 549 -35.04 25.62 -7.32
N TYR A 550 -35.89 26.58 -7.00
CA TYR A 550 -35.84 27.29 -5.73
C TYR A 550 -37.21 27.22 -5.06
N ALA A 551 -37.18 27.33 -3.74
CA ALA A 551 -38.36 27.42 -2.89
C ALA A 551 -38.11 28.48 -1.83
N LEU A 552 -39.16 29.19 -1.44
CA LEU A 552 -39.04 30.24 -0.45
C LEU A 552 -40.06 30.05 0.65
N SER A 553 -39.60 30.16 1.91
CA SER A 553 -40.40 30.04 3.11
C SER A 553 -40.28 31.30 3.96
N ASN A 554 -41.13 31.36 5.00
CA ASN A 554 -41.29 32.56 5.80
C ASN A 554 -40.40 32.56 7.05
N THR A 555 -40.49 31.53 7.89
CA THR A 555 -39.62 31.52 9.06
C THR A 555 -38.75 30.27 9.10
N GLN A 556 -38.31 29.91 10.30
CA GLN A 556 -37.24 28.92 10.48
C GLN A 556 -37.59 27.94 11.61
N ASN A 557 -38.82 27.41 11.59
CA ASN A 557 -39.24 26.39 12.53
C ASN A 557 -39.17 25.02 11.84
N SER A 558 -38.19 24.22 12.24
CA SER A 558 -38.01 22.89 11.65
C SER A 558 -37.25 21.96 12.59
N ILE A 567 -17.64 28.90 -2.12
CA ILE A 567 -18.23 28.54 -3.39
C ILE A 567 -17.57 27.27 -3.95
N ILE A 568 -18.39 26.36 -4.46
CA ILE A 568 -17.91 25.17 -5.16
C ILE A 568 -17.25 25.65 -6.46
N VAL A 569 -16.04 26.18 -6.32
CA VAL A 569 -15.44 26.97 -7.39
C VAL A 569 -15.20 26.10 -8.61
N ASP A 570 -15.83 26.46 -9.72
CA ASP A 570 -15.37 26.15 -11.06
C ASP A 570 -15.40 27.48 -11.78
N HIS A 571 -14.43 28.32 -11.47
CA HIS A 571 -14.17 29.51 -12.27
C HIS A 571 -13.16 29.08 -13.34
N PRO A 572 -13.62 28.71 -14.53
CA PRO A 572 -12.72 28.09 -15.53
C PRO A 572 -11.55 28.98 -15.90
N GLU A 573 -11.60 30.26 -15.56
CA GLU A 573 -10.49 31.13 -15.84
C GLU A 573 -9.33 30.89 -14.88
N TRP A 574 -9.61 30.54 -13.63
CA TRP A 574 -8.56 30.30 -12.64
C TRP A 574 -8.15 28.83 -12.55
N ALA A 575 -9.10 27.90 -12.63
CA ALA A 575 -8.75 26.48 -12.65
C ALA A 575 -7.82 26.16 -13.82
N SER A 576 -8.09 26.74 -15.00
CA SER A 576 -7.16 26.63 -16.11
C SER A 576 -5.79 27.18 -15.74
N LEU A 577 -5.72 28.00 -14.68
CA LEU A 577 -4.47 28.58 -14.23
C LEU A 577 -3.83 27.78 -13.10
N PHE A 578 -4.57 26.85 -12.48
CA PHE A 578 -4.07 26.14 -11.31
C PHE A 578 -3.83 24.66 -11.54
N ASN A 579 -4.51 24.03 -12.50
CA ASN A 579 -4.52 22.58 -12.63
C ASN A 579 -3.62 22.06 -13.74
N ASN A 580 -2.59 22.81 -14.14
CA ASN A 580 -1.99 22.66 -15.47
C ASN A 580 -1.71 21.21 -15.84
N ALA A 581 -1.94 20.90 -17.12
CA ALA A 581 -2.29 19.58 -17.61
C ALA A 581 -1.28 18.46 -17.34
N ASP A 582 -0.28 18.35 -18.21
CA ASP A 582 0.53 17.12 -18.33
C ASP A 582 1.10 16.62 -17.02
N GLU A 583 1.41 15.33 -16.96
CA GLU A 583 1.91 14.73 -15.73
C GLU A 583 3.27 15.28 -15.36
N ARG A 584 4.12 15.55 -16.34
CA ARG A 584 5.38 16.23 -16.04
C ARG A 584 5.14 17.67 -15.61
N GLU A 585 3.95 18.21 -15.85
CA GLU A 585 3.55 19.50 -15.31
C GLU A 585 2.84 19.37 -13.98
N LYS A 586 2.66 18.14 -13.48
CA LYS A 586 2.32 17.88 -12.08
C LYS A 586 3.59 17.66 -11.26
N GLU A 587 4.39 16.67 -11.66
CA GLU A 587 5.64 16.38 -10.98
C GLU A 587 6.67 17.48 -11.19
N SER A 588 6.45 18.36 -12.17
CA SER A 588 7.23 19.58 -12.25
C SER A 588 6.98 20.46 -11.04
N ILE A 589 5.70 20.77 -10.80
CA ILE A 589 5.33 21.59 -9.65
C ILE A 589 5.82 20.94 -8.36
N GLY A 590 5.58 19.63 -8.23
CA GLY A 590 6.04 18.93 -7.03
C GLY A 590 7.55 19.00 -6.85
N ALA A 591 8.30 18.91 -7.96
CA ALA A 591 9.74 19.04 -7.90
C ALA A 591 10.15 20.40 -7.32
N LEU A 592 9.59 21.48 -7.86
CA LEU A 592 9.90 22.81 -7.34
C LEU A 592 9.53 22.93 -5.85
N VAL A 593 8.37 22.39 -5.46
CA VAL A 593 7.91 22.44 -4.08
C VAL A 593 8.90 21.74 -3.15
N SER A 594 9.42 20.59 -3.58
CA SER A 594 10.41 19.91 -2.75
C SER A 594 11.70 20.72 -2.66
N GLN A 595 12.16 21.27 -3.79
CA GLN A 595 13.33 22.13 -3.78
C GLN A 595 13.21 23.20 -2.70
N ILE A 596 12.13 23.98 -2.74
CA ILE A 596 12.01 25.04 -1.76
C ILE A 596 11.81 24.48 -0.36
N LYS A 597 11.14 23.33 -0.20
CA LYS A 597 10.86 22.83 1.14
C LYS A 597 12.14 22.43 1.87
N LEU A 598 13.00 21.64 1.22
CA LEU A 598 14.29 21.33 1.81
C LEU A 598 15.12 22.60 1.99
N LYS A 599 15.05 23.55 1.05
CA LYS A 599 15.72 24.83 1.27
C LYS A 599 15.27 25.46 2.59
N GLU A 600 13.96 25.44 2.85
CA GLU A 600 13.46 26.02 4.08
C GLU A 600 14.02 25.30 5.28
N ARG A 601 14.19 23.98 5.19
CA ARG A 601 14.88 23.24 6.25
C ARG A 601 16.29 23.80 6.45
N GLU A 602 16.99 24.07 5.35
CA GLU A 602 18.31 24.69 5.45
C GLU A 602 18.24 26.02 6.19
N ARG A 603 17.19 26.82 5.93
CA ARG A 603 17.04 28.08 6.66
C ARG A 603 16.90 27.81 8.16
N ILE A 604 16.03 26.87 8.53
CA ILE A 604 15.76 26.61 9.95
C ILE A 604 17.02 26.16 10.66
N SER A 605 17.58 25.03 10.23
CA SER A 605 18.81 24.53 10.85
C SER A 605 19.89 25.60 10.85
N ARG A 606 19.99 26.37 9.77
CA ARG A 606 21.01 27.41 9.64
C ARG A 606 20.87 28.47 10.74
N VAL A 607 19.76 29.20 10.73
CA VAL A 607 19.59 30.31 11.67
C VAL A 607 19.52 29.85 13.11
N GLN A 608 19.17 28.58 13.36
CA GLN A 608 19.00 28.08 14.72
C GLN A 608 20.15 28.49 15.63
N ASN A 609 21.38 28.10 15.28
CA ASN A 609 22.53 28.41 16.12
C ASN A 609 22.75 29.91 16.23
N LEU A 610 22.46 30.65 15.15
CA LEU A 610 22.51 32.11 15.24
C LEU A 610 21.56 32.61 16.32
N ILE A 611 20.46 31.90 16.55
CA ILE A 611 19.58 32.27 17.65
C ILE A 611 20.17 31.79 18.98
N GLU A 612 20.89 30.67 18.97
CA GLU A 612 21.57 30.20 20.18
C GLU A 612 22.51 31.27 20.72
N HIS A 613 23.15 32.02 19.83
CA HIS A 613 24.03 33.13 20.23
C HIS A 613 23.22 34.43 20.16
N GLU A 614 22.64 34.83 21.27
CA GLU A 614 22.11 36.18 21.45
C GLU A 614 22.82 36.80 22.64
N ASN A 615 23.05 38.11 22.57
CA ASN A 615 23.76 38.87 23.60
C ASN A 615 25.12 38.25 23.94
N SER A 616 25.58 37.27 23.18
CA SER A 616 26.88 36.67 23.38
C SER A 616 28.00 37.67 23.03
N HIS A 617 29.19 37.39 23.57
CA HIS A 617 30.34 38.19 23.15
C HIS A 617 30.68 37.92 21.69
N ASP A 618 30.32 36.75 21.18
CA ASP A 618 30.55 36.46 19.76
C ASP A 618 29.68 37.34 18.86
N GLU A 619 28.37 37.40 19.15
CA GLU A 619 27.49 38.31 18.41
C GLU A 619 27.82 39.78 18.65
N ASP A 620 28.47 40.09 19.77
CA ASP A 620 28.97 41.45 19.96
C ASP A 620 30.13 41.73 19.00
N LYS A 621 31.15 40.87 19.00
CA LYS A 621 32.24 40.97 18.03
C LYS A 621 31.68 41.13 16.62
N TYR A 622 30.68 40.32 16.29
CA TYR A 622 30.10 40.36 14.95
C TYR A 622 29.39 41.68 14.68
N LEU A 623 28.70 42.24 15.68
CA LEU A 623 28.03 43.51 15.44
C LEU A 623 29.02 44.66 15.35
N GLN A 624 30.17 44.55 16.02
CA GLN A 624 31.23 45.53 15.88
C GLN A 624 31.84 45.48 14.49
N ASP A 625 32.60 44.41 14.21
CA ASP A 625 33.30 44.31 12.93
C ASP A 625 32.31 44.35 11.77
N LEU A 626 31.07 43.95 12.03
CA LEU A 626 29.99 44.18 11.07
C LEU A 626 29.76 45.66 10.86
N GLY A 627 29.32 46.36 11.91
CA GLY A 627 28.92 47.75 11.77
C GLY A 627 30.00 48.61 11.16
N TYR A 628 31.24 48.43 11.57
CA TYR A 628 32.24 49.33 11.06
C TYR A 628 33.04 48.77 9.89
N ARG A 629 32.95 47.45 9.64
CA ARG A 629 33.32 46.93 8.33
C ARG A 629 32.43 47.55 7.26
N LEU A 630 31.11 47.44 7.43
CA LEU A 630 30.18 48.13 6.58
C LEU A 630 30.45 49.63 6.52
N SER A 631 30.92 50.21 7.63
CA SER A 631 31.29 51.62 7.60
C SER A 631 32.45 51.87 6.64
N ILE A 632 33.44 50.99 6.63
CA ILE A 632 34.58 51.16 5.70
C ILE A 632 34.10 51.08 4.26
N ALA A 633 33.30 50.06 3.93
CA ALA A 633 32.81 49.93 2.56
C ALA A 633 31.96 51.13 2.17
N THR A 634 31.15 51.62 3.10
CA THR A 634 30.32 52.78 2.86
C THR A 634 31.16 54.01 2.54
N ASN A 635 32.25 54.19 3.27
CA ASN A 635 33.15 55.31 2.96
C ASN A 635 33.75 55.15 1.56
N GLU A 636 34.21 53.95 1.22
CA GLU A 636 34.75 53.72 -0.12
C GLU A 636 33.74 54.12 -1.19
N LEU A 637 32.50 53.66 -1.07
CA LEU A 637 31.49 54.04 -2.03
C LEU A 637 31.23 55.54 -2.00
N LEU A 638 31.48 56.21 -0.87
CA LEU A 638 31.33 57.66 -0.82
C LEU A 638 32.46 58.38 -1.54
N GLU A 639 33.67 57.82 -1.53
CA GLU A 639 34.76 58.34 -2.34
C GLU A 639 34.45 58.19 -3.82
N SER A 640 34.06 56.98 -4.24
CA SER A 640 33.65 56.79 -5.63
C SER A 640 32.36 57.51 -5.97
N TRP A 641 31.68 58.09 -4.98
CA TRP A 641 30.66 59.11 -5.24
C TRP A 641 31.25 60.51 -5.33
N GLN A 642 32.43 60.74 -4.75
CA GLN A 642 33.09 62.02 -4.92
C GLN A 642 33.66 62.16 -6.32
N LYS A 643 34.23 61.08 -6.87
CA LYS A 643 34.83 61.18 -8.19
C LYS A 643 33.78 61.50 -9.26
N THR A 644 32.60 60.88 -9.16
CA THR A 644 31.50 61.12 -10.10
C THR A 644 30.53 62.18 -9.61
N LYS A 645 30.93 62.99 -8.63
CA LYS A 645 30.01 63.94 -8.01
C LYS A 645 29.49 64.97 -9.01
N ASP A 646 30.35 65.45 -9.90
CA ASP A 646 29.99 66.55 -10.78
C ASP A 646 29.21 66.09 -12.00
N GLU A 647 28.34 65.10 -11.84
CA GLU A 647 27.52 64.66 -12.97
C GLU A 647 26.49 65.72 -13.33
N SER A 648 25.67 66.12 -12.36
CA SER A 648 24.72 67.22 -12.50
C SER A 648 23.73 67.01 -13.65
N ILE A 649 23.69 65.80 -14.21
CA ILE A 649 22.71 65.47 -15.24
C ILE A 649 21.47 64.82 -14.62
N LEU A 650 21.67 63.99 -13.59
CA LEU A 650 20.63 63.40 -12.75
C LEU A 650 20.88 63.82 -11.29
N SER A 651 20.08 63.25 -10.38
CA SER A 651 20.28 63.48 -8.95
C SER A 651 20.08 62.21 -8.13
N GLY A 652 20.13 61.05 -8.77
CA GLY A 652 20.07 59.79 -8.06
C GLY A 652 21.36 59.00 -8.25
N SER A 653 22.15 58.87 -7.18
CA SER A 653 23.39 58.12 -7.28
C SER A 653 23.12 56.67 -7.64
N LEU A 654 24.14 56.04 -8.21
CA LEU A 654 23.99 54.70 -8.77
C LEU A 654 23.95 53.62 -7.70
N SER A 655 22.95 52.74 -7.81
CA SER A 655 22.79 51.56 -6.96
C SER A 655 23.06 51.88 -5.49
N HIS A 656 22.54 53.02 -5.05
CA HIS A 656 22.90 53.58 -3.76
C HIS A 656 22.47 52.70 -2.59
N SER A 657 21.21 52.79 -2.17
CA SER A 657 20.73 52.19 -0.92
C SER A 657 21.08 50.71 -0.81
N LYS A 658 22.00 50.35 0.08
CA LYS A 658 22.34 48.95 0.26
C LYS A 658 23.09 48.67 1.56
N LEU A 659 23.34 47.37 1.76
CA LEU A 659 24.43 46.87 2.56
C LEU A 659 25.78 47.21 1.95
N LYS A 660 25.80 47.64 0.69
CA LYS A 660 26.99 47.91 -0.11
C LYS A 660 27.94 46.72 -0.19
N ASN A 661 27.73 45.90 -1.22
CA ASN A 661 28.54 44.74 -1.63
C ASN A 661 29.35 44.13 -0.49
N LEU A 662 28.66 43.71 0.55
CA LEU A 662 29.14 42.70 1.48
C LEU A 662 27.86 42.10 2.03
N LEU A 663 27.51 40.89 1.59
CA LEU A 663 26.19 40.35 1.87
C LEU A 663 26.16 39.36 3.03
N GLU A 664 27.22 38.56 3.23
CA GLU A 664 27.24 37.62 4.34
C GLU A 664 27.14 38.34 5.67
N ASN A 665 27.57 39.60 5.71
CA ASN A 665 27.64 40.36 6.94
C ASN A 665 26.25 40.67 7.50
N SER A 666 25.25 40.79 6.63
CA SER A 666 23.89 40.96 7.09
C SER A 666 23.51 39.82 8.04
N ASP A 667 23.27 38.65 7.47
CA ASP A 667 22.47 37.61 8.13
C ASP A 667 22.96 37.31 9.54
N SER A 668 24.25 37.03 9.72
CA SER A 668 24.69 36.13 10.78
C SER A 668 24.29 36.56 12.19
N PHE A 669 23.96 37.82 12.43
CA PHE A 669 23.49 38.19 13.76
C PHE A 669 22.05 37.67 13.97
N ALA A 670 21.51 37.89 15.17
CA ALA A 670 20.15 37.43 15.46
C ALA A 670 19.53 38.06 16.71
N SER A 671 19.72 39.36 16.88
CA SER A 671 19.18 40.06 18.05
C SER A 671 18.69 41.43 17.57
N ILE A 672 17.39 41.54 17.34
CA ILE A 672 16.85 42.78 16.77
C ILE A 672 17.24 44.04 17.55
N PRO A 673 17.17 44.08 18.88
CA PRO A 673 17.41 45.38 19.57
C PRO A 673 18.85 45.85 19.50
N GLU A 674 19.83 44.95 19.61
CA GLU A 674 21.22 45.34 19.45
C GLU A 674 21.53 45.73 18.02
N PHE A 675 20.73 45.26 17.08
CA PHE A 675 20.89 45.60 15.67
C PHE A 675 20.28 46.96 15.35
N SER A 676 19.12 47.26 15.95
CA SER A 676 18.60 48.61 15.91
C SER A 676 19.57 49.60 16.55
N SER A 677 20.23 49.19 17.64
CA SER A 677 21.22 50.08 18.25
C SER A 677 22.44 50.24 17.35
N LEU A 678 22.84 49.16 16.66
CA LEU A 678 23.89 49.28 15.64
C LEU A 678 23.54 50.37 14.64
N LEU A 679 22.35 50.27 14.04
CA LEU A 679 21.95 51.22 13.01
C LEU A 679 21.85 52.64 13.57
N ASP A 680 21.34 52.80 14.80
CA ASP A 680 21.25 54.15 15.35
C ASP A 680 22.63 54.75 15.53
N GLN A 681 23.62 53.93 15.90
CA GLN A 681 24.97 54.43 16.05
C GLN A 681 25.74 54.52 14.73
N PHE A 682 25.23 53.89 13.66
CA PHE A 682 25.77 54.07 12.31
C PHE A 682 25.30 55.39 11.72
N PHE A 683 23.99 55.63 11.76
CA PHE A 683 23.47 56.93 11.39
C PHE A 683 24.14 58.02 12.21
N GLN A 684 24.30 57.79 13.52
CA GLN A 684 25.07 58.71 14.34
C GLN A 684 26.47 58.91 13.77
N TYR A 685 27.13 57.81 13.37
CA TYR A 685 28.54 57.90 12.97
C TYR A 685 28.71 58.68 11.68
N TYR A 686 27.84 58.49 10.70
CA TYR A 686 27.95 59.21 9.44
C TYR A 686 27.19 60.54 9.45
N GLN A 687 27.05 61.16 10.62
CA GLN A 687 26.45 62.48 10.73
C GLN A 687 27.28 63.56 10.03
N ASP A 688 28.56 63.28 9.74
CA ASP A 688 29.31 64.11 8.80
C ASP A 688 28.48 64.31 7.54
N GLN A 689 28.18 65.56 7.26
CA GLN A 689 27.03 65.93 6.45
C GLN A 689 27.18 65.50 4.99
N ASP A 690 26.25 65.93 4.14
CA ASP A 690 26.09 65.48 2.76
C ASP A 690 25.95 63.95 2.73
N VAL A 691 24.95 63.47 3.47
CA VAL A 691 24.62 62.05 3.52
C VAL A 691 23.14 61.90 3.80
N THR A 692 22.57 60.78 3.37
CA THR A 692 21.13 60.59 3.43
C THR A 692 20.65 60.40 4.87
N PHE A 693 19.41 60.83 5.10
CA PHE A 693 18.71 60.60 6.35
C PHE A 693 17.28 60.17 6.05
N ILE A 694 16.86 59.03 6.61
CA ILE A 694 15.50 58.53 6.47
C ILE A 694 15.08 57.83 7.75
N GLY A 695 14.02 58.32 8.39
CA GLY A 695 13.56 57.78 9.64
C GLY A 695 12.60 56.63 9.50
N PHE A 696 13.02 55.43 9.92
CA PHE A 696 12.27 54.22 9.61
C PHE A 696 10.88 54.22 10.25
N GLU A 697 10.83 54.45 11.57
CA GLU A 697 9.60 54.39 12.34
C GLU A 697 8.39 54.97 11.60
N LYS A 698 8.53 56.20 11.12
CA LYS A 698 7.46 56.86 10.40
C LYS A 698 7.05 56.09 9.15
N LEU A 699 7.86 55.11 8.71
CA LEU A 699 7.52 54.29 7.57
C LEU A 699 6.95 52.92 7.96
N LEU A 700 7.38 52.35 9.08
CA LEU A 700 6.71 51.17 9.62
C LEU A 700 5.25 51.47 9.93
N HIS A 701 4.97 52.74 10.25
CA HIS A 701 3.61 53.28 10.21
C HIS A 701 2.79 52.71 9.05
N LEU A 702 3.39 52.56 7.87
CA LEU A 702 2.68 51.99 6.72
C LEU A 702 2.53 50.49 6.82
N PHE A 703 3.38 49.82 7.59
CA PHE A 703 3.35 48.37 7.67
C PHE A 703 2.26 47.89 8.62
N LEU A 704 2.32 48.34 9.89
CA LEU A 704 1.41 47.84 10.92
C LEU A 704 0.19 48.75 11.14
N HIS A 705 0.18 49.91 10.51
CA HIS A 705 -0.95 50.83 10.51
C HIS A 705 -1.21 51.45 11.86
N GLU A 706 -0.20 51.52 12.71
CA GLU A 706 -0.23 52.35 13.89
C GLU A 706 1.18 52.85 14.09
N ASP A 707 1.34 53.84 14.97
CA ASP A 707 2.67 54.37 15.18
C ASP A 707 3.58 53.27 15.69
N VAL A 708 4.69 53.07 14.98
CA VAL A 708 5.67 52.06 15.37
C VAL A 708 6.94 52.80 15.76
N PRO A 709 7.04 53.33 16.99
CA PRO A 709 8.21 54.13 17.38
C PRO A 709 9.53 53.40 17.20
N GLY A 710 9.65 52.24 17.85
CA GLY A 710 10.88 51.49 17.81
C GLY A 710 10.90 50.43 16.71
N LEU A 711 12.10 50.21 16.18
CA LEU A 711 12.32 49.07 15.31
C LEU A 711 12.03 47.76 16.02
N ASP A 712 12.02 47.78 17.36
CA ASP A 712 11.76 46.59 18.15
C ASP A 712 10.27 46.28 18.22
N ILE A 713 9.45 47.27 18.61
CA ILE A 713 8.01 47.05 18.76
C ILE A 713 7.43 46.45 17.49
N PHE A 714 8.01 46.82 16.34
CA PHE A 714 7.70 46.13 15.08
C PHE A 714 7.82 44.62 15.25
N TYR A 715 8.98 44.19 15.72
CA TYR A 715 9.25 42.77 15.94
C TYR A 715 8.30 42.19 16.99
N ASN A 716 8.02 42.93 18.06
CA ASN A 716 7.08 42.45 19.07
C ASN A 716 5.73 42.11 18.44
N LYS A 717 5.11 43.09 17.78
CA LYS A 717 3.77 42.87 17.25
C LYS A 717 3.75 41.72 16.25
N LEU A 718 4.69 41.72 15.31
CA LEU A 718 4.72 40.59 14.37
C LEU A 718 4.89 39.28 15.10
N LEU A 719 5.66 39.28 16.19
CA LEU A 719 5.94 38.05 16.91
C LEU A 719 4.72 37.57 17.69
N GLN A 720 3.91 38.48 18.25
CA GLN A 720 2.64 38.06 18.82
C GLN A 720 1.80 37.34 17.78
N CYS A 721 1.54 38.03 16.68
CA CYS A 721 0.72 37.45 15.62
C CYS A 721 1.19 36.06 15.23
N TRP A 722 2.47 35.90 14.96
CA TRP A 722 2.93 34.64 14.40
C TRP A 722 3.24 33.59 15.46
N VAL A 723 3.57 34.01 16.67
CA VAL A 723 3.71 33.05 17.76
C VAL A 723 2.39 32.39 18.03
N LEU A 724 1.28 33.01 17.64
CA LEU A 724 0.03 32.25 17.68
C LEU A 724 -0.06 31.11 16.67
N VAL A 725 0.85 31.03 15.67
CA VAL A 725 0.57 30.27 14.46
C VAL A 725 1.71 29.38 13.97
N SER A 726 2.95 29.74 14.27
CA SER A 726 4.00 28.93 13.68
C SER A 726 5.02 28.51 14.71
N PRO A 727 5.62 27.33 14.54
CA PRO A 727 6.83 27.00 15.33
C PRO A 727 8.00 27.82 14.82
N GLN A 728 8.97 28.06 15.70
CA GLN A 728 10.06 28.98 15.40
C GLN A 728 9.55 30.28 14.80
N ALA A 729 8.36 30.71 15.25
CA ALA A 729 7.90 32.04 14.88
C ALA A 729 8.90 33.09 15.30
N GLU A 730 9.67 32.85 16.38
CA GLU A 730 10.74 33.77 16.74
C GLU A 730 11.83 33.80 15.67
N LEU A 731 12.18 32.65 15.11
CA LEU A 731 13.24 32.59 14.11
C LEU A 731 12.80 33.25 12.81
N LEU A 732 11.62 32.89 12.31
CA LEU A 732 11.12 33.53 11.10
C LEU A 732 10.89 35.03 11.31
N THR A 733 10.13 35.39 12.35
CA THR A 733 9.90 36.81 12.61
C THR A 733 11.21 37.58 12.72
N LYS A 734 12.26 36.96 13.28
CA LYS A 734 13.54 37.67 13.33
C LYS A 734 14.16 37.74 11.94
N GLU A 735 14.07 36.67 11.18
CA GLU A 735 14.62 36.61 9.83
C GLU A 735 13.90 37.57 8.87
N ILE A 736 12.66 37.94 9.19
CA ILE A 736 11.83 38.72 8.30
C ILE A 736 11.90 40.18 8.73
N VAL A 737 12.02 40.44 10.03
CA VAL A 737 12.29 41.82 10.40
C VAL A 737 13.71 42.20 9.97
N LYS A 738 14.64 41.23 9.98
CA LYS A 738 15.96 41.45 9.38
C LYS A 738 15.83 41.69 7.89
N ASP A 739 15.06 40.86 7.20
CA ASP A 739 14.93 41.02 5.76
C ASP A 739 14.29 42.36 5.40
N ILE A 740 13.30 42.79 6.17
CA ILE A 740 12.65 44.07 5.92
C ILE A 740 13.61 45.21 6.19
N ILE A 741 14.19 45.22 7.38
CA ILE A 741 15.09 46.31 7.77
C ILE A 741 16.25 46.42 6.79
N TRP A 742 16.61 45.31 6.13
CA TRP A 742 17.63 45.34 5.08
C TRP A 742 17.05 45.90 3.78
N SER A 743 15.91 45.37 3.34
CA SER A 743 15.25 45.86 2.12
C SER A 743 15.05 47.35 2.13
N LEU A 744 14.86 47.95 3.31
CA LEU A 744 14.67 49.39 3.40
C LEU A 744 15.94 50.13 3.85
N ALA A 745 16.98 49.40 4.28
CA ALA A 745 18.21 49.97 4.78
C ALA A 745 18.77 51.07 3.89
N ARG A 746 18.61 52.31 4.30
CA ARG A 746 18.85 53.44 3.41
C ARG A 746 20.33 53.65 3.14
N LEU A 747 20.63 54.19 1.95
CA LEU A 747 21.88 54.88 1.61
C LEU A 747 21.76 55.49 0.22
N GLU A 748 20.81 56.42 0.03
CA GLU A 748 20.57 56.99 -1.30
C GLU A 748 21.65 58.00 -1.66
N LYS A 749 21.38 58.82 -2.68
CA LYS A 749 22.36 59.77 -3.20
C LYS A 749 22.83 60.74 -2.10
N PRO A 750 23.98 61.39 -2.31
CA PRO A 750 24.35 62.51 -1.43
C PRO A 750 23.17 63.45 -1.19
N SER A 751 23.04 63.91 0.04
CA SER A 751 21.78 64.42 0.54
C SER A 751 21.48 65.83 0.02
N LEU A 752 20.33 66.34 0.48
CA LEU A 752 19.64 67.55 0.06
C LEU A 752 20.50 68.65 -0.60
N PHE A 753 21.76 68.78 -0.21
CA PHE A 753 22.58 69.79 -0.87
C PHE A 753 23.04 69.36 -2.26
N GLU A 754 23.06 68.06 -2.54
CA GLU A 754 23.43 67.59 -3.86
C GLU A 754 22.26 67.63 -4.85
N PRO A 755 21.02 67.31 -4.43
CA PRO A 755 19.91 67.43 -5.40
C PRO A 755 19.68 68.84 -5.94
N ILE A 756 19.79 69.88 -5.12
CA ILE A 756 19.47 71.23 -5.57
C ILE A 756 20.38 71.66 -6.73
N GLN A 757 21.57 71.07 -6.83
CA GLN A 757 22.47 71.34 -7.94
C GLN A 757 21.84 70.95 -9.28
N ASN A 758 21.44 69.69 -9.41
CA ASN A 758 20.78 69.25 -10.65
C ASN A 758 19.38 69.82 -10.77
N GLU A 759 18.73 70.11 -9.64
CA GLU A 759 17.43 70.77 -9.64
C GLU A 759 17.52 72.09 -10.42
N ILE A 760 18.41 72.98 -9.99
CA ILE A 760 18.54 74.26 -10.67
C ILE A 760 19.11 74.07 -12.07
N SER A 761 20.05 73.15 -12.25
CA SER A 761 20.70 73.01 -13.56
C SER A 761 19.78 72.40 -14.63
N ARG A 762 18.80 71.58 -14.23
CA ARG A 762 17.76 71.19 -15.16
C ARG A 762 16.74 72.30 -15.32
N SER A 763 16.45 73.03 -14.23
CA SER A 763 15.69 74.26 -14.31
C SER A 763 16.42 75.37 -15.06
N LEU A 764 17.57 75.08 -15.67
CA LEU A 764 18.25 76.01 -16.55
C LEU A 764 18.04 75.63 -18.02
N SER A 765 18.45 74.40 -18.40
CA SER A 765 18.36 73.96 -19.78
C SER A 765 16.95 74.05 -20.33
N GLY A 766 15.95 74.18 -19.48
CA GLY A 766 14.59 74.42 -19.93
C GLY A 766 14.41 75.85 -20.37
N PRO A 767 13.53 76.08 -21.35
CA PRO A 767 13.27 77.44 -21.82
C PRO A 767 12.79 78.36 -20.70
N TYR A 768 12.99 79.66 -20.92
CA TYR A 768 13.07 80.62 -19.82
C TYR A 768 11.76 80.75 -19.03
N GLN A 769 10.61 80.61 -19.68
CA GLN A 769 9.34 80.88 -18.99
C GLN A 769 8.65 79.64 -18.44
N ASP A 770 9.01 78.45 -18.92
CA ASP A 770 8.77 77.28 -18.10
C ASP A 770 9.61 77.35 -16.84
N ILE A 771 10.85 77.84 -16.96
CA ILE A 771 11.67 78.12 -15.79
C ILE A 771 10.96 79.14 -14.91
N ILE A 772 10.18 80.05 -15.52
CA ILE A 772 9.42 81.00 -14.73
C ILE A 772 8.20 80.33 -14.11
N SER A 773 7.70 79.25 -14.71
CA SER A 773 6.55 78.56 -14.13
C SER A 773 6.92 77.63 -12.99
N SER A 774 8.13 77.07 -13.03
CA SER A 774 8.62 76.23 -11.93
C SER A 774 8.54 77.01 -10.62
N TRP A 775 7.74 76.49 -9.70
CA TRP A 775 7.29 77.28 -8.56
C TRP A 775 7.29 76.40 -7.31
N ASP A 776 8.14 76.73 -6.35
CA ASP A 776 8.07 76.12 -5.03
C ASP A 776 7.16 76.94 -4.13
N MET A 777 6.88 76.39 -2.95
CA MET A 777 5.98 76.95 -1.93
C MET A 777 4.78 77.70 -2.53
N ASP A 778 3.71 76.98 -2.83
CA ASP A 778 2.52 77.59 -3.42
C ASP A 778 1.77 78.41 -2.37
N ASP A 779 0.95 77.75 -1.56
CA ASP A 779 0.21 78.39 -0.49
C ASP A 779 -0.36 77.34 0.45
N LYS B 94 -12.27 87.05 -20.77
CA LYS B 94 -12.16 86.65 -19.37
C LYS B 94 -10.98 85.68 -19.14
N LEU B 95 -11.11 84.45 -19.64
CA LEU B 95 -10.12 83.42 -19.40
C LEU B 95 -9.07 83.37 -20.52
N ILE B 96 -7.89 82.87 -20.17
CA ILE B 96 -6.72 82.88 -21.06
C ILE B 96 -7.04 82.15 -22.37
N GLY B 97 -6.28 82.50 -23.41
CA GLY B 97 -6.33 81.79 -24.67
C GLY B 97 -4.98 81.30 -25.13
N HIS B 98 -4.91 80.01 -25.47
CA HIS B 98 -3.86 79.43 -26.30
C HIS B 98 -2.45 79.49 -25.72
N GLU B 99 -2.25 80.20 -24.60
CA GLU B 99 -1.02 79.99 -23.85
C GLU B 99 -1.33 79.84 -22.36
N ALA B 100 -2.48 79.26 -22.04
CA ALA B 100 -2.81 78.87 -20.70
C ALA B 100 -2.14 77.54 -20.42
N LYS B 101 -1.14 77.20 -21.23
CA LYS B 101 -0.20 76.16 -20.83
C LYS B 101 0.41 76.52 -19.48
N LEU B 102 0.73 77.81 -19.28
CA LEU B 102 1.31 78.24 -18.02
C LEU B 102 0.35 78.04 -16.86
N LEU B 103 -0.90 78.49 -17.02
CA LEU B 103 -1.89 78.32 -15.95
C LEU B 103 -2.19 76.85 -15.72
N PHE B 104 -2.27 76.08 -16.79
CA PHE B 104 -2.48 74.65 -16.67
C PHE B 104 -1.39 74.01 -15.81
N LEU B 105 -0.14 74.10 -16.25
CA LEU B 105 0.95 73.53 -15.47
C LEU B 105 1.05 74.16 -14.08
N LYS B 106 0.45 75.34 -13.85
CA LYS B 106 0.48 75.92 -12.51
C LYS B 106 -0.55 75.31 -11.59
N SER B 107 -1.79 75.12 -12.05
CA SER B 107 -2.75 74.38 -11.23
C SER B 107 -2.30 72.94 -11.04
N PHE B 108 -1.65 72.36 -12.04
CA PHE B 108 -1.17 70.98 -11.93
C PHE B 108 -0.07 70.86 -10.88
N GLN B 109 0.99 71.65 -11.05
CA GLN B 109 2.09 71.64 -10.09
C GLN B 109 1.62 72.01 -8.69
N PHE B 110 0.75 73.02 -8.60
CA PHE B 110 0.20 73.40 -7.30
C PHE B 110 -0.55 72.25 -6.65
N ILE B 111 -1.36 71.52 -7.44
CA ILE B 111 -2.07 70.37 -6.87
C ILE B 111 -1.08 69.31 -6.41
N LEU B 112 0.02 69.12 -7.17
CA LEU B 112 1.02 68.16 -6.77
C LEU B 112 1.60 68.51 -5.41
N LYS B 113 2.22 69.69 -5.29
CA LYS B 113 2.80 70.05 -4.00
C LYS B 113 1.75 70.04 -2.89
N ARG B 114 0.49 70.29 -3.22
CA ARG B 114 -0.57 70.14 -2.22
C ARG B 114 -0.65 68.70 -1.72
N GLN B 115 -0.62 67.74 -2.65
CA GLN B 115 -0.65 66.34 -2.26
C GLN B 115 0.59 65.94 -1.45
N ILE B 116 1.77 66.44 -1.85
CA ILE B 116 2.98 66.16 -1.09
C ILE B 116 2.86 66.68 0.32
N ARG B 117 2.36 67.91 0.48
CA ARG B 117 2.08 68.45 1.81
C ARG B 117 1.24 67.48 2.61
N TRP B 118 0.19 66.93 2.00
CA TRP B 118 -0.62 65.96 2.75
C TRP B 118 0.10 64.65 3.03
N LEU B 119 1.12 64.27 2.25
CA LEU B 119 1.71 62.97 2.58
C LEU B 119 2.92 63.06 3.51
N ILE B 120 3.74 64.11 3.45
CA ILE B 120 4.71 64.31 4.52
C ILE B 120 3.99 64.61 5.82
N THR B 121 3.02 65.54 5.78
CA THR B 121 2.26 65.88 6.97
C THR B 121 1.49 64.68 7.50
N GLU B 122 0.44 64.28 6.79
CA GLU B 122 -0.49 63.30 7.32
C GLU B 122 -0.02 61.85 7.14
N MET B 123 0.98 61.59 6.29
CA MET B 123 1.48 60.24 6.12
C MET B 123 2.92 60.09 6.60
N ARG B 124 3.51 61.13 7.17
CA ARG B 124 4.83 61.06 7.75
C ARG B 124 5.85 60.49 6.76
N PHE B 125 5.85 61.07 5.55
CA PHE B 125 6.89 60.85 4.55
C PHE B 125 8.16 61.60 4.93
N PRO B 126 9.28 61.33 4.27
CA PRO B 126 10.48 62.16 4.44
C PRO B 126 10.49 63.40 3.55
N LYS B 127 11.17 64.44 4.02
CA LYS B 127 11.23 65.70 3.28
C LYS B 127 11.98 65.57 1.97
N GLU B 128 12.78 64.51 1.82
CA GLU B 128 13.56 64.29 0.60
C GLU B 128 12.66 64.00 -0.59
N PHE B 129 11.53 63.34 -0.33
CA PHE B 129 10.58 63.04 -1.39
C PHE B 129 10.29 64.28 -2.23
N GLU B 130 10.11 65.43 -1.57
CA GLU B 130 9.77 66.64 -2.29
C GLU B 130 10.82 66.97 -3.34
N HIS B 131 12.10 66.92 -2.97
CA HIS B 131 13.15 67.19 -3.94
C HIS B 131 13.16 66.15 -5.05
N VAL B 132 12.91 64.88 -4.72
CA VAL B 132 12.83 63.87 -5.78
C VAL B 132 11.69 64.18 -6.74
N ALA B 133 10.60 64.75 -6.21
CA ALA B 133 9.46 65.12 -7.04
C ALA B 133 9.78 66.32 -7.93
N LYS B 134 10.45 67.35 -7.37
CA LYS B 134 10.94 68.44 -8.19
C LYS B 134 11.85 67.94 -9.29
N ILE B 135 12.62 66.88 -9.04
CA ILE B 135 13.52 66.39 -10.07
C ILE B 135 12.76 65.67 -11.18
N ILE B 136 11.78 64.81 -10.82
CA ILE B 136 11.08 64.06 -11.86
C ILE B 136 10.12 64.96 -12.64
N TRP B 137 9.27 65.69 -11.91
CA TRP B 137 8.40 66.69 -12.52
C TRP B 137 9.20 67.76 -13.27
N LEU B 138 10.43 68.01 -12.81
CA LEU B 138 11.33 68.91 -13.53
C LEU B 138 11.78 68.28 -14.84
N LYS B 139 12.08 66.99 -14.84
CA LYS B 139 12.53 66.32 -16.06
C LYS B 139 11.44 66.31 -17.11
N ILE B 140 10.22 65.94 -16.71
CA ILE B 140 9.17 65.87 -17.73
C ILE B 140 8.62 67.26 -18.06
N LEU B 141 8.71 68.22 -17.12
CA LEU B 141 8.40 69.60 -17.45
C LEU B 141 9.36 70.12 -18.52
N LYS B 142 10.65 69.84 -18.34
CA LYS B 142 11.66 70.19 -19.34
C LYS B 142 11.45 69.45 -20.65
N THR B 143 10.84 68.26 -20.59
CA THR B 143 10.62 67.53 -21.84
C THR B 143 9.39 68.04 -22.59
N ILE B 144 8.35 68.49 -21.89
CA ILE B 144 7.21 69.05 -22.59
C ILE B 144 7.46 70.50 -22.99
N ASN B 145 8.38 71.17 -22.31
CA ASN B 145 8.87 72.47 -22.76
C ASN B 145 10.18 72.36 -23.53
N ASP B 146 10.50 71.16 -24.01
CA ASP B 146 11.30 70.98 -25.21
C ASP B 146 10.45 70.49 -26.35
N GLN B 147 9.16 70.58 -26.21
CA GLN B 147 8.28 70.28 -27.31
C GLN B 147 7.67 71.57 -27.82
N PRO B 148 7.48 71.70 -29.13
CA PRO B 148 7.19 73.00 -29.71
C PRO B 148 5.72 73.40 -29.66
N GLN B 149 4.89 72.58 -30.30
CA GLN B 149 3.63 73.04 -30.89
C GLN B 149 2.78 73.83 -29.90
N GLU B 150 2.07 74.83 -30.44
CA GLU B 150 1.03 75.47 -29.64
C GLU B 150 -0.13 74.52 -29.40
N GLU B 151 -0.35 73.56 -30.31
CA GLU B 151 -1.16 72.40 -29.98
C GLU B 151 -0.50 71.68 -28.82
N LEU B 152 -1.23 71.55 -27.72
CA LEU B 152 -0.62 71.23 -26.44
C LEU B 152 0.00 69.83 -26.44
N LYS B 153 -0.76 68.83 -26.86
CA LYS B 153 -0.29 67.45 -26.94
C LYS B 153 0.13 66.89 -25.60
N LEU B 154 -0.02 67.67 -24.52
CA LEU B 154 0.28 67.16 -23.20
C LEU B 154 -0.96 66.53 -22.58
N GLN B 155 -0.73 65.47 -21.79
CA GLN B 155 -1.79 64.81 -21.02
C GLN B 155 -1.33 64.76 -19.57
N LEU B 156 -1.51 65.88 -18.88
CA LEU B 156 -1.30 65.91 -17.44
C LEU B 156 -2.64 65.61 -16.78
N HIS B 157 -3.01 64.33 -16.83
CA HIS B 157 -4.10 63.79 -16.04
C HIS B 157 -3.62 63.53 -14.62
N MET B 158 -4.58 63.22 -13.74
CA MET B 158 -4.25 62.95 -12.34
C MET B 158 -3.32 61.74 -12.21
N THR B 159 -3.50 60.75 -13.09
CA THR B 159 -2.59 59.63 -13.19
C THR B 159 -1.13 60.06 -13.33
N SER B 160 -0.86 61.27 -13.84
CA SER B 160 0.51 61.75 -13.91
C SER B 160 0.99 62.22 -12.54
N THR B 161 0.11 62.88 -11.78
CA THR B 161 0.41 63.21 -10.39
C THR B 161 0.81 61.97 -9.61
N ILE B 162 -0.12 61.01 -9.55
CA ILE B 162 0.18 59.77 -8.84
C ILE B 162 1.36 59.06 -9.46
N SER B 163 1.55 59.21 -10.77
CA SER B 163 2.65 58.53 -11.46
C SER B 163 3.99 59.04 -10.97
N ILE B 164 4.14 60.35 -10.78
CA ILE B 164 5.44 60.82 -10.34
C ILE B 164 5.60 60.66 -8.85
N LEU B 165 4.50 60.65 -8.09
CA LEU B 165 4.60 60.28 -6.68
C LEU B 165 5.14 58.85 -6.53
N TYR B 166 4.51 57.87 -7.20
CA TYR B 166 5.01 56.49 -7.14
C TYR B 166 6.43 56.40 -7.70
N LEU B 167 6.71 57.08 -8.81
CA LEU B 167 8.06 57.02 -9.37
C LEU B 167 9.10 57.47 -8.34
N ALA B 168 8.85 58.62 -7.71
CA ALA B 168 9.79 59.14 -6.73
C ALA B 168 9.88 58.23 -5.50
N SER B 169 8.73 57.77 -5.01
CA SER B 169 8.70 56.86 -3.87
C SER B 169 9.52 55.61 -4.16
N THR B 170 9.43 55.09 -5.39
CA THR B 170 10.14 53.86 -5.74
C THR B 170 11.65 54.10 -5.88
N HIS B 171 12.05 55.24 -6.45
CA HIS B 171 13.47 55.58 -6.38
C HIS B 171 13.95 55.54 -4.93
N LEU B 172 13.22 56.23 -4.03
CA LEU B 172 13.61 56.26 -2.64
C LEU B 172 13.38 54.94 -1.90
N SER B 173 12.92 53.87 -2.56
CA SER B 173 12.82 52.55 -1.95
C SER B 173 11.90 52.51 -0.73
N LEU B 174 10.97 53.47 -0.61
CA LEU B 174 10.00 53.44 0.47
C LEU B 174 9.00 52.30 0.25
N PRO B 175 8.48 51.70 1.32
CA PRO B 175 7.68 50.49 1.16
C PRO B 175 6.24 50.82 0.83
N VAL B 176 6.04 51.89 0.10
CA VAL B 176 4.70 52.24 -0.37
C VAL B 176 4.54 51.63 -1.75
N TYR B 177 3.33 51.14 -2.02
CA TYR B 177 3.00 50.49 -3.27
C TYR B 177 1.71 51.09 -3.81
N THR B 178 1.39 50.73 -5.05
CA THR B 178 0.30 51.40 -5.76
C THR B 178 -1.00 51.36 -4.97
N CYS B 179 -1.26 50.22 -4.29
CA CYS B 179 -2.51 50.03 -3.55
C CYS B 179 -2.62 50.99 -2.37
N ASP B 180 -1.50 51.36 -1.76
CA ASP B 180 -1.49 52.45 -0.80
C ASP B 180 -2.07 53.72 -1.43
N TYR B 181 -1.64 54.03 -2.66
CA TYR B 181 -2.12 55.23 -3.33
C TYR B 181 -3.60 55.13 -3.65
N ILE B 182 -4.02 54.02 -4.28
CA ILE B 182 -5.43 53.84 -4.60
C ILE B 182 -6.30 54.00 -3.36
N LYS B 183 -5.91 53.35 -2.25
CA LYS B 183 -6.65 53.53 -1.01
C LYS B 183 -6.67 54.99 -0.61
N TRP B 184 -5.50 55.63 -0.61
CA TRP B 184 -5.36 57.01 -0.13
C TRP B 184 -6.26 57.97 -0.89
N ILE B 185 -6.38 57.78 -2.19
CA ILE B 185 -7.15 58.73 -2.98
C ILE B 185 -8.62 58.38 -3.01
N CYS B 186 -8.96 57.09 -3.11
CA CYS B 186 -10.37 56.72 -3.12
C CYS B 186 -11.05 56.99 -1.79
N THR B 187 -10.30 57.09 -0.69
CA THR B 187 -10.89 57.46 0.60
C THR B 187 -10.82 58.95 0.87
N ALA B 188 -10.65 59.76 -0.17
CA ALA B 188 -10.73 61.22 -0.10
C ALA B 188 -9.74 61.83 0.89
N LYS B 189 -8.86 61.01 1.47
CA LYS B 189 -7.87 61.55 2.38
C LYS B 189 -6.91 62.44 1.60
N MET B 190 -6.13 61.82 0.73
CA MET B 190 -5.29 62.57 -0.17
C MET B 190 -6.15 63.27 -1.22
N PRO B 191 -6.19 64.61 -1.25
CA PRO B 191 -7.03 65.31 -2.22
C PRO B 191 -6.70 64.90 -3.65
N TYR B 192 -7.75 64.64 -4.44
CA TYR B 192 -7.53 64.09 -5.78
C TYR B 192 -8.59 64.56 -6.77
N PHE B 193 -9.86 64.26 -6.49
CA PHE B 193 -10.84 64.16 -7.57
C PHE B 193 -11.27 65.48 -8.20
N GLN B 194 -10.93 66.63 -7.61
CA GLN B 194 -11.44 67.91 -8.11
C GLN B 194 -10.28 68.76 -8.58
N ALA B 195 -10.33 69.20 -9.83
CA ALA B 195 -9.39 70.21 -10.29
C ALA B 195 -9.62 71.46 -9.45
N SER B 196 -8.68 71.76 -8.56
CA SER B 196 -8.81 72.85 -7.57
C SER B 196 -10.19 72.77 -6.90
N GLU B 197 -10.31 71.93 -5.88
CA GLU B 197 -11.58 71.61 -5.24
C GLU B 197 -12.37 72.85 -4.85
N ILE B 198 -13.69 72.70 -4.67
CA ILE B 198 -14.59 73.83 -4.43
C ILE B 198 -14.09 74.66 -3.26
N LEU B 199 -14.02 75.98 -3.47
CA LEU B 199 -13.62 76.92 -2.43
C LEU B 199 -14.03 78.35 -2.82
N ARG B 204 -11.45 79.76 -7.19
CA ARG B 204 -10.02 79.54 -7.31
C ARG B 204 -9.50 80.22 -8.57
N ILE B 205 -9.56 79.49 -9.69
CA ILE B 205 -9.12 79.98 -10.98
C ILE B 205 -10.10 79.52 -12.04
N GLN B 206 -10.33 80.36 -13.04
CA GLN B 206 -11.13 80.01 -14.20
C GLN B 206 -10.22 79.89 -15.41
N LEU B 207 -10.12 78.67 -15.95
CA LEU B 207 -9.20 78.34 -17.03
C LEU B 207 -10.00 77.98 -18.26
N PRO B 208 -9.38 77.88 -19.44
CA PRO B 208 -10.11 77.42 -20.62
C PRO B 208 -10.65 76.01 -20.40
N ASN B 209 -11.95 75.86 -20.65
CA ASN B 209 -12.66 74.60 -20.41
C ASN B 209 -11.99 73.41 -21.08
N TYR B 210 -11.09 73.65 -22.03
CA TYR B 210 -10.32 72.57 -22.64
C TYR B 210 -9.39 71.93 -21.63
N TYR B 211 -8.78 72.73 -20.75
CA TYR B 211 -7.86 72.20 -19.74
C TYR B 211 -8.59 71.63 -18.52
N VAL B 212 -9.67 72.28 -18.07
CA VAL B 212 -10.49 71.68 -17.02
C VAL B 212 -10.89 70.26 -17.42
N SER B 213 -11.24 70.08 -18.69
CA SER B 213 -11.52 68.74 -19.18
C SER B 213 -10.25 67.89 -19.23
N ILE B 214 -9.10 68.51 -19.56
CA ILE B 214 -7.86 67.75 -19.57
C ILE B 214 -7.48 67.27 -18.17
N LEU B 215 -8.05 67.87 -17.12
CA LEU B 215 -7.81 67.44 -15.74
C LEU B 215 -8.87 66.44 -15.29
N GLU B 216 -10.13 66.84 -15.32
CA GLU B 216 -11.19 65.95 -14.84
C GLU B 216 -11.24 64.65 -15.62
N GLY B 217 -10.81 64.69 -16.88
CA GLY B 217 -10.84 63.50 -17.69
C GLY B 217 -9.68 62.57 -17.39
N SER B 218 -9.88 61.29 -17.72
CA SER B 218 -8.91 60.23 -17.45
C SER B 218 -8.58 60.16 -15.97
N ILE B 219 -9.60 60.28 -15.13
CA ILE B 219 -9.38 60.42 -13.70
C ILE B 219 -9.11 59.07 -13.05
N SER B 220 -9.69 57.99 -13.60
CA SER B 220 -9.70 56.72 -12.88
C SER B 220 -8.38 56.00 -13.06
N PRO B 221 -7.91 55.31 -12.01
CA PRO B 221 -6.74 54.43 -12.12
C PRO B 221 -7.08 52.96 -12.31
N PHE B 222 -8.36 52.63 -12.49
CA PHE B 222 -8.91 51.37 -11.99
C PHE B 222 -8.79 50.21 -12.96
N ASN B 223 -8.19 50.38 -14.11
CA ASN B 223 -7.97 49.21 -14.96
C ASN B 223 -6.49 48.99 -15.20
N GLY B 224 -5.67 49.39 -14.23
CA GLY B 224 -4.25 49.46 -14.46
C GLY B 224 -3.78 50.74 -15.09
N GLN B 225 -4.68 51.73 -15.19
CA GLN B 225 -4.28 53.03 -15.71
C GLN B 225 -3.07 53.57 -14.98
N LEU B 226 -2.93 53.24 -13.71
CA LEU B 226 -1.78 53.71 -12.94
C LEU B 226 -0.51 53.00 -13.37
N TYR B 227 -0.53 51.67 -13.47
CA TYR B 227 0.65 50.94 -13.93
C TYR B 227 1.08 51.41 -15.31
N ASN B 228 0.10 51.62 -16.21
CA ASN B 228 0.39 52.06 -17.57
C ASN B 228 0.92 53.48 -17.61
N LYS B 229 0.40 54.34 -16.73
CA LYS B 229 0.87 55.72 -16.71
C LYS B 229 2.23 55.86 -16.01
N ILE B 230 2.56 54.94 -15.11
CA ILE B 230 3.89 55.01 -14.49
C ILE B 230 4.94 54.45 -15.42
N ALA B 231 4.59 53.42 -16.21
CA ALA B 231 5.51 52.98 -17.23
C ALA B 231 5.66 54.04 -18.33
N LEU B 232 4.57 54.75 -18.63
CA LEU B 232 4.63 55.80 -19.64
C LEU B 232 5.52 56.95 -19.18
N THR B 233 5.33 57.42 -17.93
CA THR B 233 6.29 58.38 -17.38
C THR B 233 7.71 57.82 -17.38
N CYS B 234 7.85 56.52 -17.12
CA CYS B 234 9.16 55.87 -17.07
C CYS B 234 9.83 55.82 -18.42
N GLY B 235 9.06 55.93 -19.51
CA GLY B 235 9.67 56.24 -20.78
C GLY B 235 9.92 57.73 -20.95
N MET B 236 8.91 58.56 -20.62
CA MET B 236 8.95 60.00 -20.87
C MET B 236 10.26 60.60 -20.39
N ILE B 237 10.66 60.29 -19.16
CA ILE B 237 12.05 60.46 -18.76
C ILE B 237 12.54 59.12 -18.24
N HIS B 238 13.77 58.78 -18.58
CA HIS B 238 14.22 57.39 -18.53
C HIS B 238 14.50 56.95 -17.10
N PHE B 239 13.97 55.78 -16.73
CA PHE B 239 14.19 55.22 -15.39
C PHE B 239 15.64 54.85 -15.15
N LYS B 240 16.31 54.32 -16.17
CA LYS B 240 17.49 53.47 -15.98
C LYS B 240 18.64 54.21 -15.32
N GLU B 241 19.26 55.13 -16.05
CA GLU B 241 20.41 55.82 -15.48
C GLU B 241 19.96 56.85 -14.44
N PHE B 242 18.90 57.60 -14.74
CA PHE B 242 18.56 58.75 -13.90
C PHE B 242 18.10 58.32 -12.50
N PHE B 243 17.43 57.18 -12.39
CA PHE B 243 16.86 56.77 -11.11
C PHE B 243 17.12 55.29 -10.89
N ASN B 244 16.67 54.81 -9.74
CA ASN B 244 16.81 53.42 -9.33
C ASN B 244 15.40 52.90 -9.22
N SER B 245 14.97 52.17 -10.25
CA SER B 245 13.59 51.72 -10.38
C SER B 245 13.44 50.26 -10.02
N GLU B 246 13.98 49.90 -8.86
CA GLU B 246 13.75 48.60 -8.24
C GLU B 246 12.66 48.76 -7.19
N ILE B 247 11.66 47.89 -7.24
CA ILE B 247 10.53 48.01 -6.31
C ILE B 247 10.92 47.48 -4.93
N SER B 248 10.23 47.96 -3.90
CA SER B 248 10.48 47.55 -2.51
C SER B 248 9.79 46.22 -2.23
N CYS B 249 10.41 45.14 -2.71
CA CYS B 249 9.70 43.87 -2.91
C CYS B 249 9.29 43.23 -1.59
N GLN B 250 10.21 43.19 -0.63
CA GLN B 250 10.04 42.34 0.53
C GLN B 250 9.00 42.89 1.49
N GLY B 251 8.94 44.21 1.65
CA GLY B 251 7.83 44.80 2.36
C GLY B 251 6.48 44.54 1.72
N LEU B 252 6.45 44.38 0.40
CA LEU B 252 5.19 44.01 -0.27
C LEU B 252 4.82 42.56 0.06
N LEU B 253 5.84 41.70 0.16
CA LEU B 253 5.60 40.35 0.65
C LEU B 253 4.99 40.36 2.04
N LEU B 254 5.59 41.13 2.96
CA LEU B 254 5.05 41.22 4.31
C LEU B 254 3.63 41.74 4.29
N LYS B 255 3.43 42.86 3.61
CA LYS B 255 2.13 43.50 3.42
C LYS B 255 1.12 42.43 3.00
N LEU B 256 1.59 41.51 2.17
CA LEU B 256 0.72 40.54 1.50
C LEU B 256 0.37 39.37 2.42
N VAL B 257 1.35 38.85 3.16
CA VAL B 257 1.09 37.77 4.11
C VAL B 257 0.17 38.25 5.22
N MET B 258 0.52 39.38 5.85
CA MET B 258 -0.38 39.99 6.82
C MET B 258 -1.72 40.34 6.21
N GLN B 259 -1.77 40.68 4.92
CA GLN B 259 -3.05 41.03 4.32
C GLN B 259 -3.94 39.80 4.22
N CYS B 260 -3.36 38.65 3.91
CA CYS B 260 -4.04 37.39 4.19
C CYS B 260 -3.87 37.12 5.67
N ALA B 261 -3.90 35.87 6.08
CA ALA B 261 -3.47 35.56 7.44
C ALA B 261 -2.49 34.42 7.38
N LEU B 262 -1.65 34.46 6.36
CA LEU B 262 -0.77 33.35 6.12
C LEU B 262 0.30 33.30 7.19
N PRO B 263 0.73 32.09 7.56
CA PRO B 263 1.86 31.97 8.46
C PRO B 263 3.14 32.47 7.81
N PRO B 264 4.09 32.97 8.61
CA PRO B 264 5.25 33.66 8.03
C PRO B 264 6.14 32.79 7.15
N GLU B 265 5.83 31.51 6.99
CA GLU B 265 6.58 30.69 6.06
C GLU B 265 6.34 31.13 4.62
N PHE B 266 5.13 31.63 4.32
CA PHE B 266 4.81 31.97 2.95
C PHE B 266 5.56 33.21 2.47
N TYR B 267 6.04 34.05 3.39
CA TYR B 267 6.95 35.11 3.01
C TYR B 267 8.20 34.52 2.36
N PHE B 268 8.77 33.50 2.98
CA PHE B 268 9.99 32.93 2.42
C PHE B 268 9.69 32.02 1.24
N TYR B 269 8.57 31.30 1.26
CA TYR B 269 8.10 30.59 0.08
C TYR B 269 8.08 31.51 -1.14
N THR B 270 7.16 32.48 -1.13
CA THR B 270 7.00 33.34 -2.29
C THR B 270 8.29 34.08 -2.61
N LYS B 271 9.02 34.54 -1.58
CA LYS B 271 10.33 35.15 -1.83
C LYS B 271 11.24 34.21 -2.61
N GLN B 272 11.11 32.90 -2.38
CA GLN B 272 11.97 31.94 -3.05
C GLN B 272 11.53 31.68 -4.47
N VAL B 273 10.22 31.50 -4.72
CA VAL B 273 9.78 31.38 -6.11
C VAL B 273 10.16 32.64 -6.89
N ILE B 274 10.05 33.80 -6.23
CA ILE B 274 10.49 35.07 -6.81
C ILE B 274 11.94 34.97 -7.25
N GLU B 275 12.83 34.61 -6.32
CA GLU B 275 14.24 34.46 -6.69
C GLU B 275 14.42 33.39 -7.77
N PHE B 276 13.49 32.44 -7.84
CA PHE B 276 13.62 31.31 -8.75
C PHE B 276 13.45 31.74 -10.19
N GLU B 277 12.42 32.54 -10.46
CA GLU B 277 12.21 32.97 -11.84
C GLU B 277 13.01 34.22 -12.20
N GLU B 278 13.28 35.10 -11.24
CA GLU B 278 13.96 36.36 -11.53
C GLU B 278 15.39 36.45 -11.00
N THR B 279 15.69 35.90 -9.82
CA THR B 279 16.88 36.19 -9.01
C THR B 279 16.88 37.62 -8.48
N ASP B 280 15.67 38.19 -8.35
CA ASP B 280 15.37 39.50 -7.82
C ASP B 280 16.03 40.64 -8.58
N ILE B 281 15.43 40.94 -9.74
CA ILE B 281 15.72 42.12 -10.56
C ILE B 281 14.37 42.59 -11.09
N ARG B 282 13.96 43.80 -10.71
CA ARG B 282 12.61 44.28 -11.02
C ARG B 282 12.62 45.72 -11.49
N ASN B 283 12.12 45.93 -12.70
CA ASN B 283 12.23 47.19 -13.45
C ASN B 283 10.93 48.00 -13.31
N LEU B 284 10.91 49.17 -13.97
CA LEU B 284 9.72 50.03 -14.03
C LEU B 284 9.22 50.36 -15.43
N THR B 285 10.11 50.47 -16.43
CA THR B 285 9.59 50.74 -17.77
C THR B 285 8.93 49.49 -18.32
N LEU B 286 7.82 49.70 -19.03
CA LEU B 286 7.25 48.76 -19.97
C LEU B 286 6.93 49.52 -21.25
N TRP B 287 7.82 50.47 -21.57
CA TRP B 287 7.55 51.54 -22.50
C TRP B 287 8.11 51.23 -23.87
N GLU B 288 7.25 51.38 -24.89
CA GLU B 288 7.61 51.61 -26.29
C GLU B 288 6.49 52.50 -26.83
N ARG B 289 6.67 53.83 -26.70
CA ARG B 289 5.54 54.76 -26.74
C ARG B 289 4.63 54.48 -27.93
N THR B 290 3.38 54.16 -27.61
CA THR B 290 2.39 53.78 -28.60
C THR B 290 1.03 53.73 -27.94
N ASP B 291 0.14 52.95 -28.53
CA ASP B 291 -0.78 52.16 -27.75
C ASP B 291 -0.53 50.67 -27.95
N GLU B 292 0.20 50.31 -29.00
CA GLU B 292 0.25 48.93 -29.47
C GLU B 292 1.09 48.04 -28.57
N ARG B 293 0.57 46.84 -28.30
CA ARG B 293 1.18 45.80 -27.49
C ARG B 293 0.28 44.57 -27.57
N HIS B 294 0.88 43.38 -27.69
CA HIS B 294 0.03 42.20 -27.76
C HIS B 294 0.70 40.91 -27.27
N THR B 295 2.00 40.94 -26.95
CA THR B 295 2.60 39.77 -26.32
C THR B 295 3.88 40.16 -25.59
N GLY B 296 4.12 39.48 -24.46
CA GLY B 296 5.26 39.74 -23.61
C GLY B 296 5.07 40.85 -22.59
N ARG B 297 4.03 41.66 -22.73
CA ARG B 297 3.92 42.90 -21.97
C ARG B 297 2.55 43.06 -21.31
N VAL B 298 1.94 41.95 -20.89
CA VAL B 298 0.88 42.02 -19.88
C VAL B 298 1.50 41.93 -18.48
N SER B 299 2.69 41.37 -18.38
CA SER B 299 3.36 41.05 -17.12
C SER B 299 4.77 41.61 -17.24
N ASN B 300 4.91 42.90 -16.99
CA ASN B 300 6.25 43.44 -16.76
C ASN B 300 6.18 44.71 -15.93
N HIS B 301 5.04 44.95 -15.29
CA HIS B 301 4.95 45.77 -14.10
C HIS B 301 5.26 44.85 -12.91
N ALA B 302 6.32 45.17 -12.19
CA ALA B 302 6.89 44.25 -11.20
C ALA B 302 5.83 43.73 -10.23
N GLU B 303 5.07 44.64 -9.63
CA GLU B 303 4.09 44.27 -8.63
C GLU B 303 3.20 43.14 -9.11
N LEU B 304 2.50 43.36 -10.24
CA LEU B 304 1.55 42.36 -10.75
C LEU B 304 2.20 40.98 -10.83
N ARG B 305 3.48 40.93 -11.18
CA ARG B 305 4.19 39.65 -11.16
C ARG B 305 4.38 39.16 -9.74
N VAL B 306 4.66 40.06 -8.80
CA VAL B 306 4.76 39.68 -7.39
C VAL B 306 3.47 39.02 -6.92
N LEU B 307 2.33 39.69 -7.11
CA LEU B 307 1.06 39.07 -6.79
C LEU B 307 0.90 37.72 -7.49
N SER B 308 1.37 37.62 -8.72
CA SER B 308 1.22 36.38 -9.48
C SER B 308 2.00 35.24 -8.83
N TYR B 309 3.28 35.50 -8.50
CA TYR B 309 4.08 34.55 -7.74
C TYR B 309 3.42 34.20 -6.41
N PHE B 310 2.81 35.20 -5.76
CA PHE B 310 2.17 34.97 -4.46
C PHE B 310 1.06 33.94 -4.59
N MET B 311 0.08 34.23 -5.46
CA MET B 311 -0.99 33.29 -5.76
C MET B 311 -0.44 31.91 -6.13
N LEU B 312 0.44 31.88 -7.13
CA LEU B 312 1.02 30.62 -7.57
C LEU B 312 1.60 29.85 -6.40
N THR B 313 2.50 30.49 -5.67
CA THR B 313 3.07 29.93 -4.45
C THR B 313 2.00 29.25 -3.62
N ILE B 314 0.95 29.99 -3.24
CA ILE B 314 -0.08 29.39 -2.37
C ILE B 314 -0.65 28.14 -3.01
N ASN B 315 -0.94 28.20 -4.32
CA ASN B 315 -1.56 27.05 -4.98
C ASN B 315 -0.64 25.84 -4.99
N TRP B 316 0.57 26.01 -5.51
CA TRP B 316 1.55 24.94 -5.58
C TRP B 316 1.84 24.41 -4.18
N MET B 317 2.48 25.24 -3.37
CA MET B 317 2.78 24.92 -1.97
C MET B 317 1.67 24.17 -1.26
N LEU B 318 0.44 24.68 -1.32
CA LEU B 318 -0.61 24.02 -0.55
C LEU B 318 -1.08 22.73 -1.21
N SER B 319 -1.05 22.65 -2.54
CA SER B 319 -1.52 21.45 -3.21
C SER B 319 -0.43 20.40 -3.37
N PHE B 320 0.76 20.64 -2.83
CA PHE B 320 1.83 19.65 -2.88
C PHE B 320 2.58 19.56 -1.56
N ASP B 321 1.89 19.76 -0.44
CA ASP B 321 2.48 19.51 0.88
C ASP B 321 2.40 18.02 1.20
N ARG B 322 3.08 17.22 0.36
CA ARG B 322 3.11 15.78 0.57
C ARG B 322 3.49 15.42 2.00
N ASP B 323 4.12 16.35 2.71
CA ASP B 323 4.25 16.26 4.16
C ASP B 323 2.88 16.23 4.85
N ARG B 324 1.88 16.88 4.27
CA ARG B 324 0.60 17.20 4.94
C ARG B 324 0.83 18.17 6.10
N GLN B 325 1.58 19.24 5.81
CA GLN B 325 1.89 20.26 6.80
C GLN B 325 0.72 21.23 7.00
N TYR B 326 -0.13 21.40 5.98
CA TYR B 326 -1.21 22.39 6.02
C TYR B 326 -2.55 21.68 5.91
N PRO B 327 -3.28 21.55 7.03
CA PRO B 327 -4.43 20.63 7.08
C PRO B 327 -5.51 20.96 6.08
N LEU B 328 -6.22 19.91 5.68
CA LEU B 328 -7.40 20.05 4.83
C LEU B 328 -8.41 21.02 5.43
N LYS B 329 -8.41 21.16 6.77
CA LYS B 329 -9.33 22.05 7.47
C LYS B 329 -8.80 23.48 7.56
N TRP B 330 -7.55 23.66 8.02
CA TRP B 330 -6.99 24.98 8.24
C TRP B 330 -7.03 25.84 6.99
N ILE B 331 -7.12 25.23 5.81
CA ILE B 331 -7.37 26.01 4.60
C ILE B 331 -8.79 26.57 4.63
N LEU B 332 -9.74 25.80 5.14
CA LEU B 332 -11.09 26.33 5.32
C LEU B 332 -11.12 27.42 6.38
N SER B 333 -10.57 27.14 7.57
CA SER B 333 -10.59 28.14 8.64
C SER B 333 -9.84 29.40 8.24
N LEU B 334 -8.80 29.25 7.43
CA LEU B 334 -8.14 30.41 6.85
C LEU B 334 -9.09 31.17 5.93
N THR B 335 -9.79 30.46 5.06
CA THR B 335 -10.76 31.11 4.18
C THR B 335 -11.82 31.86 4.98
N GLU B 336 -12.28 31.29 6.10
CA GLU B 336 -13.36 31.90 6.85
C GLU B 336 -12.87 33.09 7.66
N SER B 337 -11.69 32.99 8.28
CA SER B 337 -11.12 34.13 9.00
C SER B 337 -10.82 35.26 8.03
N LEU B 338 -10.49 34.93 6.78
CA LEU B 338 -10.32 35.94 5.75
C LEU B 338 -11.67 36.54 5.33
N THR B 339 -12.74 35.73 5.40
CA THR B 339 -14.03 36.16 4.85
C THR B 339 -14.83 37.00 5.83
N GLN B 340 -14.68 36.75 7.14
CA GLN B 340 -15.49 37.43 8.16
C GLN B 340 -15.36 38.95 8.08
N ARG B 341 -16.39 39.60 7.55
CA ARG B 341 -16.40 41.06 7.44
C ARG B 341 -16.39 41.69 8.82
N THR B 342 -15.26 42.28 9.19
CA THR B 342 -15.11 42.97 10.46
C THR B 342 -14.70 44.41 10.20
N THR B 343 -14.82 45.25 11.22
CA THR B 343 -14.76 46.71 11.05
C THR B 343 -13.45 47.25 11.63
N THR B 344 -12.39 47.14 10.83
CA THR B 344 -11.14 47.85 11.04
C THR B 344 -11.00 48.96 10.00
N SER B 345 -10.09 49.89 10.27
CA SER B 345 -9.80 50.95 9.29
C SER B 345 -9.59 50.37 7.91
N GLU B 346 -8.82 49.27 7.83
CA GLU B 346 -8.49 48.67 6.54
C GLU B 346 -9.73 48.19 5.80
N SER B 347 -10.44 47.20 6.36
CA SER B 347 -11.57 46.61 5.65
C SER B 347 -12.61 47.69 5.29
N ILE B 348 -12.87 48.61 6.22
CA ILE B 348 -13.73 49.75 5.92
C ILE B 348 -13.22 50.49 4.69
N GLY B 349 -11.90 50.70 4.62
CA GLY B 349 -11.32 51.32 3.45
C GLY B 349 -11.59 50.54 2.18
N ARG B 350 -11.27 49.23 2.19
CA ARG B 350 -11.50 48.39 1.03
C ARG B 350 -12.96 48.40 0.61
N ASN B 351 -13.89 48.57 1.55
CA ASN B 351 -15.28 48.81 1.16
C ASN B 351 -15.39 50.12 0.38
N ILE B 352 -14.76 51.18 0.88
CA ILE B 352 -14.82 52.48 0.21
C ILE B 352 -14.25 52.40 -1.21
N VAL B 353 -13.20 51.60 -1.39
CA VAL B 353 -12.66 51.41 -2.73
C VAL B 353 -13.61 50.53 -3.54
N LYS B 354 -14.21 49.52 -2.92
CA LYS B 354 -15.15 48.66 -3.61
C LYS B 354 -16.26 49.49 -4.26
N VAL B 355 -16.60 50.63 -3.65
CA VAL B 355 -17.73 51.42 -4.17
C VAL B 355 -17.42 52.03 -5.54
N VAL B 356 -16.15 52.33 -5.84
CA VAL B 356 -15.77 53.00 -7.07
C VAL B 356 -14.92 52.11 -7.98
N TYR B 357 -14.97 50.82 -7.80
CA TYR B 357 -14.37 49.82 -8.67
C TYR B 357 -15.35 49.52 -9.80
N PRO B 358 -14.82 49.49 -11.03
CA PRO B 358 -15.70 49.44 -12.22
C PRO B 358 -16.63 48.23 -12.30
N ASP B 359 -16.15 47.03 -11.97
CA ASP B 359 -16.85 45.80 -12.30
C ASP B 359 -17.65 45.25 -11.12
N LYS B 360 -18.85 44.72 -11.41
CA LYS B 360 -19.46 43.74 -10.53
C LYS B 360 -18.55 42.51 -10.52
N PRO B 361 -18.52 41.75 -9.40
CA PRO B 361 -19.33 41.80 -8.18
C PRO B 361 -19.15 42.98 -7.22
N THR B 362 -17.92 43.44 -6.99
CA THR B 362 -17.56 44.33 -5.87
C THR B 362 -18.66 45.30 -5.42
N SER B 363 -19.52 45.71 -6.35
CA SER B 363 -20.66 46.51 -5.94
C SER B 363 -21.76 45.65 -5.29
N SER B 364 -22.02 44.44 -5.80
CA SER B 364 -22.79 43.49 -4.99
C SER B 364 -22.16 43.32 -3.61
N ASP B 365 -20.84 43.51 -3.52
CA ASP B 365 -20.20 43.48 -2.22
C ASP B 365 -20.67 44.64 -1.34
N TYR B 366 -20.85 45.85 -1.90
CA TYR B 366 -21.47 46.86 -1.03
C TYR B 366 -22.90 46.46 -0.65
N PHE B 367 -23.54 45.65 -1.50
CA PHE B 367 -24.88 45.16 -1.19
C PHE B 367 -24.88 44.35 0.09
N GLN B 368 -23.85 43.54 0.31
CA GLN B 368 -23.83 42.59 1.41
C GLN B 368 -23.15 43.11 2.70
N TRP B 369 -23.07 44.43 2.89
CA TRP B 369 -22.38 44.98 4.07
C TRP B 369 -23.16 44.67 5.33
N SER B 370 -22.42 44.41 6.41
CA SER B 370 -23.03 44.24 7.73
C SER B 370 -23.50 45.59 8.26
N GLU B 371 -24.32 45.55 9.31
CA GLU B 371 -24.85 46.80 9.83
C GLU B 371 -23.74 47.72 10.32
N GLU B 372 -22.70 47.14 10.92
CA GLU B 372 -21.62 47.98 11.41
C GLU B 372 -20.80 48.54 10.26
N GLU B 373 -20.62 47.76 9.19
CA GLU B 373 -19.95 48.27 7.99
C GLU B 373 -20.69 49.46 7.42
N THR B 374 -22.00 49.31 7.24
CA THR B 374 -22.82 50.43 6.78
C THR B 374 -22.72 51.63 7.73
N LEU B 375 -22.64 51.37 9.04
CA LEU B 375 -22.60 52.45 9.99
C LEU B 375 -21.29 53.23 9.89
N GLU B 376 -20.15 52.53 10.02
CA GLU B 376 -18.86 53.18 9.81
C GLU B 376 -18.78 53.81 8.44
N PHE B 377 -19.58 53.33 7.49
CA PHE B 377 -19.64 53.95 6.18
C PHE B 377 -20.27 55.33 6.25
N LEU B 378 -21.49 55.41 6.79
CA LEU B 378 -22.10 56.73 6.97
C LEU B 378 -21.21 57.66 7.79
N LYS B 379 -20.47 57.10 8.75
CA LYS B 379 -19.49 57.89 9.48
C LYS B 379 -18.50 58.51 8.50
N TRP B 380 -17.87 57.66 7.67
CA TRP B 380 -16.92 58.18 6.69
C TRP B 380 -17.57 59.12 5.69
N MET B 381 -18.89 59.02 5.53
CA MET B 381 -19.63 59.89 4.63
C MET B 381 -19.75 61.29 5.22
N GLU B 382 -20.18 61.39 6.48
CA GLU B 382 -20.27 62.70 7.11
C GLU B 382 -18.90 63.29 7.43
N LYS B 383 -17.86 62.46 7.49
CA LYS B 383 -16.51 63.00 7.75
C LYS B 383 -15.86 63.47 6.46
N GLN B 384 -15.76 62.60 5.46
CA GLN B 384 -14.97 62.86 4.27
C GLN B 384 -15.79 63.25 3.05
N PHE B 385 -17.11 63.28 3.16
CA PHE B 385 -17.96 63.98 2.20
C PHE B 385 -18.44 65.30 2.75
N LEU B 386 -17.64 65.93 3.61
CA LEU B 386 -17.61 67.37 3.73
C LEU B 386 -16.67 67.88 2.65
N PRO B 387 -15.62 67.08 2.27
CA PRO B 387 -15.01 67.26 0.94
C PRO B 387 -15.98 66.96 -0.19
N THR B 388 -17.10 67.68 -0.21
CA THR B 388 -18.08 67.61 -1.28
C THR B 388 -17.68 68.58 -2.38
N GLN B 389 -18.56 68.77 -3.36
CA GLN B 389 -18.28 69.66 -4.48
C GLN B 389 -19.54 70.45 -4.84
N THR B 390 -19.35 71.72 -5.18
CA THR B 390 -20.43 72.69 -5.34
C THR B 390 -21.38 72.69 -4.14
N ASP B 405 -34.02 83.42 2.88
CA ASP B 405 -35.11 82.92 2.06
C ASP B 405 -35.15 81.39 2.04
N GLN B 406 -35.07 80.82 0.84
CA GLN B 406 -35.12 79.38 0.69
C GLN B 406 -33.87 78.70 1.25
N LYS B 407 -32.73 79.42 1.25
CA LYS B 407 -31.49 78.82 1.74
C LYS B 407 -31.55 78.58 3.24
N ILE B 408 -31.79 79.65 4.02
CA ILE B 408 -32.00 79.48 5.45
C ILE B 408 -33.22 78.60 5.70
N ALA B 409 -34.19 78.62 4.78
CA ALA B 409 -35.32 77.71 4.87
C ALA B 409 -34.90 76.25 4.73
N ARG B 410 -33.74 76.00 4.11
CA ARG B 410 -33.17 74.66 4.05
C ARG B 410 -32.14 74.41 5.15
N ARG B 411 -31.68 75.47 5.83
CA ARG B 411 -30.89 75.24 7.04
C ARG B 411 -31.79 74.87 8.21
N LYS B 412 -32.94 75.52 8.33
CA LYS B 412 -33.96 75.08 9.28
C LYS B 412 -34.68 73.84 8.78
N LEU B 413 -34.90 73.76 7.47
CA LEU B 413 -35.54 72.59 6.86
C LEU B 413 -34.72 71.32 7.11
N TYR B 414 -33.43 71.36 6.80
CA TYR B 414 -32.60 70.20 7.13
C TYR B 414 -32.40 70.07 8.64
N LYS B 415 -32.32 71.22 9.35
CA LYS B 415 -32.25 71.19 10.81
C LYS B 415 -33.57 70.71 11.46
N ILE B 416 -34.52 70.25 10.64
CA ILE B 416 -35.72 69.60 11.17
C ILE B 416 -35.41 68.18 11.61
N PHE B 417 -34.47 67.51 10.96
CA PHE B 417 -34.12 66.13 11.29
C PHE B 417 -32.62 66.04 11.55
N PRO B 418 -32.21 65.41 12.65
CA PRO B 418 -30.87 65.64 13.20
C PRO B 418 -29.75 65.18 12.27
N LEU B 419 -28.81 66.10 12.04
CA LEU B 419 -27.61 65.77 11.27
C LEU B 419 -26.70 64.82 12.04
N ASP B 420 -26.78 64.83 13.37
CA ASP B 420 -25.97 63.94 14.22
C ASP B 420 -24.47 64.09 14.00
N SER B 432 -12.71 53.05 25.31
CA SER B 432 -14.11 53.19 24.93
C SER B 432 -14.31 53.30 23.42
N THR B 433 -13.26 53.03 22.64
CA THR B 433 -13.36 52.99 21.19
C THR B 433 -13.61 51.55 20.76
N HIS B 434 -14.78 51.30 20.14
CA HIS B 434 -15.21 49.94 19.89
C HIS B 434 -14.41 49.26 18.79
N GLN B 435 -14.41 49.84 17.58
CA GLN B 435 -13.70 49.23 16.47
C GLN B 435 -12.21 49.07 16.81
N LEU B 436 -11.64 47.95 16.40
CA LEU B 436 -10.28 47.57 16.75
C LEU B 436 -9.29 47.91 15.65
N THR B 437 -8.01 47.88 16.00
CA THR B 437 -6.95 48.29 15.07
C THR B 437 -6.60 47.15 14.12
N PHE B 438 -5.58 47.39 13.30
CA PHE B 438 -5.21 46.44 12.26
C PHE B 438 -4.55 45.19 12.85
N ILE B 439 -3.45 45.37 13.60
CA ILE B 439 -2.76 44.22 14.17
C ILE B 439 -3.60 43.51 15.20
N GLU B 440 -4.60 44.18 15.79
CA GLU B 440 -5.54 43.48 16.65
C GLU B 440 -6.36 42.47 15.85
N ASP B 441 -7.00 42.93 14.77
CA ASP B 441 -7.73 42.01 13.90
C ASP B 441 -6.82 40.91 13.39
N LEU B 442 -5.63 41.28 12.95
CA LEU B 442 -4.66 40.32 12.43
C LEU B 442 -4.34 39.25 13.45
N GLN B 443 -3.99 39.69 14.67
CA GLN B 443 -3.77 38.77 15.77
C GLN B 443 -4.97 37.85 15.95
N GLU B 444 -6.17 38.41 15.95
CA GLU B 444 -7.31 37.61 16.37
C GLU B 444 -7.71 36.58 15.32
N ARG B 445 -7.45 36.82 14.04
CA ARG B 445 -7.71 35.74 13.10
C ARG B 445 -6.55 34.75 13.07
N TYR B 446 -5.34 35.25 13.34
CA TYR B 446 -4.22 34.33 13.58
C TYR B 446 -4.55 33.37 14.70
N ALA B 447 -5.30 33.82 15.71
CA ALA B 447 -5.73 32.94 16.78
C ALA B 447 -6.94 32.13 16.37
N LYS B 448 -7.84 32.74 15.59
CA LYS B 448 -9.01 32.03 15.10
C LYS B 448 -8.61 30.79 14.31
N GLN B 449 -7.39 30.73 13.81
CA GLN B 449 -6.91 29.50 13.20
C GLN B 449 -5.95 28.71 14.11
N THR B 450 -5.75 29.14 15.36
CA THR B 450 -4.62 28.65 16.14
C THR B 450 -4.69 27.15 16.44
N PRO B 451 -5.89 26.47 16.39
CA PRO B 451 -5.87 25.01 16.17
C PRO B 451 -5.22 24.66 14.84
N PHE B 452 -3.90 24.50 14.93
CA PHE B 452 -3.05 24.01 13.86
C PHE B 452 -2.50 22.64 14.24
N PHE B 453 -1.83 22.57 15.38
CA PHE B 453 -1.24 21.34 15.90
C PHE B 453 -2.29 20.47 16.59
N PRO B 469 -10.60 14.18 0.48
CA PRO B 469 -9.17 14.35 0.21
C PRO B 469 -8.80 14.96 -1.16
N PRO B 470 -9.59 14.72 -2.23
CA PRO B 470 -9.36 15.50 -3.46
C PRO B 470 -10.19 16.77 -3.48
N ALA B 471 -11.25 16.80 -2.65
CA ALA B 471 -12.07 18.00 -2.51
C ALA B 471 -11.45 19.01 -1.56
N ARG B 472 -10.19 18.84 -1.17
CA ARG B 472 -9.43 19.94 -0.57
C ARG B 472 -8.96 20.92 -1.63
N LYS B 473 -8.80 20.44 -2.87
CA LYS B 473 -8.59 21.34 -4.00
C LYS B 473 -9.65 22.43 -4.02
N GLU B 474 -10.88 22.10 -3.59
CA GLU B 474 -11.91 23.12 -3.47
C GLU B 474 -11.49 24.20 -2.49
N ALA B 475 -11.01 23.81 -1.31
CA ALA B 475 -10.56 24.79 -0.33
C ALA B 475 -9.46 25.66 -0.90
N ILE B 476 -8.49 25.03 -1.59
CA ILE B 476 -7.44 25.77 -2.27
C ILE B 476 -8.05 26.82 -3.19
N GLY B 477 -9.07 26.42 -3.96
CA GLY B 477 -9.60 27.30 -5.00
C GLY B 477 -10.42 28.45 -4.46
N ARG B 478 -11.26 28.18 -3.46
CA ARG B 478 -12.03 29.28 -2.89
C ARG B 478 -11.13 30.25 -2.14
N LEU B 479 -10.08 29.75 -1.49
CA LEU B 479 -9.12 30.65 -0.85
C LEU B 479 -8.41 31.51 -1.88
N LEU B 480 -7.93 30.88 -2.96
CA LEU B 480 -7.29 31.63 -4.03
C LEU B 480 -8.21 32.67 -4.63
N THR B 481 -9.50 32.33 -4.84
CA THR B 481 -10.41 33.29 -5.46
C THR B 481 -10.76 34.44 -4.52
N HIS B 482 -10.86 34.18 -3.22
CA HIS B 482 -11.09 35.29 -2.29
C HIS B 482 -9.88 36.20 -2.24
N ILE B 483 -8.69 35.62 -2.06
CA ILE B 483 -7.46 36.40 -2.09
C ILE B 483 -7.41 37.24 -3.37
N ALA B 484 -7.63 36.61 -4.51
CA ALA B 484 -7.69 37.33 -5.77
C ALA B 484 -8.63 38.53 -5.65
N SER B 485 -9.88 38.31 -5.22
CA SER B 485 -10.82 39.41 -5.08
C SER B 485 -10.18 40.60 -4.36
N GLN B 486 -9.62 40.33 -3.18
CA GLN B 486 -9.00 41.41 -2.41
C GLN B 486 -7.95 42.14 -3.23
N LEU B 487 -7.13 41.40 -3.97
CA LEU B 487 -6.06 42.02 -4.72
C LEU B 487 -6.62 42.85 -5.88
N LEU B 488 -7.66 42.36 -6.53
CA LEU B 488 -8.24 43.09 -7.64
C LEU B 488 -8.76 44.46 -7.19
N VAL B 489 -9.52 44.50 -6.09
CA VAL B 489 -9.97 45.82 -5.66
C VAL B 489 -8.82 46.65 -5.14
N ASP B 490 -7.85 46.00 -4.47
CA ASP B 490 -6.85 46.75 -3.72
C ASP B 490 -5.82 47.38 -4.66
N PHE B 491 -5.45 46.67 -5.72
CA PHE B 491 -4.42 47.10 -6.68
C PHE B 491 -5.03 47.66 -7.97
N ALA B 492 -6.33 47.96 -7.96
CA ALA B 492 -7.06 48.59 -9.07
C ALA B 492 -6.65 48.01 -10.42
N ILE B 493 -6.89 46.71 -10.59
CA ILE B 493 -6.80 46.10 -11.91
C ILE B 493 -8.06 45.31 -12.21
N SER B 494 -8.04 44.55 -13.30
CA SER B 494 -9.17 43.73 -13.73
C SER B 494 -8.96 42.29 -13.30
N LYS B 495 -10.09 41.60 -13.10
CA LYS B 495 -10.07 40.14 -13.09
C LYS B 495 -9.23 39.60 -14.23
N GLU B 496 -9.60 39.99 -15.45
CA GLU B 496 -8.95 39.47 -16.66
C GLU B 496 -7.48 39.87 -16.70
N GLN B 497 -7.16 41.08 -16.25
CA GLN B 497 -5.77 41.51 -16.17
C GLN B 497 -4.95 40.56 -15.30
N LEU B 498 -5.35 40.42 -14.03
CA LEU B 498 -4.63 39.56 -13.09
C LEU B 498 -4.46 38.16 -13.66
N LYS B 499 -5.56 37.51 -14.04
CA LYS B 499 -5.42 36.13 -14.51
C LYS B 499 -4.59 36.04 -15.78
N ASP B 500 -4.60 37.08 -16.62
CA ASP B 500 -3.66 37.10 -17.72
C ASP B 500 -2.23 37.04 -17.20
N CYS B 501 -1.92 37.86 -16.19
CA CYS B 501 -0.54 37.94 -15.73
C CYS B 501 -0.12 36.63 -15.05
N ILE B 502 -0.92 36.13 -14.12
CA ILE B 502 -0.51 34.91 -13.42
C ILE B 502 -0.59 33.70 -14.34
N SER B 503 -1.43 33.75 -15.38
CA SER B 503 -1.38 32.70 -16.39
C SER B 503 -0.04 32.74 -17.12
N ARG B 504 0.32 33.92 -17.63
CA ARG B 504 1.54 34.06 -18.42
C ARG B 504 2.76 33.64 -17.59
N ILE B 505 2.88 34.21 -16.39
CA ILE B 505 4.05 33.96 -15.56
C ILE B 505 4.01 32.56 -14.94
N LYS B 506 2.82 31.94 -14.87
CA LYS B 506 2.73 30.53 -14.49
C LYS B 506 3.32 29.63 -15.57
N ASN B 507 2.94 29.88 -16.83
CA ASN B 507 3.60 29.19 -17.93
C ASN B 507 5.07 29.57 -18.01
N ALA B 508 5.43 30.73 -17.48
CA ALA B 508 6.81 31.17 -17.40
C ALA B 508 7.59 30.46 -16.31
N CYS B 509 6.90 29.86 -15.33
CA CYS B 509 7.60 29.01 -14.38
C CYS B 509 7.57 27.55 -14.81
N LEU B 510 6.48 27.09 -15.43
CA LEU B 510 6.46 25.76 -16.01
C LEU B 510 7.53 25.61 -17.09
N HIS B 511 7.76 26.68 -17.85
CA HIS B 511 8.73 26.61 -18.95
C HIS B 511 10.17 26.52 -18.43
N ARG B 512 10.50 27.30 -17.40
CA ARG B 512 11.83 27.23 -16.80
C ARG B 512 11.93 26.16 -15.73
N MET B 513 10.88 25.34 -15.58
CA MET B 513 10.89 24.15 -14.75
C MET B 513 10.95 22.86 -15.55
N ASN B 514 10.20 22.76 -16.64
CA ASN B 514 10.20 21.57 -17.49
C ASN B 514 11.50 21.46 -18.28
N MET C 1 -29.02 49.98 -7.27
CA MET C 1 -30.01 49.34 -8.11
C MET C 1 -31.37 50.02 -7.91
N PHE C 2 -31.34 51.18 -7.27
CA PHE C 2 -32.54 51.96 -7.05
C PHE C 2 -32.39 53.34 -7.68
N GLU C 3 -33.54 53.97 -7.95
CA GLU C 3 -33.59 55.32 -8.52
C GLU C 3 -32.74 56.26 -7.69
N VAL C 4 -32.07 57.19 -8.37
CA VAL C 4 -31.22 58.15 -7.68
C VAL C 4 -31.94 59.49 -7.60
N PRO C 5 -31.87 60.20 -6.48
CA PRO C 5 -32.50 61.51 -6.36
C PRO C 5 -31.53 62.62 -6.71
N ILE C 6 -30.94 62.54 -7.90
CA ILE C 6 -30.09 63.59 -8.45
C ILE C 6 -30.39 63.74 -9.94
N THR C 7 -30.19 64.96 -10.44
CA THR C 7 -30.22 65.20 -11.88
C THR C 7 -29.12 64.39 -12.57
N LEU C 8 -29.45 63.83 -13.73
CA LEU C 8 -28.55 62.87 -14.37
C LEU C 8 -27.36 63.57 -15.02
N THR C 9 -26.20 62.91 -14.94
CA THR C 9 -25.00 63.42 -15.61
C THR C 9 -25.35 63.80 -17.05
N ASN C 10 -24.81 64.93 -17.49
CA ASN C 10 -25.45 65.68 -18.57
C ASN C 10 -24.98 65.26 -19.97
N ARG C 11 -23.67 65.30 -20.22
CA ARG C 11 -23.14 65.49 -21.57
C ARG C 11 -23.72 64.52 -22.60
N LYS C 12 -23.45 63.22 -22.42
CA LYS C 12 -23.73 62.28 -23.50
C LYS C 12 -25.22 61.96 -23.62
N PHE C 13 -25.93 61.89 -22.50
CA PHE C 13 -27.33 61.48 -22.54
C PHE C 13 -28.17 62.49 -23.32
N ALA C 14 -27.78 63.75 -23.29
CA ALA C 14 -28.50 64.79 -24.03
C ALA C 14 -28.28 64.68 -25.54
N GLN C 15 -27.04 64.42 -25.97
CA GLN C 15 -26.80 64.30 -27.39
C GLN C 15 -27.36 63.00 -27.95
N ARG C 16 -27.43 61.95 -27.12
CA ARG C 16 -28.19 60.78 -27.52
C ARG C 16 -29.68 61.09 -27.65
N ARG C 17 -30.22 61.89 -26.73
CA ARG C 17 -31.60 62.32 -26.88
C ARG C 17 -31.80 63.08 -28.19
N LYS C 18 -30.82 63.90 -28.57
CA LYS C 18 -30.83 64.58 -29.87
C LYS C 18 -30.95 63.57 -30.99
N LEU C 19 -29.90 62.75 -31.17
CA LEU C 19 -29.92 61.77 -32.25
C LEU C 19 -31.24 61.00 -32.30
N LYS C 20 -31.73 60.57 -31.13
CA LYS C 20 -32.94 59.78 -31.07
C LYS C 20 -34.13 60.56 -31.62
N TYR C 21 -34.43 61.71 -31.03
CA TYR C 21 -35.65 62.42 -31.42
C TYR C 21 -35.52 63.02 -32.82
N GLN C 22 -34.30 63.26 -33.30
CA GLN C 22 -34.10 63.77 -34.65
C GLN C 22 -34.40 62.70 -35.69
N TYR C 23 -33.83 61.50 -35.49
CA TYR C 23 -34.18 60.36 -36.34
C TYR C 23 -35.68 60.04 -36.25
N ILE C 24 -36.24 60.08 -35.04
CA ILE C 24 -37.68 59.88 -34.85
C ILE C 24 -38.45 60.85 -35.74
N ASN C 25 -38.02 62.12 -35.73
CA ASN C 25 -38.65 63.13 -36.57
C ASN C 25 -38.60 62.72 -38.05
N TYR C 26 -37.43 62.30 -38.53
CA TYR C 26 -37.34 62.02 -39.97
C TYR C 26 -38.20 60.84 -40.37
N ILE C 27 -38.20 59.78 -39.55
CA ILE C 27 -38.98 58.58 -39.89
C ILE C 27 -40.48 58.87 -39.82
N SER C 28 -40.93 59.56 -38.77
CA SER C 28 -42.37 59.80 -38.65
C SER C 28 -42.84 60.83 -39.69
N ARG C 29 -42.00 61.80 -40.01
CA ARG C 29 -42.28 62.72 -41.10
C ARG C 29 -42.53 61.95 -42.39
N ARG C 30 -41.54 61.15 -42.83
CA ARG C 30 -41.76 60.45 -44.10
C ARG C 30 -42.91 59.47 -44.01
N PHE C 31 -43.24 58.99 -42.81
CA PHE C 31 -44.39 58.11 -42.64
C PHE C 31 -45.70 58.85 -42.92
N ASP C 32 -45.85 60.07 -42.41
CA ASP C 32 -47.05 60.86 -42.72
C ASP C 32 -47.03 61.33 -44.18
N ARG C 33 -45.84 61.50 -44.76
CA ARG C 33 -45.75 61.75 -46.20
C ARG C 33 -46.34 60.59 -46.98
N ILE C 34 -46.03 59.35 -46.58
CA ILE C 34 -46.54 58.19 -47.31
C ILE C 34 -48.01 57.93 -46.99
N SER C 35 -48.51 58.39 -45.84
CA SER C 35 -49.95 58.29 -45.60
C SER C 35 -50.72 59.38 -46.33
N LYS C 36 -50.08 60.50 -46.70
CA LYS C 36 -50.70 61.49 -47.56
C LYS C 36 -50.85 60.91 -48.97
N GLN C 74 -30.71 69.83 -31.77
CA GLN C 74 -31.47 70.94 -31.19
C GLN C 74 -32.40 70.49 -30.06
N GLN C 75 -32.11 71.04 -28.87
CA GLN C 75 -32.99 70.88 -27.73
C GLN C 75 -34.44 71.19 -28.10
N LYS C 76 -34.63 72.15 -29.00
CA LYS C 76 -35.97 72.52 -29.44
C LYS C 76 -36.58 71.47 -30.37
N LYS C 77 -35.76 70.81 -31.20
CA LYS C 77 -36.28 69.72 -32.00
C LYS C 77 -36.77 68.59 -31.12
N ARG C 78 -35.96 68.22 -30.13
CA ARG C 78 -36.43 67.29 -29.12
C ARG C 78 -37.67 67.82 -28.41
N ARG C 79 -37.80 69.14 -28.27
CA ARG C 79 -38.87 69.72 -27.49
C ARG C 79 -40.21 69.61 -28.21
N ARG C 80 -40.26 70.06 -29.47
CA ARG C 80 -41.46 69.88 -30.27
C ARG C 80 -41.78 68.39 -30.41
N GLU C 81 -40.73 67.59 -30.62
CA GLU C 81 -40.90 66.15 -30.85
C GLU C 81 -41.58 65.49 -29.66
N ARG C 82 -40.98 65.59 -28.48
CA ARG C 82 -41.66 65.12 -27.27
C ARG C 82 -42.95 65.89 -27.04
N HIS C 83 -43.14 67.04 -27.68
CA HIS C 83 -44.28 67.88 -27.36
C HIS C 83 -45.58 67.34 -27.91
N TRP C 84 -45.76 67.30 -29.23
CA TRP C 84 -47.12 67.14 -29.75
C TRP C 84 -47.65 65.74 -29.44
N ARG C 85 -48.13 65.60 -28.20
CA ARG C 85 -48.57 64.35 -27.56
C ARG C 85 -49.09 64.63 -26.16
N SER C 86 -50.25 64.05 -25.81
CA SER C 86 -50.82 64.18 -24.47
C SER C 86 -49.76 63.97 -23.41
N VAL C 87 -49.38 65.06 -22.75
CA VAL C 87 -48.17 65.08 -21.94
C VAL C 87 -48.41 64.56 -20.52
N SER C 137 -66.00 48.75 -4.13
CA SER C 137 -66.34 48.89 -2.71
C SER C 137 -65.32 49.74 -1.94
N PHE C 138 -64.31 50.27 -2.63
CA PHE C 138 -63.34 51.15 -2.00
C PHE C 138 -62.99 52.27 -2.96
N GLU C 139 -62.36 53.31 -2.40
CA GLU C 139 -62.29 54.63 -3.04
C GLU C 139 -61.28 54.68 -4.19
N ILE C 140 -61.55 53.90 -5.23
CA ILE C 140 -60.67 53.85 -6.40
C ILE C 140 -60.94 55.06 -7.29
N TRP C 141 -59.92 55.89 -7.48
CA TRP C 141 -59.93 57.01 -8.39
C TRP C 141 -60.00 56.56 -9.84
N ARG C 142 -61.08 55.87 -10.21
CA ARG C 142 -61.17 55.04 -11.41
C ARG C 142 -60.66 55.72 -12.68
N THR C 143 -60.24 54.90 -13.65
CA THR C 143 -59.59 55.36 -14.88
C THR C 143 -60.66 55.71 -15.93
N VAL C 144 -60.31 55.64 -17.21
CA VAL C 144 -61.28 55.76 -18.30
C VAL C 144 -61.26 54.46 -19.08
N SER C 145 -62.34 53.69 -18.97
CA SER C 145 -62.38 52.35 -19.53
C SER C 145 -62.58 52.42 -21.06
N SER C 146 -62.92 51.28 -21.66
CA SER C 146 -62.99 51.12 -23.11
C SER C 146 -64.44 51.24 -23.58
N GLN C 147 -64.78 52.41 -24.11
CA GLN C 147 -65.93 52.59 -25.00
C GLN C 147 -65.76 53.95 -25.66
N ASN C 148 -66.32 54.08 -26.87
CA ASN C 148 -66.10 55.23 -27.74
C ASN C 148 -64.63 55.32 -28.18
N LYS C 149 -64.16 54.26 -28.83
CA LYS C 149 -62.82 54.25 -29.40
C LYS C 149 -62.84 53.51 -30.74
N GLN C 150 -62.05 54.02 -31.68
CA GLN C 150 -62.19 53.75 -33.12
C GLN C 150 -61.77 52.32 -33.46
N PRO C 151 -62.31 51.74 -34.54
CA PRO C 151 -62.38 50.27 -34.65
C PRO C 151 -61.06 49.55 -34.83
N ILE C 152 -60.28 49.89 -35.86
CA ILE C 152 -59.28 48.93 -36.31
C ILE C 152 -58.19 49.59 -37.14
N ASN C 153 -57.21 48.79 -37.54
CA ASN C 153 -56.31 49.06 -38.65
C ASN C 153 -55.88 47.69 -39.17
N LYS C 154 -55.64 47.59 -40.46
CA LYS C 154 -55.17 46.35 -41.04
C LYS C 154 -53.86 46.59 -41.77
N GLN C 155 -52.88 45.72 -41.51
CA GLN C 155 -51.44 45.82 -41.83
C GLN C 155 -51.03 47.07 -42.57
N LYS C 156 -50.14 47.85 -41.96
CA LYS C 156 -49.54 48.97 -42.67
C LYS C 156 -48.14 48.66 -43.18
N MET C 157 -47.42 47.72 -42.58
CA MET C 157 -45.97 47.72 -42.72
C MET C 157 -45.36 46.37 -43.10
N THR C 158 -45.19 46.14 -44.40
CA THR C 158 -44.37 45.01 -44.83
C THR C 158 -42.89 45.37 -44.79
N TYR C 159 -42.07 44.36 -45.04
CA TYR C 159 -40.62 44.55 -45.07
C TYR C 159 -40.25 45.61 -46.09
N HIS C 160 -40.66 45.42 -47.34
CA HIS C 160 -40.31 46.36 -48.41
C HIS C 160 -40.82 47.75 -48.09
N ASN C 161 -42.07 47.87 -47.65
CA ASN C 161 -42.62 49.19 -47.36
C ASN C 161 -41.91 49.86 -46.19
N PHE C 162 -41.63 49.12 -45.12
CA PHE C 162 -40.90 49.73 -44.02
C PHE C 162 -39.53 50.22 -44.47
N LYS C 163 -38.71 49.34 -45.06
CA LYS C 163 -37.40 49.77 -45.49
C LYS C 163 -37.49 50.90 -46.52
N LYS C 164 -38.61 51.02 -47.22
CA LYS C 164 -38.89 52.23 -47.97
C LYS C 164 -38.89 53.44 -47.04
N ILE C 165 -39.67 53.38 -45.96
CA ILE C 165 -39.70 54.52 -45.04
C ILE C 165 -38.38 54.74 -44.32
N GLU C 166 -37.59 53.69 -44.15
CA GLU C 166 -36.39 53.78 -43.34
C GLU C 166 -35.17 54.23 -44.13
N LYS C 167 -35.14 53.96 -45.44
CA LYS C 167 -33.90 54.01 -46.19
C LYS C 167 -33.27 55.40 -46.16
N ILE C 168 -34.09 56.44 -46.33
CA ILE C 168 -33.57 57.80 -46.47
C ILE C 168 -33.25 58.45 -45.13
N PRO C 169 -34.15 58.45 -44.13
CA PRO C 169 -33.83 59.16 -42.88
C PRO C 169 -32.61 58.63 -42.16
N LEU C 170 -32.13 57.45 -42.53
CA LEU C 170 -30.92 56.92 -41.90
C LEU C 170 -29.66 57.61 -42.40
N ARG C 171 -29.63 58.05 -43.67
CA ARG C 171 -28.45 58.77 -44.15
C ARG C 171 -28.43 60.20 -43.63
N LYS C 172 -29.58 60.87 -43.70
CA LYS C 172 -29.70 62.16 -43.04
C LYS C 172 -29.08 62.08 -41.66
N MET C 173 -29.38 60.99 -40.95
CA MET C 173 -28.69 60.68 -39.70
C MET C 173 -27.21 60.45 -39.92
N GLU C 174 -26.82 59.97 -41.11
CA GLU C 174 -25.40 59.77 -41.33
C GLU C 174 -24.63 61.09 -41.22
N ILE C 175 -25.30 62.22 -41.46
CA ILE C 175 -24.60 63.51 -41.33
C ILE C 175 -24.22 63.84 -39.88
N PRO C 176 -25.17 64.01 -38.94
CA PRO C 176 -24.77 64.46 -37.60
C PRO C 176 -24.19 63.34 -36.76
N LEU C 177 -24.41 62.09 -37.13
CA LEU C 177 -23.67 60.98 -36.55
C LEU C 177 -22.17 61.18 -36.67
N LEU C 178 -21.76 61.96 -37.66
CA LEU C 178 -20.34 62.20 -37.85
C LEU C 178 -19.80 63.22 -36.85
N HIS C 179 -20.69 63.98 -36.22
CA HIS C 179 -20.35 65.00 -35.24
C HIS C 179 -20.37 64.48 -33.83
N CYS C 180 -21.14 63.44 -33.55
CA CYS C 180 -21.24 62.89 -32.21
C CYS C 180 -20.14 61.87 -31.95
N THR C 181 -20.08 61.38 -30.71
CA THR C 181 -19.01 60.50 -30.31
C THR C 181 -19.28 59.07 -30.77
N LYS C 182 -18.20 58.27 -30.78
CA LYS C 182 -18.26 56.91 -31.31
C LYS C 182 -19.20 56.03 -30.49
N GLU C 183 -19.11 56.11 -29.16
CA GLU C 183 -20.04 55.38 -28.31
C GLU C 183 -21.49 55.73 -28.64
N ASN C 184 -21.75 56.98 -29.01
CA ASN C 184 -23.11 57.35 -29.39
C ASN C 184 -23.44 57.07 -30.86
N LYS C 185 -22.44 56.94 -31.73
CA LYS C 185 -22.66 56.27 -33.01
C LYS C 185 -23.22 54.88 -32.78
N LEU C 186 -22.50 54.05 -32.01
CA LEU C 186 -22.91 52.67 -31.79
C LEU C 186 -24.24 52.61 -31.05
N TYR C 187 -24.46 53.54 -30.12
CA TYR C 187 -25.75 53.69 -29.47
C TYR C 187 -26.87 53.89 -30.49
N PHE C 188 -26.73 54.91 -31.34
CA PHE C 188 -27.78 55.20 -32.30
C PHE C 188 -27.97 54.03 -33.24
N GLN C 189 -26.88 53.44 -33.75
CA GLN C 189 -27.02 52.29 -34.62
C GLN C 189 -27.78 51.17 -33.96
N SER C 190 -27.64 51.01 -32.64
CA SER C 190 -28.29 49.89 -31.96
C SER C 190 -29.76 50.19 -31.66
N ILE C 191 -30.08 51.38 -31.16
CA ILE C 191 -31.48 51.70 -30.93
C ILE C 191 -32.23 51.73 -32.24
N SER C 192 -31.54 52.10 -33.34
CA SER C 192 -32.16 52.16 -34.66
C SER C 192 -32.21 50.81 -35.33
N ARG C 193 -31.37 49.86 -34.92
CA ARG C 193 -31.63 48.46 -35.22
C ARG C 193 -32.79 47.92 -34.39
N GLY C 194 -33.13 48.57 -33.29
CA GLY C 194 -34.18 48.08 -32.42
C GLY C 194 -33.69 47.45 -31.13
N LEU C 195 -32.39 47.19 -31.00
CA LEU C 195 -31.84 46.73 -29.73
C LEU C 195 -32.13 47.74 -28.63
N GLU C 196 -31.98 47.29 -27.37
CA GLU C 196 -32.13 48.12 -26.19
C GLU C 196 -30.86 48.06 -25.36
N PRO C 197 -30.45 49.17 -24.76
CA PRO C 197 -29.17 49.17 -24.04
C PRO C 197 -29.32 48.43 -22.73
N LEU C 198 -28.32 47.62 -22.37
CA LEU C 198 -28.36 47.01 -21.05
C LEU C 198 -27.46 47.72 -20.05
N LYS C 199 -27.00 48.91 -20.37
CA LYS C 199 -26.37 49.83 -19.42
C LYS C 199 -27.31 51.00 -19.17
N THR C 200 -27.59 51.28 -17.90
CA THR C 200 -28.44 52.40 -17.51
C THR C 200 -27.65 53.71 -17.55
N SER C 201 -28.39 54.82 -17.47
CA SER C 201 -27.72 56.10 -17.30
C SER C 201 -26.94 56.15 -15.99
N THR C 202 -27.52 55.62 -14.93
CA THR C 202 -26.78 55.49 -13.67
C THR C 202 -25.57 54.59 -13.86
N SER C 203 -25.76 53.41 -14.44
CA SER C 203 -24.69 52.43 -14.56
C SER C 203 -23.51 52.93 -15.39
N GLU C 204 -23.60 54.10 -16.01
CA GLU C 204 -22.48 54.60 -16.78
C GLU C 204 -22.14 56.04 -16.43
N VAL C 205 -22.62 56.54 -15.29
CA VAL C 205 -22.21 57.87 -14.83
C VAL C 205 -20.74 57.86 -14.43
N ARG C 206 -20.37 56.95 -13.55
CA ARG C 206 -18.97 56.63 -13.28
C ARG C 206 -18.15 57.86 -12.88
N ASN C 207 -18.69 58.63 -11.94
CA ASN C 207 -17.96 59.69 -11.28
C ASN C 207 -18.02 59.44 -9.79
N TYR C 208 -16.90 59.71 -9.10
CA TYR C 208 -16.75 59.42 -7.68
C TYR C 208 -18.00 59.75 -6.87
N ARG C 209 -18.30 61.06 -6.75
CA ARG C 209 -19.38 61.52 -5.89
C ARG C 209 -20.71 60.86 -6.25
N THR C 210 -21.01 60.75 -7.55
CA THR C 210 -22.31 60.20 -7.93
C THR C 210 -22.39 58.71 -7.63
N ARG C 211 -21.31 57.97 -7.87
CA ARG C 211 -21.31 56.54 -7.55
C ARG C 211 -21.47 56.33 -6.06
N HIS C 212 -20.89 57.23 -5.27
CA HIS C 212 -21.06 57.17 -3.83
C HIS C 212 -22.51 57.43 -3.43
N ILE C 213 -23.11 58.48 -4.00
CA ILE C 213 -24.52 58.74 -3.72
C ILE C 213 -25.38 57.56 -4.16
N VAL C 214 -25.01 56.88 -5.24
CA VAL C 214 -25.74 55.70 -5.69
C VAL C 214 -25.69 54.62 -4.61
N THR C 215 -24.51 54.37 -4.06
CA THR C 215 -24.41 53.37 -2.99
C THR C 215 -25.18 53.81 -1.75
N LEU C 216 -25.09 55.09 -1.38
CA LEU C 216 -25.84 55.62 -0.26
C LEU C 216 -27.33 55.39 -0.42
N THR C 217 -27.92 55.96 -1.47
CA THR C 217 -29.34 55.80 -1.74
C THR C 217 -29.75 54.34 -1.76
N ASP C 218 -28.97 53.49 -2.45
CA ASP C 218 -29.23 52.06 -2.44
C ASP C 218 -29.39 51.56 -1.02
N LEU C 219 -28.37 51.78 -0.18
CA LEU C 219 -28.43 51.30 1.20
C LEU C 219 -29.65 51.84 1.93
N LEU C 220 -30.09 53.06 1.58
CA LEU C 220 -31.35 53.55 2.12
C LEU C 220 -32.49 52.62 1.72
N HIS C 221 -32.68 52.41 0.41
CA HIS C 221 -33.79 51.59 -0.05
C HIS C 221 -33.72 50.17 0.52
N LEU C 222 -32.51 49.61 0.60
CA LEU C 222 -32.33 48.28 1.13
C LEU C 222 -32.75 48.22 2.59
N ASN C 223 -32.17 49.09 3.41
CA ASN C 223 -32.50 49.07 4.84
C ASN C 223 -33.99 49.30 5.07
N VAL C 224 -34.60 50.23 4.32
CA VAL C 224 -36.03 50.44 4.43
C VAL C 224 -36.81 49.18 4.06
N SER C 225 -36.28 48.39 3.12
CA SER C 225 -36.93 47.10 2.89
C SER C 225 -36.73 46.16 4.06
N ARG C 226 -35.57 46.26 4.74
CA ARG C 226 -35.15 45.34 5.77
C ARG C 226 -35.66 45.70 7.16
N HIS C 227 -36.63 46.60 7.25
CA HIS C 227 -37.18 47.05 8.53
C HIS C 227 -36.13 47.67 9.44
N ASN C 228 -34.93 47.95 8.92
CA ASN C 228 -33.83 48.47 9.74
C ASN C 228 -33.97 49.97 9.90
N TRP C 229 -35.14 50.40 10.40
CA TRP C 229 -35.50 51.82 10.43
C TRP C 229 -34.43 52.71 11.06
N SER C 230 -33.63 52.16 11.97
CA SER C 230 -32.58 52.95 12.59
C SER C 230 -31.49 53.30 11.58
N LEU C 231 -30.84 52.27 11.05
CA LEU C 231 -29.85 52.45 9.99
C LEU C 231 -30.42 53.31 8.87
N ALA C 232 -31.50 52.84 8.26
CA ALA C 232 -32.22 53.55 7.22
C ALA C 232 -32.34 55.03 7.57
N TYR C 233 -32.67 55.34 8.83
CA TYR C 233 -32.77 56.75 9.21
C TYR C 233 -31.43 57.45 9.08
N LYS C 234 -30.35 56.80 9.55
CA LYS C 234 -29.03 57.40 9.38
C LYS C 234 -28.72 57.64 7.90
N ILE C 235 -29.02 56.64 7.06
CA ILE C 235 -28.84 56.78 5.61
C ILE C 235 -29.58 58.00 5.11
N PHE C 236 -30.85 58.14 5.49
CA PHE C 236 -31.68 59.23 4.98
C PHE C 236 -31.12 60.59 5.38
N ALA C 237 -30.72 60.75 6.65
CA ALA C 237 -30.21 62.05 7.09
C ALA C 237 -28.91 62.40 6.36
N THR C 238 -27.98 61.44 6.31
CA THR C 238 -26.72 61.67 5.59
C THR C 238 -26.97 61.99 4.12
N LEU C 239 -27.99 61.37 3.53
CA LEU C 239 -28.32 61.60 2.13
C LEU C 239 -28.83 63.02 1.91
N ILE C 240 -29.96 63.36 2.53
CA ILE C 240 -30.52 64.71 2.40
C ILE C 240 -29.49 65.79 2.75
N ARG C 241 -28.48 65.47 3.57
CA ARG C 241 -27.40 66.44 3.78
C ARG C 241 -26.72 66.83 2.46
N ILE C 242 -26.63 65.90 1.52
CA ILE C 242 -25.76 66.13 0.35
C ILE C 242 -26.39 67.20 -0.55
N PRO C 243 -25.58 68.01 -1.24
CA PRO C 243 -26.13 69.16 -1.95
C PRO C 243 -26.83 68.83 -3.25
N GLY C 244 -26.82 67.57 -3.68
CA GLY C 244 -27.37 67.26 -4.98
C GLY C 244 -28.77 66.72 -4.97
N VAL C 245 -29.23 66.23 -3.81
CA VAL C 245 -30.45 65.44 -3.74
C VAL C 245 -31.64 66.34 -3.44
N GLN C 246 -32.54 66.48 -4.40
CA GLN C 246 -33.83 67.03 -4.02
C GLN C 246 -34.77 65.88 -3.64
N ILE C 247 -35.90 66.24 -3.07
CA ILE C 247 -36.66 65.34 -2.21
C ILE C 247 -37.73 64.67 -3.07
N LYS C 248 -37.35 63.52 -3.64
CA LYS C 248 -38.32 62.45 -3.91
C LYS C 248 -38.49 61.57 -2.68
N SER C 249 -37.47 61.50 -1.84
CA SER C 249 -37.34 60.55 -0.75
C SER C 249 -38.38 60.73 0.36
N LEU C 250 -39.44 61.53 0.09
CA LEU C 250 -40.38 61.87 1.15
C LEU C 250 -41.22 60.67 1.59
N TRP C 251 -41.58 59.75 0.68
CA TRP C 251 -42.23 58.52 1.14
C TRP C 251 -41.28 57.66 1.93
N GLY C 252 -40.01 57.61 1.52
CA GLY C 252 -38.97 57.01 2.33
C GLY C 252 -39.03 57.50 3.76
N ILE C 253 -39.11 58.82 3.95
CA ILE C 253 -39.17 59.30 5.33
C ILE C 253 -40.56 59.17 5.95
N GLY C 254 -41.63 59.14 5.15
CA GLY C 254 -42.98 59.05 5.65
C GLY C 254 -43.18 57.71 6.33
N VAL C 255 -42.98 56.63 5.58
CA VAL C 255 -43.01 55.31 6.18
C VAL C 255 -41.84 55.12 7.13
N GLU C 256 -40.78 55.92 6.96
CA GLU C 256 -39.61 55.82 7.84
C GLU C 256 -39.89 56.25 9.27
N ILE C 257 -40.21 57.54 9.46
CA ILE C 257 -40.59 58.05 10.78
C ILE C 257 -41.87 57.40 11.26
N LEU C 258 -42.76 57.00 10.34
CA LEU C 258 -43.95 56.26 10.73
C LEU C 258 -43.58 55.01 11.52
N ASP C 259 -42.84 54.09 10.90
CA ASP C 259 -42.40 52.92 11.64
C ASP C 259 -41.31 53.22 12.64
N ASN C 260 -40.80 54.46 12.71
CA ASN C 260 -39.74 54.74 13.67
C ASN C 260 -40.29 54.92 15.07
N LEU C 261 -41.33 55.76 15.22
CA LEU C 261 -41.94 56.07 16.52
C LEU C 261 -40.93 56.61 17.52
N SER C 262 -39.69 56.84 17.09
CA SER C 262 -38.60 57.01 18.04
C SER C 262 -38.56 58.41 18.63
N ASN C 263 -38.24 59.41 17.81
CA ASN C 263 -38.00 60.74 18.35
C ASN C 263 -38.62 61.85 17.51
N SER C 264 -38.15 61.96 16.27
CA SER C 264 -38.24 63.20 15.53
C SER C 264 -39.65 63.47 15.02
N SER C 265 -40.05 64.75 15.09
CA SER C 265 -41.37 65.24 14.70
C SER C 265 -41.90 64.42 13.53
N SER C 266 -43.02 63.73 13.76
CA SER C 266 -43.31 62.48 13.08
C SER C 266 -43.79 62.70 11.65
N GLY C 267 -44.25 61.61 11.02
CA GLY C 267 -44.60 61.64 9.61
C GLY C 267 -45.70 62.63 9.29
N LEU C 268 -46.61 62.86 10.22
CA LEU C 268 -47.59 63.92 10.03
C LEU C 268 -46.89 65.28 9.92
N ASP C 269 -46.00 65.57 10.87
CA ASP C 269 -45.23 66.81 10.82
C ASP C 269 -44.54 66.97 9.47
N PHE C 270 -43.85 65.91 9.02
CA PHE C 270 -43.17 65.98 7.74
C PHE C 270 -44.15 66.25 6.61
N LEU C 271 -45.28 65.54 6.60
CA LEU C 271 -46.23 65.67 5.48
C LEU C 271 -46.81 67.07 5.40
N GLN C 272 -47.36 67.56 6.50
CA GLN C 272 -47.90 68.92 6.49
C GLN C 272 -46.79 69.95 6.23
N TRP C 273 -45.53 69.59 6.54
CA TRP C 273 -44.42 70.45 6.10
C TRP C 273 -44.31 70.45 4.59
N MET C 274 -44.29 69.27 3.97
CA MET C 274 -44.25 69.16 2.51
C MET C 274 -45.33 70.00 1.87
N CYS C 275 -46.54 69.94 2.42
CA CYS C 275 -47.64 70.71 1.85
C CYS C 275 -47.47 72.20 2.10
N GLN C 276 -46.92 72.59 3.26
CA GLN C 276 -46.80 74.02 3.53
C GLN C 276 -45.70 74.65 2.68
N ILE C 277 -44.60 73.93 2.46
CA ILE C 277 -43.49 74.50 1.70
C ILE C 277 -43.74 74.40 0.20
N TYR C 278 -44.35 73.30 -0.26
CA TYR C 278 -44.51 73.10 -1.69
C TYR C 278 -45.96 73.17 -2.15
N SER C 279 -46.70 74.20 -1.74
CA SER C 279 -48.03 74.46 -2.28
C SER C 279 -48.13 75.86 -2.86
N SER C 280 -47.00 76.50 -3.11
CA SER C 280 -46.98 77.87 -3.59
C SER C 280 -45.76 78.09 -4.47
N LYS C 281 -45.92 78.91 -5.51
CA LYS C 281 -44.80 79.36 -6.33
C LYS C 281 -43.90 80.27 -5.49
N SER C 282 -43.20 79.68 -4.52
CA SER C 282 -42.46 80.45 -3.53
C SER C 282 -41.10 79.84 -3.25
N ARG C 291 -40.86 70.18 -17.95
CA ARG C 291 -39.48 70.35 -17.53
C ARG C 291 -38.87 69.00 -17.12
N SER C 292 -37.59 69.01 -16.76
CA SER C 292 -36.82 67.79 -16.53
C SER C 292 -37.29 66.99 -15.32
N ILE C 293 -37.01 67.51 -14.13
CA ILE C 293 -36.99 66.70 -12.91
C ILE C 293 -38.36 66.23 -12.43
N VAL C 294 -39.46 66.68 -13.03
CA VAL C 294 -40.75 66.63 -12.37
C VAL C 294 -41.72 65.63 -12.98
N PRO C 295 -41.78 64.40 -12.46
CA PRO C 295 -42.97 63.54 -12.65
C PRO C 295 -44.11 63.94 -11.69
N PRO C 296 -45.06 63.04 -11.36
CA PRO C 296 -46.17 63.42 -10.47
C PRO C 296 -46.02 63.28 -8.96
N PHE C 297 -45.01 62.63 -8.41
CA PHE C 297 -44.93 62.50 -6.96
C PHE C 297 -44.26 63.69 -6.29
N GLN C 298 -43.82 64.69 -7.06
CA GLN C 298 -43.55 66.04 -6.58
C GLN C 298 -44.08 66.99 -7.63
N THR C 299 -44.90 67.94 -7.23
CA THR C 299 -45.69 68.66 -8.22
C THR C 299 -45.87 70.12 -7.80
N GLY C 300 -46.38 70.91 -8.75
CA GLY C 300 -46.64 72.33 -8.55
C GLY C 300 -48.12 72.60 -8.37
N SER C 301 -48.42 73.69 -7.66
CA SER C 301 -49.76 73.95 -7.17
C SER C 301 -50.65 74.67 -8.18
N ARG C 302 -50.43 74.47 -9.47
CA ARG C 302 -51.38 74.95 -10.48
C ARG C 302 -52.55 73.99 -10.60
N THR C 303 -52.29 72.77 -11.05
CA THR C 303 -53.21 71.65 -10.92
C THR C 303 -52.51 70.56 -10.15
N HIS C 304 -53.27 69.52 -9.80
CA HIS C 304 -53.09 68.76 -8.57
C HIS C 304 -51.66 68.45 -8.17
N THR C 305 -51.24 69.04 -7.05
CA THR C 305 -50.22 68.46 -6.19
C THR C 305 -50.80 67.24 -5.51
N ALA C 306 -50.33 66.07 -5.88
CA ALA C 306 -51.02 64.83 -5.50
C ALA C 306 -50.48 64.26 -4.20
N LYS C 307 -49.52 63.35 -4.31
CA LYS C 307 -49.11 62.45 -3.23
C LYS C 307 -49.20 63.06 -1.82
N PHE C 308 -48.29 63.98 -1.50
CA PHE C 308 -48.13 64.41 -0.11
C PHE C 308 -49.43 64.98 0.46
N ALA C 309 -50.19 65.72 -0.36
CA ALA C 309 -51.43 66.33 0.12
C ALA C 309 -52.43 65.28 0.55
N ILE C 310 -52.80 64.39 -0.37
CA ILE C 310 -53.82 63.40 -0.03
C ILE C 310 -53.33 62.49 1.09
N THR C 311 -52.01 62.29 1.20
CA THR C 311 -51.53 61.40 2.25
C THR C 311 -51.57 62.06 3.63
N TYR C 312 -51.26 63.36 3.74
CA TYR C 312 -51.46 63.99 5.04
C TYR C 312 -52.94 64.11 5.37
N LEU C 313 -53.80 64.26 4.34
CA LEU C 313 -55.24 64.31 4.53
C LEU C 313 -55.75 63.02 5.17
N TRP C 314 -55.62 61.91 4.44
CA TRP C 314 -56.08 60.63 4.96
C TRP C 314 -55.39 60.30 6.28
N SER C 315 -54.05 60.42 6.31
CA SER C 315 -53.31 60.05 7.50
C SER C 315 -53.70 60.89 8.71
N SER C 316 -54.18 62.11 8.47
CA SER C 316 -54.67 62.94 9.58
C SER C 316 -56.03 62.48 10.05
N LEU C 317 -56.91 62.10 9.12
CA LEU C 317 -58.16 61.46 9.51
C LEU C 317 -57.91 60.17 10.30
N ILE C 318 -56.79 59.50 10.05
CA ILE C 318 -56.41 58.36 10.87
C ILE C 318 -55.82 58.83 12.20
N ASN C 319 -55.17 60.01 12.24
CA ASN C 319 -54.84 60.60 13.52
C ASN C 319 -56.10 60.96 14.31
N CYS C 320 -57.27 60.96 13.68
CA CYS C 320 -58.54 60.92 14.38
C CYS C 320 -58.98 59.50 14.72
N GLN C 321 -58.67 58.52 13.87
CA GLN C 321 -58.79 57.13 14.33
C GLN C 321 -58.06 56.94 15.65
N LYS C 322 -57.04 57.76 15.92
CA LYS C 322 -56.50 57.86 17.28
C LYS C 322 -57.55 58.34 18.26
N SER C 323 -58.45 59.23 17.83
CA SER C 323 -59.48 59.72 18.73
C SER C 323 -60.51 58.64 19.00
N MET C 324 -61.38 58.37 18.03
CA MET C 324 -62.51 57.47 18.30
C MET C 324 -62.41 56.15 17.54
N LEU C 345 -60.01 67.71 17.02
CA LEU C 345 -59.12 67.39 15.91
C LEU C 345 -59.86 67.34 14.56
N ILE C 346 -61.11 66.85 14.56
CA ILE C 346 -61.84 66.70 13.30
C ILE C 346 -62.20 68.05 12.72
N ASP C 347 -62.92 68.88 13.47
CA ASP C 347 -63.27 70.20 12.96
C ASP C 347 -62.03 71.04 12.65
N LYS C 348 -60.85 70.62 13.16
CA LYS C 348 -59.59 71.18 12.69
C LYS C 348 -59.27 70.69 11.29
N ILE C 349 -59.24 69.37 11.09
CA ILE C 349 -58.84 68.80 9.80
C ILE C 349 -59.79 69.27 8.70
N SER C 350 -61.09 69.27 8.96
CA SER C 350 -62.05 69.80 8.01
C SER C 350 -62.19 71.32 8.11
N GLU C 351 -61.55 71.94 9.10
CA GLU C 351 -61.42 73.40 9.09
C GLU C 351 -60.42 73.84 8.03
N TRP C 352 -59.28 73.14 7.94
CA TRP C 352 -58.28 73.43 6.93
C TRP C 352 -58.44 72.57 5.67
N VAL C 353 -59.44 71.69 5.64
CA VAL C 353 -59.99 71.21 4.39
C VAL C 353 -61.08 72.17 3.91
N LEU C 354 -61.75 72.85 4.83
CA LEU C 354 -62.67 73.92 4.47
C LEU C 354 -61.92 75.14 3.95
N THR C 355 -60.70 75.37 4.44
CA THR C 355 -59.96 76.58 4.05
C THR C 355 -59.62 76.64 2.57
N PRO C 356 -58.99 75.64 1.96
CA PRO C 356 -58.46 75.85 0.61
C PRO C 356 -59.56 75.78 -0.43
N PRO C 357 -59.58 76.72 -1.36
CA PRO C 357 -60.27 76.49 -2.63
C PRO C 357 -59.34 75.87 -3.67
N PHE C 358 -59.64 74.62 -4.05
CA PHE C 358 -59.03 73.89 -5.15
C PHE C 358 -60.12 72.90 -5.59
N MET C 359 -61.16 73.46 -6.21
CA MET C 359 -62.48 72.81 -6.24
C MET C 359 -62.45 71.47 -6.95
N GLU C 360 -61.56 71.29 -7.92
CA GLU C 360 -61.49 70.01 -8.62
C GLU C 360 -61.06 68.87 -7.71
N ASP C 361 -60.40 69.18 -6.59
CA ASP C 361 -59.88 68.17 -5.67
C ASP C 361 -60.96 67.26 -5.10
N ALA C 362 -61.56 66.41 -5.94
CA ALA C 362 -62.66 65.57 -5.49
C ALA C 362 -62.23 64.69 -4.31
N GLU C 363 -61.03 64.11 -4.40
CA GLU C 363 -60.58 63.26 -3.31
C GLU C 363 -60.60 64.02 -1.99
N VAL C 364 -60.34 65.34 -2.03
CA VAL C 364 -60.48 66.10 -0.79
C VAL C 364 -61.93 66.39 -0.47
N TRP C 365 -62.82 66.21 -1.44
CA TRP C 365 -64.25 66.22 -1.12
C TRP C 365 -64.63 64.96 -0.37
N PHE C 366 -64.08 63.80 -0.75
CA PHE C 366 -64.36 62.59 0.01
C PHE C 366 -63.63 62.60 1.36
N ILE C 367 -62.49 63.28 1.44
CA ILE C 367 -61.86 63.54 2.74
C ILE C 367 -62.77 64.41 3.59
N TYR C 368 -63.35 65.45 3.00
CA TYR C 368 -64.27 66.34 3.71
C TYR C 368 -65.46 65.56 4.25
N ALA C 369 -66.18 64.89 3.35
CA ALA C 369 -67.35 64.10 3.76
C ALA C 369 -66.98 63.01 4.74
N SER C 370 -65.74 62.52 4.68
CA SER C 370 -65.29 61.54 5.67
C SER C 370 -65.07 62.18 7.02
N CYS C 371 -64.58 63.43 7.05
CA CYS C 371 -64.50 64.16 8.30
C CYS C 371 -65.89 64.37 8.90
N HIS C 372 -66.89 64.60 8.05
CA HIS C 372 -68.24 64.80 8.56
C HIS C 372 -68.88 63.49 9.01
N LEU C 373 -68.54 62.37 8.37
CA LEU C 373 -69.07 61.09 8.85
C LEU C 373 -68.39 60.67 10.14
N LEU C 374 -67.10 60.95 10.28
CA LEU C 374 -66.41 60.65 11.52
C LEU C 374 -66.87 61.57 12.65
N LYS C 375 -67.21 62.82 12.34
CA LYS C 375 -67.78 63.66 13.40
C LYS C 375 -69.23 63.31 13.71
N ALA C 376 -69.95 62.75 12.74
CA ALA C 376 -71.27 62.19 13.00
C ALA C 376 -71.21 60.82 13.68
N ASP C 377 -70.02 60.26 13.84
CA ASP C 377 -69.81 59.02 14.57
C ASP C 377 -70.52 57.85 13.89
N ILE C 401 -77.83 67.57 19.51
CA ILE C 401 -78.19 66.45 18.66
C ILE C 401 -78.48 66.94 17.24
N ASN C 402 -79.28 68.00 17.12
CA ASN C 402 -79.48 68.61 15.82
C ASN C 402 -78.16 69.07 15.21
N GLN C 403 -77.12 69.26 16.02
CA GLN C 403 -75.78 69.50 15.48
C GLN C 403 -75.29 68.30 14.68
N VAL C 404 -75.38 67.10 15.27
CA VAL C 404 -75.07 65.88 14.53
C VAL C 404 -75.94 65.78 13.30
N ILE C 405 -77.19 66.24 13.37
CA ILE C 405 -78.01 66.34 12.16
C ILE C 405 -77.30 67.16 11.11
N LYS C 406 -76.89 68.39 11.47
CA LYS C 406 -76.25 69.26 10.48
C LYS C 406 -74.99 68.62 9.90
N HIS C 407 -74.27 67.82 10.71
CA HIS C 407 -73.12 67.11 10.18
C HIS C 407 -73.52 66.02 9.18
N ILE C 408 -74.67 65.37 9.41
CA ILE C 408 -75.09 64.31 8.49
C ILE C 408 -75.61 64.91 7.18
N HIS C 409 -76.39 65.99 7.25
CA HIS C 409 -76.73 66.71 6.03
C HIS C 409 -75.47 67.21 5.32
N TYR C 410 -74.47 67.61 6.10
CA TYR C 410 -73.21 68.10 5.54
C TYR C 410 -72.52 67.04 4.69
N VAL C 411 -72.29 65.85 5.25
CA VAL C 411 -71.67 64.77 4.47
C VAL C 411 -72.55 64.41 3.28
N ARG C 412 -73.88 64.41 3.47
CA ARG C 412 -74.79 64.18 2.35
C ARG C 412 -74.52 65.17 1.21
N THR C 413 -74.13 66.41 1.52
CA THR C 413 -73.85 67.39 0.47
C THR C 413 -72.50 67.13 -0.20
N PHE C 414 -71.45 66.99 0.61
CA PHE C 414 -70.12 66.88 0.02
C PHE C 414 -69.94 65.60 -0.76
N LEU C 415 -70.80 64.59 -0.55
CA LEU C 415 -70.73 63.40 -1.41
C LEU C 415 -71.14 63.72 -2.84
N LYS C 416 -72.13 64.57 -3.05
CA LYS C 416 -72.51 64.90 -4.43
C LYS C 416 -71.56 65.93 -5.03
N ILE C 417 -71.09 66.89 -4.22
CA ILE C 417 -70.16 67.86 -4.77
C ILE C 417 -68.82 67.15 -4.88
N CYS C 418 -68.78 65.88 -4.47
CA CYS C 418 -67.70 64.96 -4.79
C CYS C 418 -68.03 64.06 -5.98
N LEU C 419 -69.31 63.86 -6.29
CA LEU C 419 -69.68 63.43 -7.63
C LEU C 419 -69.38 64.51 -8.66
N ASP C 420 -68.94 65.69 -8.22
CA ASP C 420 -68.43 66.69 -9.15
C ASP C 420 -67.39 66.13 -10.11
N LYS C 421 -66.45 65.32 -9.62
CA LYS C 421 -65.23 64.99 -10.35
C LYS C 421 -65.04 63.46 -10.35
N GLY C 422 -63.94 63.02 -10.97
CA GLY C 422 -63.55 61.61 -11.10
C GLY C 422 -63.80 60.77 -9.87
N GLY C 423 -64.81 59.90 -9.96
CA GLY C 423 -65.54 59.48 -8.78
C GLY C 423 -64.75 58.55 -7.86
N PHE C 424 -64.84 58.84 -6.57
CA PHE C 424 -64.58 57.87 -5.50
C PHE C 424 -65.94 57.44 -4.97
N ALA C 425 -66.37 56.23 -5.33
CA ALA C 425 -67.68 55.76 -4.90
C ALA C 425 -67.58 54.35 -4.33
N VAL C 426 -68.43 54.06 -3.35
CA VAL C 426 -68.58 52.71 -2.85
C VAL C 426 -69.94 52.26 -3.35
N PRO C 427 -71.07 52.61 -2.72
CA PRO C 427 -72.29 52.78 -3.52
C PRO C 427 -73.10 53.98 -3.07
N SER C 428 -74.42 53.79 -2.97
CA SER C 428 -75.25 54.67 -2.17
C SER C 428 -75.52 54.09 -0.79
N ARG C 429 -75.31 52.78 -0.62
CA ARG C 429 -75.74 52.12 0.61
C ARG C 429 -74.65 52.16 1.67
N LEU C 430 -73.38 52.08 1.31
CA LEU C 430 -72.35 52.32 2.31
C LEU C 430 -72.25 53.80 2.62
N ILE C 431 -72.55 54.65 1.64
CA ILE C 431 -72.60 56.08 1.89
C ILE C 431 -73.70 56.40 2.91
N GLU C 432 -74.93 55.96 2.60
CA GLU C 432 -76.12 56.38 3.32
C GLU C 432 -76.48 55.44 4.47
N ASN C 433 -76.58 54.14 4.21
CA ASN C 433 -76.94 53.13 5.21
C ASN C 433 -76.23 53.36 6.55
N GLN C 434 -74.97 53.78 6.50
CA GLN C 434 -74.33 54.32 7.71
C GLN C 434 -75.12 55.50 8.26
N LEU C 435 -75.54 56.41 7.38
CA LEU C 435 -76.24 57.62 7.79
C LEU C 435 -77.69 57.36 8.21
N LYS C 436 -78.23 56.16 7.93
CA LYS C 436 -79.53 55.76 8.46
C LYS C 436 -79.37 55.02 9.78
N SER C 437 -78.31 54.21 9.91
CA SER C 437 -77.88 53.78 11.23
C SER C 437 -77.62 54.98 12.14
N PHE C 438 -77.26 56.11 11.54
CA PHE C 438 -77.18 57.38 12.26
C PHE C 438 -78.57 57.98 12.44
N GLU C 439 -79.40 57.96 11.39
CA GLU C 439 -80.75 58.50 11.50
C GLU C 439 -81.56 57.80 12.59
N SER C 440 -81.08 56.66 13.07
CA SER C 440 -81.58 56.06 14.30
C SER C 440 -81.58 57.08 15.44
N VAL D 20 33.35 -144.37 117.88
CA VAL D 20 33.99 -145.03 116.75
C VAL D 20 35.45 -144.60 116.63
N GLN D 21 35.68 -143.29 116.54
CA GLN D 21 37.02 -142.76 116.24
C GLN D 21 38.06 -143.29 117.23
N GLY D 22 37.83 -143.06 118.53
CA GLY D 22 38.76 -143.55 119.54
C GLY D 22 38.57 -144.99 119.91
N ALA D 23 37.33 -145.50 119.84
CA ALA D 23 37.06 -146.87 120.24
C ALA D 23 37.81 -147.87 119.35
N SER D 24 37.93 -147.57 118.05
CA SER D 24 38.68 -148.45 117.15
C SER D 24 39.92 -147.80 116.54
N LEU D 25 40.30 -146.60 117.02
CA LEU D 25 41.72 -146.24 116.98
C LEU D 25 42.47 -146.96 118.10
N TYR D 26 41.78 -147.28 119.21
CA TYR D 26 42.41 -148.02 120.30
C TYR D 26 42.87 -149.39 119.84
N CYS D 27 41.93 -150.25 119.45
CA CYS D 27 42.20 -151.66 119.17
C CYS D 27 42.78 -152.41 120.38
N THR D 49 29.45 -151.06 117.33
CA THR D 49 29.50 -149.80 116.60
C THR D 49 28.35 -148.87 116.97
N LEU D 50 27.75 -149.09 118.15
CA LEU D 50 26.56 -148.35 118.54
C LEU D 50 26.91 -146.92 118.99
N ALA D 51 27.49 -146.78 120.17
CA ALA D 51 27.87 -145.47 120.70
C ALA D 51 28.82 -145.61 121.88
N GLU D 52 28.63 -144.79 122.91
CA GLU D 52 29.29 -144.98 124.19
C GLU D 52 28.30 -145.22 125.32
N ASP D 53 27.01 -145.21 125.04
CA ASP D 53 25.97 -144.96 126.03
C ASP D 53 24.62 -145.30 125.42
N ALA D 54 23.61 -145.42 126.30
CA ALA D 54 22.23 -145.60 125.89
C ALA D 54 21.61 -144.23 125.60
N LEU D 55 20.28 -144.14 125.58
CA LEU D 55 19.55 -143.09 124.89
C LEU D 55 18.71 -142.27 125.88
N ASP D 56 19.13 -141.02 126.16
CA ASP D 56 18.45 -140.20 127.16
C ASP D 56 18.30 -138.74 126.69
N LEU D 57 17.21 -138.11 127.15
CA LEU D 57 16.64 -136.90 126.54
C LEU D 57 16.26 -135.81 127.56
N HIS D 58 15.18 -135.09 127.28
CA HIS D 58 14.91 -133.80 127.88
C HIS D 58 13.62 -133.80 128.72
N ILE D 59 13.64 -133.08 129.85
CA ILE D 59 12.44 -132.82 130.66
C ILE D 59 12.52 -131.37 131.17
N VAL D 60 11.43 -130.88 131.78
CA VAL D 60 11.28 -129.48 132.19
C VAL D 60 11.02 -129.36 133.71
N VAL D 61 11.13 -128.11 134.22
CA VAL D 61 10.74 -127.60 135.54
C VAL D 61 10.65 -126.07 135.44
N LYS D 62 9.44 -125.49 135.58
CA LYS D 62 9.15 -124.12 135.16
C LYS D 62 8.88 -123.19 136.35
N SER D 63 9.12 -121.90 136.13
CA SER D 63 8.92 -120.89 137.17
C SER D 63 8.92 -119.49 136.58
N LEU D 64 8.17 -118.59 137.21
CA LEU D 64 8.15 -117.17 136.89
C LEU D 64 9.27 -116.44 137.63
N LEU D 65 9.90 -115.46 136.96
CA LEU D 65 11.01 -114.73 137.58
C LEU D 65 10.73 -113.24 137.73
N CYS D 66 10.41 -112.52 136.66
CA CYS D 66 10.12 -111.09 136.78
C CYS D 66 9.33 -110.64 135.56
N ASP D 67 8.68 -109.49 135.71
CA ASP D 67 7.87 -108.90 134.66
C ASP D 67 8.29 -107.46 134.46
N THR D 68 8.10 -106.96 133.25
CA THR D 68 8.52 -105.60 132.91
C THR D 68 7.35 -104.61 132.80
N GLN D 169 7.20 -103.88 107.02
CA GLN D 169 8.64 -104.10 107.10
C GLN D 169 9.00 -104.95 108.31
N ASP D 170 8.73 -104.40 109.50
CA ASP D 170 9.04 -105.08 110.76
C ASP D 170 8.40 -106.45 110.84
N ALA D 171 7.31 -106.68 110.11
CA ALA D 171 6.70 -108.00 110.05
C ALA D 171 7.57 -109.01 109.33
N PHE D 172 8.49 -108.55 108.46
CA PHE D 172 9.30 -109.45 107.65
C PHE D 172 10.80 -109.29 107.82
N PHE D 173 11.27 -108.28 108.54
CA PHE D 173 12.70 -108.07 108.74
C PHE D 173 12.98 -107.79 110.20
N TRP D 174 14.25 -107.92 110.57
CA TRP D 174 14.66 -107.66 111.94
C TRP D 174 16.01 -106.98 111.94
N ASP D 175 16.28 -106.28 113.04
CA ASP D 175 17.52 -105.55 113.24
C ASP D 175 18.53 -106.47 113.88
N PRO D 176 19.64 -106.80 113.21
CA PRO D 176 20.67 -107.60 113.86
C PRO D 176 21.37 -106.89 115.02
N THR D 177 21.39 -105.56 115.04
CA THR D 177 22.11 -104.86 116.09
C THR D 177 21.45 -104.96 117.45
N VAL D 178 20.31 -105.63 117.57
CA VAL D 178 19.75 -105.82 118.89
C VAL D 178 19.91 -107.29 119.25
N ALA D 179 20.95 -107.60 120.04
CA ALA D 179 21.24 -108.99 120.36
C ALA D 179 20.39 -109.46 121.53
N ASN D 180 20.68 -108.95 122.72
CA ASN D 180 20.00 -109.42 123.94
C ASN D 180 19.84 -108.27 124.91
N ARG D 181 18.62 -108.11 125.42
CA ARG D 181 18.27 -106.99 126.29
C ARG D 181 18.11 -107.42 127.74
N LEU D 182 18.71 -108.55 128.12
CA LEU D 182 18.79 -108.94 129.53
C LEU D 182 19.96 -109.90 129.74
N ASP D 183 20.68 -109.69 130.84
CA ASP D 183 21.75 -110.57 131.27
C ASP D 183 21.57 -110.83 132.76
N SER D 184 22.19 -111.92 133.23
CA SER D 184 22.23 -112.28 134.65
C SER D 184 23.50 -113.07 134.91
N GLN D 185 24.29 -112.62 135.88
CA GLN D 185 25.63 -113.18 136.03
C GLN D 185 26.14 -112.83 137.41
N TYR D 186 27.24 -113.48 137.81
CA TYR D 186 27.83 -113.26 139.11
C TYR D 186 28.74 -112.04 139.08
N ILE D 187 28.42 -111.07 139.92
CA ILE D 187 29.14 -109.82 140.05
C ILE D 187 29.72 -109.78 141.46
N GLN D 188 30.74 -108.95 141.64
CA GLN D 188 31.44 -108.90 142.93
C GLN D 188 31.99 -107.50 143.16
N THR D 189 31.49 -106.83 144.19
CA THR D 189 31.84 -105.44 144.41
C THR D 189 33.07 -105.35 145.32
N ALA D 190 33.42 -104.12 145.71
CA ALA D 190 34.58 -103.91 146.57
C ALA D 190 34.33 -104.46 147.97
N SER D 191 33.22 -104.05 148.60
CA SER D 191 32.89 -104.55 149.93
C SER D 191 32.78 -106.07 149.96
N ASP D 192 32.53 -106.70 148.81
CA ASP D 192 32.59 -108.15 148.72
C ASP D 192 34.02 -108.66 148.66
N LEU D 193 34.99 -107.78 148.35
CA LEU D 193 36.40 -108.16 148.28
C LEU D 193 37.16 -107.89 149.57
N ARG D 194 36.52 -107.28 150.58
CA ARG D 194 37.10 -107.23 151.91
C ARG D 194 37.07 -108.60 152.57
N ASN D 195 35.97 -109.33 152.37
CA ASN D 195 35.78 -110.63 152.98
C ASN D 195 36.20 -111.75 152.04
N TYR D 196 35.54 -112.91 152.13
CA TYR D 196 35.70 -114.00 151.19
C TYR D 196 34.40 -114.32 150.49
N ARG D 197 33.39 -113.46 150.64
CA ARG D 197 32.10 -113.69 150.01
C ARG D 197 32.21 -113.58 148.50
N ASP D 198 31.59 -114.52 147.80
CA ASP D 198 31.71 -114.61 146.35
C ASP D 198 30.69 -113.73 145.63
N GLY D 199 30.59 -112.46 146.04
CA GLY D 199 29.71 -111.52 145.37
C GLY D 199 28.24 -111.91 145.46
N THR D 200 27.50 -111.63 144.39
CA THR D 200 26.09 -112.00 144.29
C THR D 200 25.73 -112.22 142.83
N GLU D 201 24.55 -112.80 142.64
CA GLU D 201 23.98 -112.99 141.31
C GLU D 201 22.99 -111.87 141.05
N ILE D 202 23.14 -111.20 139.90
CA ILE D 202 22.27 -110.08 139.55
C ILE D 202 21.65 -110.33 138.19
N ILE D 203 20.53 -109.66 137.97
CA ILE D 203 19.95 -109.52 136.64
C ILE D 203 19.91 -108.04 136.30
N ALA D 204 20.13 -107.75 135.01
CA ALA D 204 19.93 -106.44 134.43
C ALA D 204 19.13 -106.66 133.16
N TYR D 205 17.99 -105.98 133.05
CA TYR D 205 17.10 -106.14 131.91
C TYR D 205 16.48 -104.79 131.58
N ALA D 206 16.16 -104.61 130.31
CA ALA D 206 15.65 -103.35 129.82
C ALA D 206 14.14 -103.29 130.00
N SER D 207 13.62 -102.07 130.11
CA SER D 207 12.21 -101.84 130.35
C SER D 207 11.82 -100.48 129.76
N GLY D 208 10.51 -100.23 129.73
CA GLY D 208 10.00 -98.96 129.25
C GLY D 208 9.11 -99.11 128.04
N LYS D 209 8.24 -98.12 127.81
CA LYS D 209 7.47 -98.10 126.58
C LYS D 209 8.38 -98.17 125.36
N THR D 210 9.42 -97.34 125.36
CA THR D 210 10.43 -97.35 124.30
C THR D 210 11.62 -98.23 124.62
N GLY D 211 11.53 -99.04 125.68
CA GLY D 211 12.65 -99.89 126.09
C GLY D 211 13.92 -99.15 126.42
N SER D 212 13.81 -98.02 127.12
CA SER D 212 14.94 -97.12 127.31
C SER D 212 15.31 -96.93 128.78
N VAL D 213 14.93 -97.86 129.66
CA VAL D 213 15.38 -97.80 131.05
C VAL D 213 16.07 -99.10 131.40
N LEU D 214 17.10 -98.99 132.24
CA LEU D 214 17.87 -100.12 132.70
C LEU D 214 17.36 -100.52 134.09
N ASN D 215 17.23 -101.82 134.31
CA ASN D 215 16.82 -102.33 135.61
C ASN D 215 17.87 -103.32 136.07
N ILE D 216 18.44 -103.07 137.25
CA ILE D 216 19.41 -103.97 137.87
C ILE D 216 18.89 -104.35 139.26
N ALA D 217 18.87 -105.65 139.56
CA ALA D 217 18.40 -106.12 140.85
C ALA D 217 18.99 -107.49 141.14
N VAL D 218 19.01 -107.83 142.42
CA VAL D 218 19.73 -109.00 142.92
C VAL D 218 18.81 -110.22 142.93
N LEU D 219 19.43 -111.39 142.82
CA LEU D 219 18.75 -112.67 142.92
C LEU D 219 19.24 -113.41 144.15
N THR D 220 18.37 -114.26 144.69
CA THR D 220 18.74 -115.24 145.70
C THR D 220 18.27 -116.60 145.21
N ARG D 221 19.17 -117.57 145.20
CA ARG D 221 18.84 -118.93 144.81
C ARG D 221 18.65 -119.81 146.06
N GLN D 222 17.54 -120.55 146.10
CA GLN D 222 17.25 -121.45 147.20
C GLN D 222 16.80 -122.80 146.65
N ASN D 223 15.50 -123.07 146.67
CA ASN D 223 15.00 -124.26 146.01
C ASN D 223 15.10 -124.12 144.51
N THR D 224 14.67 -122.98 143.98
CA THR D 224 14.84 -122.60 142.59
C THR D 224 15.16 -121.11 142.55
N LEU D 225 15.90 -120.70 141.53
CA LEU D 225 16.32 -119.31 141.43
C LEU D 225 15.12 -118.37 141.50
N HIS D 226 15.29 -117.28 142.23
CA HIS D 226 14.18 -116.36 142.42
C HIS D 226 14.73 -114.96 142.68
N LEU D 227 13.90 -113.97 142.38
CA LEU D 227 14.17 -112.58 142.72
C LEU D 227 14.17 -112.38 144.24
N ASN D 228 14.90 -111.37 144.70
CA ASN D 228 15.08 -111.15 146.13
C ASN D 228 13.75 -110.92 146.83
N ARG D 229 13.72 -111.19 148.14
CA ARG D 229 12.47 -111.17 148.89
C ARG D 229 11.88 -109.77 148.97
N HIS D 230 12.73 -108.75 149.15
CA HIS D 230 12.25 -107.39 149.34
C HIS D 230 11.87 -106.70 148.03
N ASN D 231 12.09 -107.38 146.89
CA ASN D 231 11.84 -106.86 145.54
C ASN D 231 12.06 -105.35 145.44
N ASN D 232 13.32 -104.93 145.49
CA ASN D 232 13.69 -103.53 145.29
C ASN D 232 14.54 -103.46 144.03
N VAL D 233 13.88 -103.57 142.88
CA VAL D 233 14.56 -103.38 141.60
C VAL D 233 15.08 -101.95 141.54
N THR D 234 16.32 -101.79 141.08
CA THR D 234 16.92 -100.48 140.96
C THR D 234 16.98 -100.13 139.48
N SER D 235 16.10 -99.24 139.05
CA SER D 235 15.98 -98.88 137.64
C SER D 235 16.42 -97.44 137.44
N ILE D 236 17.18 -97.21 136.37
CA ILE D 236 17.70 -95.90 136.00
C ILE D 236 17.25 -95.61 134.57
N GLU D 237 16.78 -94.38 134.36
CA GLU D 237 16.10 -94.00 133.12
C GLU D 237 17.09 -93.40 132.13
N LEU D 238 17.16 -93.97 130.94
CA LEU D 238 17.86 -93.38 129.80
C LEU D 238 16.84 -92.84 128.81
N HIS D 239 17.33 -92.03 127.87
CA HIS D 239 16.47 -91.44 126.84
C HIS D 239 16.62 -92.12 125.49
N SER D 240 17.45 -93.15 125.40
CA SER D 240 17.71 -93.91 124.19
C SER D 240 17.32 -95.38 124.38
N PRO D 241 16.75 -96.03 123.37
CA PRO D 241 16.37 -97.44 123.51
C PRO D 241 17.58 -98.34 123.69
N ILE D 242 17.41 -99.39 124.48
CA ILE D 242 18.48 -100.34 124.76
C ILE D 242 18.51 -101.41 123.68
N LYS D 243 19.66 -101.56 123.02
CA LYS D 243 19.83 -102.60 122.01
C LYS D 243 20.57 -103.83 122.49
N SER D 244 21.45 -103.68 123.49
CA SER D 244 22.26 -104.79 123.96
C SER D 244 22.69 -104.51 125.38
N ILE D 245 22.60 -105.53 126.24
CA ILE D 245 23.10 -105.49 127.61
C ILE D 245 23.92 -106.75 127.84
N LYS D 246 25.10 -106.60 128.43
CA LYS D 246 25.85 -107.76 128.87
C LYS D 246 26.73 -107.38 130.05
N ILE D 247 26.77 -108.26 131.04
CA ILE D 247 27.65 -108.13 132.21
C ILE D 247 28.82 -109.08 132.02
N PRO D 248 30.07 -108.60 132.12
CA PRO D 248 31.19 -109.31 131.49
C PRO D 248 31.71 -110.50 132.25
N GLY D 249 31.67 -110.44 133.59
CA GLY D 249 32.39 -111.45 134.33
C GLY D 249 33.90 -111.35 134.14
N ALA D 250 34.60 -112.39 134.60
CA ALA D 250 36.06 -112.37 134.60
C ALA D 250 36.63 -113.78 134.54
N SER D 251 37.92 -113.86 134.22
CA SER D 251 38.61 -115.14 134.22
C SER D 251 38.81 -115.65 135.64
N GLU D 252 39.02 -116.97 135.74
CA GLU D 252 39.38 -117.54 137.03
C GLU D 252 40.77 -117.13 137.47
N SER D 253 41.60 -116.67 136.54
CA SER D 253 42.98 -116.35 136.84
C SER D 253 43.12 -115.09 137.68
N ILE D 254 42.15 -114.18 137.62
CA ILE D 254 42.31 -112.89 138.26
C ILE D 254 41.89 -112.92 139.73
N GLY D 255 41.10 -113.90 140.14
CA GLY D 255 40.59 -114.00 141.50
C GLY D 255 39.35 -113.17 141.74
N ARG D 256 39.26 -112.02 141.08
CA ARG D 256 38.13 -111.12 141.23
C ARG D 256 37.00 -111.53 140.27
N ARG D 257 35.89 -110.80 140.36
CA ARG D 257 34.81 -110.88 139.40
C ARG D 257 34.40 -109.47 139.01
N SER D 258 33.68 -109.36 137.90
CA SER D 258 33.31 -108.06 137.34
C SER D 258 32.65 -107.18 138.40
N ASN D 259 32.80 -105.86 138.24
CA ASN D 259 32.16 -104.88 139.12
C ASN D 259 31.17 -104.00 138.37
N LEU D 260 30.83 -104.36 137.13
CA LEU D 260 30.22 -103.41 136.22
C LEU D 260 29.35 -104.15 135.21
N VAL D 261 28.49 -103.40 134.54
CA VAL D 261 27.64 -103.92 133.47
C VAL D 261 27.41 -102.82 132.45
N GLY D 262 27.52 -103.16 131.17
CA GLY D 262 27.57 -102.18 130.11
C GLY D 262 26.46 -102.37 129.08
N ILE D 263 26.09 -101.26 128.43
CA ILE D 263 24.95 -101.24 127.52
C ILE D 263 25.26 -100.43 126.27
N ILE D 264 24.73 -100.90 125.14
CA ILE D 264 24.69 -100.18 123.87
C ILE D 264 23.26 -99.74 123.62
N THR D 265 23.07 -98.45 123.37
CA THR D 265 21.76 -97.90 123.06
C THR D 265 21.63 -97.68 121.54
N GLU D 266 20.64 -96.90 121.14
CA GLU D 266 20.63 -96.35 119.79
C GLU D 266 21.44 -95.07 119.70
N ASN D 267 21.82 -94.48 120.84
CA ASN D 267 22.49 -93.19 120.85
C ASN D 267 23.82 -93.18 121.57
N SER D 268 24.08 -94.15 122.44
CA SER D 268 25.22 -94.01 123.34
C SER D 268 25.75 -95.38 123.73
N PHE D 269 26.90 -95.35 124.40
CA PHE D 269 27.50 -96.55 124.96
C PHE D 269 27.94 -96.25 126.38
N GLN D 270 27.35 -96.93 127.37
CA GLN D 270 27.55 -96.57 128.77
C GLN D 270 28.01 -97.78 129.59
N ILE D 271 28.76 -97.50 130.66
CA ILE D 271 29.23 -98.54 131.56
C ILE D 271 28.82 -98.17 132.99
N PHE D 272 28.24 -99.12 133.71
CA PHE D 272 27.75 -98.85 135.06
C PHE D 272 28.55 -99.64 136.09
N ARG D 273 29.00 -98.96 137.16
CA ARG D 273 29.60 -99.64 138.29
C ARG D 273 28.52 -99.97 139.31
N ILE D 274 28.51 -101.20 139.78
CA ILE D 274 27.72 -101.58 140.95
C ILE D 274 28.65 -101.48 142.15
N GLU D 275 28.29 -100.65 143.12
CA GLU D 275 29.16 -100.38 144.25
C GLU D 275 28.42 -100.67 145.54
N SER D 276 28.83 -101.73 146.21
CA SER D 276 28.46 -102.00 147.60
C SER D 276 26.98 -102.29 147.80
N VAL D 277 26.48 -103.39 147.23
CA VAL D 277 25.17 -103.89 147.63
C VAL D 277 25.24 -104.26 149.10
N HIS D 278 24.10 -104.15 149.78
CA HIS D 278 24.06 -104.41 151.22
C HIS D 278 22.77 -105.12 151.61
N SER D 279 22.90 -106.08 152.53
CA SER D 279 21.82 -106.96 152.94
C SER D 279 20.83 -106.29 153.88
N ARG D 280 21.07 -105.03 154.27
CA ARG D 280 20.13 -104.31 155.12
C ARG D 280 18.71 -104.36 154.56
N SER D 281 18.59 -104.48 153.24
CA SER D 281 17.29 -104.51 152.59
C SER D 281 17.40 -104.93 151.12
N CYS D 282 18.57 -105.47 150.74
CA CYS D 282 18.83 -105.95 149.37
C CYS D 282 18.88 -104.81 148.36
N ASP D 283 19.58 -103.72 148.70
CA ASP D 283 19.73 -102.61 147.78
C ASP D 283 20.91 -102.83 146.85
N VAL D 284 20.79 -102.28 145.64
CA VAL D 284 21.83 -102.35 144.62
C VAL D 284 22.12 -100.95 144.11
N MET D 285 22.96 -100.19 144.80
CA MET D 285 23.23 -98.82 144.36
C MET D 285 24.31 -98.84 143.29
N VAL D 286 24.01 -98.21 142.14
CA VAL D 286 24.88 -98.21 140.97
C VAL D 286 25.24 -96.77 140.58
N SER D 287 26.33 -96.64 139.83
CA SER D 287 26.84 -95.36 139.39
C SER D 287 27.12 -95.40 137.88
N SER D 288 26.96 -94.24 137.24
CA SER D 288 26.87 -94.12 135.78
C SER D 288 28.21 -93.70 135.19
N SER D 289 29.06 -94.69 134.93
CA SER D 289 30.27 -94.48 134.14
C SER D 289 29.92 -93.97 132.75
N GLU D 290 30.37 -92.74 132.50
CA GLU D 290 29.67 -91.75 131.71
C GLU D 290 29.51 -92.17 130.25
N PRO D 291 28.39 -91.80 129.62
CA PRO D 291 28.17 -92.14 128.21
C PRO D 291 29.18 -91.46 127.29
N LEU D 292 29.24 -91.96 126.07
CA LEU D 292 29.86 -91.25 124.96
C LEU D 292 28.86 -91.43 123.82
N TYR D 293 28.02 -90.41 123.63
CA TYR D 293 26.91 -90.48 122.68
C TYR D 293 27.41 -91.04 121.36
N PHE D 294 28.25 -90.29 120.68
CA PHE D 294 28.83 -90.76 119.44
C PHE D 294 30.07 -89.93 119.15
N VAL D 295 31.03 -90.57 118.50
CA VAL D 295 32.12 -89.83 117.89
C VAL D 295 32.02 -89.83 116.37
N GLU D 296 31.35 -90.83 115.78
CA GLU D 296 31.40 -91.06 114.35
C GLU D 296 30.02 -91.12 113.70
N ILE D 297 28.96 -90.75 114.43
CA ILE D 297 27.60 -91.01 113.99
C ILE D 297 27.52 -92.43 113.45
N ASP D 298 27.86 -93.41 114.29
CA ASP D 298 27.78 -94.81 113.93
C ASP D 298 27.21 -95.62 115.09
N ASP D 299 26.24 -96.49 114.78
CA ASP D 299 25.77 -97.46 115.74
C ASP D 299 26.85 -98.50 115.96
N LEU D 300 26.89 -99.07 117.16
CA LEU D 300 27.91 -100.03 117.54
C LEU D 300 27.27 -101.39 117.76
N GLN D 301 27.83 -102.41 117.11
CA GLN D 301 27.29 -103.75 117.18
C GLN D 301 27.44 -104.35 118.57
N VAL D 302 28.68 -104.71 118.94
CA VAL D 302 28.93 -105.48 120.15
C VAL D 302 29.94 -104.75 121.02
N VAL D 303 29.77 -104.90 122.33
CA VAL D 303 30.71 -104.50 123.38
C VAL D 303 31.34 -105.77 123.94
N ASP D 304 32.64 -105.75 124.15
CA ASP D 304 33.27 -106.85 124.86
C ASP D 304 34.25 -106.30 125.89
N PHE D 305 34.39 -107.04 126.97
CA PHE D 305 35.25 -106.65 128.07
C PHE D 305 36.39 -107.66 128.25
N GLN D 314 40.79 -102.57 132.90
CA GLN D 314 39.60 -103.20 132.32
C GLN D 314 39.11 -102.52 131.02
N PHE D 315 38.77 -103.35 130.03
CA PHE D 315 38.85 -103.00 128.62
C PHE D 315 37.46 -102.90 127.98
N ALA D 316 37.01 -101.67 127.70
CA ALA D 316 35.78 -101.44 126.94
C ALA D 316 36.10 -101.48 125.45
N ILE D 317 35.72 -102.57 124.79
CA ILE D 317 35.95 -102.77 123.36
C ILE D 317 34.64 -102.59 122.62
N ILE D 318 34.66 -101.77 121.57
CA ILE D 318 33.46 -101.52 120.79
C ILE D 318 33.67 -101.96 119.35
N ASP D 319 32.58 -102.39 118.72
CA ASP D 319 32.52 -102.61 117.27
C ASP D 319 31.35 -101.83 116.70
N ILE D 320 31.64 -100.94 115.72
CA ILE D 320 30.64 -100.35 114.85
C ILE D 320 30.82 -100.98 113.48
N LYS D 321 29.76 -100.97 112.67
CA LYS D 321 29.73 -101.65 111.38
C LYS D 321 30.99 -101.54 110.53
N GLY D 322 31.97 -102.42 110.79
CA GLY D 322 33.18 -102.54 110.00
C GLY D 322 34.44 -102.24 110.77
N ASN D 323 34.37 -101.42 111.81
CA ASN D 323 35.55 -100.85 112.43
C ASN D 323 35.42 -100.87 113.95
N TRP D 324 36.54 -101.15 114.62
CA TRP D 324 36.54 -101.47 116.04
C TRP D 324 37.51 -100.58 116.78
N SER D 325 37.39 -100.60 118.11
CA SER D 325 38.23 -99.78 118.98
C SER D 325 38.39 -100.43 120.35
N ILE D 326 39.64 -100.50 120.83
CA ILE D 326 39.95 -100.91 122.21
C ILE D 326 40.01 -99.67 123.07
N GLY D 327 39.38 -99.74 124.25
CA GLY D 327 39.26 -98.58 125.11
C GLY D 327 39.28 -99.00 126.56
N ARG D 328 39.29 -98.01 127.45
CA ARG D 328 39.41 -98.23 128.89
C ARG D 328 38.36 -97.42 129.64
N ILE D 329 38.02 -97.91 130.83
CA ILE D 329 36.95 -97.33 131.65
C ILE D 329 37.57 -96.52 132.78
N PRO D 330 36.98 -95.38 133.16
CA PRO D 330 37.55 -94.60 134.27
C PRO D 330 37.38 -95.30 135.60
N LYS D 331 38.18 -94.88 136.57
CA LYS D 331 38.05 -95.40 137.91
C LYS D 331 37.08 -94.56 138.74
N ASN D 332 36.16 -95.27 139.41
CA ASN D 332 34.96 -94.79 140.09
C ASN D 332 34.34 -93.46 139.63
N PHE D 333 34.95 -92.32 139.94
CA PHE D 333 34.16 -91.09 140.03
C PHE D 333 34.70 -89.91 139.26
N ASN D 334 33.87 -89.42 138.34
CA ASN D 334 33.61 -87.98 138.18
C ASN D 334 34.79 -87.22 137.59
N ASN D 335 35.26 -87.63 136.41
CA ASN D 335 36.30 -86.86 135.74
C ASN D 335 35.73 -85.50 135.33
N GLN D 342 35.20 -89.37 129.16
CA GLN D 342 35.26 -90.24 130.34
C GLN D 342 36.04 -91.53 130.06
N LEU D 343 35.57 -92.33 129.11
CA LEU D 343 36.29 -93.50 128.64
C LEU D 343 37.02 -93.15 127.36
N ILE D 344 38.26 -93.64 127.22
CA ILE D 344 39.15 -93.22 126.14
C ILE D 344 39.60 -94.45 125.35
N ASP D 345 40.31 -94.21 124.24
CA ASP D 345 40.85 -95.28 123.39
C ASP D 345 42.12 -94.78 122.71
N ASN D 346 42.87 -95.69 122.08
CA ASN D 346 44.05 -95.30 121.29
C ASN D 346 44.47 -96.35 120.26
N LEU D 347 43.96 -97.57 120.41
CA LEU D 347 44.17 -98.65 119.47
C LEU D 347 42.86 -98.89 118.74
N HIS D 348 42.90 -98.90 117.42
CA HIS D 348 41.69 -98.93 116.61
C HIS D 348 41.93 -99.76 115.35
N GLY D 349 40.86 -100.05 114.64
CA GLY D 349 41.01 -100.84 113.43
C GLY D 349 39.72 -100.91 112.67
N THR D 350 39.71 -101.76 111.65
CA THR D 350 38.51 -101.95 110.85
C THR D 350 38.56 -103.28 110.12
N ILE D 351 37.38 -103.88 109.95
CA ILE D 351 37.22 -105.11 109.20
C ILE D 351 36.23 -104.91 108.04
N PHE D 352 36.05 -103.65 107.63
CA PHE D 352 34.99 -103.29 106.69
C PHE D 352 35.04 -104.14 105.42
N ASP D 353 33.87 -104.41 104.88
CA ASP D 353 33.74 -105.33 103.75
C ASP D 353 32.54 -104.90 102.93
N PRO D 354 32.75 -104.08 101.91
CA PRO D 354 31.61 -103.46 101.21
C PRO D 354 30.52 -104.44 100.80
N GLU D 355 30.89 -105.68 100.45
CA GLU D 355 29.96 -106.62 99.87
C GLU D 355 29.25 -107.48 100.91
N GLU D 356 29.28 -107.09 102.19
CA GLU D 356 28.42 -107.72 103.18
C GLU D 356 27.44 -106.67 103.69
N LEU D 357 26.16 -106.84 103.33
CA LEU D 357 25.15 -105.82 103.58
C LEU D 357 24.59 -105.88 104.99
N SER D 358 24.52 -107.06 105.62
CA SER D 358 23.93 -107.19 106.95
C SER D 358 24.74 -106.43 107.98
N SER D 359 24.05 -105.75 108.90
CA SER D 359 24.74 -104.81 109.76
C SER D 359 25.53 -105.46 110.88
N TRP D 360 25.20 -106.68 111.31
CA TRP D 360 25.83 -107.20 112.52
C TRP D 360 27.25 -107.63 112.26
N LYS D 361 28.14 -107.14 113.13
CA LYS D 361 29.50 -107.61 113.37
C LYS D 361 29.58 -108.00 114.85
N ARG D 362 30.72 -108.51 115.29
CA ARG D 362 30.79 -108.98 116.67
C ARG D 362 32.23 -109.08 117.16
N ILE D 363 32.52 -108.53 118.35
CA ILE D 363 33.84 -108.62 118.97
C ILE D 363 33.75 -109.39 120.28
N GLU D 364 34.50 -110.49 120.37
CA GLU D 364 34.70 -111.19 121.63
C GLU D 364 36.09 -111.78 121.56
N TRP D 365 36.87 -111.64 122.64
CA TRP D 365 38.24 -112.08 122.47
C TRP D 365 38.40 -113.51 122.94
N PHE D 366 39.65 -113.93 123.14
CA PHE D 366 40.02 -115.31 122.92
C PHE D 366 41.28 -115.60 123.72
N SER D 367 41.26 -116.66 124.52
CA SER D 367 42.32 -117.12 125.41
C SER D 367 42.57 -116.20 126.60
N HIS D 368 41.90 -115.04 126.70
CA HIS D 368 42.32 -113.97 127.63
C HIS D 368 43.75 -113.50 127.33
N PHE D 369 44.31 -113.97 126.22
CA PHE D 369 45.67 -113.66 125.80
C PHE D 369 45.85 -112.18 125.45
N GLN D 370 44.84 -111.33 125.67
CA GLN D 370 44.89 -109.96 125.16
C GLN D 370 44.98 -109.97 123.62
N LYS D 371 44.10 -110.78 123.01
CA LYS D 371 43.91 -110.95 121.57
C LYS D 371 42.43 -111.18 121.29
N ILE D 372 41.89 -110.53 120.24
CA ILE D 372 40.44 -110.45 120.04
C ILE D 372 39.98 -111.21 118.81
N LEU D 373 38.66 -111.46 118.77
CA LEU D 373 37.94 -112.01 117.63
C LEU D 373 36.91 -111.01 117.13
N VAL D 374 36.89 -110.80 115.81
CA VAL D 374 35.94 -109.90 115.16
C VAL D 374 35.26 -110.62 114.00
N PHE D 375 33.94 -110.45 113.88
CA PHE D 375 33.04 -111.31 113.11
C PHE D 375 32.14 -110.47 112.22
N ASP D 376 31.89 -110.94 111.01
CA ASP D 376 30.64 -110.57 110.35
C ASP D 376 30.11 -111.82 109.66
N ARG D 377 28.88 -111.75 109.14
CA ARG D 377 28.22 -112.93 108.60
C ARG D 377 28.98 -113.50 107.41
N SER D 378 30.08 -112.85 107.02
CA SER D 378 30.97 -113.34 105.98
C SER D 378 32.17 -114.11 106.52
N LYS D 379 32.76 -113.69 107.64
CA LYS D 379 34.03 -114.31 108.04
C LYS D 379 34.37 -114.02 109.50
N MET D 380 35.44 -114.72 109.93
CA MET D 380 35.98 -114.67 111.29
C MET D 380 37.44 -114.26 111.21
N ILE D 381 37.75 -113.14 111.83
CA ILE D 381 39.07 -112.52 111.79
C ILE D 381 39.60 -112.46 113.21
N GLU D 382 40.79 -113.03 113.42
CA GLU D 382 41.52 -112.86 114.68
C GLU D 382 42.42 -111.65 114.57
N ILE D 383 42.57 -110.93 115.68
CA ILE D 383 43.41 -109.74 115.70
C ILE D 383 44.22 -109.75 116.99
N ASP D 384 45.51 -110.03 116.89
CA ASP D 384 46.41 -109.85 118.02
C ASP D 384 46.74 -108.37 118.07
N PHE D 385 46.20 -107.69 119.08
CA PHE D 385 45.99 -106.26 119.03
C PHE D 385 46.95 -105.48 119.90
N MET D 386 47.81 -106.15 120.67
CA MET D 386 48.90 -105.43 121.30
C MET D 386 50.22 -105.62 120.58
N ASN D 387 50.29 -106.54 119.62
CA ASN D 387 51.27 -106.43 118.54
C ASN D 387 50.50 -105.85 117.35
N ASN D 388 50.86 -106.25 116.15
CA ASN D 388 50.04 -105.96 114.97
C ASN D 388 49.77 -107.28 114.28
N TRP D 389 48.52 -107.75 114.32
CA TRP D 389 48.30 -109.08 113.79
C TRP D 389 46.84 -109.28 113.41
N GLN D 390 46.63 -109.94 112.27
CA GLN D 390 45.30 -110.07 111.65
C GLN D 390 45.24 -111.34 110.81
N THR D 391 44.18 -112.14 110.98
CA THR D 391 44.04 -113.38 110.22
C THR D 391 42.58 -113.69 109.90
N GLU D 392 42.34 -114.12 108.67
CA GLU D 392 41.05 -114.61 108.22
C GLU D 392 41.09 -116.14 108.28
N VAL D 393 40.33 -116.71 109.25
CA VAL D 393 40.44 -118.13 109.57
C VAL D 393 39.52 -118.98 108.66
N VAL D 394 39.94 -120.24 108.45
CA VAL D 394 40.13 -120.81 107.10
C VAL D 394 38.90 -120.73 106.17
N GLN D 395 37.68 -120.80 106.69
CA GLN D 395 36.64 -120.64 105.69
C GLN D 395 36.28 -119.16 105.54
N ALA D 396 35.43 -118.87 104.56
CA ALA D 396 34.99 -117.51 104.36
C ALA D 396 33.46 -117.43 104.20
N LYS D 397 32.98 -117.22 102.99
CA LYS D 397 31.61 -116.84 102.73
C LYS D 397 31.12 -117.52 101.45
N ALA D 398 31.22 -118.84 101.40
CA ALA D 398 30.89 -119.59 100.19
C ALA D 398 29.57 -120.34 100.27
N TRP D 399 29.33 -121.05 101.39
CA TRP D 399 28.15 -121.89 101.54
C TRP D 399 27.36 -121.64 102.81
N SER D 400 27.86 -120.82 103.74
CA SER D 400 27.16 -120.61 104.99
C SER D 400 27.57 -119.27 105.55
N ASN D 401 26.74 -118.74 106.43
CA ASN D 401 27.00 -117.49 107.13
C ASN D 401 27.38 -117.80 108.56
N ILE D 402 28.40 -117.10 109.06
CA ILE D 402 28.52 -116.99 110.50
C ILE D 402 27.18 -116.57 111.03
N ARG D 403 26.67 -117.28 112.03
CA ARG D 403 25.35 -117.04 112.54
C ARG D 403 25.37 -116.50 113.96
N ASP D 404 26.21 -117.05 114.84
CA ASP D 404 26.51 -116.41 116.11
C ASP D 404 27.85 -116.95 116.61
N TYR D 405 28.34 -116.31 117.66
CA TYR D 405 29.50 -116.80 118.38
C TYR D 405 29.40 -116.28 119.80
N LYS D 406 29.69 -117.17 120.75
CA LYS D 406 29.76 -116.87 122.16
C LYS D 406 30.89 -117.71 122.75
N ARG D 407 31.66 -117.11 123.66
CA ARG D 407 32.83 -117.77 124.23
C ARG D 407 32.39 -118.76 125.31
N ILE D 408 32.49 -120.07 125.00
CA ILE D 408 32.09 -121.06 125.99
C ILE D 408 32.96 -120.86 127.23
N ASP D 409 32.29 -120.70 128.37
CA ASP D 409 32.73 -119.73 129.36
C ASP D 409 34.21 -119.83 129.67
N ASP D 410 34.76 -121.06 129.70
CA ASP D 410 36.17 -121.22 129.98
C ASP D 410 37.01 -120.54 128.92
N LYS D 411 37.83 -119.58 129.36
CA LYS D 411 38.75 -118.76 128.57
C LYS D 411 39.10 -119.36 127.22
N ASN D 412 39.85 -120.46 127.22
CA ASN D 412 40.29 -121.07 125.97
C ASN D 412 39.21 -121.89 125.28
N GLY D 413 38.02 -121.32 125.09
CA GLY D 413 36.90 -122.08 124.57
C GLY D 413 35.87 -121.26 123.82
N ILE D 414 35.45 -121.74 122.64
CA ILE D 414 34.84 -120.95 121.57
C ILE D 414 33.66 -121.70 120.97
N LEU D 415 32.47 -121.12 121.03
CA LEU D 415 31.29 -121.77 120.49
C LEU D 415 30.68 -120.88 119.41
N LEU D 416 30.63 -121.39 118.17
CA LEU D 416 30.24 -120.61 117.00
C LEU D 416 29.15 -121.35 116.24
N THR D 417 27.97 -120.72 116.06
CA THR D 417 26.93 -121.23 115.17
C THR D 417 27.22 -120.71 113.77
N SER D 418 27.47 -121.62 112.84
CA SER D 418 27.37 -121.25 111.44
C SER D 418 25.92 -121.50 111.02
N ARG D 419 25.66 -121.56 109.72
CA ARG D 419 24.49 -122.29 109.26
C ARG D 419 24.87 -123.75 109.14
N GLU D 420 24.03 -124.62 109.69
CA GLU D 420 24.23 -126.06 109.65
C GLU D 420 25.65 -126.47 110.06
N ILE D 421 26.05 -126.01 111.24
CA ILE D 421 27.27 -126.48 111.91
C ILE D 421 27.37 -125.81 113.28
N ILE D 422 27.53 -126.62 114.33
CA ILE D 422 27.99 -126.15 115.63
C ILE D 422 29.51 -126.29 115.65
N ILE D 423 30.21 -125.18 115.78
CA ILE D 423 31.68 -125.14 115.72
C ILE D 423 32.22 -124.95 117.13
N VAL D 424 33.07 -125.87 117.55
CA VAL D 424 33.79 -125.74 118.81
C VAL D 424 35.21 -125.29 118.51
N GLY D 425 35.42 -124.00 118.24
CA GLY D 425 36.76 -123.48 118.26
C GLY D 425 37.23 -123.39 119.69
N ALA D 426 38.55 -123.35 119.88
CA ALA D 426 39.20 -123.30 121.19
C ALA D 426 40.64 -123.76 121.04
N SER D 427 41.57 -123.14 121.74
CA SER D 427 42.96 -123.44 121.47
C SER D 427 43.36 -124.82 122.01
N GLU D 428 44.14 -125.54 121.20
CA GLU D 428 45.06 -126.56 121.68
C GLU D 428 46.48 -126.16 121.30
N SER D 429 46.76 -124.86 121.45
CA SER D 429 48.10 -124.31 121.53
C SER D 429 47.97 -122.98 122.24
N ASN D 430 49.03 -122.59 122.96
CA ASN D 430 48.98 -121.34 123.72
C ASN D 430 48.61 -120.17 122.82
N ASP D 431 49.20 -120.12 121.63
CA ASP D 431 48.80 -119.15 120.64
C ASP D 431 47.36 -119.43 120.20
N PRO D 432 46.68 -118.43 119.65
CA PRO D 432 45.28 -118.63 119.23
C PRO D 432 45.18 -119.67 118.14
N VAL D 433 43.93 -120.03 117.80
CA VAL D 433 43.67 -121.31 117.15
C VAL D 433 42.55 -121.18 116.12
N ARG D 434 42.44 -122.26 115.32
CA ARG D 434 41.15 -122.80 114.92
C ARG D 434 41.03 -124.24 115.44
N ARG D 435 39.79 -124.71 115.61
CA ARG D 435 39.50 -126.12 115.79
C ARG D 435 38.73 -126.63 114.58
N ILE D 436 39.28 -127.66 113.94
CA ILE D 436 38.57 -128.49 112.98
C ILE D 436 38.44 -129.92 113.49
N SER D 437 38.72 -130.13 114.77
CA SER D 437 38.12 -131.19 115.57
C SER D 437 36.65 -131.27 115.21
N TRP D 438 36.23 -132.33 114.52
CA TRP D 438 34.95 -132.35 113.81
C TRP D 438 33.74 -131.89 114.65
N LYS D 439 32.64 -131.55 114.00
CA LYS D 439 31.54 -130.83 114.62
C LYS D 439 30.19 -131.38 114.13
N HIS D 440 29.10 -130.91 114.71
CA HIS D 440 27.75 -131.34 114.34
C HIS D 440 27.07 -130.25 113.49
N ASP D 441 25.95 -130.62 112.84
CA ASP D 441 25.28 -129.69 111.95
C ASP D 441 23.75 -129.72 112.12
N LEU D 442 23.13 -128.54 111.90
CA LEU D 442 21.79 -128.20 112.37
C LEU D 442 21.05 -127.47 111.26
N ASP D 443 19.74 -127.74 111.07
CA ASP D 443 19.39 -127.73 109.65
C ASP D 443 18.40 -126.64 109.16
N PRO D 444 18.77 -125.31 109.04
CA PRO D 444 17.88 -124.35 108.34
C PRO D 444 18.48 -123.26 107.42
N ASP D 445 17.60 -122.35 107.01
CA ASP D 445 17.93 -121.17 106.20
C ASP D 445 17.67 -119.86 106.95
N ASP D 446 16.78 -119.91 107.94
CA ASP D 446 16.64 -118.98 109.06
C ASP D 446 17.91 -118.16 109.32
N THR D 447 17.77 -116.83 109.30
CA THR D 447 18.88 -115.94 109.63
C THR D 447 19.00 -115.68 111.12
N THR D 448 17.97 -116.02 111.89
CA THR D 448 17.72 -115.47 113.21
C THR D 448 18.25 -116.36 114.34
N LEU D 449 18.95 -117.43 114.00
CA LEU D 449 19.53 -118.34 114.97
C LEU D 449 20.54 -117.66 115.89
N ARG D 450 20.49 -117.99 117.16
CA ARG D 450 21.47 -117.59 118.15
C ARG D 450 21.87 -118.82 118.96
N ILE D 451 22.86 -118.66 119.83
CA ILE D 451 23.38 -119.80 120.60
C ILE D 451 23.81 -119.35 121.99
N THR D 452 23.80 -120.32 122.92
CA THR D 452 24.40 -120.19 124.24
C THR D 452 24.81 -121.58 124.71
N VAL D 453 25.81 -121.63 125.61
CA VAL D 453 26.26 -122.89 126.20
C VAL D 453 26.09 -122.82 127.71
N GLN D 454 25.78 -123.97 128.32
CA GLN D 454 25.98 -124.20 129.74
C GLN D 454 27.03 -125.28 129.91
N LYS D 455 27.72 -125.23 131.04
CA LYS D 455 28.93 -126.04 131.27
C LYS D 455 28.75 -126.80 132.57
N VAL D 456 28.65 -128.13 132.48
CA VAL D 456 28.50 -128.95 133.67
C VAL D 456 29.76 -129.77 133.90
N LYS D 457 30.08 -129.96 135.18
CA LYS D 457 31.31 -130.60 135.61
C LYS D 457 31.00 -132.00 136.12
N LYS D 458 31.88 -132.93 135.81
CA LYS D 458 31.75 -134.31 136.27
C LYS D 458 33.16 -134.88 136.41
N PRO D 459 33.31 -136.03 137.04
CA PRO D 459 34.67 -136.56 137.28
C PRO D 459 35.44 -136.93 136.02
N ASP D 460 34.83 -137.73 135.14
CA ASP D 460 35.51 -138.28 133.97
C ASP D 460 35.41 -137.40 132.73
N HIS D 461 34.66 -136.31 132.78
CA HIS D 461 34.50 -135.45 131.61
C HIS D 461 34.08 -134.07 132.09
N ILE D 462 34.02 -133.13 131.12
CA ILE D 462 33.62 -131.74 131.37
C ILE D 462 32.73 -131.28 130.22
N LEU D 463 31.41 -131.40 130.38
CA LEU D 463 30.53 -131.41 129.20
C LEU D 463 29.68 -130.14 129.01
N LEU D 464 29.50 -129.75 127.76
CA LEU D 464 28.92 -128.48 127.36
C LEU D 464 27.64 -128.70 126.58
N VAL D 465 26.57 -128.01 126.98
CA VAL D 465 25.28 -128.10 126.30
C VAL D 465 25.08 -126.84 125.47
N ALA D 466 24.76 -127.06 124.19
CA ALA D 466 24.65 -126.03 123.16
C ALA D 466 23.17 -125.86 122.83
N PHE D 467 22.63 -124.70 123.20
CA PHE D 467 21.27 -124.30 122.88
C PHE D 467 21.31 -123.36 121.69
N VAL D 468 20.81 -123.81 120.55
CA VAL D 468 20.60 -122.95 119.39
C VAL D 468 19.09 -122.68 119.28
N TYR D 469 18.73 -121.38 119.35
CA TYR D 469 17.33 -120.95 119.39
C TYR D 469 17.06 -119.93 118.29
N SER D 470 15.78 -119.65 118.08
CA SER D 470 15.38 -118.85 116.92
C SER D 470 14.41 -117.76 117.36
N MET D 471 14.07 -116.90 116.39
CA MET D 471 13.06 -115.86 116.54
C MET D 471 11.79 -116.19 115.77
N ARG D 472 11.78 -117.33 115.08
CA ARG D 472 10.63 -117.75 114.29
C ARG D 472 9.74 -118.77 115.01
N HIS D 473 10.33 -119.75 115.69
CA HIS D 473 9.57 -120.79 116.38
C HIS D 473 10.17 -121.03 117.75
N LYS D 474 9.31 -121.31 118.73
CA LYS D 474 9.66 -121.42 120.14
C LYS D 474 10.40 -122.71 120.47
N ARG D 475 10.84 -123.44 119.45
CA ARG D 475 11.61 -124.65 119.65
C ARG D 475 13.07 -124.34 119.98
N ILE D 476 13.67 -125.18 120.84
CA ILE D 476 15.08 -125.07 121.23
C ILE D 476 15.80 -126.31 120.71
N TYR D 477 16.96 -126.10 120.08
CA TYR D 477 17.70 -127.20 119.45
C TYR D 477 19.01 -127.40 120.18
N MET D 478 19.17 -128.58 120.76
CA MET D 478 20.23 -128.86 121.72
C MET D 478 21.16 -129.97 121.25
N HIS D 479 22.46 -129.71 121.42
CA HIS D 479 23.50 -130.70 121.23
C HIS D 479 24.43 -130.64 122.44
N VAL D 480 25.21 -131.71 122.65
CA VAL D 480 26.05 -131.85 123.84
C VAL D 480 27.45 -132.31 123.44
N PHE D 481 28.46 -131.68 124.03
CA PHE D 481 29.85 -132.06 123.80
C PHE D 481 30.49 -132.35 125.15
N SER D 482 31.72 -132.86 125.11
CA SER D 482 32.40 -133.31 126.31
C SER D 482 33.89 -132.99 126.22
N HIS D 483 34.46 -132.56 127.34
CA HIS D 483 35.87 -132.16 127.45
C HIS D 483 36.53 -133.09 128.46
N ARG D 484 37.02 -134.23 127.97
CA ARG D 484 37.96 -135.06 128.72
C ARG D 484 39.33 -134.48 128.46
N LYS D 485 39.86 -133.72 129.42
CA LYS D 485 41.02 -132.89 129.08
C LYS D 485 42.27 -133.72 128.79
N ALA D 486 42.19 -134.56 127.77
CA ALA D 486 43.25 -134.72 126.79
C ALA D 486 43.02 -133.78 125.61
N ASN D 487 42.30 -132.68 125.86
CA ASN D 487 41.56 -131.94 124.84
C ASN D 487 40.80 -132.90 123.94
N LEU D 488 40.03 -133.79 124.58
CA LEU D 488 39.19 -134.77 123.91
C LEU D 488 37.79 -134.20 123.76
N PHE D 489 37.26 -134.22 122.53
CA PHE D 489 35.91 -133.76 122.23
C PHE D 489 35.17 -134.84 121.44
N GLN D 490 33.98 -135.24 121.92
CA GLN D 490 33.12 -136.15 121.17
C GLN D 490 31.68 -135.66 121.29
N SER D 491 30.81 -136.22 120.42
CA SER D 491 29.40 -135.84 120.29
C SER D 491 28.55 -137.11 120.32
N LEU D 492 27.29 -136.98 120.72
CA LEU D 492 26.52 -138.18 121.07
C LEU D 492 25.22 -138.36 120.30
N GLY D 493 24.52 -137.29 119.97
CA GLY D 493 23.21 -137.39 119.34
C GLY D 493 22.41 -136.16 119.71
N CYS D 494 21.42 -135.86 118.89
CA CYS D 494 20.72 -134.59 118.92
C CYS D 494 19.42 -134.66 119.72
N SER D 495 18.93 -133.49 120.17
CA SER D 495 17.59 -133.47 120.76
C SER D 495 17.01 -132.06 120.69
N THR D 496 15.69 -131.98 120.58
CA THR D 496 14.98 -130.70 120.44
C THR D 496 13.70 -130.66 121.27
N VAL D 497 13.42 -129.50 121.88
CA VAL D 497 12.21 -129.31 122.67
C VAL D 497 11.43 -128.13 122.12
N LEU D 498 10.16 -128.03 122.52
CA LEU D 498 9.27 -126.94 122.14
C LEU D 498 9.02 -126.02 123.33
N GLU D 499 8.26 -124.95 123.09
CA GLU D 499 7.55 -124.24 124.14
C GLU D 499 6.17 -123.83 123.62
N ILE D 500 5.65 -122.67 124.02
CA ILE D 500 4.20 -122.47 124.02
C ILE D 500 3.77 -121.36 123.03
N PRO D 501 2.48 -120.83 123.04
CA PRO D 501 1.76 -120.59 121.77
C PRO D 501 2.44 -119.75 120.68
N GLY D 502 2.06 -118.47 120.53
CA GLY D 502 2.57 -117.62 119.47
C GLY D 502 3.63 -116.67 120.01
N GLY D 503 4.72 -116.51 119.24
CA GLY D 503 5.92 -115.83 119.67
C GLY D 503 7.12 -116.73 119.51
N THR D 504 8.29 -116.28 120.06
CA THR D 504 9.54 -117.06 119.97
C THR D 504 10.68 -116.45 120.80
N PRO D 505 11.67 -117.24 121.27
CA PRO D 505 12.76 -116.68 122.10
C PRO D 505 13.45 -115.43 121.57
N THR D 506 13.45 -114.37 122.39
CA THR D 506 14.38 -113.26 122.21
C THR D 506 15.62 -113.37 123.11
N GLY D 507 15.56 -114.14 124.19
CA GLY D 507 16.76 -114.42 124.96
C GLY D 507 16.73 -115.82 125.57
N ILE D 508 17.73 -116.65 125.29
CA ILE D 508 17.98 -117.88 126.05
C ILE D 508 19.31 -117.70 126.77
N GLU D 509 19.32 -117.87 128.09
CA GLU D 509 20.52 -117.56 128.85
C GLU D 509 20.76 -118.59 129.93
N THR D 510 21.87 -119.32 129.82
CA THR D 510 22.27 -120.31 130.80
C THR D 510 23.03 -119.66 131.94
N ILE D 511 23.17 -120.41 133.05
CA ILE D 511 23.95 -119.95 134.19
C ILE D 511 24.89 -121.07 134.68
N PHE D 531 24.21 -140.37 136.76
CA PHE D 531 24.00 -140.70 135.35
C PHE D 531 22.87 -139.88 134.72
N GLU D 532 22.85 -138.58 135.00
CA GLU D 532 21.80 -137.69 134.49
C GLU D 532 22.37 -136.28 134.33
N LEU D 533 21.57 -135.40 133.70
CA LEU D 533 21.96 -134.02 133.41
C LEU D 533 20.89 -133.05 133.86
N VAL D 534 21.31 -132.02 134.61
CA VAL D 534 20.46 -130.87 134.95
C VAL D 534 21.08 -129.64 134.32
N VAL D 535 20.30 -128.95 133.49
CA VAL D 535 20.76 -127.71 132.88
C VAL D 535 19.63 -126.69 132.96
N ASP D 536 19.95 -125.49 133.45
CA ASP D 536 18.93 -124.52 133.83
C ASP D 536 19.26 -123.15 133.25
N PHE D 537 18.22 -122.38 132.92
CA PHE D 537 18.41 -121.13 132.19
C PHE D 537 17.17 -120.26 132.33
N LEU D 538 17.19 -119.10 131.68
CA LEU D 538 16.00 -118.28 131.57
C LEU D 538 15.70 -118.00 130.11
N VAL D 539 14.42 -117.84 129.79
CA VAL D 539 14.01 -117.43 128.46
C VAL D 539 13.12 -116.19 128.55
N LYS D 540 13.24 -115.36 127.53
CA LYS D 540 12.36 -114.23 127.29
C LYS D 540 11.88 -114.39 125.86
N LEU D 541 10.57 -114.28 125.68
CA LEU D 541 9.93 -114.51 124.39
C LEU D 541 9.68 -113.20 123.66
N ARG D 542 9.68 -113.29 122.33
CA ARG D 542 9.20 -112.20 121.49
C ARG D 542 7.95 -111.59 122.10
N ASN D 543 8.00 -110.29 122.34
CA ASN D 543 6.82 -109.50 122.72
C ASN D 543 6.07 -110.17 123.89
N SER D 544 6.80 -110.37 124.97
CA SER D 544 6.20 -110.80 126.24
C SER D 544 7.14 -110.41 127.36
N SER D 545 6.72 -109.45 128.19
CA SER D 545 7.59 -108.87 129.20
C SER D 545 8.03 -109.85 130.29
N GLU D 546 7.57 -111.11 130.24
CA GLU D 546 7.90 -112.07 131.28
C GLU D 546 9.28 -112.68 131.06
N VAL D 547 9.87 -113.14 132.16
CA VAL D 547 11.17 -113.76 132.20
C VAL D 547 11.01 -115.07 132.97
N TYR D 548 11.15 -116.20 132.27
CA TYR D 548 10.79 -117.49 132.85
C TYR D 548 12.04 -118.32 133.11
N TYR D 549 12.19 -118.76 134.36
CA TYR D 549 13.22 -119.71 134.75
C TYR D 549 12.79 -121.11 134.37
N TYR D 550 13.70 -121.85 133.74
CA TYR D 550 13.50 -123.24 133.38
C TYR D 550 14.66 -124.07 133.91
N ALA D 551 14.35 -125.35 134.13
CA ALA D 551 15.33 -126.35 134.52
C ALA D 551 15.02 -127.62 133.73
N LEU D 552 16.06 -128.37 133.41
CA LEU D 552 15.91 -129.59 132.63
C LEU D 552 16.62 -130.75 133.32
N SER D 553 15.92 -131.88 133.41
CA SER D 553 16.40 -133.11 134.02
C SER D 553 16.30 -134.27 133.04
N ASN D 554 16.91 -135.39 133.42
CA ASN D 554 17.07 -136.53 132.53
C ASN D 554 15.95 -137.56 132.65
N THR D 555 15.67 -138.06 133.85
CA THR D 555 14.57 -139.03 133.97
C THR D 555 13.52 -138.56 134.96
N GLN D 556 12.77 -139.50 135.51
CA GLN D 556 11.54 -139.21 136.26
C GLN D 556 11.47 -140.04 137.54
N ASN D 557 12.56 -140.07 138.30
CA ASN D 557 12.60 -140.73 139.61
C ASN D 557 12.45 -139.67 140.68
N SER D 558 11.29 -139.64 141.33
CA SER D 558 11.04 -138.67 142.40
C SER D 558 9.94 -139.16 143.34
N ILE D 567 -4.53 -124.06 128.79
CA ILE D 567 -3.74 -122.85 128.93
C ILE D 567 -4.46 -121.85 129.84
N ILE D 568 -3.70 -121.24 130.76
CA ILE D 568 -4.21 -120.14 131.58
C ILE D 568 -4.49 -118.96 130.66
N VAL D 569 -5.60 -119.04 129.93
CA VAL D 569 -5.79 -118.16 128.77
C VAL D 569 -5.90 -116.72 129.23
N ASP D 570 -4.99 -115.90 128.76
CA ASP D 570 -5.20 -114.46 128.61
C ASP D 570 -4.79 -114.18 127.17
N HIS D 571 -5.66 -114.56 126.24
CA HIS D 571 -5.54 -114.10 124.87
C HIS D 571 -6.34 -112.81 124.77
N PRO D 572 -5.69 -111.65 124.93
CA PRO D 572 -6.44 -110.39 125.06
C PRO D 572 -7.33 -110.09 123.86
N GLU D 573 -7.15 -110.80 122.76
CA GLU D 573 -8.02 -110.61 121.61
C GLU D 573 -9.38 -111.25 121.83
N TRP D 574 -9.44 -112.38 122.55
CA TRP D 574 -10.70 -113.06 122.80
C TRP D 574 -11.37 -112.66 124.12
N ALA D 575 -10.59 -112.46 125.19
CA ALA D 575 -11.15 -111.97 126.44
C ALA D 575 -11.84 -110.62 126.23
N SER D 576 -11.22 -109.72 125.44
CA SER D 576 -11.91 -108.50 125.06
C SER D 576 -13.21 -108.77 124.33
N LEU D 577 -13.36 -109.99 123.81
CA LEU D 577 -14.58 -110.39 123.11
C LEU D 577 -15.57 -111.11 124.01
N PHE D 578 -15.16 -111.54 125.20
CA PHE D 578 -16.01 -112.35 126.05
C PHE D 578 -16.44 -111.67 127.35
N ASN D 579 -15.67 -110.69 127.84
CA ASN D 579 -15.86 -110.15 129.18
C ASN D 579 -16.58 -108.79 129.19
N ASN D 580 -17.36 -108.47 128.15
CA ASN D 580 -17.67 -107.08 127.82
C ASN D 580 -18.10 -106.26 129.04
N ALA D 581 -17.65 -105.00 129.05
CA ALA D 581 -17.41 -104.20 130.25
C ALA D 581 -18.62 -103.97 131.14
N ASP D 582 -19.43 -102.95 130.82
CA ASP D 582 -20.37 -102.35 131.76
C ASP D 582 -21.30 -103.34 132.44
N GLU D 583 -21.82 -102.97 133.60
CA GLU D 583 -22.67 -103.86 134.38
C GLU D 583 -23.97 -104.16 133.65
N ARG D 584 -24.53 -103.16 132.96
CA ARG D 584 -25.68 -103.43 132.12
C ARG D 584 -25.32 -104.31 130.92
N GLU D 585 -24.03 -104.44 130.61
CA GLU D 585 -23.55 -105.39 129.62
C GLU D 585 -23.17 -106.73 130.24
N LYS D 586 -23.32 -106.87 131.57
CA LYS D 586 -23.35 -108.16 132.23
C LYS D 586 -24.79 -108.66 132.38
N GLU D 587 -25.62 -107.86 133.05
CA GLU D 587 -27.03 -108.21 133.21
C GLU D 587 -27.79 -108.16 131.89
N SER D 588 -27.21 -107.54 130.86
CA SER D 588 -27.76 -107.68 129.51
C SER D 588 -27.63 -109.12 129.04
N ILE D 589 -26.39 -109.66 129.08
CA ILE D 589 -26.16 -111.04 128.69
C ILE D 589 -27.03 -111.98 129.53
N GLY D 590 -27.04 -111.76 130.85
CA GLY D 590 -27.87 -112.60 131.72
C GLY D 590 -29.34 -112.54 131.37
N ALA D 591 -29.83 -111.35 131.00
CA ALA D 591 -31.22 -111.21 130.57
C ALA D 591 -31.51 -112.09 129.36
N LEU D 592 -30.66 -112.00 128.33
CA LEU D 592 -30.86 -112.83 127.14
C LEU D 592 -30.81 -114.32 127.49
N VAL D 593 -29.87 -114.72 128.35
CA VAL D 593 -29.72 -116.11 128.76
C VAL D 593 -31.00 -116.61 129.43
N SER D 594 -31.60 -115.79 130.29
CA SER D 594 -32.85 -116.21 130.92
C SER D 594 -33.96 -116.32 129.90
N GLN D 595 -34.07 -115.34 129.00
CA GLN D 595 -35.05 -115.40 127.93
C GLN D 595 -35.00 -116.76 127.22
N ILE D 596 -33.82 -117.12 126.72
CA ILE D 596 -33.74 -118.39 125.99
C ILE D 596 -33.96 -119.58 126.92
N LYS D 597 -33.54 -119.49 128.19
CA LYS D 597 -33.64 -120.65 129.08
C LYS D 597 -35.10 -121.01 129.36
N LEU D 598 -35.90 -120.03 129.75
CA LEU D 598 -37.34 -120.28 129.89
C LEU D 598 -37.96 -120.70 128.57
N LYS D 599 -37.52 -120.09 127.45
CA LYS D 599 -38.01 -120.57 126.15
C LYS D 599 -37.76 -122.06 125.97
N GLU D 600 -36.58 -122.51 126.36
CA GLU D 600 -36.26 -123.93 126.24
C GLU D 600 -37.19 -124.77 127.11
N ARG D 601 -37.53 -124.25 128.29
CA ARG D 601 -38.56 -124.92 129.10
C ARG D 601 -39.87 -125.04 128.31
N GLU D 602 -40.25 -123.98 127.62
CA GLU D 602 -41.45 -124.03 126.77
C GLU D 602 -41.31 -125.13 125.73
N ARG D 603 -40.12 -125.29 125.14
CA ARG D 603 -39.93 -126.36 124.17
C ARG D 603 -40.16 -127.72 124.82
N ILE D 604 -39.57 -127.94 126.01
CA ILE D 604 -39.66 -129.25 126.66
C ILE D 604 -41.10 -129.59 127.00
N SER D 605 -41.73 -128.76 127.83
CA SER D 605 -43.13 -129.00 128.19
C SER D 605 -44.01 -129.13 126.95
N ARG D 606 -43.72 -128.33 125.93
CA ARG D 606 -44.50 -128.34 124.68
C ARG D 606 -44.44 -129.69 124.00
N VAL D 607 -43.25 -130.08 123.54
CA VAL D 607 -43.11 -131.32 122.78
C VAL D 607 -43.43 -132.56 123.59
N GLN D 608 -43.35 -132.48 124.93
CA GLN D 608 -43.58 -133.65 125.78
C GLN D 608 -44.83 -134.43 125.37
N ASN D 609 -45.99 -133.77 125.39
CA ASN D 609 -47.24 -134.47 125.05
C ASN D 609 -47.21 -134.98 123.61
N LEU D 610 -46.59 -134.22 122.71
CA LEU D 610 -46.42 -134.73 121.35
C LEU D 610 -45.66 -136.05 121.35
N ILE D 611 -44.76 -136.24 122.32
CA ILE D 611 -44.10 -137.53 122.45
C ILE D 611 -45.02 -138.54 123.11
N GLU D 612 -45.90 -138.09 124.02
CA GLU D 612 -46.90 -138.97 124.61
C GLU D 612 -47.75 -139.64 123.54
N HIS D 613 -48.05 -138.92 122.46
CA HIS D 613 -48.79 -139.49 121.33
C HIS D 613 -47.78 -139.92 120.27
N GLU D 614 -47.41 -141.19 120.29
CA GLU D 614 -46.72 -141.84 119.19
C GLU D 614 -47.56 -143.03 118.74
N ASN D 615 -47.55 -143.30 117.44
CA ASN D 615 -48.33 -144.37 116.84
C ASN D 615 -49.82 -144.31 117.21
N SER D 616 -50.24 -143.21 117.84
CA SER D 616 -51.65 -143.01 118.16
C SER D 616 -52.47 -142.79 116.90
N HIS D 617 -53.78 -143.02 117.02
CA HIS D 617 -54.66 -142.67 115.91
C HIS D 617 -54.71 -141.16 115.72
N ASP D 618 -54.44 -140.39 116.78
CA ASP D 618 -54.41 -138.94 116.63
C ASP D 618 -53.23 -138.50 115.77
N GLU D 619 -52.02 -139.01 116.07
CA GLU D 619 -50.87 -138.71 115.23
C GLU D 619 -51.01 -139.32 113.83
N ASP D 620 -51.81 -140.36 113.68
CA ASP D 620 -52.12 -140.85 112.33
C ASP D 620 -52.97 -139.84 111.57
N LYS D 621 -54.10 -139.41 112.15
CA LYS D 621 -54.91 -138.35 111.58
C LYS D 621 -54.03 -137.16 111.19
N TYR D 622 -53.13 -136.80 112.09
CA TYR D 622 -52.27 -135.63 111.85
C TYR D 622 -51.31 -135.88 110.69
N LEU D 623 -50.78 -137.09 110.57
CA LEU D 623 -49.87 -137.35 109.45
C LEU D 623 -50.63 -137.44 108.12
N GLN D 624 -51.89 -137.85 108.16
CA GLN D 624 -52.72 -137.83 106.96
C GLN D 624 -53.00 -136.40 106.52
N ASP D 625 -53.84 -135.70 107.29
CA ASP D 625 -54.25 -134.35 106.90
C ASP D 625 -53.05 -133.43 106.79
N LEU D 626 -51.98 -133.76 107.50
CA LEU D 626 -50.70 -133.10 107.28
C LEU D 626 -50.18 -133.38 105.88
N GLY D 627 -49.87 -134.65 105.60
CA GLY D 627 -49.23 -134.99 104.34
C GLY D 627 -49.98 -134.49 103.13
N TYR D 628 -51.30 -134.63 103.13
CA TYR D 628 -52.01 -134.24 101.92
C TYR D 628 -52.61 -132.84 101.98
N ARG D 629 -52.68 -132.23 103.17
CA ARG D 629 -52.83 -130.79 103.26
C ARG D 629 -51.64 -130.10 102.60
N LEU D 630 -50.44 -130.45 103.04
CA LEU D 630 -49.22 -130.00 102.37
C LEU D 630 -49.24 -130.34 100.89
N SER D 631 -49.83 -131.49 100.53
CA SER D 631 -49.94 -131.80 99.10
C SER D 631 -50.80 -130.78 98.37
N ILE D 632 -51.91 -130.35 98.98
CA ILE D 632 -52.77 -129.34 98.33
C ILE D 632 -52.00 -128.03 98.15
N ALA D 633 -51.34 -127.55 99.21
CA ALA D 633 -50.58 -126.30 99.09
C ALA D 633 -49.48 -126.43 98.04
N THR D 634 -48.83 -127.59 97.99
CA THR D 634 -47.79 -127.85 97.01
C THR D 634 -48.33 -127.77 95.59
N ASN D 635 -49.51 -128.33 95.37
CA ASN D 635 -50.12 -128.20 94.06
C ASN D 635 -50.40 -126.75 93.70
N GLU D 636 -50.98 -125.98 94.65
CA GLU D 636 -51.23 -124.56 94.41
C GLU D 636 -49.96 -123.84 93.98
N LEU D 637 -48.88 -124.04 94.71
CA LEU D 637 -47.62 -123.42 94.32
C LEU D 637 -47.12 -123.94 92.99
N LEU D 638 -47.53 -125.15 92.59
CA LEU D 638 -47.14 -125.64 91.27
C LEU D 638 -47.94 -124.97 90.16
N GLU D 639 -49.21 -124.63 90.42
CA GLU D 639 -50.00 -123.83 89.48
C GLU D 639 -49.40 -122.44 89.32
N SER D 640 -49.12 -121.76 90.43
CA SER D 640 -48.46 -120.47 90.34
C SER D 640 -47.02 -120.57 89.86
N TRP D 641 -46.49 -121.79 89.72
CA TRP D 641 -45.29 -122.01 88.92
C TRP D 641 -45.60 -122.23 87.45
N GLN D 642 -46.83 -122.65 87.13
CA GLN D 642 -47.21 -122.76 85.72
C GLN D 642 -47.43 -121.39 85.11
N LYS D 643 -48.04 -120.46 85.86
CA LYS D 643 -48.30 -119.14 85.31
C LYS D 643 -47.01 -118.40 84.97
N THR D 644 -46.00 -118.51 85.83
CA THR D 644 -44.70 -117.88 85.61
C THR D 644 -43.70 -118.81 84.94
N LYS D 645 -44.17 -119.91 84.34
CA LYS D 645 -43.26 -120.92 83.80
C LYS D 645 -42.37 -120.37 82.70
N ASP D 646 -42.92 -119.53 81.83
CA ASP D 646 -42.19 -119.07 80.66
C ASP D 646 -41.25 -117.92 80.94
N GLU D 647 -40.61 -117.92 82.12
CA GLU D 647 -39.66 -116.87 82.41
C GLU D 647 -38.41 -117.01 81.55
N SER D 648 -37.76 -118.18 81.61
CA SER D 648 -36.64 -118.52 80.75
C SER D 648 -35.48 -117.54 80.86
N ILE D 649 -35.51 -116.67 81.87
CA ILE D 649 -34.40 -115.76 82.14
C ILE D 649 -33.45 -116.36 83.17
N LEU D 650 -34.00 -117.05 84.17
CA LEU D 650 -33.29 -117.85 85.17
C LEU D 650 -33.76 -119.30 85.09
N SER D 651 -33.32 -120.13 86.04
CA SER D 651 -33.78 -121.51 86.14
C SER D 651 -33.98 -121.94 87.59
N GLY D 652 -34.07 -120.99 88.51
CA GLY D 652 -34.39 -121.30 89.89
C GLY D 652 -35.71 -120.69 90.30
N SER D 653 -36.73 -121.52 90.51
CA SER D 653 -38.03 -121.01 90.92
C SER D 653 -37.94 -120.30 92.27
N LEU D 654 -38.90 -119.40 92.49
CA LEU D 654 -38.85 -118.50 93.64
C LEU D 654 -39.22 -119.21 94.93
N SER D 655 -38.39 -119.01 95.96
CA SER D 655 -38.63 -119.49 97.32
C SER D 655 -39.14 -120.92 97.35
N HIS D 656 -38.55 -121.76 96.48
CA HIS D 656 -39.08 -123.08 96.20
C HIS D 656 -39.07 -124.00 97.43
N SER D 657 -37.94 -124.63 97.73
CA SER D 657 -37.86 -125.70 98.72
C SER D 657 -38.45 -125.31 100.05
N LYS D 658 -39.59 -125.90 100.42
CA LYS D 658 -40.19 -125.59 101.72
C LYS D 658 -41.24 -126.61 102.15
N LEU D 659 -41.74 -126.38 103.36
CA LEU D 659 -43.05 -126.82 103.80
C LEU D 659 -44.17 -126.12 103.04
N LYS D 660 -43.83 -125.06 102.30
CA LYS D 660 -44.76 -124.18 101.58
C LYS D 660 -45.84 -123.60 102.46
N ASN D 661 -45.55 -122.42 103.03
CA ASN D 661 -46.43 -121.58 103.84
C ASN D 661 -47.57 -122.32 104.52
N LEU D 662 -47.19 -123.30 105.34
CA LEU D 662 -48.03 -123.79 106.41
C LEU D 662 -47.01 -124.35 107.40
N LEU D 663 -46.79 -123.64 108.51
CA LEU D 663 -45.67 -123.96 109.39
C LEU D 663 -46.06 -124.77 110.62
N GLU D 664 -47.26 -124.54 111.17
CA GLU D 664 -47.67 -125.32 112.35
C GLU D 664 -47.75 -126.80 112.02
N ASN D 665 -47.96 -127.13 110.75
CA ASN D 665 -48.16 -128.51 110.35
C ASN D 665 -46.90 -129.35 110.50
N SER D 666 -45.73 -128.74 110.38
CA SER D 666 -44.49 -129.45 110.64
C SER D 666 -44.53 -130.06 112.03
N ASP D 667 -44.37 -129.22 113.05
CA ASP D 667 -43.92 -129.67 114.36
C ASP D 667 -44.74 -130.84 114.89
N SER D 668 -46.07 -130.71 114.92
CA SER D 668 -46.87 -131.37 115.95
C SER D 668 -46.71 -132.89 116.00
N PHE D 669 -46.23 -133.54 114.94
CA PHE D 669 -46.03 -134.97 115.04
C PHE D 669 -44.78 -135.26 115.88
N ALA D 670 -44.48 -136.54 116.10
CA ALA D 670 -43.32 -136.91 116.91
C ALA D 670 -42.89 -138.36 116.77
N SER D 671 -42.89 -138.89 115.55
CA SER D 671 -42.51 -140.28 115.30
C SER D 671 -41.72 -140.31 114.00
N ILE D 672 -40.40 -140.33 114.12
CA ILE D 672 -39.54 -140.24 112.93
C ILE D 672 -39.88 -141.28 111.86
N PRO D 673 -40.10 -142.57 112.18
CA PRO D 673 -40.27 -143.54 111.07
C PRO D 673 -41.56 -143.39 110.29
N GLU D 674 -42.67 -143.06 110.96
CA GLU D 674 -43.91 -142.81 110.24
C GLU D 674 -43.84 -141.52 109.44
N PHE D 675 -42.93 -140.62 109.83
CA PHE D 675 -42.73 -139.38 109.11
C PHE D 675 -41.84 -139.57 107.88
N SER D 676 -40.81 -140.40 108.00
CA SER D 676 -40.08 -140.86 106.83
C SER D 676 -40.99 -141.59 105.86
N SER D 677 -41.93 -142.39 106.37
CA SER D 677 -42.86 -143.06 105.47
C SER D 677 -43.82 -142.06 104.82
N LEU D 678 -44.23 -141.02 105.58
CA LEU D 678 -44.99 -139.93 104.98
C LEU D 678 -44.25 -139.36 103.78
N LEU D 679 -43.00 -138.97 103.96
CA LEU D 679 -42.23 -138.35 102.90
C LEU D 679 -42.01 -139.30 101.73
N ASP D 680 -41.76 -140.58 102.00
CA ASP D 680 -41.59 -141.51 100.90
C ASP D 680 -42.86 -141.63 100.07
N GLN D 681 -44.02 -141.57 100.73
CA GLN D 681 -45.28 -141.64 99.99
C GLN D 681 -45.70 -140.30 99.41
N PHE D 682 -45.09 -139.19 99.84
CA PHE D 682 -45.28 -137.89 99.21
C PHE D 682 -44.48 -137.79 97.92
N PHE D 683 -43.19 -138.12 97.99
CA PHE D 683 -42.39 -138.24 96.77
C PHE D 683 -43.04 -139.22 95.81
N GLN D 684 -43.52 -140.35 96.33
CA GLN D 684 -44.28 -141.26 95.50
C GLN D 684 -45.48 -140.56 94.87
N TYR D 685 -46.21 -139.75 95.65
CA TYR D 685 -47.45 -139.17 95.16
C TYR D 685 -47.22 -138.16 94.04
N TYR D 686 -46.19 -137.32 94.17
CA TYR D 686 -45.91 -136.33 93.15
C TYR D 686 -44.97 -136.85 92.07
N GLN D 687 -44.98 -138.16 91.81
CA GLN D 687 -44.19 -138.74 90.73
C GLN D 687 -44.67 -138.27 89.34
N ASP D 688 -45.87 -137.70 89.26
CA ASP D 688 -46.27 -136.94 88.08
C ASP D 688 -45.16 -135.95 87.75
N GLN D 689 -44.59 -136.10 86.57
CA GLN D 689 -43.24 -135.63 86.27
C GLN D 689 -43.15 -134.10 86.28
N ASP D 690 -41.98 -133.59 85.85
CA ASP D 690 -41.61 -132.17 85.96
C ASP D 690 -41.72 -131.72 87.42
N VAL D 691 -41.00 -132.45 88.29
CA VAL D 691 -40.93 -132.12 89.70
C VAL D 691 -39.59 -132.60 90.25
N THR D 692 -39.14 -131.96 91.31
CA THR D 692 -37.81 -132.20 91.83
C THR D 692 -37.68 -133.57 92.48
N PHE D 693 -36.47 -134.12 92.41
CA PHE D 693 -36.10 -135.35 93.09
C PHE D 693 -34.74 -135.17 93.73
N ILE D 694 -34.65 -135.43 95.04
CA ILE D 694 -33.39 -135.37 95.77
C ILE D 694 -33.39 -136.45 96.86
N GLY D 695 -32.42 -137.35 96.79
CA GLY D 695 -32.35 -138.47 97.72
C GLY D 695 -31.57 -138.16 98.98
N PHE D 696 -32.27 -138.13 100.11
CA PHE D 696 -31.68 -137.60 101.35
C PHE D 696 -30.50 -138.44 101.81
N GLU D 697 -30.69 -139.75 101.93
CA GLU D 697 -29.68 -140.68 102.47
C GLU D 697 -28.26 -140.34 102.01
N LYS D 698 -28.09 -140.22 100.69
CA LYS D 698 -26.79 -139.90 100.12
C LYS D 698 -26.24 -138.57 100.62
N LEU D 699 -27.09 -137.75 101.25
CA LEU D 699 -26.66 -136.48 101.81
C LEU D 699 -26.41 -136.53 103.31
N LEU D 700 -27.18 -137.34 104.06
CA LEU D 700 -26.84 -137.62 105.45
C LEU D 700 -25.45 -138.25 105.56
N HIS D 701 -25.04 -138.97 104.51
CA HIS D 701 -23.64 -139.32 104.29
C HIS D 701 -22.69 -138.19 104.71
N LEU D 702 -23.03 -136.93 104.41
CA LEU D 702 -22.21 -135.80 104.82
C LEU D 702 -22.34 -135.47 106.30
N PHE D 703 -23.42 -135.89 106.93
CA PHE D 703 -23.65 -135.53 108.33
C PHE D 703 -22.90 -136.48 109.26
N LEU D 704 -23.15 -137.79 109.14
CA LEU D 704 -22.58 -138.76 110.08
C LEU D 704 -21.32 -139.42 109.55
N HIS D 705 -20.97 -139.17 108.29
CA HIS D 705 -19.73 -139.62 107.67
C HIS D 705 -19.67 -141.13 107.48
N GLU D 706 -20.82 -141.78 107.42
CA GLU D 706 -20.92 -143.14 106.94
C GLU D 706 -22.24 -143.25 106.21
N ASP D 707 -22.41 -144.34 105.47
CA ASP D 707 -23.65 -144.48 104.72
C ASP D 707 -24.82 -144.48 105.69
N VAL D 708 -25.76 -143.58 105.47
CA VAL D 708 -26.95 -143.49 106.29
C VAL D 708 -28.13 -143.85 105.40
N PRO D 709 -28.41 -145.16 105.19
CA PRO D 709 -29.50 -145.57 104.29
C PRO D 709 -30.83 -144.97 104.65
N GLY D 710 -31.29 -145.20 105.87
CA GLY D 710 -32.59 -144.75 106.31
C GLY D 710 -32.55 -143.40 107.01
N LEU D 711 -33.64 -142.65 106.83
CA LEU D 711 -33.84 -141.46 107.64
C LEU D 711 -33.95 -141.81 109.11
N ASP D 712 -34.20 -143.07 109.43
CA ASP D 712 -34.32 -143.51 110.82
C ASP D 712 -32.96 -143.72 111.45
N ILE D 713 -32.10 -144.50 110.80
CA ILE D 713 -30.78 -144.82 111.36
C ILE D 713 -30.04 -143.55 111.72
N PHE D 714 -30.28 -142.47 110.98
CA PHE D 714 -29.83 -141.14 111.35
C PHE D 714 -30.22 -140.83 112.80
N TYR D 715 -31.53 -140.96 113.07
CA TYR D 715 -32.07 -140.71 114.40
C TYR D 715 -31.48 -141.69 115.43
N ASN D 716 -31.32 -142.96 115.06
CA ASN D 716 -30.71 -143.93 115.97
C ASN D 716 -29.34 -143.45 116.43
N LYS D 717 -28.43 -143.22 115.48
CA LYS D 717 -27.06 -142.88 115.85
C LYS D 717 -27.01 -141.61 116.68
N LEU D 718 -27.71 -140.55 116.23
CA LEU D 718 -27.72 -139.33 117.04
C LEU D 718 -28.26 -139.64 118.44
N LEU D 719 -29.24 -140.53 118.53
CA LEU D 719 -29.87 -140.80 119.82
C LEU D 719 -28.95 -141.59 120.74
N GLN D 720 -28.13 -142.51 120.19
CA GLN D 720 -27.11 -143.14 121.02
C GLN D 720 -26.20 -142.09 121.63
N CYS D 721 -25.60 -141.28 120.75
CA CYS D 721 -24.67 -140.25 121.20
C CYS D 721 -25.27 -139.41 122.31
N TRP D 722 -26.48 -138.90 122.11
CA TRP D 722 -27.00 -137.92 123.05
C TRP D 722 -27.70 -138.56 124.23
N VAL D 723 -28.23 -139.77 124.08
CA VAL D 723 -28.75 -140.49 125.24
C VAL D 723 -27.64 -140.76 126.21
N LEU D 724 -26.38 -140.76 125.78
CA LEU D 724 -25.32 -140.79 126.79
C LEU D 724 -25.21 -139.51 127.61
N VAL D 725 -25.88 -138.41 127.24
CA VAL D 725 -25.45 -137.08 127.71
C VAL D 725 -26.59 -136.17 128.16
N SER D 726 -27.79 -136.36 127.63
CA SER D 726 -28.81 -135.39 128.02
C SER D 726 -30.09 -136.08 128.45
N PRO D 727 -30.81 -135.48 129.40
CA PRO D 727 -32.20 -135.92 129.63
C PRO D 727 -33.07 -135.48 128.47
N GLN D 728 -34.16 -136.22 128.26
CA GLN D 728 -35.01 -136.03 127.07
C GLN D 728 -34.16 -135.93 125.80
N ALA D 729 -33.05 -136.67 125.77
CA ALA D 729 -32.31 -136.79 124.53
C ALA D 729 -33.19 -137.34 123.43
N GLU D 730 -34.19 -138.15 123.77
CA GLU D 730 -35.17 -138.59 122.76
C GLU D 730 -35.97 -137.41 122.21
N LEU D 731 -36.38 -136.49 123.08
CA LEU D 731 -37.19 -135.35 122.64
C LEU D 731 -36.37 -134.39 121.79
N LEU D 732 -35.18 -134.01 122.26
CA LEU D 732 -34.33 -133.13 121.46
C LEU D 732 -33.91 -133.82 120.16
N THR D 733 -33.35 -135.03 120.25
CA THR D 733 -32.95 -135.73 119.03
C THR D 733 -34.10 -135.85 118.05
N LYS D 734 -35.33 -136.03 118.52
CA LYS D 734 -36.46 -136.06 117.59
C LYS D 734 -36.73 -134.67 117.03
N GLU D 735 -36.64 -133.65 117.88
CA GLU D 735 -36.90 -132.27 117.47
C GLU D 735 -35.83 -131.78 116.48
N ILE D 736 -34.65 -132.38 116.50
CA ILE D 736 -33.53 -131.91 115.71
C ILE D 736 -33.45 -132.73 114.43
N VAL D 737 -33.80 -134.01 114.48
CA VAL D 737 -33.92 -134.71 113.22
C VAL D 737 -35.13 -134.17 112.44
N LYS D 738 -36.19 -133.75 113.16
CA LYS D 738 -37.28 -133.05 112.49
C LYS D 738 -36.80 -131.74 111.92
N ASP D 739 -36.05 -130.97 112.71
CA ASP D 739 -35.57 -129.67 112.21
C ASP D 739 -34.67 -129.84 111.00
N ILE D 740 -33.80 -130.84 111.01
CA ILE D 740 -32.91 -131.10 109.88
C ILE D 740 -33.71 -131.52 108.66
N ILE D 741 -34.53 -132.56 108.82
CA ILE D 741 -35.30 -133.10 107.70
C ILE D 741 -36.17 -132.01 107.09
N TRP D 742 -36.57 -131.02 107.90
CA TRP D 742 -37.31 -129.88 107.37
C TRP D 742 -36.39 -128.89 106.64
N SER D 743 -35.28 -128.52 107.28
CA SER D 743 -34.29 -127.62 106.67
C SER D 743 -33.86 -128.09 105.30
N LEU D 744 -33.83 -129.41 105.08
CA LEU D 744 -33.42 -129.95 103.79
C LEU D 744 -34.61 -130.37 102.93
N ALA D 745 -35.83 -130.40 103.49
CA ALA D 745 -37.04 -130.84 102.82
C ALA D 745 -37.20 -130.23 101.43
N ARG D 746 -36.93 -131.02 100.39
CA ARG D 746 -36.77 -130.46 99.06
C ARG D 746 -38.11 -130.02 98.46
N LEU D 747 -38.05 -129.00 97.59
CA LEU D 747 -39.05 -128.69 96.58
C LEU D 747 -38.54 -127.58 95.67
N GLU D 748 -37.44 -127.82 94.95
CA GLU D 748 -36.82 -126.78 94.14
C GLU D 748 -37.60 -126.55 92.85
N LYS D 749 -36.99 -125.88 91.88
CA LYS D 749 -37.66 -125.51 90.64
C LYS D 749 -38.20 -126.74 89.90
N PRO D 750 -39.16 -126.56 88.98
CA PRO D 750 -39.52 -127.65 88.07
C PRO D 750 -38.29 -128.34 87.50
N SER D 751 -38.35 -129.66 87.42
CA SER D 751 -37.14 -130.49 87.34
C SER D 751 -36.52 -130.45 85.95
N LEU D 752 -35.44 -131.23 85.83
CA LEU D 752 -34.47 -131.30 84.73
C LEU D 752 -34.97 -130.86 83.35
N PHE D 753 -36.25 -131.06 83.04
CA PHE D 753 -36.73 -130.60 81.75
C PHE D 753 -36.93 -129.10 81.69
N GLU D 754 -37.10 -128.44 82.85
CA GLU D 754 -37.25 -127.00 82.87
C GLU D 754 -35.89 -126.28 82.84
N PRO D 755 -34.84 -126.77 83.52
CA PRO D 755 -33.55 -126.07 83.41
C PRO D 755 -32.98 -126.01 82.00
N ILE D 756 -33.10 -127.08 81.20
CA ILE D 756 -32.47 -127.09 79.87
C ILE D 756 -33.02 -125.99 78.98
N GLN D 757 -34.24 -125.52 79.25
CA GLN D 757 -34.81 -124.40 78.50
C GLN D 757 -33.98 -123.14 78.66
N ASN D 758 -33.78 -122.70 79.91
CA ASN D 758 -32.95 -121.53 80.16
C ASN D 758 -31.48 -121.81 79.90
N GLU D 759 -31.05 -123.06 80.05
CA GLU D 759 -29.69 -123.46 79.72
C GLU D 759 -29.38 -123.11 78.27
N ILE D 760 -30.20 -123.63 77.34
CA ILE D 760 -29.95 -123.34 75.94
C ILE D 760 -30.22 -121.87 75.63
N SER D 761 -31.24 -121.27 76.26
CA SER D 761 -31.61 -119.89 75.90
C SER D 761 -30.59 -118.87 76.40
N ARG D 762 -29.87 -119.16 77.49
CA ARG D 762 -28.72 -118.33 77.85
C ARG D 762 -27.53 -118.67 76.98
N SER D 763 -27.37 -119.96 76.64
CA SER D 763 -26.42 -120.37 75.63
C SER D 763 -26.77 -119.87 74.24
N LEU D 764 -27.79 -119.02 74.10
CA LEU D 764 -28.10 -118.35 72.85
C LEU D 764 -27.65 -116.89 72.88
N SER D 765 -28.16 -116.13 73.84
CA SER D 765 -27.85 -114.70 73.93
C SER D 765 -26.34 -114.44 74.01
N GLY D 766 -25.55 -115.45 74.34
CA GLY D 766 -24.12 -115.31 74.30
C GLY D 766 -23.59 -115.35 72.88
N PRO D 767 -22.50 -114.64 72.61
CA PRO D 767 -21.93 -114.64 71.26
C PRO D 767 -21.55 -116.03 70.79
N TYR D 768 -21.48 -116.18 69.46
CA TYR D 768 -21.64 -117.48 68.82
C TYR D 768 -20.53 -118.47 69.18
N GLN D 769 -19.29 -118.02 69.40
CA GLN D 769 -18.19 -118.94 69.59
C GLN D 769 -17.86 -119.21 71.07
N ASP D 770 -18.29 -118.36 71.99
CA ASP D 770 -18.44 -118.83 73.35
C ASP D 770 -19.50 -119.91 73.42
N ILE D 771 -20.59 -119.72 72.65
CA ILE D 771 -21.59 -120.78 72.51
C ILE D 771 -20.93 -122.02 71.92
N ILE D 772 -19.90 -121.83 71.09
CA ILE D 772 -19.17 -122.98 70.57
C ILE D 772 -18.25 -123.57 71.63
N SER D 773 -17.81 -122.77 72.60
CA SER D 773 -16.95 -123.30 73.65
C SER D 773 -17.73 -124.05 74.73
N SER D 774 -18.98 -123.66 74.98
CA SER D 774 -19.82 -124.36 75.94
C SER D 774 -19.89 -125.83 75.56
N TRP D 775 -19.41 -126.68 76.45
CA TRP D 775 -19.10 -128.06 76.10
C TRP D 775 -19.52 -128.98 77.25
N ASP D 776 -20.49 -129.84 76.99
CA ASP D 776 -20.81 -130.90 77.92
C ASP D 776 -20.00 -132.16 77.57
N MET D 777 -20.08 -133.15 78.46
CA MET D 777 -19.35 -134.42 78.38
C MET D 777 -17.95 -134.27 77.79
N ASP D 778 -16.96 -133.95 78.63
CA ASP D 778 -15.59 -133.78 78.17
C ASP D 778 -14.96 -135.12 77.82
N ASP D 779 -14.47 -135.83 78.83
CA ASP D 779 -13.87 -137.15 78.66
C ASP D 779 -13.70 -137.82 80.02
N LYS E 94 3.99 -122.56 68.10
CA LYS E 94 3.51 -123.75 68.80
C LYS E 94 2.17 -123.49 69.52
N LEU E 95 2.21 -122.69 70.58
CA LEU E 95 1.02 -122.45 71.40
C LEU E 95 0.26 -121.21 70.93
N ILE E 96 -1.05 -121.20 71.23
CA ILE E 96 -1.96 -120.17 70.73
C ILE E 96 -1.49 -118.77 71.15
N GLY E 97 -1.95 -117.77 70.39
CA GLY E 97 -1.75 -116.39 70.77
C GLY E 97 -3.02 -115.59 70.82
N HIS E 98 -3.23 -114.89 71.94
CA HIS E 98 -4.15 -113.75 72.03
C HIS E 98 -5.62 -114.09 71.81
N GLU E 99 -5.95 -115.31 71.38
CA GLU E 99 -7.32 -115.77 71.50
C GLU E 99 -7.38 -117.17 72.07
N ALA E 100 -6.44 -117.48 72.97
CA ALA E 100 -6.48 -118.71 73.74
C ALA E 100 -7.39 -118.47 74.92
N LYS E 101 -8.25 -117.45 74.81
CA LYS E 101 -9.40 -117.38 75.70
C LYS E 101 -10.24 -118.64 75.56
N LEU E 102 -10.37 -119.16 74.34
CA LEU E 102 -11.13 -120.38 74.11
C LEU E 102 -10.49 -121.57 74.81
N LEU E 103 -9.17 -121.75 74.62
CA LEU E 103 -8.49 -122.86 75.26
C LEU E 103 -8.49 -122.71 76.77
N PHE E 104 -8.32 -121.48 77.25
CA PHE E 104 -8.37 -121.22 78.68
C PHE E 104 -9.71 -121.67 79.25
N LEU E 105 -10.80 -121.06 78.78
CA LEU E 105 -12.11 -121.47 79.28
C LEU E 105 -12.41 -122.94 79.02
N LYS E 106 -11.69 -123.59 78.09
CA LYS E 106 -11.92 -125.02 77.87
C LYS E 106 -11.22 -125.88 78.92
N SER E 107 -9.96 -125.59 79.25
CA SER E 107 -9.34 -126.31 80.36
C SER E 107 -10.04 -126.00 81.68
N PHE E 108 -10.55 -124.77 81.84
CA PHE E 108 -11.26 -124.41 83.05
C PHE E 108 -12.57 -125.18 83.17
N GLN E 109 -13.43 -125.07 82.16
CA GLN E 109 -14.70 -125.78 82.17
C GLN E 109 -14.49 -127.30 82.28
N PHE E 110 -13.50 -127.83 81.55
CA PHE E 110 -13.19 -129.25 81.64
C PHE E 110 -12.80 -129.65 83.06
N ILE E 111 -11.98 -128.82 83.72
CA ILE E 111 -11.60 -129.14 85.09
C ILE E 111 -12.84 -129.09 85.99
N LEU E 112 -13.74 -128.16 85.74
CA LEU E 112 -14.97 -128.09 86.53
C LEU E 112 -15.75 -129.38 86.41
N LYS E 113 -16.19 -129.73 85.19
CA LYS E 113 -16.97 -130.96 85.04
C LYS E 113 -16.20 -132.17 85.57
N ARG E 114 -14.87 -132.14 85.53
CA ARG E 114 -14.10 -133.21 86.15
C ARG E 114 -14.38 -133.28 87.66
N GLN E 115 -14.37 -132.12 88.32
CA GLN E 115 -14.64 -132.08 89.75
C GLN E 115 -16.08 -132.52 90.05
N ILE E 116 -17.04 -132.09 89.23
CA ILE E 116 -18.42 -132.52 89.41
C ILE E 116 -18.53 -134.04 89.31
N ARG E 117 -17.87 -134.62 88.31
CA ARG E 117 -17.80 -136.08 88.19
C ARG E 117 -17.33 -136.70 89.50
N TRP E 118 -16.27 -136.12 90.09
CA TRP E 118 -15.81 -136.68 91.37
C TRP E 118 -16.81 -136.46 92.50
N LEU E 119 -17.68 -135.45 92.45
CA LEU E 119 -18.52 -135.28 93.62
C LEU E 119 -19.87 -135.99 93.51
N ILE E 120 -20.48 -136.09 92.33
CA ILE E 120 -21.61 -137.00 92.19
C ILE E 120 -21.14 -138.44 92.41
N THR E 121 -20.06 -138.83 91.74
CA THR E 121 -19.53 -140.18 91.88
C THR E 121 -19.10 -140.45 93.31
N GLU E 122 -18.00 -139.84 93.74
CA GLU E 122 -17.38 -140.19 95.01
C GLU E 122 -18.04 -139.51 96.21
N MET E 123 -18.86 -138.50 96.02
CA MET E 123 -19.54 -137.85 97.14
C MET E 123 -21.04 -138.03 97.09
N ARG E 124 -21.56 -138.77 96.12
CA ARG E 124 -22.98 -139.08 96.05
C ARG E 124 -23.84 -137.81 96.11
N PHE E 125 -23.47 -136.84 95.26
CA PHE E 125 -24.29 -135.67 94.99
C PHE E 125 -25.47 -136.04 94.08
N PRO E 126 -26.46 -135.16 93.95
CA PRO E 126 -27.51 -135.36 92.94
C PRO E 126 -27.11 -134.88 91.55
N LYS E 127 -27.70 -135.52 90.54
CA LYS E 127 -27.37 -135.17 89.15
C LYS E 127 -27.84 -133.78 88.77
N GLU E 128 -28.76 -133.20 89.55
CA GLU E 128 -29.27 -131.86 89.28
C GLU E 128 -28.20 -130.80 89.45
N PHE E 129 -27.29 -131.03 90.39
CA PHE E 129 -26.18 -130.11 90.61
C PHE E 129 -25.52 -129.72 89.30
N GLU E 130 -25.29 -130.71 88.43
CA GLU E 130 -24.60 -130.45 87.17
C GLU E 130 -25.33 -129.37 86.36
N HIS E 131 -26.65 -129.50 86.22
CA HIS E 131 -27.41 -128.49 85.49
C HIS E 131 -27.35 -127.13 86.19
N VAL E 132 -27.39 -127.12 87.53
CA VAL E 132 -27.25 -125.85 88.24
C VAL E 132 -25.89 -125.21 87.95
N ALA E 133 -24.86 -126.04 87.77
CA ALA E 133 -23.53 -125.55 87.46
C ALA E 133 -23.44 -125.03 86.04
N LYS E 134 -24.04 -125.74 85.07
CA LYS E 134 -24.14 -125.21 83.71
C LYS E 134 -24.87 -123.87 83.70
N ILE E 135 -25.83 -123.68 84.60
CA ILE E 135 -26.57 -122.41 84.60
C ILE E 135 -25.71 -121.29 85.18
N ILE E 136 -25.00 -121.53 86.28
CA ILE E 136 -24.21 -120.44 86.89
C ILE E 136 -22.98 -120.13 86.05
N TRP E 137 -22.19 -121.17 85.73
CA TRP E 137 -21.06 -121.03 84.82
C TRP E 137 -21.49 -120.51 83.46
N LEU E 138 -22.73 -120.81 83.07
CA LEU E 138 -23.29 -120.25 81.85
C LEU E 138 -23.53 -118.76 82.00
N LYS E 139 -24.05 -118.34 83.15
CA LYS E 139 -24.32 -116.92 83.38
C LYS E 139 -23.04 -116.11 83.37
N ILE E 140 -22.01 -116.57 84.08
CA ILE E 140 -20.79 -115.76 84.11
C ILE E 140 -19.97 -115.96 82.84
N LEU E 141 -20.11 -117.09 82.17
CA LEU E 141 -19.50 -117.24 80.84
C LEU E 141 -20.11 -116.23 79.87
N LYS E 142 -21.44 -116.10 79.89
CA LYS E 142 -22.13 -115.10 79.09
C LYS E 142 -21.76 -113.68 79.51
N THR E 143 -21.38 -113.48 80.78
CA THR E 143 -21.02 -112.13 81.18
C THR E 143 -19.60 -111.78 80.78
N ILE E 144 -18.66 -112.73 80.77
CA ILE E 144 -17.32 -112.42 80.31
C ILE E 144 -17.24 -112.43 78.80
N ASN E 145 -18.17 -113.10 78.13
CA ASN E 145 -18.31 -113.00 76.69
C ASN E 145 -19.42 -112.01 76.30
N ASP E 146 -19.83 -111.16 77.25
CA ASP E 146 -20.37 -109.84 76.92
C ASP E 146 -19.38 -108.76 77.30
N GLN E 147 -18.16 -109.14 77.53
CA GLN E 147 -17.12 -108.17 77.73
C GLN E 147 -16.21 -108.16 76.51
N PRO E 148 -15.74 -106.98 76.10
CA PRO E 148 -15.10 -106.87 74.78
C PRO E 148 -13.64 -107.28 74.76
N GLN E 149 -12.83 -106.56 75.55
CA GLN E 149 -11.42 -106.35 75.24
C GLN E 149 -10.68 -107.64 74.93
N GLU E 150 -9.72 -107.56 74.01
CA GLU E 150 -8.78 -108.66 73.84
C GLU E 150 -7.88 -108.80 75.05
N GLU E 151 -7.63 -107.70 75.77
CA GLU E 151 -7.11 -107.81 77.12
C GLU E 151 -8.12 -108.57 77.96
N LEU E 152 -7.67 -109.70 78.52
CA LEU E 152 -8.60 -110.71 79.01
C LEU E 152 -9.43 -110.20 80.18
N LYS E 153 -8.77 -109.64 81.19
CA LYS E 153 -9.43 -109.07 82.37
C LYS E 153 -10.22 -110.12 83.14
N LEU E 154 -10.18 -111.38 82.72
CA LEU E 154 -10.85 -112.44 83.47
C LEU E 154 -9.89 -113.04 84.49
N GLN E 155 -10.45 -113.43 85.64
CA GLN E 155 -9.71 -114.14 86.69
C GLN E 155 -10.48 -115.41 87.00
N LEU E 156 -10.29 -116.42 86.16
CA LEU E 156 -10.79 -117.75 86.45
C LEU E 156 -9.69 -118.50 87.19
N HIS E 157 -9.53 -118.15 88.47
CA HIS E 157 -8.74 -118.92 89.42
C HIS E 157 -9.56 -120.10 89.92
N MET E 158 -8.89 -121.00 90.64
CA MET E 158 -9.55 -122.17 91.19
C MET E 158 -10.68 -121.79 92.15
N THR E 159 -10.47 -120.70 92.89
CA THR E 159 -11.52 -120.12 93.72
C THR E 159 -12.81 -119.88 92.96
N SER E 160 -12.76 -119.70 91.63
CA SER E 160 -13.99 -119.57 90.86
C SER E 160 -14.66 -120.92 90.66
N THR E 161 -13.87 -121.97 90.43
CA THR E 161 -14.41 -123.33 90.40
C THR E 161 -15.16 -123.65 91.69
N ILE E 162 -14.44 -123.58 92.81
CA ILE E 162 -15.09 -123.83 94.10
C ILE E 162 -16.21 -122.84 94.34
N SER E 163 -16.08 -121.61 93.82
CA SER E 163 -17.10 -120.60 94.04
C SER E 163 -18.42 -120.98 93.40
N ILE E 164 -18.38 -121.53 92.18
CA ILE E 164 -19.66 -121.86 91.56
C ILE E 164 -20.16 -123.19 92.06
N LEU E 165 -19.26 -124.08 92.50
CA LEU E 165 -19.72 -125.28 93.19
C LEU E 165 -20.51 -124.92 94.44
N TYR E 166 -19.92 -124.11 95.33
CA TYR E 166 -20.65 -123.69 96.54
C TYR E 166 -21.91 -122.90 96.18
N LEU E 167 -21.83 -122.00 95.20
CA LEU E 167 -23.02 -121.24 94.82
C LEU E 167 -24.15 -122.17 94.43
N ALA E 168 -23.88 -123.14 93.55
CA ALA E 168 -24.91 -124.06 93.10
C ALA E 168 -25.41 -124.93 94.26
N SER E 169 -24.48 -125.47 95.06
CA SER E 169 -24.86 -126.27 96.21
C SER E 169 -25.78 -125.50 97.15
N THR E 170 -25.52 -124.20 97.32
CA THR E 170 -26.32 -123.39 98.23
C THR E 170 -27.69 -123.07 97.65
N HIS E 171 -27.78 -122.84 96.35
CA HIS E 171 -29.09 -122.76 95.73
C HIS E 171 -29.88 -124.03 96.04
N LEU E 172 -29.26 -125.19 95.81
CA LEU E 172 -29.94 -126.46 96.03
C LEU E 172 -30.12 -126.83 97.50
N SER E 173 -29.69 -125.96 98.44
CA SER E 173 -29.95 -126.15 99.87
C SER E 173 -29.34 -127.45 100.41
N LEU E 174 -28.30 -127.98 99.74
CA LEU E 174 -27.60 -129.15 100.26
C LEU E 174 -26.79 -128.78 101.49
N PRO E 175 -26.63 -129.69 102.44
CA PRO E 175 -26.03 -129.32 103.72
C PRO E 175 -24.51 -129.35 103.65
N VAL E 176 -23.98 -129.01 102.49
CA VAL E 176 -22.55 -128.87 102.33
C VAL E 176 -22.17 -127.42 102.60
N TYR E 177 -21.03 -127.23 103.26
CA TYR E 177 -20.55 -125.91 103.63
C TYR E 177 -19.10 -125.79 103.19
N THR E 178 -18.58 -124.55 103.27
CA THR E 178 -17.26 -124.26 102.73
C THR E 178 -16.20 -125.21 103.26
N CYS E 179 -16.27 -125.55 104.55
CA CYS E 179 -15.27 -126.41 105.19
C CYS E 179 -15.25 -127.82 104.60
N ASP E 180 -16.42 -128.32 104.19
CA ASP E 180 -16.45 -129.54 103.39
C ASP E 180 -15.56 -129.41 102.17
N TYR E 181 -15.66 -128.28 101.46
CA TYR E 181 -14.84 -128.07 100.27
C TYR E 181 -13.36 -127.98 100.61
N ILE E 182 -13.00 -127.13 101.57
CA ILE E 182 -11.61 -127.00 101.98
C ILE E 182 -11.01 -128.35 102.33
N LYS E 183 -11.73 -129.14 103.14
CA LYS E 183 -11.26 -130.49 103.46
C LYS E 183 -11.10 -131.31 102.18
N TRP E 184 -12.11 -131.30 101.32
CA TRP E 184 -12.12 -132.14 100.12
C TRP E 184 -10.94 -131.85 99.21
N ILE E 185 -10.57 -130.58 99.08
CA ILE E 185 -9.50 -130.23 98.15
C ILE E 185 -8.13 -130.35 98.81
N CYS E 186 -8.01 -129.93 100.08
CA CYS E 186 -6.71 -130.04 100.74
C CYS E 186 -6.29 -131.49 100.97
N THR E 187 -7.24 -132.43 100.98
CA THR E 187 -6.89 -133.84 101.09
C THR E 187 -6.76 -134.52 99.74
N ALA E 188 -6.57 -133.75 98.67
CA ALA E 188 -6.27 -134.26 97.34
C ALA E 188 -7.33 -135.21 96.80
N LYS E 189 -8.44 -135.38 97.51
CA LYS E 189 -9.50 -136.24 97.03
C LYS E 189 -10.11 -135.59 95.78
N MET E 190 -10.77 -134.47 95.97
CA MET E 190 -11.27 -133.70 94.85
C MET E 190 -10.11 -133.05 94.11
N PRO E 191 -9.83 -133.42 92.86
CA PRO E 191 -8.69 -132.84 92.13
C PRO E 191 -8.77 -131.32 92.08
N TYR E 192 -7.64 -130.68 92.36
CA TYR E 192 -7.63 -129.22 92.48
C TYR E 192 -6.31 -128.61 92.03
N PHE E 193 -5.21 -128.98 92.66
CA PHE E 193 -4.04 -128.09 92.69
C PHE E 193 -3.28 -127.96 91.39
N GLN E 194 -3.54 -128.79 90.38
CA GLN E 194 -2.73 -128.77 89.17
C GLN E 194 -3.61 -128.40 87.98
N ALA E 195 -3.22 -127.36 87.27
CA ALA E 195 -3.85 -127.06 85.99
C ALA E 195 -3.61 -128.25 85.07
N SER E 196 -4.66 -129.03 84.81
CA SER E 196 -4.55 -130.30 84.07
C SER E 196 -3.40 -131.14 84.61
N GLU E 197 -3.64 -131.88 85.69
CA GLU E 197 -2.61 -132.59 86.44
C GLU E 197 -1.73 -133.45 85.53
N ILE E 198 -0.53 -133.79 86.00
CA ILE E 198 0.48 -134.50 85.20
C ILE E 198 -0.11 -135.76 84.60
N LEU E 199 0.07 -135.94 83.30
CA LEU E 199 -0.37 -137.13 82.59
C LEU E 199 0.33 -137.24 81.24
N ARG E 204 -0.95 -133.11 78.23
CA ARG E 204 -2.35 -132.70 78.10
C ARG E 204 -2.45 -131.62 77.02
N ILE E 205 -2.28 -130.37 77.44
CA ILE E 205 -2.34 -129.21 76.55
C ILE E 205 -1.24 -128.24 76.93
N GLN E 206 -0.66 -127.58 75.93
CA GLN E 206 0.31 -126.52 76.14
C GLN E 206 -0.34 -125.19 75.75
N LEU E 207 -0.50 -124.32 76.73
CA LEU E 207 -1.22 -123.05 76.58
C LEU E 207 -0.23 -121.91 76.79
N PRO E 208 -0.60 -120.69 76.43
CA PRO E 208 0.28 -119.54 76.74
C PRO E 208 0.52 -119.43 78.24
N ASN E 209 1.81 -119.37 78.60
CA ASN E 209 2.23 -119.34 80.00
C ASN E 209 1.54 -118.25 80.81
N TYR E 210 0.92 -117.28 80.14
CA TYR E 210 0.14 -116.26 80.83
C TYR E 210 -1.09 -116.88 81.49
N TYR E 211 -1.74 -117.85 80.83
CA TYR E 211 -2.92 -118.49 81.38
C TYR E 211 -2.58 -119.58 82.39
N VAL E 212 -1.54 -120.38 82.13
CA VAL E 212 -1.08 -121.33 83.14
C VAL E 212 -0.84 -120.60 84.46
N SER E 213 -0.26 -119.40 84.39
CA SER E 213 -0.11 -118.60 85.60
C SER E 213 -1.46 -118.11 86.09
N ILE E 214 -2.39 -117.77 85.18
CA ILE E 214 -3.71 -117.35 85.62
C ILE E 214 -4.46 -118.47 86.34
N LEU E 215 -4.05 -119.72 86.16
CA LEU E 215 -4.64 -120.86 86.86
C LEU E 215 -3.89 -121.16 88.16
N GLU E 216 -2.59 -121.46 88.06
CA GLU E 216 -1.83 -121.83 89.24
C GLU E 216 -1.83 -120.71 90.28
N GLY E 217 -1.95 -119.46 89.83
CA GLY E 217 -1.95 -118.36 90.76
C GLY E 217 -3.28 -118.18 91.44
N SER E 218 -3.24 -117.54 92.62
CA SER E 218 -4.41 -117.33 93.47
C SER E 218 -5.06 -118.66 93.84
N ILE E 219 -4.22 -119.65 94.16
CA ILE E 219 -4.74 -121.00 94.34
C ILE E 219 -5.36 -121.16 95.73
N SER E 220 -4.86 -120.43 96.73
CA SER E 220 -5.22 -120.73 98.11
C SER E 220 -6.58 -120.14 98.45
N PRO E 221 -7.37 -120.86 99.25
CA PRO E 221 -8.62 -120.31 99.81
C PRO E 221 -8.50 -119.76 101.22
N PHE E 222 -7.27 -119.70 101.76
CA PHE E 222 -7.06 -119.88 103.18
C PHE E 222 -7.14 -118.62 104.02
N ASN E 223 -7.46 -117.47 103.43
CA ASN E 223 -7.69 -116.31 104.28
C ASN E 223 -9.09 -115.78 104.09
N GLY E 224 -10.02 -116.67 103.78
CA GLY E 224 -11.33 -116.24 103.36
C GLY E 224 -11.42 -115.96 101.88
N GLN E 225 -10.38 -116.29 101.11
CA GLN E 225 -10.43 -116.11 99.67
C GLN E 225 -11.67 -116.76 99.08
N LEU E 226 -12.13 -117.85 99.70
CA LEU E 226 -13.31 -118.52 99.20
C LEU E 226 -14.57 -117.69 99.47
N TYR E 227 -14.74 -117.21 100.70
CA TYR E 227 -15.90 -116.37 101.01
C TYR E 227 -15.93 -115.13 100.12
N ASN E 228 -14.77 -114.51 99.91
CA ASN E 228 -14.67 -113.31 99.10
C ASN E 228 -14.94 -113.60 97.63
N LYS E 229 -14.50 -114.77 97.15
CA LYS E 229 -14.72 -115.13 95.76
C LYS E 229 -16.15 -115.61 95.51
N ILE E 230 -16.83 -116.13 96.52
CA ILE E 230 -18.22 -116.52 96.31
C ILE E 230 -19.12 -115.29 96.38
N ALA E 231 -18.78 -114.31 97.23
CA ALA E 231 -19.52 -113.06 97.18
C ALA E 231 -19.25 -112.32 95.88
N LEU E 232 -18.01 -112.41 95.38
CA LEU E 232 -17.67 -111.76 94.11
C LEU E 232 -18.44 -112.38 92.95
N THR E 233 -18.47 -113.73 92.86
CA THR E 233 -19.34 -114.38 91.89
C THR E 233 -20.80 -113.98 92.11
N CYS E 234 -21.21 -113.82 93.37
CA CYS E 234 -22.59 -113.46 93.70
C CYS E 234 -22.94 -112.06 93.25
N GLY E 235 -21.95 -111.21 93.04
CA GLY E 235 -22.21 -110.00 92.29
C GLY E 235 -22.17 -110.22 90.79
N MET E 236 -21.13 -110.95 90.33
CA MET E 236 -20.88 -111.11 88.90
C MET E 236 -22.13 -111.54 88.16
N ILE E 237 -22.84 -112.54 88.68
CA ILE E 237 -24.24 -112.74 88.31
C ILE E 237 -25.05 -112.76 89.59
N HIS E 238 -26.21 -112.13 89.56
CA HIS E 238 -26.88 -111.71 90.78
C HIS E 238 -27.54 -112.88 91.50
N PHE E 239 -27.31 -112.97 92.82
CA PHE E 239 -27.89 -114.03 93.63
C PHE E 239 -29.41 -113.92 93.71
N LYS E 240 -29.92 -112.69 93.83
CA LYS E 240 -31.24 -112.43 94.42
C LYS E 240 -32.37 -113.09 93.64
N GLU E 241 -32.64 -112.56 92.44
CA GLU E 241 -33.76 -113.12 91.68
C GLU E 241 -33.39 -114.46 91.07
N PHE E 242 -32.18 -114.58 90.53
CA PHE E 242 -31.84 -115.76 89.74
C PHE E 242 -31.78 -117.02 90.59
N PHE E 243 -31.35 -116.91 91.84
CA PHE E 243 -31.15 -118.08 92.68
C PHE E 243 -31.69 -117.82 94.08
N ASN E 244 -31.59 -118.85 94.91
CA ASN E 244 -32.05 -118.80 96.30
C ASN E 244 -30.79 -118.98 97.13
N SER E 245 -30.26 -117.87 97.62
CA SER E 245 -28.97 -117.84 98.31
C SER E 245 -29.15 -117.78 99.83
N GLU E 246 -29.99 -118.67 100.35
CA GLU E 246 -30.11 -118.91 101.78
C GLU E 246 -29.27 -120.12 102.14
N ILE E 247 -28.44 -120.00 103.17
CA ILE E 247 -27.54 -121.08 103.54
C ILE E 247 -28.30 -122.16 104.31
N SER E 248 -27.77 -123.39 104.27
CA SER E 248 -28.40 -124.54 104.94
C SER E 248 -28.02 -124.52 106.42
N CYS E 249 -28.69 -123.65 107.17
CA CYS E 249 -28.17 -123.21 108.47
C CYS E 249 -28.18 -124.33 109.50
N GLN E 250 -29.28 -125.07 109.57
CA GLN E 250 -29.51 -125.95 110.72
C GLN E 250 -28.63 -127.19 110.67
N GLY E 251 -28.38 -127.73 109.48
CA GLY E 251 -27.38 -128.77 109.35
C GLY E 251 -25.98 -128.30 109.73
N LEU E 252 -25.68 -127.01 109.56
CA LEU E 252 -24.39 -126.49 110.01
C LEU E 252 -24.34 -126.43 111.53
N LEU E 253 -25.47 -126.09 112.16
CA LEU E 253 -25.57 -126.20 113.61
C LEU E 253 -25.30 -127.62 114.07
N LEU E 254 -25.96 -128.60 113.45
CA LEU E 254 -25.72 -129.99 113.82
C LEU E 254 -24.25 -130.36 113.64
N LYS E 255 -23.73 -130.08 112.45
CA LYS E 255 -22.33 -130.29 112.10
C LYS E 255 -21.44 -129.75 113.20
N LEU E 256 -21.86 -128.64 113.78
CA LEU E 256 -21.04 -127.88 114.70
C LEU E 256 -21.11 -128.45 116.12
N VAL E 257 -22.30 -128.82 116.58
CA VAL E 257 -22.43 -129.44 117.90
C VAL E 257 -21.72 -130.80 117.93
N MET E 258 -22.01 -131.66 116.94
CA MET E 258 -21.26 -132.90 116.82
C MET E 258 -19.77 -132.65 116.63
N GLN E 259 -19.38 -131.53 116.00
CA GLN E 259 -17.96 -131.29 115.79
C GLN E 259 -17.27 -130.98 117.13
N CYS E 260 -17.96 -130.25 118.01
CA CYS E 260 -17.57 -130.26 119.41
C CYS E 260 -18.11 -131.55 120.00
N ALA E 261 -18.38 -131.58 121.29
CA ALA E 261 -19.14 -132.69 121.83
C ALA E 261 -20.26 -132.15 122.68
N LEU E 262 -20.83 -131.06 122.20
CA LEU E 262 -21.81 -130.36 122.98
C LEU E 262 -23.08 -131.19 123.07
N PRO E 263 -23.78 -131.11 124.20
CA PRO E 263 -25.08 -131.74 124.30
C PRO E 263 -26.07 -131.07 123.38
N PRO E 264 -27.10 -131.80 122.91
CA PRO E 264 -27.98 -131.26 121.86
C PRO E 264 -28.77 -130.04 122.26
N GLU E 265 -28.66 -129.56 123.50
CA GLU E 265 -29.32 -128.32 123.86
C GLU E 265 -28.69 -127.13 123.13
N PHE E 266 -27.39 -127.18 122.86
CA PHE E 266 -26.73 -126.03 122.24
C PHE E 266 -27.12 -125.83 120.79
N TYR E 267 -27.65 -126.88 120.14
CA TYR E 267 -28.27 -126.67 118.83
C TYR E 267 -29.43 -125.69 118.94
N PHE E 268 -30.29 -125.88 119.94
CA PHE E 268 -31.42 -124.98 120.08
C PHE E 268 -31.02 -123.65 120.69
N TYR E 269 -30.07 -123.65 121.62
CA TYR E 269 -29.48 -122.41 122.10
C TYR E 269 -29.03 -121.52 120.94
N THR E 270 -28.00 -121.97 120.21
CA THR E 270 -27.46 -121.15 119.14
C THR E 270 -28.50 -120.86 118.08
N LYS E 271 -29.35 -121.84 117.74
CA LYS E 271 -30.46 -121.58 116.83
C LYS E 271 -31.32 -120.42 117.31
N GLN E 272 -31.46 -120.27 118.63
CA GLN E 272 -32.29 -119.22 119.17
C GLN E 272 -31.59 -117.88 119.16
N VAL E 273 -30.32 -117.80 119.55
CA VAL E 273 -29.61 -116.52 119.40
C VAL E 273 -29.60 -116.10 117.93
N ILE E 274 -29.42 -117.07 117.03
CA ILE E 274 -29.52 -116.83 115.59
C ILE E 274 -30.85 -116.14 115.26
N GLU E 275 -31.96 -116.78 115.63
CA GLU E 275 -33.26 -116.15 115.38
C GLU E 275 -33.37 -114.80 116.08
N PHE E 276 -32.62 -114.60 117.16
CA PHE E 276 -32.74 -113.39 117.97
C PHE E 276 -32.18 -112.19 117.23
N GLU E 277 -31.01 -112.33 116.63
CA GLU E 277 -30.43 -111.19 115.92
C GLU E 277 -30.91 -111.09 114.47
N GLU E 278 -31.23 -112.21 113.83
CA GLU E 278 -31.62 -112.20 112.42
C GLU E 278 -33.10 -112.47 112.15
N THR E 279 -33.72 -113.39 112.91
CA THR E 279 -35.01 -114.04 112.58
C THR E 279 -34.88 -114.96 111.36
N ASP E 280 -33.66 -115.43 111.13
CA ASP E 280 -33.27 -116.38 110.10
C ASP E 280 -33.54 -115.88 108.70
N ILE E 281 -32.66 -114.98 108.23
CA ILE E 281 -32.57 -114.51 106.86
C ILE E 281 -31.08 -114.37 106.58
N ARG E 282 -30.57 -115.14 105.62
CA ARG E 282 -29.12 -115.21 105.39
C ARG E 282 -28.79 -115.19 103.91
N ASN E 283 -28.01 -114.19 103.51
CA ASN E 283 -27.74 -113.84 102.13
C ASN E 283 -26.39 -114.42 101.69
N LEU E 284 -26.03 -114.15 100.42
CA LEU E 284 -24.74 -114.55 99.86
C LEU E 284 -23.90 -113.40 99.29
N THR E 285 -24.49 -112.35 98.74
CA THR E 285 -23.67 -111.25 98.25
C THR E 285 -23.12 -110.47 99.43
N LEU E 286 -21.88 -110.05 99.30
CA LEU E 286 -21.27 -108.98 100.06
C LEU E 286 -20.57 -108.05 99.10
N TRP E 287 -21.20 -107.87 97.93
CA TRP E 287 -20.54 -107.36 96.74
C TRP E 287 -20.83 -105.88 96.55
N GLU E 288 -19.75 -105.11 96.34
CA GLU E 288 -19.76 -103.80 95.70
C GLU E 288 -18.42 -103.73 94.96
N ARG E 289 -18.40 -104.22 93.71
CA ARG E 289 -17.15 -104.64 93.08
C ARG E 289 -16.06 -103.58 93.24
N THR E 290 -14.98 -103.99 93.89
CA THR E 290 -13.87 -103.12 94.21
C THR E 290 -12.72 -103.95 94.72
N ASP E 291 -11.86 -103.32 95.50
CA ASP E 291 -11.28 -103.96 96.66
C ASP E 291 -11.72 -103.30 97.95
N GLU E 292 -12.25 -102.08 97.87
CA GLU E 292 -12.43 -101.22 99.03
C GLU E 292 -13.58 -101.69 99.92
N ARG E 293 -13.33 -101.68 101.22
CA ARG E 293 -14.27 -102.02 102.28
C ARG E 293 -13.59 -101.73 103.61
N HIS E 294 -14.34 -101.18 104.57
CA HIS E 294 -13.70 -100.91 105.85
C HIS E 294 -14.67 -100.89 107.04
N THR E 295 -15.98 -100.98 106.82
CA THR E 295 -16.89 -101.13 107.94
C THR E 295 -18.22 -101.73 107.48
N GLY E 296 -18.80 -102.55 108.35
CA GLY E 296 -20.05 -103.24 108.07
C GLY E 296 -19.91 -104.55 107.33
N ARG E 297 -18.74 -104.83 106.76
CA ARG E 297 -18.59 -105.93 105.81
C ARG E 297 -17.40 -106.83 106.13
N VAL E 298 -17.08 -107.00 107.41
CA VAL E 298 -16.28 -108.14 107.84
C VAL E 298 -17.18 -109.33 108.14
N SER E 299 -18.46 -109.07 108.43
CA SER E 299 -19.43 -110.04 108.90
C SER E 299 -20.66 -109.87 108.05
N ASN E 300 -20.63 -110.46 106.86
CA ASN E 300 -21.89 -110.61 106.11
C ASN E 300 -21.79 -111.78 105.15
N HIS E 301 -20.79 -112.64 105.33
CA HIS E 301 -20.84 -114.02 104.88
C HIS E 301 -21.54 -114.81 105.98
N ALA E 302 -22.67 -115.42 105.63
CA ALA E 302 -23.59 -115.98 106.63
C ALA E 302 -22.87 -116.90 107.59
N GLU E 303 -22.12 -117.86 107.05
CA GLU E 303 -21.46 -118.87 107.88
C GLU E 303 -20.68 -118.22 109.00
N LEU E 304 -19.71 -117.35 108.67
CA LEU E 304 -18.86 -116.74 109.69
C LEU E 304 -19.69 -116.15 110.83
N ARG E 305 -20.85 -115.59 110.51
CA ARG E 305 -21.75 -115.12 111.55
C ARG E 305 -22.33 -116.28 112.34
N VAL E 306 -22.65 -117.38 111.66
CA VAL E 306 -23.12 -118.57 112.36
C VAL E 306 -22.10 -119.04 113.39
N LEU E 307 -20.86 -119.25 112.96
CA LEU E 307 -19.79 -119.58 113.91
C LEU E 307 -19.72 -118.56 115.04
N SER E 308 -19.91 -117.28 114.72
CA SER E 308 -19.81 -116.23 115.73
C SER E 308 -20.90 -116.37 116.79
N TYR E 309 -22.15 -116.57 116.34
CA TYR E 309 -23.24 -116.87 117.26
C TYR E 309 -22.97 -118.12 118.08
N PHE E 310 -22.36 -119.12 117.45
CA PHE E 310 -22.07 -120.38 118.12
C PHE E 310 -21.13 -120.14 119.31
N MET E 311 -19.94 -119.58 119.02
CA MET E 311 -19.00 -119.19 120.07
C MET E 311 -19.69 -118.36 121.15
N LEU E 312 -20.30 -117.24 120.74
CA LEU E 312 -20.99 -116.36 121.68
C LEU E 312 -21.93 -117.15 122.57
N THR E 313 -22.87 -117.87 121.95
CA THR E 313 -23.76 -118.76 122.67
C THR E 313 -23.01 -119.52 123.76
N ILE E 314 -21.97 -120.26 123.38
CA ILE E 314 -21.27 -121.08 124.39
C ILE E 314 -20.78 -120.22 125.54
N ASN E 315 -20.21 -119.06 125.23
CA ASN E 315 -19.66 -118.20 126.28
C ASN E 315 -20.76 -117.67 127.21
N TRP E 316 -21.77 -117.04 126.65
CA TRP E 316 -22.88 -116.49 127.42
C TRP E 316 -23.55 -117.60 128.22
N MET E 317 -24.20 -118.52 127.50
CA MET E 317 -24.86 -119.68 128.08
C MET E 317 -24.07 -120.31 129.22
N LEU E 318 -22.79 -120.61 129.00
CA LEU E 318 -22.04 -121.32 130.03
C LEU E 318 -21.67 -120.39 131.18
N SER E 319 -21.42 -119.12 130.92
CA SER E 319 -21.02 -118.21 131.98
C SER E 319 -22.20 -117.57 132.68
N PHE E 320 -23.43 -117.95 132.34
CA PHE E 320 -24.61 -117.44 133.02
C PHE E 320 -25.64 -118.54 133.28
N ASP E 321 -25.18 -119.77 133.54
CA ASP E 321 -26.07 -120.83 133.97
C ASP E 321 -26.32 -120.71 135.47
N ARG E 322 -26.92 -119.58 135.86
CA ARG E 322 -27.24 -119.35 137.27
C ARG E 322 -27.97 -120.53 137.89
N ASP E 323 -28.58 -121.37 137.05
CA ASP E 323 -29.04 -122.69 137.47
C ASP E 323 -27.88 -123.55 137.99
N ARG E 324 -26.68 -123.36 137.43
CA ARG E 324 -25.54 -124.29 137.59
C ARG E 324 -25.86 -125.63 136.92
N GLN E 325 -26.35 -125.54 135.67
CA GLN E 325 -26.68 -126.73 134.90
C GLN E 325 -25.44 -127.39 134.31
N TYR E 326 -24.38 -126.62 134.07
CA TYR E 326 -23.18 -127.13 133.38
C TYR E 326 -21.98 -127.04 134.30
N PRO E 327 -21.54 -128.18 134.87
CA PRO E 327 -20.62 -128.15 136.00
C PRO E 327 -19.29 -127.48 135.69
N LEU E 328 -18.69 -126.91 136.74
CA LEU E 328 -17.36 -126.33 136.65
C LEU E 328 -16.36 -127.34 136.10
N LYS E 329 -16.63 -128.65 136.29
CA LYS E 329 -15.76 -129.74 135.84
C LYS E 329 -16.05 -130.16 134.41
N TRP E 330 -17.32 -130.44 134.09
CA TRP E 330 -17.69 -130.93 132.78
C TRP E 330 -17.23 -130.01 131.65
N ILE E 331 -16.98 -128.74 131.95
CA ILE E 331 -16.35 -127.87 130.97
C ILE E 331 -14.91 -128.29 130.74
N LEU E 332 -14.22 -128.71 131.81
CA LEU E 332 -12.88 -129.25 131.65
C LEU E 332 -12.90 -130.58 130.91
N SER E 333 -13.73 -131.52 131.35
CA SER E 333 -13.79 -132.83 130.68
C SER E 333 -14.21 -132.69 129.23
N LEU E 334 -15.04 -131.71 128.94
CA LEU E 334 -15.36 -131.40 127.56
C LEU E 334 -14.13 -130.91 126.81
N THR E 335 -13.38 -129.99 127.41
CA THR E 335 -12.15 -129.51 126.78
C THR E 335 -11.18 -130.66 126.52
N GLU E 336 -11.09 -131.62 127.45
CA GLU E 336 -10.11 -132.69 127.30
C GLU E 336 -10.56 -133.72 126.27
N SER E 337 -11.86 -134.09 126.28
CA SER E 337 -12.37 -134.99 125.25
C SER E 337 -12.26 -134.38 123.87
N LEU E 338 -12.35 -133.05 123.80
CA LEU E 338 -12.11 -132.34 122.55
C LEU E 338 -10.63 -132.34 122.18
N THR E 339 -9.74 -132.34 123.18
CA THR E 339 -8.32 -132.16 122.93
C THR E 339 -7.62 -133.47 122.56
N GLN E 340 -8.10 -134.60 123.09
CA GLN E 340 -7.43 -135.88 122.90
C GLN E 340 -7.29 -136.24 121.42
N ARG E 341 -6.08 -136.11 120.90
CA ARG E 341 -5.80 -136.43 119.49
C ARG E 341 -6.01 -137.91 119.24
N THR E 342 -7.09 -138.25 118.54
CA THR E 342 -7.39 -139.62 118.18
C THR E 342 -7.50 -139.73 116.66
N THR E 343 -7.46 -140.96 116.15
CA THR E 343 -7.24 -141.21 114.73
C THR E 343 -8.54 -141.70 114.07
N THR E 344 -9.40 -140.75 113.75
CA THR E 344 -10.52 -140.96 112.85
C THR E 344 -10.26 -140.28 111.51
N SER E 345 -11.03 -140.65 110.50
CA SER E 345 -10.92 -139.99 109.20
C SER E 345 -10.93 -138.48 109.35
N GLU E 346 -11.83 -137.95 110.18
CA GLU E 346 -11.95 -136.51 110.34
C GLU E 346 -10.68 -135.89 110.89
N SER E 347 -10.29 -136.23 112.11
CA SER E 347 -9.13 -135.58 112.73
C SER E 347 -7.89 -135.72 111.86
N ILE E 348 -7.68 -136.91 111.28
CA ILE E 348 -6.59 -137.10 110.34
C ILE E 348 -6.71 -136.07 109.21
N GLY E 349 -7.92 -135.86 108.70
CA GLY E 349 -8.12 -134.83 107.70
C GLY E 349 -7.71 -133.46 108.18
N ARG E 350 -8.23 -133.04 109.34
CA ARG E 350 -7.90 -131.72 109.88
C ARG E 350 -6.39 -131.58 110.09
N ASN E 351 -5.69 -132.67 110.36
CA ASN E 351 -4.23 -132.61 110.34
C ASN E 351 -3.73 -132.28 108.94
N ILE E 352 -4.27 -132.96 107.93
CA ILE E 352 -3.86 -132.72 106.54
C ILE E 352 -4.11 -131.25 106.15
N VAL E 353 -5.21 -130.67 106.62
CA VAL E 353 -5.47 -129.27 106.34
C VAL E 353 -4.52 -128.39 107.15
N LYS E 354 -4.25 -128.77 108.40
CA LYS E 354 -3.32 -128.03 109.24
C LYS E 354 -1.98 -127.85 108.55
N VAL E 355 -1.60 -128.82 107.71
CA VAL E 355 -0.28 -128.76 107.08
C VAL E 355 -0.17 -127.59 106.08
N VAL E 356 -1.27 -127.18 105.46
CA VAL E 356 -1.26 -126.15 104.41
C VAL E 356 -2.03 -124.90 104.83
N TYR E 357 -2.22 -124.69 106.11
CA TYR E 357 -2.77 -123.49 106.70
C TYR E 357 -1.63 -122.49 106.91
N PRO E 358 -1.88 -121.25 106.50
CA PRO E 358 -0.78 -120.25 106.45
C PRO E 358 -0.08 -119.97 107.76
N ASP E 359 -0.80 -119.85 108.87
CA ASP E 359 -0.26 -119.30 110.11
C ASP E 359 0.17 -120.38 111.10
N LYS E 360 1.29 -120.13 111.79
CA LYS E 360 1.52 -120.77 113.07
C LYS E 360 0.44 -120.28 114.03
N PRO E 361 0.04 -121.10 115.03
CA PRO E 361 0.56 -122.40 115.47
C PRO E 361 0.37 -123.62 114.56
N THR E 362 -0.79 -123.77 113.90
CA THR E 362 -1.23 -125.03 113.28
C THR E 362 -0.12 -125.93 112.72
N SER E 363 0.98 -125.32 112.28
CA SER E 363 2.12 -126.13 111.89
C SER E 363 2.91 -126.67 113.10
N SER E 364 3.07 -125.87 114.16
CA SER E 364 3.47 -126.48 115.45
C SER E 364 2.53 -127.63 115.82
N ASP E 365 1.27 -127.56 115.37
CA ASP E 365 0.36 -128.67 115.59
C ASP E 365 0.81 -129.92 114.82
N TYR E 366 1.31 -129.76 113.59
CA TYR E 366 1.88 -130.98 112.99
C TYR E 366 3.10 -131.45 113.77
N PHE E 367 3.77 -130.53 114.47
CA PHE E 367 4.91 -130.90 115.30
C PHE E 367 4.51 -131.88 116.40
N GLN E 368 3.33 -131.66 116.98
CA GLN E 368 2.92 -132.43 118.16
C GLN E 368 2.04 -133.67 117.84
N TRP E 369 2.15 -134.23 116.64
CA TRP E 369 1.31 -135.38 116.27
C TRP E 369 1.74 -136.61 117.05
N SER E 370 0.77 -137.43 117.41
CA SER E 370 1.04 -138.72 118.03
C SER E 370 1.58 -139.70 116.99
N GLU E 371 2.14 -140.81 117.47
CA GLU E 371 2.75 -141.75 116.54
C GLU E 371 1.73 -142.31 115.57
N GLU E 372 0.50 -142.52 116.03
CA GLU E 372 -0.52 -143.06 115.14
C GLU E 372 -0.95 -142.00 114.13
N GLU E 373 -1.03 -140.74 114.56
CA GLU E 373 -1.33 -139.65 113.63
C GLU E 373 -0.29 -139.58 112.53
N THR E 374 1.00 -139.58 112.90
CA THR E 374 2.07 -139.61 111.91
C THR E 374 1.96 -140.83 111.01
N LEU E 375 1.55 -141.98 111.56
CA LEU E 375 1.47 -143.20 110.77
C LEU E 375 0.36 -143.12 109.73
N GLU E 376 -0.88 -142.85 110.16
CA GLU E 376 -1.96 -142.63 109.22
C GLU E 376 -1.63 -141.50 108.25
N PHE E 377 -0.74 -140.59 108.65
CA PHE E 377 -0.29 -139.55 107.75
C PHE E 377 0.53 -140.13 106.61
N LEU E 378 1.60 -140.87 106.92
CA LEU E 378 2.37 -141.52 105.87
C LEU E 378 1.49 -142.41 105.01
N LYS E 379 0.46 -143.02 105.61
CA LYS E 379 -0.49 -143.78 104.83
C LYS E 379 -1.15 -142.89 103.79
N TRP E 380 -1.71 -141.76 104.23
CA TRP E 380 -2.32 -140.82 103.29
C TRP E 380 -1.32 -140.27 102.29
N MET E 381 -0.02 -140.31 102.64
CA MET E 381 1.02 -139.83 101.75
C MET E 381 1.26 -140.82 100.61
N GLU E 382 1.40 -142.11 100.93
CA GLU E 382 1.57 -143.10 99.88
C GLU E 382 0.28 -143.35 99.10
N LYS E 383 -0.88 -142.99 99.66
CA LYS E 383 -2.13 -143.17 98.95
C LYS E 383 -2.41 -141.98 98.02
N GLN E 384 -2.42 -140.77 98.57
CA GLN E 384 -2.89 -139.60 97.85
C GLN E 384 -1.76 -138.69 97.34
N PHE E 385 -0.50 -139.02 97.64
CA PHE E 385 0.63 -138.46 96.90
C PHE E 385 1.20 -139.46 95.92
N LEU E 386 0.34 -140.32 95.37
CA LEU E 386 0.53 -140.85 94.03
C LEU E 386 -0.07 -139.81 93.07
N PRO E 387 -1.13 -139.06 93.50
CA PRO E 387 -1.38 -137.76 92.85
C PRO E 387 -0.25 -136.75 93.05
N THR E 388 0.94 -137.13 92.62
CA THR E 388 2.11 -136.27 92.64
C THR E 388 2.13 -135.44 91.35
N GLN E 389 3.22 -134.72 91.13
CA GLN E 389 3.34 -133.88 89.93
C GLN E 389 4.76 -133.98 89.39
N THR E 390 4.87 -134.01 88.06
CA THR E 390 6.11 -134.32 87.34
C THR E 390 6.75 -135.60 87.86
N ASP E 405 19.13 -147.44 82.31
CA ASP E 405 20.29 -146.69 82.81
C ASP E 405 20.07 -146.24 84.25
N GLN E 406 20.16 -144.92 84.46
CA GLN E 406 20.00 -144.37 85.80
C GLN E 406 18.57 -144.49 86.30
N LYS E 407 17.59 -144.52 85.39
CA LYS E 407 16.19 -144.60 85.80
C LYS E 407 15.88 -145.96 86.40
N ILE E 408 16.12 -147.04 85.66
CA ILE E 408 15.98 -148.37 86.23
C ILE E 408 16.95 -148.54 87.39
N ALA E 409 18.09 -147.86 87.35
CA ALA E 409 19.01 -147.86 88.48
C ALA E 409 18.38 -147.24 89.72
N ARG E 410 17.38 -146.37 89.55
CA ARG E 410 16.62 -145.84 90.67
C ARG E 410 15.35 -146.62 90.95
N ARG E 411 14.93 -147.50 90.04
CA ARG E 411 13.87 -148.45 90.38
C ARG E 411 14.41 -149.59 91.24
N LYS E 412 15.60 -150.08 90.90
CA LYS E 412 16.29 -151.02 91.78
C LYS E 412 16.88 -150.30 92.98
N LEU E 413 17.37 -149.07 92.77
CA LEU E 413 17.93 -148.26 93.85
C LEU E 413 16.89 -147.99 94.93
N TYR E 414 15.71 -147.50 94.54
CA TYR E 414 14.65 -147.34 95.52
C TYR E 414 14.11 -148.69 95.98
N LYS E 415 14.06 -149.67 95.07
CA LYS E 415 13.68 -151.03 95.45
C LYS E 415 14.73 -151.72 96.36
N ILE E 416 15.75 -150.97 96.80
CA ILE E 416 16.67 -151.48 97.81
C ILE E 416 16.04 -151.44 99.19
N PHE E 417 15.17 -150.46 99.44
CA PHE E 417 14.53 -150.32 100.75
C PHE E 417 13.02 -150.29 100.58
N PRO E 418 12.28 -151.07 101.36
CA PRO E 418 10.91 -151.44 100.99
C PRO E 418 9.96 -150.25 100.94
N LEU E 419 9.26 -150.13 99.80
CA LEU E 419 8.22 -149.12 99.66
C LEU E 419 7.02 -149.41 100.54
N ASP E 420 6.80 -150.68 100.89
CA ASP E 420 5.69 -151.10 101.78
C ASP E 420 4.32 -150.68 101.24
N SER E 432 -11.29 -156.15 111.94
CA SER E 432 -9.84 -156.08 112.02
C SER E 432 -9.29 -154.72 111.57
N THR E 433 -10.17 -153.74 111.39
CA THR E 433 -9.77 -152.37 111.09
C THR E 433 -9.67 -151.59 112.39
N HIS E 434 -8.46 -151.13 112.72
CA HIS E 434 -8.20 -150.56 114.04
C HIS E 434 -8.85 -149.20 114.22
N GLN E 435 -8.49 -148.23 113.36
CA GLN E 435 -9.03 -146.88 113.50
C GLN E 435 -10.55 -146.92 113.42
N LEU E 436 -11.21 -146.11 114.24
CA LEU E 436 -12.66 -146.12 114.38
C LEU E 436 -13.31 -145.00 113.57
N THR E 437 -14.62 -145.11 113.41
CA THR E 437 -15.36 -144.19 112.54
C THR E 437 -15.67 -142.90 113.29
N PHE E 438 -16.42 -142.01 112.64
CA PHE E 438 -16.73 -140.69 113.19
C PHE E 438 -17.69 -140.78 114.37
N ILE E 439 -18.88 -141.37 114.15
CA ILE E 439 -19.86 -141.45 115.22
C ILE E 439 -19.40 -142.36 116.34
N GLU E 440 -18.46 -143.26 116.08
CA GLU E 440 -17.85 -144.03 117.16
C GLU E 440 -17.07 -143.11 118.09
N ASP E 441 -16.14 -142.34 117.54
CA ASP E 441 -15.40 -141.37 118.34
C ASP E 441 -16.33 -140.41 119.05
N LEU E 442 -17.32 -139.90 118.32
CA LEU E 442 -18.30 -138.98 118.88
C LEU E 442 -19.01 -139.59 120.08
N GLN E 443 -19.53 -140.81 119.89
CA GLN E 443 -20.14 -141.54 121.00
C GLN E 443 -19.20 -141.64 122.17
N GLU E 444 -17.94 -141.98 121.91
CA GLU E 444 -17.07 -142.34 123.01
C GLU E 444 -16.62 -141.12 123.81
N ARG E 445 -16.55 -139.93 123.20
CA ARG E 445 -16.28 -138.77 124.04
C ARG E 445 -17.55 -138.28 124.70
N TYR E 446 -18.69 -138.48 124.04
CA TYR E 446 -19.97 -138.24 124.72
C TYR E 446 -20.06 -139.07 125.98
N ALA E 447 -19.48 -140.26 125.97
CA ALA E 447 -19.45 -141.09 127.16
C ALA E 447 -18.33 -140.67 128.09
N LYS E 448 -17.19 -140.27 127.52
CA LYS E 448 -16.08 -139.79 128.33
C LYS E 448 -16.49 -138.62 129.21
N GLN E 449 -17.57 -137.92 128.86
CA GLN E 449 -18.11 -136.92 129.76
C GLN E 449 -19.35 -137.39 130.52
N THR E 450 -19.74 -138.66 130.39
CA THR E 450 -21.09 -139.06 130.81
C THR E 450 -21.34 -138.91 132.31
N PRO E 451 -20.28 -138.86 133.20
CA PRO E 451 -20.49 -138.22 134.51
C PRO E 451 -20.89 -136.76 134.38
N PHE E 452 -22.19 -136.58 134.24
CA PHE E 452 -22.87 -135.30 134.24
C PHE E 452 -23.70 -135.16 135.51
N PHE E 453 -24.61 -136.10 135.72
CA PHE E 453 -25.49 -136.14 136.88
C PHE E 453 -24.78 -136.70 138.11
N PRO E 469 -14.29 -121.04 141.76
CA PRO E 469 -15.58 -120.61 141.23
C PRO E 469 -15.53 -119.44 140.22
N PRO E 470 -14.59 -118.49 140.35
CA PRO E 470 -14.41 -117.52 139.25
C PRO E 470 -13.39 -118.02 138.23
N ALA E 471 -12.55 -118.97 138.63
CA ALA E 471 -11.60 -119.59 137.72
C ALA E 471 -12.23 -120.70 136.88
N ARG E 472 -13.57 -120.78 136.86
CA ARG E 472 -14.23 -121.56 135.82
C ARG E 472 -14.30 -120.76 134.52
N LYS E 473 -14.27 -119.44 134.61
CA LYS E 473 -14.08 -118.60 133.44
C LYS E 473 -12.87 -119.08 132.64
N GLU E 474 -11.83 -119.58 133.33
CA GLU E 474 -10.70 -120.16 132.64
C GLU E 474 -11.13 -121.35 131.77
N ALA E 475 -11.92 -122.25 132.34
CA ALA E 475 -12.40 -123.40 131.56
C ALA E 475 -13.19 -122.92 130.35
N ILE E 476 -14.07 -121.93 130.56
CA ILE E 476 -14.81 -121.33 129.46
C ILE E 476 -13.85 -120.87 128.37
N GLY E 477 -12.77 -120.20 128.77
CA GLY E 477 -11.90 -119.57 127.79
C GLY E 477 -11.04 -120.55 127.03
N ARG E 478 -10.48 -121.55 127.72
CA ARG E 478 -9.68 -122.53 126.99
C ARG E 478 -10.56 -123.38 126.08
N LEU E 479 -11.80 -123.67 126.49
CA LEU E 479 -12.70 -124.37 125.59
C LEU E 479 -13.00 -123.53 124.36
N LEU E 480 -13.33 -122.26 124.58
CA LEU E 480 -13.61 -121.37 123.45
C LEU E 480 -12.41 -121.26 122.52
N THR E 481 -11.19 -121.18 123.07
CA THR E 481 -10.02 -121.02 122.20
C THR E 481 -9.70 -122.30 121.45
N HIS E 482 -9.93 -123.46 122.04
CA HIS E 482 -9.73 -124.70 121.29
C HIS E 482 -10.75 -124.82 120.17
N ILE E 483 -12.03 -124.62 120.50
CA ILE E 483 -13.07 -124.62 119.50
C ILE E 483 -12.70 -123.67 118.37
N ALA E 484 -12.37 -122.43 118.72
CA ALA E 484 -11.90 -121.47 117.73
C ALA E 484 -10.81 -122.07 116.84
N SER E 485 -9.75 -122.61 117.43
CA SER E 485 -8.69 -123.24 116.63
C SER E 485 -9.28 -124.16 115.57
N GLN E 486 -10.14 -125.09 115.99
CA GLN E 486 -10.69 -126.03 115.03
C GLN E 486 -11.41 -125.30 113.91
N LEU E 487 -12.15 -124.24 114.25
CA LEU E 487 -12.93 -123.56 113.23
C LEU E 487 -12.01 -122.79 112.27
N LEU E 488 -10.93 -122.21 112.79
CA LEU E 488 -10.00 -121.48 111.95
C LEU E 488 -9.40 -122.40 110.90
N VAL E 489 -8.89 -123.57 111.29
CA VAL E 489 -8.34 -124.45 110.27
C VAL E 489 -9.43 -124.99 109.37
N ASP E 490 -10.59 -125.27 109.93
CA ASP E 490 -11.61 -126.01 109.19
C ASP E 490 -12.29 -125.16 108.13
N PHE E 491 -12.53 -123.88 108.44
CA PHE E 491 -13.23 -122.94 107.57
C PHE E 491 -12.27 -121.98 106.85
N ALA E 492 -10.98 -122.29 106.84
CA ALA E 492 -9.92 -121.54 106.14
C ALA E 492 -10.11 -120.03 106.26
N ILE E 493 -10.05 -119.53 107.49
CA ILE E 493 -9.96 -118.10 107.70
C ILE E 493 -8.81 -117.79 108.66
N SER E 494 -8.71 -116.53 109.07
CA SER E 494 -7.68 -116.09 110.00
C SER E 494 -8.20 -116.04 111.42
N LYS E 495 -7.28 -116.21 112.37
CA LYS E 495 -7.53 -115.79 113.74
C LYS E 495 -8.19 -114.42 113.77
N GLU E 496 -7.50 -113.44 113.19
CA GLU E 496 -7.95 -112.06 113.23
C GLU E 496 -9.28 -111.88 112.52
N GLN E 497 -9.49 -112.62 111.42
CA GLN E 497 -10.77 -112.57 110.74
C GLN E 497 -11.91 -112.98 111.67
N LEU E 498 -11.82 -114.20 112.22
CA LEU E 498 -12.85 -114.71 113.10
C LEU E 498 -13.14 -113.74 114.23
N LYS E 499 -12.10 -113.36 114.99
CA LYS E 499 -12.37 -112.50 116.14
C LYS E 499 -12.89 -111.15 115.72
N ASP E 500 -12.53 -110.67 114.53
CA ASP E 500 -13.19 -109.48 114.02
C ASP E 500 -14.70 -109.72 113.89
N CYS E 501 -15.09 -110.86 113.32
CA CYS E 501 -16.50 -111.10 113.06
C CYS E 501 -17.27 -111.28 114.36
N ILE E 502 -16.79 -112.15 115.26
CA ILE E 502 -17.54 -112.37 116.49
C ILE E 502 -17.45 -111.16 117.40
N SER E 503 -16.42 -110.33 117.28
CA SER E 503 -16.42 -109.07 118.00
C SER E 503 -17.52 -108.17 117.48
N ARG E 504 -17.56 -107.97 116.17
CA ARG E 504 -18.55 -107.08 115.57
C ARG E 504 -19.96 -107.54 115.90
N ILE E 505 -20.25 -108.82 115.65
CA ILE E 505 -21.60 -109.33 115.84
C ILE E 505 -21.92 -109.52 117.32
N LYS E 506 -20.90 -109.58 118.18
CA LYS E 506 -21.13 -109.55 119.63
C LYS E 506 -21.61 -108.18 120.07
N ASN E 507 -20.93 -107.12 119.61
CA ASN E 507 -21.45 -105.78 119.83
C ASN E 507 -22.77 -105.55 119.13
N ALA E 508 -23.05 -106.34 118.08
CA ALA E 508 -24.32 -106.32 117.38
C ALA E 508 -25.42 -107.01 118.16
N CYS E 509 -25.08 -107.87 119.12
CA CYS E 509 -26.08 -108.40 120.03
C CYS E 509 -26.22 -107.58 121.29
N LEU E 510 -25.10 -107.04 121.80
CA LEU E 510 -25.18 -106.11 122.92
C LEU E 510 -25.99 -104.87 122.55
N HIS E 511 -25.87 -104.42 121.29
CA HIS E 511 -26.57 -103.21 120.86
C HIS E 511 -28.08 -103.44 120.77
N ARG E 512 -28.49 -104.58 120.23
CA ARG E 512 -29.92 -104.92 120.14
C ARG E 512 -30.43 -105.58 121.41
N MET E 513 -29.59 -105.65 122.44
CA MET E 513 -29.98 -106.10 123.78
C MET E 513 -30.08 -104.95 124.77
N ASN E 514 -29.14 -104.01 124.74
CA ASN E 514 -29.15 -102.86 125.65
C ASN E 514 -30.24 -101.87 125.27
N MET F 1 11.02 -127.24 110.11
CA MET F 1 12.07 -126.44 110.73
C MET F 1 13.44 -127.06 110.44
N PHE F 2 13.46 -128.00 109.51
CA PHE F 2 14.70 -128.64 109.10
C PHE F 2 14.92 -128.41 107.60
N GLU F 3 16.19 -128.54 107.19
CA GLU F 3 16.58 -128.40 105.79
C GLU F 3 15.74 -129.32 104.92
N VAL F 4 15.39 -128.84 103.74
CA VAL F 4 14.58 -129.64 102.82
C VAL F 4 15.48 -130.22 101.74
N PRO F 5 15.28 -131.47 101.34
CA PRO F 5 16.09 -132.07 100.27
C PRO F 5 15.41 -131.91 98.91
N ILE F 6 15.10 -130.67 98.55
CA ILE F 6 14.57 -130.32 97.24
C ILE F 6 15.21 -129.01 96.79
N THR F 7 15.33 -128.85 95.47
CA THR F 7 15.71 -127.57 94.88
C THR F 7 14.67 -126.51 95.22
N LEU F 8 15.15 -125.30 95.52
CA LEU F 8 14.28 -124.28 96.07
C LEU F 8 13.39 -123.68 94.99
N THR F 9 12.14 -123.37 95.37
CA THR F 9 11.22 -122.68 94.46
C THR F 9 11.93 -121.49 93.83
N ASN F 10 11.71 -121.32 92.52
CA ASN F 10 12.68 -120.62 91.69
C ASN F 10 12.46 -119.11 91.61
N ARG F 11 11.26 -118.67 91.24
CA ARG F 11 11.09 -117.37 90.59
C ARG F 11 11.71 -116.22 91.38
N LYS F 12 11.19 -115.95 92.58
CA LYS F 12 11.54 -114.70 93.25
C LYS F 12 12.94 -114.74 93.86
N PHE F 13 13.36 -115.89 94.37
CA PHE F 13 14.66 -115.96 95.03
C PHE F 13 15.81 -115.67 94.08
N ALA F 14 15.62 -116.02 92.80
CA ALA F 14 16.66 -115.74 91.81
C ALA F 14 16.75 -114.25 91.49
N GLN F 15 15.61 -113.57 91.35
CA GLN F 15 15.68 -112.14 91.05
C GLN F 15 16.12 -111.33 92.26
N ARG F 16 15.84 -111.81 93.48
CA ARG F 16 16.47 -111.21 94.65
C ARG F 16 17.97 -111.42 94.63
N ARG F 17 18.43 -112.62 94.23
CA ARG F 17 19.86 -112.83 94.09
C ARG F 17 20.46 -111.85 93.09
N LYS F 18 19.74 -111.57 92.00
CA LYS F 18 20.14 -110.55 91.03
C LYS F 18 20.34 -109.22 91.73
N LEU F 19 19.25 -108.63 92.23
CA LEU F 19 19.33 -107.33 92.88
C LEU F 19 20.49 -107.29 93.87
N LYS F 20 20.62 -108.34 94.69
CA LYS F 20 21.65 -108.36 95.72
C LYS F 20 23.04 -108.27 95.11
N TYR F 21 23.39 -109.22 94.24
CA TYR F 21 24.76 -109.24 93.75
C TYR F 21 25.06 -108.08 92.79
N GLN F 22 24.03 -107.51 92.16
CA GLN F 22 24.22 -106.34 91.30
C GLN F 22 24.55 -105.10 92.12
N TYR F 23 23.77 -104.86 93.18
CA TYR F 23 24.10 -103.79 94.11
C TYR F 23 25.45 -104.01 94.78
N ILE F 24 25.75 -105.26 95.14
CA ILE F 24 27.05 -105.61 95.70
C ILE F 24 28.14 -105.19 94.74
N ASN F 25 27.95 -105.50 93.46
CA ASN F 25 28.90 -105.10 92.42
C ASN F 25 29.11 -103.59 92.43
N TYR F 26 28.02 -102.81 92.45
CA TYR F 26 28.19 -101.37 92.33
C TYR F 26 28.92 -100.78 93.53
N ILE F 27 28.58 -101.24 94.75
CA ILE F 27 29.19 -100.69 95.95
C ILE F 27 30.66 -101.09 96.04
N SER F 28 30.99 -102.36 95.74
CA SER F 28 32.38 -102.78 95.84
C SER F 28 33.24 -102.18 94.73
N ARG F 29 32.65 -102.03 93.54
CA ARG F 29 33.31 -101.31 92.47
C ARG F 29 33.70 -99.91 92.93
N ARG F 30 32.73 -99.11 93.35
CA ARG F 30 33.09 -97.75 93.73
C ARG F 30 34.02 -97.72 94.93
N PHE F 31 33.99 -98.77 95.76
CA PHE F 31 34.92 -98.85 96.88
C PHE F 31 36.36 -99.02 96.40
N ASP F 32 36.59 -99.88 95.40
CA ASP F 32 37.94 -100.01 94.85
C ASP F 32 38.32 -98.78 94.03
N ARG F 33 37.34 -98.09 93.47
CA ARG F 33 37.61 -96.80 92.84
C ARG F 33 38.16 -95.81 93.87
N ILE F 34 37.56 -95.78 95.07
CA ILE F 34 38.03 -94.84 96.08
C ILE F 34 39.33 -95.30 96.73
N SER F 35 39.63 -96.60 96.70
CA SER F 35 40.93 -97.05 97.17
C SER F 35 42.02 -96.80 96.13
N LYS F 36 41.66 -96.68 94.86
CA LYS F 36 42.62 -96.24 93.84
C LYS F 36 42.98 -94.78 94.05
N GLN F 74 21.34 -110.28 85.59
CA GLN F 74 22.11 -111.26 84.86
C GLN F 74 22.68 -112.36 85.76
N GLN F 75 22.24 -113.59 85.48
CA GLN F 75 22.80 -114.76 86.13
C GLN F 75 24.32 -114.75 86.05
N LYS F 76 24.87 -114.20 84.95
CA LYS F 76 26.32 -114.12 84.80
C LYS F 76 26.92 -113.04 85.69
N LYS F 77 26.22 -111.93 85.92
CA LYS F 77 26.71 -110.93 86.86
C LYS F 77 26.80 -111.52 88.25
N ARG F 78 25.74 -112.20 88.67
CA ARG F 78 25.81 -112.98 89.91
C ARG F 78 26.94 -114.00 89.87
N ARG F 79 27.24 -114.53 88.68
CA ARG F 79 28.21 -115.62 88.57
C ARG F 79 29.63 -115.12 88.79
N ARG F 80 30.03 -114.08 88.06
CA ARG F 80 31.33 -113.47 88.30
C ARG F 80 31.43 -112.95 89.72
N GLU F 81 30.33 -112.34 90.20
CA GLU F 81 30.31 -111.74 91.53
C GLU F 81 30.59 -112.78 92.61
N ARG F 82 29.77 -113.82 92.67
CA ARG F 82 30.08 -114.94 93.57
C ARG F 82 31.40 -115.59 93.20
N HIS F 83 31.91 -115.36 91.98
CA HIS F 83 33.08 -116.10 91.52
C HIS F 83 34.36 -115.63 92.19
N TRP F 84 34.81 -114.40 91.93
CA TRP F 84 36.21 -114.09 92.24
C TRP F 84 36.41 -114.07 93.75
N ARG F 85 36.59 -115.27 94.31
CA ARG F 85 36.66 -115.57 95.75
C ARG F 85 36.89 -117.06 95.96
N SER F 86 37.85 -117.42 96.84
CA SER F 86 38.13 -118.80 97.20
C SER F 86 36.83 -119.57 97.41
N VAL F 87 36.50 -120.45 96.48
CA VAL F 87 35.17 -121.03 96.39
C VAL F 87 35.01 -122.24 97.28
N SER F 137 45.70 -135.96 120.23
CA SER F 137 45.72 -137.39 120.53
C SER F 137 44.72 -138.19 119.70
N PHE F 138 43.99 -137.53 118.81
CA PHE F 138 43.07 -138.22 117.93
C PHE F 138 43.12 -137.59 116.54
N GLU F 139 42.56 -138.31 115.57
CA GLU F 139 42.86 -138.10 114.15
C GLU F 139 42.15 -136.86 113.58
N ILE F 140 42.51 -135.70 114.11
CA ILE F 140 41.92 -134.44 113.67
C ILE F 140 42.57 -133.99 112.37
N TRP F 141 41.76 -133.89 111.31
CA TRP F 141 42.17 -133.36 110.02
C TRP F 141 42.46 -131.87 110.10
N ARG F 142 43.48 -131.50 110.91
CA ARG F 142 43.68 -130.14 111.39
C ARG F 142 43.58 -129.05 110.32
N THR F 143 43.25 -127.84 110.74
CA THR F 143 42.98 -126.70 109.87
C THR F 143 44.29 -125.98 109.51
N VAL F 144 44.22 -124.70 109.16
CA VAL F 144 45.42 -123.87 108.98
C VAL F 144 45.35 -122.77 110.02
N SER F 145 46.24 -122.82 111.01
CA SER F 145 46.18 -121.90 112.13
C SER F 145 46.72 -120.52 111.73
N SER F 146 47.00 -119.67 112.72
CA SER F 146 47.35 -118.27 112.51
C SER F 146 48.87 -118.11 112.59
N GLN F 147 49.50 -118.01 111.43
CA GLN F 147 50.83 -117.42 111.29
C GLN F 147 51.04 -117.16 109.81
N ASN F 148 51.86 -116.15 109.50
CA ASN F 148 52.05 -115.62 108.15
C ASN F 148 50.74 -115.01 107.62
N LYS F 149 50.25 -114.01 108.35
CA LYS F 149 49.09 -113.23 107.92
C LYS F 149 49.27 -111.76 108.30
N GLN F 150 48.82 -110.90 107.38
CA GLN F 150 49.22 -109.49 107.32
C GLN F 150 48.66 -108.70 108.50
N PRO F 151 49.32 -107.58 108.89
CA PRO F 151 49.17 -107.06 110.26
C PRO F 151 47.81 -106.46 110.60
N ILE F 152 47.34 -105.47 109.84
CA ILE F 152 46.33 -104.59 110.41
C ILE F 152 45.56 -103.83 109.33
N ASN F 153 44.58 -103.05 109.77
CA ASN F 153 44.01 -101.93 109.03
C ASN F 153 43.48 -100.98 110.09
N LYS F 154 43.51 -99.68 109.81
CA LYS F 154 42.97 -98.70 110.73
C LYS F 154 41.91 -97.87 110.02
N GLN F 155 40.77 -97.70 110.70
CA GLN F 155 39.48 -97.19 110.22
C GLN F 155 39.45 -96.79 108.76
N LYS F 156 38.58 -97.43 107.98
CA LYS F 156 38.36 -97.00 106.62
C LYS F 156 37.08 -96.20 106.46
N MET F 157 36.10 -96.36 107.34
CA MET F 157 34.72 -96.00 106.99
C MET F 157 34.00 -95.16 108.04
N THR F 158 34.08 -93.83 107.89
CA THR F 158 33.21 -92.97 108.66
C THR F 158 31.84 -92.86 108.00
N TYR F 159 30.92 -92.20 108.71
CA TYR F 159 29.57 -91.98 108.20
C TYR F 159 29.62 -91.28 106.86
N HIS F 160 30.25 -90.10 106.83
CA HIS F 160 30.30 -89.32 105.59
C HIS F 160 30.96 -90.11 104.46
N ASN F 161 32.08 -90.77 104.74
CA ASN F 161 32.77 -91.51 103.68
C ASN F 161 31.94 -92.69 103.20
N PHE F 162 31.32 -93.45 104.11
CA PHE F 162 30.47 -94.53 103.65
C PHE F 162 29.34 -94.03 102.77
N LYS F 163 28.54 -93.07 103.28
CA LYS F 163 27.44 -92.58 102.46
C LYS F 163 27.94 -91.96 101.16
N LYS F 164 29.19 -91.51 101.11
CA LYS F 164 29.82 -91.21 99.83
C LYS F 164 29.82 -92.45 98.94
N ILE F 165 30.31 -93.57 99.44
CA ILE F 165 30.34 -94.78 98.61
C ILE F 165 28.94 -95.30 98.30
N GLU F 166 27.98 -95.02 99.16
CA GLU F 166 26.66 -95.62 99.02
C GLU F 166 25.73 -94.81 98.13
N LYS F 167 25.95 -93.48 98.04
CA LYS F 167 24.93 -92.58 97.51
C LYS F 167 24.56 -92.91 96.08
N ILE F 168 25.54 -93.20 95.23
CA ILE F 168 25.30 -93.37 93.81
C ILE F 168 24.82 -94.78 93.46
N PRO F 169 25.45 -95.86 93.91
CA PRO F 169 25.00 -97.20 93.49
C PRO F 169 23.58 -97.51 93.92
N LEU F 170 22.99 -96.73 94.82
CA LEU F 170 21.61 -96.97 95.21
C LEU F 170 20.61 -96.50 94.15
N ARG F 171 20.94 -95.44 93.40
CA ARG F 171 20.03 -95.00 92.35
C ARG F 171 20.13 -95.91 91.13
N LYS F 172 21.37 -96.22 90.73
CA LYS F 172 21.56 -97.25 89.71
C LYS F 172 20.64 -98.42 90.01
N MET F 173 20.60 -98.83 91.29
CA MET F 173 19.61 -99.80 91.74
C MET F 173 18.19 -99.27 91.58
N GLU F 174 18.00 -97.96 91.64
CA GLU F 174 16.64 -97.45 91.46
C GLU F 174 16.10 -97.82 90.07
N ILE F 175 16.98 -98.03 89.10
CA ILE F 175 16.49 -98.42 87.76
C ILE F 175 15.87 -99.81 87.74
N PRO F 176 16.60 -100.91 88.02
CA PRO F 176 15.99 -102.23 87.85
C PRO F 176 15.07 -102.61 88.99
N LEU F 177 15.16 -101.91 90.13
CA LEU F 177 14.14 -102.02 91.16
C LEU F 177 12.76 -101.73 90.61
N LEU F 178 12.70 -100.95 89.52
CA LEU F 178 11.42 -100.61 88.94
C LEU F 178 10.85 -101.76 88.12
N HIS F 179 11.70 -102.72 87.75
CA HIS F 179 11.33 -103.89 86.98
C HIS F 179 10.96 -105.08 87.83
N CYS F 180 11.45 -105.15 89.05
CA CYS F 180 11.16 -106.27 89.93
C CYS F 180 9.87 -106.03 90.71
N THR F 181 9.46 -107.04 91.47
CA THR F 181 8.20 -106.99 92.17
C THR F 181 8.31 -106.18 93.45
N LYS F 182 7.16 -105.76 93.97
CA LYS F 182 7.11 -104.87 95.13
C LYS F 182 7.68 -105.55 96.38
N GLU F 183 7.32 -106.81 96.62
CA GLU F 183 7.92 -107.55 97.72
C GLU F 183 9.43 -107.56 97.63
N ASN F 184 9.97 -107.62 96.41
CA ASN F 184 11.43 -107.62 96.25
C ASN F 184 12.01 -106.21 96.24
N LYS F 185 11.22 -105.19 95.91
CA LYS F 185 11.60 -103.82 96.27
C LYS F 185 11.86 -103.72 97.76
N LEU F 186 10.87 -104.10 98.58
CA LEU F 186 10.98 -103.97 100.03
C LEU F 186 12.10 -104.86 100.57
N TYR F 187 12.25 -106.04 99.97
CA TYR F 187 13.38 -106.91 100.28
C TYR F 187 14.71 -106.19 100.07
N PHE F 188 14.93 -105.67 98.86
CA PHE F 188 16.20 -105.00 98.57
C PHE F 188 16.40 -103.80 99.48
N GLN F 189 15.36 -102.99 99.67
CA GLN F 189 15.48 -101.85 100.56
C GLN F 189 15.89 -102.27 101.97
N SER F 190 15.44 -103.46 102.42
CA SER F 190 15.73 -103.86 103.78
C SER F 190 17.12 -104.48 103.91
N ILE F 191 17.51 -105.36 102.98
CA ILE F 191 18.88 -105.89 103.05
C ILE F 191 19.88 -104.78 102.85
N SER F 192 19.52 -103.76 102.07
CA SER F 192 20.41 -102.63 101.80
C SER F 192 20.39 -101.60 102.93
N ARG F 193 19.34 -101.58 103.74
CA ARG F 193 19.42 -100.93 105.03
C ARG F 193 20.27 -101.73 106.01
N GLY F 194 20.44 -103.03 105.75
CA GLY F 194 21.19 -103.88 106.66
C GLY F 194 20.34 -104.83 107.48
N LEU F 195 19.02 -104.67 107.46
CA LEU F 195 18.12 -105.63 108.10
C LEU F 195 18.32 -107.02 107.50
N GLU F 196 17.82 -108.03 108.22
CA GLU F 196 17.86 -109.41 107.77
C GLU F 196 16.44 -109.98 107.75
N PRO F 197 16.11 -110.81 106.76
CA PRO F 197 14.72 -111.27 106.67
C PRO F 197 14.44 -112.31 107.74
N LEU F 198 13.27 -112.24 108.37
CA LEU F 198 12.93 -113.32 109.30
C LEU F 198 11.96 -114.31 108.71
N LYS F 199 11.77 -114.27 107.39
CA LYS F 199 11.11 -115.34 106.64
C LYS F 199 12.16 -116.07 105.81
N THR F 200 12.20 -117.40 105.93
CA THR F 200 13.11 -118.23 105.16
C THR F 200 12.59 -118.46 103.74
N SER F 201 13.46 -118.98 102.87
CA SER F 201 13.00 -119.40 101.55
C SER F 201 11.96 -120.51 101.66
N THR F 202 12.20 -121.45 102.56
CA THR F 202 11.19 -122.47 102.83
C THR F 202 9.91 -121.84 103.36
N SER F 203 10.04 -120.98 104.38
CA SER F 203 8.87 -120.38 105.03
C SER F 203 8.01 -119.55 104.09
N GLU F 204 8.42 -119.33 102.85
CA GLU F 204 7.59 -118.57 101.94
C GLU F 204 7.41 -119.27 100.60
N VAL F 205 7.70 -120.57 100.53
CA VAL F 205 7.44 -121.31 99.30
C VAL F 205 5.94 -121.45 99.09
N ARG F 206 5.23 -121.96 100.09
CA ARG F 206 3.78 -121.89 100.16
C ARG F 206 3.11 -122.48 98.91
N ASN F 207 3.54 -123.67 98.55
CA ASN F 207 2.88 -124.48 97.54
C ASN F 207 2.56 -125.83 98.17
N TYR F 208 1.39 -126.37 97.85
CA TYR F 208 0.88 -127.60 98.45
C TYR F 208 1.96 -128.67 98.61
N ARG F 209 2.43 -129.21 97.48
CA ARG F 209 3.36 -130.34 97.50
C ARG F 209 4.61 -130.03 98.32
N THR F 210 5.15 -128.81 98.18
CA THR F 210 6.40 -128.51 98.86
C THR F 210 6.17 -128.36 100.36
N ARG F 211 5.06 -127.73 100.76
CA ARG F 211 4.75 -127.63 102.19
C ARG F 211 4.55 -129.01 102.80
N HIS F 212 3.96 -129.92 102.02
CA HIS F 212 3.80 -131.29 102.50
C HIS F 212 5.14 -131.97 102.64
N ILE F 213 6.02 -131.85 101.65
CA ILE F 213 7.36 -132.41 101.78
C ILE F 213 8.08 -131.81 102.98
N VAL F 214 7.86 -130.52 103.26
CA VAL F 214 8.47 -129.89 104.43
C VAL F 214 8.01 -130.58 105.71
N THR F 215 6.71 -130.83 105.83
CA THR F 215 6.21 -131.53 107.01
C THR F 215 6.74 -132.95 107.08
N LEU F 216 6.79 -133.65 105.94
CA LEU F 216 7.34 -135.00 105.89
C LEU F 216 8.77 -135.03 106.40
N THR F 217 9.67 -134.30 105.72
CA THR F 217 11.07 -134.23 106.11
C THR F 217 11.23 -133.86 107.59
N ASP F 218 10.49 -132.83 108.03
CA ASP F 218 10.51 -132.46 109.43
C ASP F 218 10.26 -133.68 110.31
N LEU F 219 9.13 -134.36 110.10
CA LEU F 219 8.81 -135.54 110.90
C LEU F 219 9.90 -136.59 110.85
N LEU F 220 10.61 -136.69 109.71
CA LEU F 220 11.78 -137.54 109.65
C LEU F 220 12.81 -137.08 110.69
N HIS F 221 13.23 -135.81 110.60
CA HIS F 221 14.28 -135.33 111.50
C HIS F 221 13.85 -135.45 112.95
N LEU F 222 12.58 -135.17 113.23
CA LEU F 222 12.08 -135.25 114.59
C LEU F 222 12.15 -136.66 115.11
N ASN F 223 11.55 -137.60 114.37
CA ASN F 223 11.55 -139.00 114.82
C ASN F 223 12.96 -139.53 114.99
N VAL F 224 13.87 -139.18 114.06
CA VAL F 224 15.26 -139.59 114.19
C VAL F 224 15.88 -138.99 115.46
N SER F 225 15.45 -137.80 115.86
CA SER F 225 15.92 -137.30 117.15
C SER F 225 15.30 -138.09 118.31
N ARG F 226 14.07 -138.58 118.12
CA ARG F 226 13.28 -139.22 119.16
C ARG F 226 13.53 -140.72 119.28
N HIS F 227 14.58 -141.23 118.66
CA HIS F 227 14.92 -142.65 118.68
C HIS F 227 13.80 -143.52 118.10
N ASN F 228 12.81 -142.91 117.45
CA ASN F 228 11.66 -143.65 116.92
C ASN F 228 11.99 -144.26 115.55
N TRP F 229 13.08 -145.05 115.54
CA TRP F 229 13.67 -145.56 114.30
C TRP F 229 12.65 -146.23 113.39
N SER F 230 11.59 -146.81 113.95
CA SER F 230 10.57 -147.45 113.13
C SER F 230 9.80 -146.41 112.32
N LEU F 231 9.12 -145.50 113.01
CA LEU F 231 8.44 -144.39 112.34
C LEU F 231 9.38 -143.69 111.38
N ALA F 232 10.47 -143.15 111.92
CA ALA F 232 11.50 -142.50 111.14
C ALA F 232 11.80 -143.27 109.86
N TYR F 233 11.87 -144.60 109.95
CA TYR F 233 12.12 -145.38 108.74
C TYR F 233 10.97 -145.25 107.76
N LYS F 234 9.73 -145.33 108.26
CA LYS F 234 8.60 -145.13 107.35
C LYS F 234 8.67 -143.75 106.69
N ILE F 235 8.97 -142.72 107.48
CA ILE F 235 9.14 -141.37 106.94
C ILE F 235 10.17 -141.38 105.82
N PHE F 236 11.32 -141.99 106.08
CA PHE F 236 12.40 -141.96 105.10
C PHE F 236 12.00 -142.63 103.80
N ALA F 237 11.37 -143.82 103.87
CA ALA F 237 11.00 -144.51 102.64
C ALA F 237 9.96 -143.72 101.85
N THR F 238 8.92 -143.24 102.53
CA THR F 238 7.91 -142.42 101.86
C THR F 238 8.52 -141.16 101.24
N LEU F 239 9.53 -140.59 101.90
CA LEU F 239 10.19 -139.39 101.40
C LEU F 239 10.97 -139.70 100.12
N ILE F 240 11.98 -140.57 100.20
CA ILE F 240 12.76 -140.92 99.02
C ILE F 240 11.88 -141.39 97.87
N ARG F 241 10.68 -141.91 98.16
CA ARG F 241 9.75 -142.20 97.06
C ARG F 241 9.45 -140.97 96.21
N ILE F 242 9.42 -139.79 96.83
CA ILE F 242 8.89 -138.62 96.13
C ILE F 242 9.85 -138.18 95.03
N PRO F 243 9.36 -137.64 93.91
CA PRO F 243 10.23 -137.39 92.76
C PRO F 243 11.14 -136.20 92.92
N GLY F 244 11.01 -135.40 93.98
CA GLY F 244 11.77 -134.19 94.07
C GLY F 244 13.05 -134.28 94.90
N VAL F 245 13.14 -135.30 95.74
CA VAL F 245 14.17 -135.33 96.78
C VAL F 245 15.39 -136.07 96.26
N GLN F 246 16.51 -135.36 96.09
CA GLN F 246 17.75 -136.10 95.96
C GLN F 246 18.38 -136.27 97.34
N ILE F 247 19.40 -137.11 97.38
CA ILE F 247 19.80 -137.78 98.62
C ILE F 247 20.90 -136.96 99.28
N LYS F 248 20.48 -136.02 100.12
CA LYS F 248 21.28 -135.60 101.27
C LYS F 248 21.04 -136.54 102.46
N SER F 249 19.86 -137.14 102.51
CA SER F 249 19.34 -137.87 103.65
C SER F 249 20.11 -139.14 103.98
N LEU F 250 21.33 -139.29 103.40
CA LEU F 250 22.06 -140.54 103.56
C LEU F 250 22.56 -140.75 104.99
N TRP F 251 22.95 -139.70 105.71
CA TRP F 251 23.29 -139.86 107.13
C TRP F 251 22.04 -140.21 107.93
N GLY F 252 20.91 -139.58 107.59
CA GLY F 252 19.63 -140.01 108.13
C GLY F 252 19.46 -141.51 108.04
N ILE F 253 19.71 -142.09 106.86
CA ILE F 253 19.54 -143.54 106.77
C ILE F 253 20.72 -144.31 107.36
N GLY F 254 21.91 -143.72 107.42
CA GLY F 254 23.09 -144.40 107.93
C GLY F 254 22.91 -144.68 109.40
N VAL F 255 22.71 -143.62 110.19
CA VAL F 255 22.39 -143.82 111.59
C VAL F 255 21.02 -144.47 111.75
N GLU F 256 20.16 -144.36 110.74
CA GLU F 256 18.84 -144.97 110.78
C GLU F 256 18.87 -146.49 110.79
N ILE F 257 19.34 -147.09 109.70
CA ILE F 257 19.50 -148.53 109.63
C ILE F 257 20.52 -149.01 110.65
N LEU F 258 21.50 -148.18 110.99
CA LEU F 258 22.45 -148.53 112.05
C LEU F 258 21.71 -148.85 113.35
N ASP F 259 20.99 -147.87 113.90
CA ASP F 259 20.20 -148.15 115.09
C ASP F 259 18.98 -149.01 114.82
N ASN F 260 18.69 -149.35 113.56
CA ASN F 260 17.51 -150.16 113.29
C ASN F 260 17.76 -151.63 113.61
N LEU F 261 18.86 -152.19 113.08
CA LEU F 261 19.21 -153.59 113.26
C LEU F 261 18.11 -154.54 112.77
N SER F 262 17.05 -153.99 112.17
CA SER F 262 15.81 -154.76 112.01
C SER F 262 15.89 -155.71 110.83
N ASN F 263 15.92 -155.18 109.62
CA ASN F 263 15.79 -156.03 108.44
C ASN F 263 16.76 -155.66 107.32
N SER F 264 16.59 -154.46 106.81
CA SER F 264 17.05 -154.13 105.46
C SER F 264 18.57 -153.97 105.39
N SER F 265 19.14 -154.47 104.29
CA SER F 265 20.58 -154.45 104.03
C SER F 265 21.21 -153.20 104.62
N SER F 266 22.12 -153.41 105.57
CA SER F 266 22.35 -152.45 106.64
C SER F 266 23.16 -151.24 106.18
N GLY F 267 23.55 -150.41 107.15
CA GLY F 267 24.21 -149.15 106.85
C GLY F 267 25.50 -149.31 106.07
N LEU F 268 26.22 -150.42 106.29
CA LEU F 268 27.38 -150.70 105.46
C LEU F 268 26.95 -150.89 103.99
N ASP F 269 25.93 -151.72 103.76
CA ASP F 269 25.40 -151.90 102.41
C ASP F 269 25.06 -150.57 101.77
N PHE F 270 24.33 -149.72 102.50
CA PHE F 270 23.97 -148.42 101.97
C PHE F 270 25.20 -147.59 101.64
N LEU F 271 26.18 -147.56 102.55
CA LEU F 271 27.34 -146.71 102.37
C LEU F 271 28.15 -147.13 101.14
N GLN F 272 28.54 -148.41 101.08
CA GLN F 272 29.26 -148.89 99.91
C GLN F 272 28.43 -148.75 98.64
N TRP F 273 27.09 -148.73 98.77
CA TRP F 273 26.26 -148.38 97.62
C TRP F 273 26.49 -146.94 97.20
N MET F 274 26.42 -146.00 98.16
CA MET F 274 26.68 -144.59 97.87
C MET F 274 28.00 -144.41 97.16
N CYS F 275 29.03 -145.11 97.63
CA CYS F 275 30.35 -145.00 97.00
C CYS F 275 30.37 -145.63 95.62
N GLN F 276 29.66 -146.74 95.42
CA GLN F 276 29.72 -147.39 94.12
C GLN F 276 28.94 -146.61 93.07
N ILE F 277 27.81 -146.00 93.46
CA ILE F 277 27.01 -145.26 92.48
C ILE F 277 27.57 -143.86 92.25
N TYR F 278 28.07 -143.21 93.31
CA TYR F 278 28.51 -141.83 93.16
C TYR F 278 30.02 -141.66 93.31
N SER F 279 30.80 -142.47 92.60
CA SER F 279 32.25 -142.26 92.51
C SER F 279 32.70 -142.14 91.06
N SER F 280 31.77 -141.90 90.15
CA SER F 280 32.09 -141.84 88.73
C SER F 280 31.14 -140.87 88.03
N LYS F 281 31.66 -140.16 87.04
CA LYS F 281 30.84 -139.33 86.17
C LYS F 281 29.94 -140.23 85.32
N SER F 282 28.96 -140.86 85.97
CA SER F 282 28.16 -141.89 85.33
C SER F 282 26.68 -141.75 85.68
N ARG F 291 28.09 -125.05 91.02
CA ARG F 291 26.69 -125.26 90.65
C ARG F 291 25.80 -125.16 91.89
N SER F 292 24.49 -125.29 91.69
CA SER F 292 23.51 -125.03 92.72
C SER F 292 23.55 -126.01 93.88
N ILE F 293 23.10 -127.25 93.65
CA ILE F 293 22.68 -128.14 94.70
C ILE F 293 23.81 -128.69 95.57
N VAL F 294 25.07 -128.44 95.23
CA VAL F 294 26.17 -129.26 95.74
C VAL F 294 27.07 -128.55 96.75
N PRO F 295 26.82 -128.69 98.05
CA PRO F 295 27.86 -128.47 99.08
C PRO F 295 28.81 -129.67 99.19
N PRO F 296 29.50 -129.87 100.32
CA PRO F 296 30.43 -131.01 100.44
C PRO F 296 29.94 -132.37 100.92
N PHE F 297 28.72 -132.52 101.43
CA PHE F 297 28.32 -133.84 101.92
C PHE F 297 27.72 -134.71 100.82
N GLN F 298 27.63 -134.20 99.59
CA GLN F 298 27.49 -135.01 98.37
C GLN F 298 28.39 -134.37 97.33
N THR F 299 29.24 -135.17 96.70
CA THR F 299 30.35 -134.58 95.96
C THR F 299 30.67 -135.42 94.73
N GLY F 300 31.50 -134.85 93.86
CA GLY F 300 31.93 -135.49 92.63
C GLY F 300 33.36 -135.98 92.74
N SER F 301 33.68 -137.02 91.96
CA SER F 301 34.90 -137.79 92.13
C SER F 301 36.10 -137.18 91.39
N ARG F 302 36.14 -135.87 91.21
CA ARG F 302 37.35 -135.22 90.71
C ARG F 302 38.35 -135.02 91.85
N THR F 303 37.99 -134.19 92.82
CA THR F 303 38.66 -134.13 94.11
C THR F 303 37.63 -134.44 95.19
N HIS F 304 38.12 -134.60 96.42
CA HIS F 304 37.55 -135.51 97.41
C HIS F 304 36.03 -135.56 97.49
N THR F 305 35.49 -136.71 97.12
CA THR F 305 34.21 -137.18 97.65
C THR F 305 34.43 -137.57 99.10
N ALA F 306 33.85 -136.80 100.01
CA ALA F 306 34.23 -136.91 101.42
C ALA F 306 33.33 -137.88 102.17
N LYS F 307 32.28 -137.35 102.80
CA LYS F 307 31.51 -138.04 103.82
C LYS F 307 31.39 -139.54 103.63
N PHE F 308 30.59 -139.97 102.64
CA PHE F 308 30.21 -141.38 102.56
C PHE F 308 31.43 -142.29 102.45
N ALA F 309 32.46 -141.87 101.71
CA ALA F 309 33.64 -142.71 101.51
C ALA F 309 34.33 -142.97 102.84
N ILE F 310 34.74 -141.90 103.53
CA ILE F 310 35.48 -142.10 104.77
C ILE F 310 34.62 -142.82 105.80
N THR F 311 33.29 -142.63 105.74
CA THR F 311 32.45 -143.30 106.73
C THR F 311 32.30 -144.79 106.46
N TYR F 312 32.19 -145.22 105.20
CA TYR F 312 32.20 -146.67 104.97
C TYR F 312 33.57 -147.26 105.27
N LEU F 313 34.64 -146.49 105.05
CA LEU F 313 36.00 -146.91 105.37
C LEU F 313 36.13 -147.22 106.87
N TRP F 314 36.00 -146.18 107.70
CA TRP F 314 36.10 -146.38 109.14
C TRP F 314 35.09 -147.41 109.63
N SER F 315 33.82 -147.25 109.24
CA SER F 315 32.78 -148.15 109.72
C SER F 315 33.03 -149.59 109.32
N SER F 316 33.75 -149.81 108.22
CA SER F 316 34.11 -151.17 107.82
C SER F 316 35.25 -151.71 108.67
N LEU F 317 36.23 -150.86 108.99
CA LEU F 317 37.24 -151.26 109.97
C LEU F 317 36.61 -151.59 111.32
N ILE F 318 35.48 -150.96 111.65
CA ILE F 318 34.74 -151.35 112.84
C ILE F 318 33.96 -152.64 112.61
N ASN F 319 33.53 -152.90 111.37
CA ASN F 319 33.02 -154.23 111.06
C ASN F 319 34.11 -155.29 111.20
N CYS F 320 35.39 -154.88 111.29
CA CYS F 320 36.44 -155.75 111.79
C CYS F 320 36.55 -155.73 113.31
N GLN F 321 36.28 -154.59 113.95
CA GLN F 321 36.06 -154.63 115.39
C GLN F 321 35.04 -155.71 115.76
N LYS F 322 34.13 -156.03 114.83
CA LYS F 322 33.33 -157.24 114.95
C LYS F 322 34.21 -158.49 114.99
N SER F 323 35.31 -158.49 114.23
CA SER F 323 36.19 -159.65 114.22
C SER F 323 36.94 -159.76 115.53
N MET F 324 37.95 -158.92 115.74
CA MET F 324 38.83 -159.09 116.91
C MET F 324 38.69 -157.97 117.93
N LEU F 345 38.39 -160.44 106.39
CA LEU F 345 37.72 -159.15 106.21
C LEU F 345 38.73 -158.00 106.07
N ILE F 346 39.85 -158.06 106.80
CA ILE F 346 40.81 -156.96 106.80
C ILE F 346 41.51 -156.85 105.45
N ASP F 347 42.17 -157.93 105.02
CA ASP F 347 42.84 -157.90 103.72
C ASP F 347 41.84 -157.64 102.59
N LYS F 348 40.54 -157.81 102.85
CA LYS F 348 39.52 -157.32 101.92
C LYS F 348 39.44 -155.80 101.95
N ILE F 349 39.24 -155.23 103.15
CA ILE F 349 39.04 -153.78 103.27
C ILE F 349 40.27 -153.02 102.77
N SER F 350 41.46 -153.50 103.11
CA SER F 350 42.69 -152.92 102.58
C SER F 350 43.05 -153.47 101.21
N GLU F 351 42.32 -154.48 100.73
CA GLU F 351 42.44 -154.87 99.33
C GLU F 351 41.78 -153.84 98.42
N TRP F 352 40.60 -153.36 98.82
CA TRP F 352 39.90 -152.32 98.06
C TRP F 352 40.19 -150.92 98.59
N VAL F 353 41.01 -150.80 99.63
CA VAL F 353 41.74 -149.57 99.88
C VAL F 353 43.05 -149.57 99.10
N LEU F 354 43.60 -150.76 98.84
CA LEU F 354 44.74 -150.88 97.94
C LEU F 354 44.34 -150.62 96.49
N THR F 355 43.10 -150.95 96.13
CA THR F 355 42.67 -150.82 94.74
C THR F 355 42.68 -149.38 94.23
N PRO F 356 42.04 -148.41 94.87
CA PRO F 356 41.87 -147.11 94.23
C PRO F 356 43.14 -146.30 94.27
N PRO F 357 43.51 -145.69 93.15
CA PRO F 357 44.43 -144.54 93.20
C PRO F 357 43.66 -143.23 93.32
N PHE F 358 43.83 -142.56 94.46
CA PHE F 358 43.37 -141.21 94.74
C PHE F 358 44.34 -140.68 95.80
N MET F 359 45.57 -140.43 95.35
CA MET F 359 46.73 -140.43 96.24
C MET F 359 46.65 -139.37 97.32
N GLU F 360 45.97 -138.25 97.06
CA GLU F 360 45.84 -137.21 98.06
C GLU F 360 45.04 -137.67 99.27
N ASP F 361 44.21 -138.69 99.12
CA ASP F 361 43.33 -139.19 100.19
C ASP F 361 44.11 -139.63 101.42
N ALA F 362 44.73 -138.70 102.15
CA ALA F 362 45.55 -139.06 103.30
C ALA F 362 44.73 -139.83 104.33
N GLU F 363 43.49 -139.40 104.59
CA GLU F 363 42.69 -140.11 105.57
C GLU F 363 42.53 -141.57 105.18
N VAL F 364 42.51 -141.88 103.88
CA VAL F 364 42.48 -143.28 103.50
C VAL F 364 43.86 -143.91 103.63
N TRP F 365 44.91 -143.09 103.74
CA TRP F 365 46.21 -143.63 104.13
C TRP F 365 46.21 -144.04 105.60
N PHE F 366 45.57 -143.25 106.47
CA PHE F 366 45.47 -143.66 107.87
C PHE F 366 44.48 -144.81 108.03
N ILE F 367 43.48 -144.91 107.15
CA ILE F 367 42.64 -146.09 107.10
C ILE F 367 43.47 -147.30 106.70
N TYR F 368 44.32 -147.14 105.70
CA TYR F 368 45.20 -148.21 105.24
C TYR F 368 46.09 -148.70 106.38
N ALA F 369 46.88 -147.77 106.95
CA ALA F 369 47.78 -148.13 108.04
C ALA F 369 47.02 -148.67 109.24
N SER F 370 45.76 -148.27 109.41
CA SER F 370 44.95 -148.82 110.48
C SER F 370 44.55 -150.26 110.17
N CYS F 371 44.28 -150.57 108.90
CA CYS F 371 44.04 -151.95 108.50
C CYS F 371 45.28 -152.80 108.77
N HIS F 372 46.47 -152.23 108.55
CA HIS F 372 47.70 -152.99 108.80
C HIS F 372 47.99 -153.14 110.28
N LEU F 373 47.62 -152.16 111.10
CA LEU F 373 47.81 -152.32 112.55
C LEU F 373 46.81 -153.31 113.12
N LEU F 374 45.58 -153.30 112.61
CA LEU F 374 44.59 -154.28 113.05
C LEU F 374 44.93 -155.69 112.57
N LYS F 375 45.54 -155.82 111.39
CA LYS F 375 45.99 -157.15 110.99
C LYS F 375 47.26 -157.58 111.72
N ALA F 376 48.08 -156.62 112.17
CA ALA F 376 49.20 -156.93 113.04
C ALA F 376 48.77 -157.15 114.48
N ASP F 377 47.49 -156.94 114.79
CA ASP F 377 46.92 -157.24 116.11
C ASP F 377 47.56 -156.38 117.18
N ILE F 401 54.96 -165.72 111.06
CA ILE F 401 55.30 -164.64 111.98
C ILE F 401 55.98 -163.49 111.22
N ASN F 402 56.95 -163.83 110.36
CA ASN F 402 57.53 -162.81 109.50
C ASN F 402 56.47 -162.15 108.63
N GLN F 403 55.32 -162.80 108.43
CA GLN F 403 54.19 -162.14 107.77
C GLN F 403 53.70 -160.96 108.60
N VAL F 404 53.46 -161.18 109.89
CA VAL F 404 53.12 -160.09 110.79
C VAL F 404 54.21 -159.01 110.77
N ILE F 405 55.47 -159.43 110.62
CA ILE F 405 56.54 -158.47 110.41
C ILE F 405 56.23 -157.59 109.20
N LYS F 406 55.96 -158.21 108.05
CA LYS F 406 55.70 -157.43 106.84
C LYS F 406 54.52 -156.49 107.03
N HIS F 407 53.52 -156.90 107.82
CA HIS F 407 52.40 -156.00 108.10
C HIS F 407 52.83 -154.82 108.96
N ILE F 408 53.77 -155.02 109.88
CA ILE F 408 54.21 -153.93 110.75
C ILE F 408 55.09 -152.95 109.97
N HIS F 409 56.00 -153.46 109.14
CA HIS F 409 56.72 -152.57 108.22
C HIS F 409 55.76 -151.85 107.30
N TYR F 410 54.68 -152.53 106.90
CA TYR F 410 53.68 -151.94 106.02
C TYR F 410 53.03 -150.71 106.66
N VAL F 411 52.49 -150.86 107.86
CA VAL F 411 51.89 -149.70 108.54
C VAL F 411 52.93 -148.62 108.77
N ARG F 412 54.16 -149.02 109.12
CA ARG F 412 55.25 -148.05 109.24
C ARG F 412 55.41 -147.22 107.98
N THR F 413 55.17 -147.81 106.80
CA THR F 413 55.30 -147.06 105.55
C THR F 413 54.10 -146.13 105.32
N PHE F 414 52.89 -146.67 105.43
CA PHE F 414 51.72 -145.87 105.09
C PHE F 414 51.50 -144.73 106.07
N LEU F 415 52.12 -144.78 107.25
CA LEU F 415 52.05 -143.62 108.14
C LEU F 415 52.81 -142.42 107.58
N LYS F 416 53.95 -142.64 106.93
CA LYS F 416 54.67 -141.51 106.35
C LYS F 416 54.06 -141.08 105.03
N ILE F 417 53.59 -142.04 104.23
CA ILE F 417 52.97 -141.65 102.97
C ILE F 417 51.59 -141.10 103.31
N CYS F 418 51.25 -141.13 104.61
CA CYS F 418 50.14 -140.37 105.15
C CYS F 418 50.57 -139.05 105.77
N LEU F 419 51.84 -138.92 106.16
CA LEU F 419 52.41 -137.59 106.31
C LEU F 419 52.52 -136.87 104.97
N ASP F 420 52.20 -137.56 103.88
CA ASP F 420 52.08 -136.89 102.58
C ASP F 420 51.19 -135.65 102.64
N LYS F 421 50.04 -135.73 103.31
CA LYS F 421 48.98 -134.74 103.18
C LYS F 421 48.55 -134.27 104.57
N GLY F 422 47.55 -133.37 104.60
CA GLY F 422 46.98 -132.78 105.80
C GLY F 422 46.81 -133.74 106.96
N GLY F 423 47.66 -133.56 107.97
CA GLY F 423 48.02 -134.67 108.83
C GLY F 423 46.92 -135.13 109.77
N PHE F 424 46.76 -136.45 109.85
CA PHE F 424 46.11 -137.13 110.97
C PHE F 424 47.23 -137.73 111.81
N ALA F 425 47.53 -137.12 112.94
CA ALA F 425 48.61 -137.59 113.79
C ALA F 425 48.15 -137.70 115.23
N VAL F 426 48.72 -138.68 115.93
CA VAL F 426 48.53 -138.78 117.37
C VAL F 426 49.88 -138.40 117.99
N PRO F 427 50.88 -139.29 118.07
CA PRO F 427 52.26 -138.79 117.97
C PRO F 427 53.14 -139.70 117.12
N SER F 428 54.35 -139.96 117.61
CA SER F 428 55.12 -141.10 117.18
C SER F 428 54.98 -142.27 118.13
N ARG F 429 54.52 -142.03 119.35
CA ARG F 429 54.55 -143.06 120.37
C ARG F 429 53.28 -143.90 120.38
N LEU F 430 52.13 -143.31 120.09
CA LEU F 430 50.96 -144.16 119.88
C LEU F 430 51.04 -144.87 118.54
N ILE F 431 51.68 -144.24 117.55
CA ILE F 431 51.92 -144.90 116.28
C ILE F 431 52.79 -146.12 116.48
N GLU F 432 53.97 -145.92 117.08
CA GLU F 432 55.03 -146.92 117.14
C GLU F 432 54.96 -147.79 118.39
N ASN F 433 54.91 -147.17 119.58
CA ASN F 433 54.86 -147.89 120.86
C ASN F 433 53.92 -149.10 120.83
N GLN F 434 52.79 -148.97 120.12
CA GLN F 434 52.01 -150.15 119.79
C GLN F 434 52.84 -151.14 119.00
N LEU F 435 53.57 -150.65 118.01
CA LEU F 435 54.36 -151.51 117.12
C LEU F 435 55.62 -152.07 117.80
N LYS F 436 56.01 -151.56 118.97
CA LYS F 436 57.07 -152.15 119.77
C LYS F 436 56.50 -153.14 120.77
N SER F 437 55.33 -152.85 121.32
CA SER F 437 54.55 -153.90 121.98
C SER F 437 54.31 -155.06 121.02
N PHE F 438 54.26 -154.77 119.72
CA PHE F 438 54.24 -155.81 118.70
C PHE F 438 55.64 -156.39 118.47
N GLU F 439 56.66 -155.52 118.41
CA GLU F 439 58.03 -156.00 118.23
C GLU F 439 58.45 -156.97 119.33
N SER F 440 57.70 -157.00 120.43
CA SER F 440 57.80 -158.07 121.41
C SER F 440 57.73 -159.43 120.74
N VAL G 20 51.68 -48.88 111.68
CA VAL G 20 53.08 -48.72 111.29
C VAL G 20 53.61 -47.36 111.72
N GLN G 21 52.94 -46.29 111.27
CA GLN G 21 53.45 -44.93 111.46
C GLN G 21 53.76 -44.64 112.93
N GLY G 22 52.75 -44.80 113.80
CA GLY G 22 52.97 -44.58 115.22
C GLY G 22 53.58 -45.74 115.96
N ALA G 23 53.32 -46.97 115.50
CA ALA G 23 53.85 -48.14 116.19
C ALA G 23 55.37 -48.17 116.17
N SER G 24 55.99 -47.73 115.07
CA SER G 24 57.44 -47.69 114.99
C SER G 24 58.01 -46.28 114.83
N LEU G 25 57.17 -45.24 114.96
CA LEU G 25 57.66 -43.96 115.47
C LEU G 25 57.88 -44.02 116.98
N TYR G 26 57.10 -44.86 117.67
CA TYR G 26 57.26 -45.03 119.11
C TYR G 26 58.65 -45.57 119.44
N CYS G 27 58.94 -46.79 118.99
CA CYS G 27 60.16 -47.52 119.39
C CYS G 27 60.24 -47.74 120.91
N THR G 49 54.33 -56.17 111.81
CA THR G 49 53.95 -55.20 110.79
C THR G 49 52.54 -55.45 110.24
N LEU G 50 51.72 -56.17 111.00
CA LEU G 50 50.40 -56.58 110.50
C LEU G 50 49.42 -55.42 110.52
N ALA G 51 48.95 -55.02 111.70
CA ALA G 51 47.99 -53.93 111.84
C ALA G 51 47.89 -53.45 113.28
N GLU G 52 46.68 -53.17 113.73
CA GLU G 52 46.40 -52.96 115.14
C GLU G 52 45.41 -53.97 115.70
N ASP G 53 44.91 -54.87 114.87
CA ASP G 53 43.65 -55.57 115.12
C ASP G 53 43.53 -56.72 114.13
N ALA G 54 42.59 -57.63 114.42
CA ALA G 54 42.22 -58.71 113.51
C ALA G 54 41.19 -58.20 112.50
N LEU G 55 40.48 -59.10 111.84
CA LEU G 55 39.82 -58.83 110.56
C LEU G 55 38.31 -59.02 110.69
N ASP G 56 37.56 -57.90 110.68
CA ASP G 56 36.11 -57.94 110.87
C ASP G 56 35.37 -57.01 109.91
N LEU G 57 34.14 -57.42 109.57
CA LEU G 57 33.42 -56.95 108.38
C LEU G 57 31.95 -56.59 108.63
N HIS G 58 31.09 -56.87 107.66
CA HIS G 58 29.76 -56.27 107.55
C HIS G 58 28.65 -57.31 107.65
N ILE G 59 27.53 -56.94 108.31
CA ILE G 59 26.29 -57.72 108.33
C ILE G 59 25.11 -56.74 108.26
N VAL G 60 23.89 -57.29 108.11
CA VAL G 60 22.68 -56.49 107.86
C VAL G 60 21.60 -56.78 108.92
N VAL G 61 20.56 -55.91 108.94
CA VAL G 61 19.27 -56.01 109.66
C VAL G 61 18.30 -55.02 108.99
N LYS G 62 17.23 -55.51 108.35
CA LYS G 62 16.45 -54.75 107.38
C LYS G 62 15.04 -54.44 107.88
N SER G 63 14.45 -53.37 107.35
CA SER G 63 13.11 -52.95 107.76
C SER G 63 12.55 -51.93 106.77
N LEU G 64 11.23 -51.95 106.62
CA LEU G 64 10.49 -50.97 105.83
C LEU G 64 10.17 -49.75 106.69
N LEU G 65 10.23 -48.55 106.10
CA LEU G 65 9.97 -47.32 106.85
C LEU G 65 8.78 -46.53 106.33
N CYS G 66 8.77 -46.14 105.05
CA CYS G 66 7.64 -45.41 104.51
C CYS G 66 7.62 -45.54 102.99
N ASP G 67 6.47 -45.25 102.40
CA ASP G 67 6.27 -45.33 100.96
C ASP G 67 5.67 -44.01 100.46
N THR G 68 5.95 -43.68 99.22
CA THR G 68 5.48 -42.42 98.65
C THR G 68 4.30 -42.58 97.67
N GLN G 169 18.48 -39.24 76.38
CA GLN G 169 19.31 -38.34 77.19
C GLN G 169 19.34 -38.80 78.64
N ASP G 170 18.18 -38.76 79.30
CA ASP G 170 18.06 -39.14 80.70
C ASP G 170 18.56 -40.54 80.96
N ALA G 171 18.58 -41.40 79.94
CA ALA G 171 19.13 -42.73 80.08
C ALA G 171 20.64 -42.71 80.26
N PHE G 172 21.32 -41.63 79.83
CA PHE G 172 22.77 -41.56 79.84
C PHE G 172 23.34 -40.39 80.62
N PHE G 173 22.52 -39.42 81.05
CA PHE G 173 23.00 -38.27 81.81
C PHE G 173 22.12 -38.04 83.02
N TRP G 174 22.65 -37.26 83.97
CA TRP G 174 21.91 -36.93 85.17
C TRP G 174 22.16 -35.48 85.55
N ASP G 175 21.21 -34.95 86.30
CA ASP G 175 21.26 -33.57 86.78
C ASP G 175 21.99 -33.52 88.11
N PRO G 176 23.16 -32.89 88.18
CA PRO G 176 23.84 -32.75 89.48
C PRO G 176 23.07 -31.90 90.47
N THR G 177 22.21 -30.98 90.03
CA THR G 177 21.54 -30.10 90.97
C THR G 177 20.49 -30.81 91.81
N VAL G 178 20.27 -32.09 91.62
CA VAL G 178 19.35 -32.79 92.50
C VAL G 178 20.16 -33.70 93.41
N ALA G 179 20.45 -33.23 94.62
CA ALA G 179 21.31 -34.01 95.51
C ALA G 179 20.51 -35.08 96.23
N ASN G 180 19.65 -34.67 97.16
CA ASN G 180 18.91 -35.62 98.00
C ASN G 180 17.54 -35.06 98.32
N ARG G 181 16.52 -35.90 98.13
CA ARG G 181 15.13 -35.50 98.26
C ARG G 181 14.49 -36.07 99.53
N LEU G 182 15.30 -36.44 100.51
CA LEU G 182 14.79 -36.82 101.83
C LEU G 182 15.88 -36.64 102.88
N ASP G 183 15.49 -36.09 104.02
CA ASP G 183 16.36 -35.96 105.19
C ASP G 183 15.59 -36.44 106.41
N SER G 184 16.34 -36.78 107.47
CA SER G 184 15.78 -37.16 108.76
C SER G 184 16.79 -36.80 109.83
N GLN G 185 16.35 -36.04 110.84
CA GLN G 185 17.30 -35.46 111.76
C GLN G 185 16.55 -35.01 113.01
N TYR G 186 17.31 -34.70 114.06
CA TYR G 186 16.71 -34.27 115.31
C TYR G 186 16.41 -32.77 115.27
N ILE G 187 15.14 -32.46 115.47
CA ILE G 187 14.63 -31.10 115.46
C ILE G 187 14.10 -30.82 116.85
N GLN G 188 13.97 -29.53 117.18
CA GLN G 188 13.56 -29.15 118.52
C GLN G 188 12.81 -27.83 118.47
N THR G 189 11.54 -27.85 118.83
CA THR G 189 10.70 -26.67 118.68
C THR G 189 10.74 -25.83 119.96
N ALA G 190 9.92 -24.78 120.00
CA ALA G 190 9.89 -23.89 121.15
C ALA G 190 9.31 -24.60 122.38
N SER G 191 8.12 -25.21 122.23
CA SER G 191 7.52 -25.93 123.34
C SER G 191 8.42 -27.05 123.85
N ASP G 192 9.35 -27.54 123.02
CA ASP G 192 10.37 -28.46 123.51
C ASP G 192 11.46 -27.75 124.29
N LEU G 193 11.56 -26.43 124.18
CA LEU G 193 12.56 -25.64 124.89
C LEU G 193 12.04 -25.05 126.20
N ARG G 194 10.75 -25.22 126.50
CA ARG G 194 10.25 -24.91 127.84
C ARG G 194 10.74 -25.95 128.85
N ASN G 195 10.77 -27.22 128.44
CA ASN G 195 11.17 -28.31 129.32
C ASN G 195 12.64 -28.65 129.14
N TYR G 196 12.98 -29.92 129.32
CA TYR G 196 14.32 -30.44 129.04
C TYR G 196 14.26 -31.52 127.96
N ARG G 197 13.10 -31.69 127.33
CA ARG G 197 12.95 -32.72 126.30
C ARG G 197 13.80 -32.38 125.09
N ASP G 198 14.48 -33.39 124.56
CA ASP G 198 15.43 -33.20 123.46
C ASP G 198 14.76 -33.26 122.09
N GLY G 199 13.66 -32.52 121.93
CA GLY G 199 12.98 -32.44 120.64
C GLY G 199 12.43 -33.78 120.20
N THR G 200 12.49 -34.00 118.88
CA THR G 200 12.06 -35.27 118.28
C THR G 200 12.85 -35.52 117.00
N GLU G 201 12.74 -36.75 116.52
CA GLU G 201 13.32 -37.14 115.24
C GLU G 201 12.26 -37.06 114.16
N ILE G 202 12.55 -36.36 113.07
CA ILE G 202 11.60 -36.20 111.99
C ILE G 202 12.22 -36.67 110.69
N ILE G 203 11.35 -37.00 109.74
CA ILE G 203 11.71 -37.18 108.34
C ILE G 203 10.93 -36.17 107.51
N ALA G 204 11.59 -35.66 106.48
CA ALA G 204 10.97 -34.87 105.44
C ALA G 204 11.43 -35.44 104.11
N TYR G 205 10.48 -35.80 103.26
CA TYR G 205 10.77 -36.43 101.99
C TYR G 205 9.77 -35.93 100.95
N ALA G 206 10.23 -35.89 99.71
CA ALA G 206 9.42 -35.35 98.62
C ALA G 206 8.51 -36.42 98.05
N SER G 207 7.40 -35.99 97.47
CA SER G 207 6.40 -36.89 96.92
C SER G 207 5.67 -36.19 95.80
N GLY G 208 4.85 -36.96 95.08
CA GLY G 208 4.05 -36.43 94.01
C GLY G 208 4.37 -37.04 92.66
N LYS G 209 3.44 -36.95 91.72
CA LYS G 209 3.73 -37.37 90.36
C LYS G 209 4.93 -36.61 89.82
N THR G 210 4.94 -35.29 89.99
CA THR G 210 6.05 -34.44 89.59
C THR G 210 7.04 -34.21 90.73
N GLY G 211 6.92 -34.95 91.83
CA GLY G 211 7.80 -34.77 92.97
C GLY G 211 7.78 -33.37 93.56
N SER G 212 6.60 -32.77 93.69
CA SER G 212 6.48 -31.36 94.04
C SER G 212 5.71 -31.13 95.33
N VAL G 213 5.62 -32.13 96.21
CA VAL G 213 5.01 -31.94 97.51
C VAL G 213 6.00 -32.35 98.59
N LEU G 214 5.98 -31.61 99.70
CA LEU G 214 6.83 -31.87 100.84
C LEU G 214 6.04 -32.67 101.87
N ASN G 215 6.69 -33.68 102.46
CA ASN G 215 6.06 -34.47 103.50
C ASN G 215 6.97 -34.43 104.72
N ILE G 216 6.43 -33.98 105.85
CA ILE G 216 7.15 -33.97 107.12
C ILE G 216 6.33 -34.76 108.14
N ALA G 217 6.99 -35.67 108.84
CA ALA G 217 6.32 -36.48 109.85
C ALA G 217 7.34 -37.01 110.85
N VAL G 218 6.84 -37.40 112.02
CA VAL G 218 7.67 -37.72 113.17
C VAL G 218 7.98 -39.20 113.18
N LEU G 219 9.11 -39.54 113.80
CA LEU G 219 9.54 -40.91 114.03
C LEU G 219 9.56 -41.20 115.52
N THR G 220 9.36 -42.46 115.86
CA THR G 220 9.60 -42.97 117.20
C THR G 220 10.51 -44.18 117.07
N ARG G 221 11.60 -44.18 117.82
CA ARG G 221 12.54 -45.30 117.84
C ARG G 221 12.29 -46.17 119.07
N GLN G 222 12.17 -47.48 118.86
CA GLN G 222 11.98 -48.44 119.94
C GLN G 222 12.94 -49.61 119.78
N ASN G 223 12.44 -50.74 119.28
CA ASN G 223 13.32 -51.84 118.95
C ASN G 223 14.15 -51.50 117.71
N THR G 224 13.48 -50.98 116.68
CA THR G 224 14.13 -50.44 115.49
C THR G 224 13.35 -49.20 115.07
N LEU G 225 14.05 -48.26 114.44
CA LEU G 225 13.43 -47.00 114.07
C LEU G 225 12.18 -47.24 113.24
N HIS G 226 11.14 -46.47 113.51
CA HIS G 226 9.87 -46.66 112.84
C HIS G 226 9.09 -45.35 112.80
N LEU G 227 8.21 -45.25 111.81
CA LEU G 227 7.26 -44.15 111.73
C LEU G 227 6.27 -44.20 112.89
N ASN G 228 5.73 -43.03 113.25
CA ASN G 228 4.86 -42.91 114.41
C ASN G 228 3.63 -43.82 114.27
N ARG G 229 3.05 -44.17 115.43
CA ARG G 229 1.96 -45.15 115.45
C ARG G 229 0.71 -44.63 114.75
N HIS G 230 0.39 -43.36 114.93
CA HIS G 230 -0.84 -42.79 114.37
C HIS G 230 -0.72 -42.46 112.89
N ASN G 231 0.47 -42.63 112.30
CA ASN G 231 0.78 -42.30 110.91
C ASN G 231 -0.02 -41.11 110.39
N ASN G 232 0.32 -39.91 110.85
CA ASN G 232 -0.28 -38.67 110.36
C ASN G 232 0.83 -37.86 109.70
N VAL G 233 1.23 -38.28 108.51
CA VAL G 233 2.16 -37.51 107.72
C VAL G 233 1.55 -36.16 107.39
N THR G 234 2.34 -35.11 107.52
CA THR G 234 1.87 -33.77 107.24
C THR G 234 2.52 -33.31 105.94
N SER G 235 1.74 -33.30 104.86
CA SER G 235 2.25 -32.99 103.54
C SER G 235 1.67 -31.66 103.07
N ILE G 236 2.52 -30.84 102.47
CA ILE G 236 2.15 -29.53 101.94
C ILE G 236 2.54 -29.49 100.47
N GLU G 237 1.65 -28.98 99.62
CA GLU G 237 1.75 -29.06 98.17
C GLU G 237 2.44 -27.83 97.62
N LEU G 238 3.53 -28.04 96.88
CA LEU G 238 4.15 -27.00 96.07
C LEU G 238 3.84 -27.26 94.60
N HIS G 239 4.10 -26.25 93.78
CA HIS G 239 3.87 -26.36 92.33
C HIS G 239 5.15 -26.55 91.54
N SER G 240 6.30 -26.64 92.22
CA SER G 240 7.61 -26.82 91.63
C SER G 240 8.24 -28.12 92.13
N PRO G 241 8.96 -28.85 91.27
CA PRO G 241 9.60 -30.10 91.71
C PRO G 241 10.68 -29.85 92.73
N ILE G 242 10.82 -30.79 93.67
CA ILE G 242 11.82 -30.67 94.73
C ILE G 242 13.14 -31.25 94.24
N LYS G 243 14.20 -30.45 94.30
CA LYS G 243 15.53 -30.91 93.92
C LYS G 243 16.42 -31.25 95.11
N SER G 244 16.21 -30.62 96.26
CA SER G 244 17.07 -30.84 97.42
C SER G 244 16.31 -30.50 98.68
N ILE G 245 16.42 -31.36 99.69
CA ILE G 245 15.87 -31.12 101.02
C ILE G 245 16.98 -31.41 102.04
N LYS G 246 17.13 -30.52 103.01
CA LYS G 246 18.01 -30.81 104.12
C LYS G 246 17.54 -30.05 105.35
N ILE G 247 17.56 -30.73 106.49
CA ILE G 247 17.26 -30.13 107.78
C ILE G 247 18.58 -29.90 108.52
N PRO G 248 18.84 -28.69 109.01
CA PRO G 248 20.23 -28.27 109.26
C PRO G 248 20.83 -28.79 110.54
N GLY G 249 20.02 -28.93 111.58
CA GLY G 249 20.60 -29.17 112.88
C GLY G 249 21.41 -27.97 113.39
N ALA G 250 22.17 -28.23 114.45
CA ALA G 250 22.91 -27.17 115.13
C ALA G 250 24.15 -27.70 115.84
N SER G 251 25.03 -26.78 116.20
CA SER G 251 26.22 -27.14 116.97
C SER G 251 25.83 -27.51 118.39
N GLU G 252 26.73 -28.25 119.04
CA GLU G 252 26.54 -28.53 120.46
C GLU G 252 26.74 -27.29 121.32
N SER G 253 27.39 -26.27 120.77
CA SER G 253 27.72 -25.09 121.55
C SER G 253 26.50 -24.22 121.84
N ILE G 254 25.46 -24.31 121.01
CA ILE G 254 24.33 -23.39 121.16
C ILE G 254 23.30 -23.88 122.16
N GLY G 255 23.31 -25.17 122.50
CA GLY G 255 22.32 -25.77 123.39
C GLY G 255 21.03 -26.14 122.72
N ARG G 256 20.61 -25.35 121.74
CA ARG G 256 19.37 -25.58 121.02
C ARG G 256 19.61 -26.56 119.87
N ARG G 257 18.52 -26.88 119.17
CA ARG G 257 18.58 -27.62 117.92
C ARG G 257 17.67 -26.92 116.91
N SER G 258 17.87 -27.24 115.63
CA SER G 258 17.17 -26.57 114.55
C SER G 258 15.66 -26.58 114.78
N ASN G 259 14.98 -25.55 114.26
CA ASN G 259 13.53 -25.44 114.33
C ASN G 259 12.89 -25.48 112.95
N LEU G 260 13.65 -25.82 111.91
CA LEU G 260 13.24 -25.54 110.55
C LEU G 260 13.86 -26.55 109.60
N VAL G 261 13.31 -26.59 108.39
CA VAL G 261 13.82 -27.44 107.32
C VAL G 261 13.57 -26.74 105.99
N GLY G 262 14.58 -26.75 105.12
CA GLY G 262 14.57 -25.92 103.93
C GLY G 262 14.72 -26.74 102.65
N ILE G 263 14.20 -26.18 101.55
CA ILE G 263 14.12 -26.90 100.28
C ILE G 263 14.47 -25.97 99.11
N ILE G 264 15.15 -26.55 98.12
CA ILE G 264 15.40 -25.95 96.81
C ILE G 264 14.52 -26.66 95.80
N THR G 265 13.73 -25.89 95.04
CA THR G 265 12.88 -26.44 93.99
C THR G 265 13.54 -26.23 92.62
N GLU G 266 12.76 -26.35 91.56
CA GLU G 266 13.18 -25.84 90.26
C GLU G 266 12.82 -24.37 90.10
N ASN G 267 11.98 -23.83 90.99
CA ASN G 267 11.48 -22.48 90.86
C ASN G 267 11.75 -21.59 92.05
N SER G 268 12.00 -22.14 93.24
CA SER G 268 11.98 -21.32 94.43
C SER G 268 12.91 -21.90 95.47
N PHE G 269 13.10 -21.14 96.55
CA PHE G 269 13.85 -21.57 97.70
C PHE G 269 13.07 -21.21 98.95
N GLN G 270 12.65 -22.21 99.72
CA GLN G 270 11.73 -21.99 100.83
C GLN G 270 12.27 -22.56 102.14
N ILE G 271 11.86 -21.95 103.26
CA ILE G 271 12.26 -22.41 104.58
C ILE G 271 11.00 -22.63 105.40
N PHE G 272 10.89 -23.78 106.07
CA PHE G 272 9.71 -24.11 106.85
C PHE G 272 10.04 -24.18 108.34
N ARG G 273 9.21 -23.52 109.17
CA ARG G 273 9.31 -23.66 110.61
C ARG G 273 8.39 -24.79 111.06
N ILE G 274 8.92 -25.70 111.87
CA ILE G 274 8.08 -26.65 112.60
C ILE G 274 7.82 -26.05 113.97
N GLU G 275 6.54 -25.86 114.29
CA GLU G 275 6.17 -25.16 115.52
C GLU G 275 5.24 -26.05 116.33
N SER G 276 5.75 -26.56 117.44
CA SER G 276 4.94 -27.16 118.49
C SER G 276 4.26 -28.47 118.08
N VAL G 277 5.05 -29.50 117.78
CA VAL G 277 4.48 -30.83 117.68
C VAL G 277 3.90 -31.20 119.05
N HIS G 278 2.86 -32.04 119.04
CA HIS G 278 2.19 -32.41 120.27
C HIS G 278 1.76 -33.87 120.25
N SER G 279 1.93 -34.53 121.40
CA SER G 279 1.70 -35.96 121.55
C SER G 279 0.24 -36.34 121.62
N ARG G 280 -0.68 -35.36 121.60
CA ARG G 280 -2.11 -35.66 121.61
C ARG G 280 -2.48 -36.65 120.52
N SER G 281 -1.71 -36.68 119.43
CA SER G 281 -1.98 -37.56 118.30
C SER G 281 -0.82 -37.59 117.32
N CYS G 282 0.34 -37.06 117.73
CA CYS G 282 1.58 -37.04 116.92
C CYS G 282 1.44 -36.12 115.70
N ASP G 283 0.90 -34.93 115.92
CA ASP G 283 0.78 -33.95 114.84
C ASP G 283 2.06 -33.13 114.71
N VAL G 284 2.33 -32.71 113.47
CA VAL G 284 3.49 -31.88 113.15
C VAL G 284 3.03 -30.66 112.36
N MET G 285 2.57 -29.62 113.04
CA MET G 285 2.08 -28.45 112.32
C MET G 285 3.25 -27.54 111.96
N VAL G 286 3.35 -27.20 110.65
CA VAL G 286 4.46 -26.44 110.09
C VAL G 286 3.94 -25.17 109.44
N SER G 287 4.84 -24.19 109.30
CA SER G 287 4.52 -22.90 108.70
C SER G 287 5.55 -22.57 107.62
N SER G 288 5.09 -21.81 106.61
CA SER G 288 5.80 -21.63 105.34
C SER G 288 6.55 -20.30 105.33
N SER G 289 7.78 -20.33 105.86
CA SER G 289 8.70 -19.22 105.71
C SER G 289 8.98 -18.97 104.22
N GLU G 290 8.57 -17.78 103.80
CA GLU G 290 8.02 -17.53 102.47
C GLU G 290 9.05 -17.76 101.37
N PRO G 291 8.60 -18.24 100.21
CA PRO G 291 9.50 -18.47 99.08
C PRO G 291 10.11 -17.18 98.55
N LEU G 292 11.16 -17.34 97.77
CA LEU G 292 11.65 -16.28 96.90
C LEU G 292 11.90 -16.99 95.58
N TYR G 293 10.92 -16.89 94.67
CA TYR G 293 10.95 -17.63 93.41
C TYR G 293 12.32 -17.50 92.77
N PHE G 294 12.65 -16.29 92.34
CA PHE G 294 13.96 -16.05 91.76
C PHE G 294 14.22 -14.55 91.80
N VAL G 295 15.49 -14.21 91.94
CA VAL G 295 15.92 -12.86 91.69
C VAL G 295 16.73 -12.76 90.40
N GLU G 296 17.38 -13.84 89.98
CA GLU G 296 18.37 -13.80 88.91
C GLU G 296 18.07 -14.77 87.78
N ILE G 297 16.88 -15.36 87.74
CA ILE G 297 16.60 -16.49 86.85
C ILE G 297 17.78 -17.44 86.88
N ASP G 298 18.10 -17.96 88.07
CA ASP G 298 19.18 -18.93 88.24
C ASP G 298 18.75 -20.03 89.20
N ASP G 299 18.99 -21.28 88.81
CA ASP G 299 18.83 -22.38 89.73
C ASP G 299 19.93 -22.32 90.78
N LEU G 300 19.62 -22.83 91.98
CA LEU G 300 20.55 -22.77 93.10
C LEU G 300 20.97 -24.18 93.48
N GLN G 301 22.28 -24.39 93.56
CA GLN G 301 22.84 -25.70 93.85
C GLN G 301 22.50 -26.16 95.26
N VAL G 302 23.14 -25.54 96.26
CA VAL G 302 23.08 -26.03 97.62
C VAL G 302 22.63 -24.90 98.54
N VAL G 303 21.89 -25.29 99.59
CA VAL G 303 21.52 -24.45 100.73
C VAL G 303 22.33 -24.91 101.92
N ASP G 304 22.86 -23.97 102.69
CA ASP G 304 23.49 -24.34 103.94
C ASP G 304 23.05 -23.37 105.03
N PHE G 305 22.98 -23.90 106.25
CA PHE G 305 22.54 -23.13 107.39
C PHE G 305 23.67 -23.00 108.42
N GLN G 314 19.97 -16.89 112.41
CA GLN G 314 20.11 -18.11 111.63
C GLN G 314 20.16 -17.87 110.10
N PHE G 315 21.08 -18.57 109.43
CA PHE G 315 21.71 -18.10 108.19
C PHE G 315 21.31 -18.96 106.99
N ALA G 316 20.45 -18.43 106.13
CA ALA G 316 20.10 -19.08 104.86
C ALA G 316 21.14 -18.71 103.80
N ILE G 317 22.02 -19.66 103.48
CA ILE G 317 23.08 -19.45 102.50
C ILE G 317 22.72 -20.20 101.23
N ILE G 318 22.80 -19.51 100.10
CA ILE G 318 22.47 -20.13 98.82
C ILE G 318 23.68 -20.10 97.90
N ASP G 319 23.77 -21.12 97.05
CA ASP G 319 24.70 -21.14 95.93
C ASP G 319 23.94 -21.39 94.63
N ILE G 320 24.07 -20.47 93.68
CA ILE G 320 23.68 -20.71 92.28
C ILE G 320 24.96 -20.84 91.47
N LYS G 321 24.86 -21.50 90.33
CA LYS G 321 26.03 -21.84 89.49
C LYS G 321 27.10 -20.74 89.34
N GLY G 322 28.00 -20.66 90.32
CA GLY G 322 29.15 -19.78 90.28
C GLY G 322 29.17 -18.74 91.39
N ASN G 323 28.00 -18.37 91.90
CA ASN G 323 27.88 -17.19 92.76
C ASN G 323 26.95 -17.48 93.93
N TRP G 324 27.33 -16.93 95.09
CA TRP G 324 26.72 -17.31 96.35
C TRP G 324 26.21 -16.08 97.10
N SER G 325 25.42 -16.34 98.13
CA SER G 325 24.82 -15.27 98.93
C SER G 325 24.54 -15.75 100.35
N ILE G 326 24.94 -14.94 101.34
CA ILE G 326 24.59 -15.15 102.74
C ILE G 326 23.32 -14.37 103.04
N GLY G 327 22.37 -15.01 103.72
CA GLY G 327 21.08 -14.41 103.96
C GLY G 327 20.53 -14.84 105.31
N ARG G 328 19.39 -14.26 105.68
CA ARG G 328 18.77 -14.50 106.97
C ARG G 328 17.28 -14.81 106.81
N ILE G 329 16.73 -15.52 107.79
CA ILE G 329 15.35 -16.00 107.76
C ILE G 329 14.50 -15.13 108.68
N PRO G 330 13.25 -14.83 108.32
CA PRO G 330 12.41 -14.02 109.18
C PRO G 330 12.02 -14.77 110.45
N LYS G 331 11.59 -14.01 111.46
CA LYS G 331 11.09 -14.61 112.68
C LYS G 331 9.59 -14.84 112.61
N ASN G 332 9.19 -16.06 112.98
CA ASN G 332 7.89 -16.69 112.81
C ASN G 332 6.99 -16.19 111.68
N PHE G 333 6.38 -15.01 111.79
CA PHE G 333 5.13 -14.77 111.08
C PHE G 333 5.08 -13.48 110.27
N ASN G 334 4.88 -13.64 108.97
CA ASN G 334 3.91 -12.85 108.21
C ASN G 334 4.35 -11.41 108.00
N ASN G 335 5.53 -11.21 107.41
CA ASN G 335 5.94 -9.84 107.07
C ASN G 335 5.02 -9.30 105.99
N GLN G 342 10.76 -11.61 102.09
CA GLN G 342 10.69 -12.28 103.39
C GLN G 342 12.07 -12.55 103.99
N LEU G 343 12.89 -13.33 103.28
CA LEU G 343 14.27 -13.54 103.66
C LEU G 343 15.16 -12.62 102.82
N ILE G 344 16.17 -12.03 103.46
CA ILE G 344 16.97 -10.97 102.85
C ILE G 344 18.45 -11.39 102.86
N ASP G 345 19.29 -10.60 102.19
CA ASP G 345 20.73 -10.83 102.13
C ASP G 345 21.44 -9.48 101.98
N ASN G 346 22.78 -9.49 102.14
CA ASN G 346 23.59 -8.28 101.90
C ASN G 346 25.07 -8.56 101.64
N LEU G 347 25.49 -9.78 101.95
CA LEU G 347 26.84 -10.24 101.66
C LEU G 347 26.74 -11.28 100.55
N HIS G 348 27.52 -11.10 99.48
CA HIS G 348 27.39 -11.91 98.29
C HIS G 348 28.76 -12.16 97.69
N GLY G 349 28.81 -13.04 96.70
CA GLY G 349 30.08 -13.32 96.08
C GLY G 349 29.91 -14.21 94.88
N THR G 350 31.04 -14.68 94.35
CA THR G 350 31.00 -15.60 93.22
C THR G 350 32.30 -16.39 93.14
N ILE G 351 32.19 -17.63 92.67
CA ILE G 351 33.32 -18.51 92.42
C ILE G 351 33.35 -18.94 90.96
N PHE G 352 32.69 -18.17 90.07
CA PHE G 352 32.45 -18.59 88.70
C PHE G 352 33.74 -18.98 87.99
N ASP G 353 33.63 -19.97 87.12
CA ASP G 353 34.80 -20.55 86.46
C ASP G 353 34.36 -21.03 85.08
N PRO G 354 34.53 -20.20 84.05
CA PRO G 354 33.95 -20.54 82.74
C PRO G 354 34.28 -21.94 82.25
N GLU G 355 35.45 -22.47 82.59
CA GLU G 355 35.92 -23.72 82.02
C GLU G 355 35.51 -24.94 82.84
N GLU G 356 34.56 -24.79 83.76
CA GLU G 356 33.95 -25.97 84.40
C GLU G 356 32.48 -26.02 83.99
N LEU G 357 32.15 -27.02 83.17
CA LEU G 357 30.84 -27.10 82.54
C LEU G 357 29.77 -27.71 83.46
N SER G 358 30.16 -28.63 84.36
CA SER G 358 29.18 -29.29 85.22
C SER G 358 28.51 -28.31 86.16
N SER G 359 27.20 -28.47 86.33
CA SER G 359 26.46 -27.42 87.01
C SER G 359 26.63 -27.42 88.53
N TRP G 360 27.00 -28.54 89.15
CA TRP G 360 26.96 -28.57 90.60
C TRP G 360 28.11 -27.78 91.21
N LYS G 361 27.76 -26.92 92.15
CA LYS G 361 28.61 -26.27 93.14
C LYS G 361 28.06 -26.65 94.52
N ARG G 362 28.71 -26.20 95.59
CA ARG G 362 28.27 -26.64 96.92
C ARG G 362 28.79 -25.71 98.01
N ILE G 363 27.91 -25.28 98.91
CA ILE G 363 28.29 -24.45 100.05
C ILE G 363 27.98 -25.18 101.36
N GLU G 364 29.01 -25.39 102.16
CA GLU G 364 28.86 -25.86 103.53
C GLU G 364 29.98 -25.25 104.32
N TRP G 365 29.68 -24.71 105.50
CA TRP G 365 30.76 -23.98 106.15
C TRP G 365 31.49 -24.90 107.12
N PHE G 366 32.29 -24.29 108.00
CA PHE G 366 33.48 -24.94 108.49
C PHE G 366 33.86 -24.30 109.82
N SER G 367 34.07 -25.13 110.84
CA SER G 367 34.40 -24.77 112.21
C SER G 367 33.25 -24.11 112.98
N HIS G 368 32.11 -23.82 112.34
CA HIS G 368 31.11 -22.90 112.89
C HIS G 368 31.71 -21.51 113.15
N PHE G 369 32.92 -21.28 112.68
CA PHE G 369 33.66 -20.04 112.85
C PHE G 369 33.01 -18.86 112.11
N GLN G 370 31.81 -19.05 111.53
CA GLN G 370 31.25 -18.03 110.64
C GLN G 370 32.17 -17.79 109.44
N LYS G 371 32.60 -18.91 108.83
CA LYS G 371 33.43 -18.99 107.62
C LYS G 371 32.98 -20.19 106.80
N ILE G 372 32.88 -20.03 105.47
CA ILE G 372 32.20 -21.01 104.61
C ILE G 372 33.16 -21.72 103.66
N LEU G 373 32.68 -22.83 103.12
CA LEU G 373 33.32 -23.60 102.06
C LEU G 373 32.43 -23.62 100.81
N VAL G 374 33.04 -23.33 99.66
CA VAL G 374 32.34 -23.35 98.37
C VAL G 374 33.13 -24.21 97.38
N PHE G 375 32.41 -25.04 96.62
CA PHE G 375 32.93 -26.19 95.88
C PHE G 375 32.45 -26.18 94.44
N ASP G 376 33.31 -26.53 93.51
CA ASP G 376 32.82 -27.11 92.26
C ASP G 376 33.75 -28.27 91.89
N ARG G 377 33.36 -29.04 90.88
CA ARG G 377 34.11 -30.25 90.56
C ARG G 377 35.54 -29.95 90.15
N SER G 378 35.91 -28.67 90.11
CA SER G 378 37.28 -28.23 89.85
C SER G 378 38.07 -27.93 91.11
N LYS G 379 37.47 -27.36 92.15
CA LYS G 379 38.28 -26.91 93.28
C LYS G 379 37.44 -26.62 94.52
N MET G 380 38.18 -26.37 95.61
CA MET G 380 37.65 -26.10 96.94
C MET G 380 38.18 -24.76 97.40
N ILE G 381 37.26 -23.84 97.66
CA ILE G 381 37.55 -22.46 98.00
C ILE G 381 36.97 -22.19 99.39
N GLU G 382 37.83 -21.74 100.31
CA GLU G 382 37.38 -21.23 101.60
C GLU G 382 37.11 -19.75 101.49
N ILE G 383 36.09 -19.28 102.21
CA ILE G 383 35.74 -17.87 102.19
C ILE G 383 35.42 -17.43 103.62
N ASP G 384 36.32 -16.67 104.23
CA ASP G 384 36.01 -16.03 105.50
C ASP G 384 35.20 -14.79 105.16
N PHE G 385 33.92 -14.84 105.50
CA PHE G 385 32.92 -14.02 104.85
C PHE G 385 32.40 -12.89 105.72
N MET G 386 32.84 -12.80 106.97
CA MET G 386 32.57 -11.59 107.74
C MET G 386 33.78 -10.68 107.83
N ASN G 387 34.95 -11.15 107.40
CA ASN G 387 35.99 -10.24 106.94
C ASN G 387 35.90 -10.26 105.42
N ASN G 388 37.04 -10.14 104.74
CA ASN G 388 37.10 -10.40 103.30
C ASN G 388 38.20 -11.42 103.09
N TRP G 389 37.85 -12.64 102.72
CA TRP G 389 38.89 -13.66 102.67
C TRP G 389 38.50 -14.81 101.75
N GLN G 390 39.45 -15.28 100.96
CA GLN G 390 39.23 -16.26 99.89
C GLN G 390 40.49 -17.06 99.62
N THR G 391 40.37 -18.40 99.56
CA THR G 391 41.55 -19.24 99.32
C THR G 391 41.17 -20.47 98.51
N GLU G 392 42.04 -20.80 97.54
CA GLU G 392 41.94 -22.02 96.76
C GLU G 392 42.90 -23.04 97.36
N VAL G 393 42.35 -24.09 98.02
CA VAL G 393 43.14 -25.01 98.83
C VAL G 393 43.73 -26.14 97.97
N VAL G 394 44.88 -26.67 98.43
CA VAL G 394 46.11 -26.75 97.63
C VAL G 394 45.96 -27.48 96.29
N GLN G 395 45.11 -28.48 96.17
CA GLN G 395 45.03 -29.03 94.82
C GLN G 395 43.98 -28.26 94.01
N ALA G 396 43.92 -28.57 92.72
CA ALA G 396 42.93 -27.95 91.86
C ALA G 396 42.19 -28.98 91.01
N LYS G 397 42.51 -29.04 89.72
CA LYS G 397 41.70 -29.77 88.74
C LYS G 397 42.62 -30.43 87.71
N ALA G 398 43.56 -31.24 88.18
CA ALA G 398 44.56 -31.84 87.33
C ALA G 398 44.33 -33.33 87.05
N TRP G 399 44.04 -34.11 88.11
CA TRP G 399 43.88 -35.56 87.99
C TRP G 399 42.58 -36.11 88.56
N SER G 400 41.79 -35.31 89.26
CA SER G 400 40.58 -35.82 89.88
C SER G 400 39.59 -34.67 90.04
N ASN G 401 38.33 -35.04 90.19
CA ASN G 401 37.27 -34.08 90.43
C ASN G 401 36.84 -34.17 91.88
N ILE G 402 36.61 -33.01 92.51
CA ILE G 402 35.79 -33.00 93.70
C ILE G 402 34.54 -33.76 93.36
N ARG G 403 34.17 -34.73 94.20
CA ARG G 403 33.05 -35.59 93.92
C ARG G 403 31.89 -35.37 94.89
N ASP G 404 32.18 -35.23 96.18
CA ASP G 404 31.20 -34.72 97.13
C ASP G 404 31.94 -34.18 98.34
N TYR G 405 31.18 -33.48 99.18
CA TYR G 405 31.67 -33.07 100.48
C TYR G 405 30.48 -32.96 101.41
N LYS G 406 30.67 -33.45 102.63
CA LYS G 406 29.70 -33.37 103.71
C LYS G 406 30.47 -33.18 105.01
N ARG G 407 29.96 -32.32 105.89
CA ARG G 407 30.65 -31.98 107.13
C ARG G 407 30.46 -33.10 108.14
N ILE G 408 31.52 -33.87 108.41
CA ILE G 408 31.39 -34.94 109.39
C ILE G 408 30.99 -34.32 110.70
N ASP G 409 29.90 -34.82 111.27
CA ASP G 409 28.93 -33.97 111.95
C ASP G 409 29.59 -32.99 112.91
N ASP G 410 30.62 -33.42 113.62
CA ASP G 410 31.30 -32.55 114.57
C ASP G 410 31.89 -31.35 113.84
N LYS G 411 31.45 -30.16 114.24
CA LYS G 411 31.84 -28.84 113.73
C LYS G 411 33.18 -28.83 113.00
N ASN G 412 34.27 -29.02 113.75
CA ASN G 412 35.60 -28.96 113.14
C ASN G 412 35.97 -30.24 112.37
N GLY G 413 35.10 -30.71 111.46
CA GLY G 413 35.33 -31.98 110.80
C GLY G 413 34.69 -32.10 109.43
N ILE G 414 35.47 -32.58 108.46
CA ILE G 414 35.25 -32.36 107.01
C ILE G 414 35.48 -33.67 106.25
N LEU G 415 34.46 -34.14 105.55
CA LEU G 415 34.59 -35.38 104.79
C LEU G 415 34.32 -35.10 103.32
N LEU G 416 35.33 -35.33 102.47
CA LEU G 416 35.29 -34.97 101.06
C LEU G 416 35.64 -36.17 100.21
N THR G 417 34.73 -36.57 99.29
CA THR G 417 35.05 -37.56 98.26
C THR G 417 35.66 -36.84 97.08
N SER G 418 36.90 -37.16 96.76
CA SER G 418 37.41 -36.83 95.45
C SER G 418 37.08 -38.01 94.54
N ARG G 419 37.71 -38.10 93.37
CA ARG G 419 37.86 -39.38 92.71
C ARG G 419 39.06 -40.08 93.32
N GLU G 420 38.88 -41.34 93.68
CA GLU G 420 39.94 -42.17 94.27
C GLU G 420 40.70 -41.46 95.39
N ILE G 421 39.93 -40.96 96.37
CA ILE G 421 40.47 -40.50 97.65
C ILE G 421 39.29 -40.13 98.56
N ILE G 422 39.30 -40.68 99.78
CA ILE G 422 38.49 -40.17 100.88
C ILE G 422 39.35 -39.18 101.65
N ILE G 423 38.92 -37.92 101.69
CA ILE G 423 39.68 -36.84 102.29
C ILE G 423 39.03 -36.46 103.63
N VAL G 424 39.82 -36.51 104.68
CA VAL G 424 39.38 -36.05 105.99
C VAL G 424 39.98 -34.68 106.23
N GLY G 425 39.42 -33.63 105.66
CA GLY G 425 39.75 -32.30 106.12
C GLY G 425 39.11 -32.06 107.46
N ALA G 426 39.65 -31.10 108.22
CA ALA G 426 39.21 -30.75 109.56
C ALA G 426 40.33 -29.99 110.27
N SER G 427 39.99 -28.97 111.04
CA SER G 427 41.05 -28.13 111.58
C SER G 427 41.84 -28.84 112.67
N GLU G 428 43.15 -28.67 112.63
CA GLU G 428 44.01 -28.74 113.81
C GLU G 428 44.70 -27.39 114.00
N SER G 429 43.91 -26.33 113.79
CA SER G 429 44.20 -24.99 114.27
C SER G 429 42.87 -24.26 114.32
N ASN G 430 42.75 -23.31 115.27
CA ASN G 430 41.49 -22.59 115.42
C ASN G 430 41.05 -21.97 114.10
N ASP G 431 41.99 -21.35 113.38
CA ASP G 431 41.73 -20.89 112.04
C ASP G 431 41.43 -22.08 111.13
N PRO G 432 40.74 -21.83 110.00
CA PRO G 432 40.40 -22.92 109.10
C PRO G 432 41.65 -23.59 108.54
N VAL G 433 41.44 -24.70 107.82
CA VAL G 433 42.49 -25.69 107.61
C VAL G 433 42.44 -26.30 106.22
N ARG G 434 43.53 -27.01 105.90
CA ARG G 434 43.46 -28.26 105.17
C ARG G 434 44.03 -29.38 106.05
N ARG G 435 43.60 -30.61 105.80
CA ARG G 435 44.26 -31.80 106.31
C ARG G 435 44.88 -32.57 105.15
N ILE G 436 46.19 -32.80 105.25
CA ILE G 436 46.91 -33.76 104.43
C ILE G 436 47.47 -34.89 105.30
N SER G 437 47.02 -34.97 106.55
CA SER G 437 46.95 -36.22 107.28
C SER G 437 46.44 -37.30 106.34
N TRP G 438 47.31 -38.24 105.97
CA TRP G 438 47.07 -39.10 104.81
C TRP G 438 45.69 -39.78 104.80
N LYS G 439 45.28 -40.28 103.63
CA LYS G 439 43.90 -40.65 103.38
C LYS G 439 43.85 -41.93 102.54
N HIS G 440 42.66 -42.49 102.35
CA HIS G 440 42.46 -43.71 101.57
C HIS G 440 41.90 -43.38 100.19
N ASP G 441 41.93 -44.37 99.28
CA ASP G 441 41.49 -44.13 97.90
C ASP G 441 40.63 -45.28 97.36
N LEU G 442 39.69 -44.91 96.48
CA LEU G 442 38.52 -45.70 96.11
C LEU G 442 38.31 -45.61 94.60
N ASP G 443 37.92 -46.73 93.95
CA ASP G 443 38.55 -46.81 92.62
C ASP G 443 37.63 -46.75 91.39
N PRO G 444 37.03 -45.56 90.98
CA PRO G 444 36.34 -45.48 89.68
C PRO G 444 36.47 -44.20 88.81
N ASP G 445 35.68 -44.18 87.74
CA ASP G 445 35.55 -43.04 86.82
C ASP G 445 34.15 -42.43 86.85
N ASP G 446 33.16 -43.21 87.25
CA ASP G 446 31.86 -42.80 87.76
C ASP G 446 31.82 -41.37 88.28
N THR G 447 30.91 -40.58 87.72
CA THR G 447 30.70 -39.20 88.18
C THR G 447 29.75 -39.11 89.36
N THR G 448 29.01 -40.18 89.64
CA THR G 448 27.76 -40.15 90.38
C THR G 448 27.95 -40.50 91.87
N LEU G 449 29.21 -40.68 92.29
CA LEU G 449 29.54 -40.98 93.68
C LEU G 449 29.10 -39.88 94.64
N ARG G 450 28.57 -40.30 95.78
CA ARG G 450 28.24 -39.41 96.89
C ARG G 450 28.77 -40.04 98.16
N ILE G 451 28.67 -39.31 99.28
CA ILE G 451 29.22 -39.79 100.54
C ILE G 451 28.37 -39.34 101.72
N THR G 452 28.45 -40.10 102.81
CA THR G 452 27.92 -39.73 104.12
C THR G 452 28.75 -40.43 105.19
N VAL G 453 28.79 -39.85 106.39
CA VAL G 453 29.48 -40.45 107.53
C VAL G 453 28.50 -40.67 108.67
N GLN G 454 28.73 -41.76 109.42
CA GLN G 454 28.17 -41.95 110.76
C GLN G 454 29.31 -41.94 111.76
N LYS G 455 28.98 -41.53 112.98
CA LYS G 455 29.98 -41.22 114.00
C LYS G 455 29.64 -42.01 115.25
N VAL G 456 30.49 -42.97 115.60
CA VAL G 456 30.27 -43.79 116.79
C VAL G 456 31.31 -43.45 117.85
N LYS G 457 30.86 -43.48 119.10
CA LYS G 457 31.65 -43.08 120.25
C LYS G 457 32.11 -44.31 121.02
N LYS G 458 33.33 -44.27 121.50
CA LYS G 458 33.90 -45.34 122.31
C LYS G 458 34.89 -44.72 123.27
N PRO G 459 35.35 -45.46 124.27
CA PRO G 459 36.25 -44.86 125.27
C PRO G 459 37.60 -44.40 124.73
N ASP G 460 38.31 -45.29 124.02
CA ASP G 460 39.69 -45.03 123.58
C ASP G 460 39.77 -44.36 122.22
N HIS G 461 38.66 -44.18 121.52
CA HIS G 461 38.70 -43.58 120.20
C HIS G 461 37.32 -42.99 119.89
N ILE G 462 37.22 -42.30 118.75
CA ILE G 462 35.99 -41.68 118.26
C ILE G 462 35.89 -41.88 116.76
N LEU G 463 35.21 -42.94 116.31
CA LEU G 463 35.43 -43.46 114.97
C LEU G 463 34.30 -43.18 113.98
N LEU G 464 34.67 -42.91 112.73
CA LEU G 464 33.78 -42.42 111.69
C LEU G 464 33.71 -43.42 110.55
N VAL G 465 32.50 -43.77 110.13
CA VAL G 465 32.29 -44.69 109.02
C VAL G 465 31.85 -43.89 107.79
N ALA G 466 32.56 -44.12 106.69
CA ALA G 466 32.44 -43.40 105.43
C ALA G 466 31.76 -44.32 104.43
N PHE G 467 30.52 -43.96 104.06
CA PHE G 467 29.74 -44.64 103.04
C PHE G 467 29.85 -43.83 101.76
N VAL G 468 30.52 -44.38 100.75
CA VAL G 468 30.52 -43.82 99.41
C VAL G 468 29.64 -44.73 98.54
N TYR G 469 28.59 -44.13 97.95
CA TYR G 469 27.58 -44.86 97.19
C TYR G 469 27.42 -44.23 95.81
N SER G 470 26.70 -44.92 94.94
CA SER G 470 26.64 -44.56 93.54
C SER G 470 25.19 -44.56 93.07
N MET G 471 25.00 -44.11 91.82
CA MET G 471 23.74 -44.16 91.09
C MET G 471 23.77 -45.22 90.01
N ARG G 472 24.88 -45.94 89.84
CA ARG G 472 25.02 -46.96 88.82
C ARG G 472 24.81 -48.38 89.36
N HIS G 473 25.35 -48.69 90.55
CA HIS G 473 25.24 -50.02 91.11
C HIS G 473 24.91 -49.91 92.60
N LYS G 474 24.10 -50.85 93.09
CA LYS G 474 23.53 -50.84 94.44
C LYS G 474 24.57 -51.20 95.51
N ARG G 475 25.84 -51.26 95.13
CA ARG G 475 26.90 -51.54 96.09
C ARG G 475 27.23 -50.30 96.92
N ILE G 476 27.59 -50.53 98.19
CA ILE G 476 28.04 -49.48 99.11
C ILE G 476 29.49 -49.74 99.45
N TYR G 477 30.31 -48.70 99.40
CA TYR G 477 31.75 -48.82 99.63
C TYR G 477 32.12 -48.08 100.90
N MET G 478 32.64 -48.83 101.87
CA MET G 478 32.81 -48.35 103.23
C MET G 478 34.28 -48.37 103.66
N HIS G 479 34.66 -47.27 104.31
CA HIS G 479 35.94 -47.17 105.00
C HIS G 479 35.70 -46.59 106.38
N VAL G 480 36.67 -46.77 107.30
CA VAL G 480 36.50 -46.40 108.70
C VAL G 480 37.74 -45.64 109.18
N PHE G 481 37.51 -44.54 109.90
CA PHE G 481 38.58 -43.76 110.49
C PHE G 481 38.33 -43.65 111.98
N SER G 482 39.31 -43.09 112.70
CA SER G 482 39.27 -43.04 114.14
C SER G 482 39.87 -41.73 114.64
N HIS G 483 39.24 -41.16 115.67
CA HIS G 483 39.63 -39.88 116.26
C HIS G 483 40.00 -40.15 117.72
N ARG G 484 41.26 -40.51 117.96
CA ARG G 484 41.85 -40.48 119.30
C ARG G 484 42.32 -39.06 119.51
N LYS G 485 41.56 -38.26 120.26
CA LYS G 485 41.80 -36.82 120.22
C LYS G 485 43.14 -36.43 120.85
N ALA G 486 44.23 -36.95 120.29
CA ALA G 486 45.42 -36.17 120.03
C ALA G 486 45.36 -35.56 118.64
N ASN G 487 44.15 -35.38 118.12
CA ASN G 487 43.88 -35.30 116.68
C ASN G 487 44.63 -36.39 115.94
N LEU G 488 44.45 -37.62 116.43
CA LEU G 488 45.04 -38.81 115.84
C LEU G 488 44.04 -39.45 114.88
N PHE G 489 44.48 -39.69 113.64
CA PHE G 489 43.66 -40.34 112.62
C PHE G 489 44.44 -41.51 112.01
N GLN G 490 43.82 -42.69 112.00
CA GLN G 490 44.39 -43.86 111.31
C GLN G 490 43.28 -44.58 110.57
N SER G 491 43.69 -45.49 109.67
CA SER G 491 42.80 -46.24 108.78
C SER G 491 43.17 -47.73 108.86
N LEU G 492 42.22 -48.60 108.56
CA LEU G 492 42.38 -50.02 108.92
C LEU G 492 42.28 -50.99 107.75
N GLY G 493 41.43 -50.73 106.78
CA GLY G 493 41.20 -51.67 105.71
C GLY G 493 39.78 -51.48 105.22
N CYS G 494 39.54 -51.91 103.98
CA CYS G 494 38.34 -51.55 103.22
C CYS G 494 37.27 -52.64 103.31
N SER G 495 36.02 -52.25 103.02
CA SER G 495 34.99 -53.28 102.87
C SER G 495 33.82 -52.74 102.06
N THR G 496 33.15 -53.63 101.34
CA THR G 496 32.06 -53.27 100.45
C THR G 496 30.90 -54.27 100.51
N VAL G 497 29.67 -53.76 100.47
CA VAL G 497 28.48 -54.60 100.48
C VAL G 497 27.64 -54.31 99.24
N LEU G 498 26.69 -55.21 98.96
CA LEU G 498 25.75 -55.08 97.85
C LEU G 498 24.35 -54.76 98.38
N GLU G 499 23.42 -54.57 97.45
CA GLU G 499 22.00 -54.73 97.73
C GLU G 499 21.33 -55.39 96.52
N ILE G 500 20.10 -55.02 96.19
CA ILE G 500 19.22 -55.94 95.46
C ILE G 500 18.85 -55.39 94.06
N PRO G 501 17.84 -55.98 93.28
CA PRO G 501 18.06 -56.19 91.83
C PRO G 501 18.48 -55.00 90.96
N GLY G 502 17.54 -54.41 90.21
CA GLY G 502 17.85 -53.33 89.27
C GLY G 502 17.49 -51.98 89.86
N GLY G 503 18.37 -51.00 89.67
CA GLY G 503 18.30 -49.71 90.33
C GLY G 503 19.59 -49.42 91.08
N THR G 504 19.57 -48.34 91.89
CA THR G 504 20.77 -47.94 92.67
C THR G 504 20.48 -46.79 93.65
N PRO G 505 21.23 -46.67 94.81
CA PRO G 505 20.96 -45.59 95.77
C PRO G 505 20.81 -44.17 95.23
N THR G 506 19.65 -43.55 95.50
CA THR G 506 19.50 -42.10 95.38
C THR G 506 19.70 -41.38 96.72
N GLY G 507 19.55 -42.07 97.85
CA GLY G 507 19.90 -41.49 99.13
C GLY G 507 20.44 -42.53 100.10
N ILE G 508 21.64 -42.33 100.64
CA ILE G 508 22.12 -43.06 101.82
C ILE G 508 22.28 -42.05 102.95
N GLU G 509 21.64 -42.33 104.09
CA GLU G 509 21.62 -41.32 105.14
C GLU G 509 21.78 -41.97 106.50
N THR G 510 22.88 -41.65 107.18
CA THR G 510 23.18 -42.14 108.52
C THR G 510 22.50 -41.27 109.57
N ILE G 511 22.42 -41.79 110.79
CA ILE G 511 21.86 -41.06 111.92
C ILE G 511 22.78 -41.20 113.14
N PHE G 531 33.67 -54.98 121.39
CA PHE G 531 34.59 -55.20 120.27
C PHE G 531 33.84 -55.39 118.95
N GLU G 532 32.83 -54.55 118.70
CA GLU G 532 32.02 -54.65 117.49
C GLU G 532 31.48 -53.27 117.12
N LEU G 533 30.88 -53.18 115.92
CA LEU G 533 30.35 -51.94 115.37
C LEU G 533 28.92 -52.10 114.89
N VAL G 534 28.04 -51.20 115.33
CA VAL G 534 26.68 -51.08 114.81
C VAL G 534 26.55 -49.72 114.14
N VAL G 535 26.19 -49.72 112.87
CA VAL G 535 25.98 -48.49 112.14
C VAL G 535 24.70 -48.61 111.32
N ASP G 536 23.81 -47.63 111.44
CA ASP G 536 22.45 -47.74 110.94
C ASP G 536 22.07 -46.51 110.13
N PHE G 537 21.23 -46.71 109.11
CA PHE G 537 20.95 -45.65 108.15
C PHE G 537 19.67 -45.99 107.38
N LEU G 538 19.31 -45.12 106.46
CA LEU G 538 18.23 -45.41 105.52
C LEU G 538 18.74 -45.26 104.10
N VAL G 539 18.15 -46.05 103.19
CA VAL G 539 18.44 -45.91 101.77
C VAL G 539 17.14 -45.74 101.02
N LYS G 540 17.24 -44.97 99.93
CA LYS G 540 16.21 -44.82 98.94
C LYS G 540 16.88 -45.12 97.60
N LEU G 541 16.25 -45.97 96.81
CA LEU G 541 16.81 -46.45 95.55
C LEU G 541 16.25 -45.66 94.37
N ARG G 542 17.06 -45.56 93.32
CA ARG G 542 16.60 -45.08 92.03
C ARG G 542 15.21 -45.64 91.73
N ASN G 543 14.26 -44.75 91.48
CA ASN G 543 12.94 -45.14 90.98
C ASN G 543 12.32 -46.25 91.81
N SER G 544 12.21 -45.98 93.12
CA SER G 544 11.46 -46.86 94.01
C SER G 544 11.06 -46.02 95.22
N SER G 545 9.75 -45.78 95.36
CA SER G 545 9.24 -44.86 96.37
C SER G 545 9.48 -45.34 97.81
N GLU G 546 10.07 -46.51 98.01
CA GLU G 546 10.27 -47.06 99.34
C GLU G 546 11.49 -46.45 100.02
N VAL G 547 11.44 -46.45 101.35
CA VAL G 547 12.50 -45.93 102.22
C VAL G 547 12.82 -47.02 103.22
N TYR G 548 14.01 -47.61 103.12
CA TYR G 548 14.33 -48.80 103.89
C TYR G 548 15.36 -48.49 104.98
N TYR G 549 15.00 -48.81 106.21
CA TYR G 549 15.92 -48.75 107.34
C TYR G 549 16.82 -49.97 107.34
N TYR G 550 18.11 -49.73 107.49
CA TYR G 550 19.11 -50.78 107.61
C TYR G 550 19.93 -50.57 108.87
N ALA G 551 20.46 -51.68 109.37
CA ALA G 551 21.40 -51.70 110.49
C ALA G 551 22.50 -52.69 110.16
N LEU G 552 23.71 -52.40 110.64
CA LEU G 552 24.86 -53.25 110.37
C LEU G 552 25.56 -53.61 111.68
N SER G 553 25.90 -54.88 111.83
CA SER G 553 26.59 -55.44 112.99
C SER G 553 27.84 -56.18 112.55
N ASN G 554 28.65 -56.54 113.55
CA ASN G 554 29.98 -57.09 113.30
C ASN G 554 30.01 -58.62 113.25
N THR G 555 29.51 -59.29 114.28
CA THR G 555 29.49 -60.76 114.21
C THR G 555 28.09 -61.32 114.37
N GLN G 556 28.00 -62.57 114.80
CA GLN G 556 26.76 -63.35 114.75
C GLN G 556 26.53 -64.11 116.05
N ASN G 557 26.67 -63.42 117.19
CA ASN G 557 26.37 -64.00 118.50
C ASN G 557 25.00 -63.50 118.93
N SER G 558 24.02 -64.40 118.92
CA SER G 558 22.66 -64.06 119.31
C SER G 558 21.88 -65.30 119.75
N ILE G 567 13.18 -63.94 95.87
CA ILE G 567 12.72 -62.57 95.92
C ILE G 567 11.19 -62.51 95.97
N ILE G 568 10.64 -61.66 96.85
CA ILE G 568 9.21 -61.38 96.90
C ILE G 568 8.85 -60.68 95.60
N VAL G 569 8.75 -61.45 94.52
CA VAL G 569 8.73 -60.87 93.19
C VAL G 569 7.48 -60.03 92.99
N ASP G 570 7.70 -58.75 92.73
CA ASP G 570 6.75 -57.91 92.01
C ASP G 570 7.59 -57.26 90.92
N HIS G 571 7.93 -58.04 89.90
CA HIS G 571 8.48 -57.48 88.68
C HIS G 571 7.29 -57.18 87.78
N PRO G 572 6.79 -55.94 87.78
CA PRO G 572 5.51 -55.65 87.10
C PRO G 572 5.55 -55.96 85.62
N GLU G 573 6.73 -56.19 85.06
CA GLU G 573 6.82 -56.55 83.66
C GLU G 573 6.41 -58.00 83.43
N TRP G 574 6.70 -58.89 84.39
CA TRP G 574 6.36 -60.31 84.25
C TRP G 574 5.01 -60.66 84.87
N ALA G 575 4.68 -60.08 86.03
CA ALA G 575 3.34 -60.29 86.61
C ALA G 575 2.25 -59.86 85.64
N SER G 576 2.42 -58.72 84.97
CA SER G 576 1.51 -58.33 83.91
C SER G 576 1.44 -59.39 82.82
N LEU G 577 2.44 -60.27 82.76
CA LEU G 577 2.48 -61.34 81.77
C LEU G 577 1.93 -62.65 82.30
N PHE G 578 1.75 -62.79 83.61
CA PHE G 578 1.34 -64.05 84.20
C PHE G 578 -0.06 -64.04 84.82
N ASN G 579 -0.58 -62.88 85.22
CA ASN G 579 -1.80 -62.82 86.03
C ASN G 579 -3.04 -62.41 85.23
N ASN G 580 -3.04 -62.64 83.90
CA ASN G 580 -3.91 -61.88 83.00
C ASN G 580 -5.35 -61.78 83.50
N ALA G 581 -5.95 -60.60 83.27
CA ALA G 581 -7.03 -60.03 84.07
C ALA G 581 -8.31 -60.86 84.16
N ASP G 582 -9.18 -60.73 83.16
CA ASP G 582 -10.59 -61.09 83.27
C ASP G 582 -10.79 -62.52 83.75
N GLU G 583 -11.98 -62.77 84.33
CA GLU G 583 -12.27 -64.09 84.89
C GLU G 583 -12.33 -65.15 83.80
N ARG G 584 -12.85 -64.81 82.63
CA ARG G 584 -12.79 -65.74 81.51
C ARG G 584 -11.36 -65.92 81.01
N GLU G 585 -10.45 -65.04 81.40
CA GLU G 585 -9.03 -65.22 81.16
C GLU G 585 -8.33 -65.92 82.31
N LYS G 586 -9.06 -66.28 83.37
CA LYS G 586 -8.63 -67.25 84.36
C LYS G 586 -9.12 -68.65 84.00
N GLU G 587 -10.44 -68.79 83.86
CA GLU G 587 -11.03 -70.07 83.47
C GLU G 587 -10.71 -70.44 82.03
N SER G 588 -10.22 -69.48 81.24
CA SER G 588 -9.64 -69.82 79.95
C SER G 588 -8.38 -70.64 80.14
N ILE G 589 -7.43 -70.12 80.93
CA ILE G 589 -6.20 -70.84 81.21
C ILE G 589 -6.51 -72.19 81.83
N GLY G 590 -7.41 -72.22 82.82
CA GLY G 590 -7.78 -73.48 83.45
C GLY G 590 -8.37 -74.48 82.47
N ALA G 591 -9.18 -73.98 81.52
CA ALA G 591 -9.72 -74.84 80.48
C ALA G 591 -8.61 -75.51 79.66
N LEU G 592 -7.66 -74.71 79.18
CA LEU G 592 -6.54 -75.28 78.42
C LEU G 592 -5.76 -76.29 79.25
N VAL G 593 -5.51 -75.97 80.53
CA VAL G 593 -4.78 -76.87 81.43
C VAL G 593 -5.48 -78.21 81.57
N SER G 594 -6.81 -78.20 81.70
CA SER G 594 -7.54 -79.45 81.78
C SER G 594 -7.46 -80.22 80.47
N GLN G 595 -7.63 -79.53 79.34
CA GLN G 595 -7.48 -80.17 78.04
C GLN G 595 -6.18 -80.97 77.97
N ILE G 596 -5.06 -80.30 78.25
CA ILE G 596 -3.78 -81.01 78.13
C ILE G 596 -3.65 -82.07 79.23
N LYS G 597 -4.21 -81.86 80.41
CA LYS G 597 -4.03 -82.83 81.50
C LYS G 597 -4.70 -84.16 81.19
N LEU G 598 -5.97 -84.12 80.77
CA LEU G 598 -6.62 -85.35 80.33
C LEU G 598 -5.91 -85.94 79.10
N LYS G 599 -5.45 -85.08 78.18
CA LYS G 599 -4.65 -85.61 77.08
C LYS G 599 -3.47 -86.42 77.59
N GLU G 600 -2.78 -85.91 78.60
CA GLU G 600 -1.64 -86.63 79.15
C GLU G 600 -2.07 -87.96 79.72
N ARG G 601 -3.25 -88.01 80.35
CA ARG G 601 -3.80 -89.30 80.76
C ARG G 601 -3.95 -90.24 79.57
N GLU G 602 -4.43 -89.71 78.45
CA GLU G 602 -4.52 -90.52 77.24
C GLU G 602 -3.15 -91.05 76.84
N ARG G 603 -2.12 -90.23 76.95
CA ARG G 603 -0.77 -90.71 76.63
C ARG G 603 -0.38 -91.86 77.55
N ILE G 604 -0.61 -91.72 78.86
CA ILE G 604 -0.19 -92.75 79.83
C ILE G 604 -0.90 -94.07 79.55
N SER G 605 -2.23 -94.06 79.64
CA SER G 605 -3.00 -95.28 79.36
C SER G 605 -2.64 -95.86 78.00
N ARG G 606 -2.44 -94.99 77.01
CA ARG G 606 -2.12 -95.43 75.65
C ARG G 606 -0.82 -96.22 75.60
N VAL G 607 0.29 -95.57 75.93
CA VAL G 607 1.60 -96.20 75.81
C VAL G 607 1.77 -97.37 76.77
N GLN G 608 0.99 -97.42 77.86
CA GLN G 608 1.15 -98.47 78.87
C GLN G 608 1.25 -99.86 78.23
N ASN G 609 0.22 -100.27 77.48
CA ASN G 609 0.23 -101.59 76.88
C ASN G 609 1.38 -101.76 75.89
N LEU G 610 1.74 -100.70 75.18
CA LEU G 610 2.93 -100.75 74.33
C LEU G 610 4.16 -101.10 75.16
N ILE G 611 4.18 -100.69 76.43
CA ILE G 611 5.27 -101.10 77.30
C ILE G 611 5.08 -102.53 77.77
N GLU G 612 3.82 -102.97 77.94
CA GLU G 612 3.54 -104.36 78.28
C GLU G 612 4.16 -105.30 77.25
N HIS G 613 4.15 -104.91 75.98
CA HIS G 613 4.78 -105.71 74.92
C HIS G 613 6.18 -105.15 74.68
N GLU G 614 7.18 -105.74 75.33
CA GLU G 614 8.57 -105.55 74.98
C GLU G 614 9.16 -106.91 74.65
N ASN G 615 10.09 -106.93 73.70
CA ASN G 615 10.73 -108.17 73.22
C ASN G 615 9.72 -109.25 72.82
N SER G 616 8.43 -108.89 72.74
CA SER G 616 7.40 -109.81 72.29
C SER G 616 7.56 -110.12 70.80
N HIS G 617 6.97 -111.23 70.38
CA HIS G 617 6.92 -111.50 68.94
C HIS G 617 6.05 -110.49 68.22
N ASP G 618 5.07 -109.90 68.92
CA ASP G 618 4.24 -108.87 68.32
C ASP G 618 5.05 -107.62 68.01
N GLU G 619 5.82 -107.12 68.97
CA GLU G 619 6.70 -105.99 68.72
C GLU G 619 7.81 -106.33 67.74
N ASP G 620 8.17 -107.61 67.61
CA ASP G 620 9.09 -108.01 66.55
C ASP G 620 8.45 -107.85 65.18
N LYS G 621 7.26 -108.45 64.99
CA LYS G 621 6.50 -108.25 63.77
C LYS G 621 6.40 -106.78 63.44
N TYR G 622 6.11 -105.97 64.46
CA TYR G 622 5.93 -104.53 64.23
C TYR G 622 7.23 -103.86 63.82
N LEU G 623 8.36 -104.29 64.40
CA LEU G 623 9.63 -103.68 64.00
C LEU G 623 10.06 -104.13 62.61
N GLN G 624 9.65 -105.33 62.20
CA GLN G 624 9.90 -105.78 60.83
C GLN G 624 9.09 -104.97 59.83
N ASP G 625 7.77 -105.20 59.82
CA ASP G 625 6.92 -104.53 58.83
C ASP G 625 7.00 -103.01 58.99
N LEU G 626 7.36 -102.55 60.17
CA LEU G 626 7.72 -101.15 60.35
C LEU G 626 8.95 -100.80 59.54
N GLY G 627 10.09 -101.41 59.90
CA GLY G 627 11.36 -101.02 59.30
C GLY G 627 11.34 -101.08 57.79
N TYR G 628 10.75 -102.13 57.23
CA TYR G 628 10.83 -102.25 55.79
C TYR G 628 9.59 -101.74 55.07
N ARG G 629 8.48 -101.52 55.79
CA ARG G 629 7.43 -100.65 55.27
C ARG G 629 7.96 -99.25 55.03
N LEU G 630 8.56 -98.66 56.08
CA LEU G 630 9.26 -97.41 55.93
C LEU G 630 10.33 -97.48 54.84
N SER G 631 10.96 -98.64 54.67
CA SER G 631 11.92 -98.77 53.58
C SER G 631 11.25 -98.63 52.22
N ILE G 632 10.06 -99.20 52.05
CA ILE G 632 9.33 -99.08 50.77
C ILE G 632 8.98 -97.61 50.50
N ALA G 633 8.41 -96.92 51.51
CA ALA G 633 8.07 -95.52 51.32
C ALA G 633 9.31 -94.68 51.02
N THR G 634 10.41 -94.99 51.68
CA THR G 634 11.67 -94.29 51.46
C THR G 634 12.15 -94.46 50.03
N ASN G 635 12.03 -95.67 49.50
CA ASN G 635 12.40 -95.88 48.10
C ASN G 635 11.52 -95.06 47.18
N GLU G 636 10.19 -95.08 47.41
CA GLU G 636 9.28 -94.27 46.60
C GLU G 636 9.72 -92.82 46.56
N LEU G 637 9.96 -92.24 47.74
CA LEU G 637 10.43 -90.86 47.78
C LEU G 637 11.78 -90.70 47.09
N LEU G 638 12.58 -91.76 47.02
CA LEU G 638 13.85 -91.66 46.30
C LEU G 638 13.65 -91.67 44.79
N GLU G 639 12.63 -92.39 44.30
CA GLU G 639 12.25 -92.31 42.89
C GLU G 639 11.76 -90.91 42.54
N SER G 640 10.81 -90.39 43.32
CA SER G 640 10.36 -89.02 43.10
C SER G 640 11.45 -87.99 43.41
N TRP G 641 12.59 -88.41 43.98
CA TRP G 641 13.80 -87.60 43.95
C TRP G 641 14.62 -87.81 42.70
N GLN G 642 14.45 -88.94 42.02
CA GLN G 642 15.13 -89.12 40.74
C GLN G 642 14.48 -88.29 39.65
N LYS G 643 13.15 -88.18 39.66
CA LYS G 643 12.47 -87.42 38.61
C LYS G 643 12.86 -85.95 38.66
N THR G 644 12.95 -85.38 39.86
CA THR G 644 13.32 -83.98 40.07
C THR G 644 14.82 -83.80 40.31
N LYS G 645 15.63 -84.82 40.00
CA LYS G 645 17.05 -84.79 40.34
C LYS G 645 17.78 -83.64 39.65
N ASP G 646 17.44 -83.38 38.40
CA ASP G 646 18.20 -82.41 37.61
C ASP G 646 17.78 -80.97 37.87
N GLU G 647 17.44 -80.65 39.11
CA GLU G 647 17.07 -79.27 39.43
C GLU G 647 18.29 -78.36 39.35
N SER G 648 19.34 -78.69 40.11
CA SER G 648 20.63 -78.00 40.05
C SER G 648 20.52 -76.51 40.34
N ILE G 649 19.37 -76.05 40.82
CA ILE G 649 19.20 -74.66 41.24
C ILE G 649 19.47 -74.50 42.73
N LEU G 650 19.07 -75.48 43.52
CA LEU G 650 19.37 -75.61 44.95
C LEU G 650 20.11 -76.94 45.19
N SER G 651 20.29 -77.28 46.46
CA SER G 651 20.88 -78.57 46.81
C SER G 651 20.23 -79.17 48.05
N GLY G 652 19.04 -78.70 48.42
CA GLY G 652 18.29 -79.30 49.51
C GLY G 652 16.98 -79.88 49.02
N SER G 653 16.88 -81.22 49.01
CA SER G 653 15.66 -81.87 48.57
C SER G 653 14.49 -81.47 49.44
N LEU G 654 13.28 -81.59 48.88
CA LEU G 654 12.07 -81.08 49.50
C LEU G 654 11.60 -81.97 50.64
N SER G 655 11.32 -81.35 51.79
CA SER G 655 10.73 -82.01 52.97
C SER G 655 11.38 -83.37 53.25
N HIS G 656 12.70 -83.40 53.12
CA HIS G 656 13.45 -84.65 53.11
C HIS G 656 13.34 -85.41 54.43
N SER G 657 14.16 -85.04 55.43
CA SER G 657 14.33 -85.82 56.65
C SER G 657 13.01 -86.14 57.33
N LYS G 658 12.60 -87.42 57.33
CA LYS G 658 11.36 -87.79 58.01
C LYS G 658 11.23 -89.30 58.22
N LEU G 659 10.14 -89.64 58.88
CA LEU G 659 9.50 -90.94 58.80
C LEU G 659 8.91 -91.19 57.41
N LYS G 660 8.82 -90.14 56.59
CA LYS G 660 8.21 -90.14 55.27
C LYS G 660 6.76 -90.64 55.29
N ASN G 661 5.84 -89.69 55.46
CA ASN G 661 4.38 -89.85 55.41
C ASN G 661 3.90 -91.27 55.70
N LEU G 662 4.25 -91.74 56.89
CA LEU G 662 3.53 -92.81 57.56
C LEU G 662 3.84 -92.57 59.02
N LEU G 663 2.87 -92.05 59.78
CA LEU G 663 3.15 -91.56 61.12
C LEU G 663 2.76 -92.53 62.23
N GLU G 664 1.70 -93.31 62.06
CA GLU G 664 1.31 -94.27 63.09
C GLU G 664 2.41 -95.30 63.32
N ASN G 665 3.24 -95.52 62.30
CA ASN G 665 4.26 -96.56 62.37
C ASN G 665 5.35 -96.23 63.38
N SER G 666 5.62 -94.95 63.59
CA SER G 666 6.56 -94.55 64.64
C SER G 666 6.16 -95.16 65.97
N ASP G 667 5.12 -94.59 66.57
CA ASP G 667 4.89 -94.73 68.00
C ASP G 667 4.92 -96.16 68.48
N SER G 668 4.13 -97.05 67.84
CA SER G 668 3.56 -98.20 68.55
C SER G 668 4.60 -99.11 69.20
N PHE G 669 5.86 -99.10 68.78
CA PHE G 669 6.84 -99.92 69.47
C PHE G 669 7.18 -99.30 70.83
N ALA G 670 8.03 -99.98 71.60
CA ALA G 670 8.40 -99.47 72.92
C ALA G 670 9.63 -100.13 73.52
N SER G 671 10.66 -100.35 72.72
CA SER G 671 11.89 -100.98 73.18
C SER G 671 13.06 -100.28 72.51
N ILE G 672 13.68 -99.35 73.22
CA ILE G 672 14.73 -98.54 72.61
C ILE G 672 15.84 -99.36 71.95
N PRO G 673 16.39 -100.42 72.56
CA PRO G 673 17.55 -101.07 71.93
C PRO G 673 17.24 -101.82 70.66
N GLU G 674 16.08 -102.49 70.57
CA GLU G 674 15.69 -103.13 69.33
C GLU G 674 15.36 -102.11 68.25
N PHE G 675 15.02 -100.90 68.67
CA PHE G 675 14.74 -99.82 67.73
C PHE G 675 16.02 -99.16 67.22
N SER G 676 17.01 -99.00 68.08
CA SER G 676 18.34 -98.63 67.62
C SER G 676 18.90 -99.67 66.68
N SER G 677 18.64 -100.95 66.95
CA SER G 677 19.12 -101.99 66.02
C SER G 677 18.35 -101.93 64.70
N LEU G 678 17.05 -101.62 64.75
CA LEU G 678 16.30 -101.37 63.52
C LEU G 678 16.99 -100.31 62.68
N LEU G 679 17.26 -99.15 63.29
CA LEU G 679 17.86 -98.04 62.54
C LEU G 679 19.24 -98.40 62.02
N ASP G 680 20.05 -99.11 62.82
CA ASP G 680 21.37 -99.49 62.34
C ASP G 680 21.28 -100.39 61.12
N GLN G 681 20.28 -101.27 61.09
CA GLN G 681 20.11 -102.15 59.94
C GLN G 681 19.35 -101.48 58.79
N PHE G 682 18.69 -100.34 59.03
CA PHE G 682 18.12 -99.53 57.96
C PHE G 682 19.21 -98.73 57.26
N PHE G 683 20.03 -98.01 58.02
CA PHE G 683 21.21 -97.38 57.44
C PHE G 683 22.05 -98.40 56.72
N GLN G 684 22.24 -99.57 57.33
CA GLN G 684 22.91 -100.66 56.62
C GLN G 684 22.21 -100.96 55.30
N TYR G 685 20.88 -101.03 55.32
CA TYR G 685 20.15 -101.50 54.13
C TYR G 685 20.26 -100.51 52.98
N TYR G 686 20.16 -99.22 53.26
CA TYR G 686 20.25 -98.21 52.20
C TYR G 686 21.69 -97.76 51.95
N GLN G 687 22.67 -98.63 52.20
CA GLN G 687 24.06 -98.33 51.87
C GLN G 687 24.30 -98.20 50.37
N ASP G 688 23.36 -98.66 49.54
CA ASP G 688 23.35 -98.30 48.13
C ASP G 688 23.46 -96.79 48.02
N GLN G 689 24.52 -96.35 47.36
CA GLN G 689 25.08 -95.02 47.58
C GLN G 689 24.14 -93.91 47.08
N ASP G 690 24.65 -92.67 47.09
CA ASP G 690 23.86 -91.46 46.86
C ASP G 690 22.68 -91.40 47.83
N VAL G 691 23.02 -91.46 49.12
CA VAL G 691 22.04 -91.36 50.19
C VAL G 691 22.72 -90.77 51.42
N THR G 692 21.92 -90.12 52.27
CA THR G 692 22.46 -89.38 53.39
C THR G 692 23.05 -90.30 54.46
N PHE G 693 24.06 -89.77 55.15
CA PHE G 693 24.64 -90.43 56.32
C PHE G 693 24.85 -89.39 57.40
N ILE G 694 24.32 -89.65 58.60
CA ILE G 694 24.52 -88.77 59.76
C ILE G 694 24.60 -89.62 61.02
N GLY G 695 25.71 -89.53 61.74
CA GLY G 695 25.93 -90.34 62.91
C GLY G 695 25.41 -89.70 64.18
N PHE G 696 24.38 -90.32 64.78
CA PHE G 696 23.65 -89.69 65.87
C PHE G 696 24.53 -89.45 67.09
N GLU G 697 25.20 -90.49 67.57
CA GLU G 697 26.00 -90.43 68.79
C GLU G 697 26.78 -89.12 68.95
N LYS G 698 27.53 -88.77 67.91
CA LYS G 698 28.32 -87.54 67.93
C LYS G 698 27.46 -86.31 68.12
N LEU G 699 26.13 -86.44 67.95
CA LEU G 699 25.21 -85.33 68.15
C LEU G 699 24.52 -85.36 69.51
N LEU G 700 24.24 -86.55 70.05
CA LEU G 700 23.79 -86.66 71.44
C LEU G 700 24.83 -86.08 72.38
N HIS G 701 26.11 -86.15 71.98
CA HIS G 701 27.17 -85.34 72.57
C HIS G 701 26.70 -83.93 72.95
N LEU G 702 25.88 -83.31 72.10
CA LEU G 702 25.33 -81.99 72.42
C LEU G 702 24.22 -82.02 73.44
N PHE G 703 23.56 -83.17 73.61
CA PHE G 703 22.43 -83.26 74.51
C PHE G 703 22.89 -83.46 75.95
N LEU G 704 23.67 -84.51 76.20
CA LEU G 704 24.06 -84.86 77.56
C LEU G 704 25.44 -84.33 77.95
N HIS G 705 26.16 -83.76 77.00
CA HIS G 705 27.44 -83.09 77.22
C HIS G 705 28.54 -84.04 77.63
N GLU G 706 28.40 -85.31 77.29
CA GLU G 706 29.51 -86.26 77.34
C GLU G 706 29.32 -87.19 76.18
N ASP G 707 30.36 -87.98 75.88
CA ASP G 707 30.24 -88.89 74.75
C ASP G 707 29.10 -89.85 75.00
N VAL G 708 28.17 -89.91 74.06
CA VAL G 708 27.02 -90.80 74.16
C VAL G 708 27.16 -91.81 73.03
N PRO G 709 27.98 -92.87 73.21
CA PRO G 709 28.21 -93.83 72.11
C PRO G 709 26.95 -94.45 71.56
N GLY G 710 26.17 -95.07 72.43
CA GLY G 710 24.96 -95.77 72.03
C GLY G 710 23.72 -94.91 72.15
N LEU G 711 22.78 -95.14 71.23
CA LEU G 711 21.44 -94.59 71.36
C LEU G 711 20.77 -95.06 72.64
N ASP G 712 21.27 -96.15 73.22
CA ASP G 712 20.71 -96.70 74.46
C ASP G 712 21.18 -95.93 75.68
N ILE G 713 22.49 -95.75 75.82
CA ILE G 713 23.05 -95.07 76.99
C ILE G 713 22.41 -93.71 77.18
N PHE G 714 22.02 -93.07 76.07
CA PHE G 714 21.16 -91.90 76.11
C PHE G 714 19.95 -92.14 77.00
N TYR G 715 19.22 -93.21 76.68
CA TYR G 715 18.03 -93.58 77.43
C TYR G 715 18.35 -93.94 78.87
N ASN G 716 19.47 -94.64 79.10
CA ASN G 716 19.88 -94.95 80.46
C ASN G 716 20.02 -93.69 81.29
N LYS G 717 20.86 -92.76 80.86
CA LYS G 717 21.14 -91.58 81.66
C LYS G 717 19.85 -90.78 81.91
N LEU G 718 19.08 -90.52 80.86
CA LEU G 718 17.83 -89.79 81.08
C LEU G 718 16.94 -90.54 82.06
N LEU G 719 16.96 -91.87 82.00
CA LEU G 719 16.09 -92.66 82.87
C LEU G 719 16.56 -92.65 84.32
N GLN G 720 17.87 -92.62 84.58
CA GLN G 720 18.33 -92.40 85.95
C GLN G 720 17.77 -91.09 86.48
N CYS G 721 18.06 -90.00 85.76
CA CYS G 721 17.61 -88.68 86.18
C CYS G 721 16.12 -88.69 86.52
N TRP G 722 15.30 -89.19 85.61
CA TRP G 722 13.87 -89.01 85.79
C TRP G 722 13.25 -90.08 86.67
N VAL G 723 13.85 -91.27 86.73
CA VAL G 723 13.40 -92.27 87.68
C VAL G 723 13.58 -91.76 89.09
N LEU G 724 14.46 -90.78 89.31
CA LEU G 724 14.45 -90.14 90.63
C LEU G 724 13.21 -89.29 90.88
N VAL G 725 12.37 -89.00 89.88
CA VAL G 725 11.46 -87.85 89.98
C VAL G 725 10.04 -88.11 89.50
N SER G 726 9.84 -89.05 88.59
CA SER G 726 8.48 -89.18 88.11
C SER G 726 8.02 -90.62 88.10
N PRO G 727 6.73 -90.86 88.31
CA PRO G 727 6.16 -92.19 88.03
C PRO G 727 6.11 -92.40 86.53
N GLN G 728 6.15 -93.66 86.12
CA GLN G 728 6.27 -94.01 84.69
C GLN G 728 7.35 -93.18 84.03
N ALA G 729 8.41 -92.87 84.78
CA ALA G 729 9.58 -92.27 84.15
C ALA G 729 10.12 -93.16 83.04
N GLU G 730 9.93 -94.48 83.14
CA GLU G 730 10.30 -95.36 82.03
C GLU G 730 9.44 -95.08 80.80
N LEU G 731 8.14 -94.85 80.99
CA LEU G 731 7.25 -94.62 79.87
C LEU G 731 7.54 -93.29 79.21
N LEU G 732 7.63 -92.22 80.00
CA LEU G 732 7.96 -90.91 79.44
C LEU G 732 9.35 -90.93 78.81
N THR G 733 10.35 -91.35 79.56
CA THR G 733 11.71 -91.39 79.01
C THR G 733 11.75 -92.20 77.71
N LYS G 734 10.96 -93.27 77.60
CA LYS G 734 10.96 -93.99 76.34
C LYS G 734 10.24 -93.18 75.26
N GLU G 735 9.14 -92.53 75.63
CA GLU G 735 8.36 -91.72 74.69
C GLU G 735 9.14 -90.51 74.20
N ILE G 736 10.14 -90.07 74.96
CA ILE G 736 10.85 -88.83 74.67
C ILE G 736 12.16 -89.18 73.97
N VAL G 737 12.77 -90.32 74.30
CA VAL G 737 13.87 -90.75 73.46
C VAL G 737 13.36 -91.17 72.09
N LYS G 738 12.14 -91.73 72.03
CA LYS G 738 11.50 -91.97 70.75
C LYS G 738 11.22 -90.66 70.03
N ASP G 739 10.65 -89.69 70.74
CA ASP G 739 10.35 -88.41 70.10
C ASP G 739 11.61 -87.73 69.59
N ILE G 740 12.70 -87.79 70.35
CA ILE G 740 13.96 -87.18 69.93
C ILE G 740 14.53 -87.90 68.73
N ILE G 741 14.69 -89.22 68.84
CA ILE G 741 15.27 -90.01 67.77
C ILE G 741 14.47 -89.84 66.48
N TRP G 742 13.18 -89.53 66.60
CA TRP G 742 12.36 -89.25 65.43
C TRP G 742 12.61 -87.83 64.91
N SER G 743 12.57 -86.83 65.80
CA SER G 743 12.84 -85.45 65.44
C SER G 743 14.15 -85.29 64.70
N LEU G 744 15.14 -86.13 65.00
CA LEU G 744 16.43 -86.07 64.33
C LEU G 744 16.59 -87.11 63.23
N ALA G 745 15.67 -88.08 63.15
CA ALA G 745 15.72 -89.18 62.19
C ALA G 745 16.03 -88.71 60.78
N ARG G 746 17.26 -88.93 60.34
CA ARG G 746 17.75 -88.29 59.13
C ARG G 746 17.13 -88.90 57.87
N LEU G 747 17.00 -88.07 56.83
CA LEU G 747 16.86 -88.46 55.43
C LEU G 747 16.93 -87.24 54.53
N GLU G 748 18.05 -86.51 54.54
CA GLU G 748 18.15 -85.26 53.79
C GLU G 748 18.34 -85.53 52.30
N LYS G 749 18.78 -84.52 51.55
CA LYS G 749 18.91 -84.62 50.11
C LYS G 749 19.85 -85.76 49.69
N PRO G 750 19.77 -86.21 48.44
CA PRO G 750 20.81 -87.12 47.93
C PRO G 750 22.20 -86.61 48.27
N SER G 751 23.07 -87.55 48.64
CA SER G 751 24.25 -87.22 49.43
C SER G 751 25.34 -86.58 48.58
N LEU G 752 26.46 -86.30 49.26
CA LEU G 752 27.63 -85.53 48.82
C LEU G 752 27.88 -85.44 47.32
N PHE G 753 27.53 -86.47 46.55
CA PHE G 753 27.74 -86.35 45.11
C PHE G 753 26.68 -85.47 44.45
N GLU G 754 25.52 -85.29 45.07
CA GLU G 754 24.49 -84.42 44.51
C GLU G 754 24.74 -82.95 44.85
N PRO G 755 25.21 -82.60 46.06
CA PRO G 755 25.49 -81.17 46.32
C PRO G 755 26.54 -80.56 45.41
N ILE G 756 27.62 -81.27 45.08
CA ILE G 756 28.71 -80.67 44.31
C ILE G 756 28.23 -80.21 42.94
N GLN G 757 27.15 -80.82 42.42
CA GLN G 757 26.56 -80.39 41.16
C GLN G 757 26.08 -78.95 41.22
N ASN G 758 25.19 -78.64 42.18
CA ASN G 758 24.71 -77.28 42.34
C ASN G 758 25.79 -76.37 42.91
N GLU G 759 26.73 -76.93 43.68
CA GLU G 759 27.87 -76.17 44.17
C GLU G 759 28.63 -75.54 43.00
N ILE G 760 29.08 -76.37 42.06
CA ILE G 760 29.82 -75.85 40.93
C ILE G 760 28.91 -75.01 40.02
N SER G 761 27.65 -75.42 39.85
CA SER G 761 26.77 -74.71 38.91
C SER G 761 26.34 -73.33 39.41
N ARG G 762 26.28 -73.14 40.73
CA ARG G 762 26.13 -71.79 41.27
C ARG G 762 27.44 -71.05 41.23
N SER G 763 28.54 -71.76 41.48
CA SER G 763 29.88 -71.23 41.25
C SER G 763 30.18 -70.99 39.76
N LEU G 764 29.18 -71.14 38.90
CA LEU G 764 29.31 -70.76 37.50
C LEU G 764 28.58 -69.44 37.22
N SER G 765 27.27 -69.40 37.49
CA SER G 765 26.47 -68.22 37.20
C SER G 765 27.01 -66.97 37.86
N GLY G 766 27.88 -67.10 38.85
CA GLY G 766 28.56 -65.97 39.42
C GLY G 766 29.65 -65.46 38.52
N PRO G 767 29.89 -64.15 38.55
CA PRO G 767 30.96 -63.56 37.72
C PRO G 767 32.32 -64.19 38.00
N TYR G 768 33.21 -64.09 37.00
CA TYR G 768 34.33 -65.00 36.88
C TYR G 768 35.33 -64.92 38.04
N GLN G 769 35.53 -63.74 38.62
CA GLN G 769 36.59 -63.59 39.62
C GLN G 769 36.10 -63.69 41.05
N ASP G 770 34.79 -63.54 41.30
CA ASP G 770 34.25 -64.11 42.52
C ASP G 770 34.35 -65.63 42.46
N ILE G 771 34.13 -66.20 41.28
CA ILE G 771 34.39 -67.63 41.08
C ILE G 771 35.85 -67.93 41.34
N ILE G 772 36.73 -66.96 41.07
CA ILE G 772 38.14 -67.14 41.39
C ILE G 772 38.39 -66.99 42.88
N SER G 773 37.54 -66.24 43.59
CA SER G 773 37.72 -66.09 45.03
C SER G 773 37.19 -67.29 45.82
N SER G 774 36.15 -67.96 45.32
CA SER G 774 35.64 -69.16 45.96
C SER G 774 36.77 -70.17 46.13
N TRP G 775 37.05 -70.50 47.38
CA TRP G 775 38.30 -71.17 47.73
C TRP G 775 38.02 -72.21 48.79
N ASP G 776 38.23 -73.48 48.45
CA ASP G 776 38.23 -74.55 49.43
C ASP G 776 39.63 -74.76 49.97
N MET G 777 39.74 -75.60 51.01
CA MET G 777 40.96 -75.91 51.73
C MET G 777 41.93 -74.72 51.85
N ASP G 778 41.74 -73.89 52.87
CA ASP G 778 42.59 -72.72 53.06
C ASP G 778 43.97 -73.13 53.55
N ASP G 779 44.11 -73.36 54.85
CA ASP G 779 45.36 -73.81 55.46
C ASP G 779 45.10 -74.30 56.87
N LYS H 94 51.10 -49.78 49.89
CA LYS H 94 51.22 -51.02 50.66
C LYS H 94 49.98 -51.90 50.54
N LEU H 95 48.87 -51.45 51.13
CA LEU H 95 47.64 -52.23 51.17
C LEU H 95 46.72 -51.90 49.99
N ILE H 96 45.87 -52.87 49.63
CA ILE H 96 45.02 -52.79 48.45
C ILE H 96 44.13 -51.54 48.51
N GLY H 97 43.68 -51.11 47.33
CA GLY H 97 42.69 -50.06 47.23
C GLY H 97 41.49 -50.45 46.39
N HIS H 98 40.30 -50.25 46.96
CA HIS H 98 39.04 -50.16 46.21
C HIS H 98 38.64 -51.43 45.48
N GLU H 99 39.50 -52.45 45.41
CA GLU H 99 39.01 -53.77 45.04
C GLU H 99 39.57 -54.82 45.99
N ALA H 100 39.74 -54.46 47.25
CA ALA H 100 40.06 -55.41 48.29
C ALA H 100 38.77 -56.05 48.74
N LYS H 101 37.74 -55.96 47.90
CA LYS H 101 36.60 -56.85 48.06
C LYS H 101 37.07 -58.30 48.02
N LEU H 102 38.03 -58.61 47.14
CA LEU H 102 38.55 -59.97 47.04
C LEU H 102 39.25 -60.38 48.33
N LEU H 103 40.15 -59.53 48.84
CA LEU H 103 40.85 -59.86 50.08
C LEU H 103 39.88 -59.93 51.25
N PHE H 104 38.92 -59.03 51.28
CA PHE H 104 37.90 -59.05 52.32
C PHE H 104 37.18 -60.40 52.33
N LEU H 105 36.51 -60.73 51.23
CA LEU H 105 35.81 -62.00 51.18
C LEU H 105 36.75 -63.19 51.36
N LYS H 106 38.07 -63.00 51.16
CA LYS H 106 38.99 -64.11 51.37
C LYS H 106 39.32 -64.31 52.86
N SER H 107 39.58 -63.25 53.60
CA SER H 107 39.72 -63.41 55.05
C SER H 107 38.42 -63.86 55.68
N PHE H 108 37.28 -63.41 55.15
CA PHE H 108 35.98 -63.82 55.67
C PHE H 108 35.74 -65.31 55.45
N GLN H 109 35.82 -65.74 54.19
CA GLN H 109 35.62 -67.15 53.87
C GLN H 109 36.64 -68.03 54.58
N PHE H 110 37.90 -67.59 54.63
CA PHE H 110 38.93 -68.35 55.36
C PHE H 110 38.57 -68.49 56.83
N ILE H 111 38.08 -67.42 57.46
CA ILE H 111 37.68 -67.52 58.86
C ILE H 111 36.52 -68.49 59.01
N LEU H 112 35.59 -68.48 58.06
CA LEU H 112 34.47 -69.41 58.11
C LEU H 112 34.97 -70.85 58.10
N LYS H 113 35.67 -71.26 57.04
CA LYS H 113 36.15 -72.64 57.00
C LYS H 113 37.01 -72.97 58.20
N ARG H 114 37.69 -71.97 58.78
CA ARG H 114 38.43 -72.21 60.02
C ARG H 114 37.48 -72.62 61.14
N GLN H 115 36.36 -71.90 61.28
CA GLN H 115 35.38 -72.25 62.29
C GLN H 115 34.75 -73.63 62.03
N ILE H 116 34.47 -73.94 60.77
CA ILE H 116 33.93 -75.26 60.42
C ILE H 116 34.91 -76.35 60.84
N ARG H 117 36.19 -76.15 60.53
CA ARG H 117 37.22 -77.08 60.98
C ARG H 117 37.13 -77.30 62.48
N TRP H 118 36.96 -76.23 63.25
CA TRP H 118 36.82 -76.41 64.69
C TRP H 118 35.52 -77.12 65.09
N LEU H 119 34.46 -77.05 64.27
CA LEU H 119 33.25 -77.70 64.79
C LEU H 119 33.08 -79.14 64.33
N ILE H 120 33.50 -79.50 63.12
CA ILE H 120 33.59 -80.93 62.81
C ILE H 120 34.63 -81.59 63.71
N THR H 121 35.82 -80.99 63.80
CA THR H 121 36.89 -81.52 64.64
C THR H 121 36.46 -81.58 66.10
N GLU H 122 36.38 -80.40 66.74
CA GLU H 122 36.21 -80.35 68.19
C GLU H 122 34.75 -80.52 68.63
N MET H 123 33.78 -80.40 67.73
CA MET H 123 32.38 -80.58 68.09
C MET H 123 31.74 -81.77 67.41
N ARG H 124 32.51 -82.55 66.66
CA ARG H 124 32.03 -83.78 66.06
C ARG H 124 30.75 -83.55 65.26
N PHE H 125 30.79 -82.53 64.39
CA PHE H 125 29.77 -82.29 63.37
C PHE H 125 29.91 -83.30 62.25
N PRO H 126 28.92 -83.40 61.36
CA PRO H 126 29.09 -84.18 60.14
C PRO H 126 29.78 -83.40 59.01
N LYS H 127 30.45 -84.15 58.13
CA LYS H 127 31.20 -83.53 57.03
C LYS H 127 30.27 -82.86 56.02
N GLU H 128 28.99 -83.23 56.02
CA GLU H 128 28.02 -82.67 55.08
C GLU H 128 27.79 -81.18 55.35
N PHE H 129 27.87 -80.78 56.61
CA PHE H 129 27.72 -79.38 56.98
C PHE H 129 28.56 -78.49 56.09
N GLU H 130 29.80 -78.90 55.82
CA GLU H 130 30.70 -78.07 55.02
C GLU H 130 30.10 -77.78 53.64
N HIS H 131 29.58 -78.80 52.97
CA HIS H 131 28.96 -78.59 51.67
C HIS H 131 27.72 -77.71 51.79
N VAL H 132 26.93 -77.88 52.85
CA VAL H 132 25.77 -77.00 53.04
C VAL H 132 26.24 -75.55 53.21
N ALA H 133 27.40 -75.35 53.84
CA ALA H 133 27.94 -74.02 54.03
C ALA H 133 28.46 -73.42 52.72
N LYS H 134 29.16 -74.23 51.91
CA LYS H 134 29.53 -73.79 50.58
C LYS H 134 28.31 -73.41 49.75
N ILE H 135 27.17 -74.08 49.97
CA ILE H 135 25.99 -73.75 49.19
C ILE H 135 25.37 -72.43 49.66
N ILE H 136 25.27 -72.21 50.97
CA ILE H 136 24.63 -70.97 51.43
C ILE H 136 25.55 -69.76 51.22
N TRP H 137 26.80 -69.86 51.68
CA TRP H 137 27.80 -68.85 51.42
C TRP H 137 28.02 -68.65 49.93
N LEU H 138 27.80 -69.70 49.14
CA LEU H 138 27.84 -69.59 47.69
C LEU H 138 26.68 -68.76 47.18
N LYS H 139 25.48 -68.99 47.73
CA LYS H 139 24.31 -68.25 47.27
C LYS H 139 24.44 -66.77 47.57
N ILE H 140 24.85 -66.42 48.79
CA ILE H 140 24.94 -64.99 49.09
C ILE H 140 26.21 -64.38 48.50
N LEU H 141 27.26 -65.17 48.29
CA LEU H 141 28.42 -64.67 47.55
C LEU H 141 28.01 -64.31 46.12
N LYS H 142 27.24 -65.20 45.48
CA LYS H 142 26.69 -64.92 44.15
C LYS H 142 25.73 -63.75 44.18
N THR H 143 25.07 -63.49 45.31
CA THR H 143 24.15 -62.36 45.33
C THR H 143 24.88 -61.03 45.52
N ILE H 144 25.99 -61.01 46.27
CA ILE H 144 26.73 -59.77 46.41
C ILE H 144 27.64 -59.53 45.22
N ASN H 145 27.98 -60.59 44.50
CA ASN H 145 28.65 -60.46 43.21
C ASN H 145 27.68 -60.55 42.05
N ASP H 146 26.39 -60.39 42.31
CA ASP H 146 25.45 -59.85 41.34
C ASP H 146 25.04 -58.43 41.71
N GLN H 147 25.77 -57.83 42.61
CA GLN H 147 25.58 -56.44 42.90
C GLN H 147 26.72 -55.63 42.33
N PRO H 148 26.44 -54.45 41.79
CA PRO H 148 27.44 -53.75 40.98
C PRO H 148 28.46 -52.96 41.77
N GLN H 149 27.97 -51.99 42.54
CA GLN H 149 28.74 -50.78 42.85
C GLN H 149 30.12 -51.09 43.41
N GLU H 150 31.08 -50.21 43.07
CA GLU H 150 32.36 -50.27 43.76
C GLU H 150 32.23 -49.85 45.21
N GLU H 151 31.25 -49.01 45.51
CA GLU H 151 30.80 -48.87 46.89
C GLU H 151 30.31 -50.22 47.38
N LEU H 152 30.93 -50.72 48.44
CA LEU H 152 30.84 -52.13 48.76
C LEU H 152 29.41 -52.52 49.16
N LYS H 153 28.81 -51.77 50.08
CA LYS H 153 27.44 -52.00 50.54
C LYS H 153 27.26 -53.38 51.18
N LEU H 154 28.35 -54.15 51.31
CA LEU H 154 28.25 -55.44 51.98
C LEU H 154 28.55 -55.28 53.46
N GLN H 155 27.86 -56.08 54.27
CA GLN H 155 28.10 -56.14 55.72
C GLN H 155 28.35 -57.61 56.07
N LEU H 156 29.58 -58.05 55.83
CA LEU H 156 30.01 -59.35 56.30
C LEU H 156 30.63 -59.15 57.69
N HIS H 157 29.75 -58.95 58.66
CA HIS H 157 30.11 -59.01 60.07
C HIS H 157 30.16 -60.46 60.51
N MET H 158 30.68 -60.66 61.73
CA MET H 158 30.79 -62.01 62.29
C MET H 158 29.42 -62.67 62.42
N THR H 159 28.40 -61.88 62.74
CA THR H 159 27.02 -62.33 62.73
C THR H 159 26.64 -63.02 61.42
N SER H 160 27.32 -62.71 60.32
CA SER H 160 27.04 -63.42 59.08
C SER H 160 27.67 -64.80 59.08
N THR H 161 28.89 -64.92 59.62
CA THR H 161 29.50 -66.23 59.82
C THR H 161 28.58 -67.13 60.64
N ILE H 162 28.27 -66.69 61.86
CA ILE H 162 27.37 -67.48 62.69
C ILE H 162 26.01 -67.65 62.02
N SER H 163 25.60 -66.66 61.24
CA SER H 163 24.29 -66.73 60.59
C SER H 163 24.23 -67.88 59.59
N ILE H 164 25.28 -68.09 58.81
CA ILE H 164 25.21 -69.15 57.84
C ILE H 164 25.52 -70.48 58.48
N LEU H 165 26.31 -70.48 59.57
CA LEU H 165 26.45 -71.72 60.34
C LEU H 165 25.10 -72.19 60.86
N TYR H 166 24.37 -71.32 61.58
CA TYR H 166 23.04 -71.70 62.07
C TYR H 166 22.09 -72.03 60.92
N LEU H 167 22.11 -71.26 59.84
CA LEU H 167 21.23 -71.56 58.72
C LEU H 167 21.48 -72.97 58.20
N ALA H 168 22.73 -73.32 57.97
CA ALA H 168 23.05 -74.65 57.46
C ALA H 168 22.70 -75.73 58.46
N SER H 169 23.07 -75.51 59.73
CA SER H 169 22.74 -76.47 60.79
C SER H 169 21.23 -76.72 60.85
N THR H 170 20.43 -75.68 60.66
CA THR H 170 18.98 -75.81 60.75
C THR H 170 18.41 -76.53 59.53
N HIS H 171 18.95 -76.26 58.33
CA HIS H 171 18.57 -77.11 57.20
C HIS H 171 18.82 -78.57 57.55
N LEU H 172 20.02 -78.87 58.04
CA LEU H 172 20.37 -80.25 58.36
C LEU H 172 19.68 -80.78 59.61
N SER H 173 18.79 -80.01 60.26
CA SER H 173 17.98 -80.50 61.38
C SER H 173 18.82 -81.00 62.55
N LEU H 174 20.06 -80.54 62.68
CA LEU H 174 20.88 -80.88 63.83
C LEU H 174 20.35 -80.18 65.08
N PRO H 175 20.49 -80.79 66.26
CA PRO H 175 19.82 -80.25 67.44
C PRO H 175 20.65 -79.16 68.09
N VAL H 176 21.36 -78.41 67.27
CA VAL H 176 22.11 -77.25 67.75
C VAL H 176 21.21 -76.04 67.64
N TYR H 177 21.30 -75.16 68.62
CA TYR H 177 20.49 -73.96 68.67
C TYR H 177 21.40 -72.77 68.94
N THR H 178 20.82 -71.57 68.84
CA THR H 178 21.61 -70.36 68.88
C THR H 178 22.47 -70.28 70.14
N CYS H 179 21.92 -70.72 71.28
CA CYS H 179 22.61 -70.64 72.56
C CYS H 179 23.85 -71.52 72.58
N ASP H 180 23.83 -72.65 71.88
CA ASP H 180 25.05 -73.42 71.66
C ASP H 180 26.12 -72.53 71.03
N TYR H 181 25.74 -71.76 70.01
CA TYR H 181 26.71 -70.89 69.34
C TYR H 181 27.22 -69.80 70.26
N ILE H 182 26.30 -69.06 70.91
CA ILE H 182 26.70 -68.01 71.84
C ILE H 182 27.68 -68.54 72.89
N LYS H 183 27.35 -69.70 73.49
CA LYS H 183 28.29 -70.31 74.43
C LYS H 183 29.62 -70.59 73.77
N TRP H 184 29.58 -71.22 72.59
CA TRP H 184 30.80 -71.65 71.91
C TRP H 184 31.74 -70.50 71.61
N ILE H 185 31.18 -69.35 71.24
CA ILE H 185 32.02 -68.23 70.85
C ILE H 185 32.43 -67.40 72.05
N CYS H 186 31.52 -67.17 73.00
CA CYS H 186 31.88 -66.38 74.17
C CYS H 186 32.88 -67.09 75.06
N THR H 187 33.01 -68.41 74.97
CA THR H 187 34.03 -69.13 75.71
C THR H 187 35.30 -69.35 74.92
N ALA H 188 35.49 -68.58 73.85
CA ALA H 188 36.74 -68.55 73.10
C ALA H 188 37.12 -69.89 72.51
N LYS H 189 36.26 -70.89 72.64
CA LYS H 189 36.54 -72.19 72.06
C LYS H 189 36.53 -72.04 70.54
N MET H 190 35.37 -71.78 69.98
CA MET H 190 35.24 -71.49 68.57
C MET H 190 35.85 -70.11 68.29
N PRO H 191 36.93 -70.03 67.50
CA PRO H 191 37.57 -68.74 67.24
C PRO H 191 36.57 -67.75 66.63
N TYR H 192 36.58 -66.52 67.15
CA TYR H 192 35.56 -65.54 66.75
C TYR H 192 36.10 -64.12 66.75
N PHE H 193 36.56 -63.64 67.91
CA PHE H 193 36.55 -62.19 68.16
C PHE H 193 37.61 -61.40 67.40
N GLN H 194 38.58 -62.04 66.75
CA GLN H 194 39.68 -61.32 66.14
C GLN H 194 39.67 -61.55 64.63
N ALA H 195 39.59 -60.47 63.87
CA ALA H 195 39.81 -60.58 62.43
C ALA H 195 41.22 -61.11 62.21
N SER H 196 41.34 -62.37 61.79
CA SER H 196 42.62 -63.07 61.69
C SER H 196 43.44 -62.87 62.95
N GLU H 197 43.18 -63.67 63.98
CA GLU H 197 43.75 -63.49 65.32
C GLU H 197 45.27 -63.34 65.29
N ILE H 198 45.84 -62.74 66.36
CA ILE H 198 47.25 -62.40 66.42
C ILE H 198 48.11 -63.63 66.11
N LEU H 199 49.07 -63.45 65.19
CA LEU H 199 50.00 -64.50 64.83
C LEU H 199 51.21 -63.91 64.10
N ARG H 204 49.60 -61.69 59.58
CA ARG H 204 48.69 -62.41 58.69
C ARG H 204 48.56 -61.63 57.39
N ILE H 205 47.61 -60.70 57.37
CA ILE H 205 47.35 -59.86 56.20
C ILE H 205 47.06 -58.45 56.68
N GLN H 206 47.51 -57.46 55.89
CA GLN H 206 47.20 -56.06 56.14
C GLN H 206 46.24 -55.58 55.05
N LEU H 207 45.03 -55.22 55.46
CA LEU H 207 43.94 -54.87 54.56
C LEU H 207 43.60 -53.41 54.78
N PRO H 208 42.82 -52.80 53.89
CA PRO H 208 42.36 -51.41 54.14
C PRO H 208 41.56 -51.34 55.43
N ASN H 209 41.96 -50.40 56.30
CA ASN H 209 41.36 -50.25 57.62
C ASN H 209 39.85 -50.10 57.57
N TYR H 210 39.30 -49.81 56.40
CA TYR H 210 37.84 -49.77 56.23
C TYR H 210 37.23 -51.16 56.43
N TYR H 211 37.91 -52.21 55.93
CA TYR H 211 37.39 -53.56 56.06
C TYR H 211 37.70 -54.18 57.44
N VAL H 212 38.89 -53.92 57.99
CA VAL H 212 39.16 -54.37 59.35
C VAL H 212 38.07 -53.84 60.28
N SER H 213 37.64 -52.60 60.07
CA SER H 213 36.51 -52.08 60.83
C SER H 213 35.21 -52.78 60.43
N ILE H 214 35.06 -53.13 59.16
CA ILE H 214 33.85 -53.85 58.75
C ILE H 214 33.77 -55.23 59.39
N LEU H 215 34.90 -55.76 59.88
CA LEU H 215 34.92 -57.04 60.58
C LEU H 215 34.76 -56.85 62.08
N GLU H 216 35.67 -56.10 62.70
CA GLU H 216 35.63 -55.93 64.15
C GLU H 216 34.32 -55.30 64.60
N GLY H 217 33.70 -54.50 63.75
CA GLY H 217 32.47 -53.85 64.10
C GLY H 217 31.28 -54.79 63.99
N SER H 218 30.22 -54.44 64.73
CA SER H 218 29.01 -55.25 64.80
C SER H 218 29.32 -56.67 65.28
N ILE H 219 30.19 -56.78 66.28
CA ILE H 219 30.69 -58.09 66.67
C ILE H 219 29.69 -58.80 67.56
N SER H 220 28.91 -58.05 68.35
CA SER H 220 28.14 -58.69 69.42
C SER H 220 26.86 -59.32 68.86
N PRO H 221 26.47 -60.46 69.41
CA PRO H 221 25.16 -61.06 69.09
C PRO H 221 24.06 -60.75 70.10
N PHE H 222 24.34 -59.90 71.08
CA PHE H 222 23.76 -60.03 72.40
C PHE H 222 22.44 -59.32 72.59
N ASN H 223 21.87 -58.70 71.57
CA ASN H 223 20.52 -58.18 71.74
C ASN H 223 19.57 -58.83 70.75
N GLY H 224 19.85 -60.07 70.39
CA GLY H 224 19.14 -60.68 69.29
C GLY H 224 19.75 -60.37 67.95
N GLN H 225 20.92 -59.75 67.91
CA GLN H 225 21.61 -59.50 66.65
C GLN H 225 21.72 -60.78 65.83
N LEU H 226 21.83 -61.92 66.51
CA LEU H 226 21.95 -63.18 65.79
C LEU H 226 20.63 -63.57 65.15
N TYR H 227 19.53 -63.50 65.90
CA TYR H 227 18.22 -63.80 65.31
C TYR H 227 17.91 -62.89 64.14
N ASN H 228 18.22 -61.60 64.29
CA ASN H 228 17.96 -60.62 63.24
C ASN H 228 18.85 -60.84 62.03
N LYS H 229 20.10 -61.26 62.27
CA LYS H 229 21.00 -61.50 61.15
C LYS H 229 20.72 -62.82 60.44
N ILE H 230 20.14 -63.79 61.15
CA ILE H 230 19.80 -65.04 60.48
C ILE H 230 18.50 -64.87 59.69
N ALA H 231 17.57 -64.07 60.19
CA ALA H 231 16.40 -63.74 59.36
C ALA H 231 16.82 -62.90 58.16
N LEU H 232 17.79 -62.00 58.36
CA LEU H 232 18.27 -61.17 57.25
C LEU H 232 18.94 -62.01 56.18
N THR H 233 19.83 -62.93 56.57
CA THR H 233 20.37 -63.89 55.60
C THR H 233 19.24 -64.71 54.95
N CYS H 234 18.20 -65.04 55.74
CA CYS H 234 17.08 -65.84 55.25
C CYS H 234 16.24 -65.10 54.22
N GLY H 235 16.33 -63.77 54.21
CA GLY H 235 15.84 -63.05 53.05
C GLY H 235 16.88 -63.01 51.94
N MET H 236 18.12 -62.69 52.29
CA MET H 236 19.18 -62.46 51.30
C MET H 236 19.23 -63.57 50.28
N ILE H 237 19.22 -64.81 50.73
CA ILE H 237 18.84 -65.92 49.85
C ILE H 237 17.71 -66.67 50.53
N HIS H 238 16.72 -67.09 49.74
CA HIS H 238 15.42 -67.43 50.28
C HIS H 238 15.43 -68.79 50.98
N PHE H 239 14.86 -68.82 52.19
CA PHE H 239 14.78 -70.07 52.96
C PHE H 239 13.88 -71.10 52.29
N LYS H 240 12.76 -70.65 51.71
CA LYS H 240 11.60 -71.49 51.48
C LYS H 240 11.88 -72.67 50.56
N GLU H 241 12.08 -72.39 49.28
CA GLU H 241 12.31 -73.47 48.34
C GLU H 241 13.70 -74.05 48.49
N PHE H 242 14.71 -73.18 48.65
CA PHE H 242 16.09 -73.66 48.58
C PHE H 242 16.45 -74.56 49.75
N PHE H 243 15.88 -74.32 50.93
CA PHE H 243 16.26 -75.07 52.11
C PHE H 243 15.03 -75.45 52.90
N ASN H 244 15.26 -76.17 53.99
CA ASN H 244 14.21 -76.63 54.89
C ASN H 244 14.49 -75.92 56.21
N SER H 245 13.76 -74.85 56.46
CA SER H 245 14.01 -73.99 57.61
C SER H 245 13.03 -74.25 58.74
N GLU H 246 12.87 -75.52 59.10
CA GLU H 246 12.15 -75.93 60.29
C GLU H 246 13.16 -76.19 61.40
N ILE H 247 12.92 -75.61 62.58
CA ILE H 247 13.87 -75.74 63.67
C ILE H 247 13.73 -77.12 64.33
N SER H 248 14.81 -77.56 64.98
CA SER H 248 14.84 -78.88 65.65
C SER H 248 14.18 -78.75 67.02
N CYS H 249 12.85 -78.74 67.02
CA CYS H 249 12.10 -78.22 68.15
C CYS H 249 12.23 -79.10 69.39
N GLN H 250 12.10 -80.41 69.20
CA GLN H 250 11.89 -81.30 70.33
C GLN H 250 13.17 -81.49 71.15
N GLY H 251 14.32 -81.55 70.49
CA GLY H 251 15.58 -81.50 71.21
C GLY H 251 15.77 -80.21 72.00
N LEU H 252 15.18 -79.10 71.53
CA LEU H 252 15.24 -77.86 72.31
C LEU H 252 14.36 -77.96 73.54
N LEU H 253 13.22 -78.63 73.41
CA LEU H 253 12.40 -78.94 74.58
C LEU H 253 13.20 -79.76 75.60
N LEU H 254 13.85 -80.84 75.14
CA LEU H 254 14.66 -81.65 76.05
C LEU H 254 15.75 -80.81 76.71
N LYS H 255 16.52 -80.09 75.88
CA LYS H 255 17.57 -79.19 76.31
C LYS H 255 17.04 -78.31 77.44
N LEU H 256 15.79 -77.92 77.30
CA LEU H 256 15.18 -76.91 78.16
C LEU H 256 14.71 -77.51 79.49
N VAL H 257 14.08 -78.68 79.45
CA VAL H 257 13.66 -79.34 80.68
C VAL H 257 14.88 -79.74 81.52
N MET H 258 15.84 -80.42 80.90
CA MET H 258 17.11 -80.71 81.58
C MET H 258 17.81 -79.44 82.03
N GLN H 259 17.65 -78.33 81.29
CA GLN H 259 18.34 -77.10 81.69
C GLN H 259 17.72 -76.55 82.97
N CYS H 260 16.40 -76.66 83.12
CA CYS H 260 15.81 -76.53 84.44
C CYS H 260 16.02 -77.87 85.13
N ALA H 261 15.17 -78.24 86.07
CA ALA H 261 15.19 -79.60 86.55
C ALA H 261 13.79 -80.14 86.53
N LEU H 262 13.07 -79.78 85.49
CA LEU H 262 11.67 -80.10 85.44
C LEU H 262 11.50 -81.60 85.21
N PRO H 263 10.45 -82.18 85.78
CA PRO H 263 10.14 -83.57 85.49
C PRO H 263 9.71 -83.73 84.04
N PRO H 264 9.94 -84.91 83.45
CA PRO H 264 9.75 -85.06 82.00
C PRO H 264 8.32 -84.84 81.51
N GLU H 265 7.37 -84.60 82.41
CA GLU H 265 6.02 -84.26 81.96
C GLU H 265 5.99 -82.92 81.23
N PHE H 266 6.86 -81.98 81.62
CA PHE H 266 6.81 -80.65 81.03
C PHE H 266 7.30 -80.64 79.59
N TYR H 267 8.07 -81.64 79.19
CA TYR H 267 8.37 -81.81 77.77
C TYR H 267 7.08 -81.99 76.99
N PHE H 268 6.20 -82.87 77.47
CA PHE H 268 4.97 -83.11 76.73
C PHE H 268 3.96 -81.98 76.95
N TYR H 269 3.90 -81.40 78.13
CA TYR H 269 3.14 -80.18 78.36
C TYR H 269 3.47 -79.13 77.30
N THR H 270 4.69 -78.61 77.35
CA THR H 270 5.06 -77.52 76.43
C THR H 270 4.94 -77.96 74.99
N LYS H 271 5.33 -79.21 74.67
CA LYS H 271 5.11 -79.71 73.32
C LYS H 271 3.65 -79.61 72.90
N GLN H 272 2.74 -79.78 73.85
CA GLN H 272 1.31 -79.73 73.54
C GLN H 272 0.82 -78.31 73.37
N VAL H 273 1.20 -77.38 74.25
CA VAL H 273 0.83 -75.98 74.01
C VAL H 273 1.39 -75.53 72.67
N ILE H 274 2.62 -75.95 72.36
CA ILE H 274 3.24 -75.70 71.07
C ILE H 274 2.31 -76.15 69.93
N GLU H 275 1.93 -77.43 69.94
CA GLU H 275 1.02 -77.91 68.92
C GLU H 275 -0.30 -77.15 68.95
N PHE H 276 -0.66 -76.60 70.11
CA PHE H 276 -1.96 -75.96 70.28
C PHE H 276 -2.04 -74.67 69.50
N GLU H 277 -1.00 -73.83 69.62
CA GLU H 277 -1.04 -72.56 68.90
C GLU H 277 -0.52 -72.67 67.47
N GLU H 278 0.40 -73.60 67.20
CA GLU H 278 0.99 -73.72 65.86
C GLU H 278 0.57 -74.94 65.07
N THR H 279 0.40 -76.10 65.72
CA THR H 279 0.36 -77.43 65.09
C THR H 279 1.70 -77.84 64.48
N ASP H 280 2.77 -77.24 65.02
CA ASP H 280 4.17 -77.47 64.70
C ASP H 280 4.52 -77.16 63.26
N ILE H 281 4.63 -75.87 62.97
CA ILE H 281 5.17 -75.33 61.72
C ILE H 281 5.99 -74.11 62.11
N ARG H 282 7.31 -74.15 61.86
CA ARG H 282 8.21 -73.13 62.36
C ARG H 282 9.21 -72.70 61.31
N ASN H 283 9.20 -71.41 60.99
CA ASN H 283 9.90 -70.82 59.86
C ASN H 283 11.21 -70.19 60.32
N LEU H 284 11.95 -69.59 59.37
CA LEU H 284 13.18 -68.85 59.65
C LEU H 284 13.20 -67.40 59.17
N THR H 285 12.53 -67.06 58.07
CA THR H 285 12.51 -65.67 57.66
C THR H 285 11.62 -64.86 58.59
N LEU H 286 12.07 -63.67 58.91
CA LEU H 286 11.25 -62.58 59.43
C LEU H 286 11.55 -61.34 58.63
N TRP H 287 11.79 -61.54 57.34
CA TRP H 287 12.47 -60.58 56.49
C TRP H 287 11.48 -59.76 55.68
N GLU H 288 11.65 -58.45 55.72
CA GLU H 288 11.17 -57.48 54.73
C GLU H 288 12.23 -56.39 54.73
N ARG H 289 13.27 -56.55 53.89
CA ARG H 289 14.54 -55.85 54.09
C ARG H 289 14.33 -54.37 54.35
N THR H 290 14.76 -53.93 55.53
CA THR H 290 14.57 -52.57 55.99
C THR H 290 15.42 -52.35 57.23
N ASP H 291 14.99 -51.39 58.04
CA ASP H 291 15.06 -51.55 59.47
C ASP H 291 13.67 -51.55 60.09
N GLU H 292 12.66 -51.11 59.34
CA GLU H 292 11.36 -50.79 59.91
C GLU H 292 10.56 -52.04 60.25
N ARG H 293 9.94 -52.00 61.43
CA ARG H 293 9.07 -53.05 61.98
C ARG H 293 8.47 -52.51 63.28
N HIS H 294 7.19 -52.78 63.51
CA HIS H 294 6.61 -52.29 64.75
C HIS H 294 5.42 -53.10 65.26
N THR H 295 4.95 -54.10 64.51
CA THR H 295 3.94 -54.99 65.06
C THR H 295 3.90 -56.30 64.29
N GLY H 296 3.65 -57.39 65.01
CA GLY H 296 3.61 -58.73 64.47
C GLY H 296 4.95 -59.43 64.39
N ARG H 297 6.05 -58.71 64.57
CA ARG H 297 7.38 -59.24 64.24
C ARG H 297 8.38 -59.02 65.38
N VAL H 298 7.92 -59.05 66.63
CA VAL H 298 8.82 -59.29 67.76
C VAL H 298 8.95 -60.79 68.00
N SER H 299 7.97 -61.57 67.56
CA SER H 299 7.83 -62.98 67.85
C SER H 299 7.57 -63.66 66.52
N ASN H 300 8.64 -63.91 65.78
CA ASN H 300 8.53 -64.84 64.64
C ASN H 300 9.89 -65.44 64.33
N HIS H 301 10.84 -65.32 65.24
CA HIS H 301 11.96 -66.25 65.35
C HIS H 301 11.49 -67.41 66.20
N ALA H 302 11.50 -68.62 65.61
CA ALA H 302 10.84 -69.76 66.20
C ALA H 302 11.24 -69.98 67.65
N GLU H 303 12.56 -70.04 67.89
CA GLU H 303 13.07 -70.32 69.22
C GLU H 303 12.41 -69.44 70.28
N LEU H 304 12.53 -68.12 70.12
CA LEU H 304 11.98 -67.20 71.13
C LEU H 304 10.53 -67.53 71.47
N ARG H 305 9.75 -67.95 70.46
CA ARG H 305 8.39 -68.41 70.74
C ARG H 305 8.40 -69.72 71.53
N VAL H 306 9.33 -70.61 71.22
CA VAL H 306 9.47 -71.84 72.00
C VAL H 306 9.70 -71.52 73.47
N LEU H 307 10.71 -70.71 73.77
CA LEU H 307 10.93 -70.28 75.14
C LEU H 307 9.66 -69.66 75.73
N SER H 308 8.93 -68.91 74.92
CA SER H 308 7.72 -68.23 75.42
C SER H 308 6.65 -69.25 75.83
N TYR H 309 6.40 -70.23 74.97
CA TYR H 309 5.51 -71.35 75.32
C TYR H 309 6.00 -72.09 76.55
N PHE H 310 7.31 -72.25 76.67
CA PHE H 310 7.88 -72.96 77.81
C PHE H 310 7.53 -72.25 79.11
N MET H 311 7.93 -70.98 79.22
CA MET H 311 7.56 -70.16 80.38
C MET H 311 6.07 -70.22 80.64
N LEU H 312 5.27 -69.88 79.62
CA LEU H 312 3.82 -69.87 79.77
C LEU H 312 3.33 -71.19 80.33
N THR H 313 3.68 -72.29 79.67
CA THR H 313 3.38 -73.62 80.14
C THR H 313 3.63 -73.72 81.64
N ILE H 314 4.86 -73.43 82.10
CA ILE H 314 5.16 -73.59 83.52
C ILE H 314 4.20 -72.77 84.37
N ASN H 315 3.92 -71.53 83.97
CA ASN H 315 3.06 -70.67 84.77
C ASN H 315 1.64 -71.22 84.84
N TRP H 316 1.03 -71.47 83.68
CA TRP H 316 -0.32 -71.98 83.62
C TRP H 316 -0.40 -73.31 84.36
N MET H 317 0.24 -74.33 83.79
CA MET H 317 0.34 -75.66 84.38
C MET H 317 0.49 -75.65 85.89
N LEU H 318 1.46 -74.91 86.40
CA LEU H 318 1.70 -74.95 87.84
C LEU H 318 0.66 -74.19 88.62
N SER H 319 0.10 -73.12 88.07
CA SER H 319 -0.89 -72.33 88.79
C SER H 319 -2.31 -72.83 88.59
N PHE H 320 -2.48 -73.95 87.89
CA PHE H 320 -3.80 -74.54 87.72
C PHE H 320 -3.77 -76.06 87.84
N ASP H 321 -2.89 -76.58 88.69
CA ASP H 321 -2.91 -78.01 89.02
C ASP H 321 -3.97 -78.26 90.08
N ARG H 322 -5.23 -77.99 89.71
CA ARG H 322 -6.34 -78.22 90.63
C ARG H 322 -6.30 -79.62 91.23
N ASP H 323 -5.60 -80.54 90.56
CA ASP H 323 -5.22 -81.81 91.16
C ASP H 323 -4.37 -81.62 92.42
N ARG H 324 -3.56 -80.56 92.46
CA ARG H 324 -2.47 -80.37 93.43
C ARG H 324 -1.39 -81.43 93.23
N GLN H 325 -0.98 -81.58 91.96
CA GLN H 325 0.05 -82.54 91.59
C GLN H 325 1.44 -82.03 91.90
N TYR H 326 1.64 -80.71 91.93
CA TYR H 326 2.95 -80.11 92.10
C TYR H 326 2.98 -79.28 93.38
N PRO H 327 3.61 -79.79 94.44
CA PRO H 327 3.43 -79.22 95.79
C PRO H 327 3.85 -77.77 95.89
N LEU H 328 3.20 -77.07 96.82
CA LEU H 328 3.56 -75.70 97.16
C LEU H 328 5.04 -75.61 97.54
N LYS H 329 5.62 -76.71 98.04
CA LYS H 329 7.02 -76.77 98.46
C LYS H 329 7.96 -77.08 97.30
N TRP H 330 7.67 -78.16 96.56
CA TRP H 330 8.55 -78.62 95.50
C TRP H 330 8.83 -77.53 94.45
N ILE H 331 7.97 -76.52 94.36
CA ILE H 331 8.29 -75.36 93.54
C ILE H 331 9.44 -74.57 94.18
N LEU H 332 9.44 -74.49 95.52
CA LEU H 332 10.57 -73.85 96.20
C LEU H 332 11.83 -74.68 96.05
N SER H 333 11.77 -75.98 96.37
CA SER H 333 12.96 -76.83 96.27
C SER H 333 13.48 -76.88 94.85
N LEU H 334 12.60 -76.79 93.87
CA LEU H 334 13.02 -76.65 92.49
C LEU H 334 13.76 -75.33 92.28
N THR H 335 13.20 -74.23 92.79
CA THR H 335 13.87 -72.94 92.67
C THR H 335 15.27 -72.99 93.31
N GLU H 336 15.40 -73.68 94.45
CA GLU H 336 16.68 -73.67 95.15
C GLU H 336 17.70 -74.59 94.48
N SER H 337 17.27 -75.77 94.02
CA SER H 337 18.18 -76.64 93.28
C SER H 337 18.62 -75.98 91.98
N LEU H 338 17.77 -75.14 91.42
CA LEU H 338 18.15 -74.34 90.25
C LEU H 338 19.11 -73.22 90.62
N THR H 339 18.99 -72.69 91.85
CA THR H 339 19.74 -71.51 92.23
C THR H 339 21.15 -71.85 92.72
N GLN H 340 21.34 -73.02 93.33
CA GLN H 340 22.61 -73.40 93.94
C GLN H 340 23.75 -73.36 92.93
N ARG H 341 24.59 -72.33 93.02
CA ARG H 341 25.73 -72.17 92.12
C ARG H 341 26.72 -73.30 92.34
N THR H 342 26.80 -74.23 91.41
CA THR H 342 27.73 -75.35 91.45
C THR H 342 28.60 -75.32 90.21
N THR H 343 29.71 -76.07 90.25
CA THR H 343 30.79 -75.92 89.28
C THR H 343 30.82 -77.11 88.32
N THR H 344 29.95 -77.05 87.33
CA THR H 344 30.03 -77.91 86.15
C THR H 344 30.49 -77.10 84.95
N SER H 345 30.91 -77.80 83.90
CA SER H 345 31.29 -77.12 82.67
C SER H 345 30.22 -76.13 82.25
N GLU H 346 28.95 -76.53 82.33
CA GLU H 346 27.87 -75.66 81.87
C GLU H 346 27.80 -74.36 82.68
N SER H 347 27.52 -74.45 83.98
CA SER H 347 27.34 -73.25 84.79
C SER H 347 28.57 -72.35 84.71
N ILE H 348 29.76 -72.93 84.74
CA ILE H 348 30.98 -72.16 84.54
C ILE H 348 30.90 -71.41 83.21
N GLY H 349 30.44 -72.09 82.16
CA GLY H 349 30.25 -71.43 80.88
C GLY H 349 29.29 -70.25 80.98
N ARG H 350 28.10 -70.49 81.54
CA ARG H 350 27.11 -69.42 81.67
C ARG H 350 27.66 -68.25 82.48
N ASN H 351 28.58 -68.51 83.41
CA ASN H 351 29.29 -67.40 84.04
C ASN H 351 30.13 -66.64 83.02
N ILE H 352 30.87 -67.38 82.19
CA ILE H 352 31.72 -66.76 81.16
C ILE H 352 30.87 -65.92 80.19
N VAL H 353 29.67 -66.37 79.87
CA VAL H 353 28.80 -65.57 79.03
C VAL H 353 28.25 -64.39 79.81
N LYS H 354 27.93 -64.59 81.09
CA LYS H 354 27.44 -63.51 81.93
C LYS H 354 28.41 -62.34 81.92
N VAL H 355 29.71 -62.61 81.75
CA VAL H 355 30.69 -61.54 81.83
C VAL H 355 30.56 -60.55 80.66
N VAL H 356 30.10 -61.02 79.49
CA VAL H 356 30.03 -60.19 78.28
C VAL H 356 28.60 -59.95 77.82
N TYR H 357 27.63 -60.10 78.69
CA TYR H 357 26.24 -59.75 78.50
C TYR H 357 26.06 -58.27 78.84
N PRO H 358 25.36 -57.56 77.97
CA PRO H 358 25.32 -56.08 78.07
C PRO H 358 24.74 -55.52 79.36
N ASP H 359 23.66 -56.08 79.88
CA ASP H 359 22.89 -55.46 80.94
C ASP H 359 23.23 -56.00 82.32
N LYS H 360 23.25 -55.10 83.31
CA LYS H 360 23.06 -55.52 84.69
C LYS H 360 21.64 -56.07 84.81
N PRO H 361 21.41 -57.04 85.73
CA PRO H 361 22.26 -57.58 86.79
C PRO H 361 23.45 -58.45 86.38
N THR H 362 23.34 -59.32 85.38
CA THR H 362 24.27 -60.43 85.12
C THR H 362 25.74 -60.16 85.49
N SER H 363 26.15 -58.90 85.43
CA SER H 363 27.48 -58.57 85.91
C SER H 363 27.54 -58.51 87.45
N SER H 364 26.50 -57.97 88.11
CA SER H 364 26.36 -58.24 89.55
C SER H 364 26.41 -59.75 89.83
N ASP H 365 25.97 -60.55 88.87
CA ASP H 365 26.11 -62.00 89.02
C ASP H 365 27.58 -62.41 89.04
N TYR H 366 28.44 -61.81 88.22
CA TYR H 366 29.85 -62.16 88.43
C TYR H 366 30.33 -61.68 89.80
N PHE H 367 29.69 -60.65 90.33
CA PHE H 367 30.04 -60.16 91.67
C PHE H 367 29.82 -61.24 92.72
N GLN H 368 28.75 -62.02 92.59
CA GLN H 368 28.36 -62.98 93.62
C GLN H 368 28.90 -64.41 93.39
N TRP H 369 30.00 -64.59 92.66
CA TRP H 369 30.53 -65.92 92.39
C TRP H 369 31.10 -66.54 93.66
N SER H 370 30.93 -67.85 93.80
CA SER H 370 31.53 -68.60 94.89
C SER H 370 33.03 -68.74 94.64
N GLU H 371 33.76 -69.14 95.69
CA GLU H 371 35.21 -69.23 95.55
C GLU H 371 35.59 -70.24 94.48
N GLU H 372 34.84 -71.33 94.37
CA GLU H 372 35.18 -72.32 93.36
C GLU H 372 34.85 -71.81 91.97
N GLU H 373 33.76 -71.06 91.82
CA GLU H 373 33.43 -70.44 90.55
C GLU H 373 34.54 -69.50 90.10
N THR H 374 34.99 -68.63 91.00
CA THR H 374 36.12 -67.75 90.70
C THR H 374 37.36 -68.56 90.35
N LEU H 375 37.57 -69.70 91.02
CA LEU H 375 38.78 -70.48 90.78
C LEU H 375 38.75 -71.10 89.39
N GLU H 376 37.70 -71.87 89.08
CA GLU H 376 37.54 -72.40 87.73
C GLU H 376 37.54 -71.29 86.70
N PHE H 377 37.18 -70.07 87.11
CA PHE H 377 37.25 -68.93 86.21
C PHE H 377 38.69 -68.60 85.87
N LEU H 378 39.53 -68.35 86.88
CA LEU H 378 40.95 -68.12 86.60
C LEU H 378 41.56 -69.27 85.82
N LYS H 379 41.09 -70.49 86.06
CA LYS H 379 41.54 -71.62 85.25
C LYS H 379 41.22 -71.37 83.78
N TRP H 380 39.96 -71.05 83.48
CA TRP H 380 39.58 -70.76 82.11
C TRP H 380 40.30 -69.54 81.56
N MET H 381 40.79 -68.68 82.45
CA MET H 381 41.53 -67.49 82.03
C MET H 381 42.93 -67.86 81.57
N GLU H 382 43.65 -68.65 82.36
CA GLU H 382 44.97 -69.08 81.92
C GLU H 382 44.91 -70.10 80.79
N LYS H 383 43.78 -70.77 80.59
CA LYS H 383 43.66 -71.72 79.48
C LYS H 383 43.29 -71.01 78.19
N GLN H 384 42.19 -70.26 78.19
CA GLN H 384 41.61 -69.72 76.97
C GLN H 384 41.88 -68.24 76.77
N PHE H 385 42.57 -67.58 77.70
CA PHE H 385 43.20 -66.29 77.43
C PHE H 385 44.70 -66.43 77.23
N LEU H 386 45.12 -67.57 76.70
CA LEU H 386 46.32 -67.65 75.89
C LEU H 386 45.90 -67.27 74.47
N PRO H 387 44.63 -67.57 74.06
CA PRO H 387 44.03 -66.81 72.95
C PRO H 387 43.85 -65.33 73.28
N THR H 388 44.96 -64.67 73.61
CA THR H 388 44.98 -63.24 73.86
C THR H 388 45.19 -62.53 72.52
N GLN H 389 45.41 -61.21 72.58
CA GLN H 389 45.61 -60.42 71.37
C GLN H 389 46.71 -59.39 71.62
N THR H 390 47.54 -59.17 70.59
CA THR H 390 48.79 -58.40 70.69
C THR H 390 49.65 -58.86 71.86
N ASP H 405 66.76 -57.25 77.26
CA ASP H 405 66.57 -55.97 77.93
C ASP H 405 65.35 -55.98 78.84
N GLN H 406 64.42 -55.04 78.58
CA GLN H 406 63.22 -54.94 79.40
C GLN H 406 62.29 -56.12 79.19
N LYS H 407 62.33 -56.74 78.01
CA LYS H 407 61.43 -57.87 77.73
C LYS H 407 61.80 -59.09 78.57
N ILE H 408 63.04 -59.55 78.45
CA ILE H 408 63.51 -60.63 79.33
C ILE H 408 63.45 -60.18 80.78
N ALA H 409 63.61 -58.86 81.03
CA ALA H 409 63.43 -58.33 82.37
C ALA H 409 62.01 -58.51 82.87
N ARG H 410 61.04 -58.64 81.96
CA ARG H 410 59.66 -58.95 82.34
C ARG H 410 59.36 -60.44 82.26
N ARG H 411 60.23 -61.23 81.64
CA ARG H 411 60.11 -62.68 81.76
C ARG H 411 60.63 -63.17 83.11
N LYS H 412 61.75 -62.60 83.57
CA LYS H 412 62.21 -62.82 84.93
C LYS H 412 61.35 -62.04 85.93
N LEU H 413 60.94 -60.84 85.53
CA LEU H 413 60.09 -60.01 86.38
C LEU H 413 58.77 -60.70 86.69
N TYR H 414 58.07 -61.18 85.65
CA TYR H 414 56.86 -61.96 85.92
C TYR H 414 57.20 -63.32 86.51
N LYS H 415 58.32 -63.91 86.11
CA LYS H 415 58.79 -65.16 86.72
C LYS H 415 59.24 -64.97 88.18
N ILE H 416 59.03 -63.77 88.74
CA ILE H 416 59.25 -63.55 90.17
C ILE H 416 58.12 -64.14 90.99
N PHE H 417 56.89 -64.14 90.45
CA PHE H 417 55.73 -64.66 91.17
C PHE H 417 55.05 -65.72 90.31
N PRO H 418 54.73 -66.88 90.89
CA PRO H 418 54.47 -68.08 90.10
C PRO H 418 53.26 -67.96 89.19
N LEU H 419 53.47 -68.26 87.90
CA LEU H 419 52.37 -68.31 86.95
C LEU H 419 51.43 -69.48 87.22
N ASP H 420 51.94 -70.54 87.85
CA ASP H 420 51.14 -71.72 88.22
C ASP H 420 50.49 -72.38 87.00
N SER H 432 39.94 -88.67 90.47
CA SER H 432 40.59 -87.56 91.16
C SER H 432 40.25 -86.19 90.56
N THR H 433 39.27 -86.15 89.67
CA THR H 433 38.76 -84.89 89.12
C THR H 433 37.57 -84.44 89.96
N HIS H 434 37.70 -83.29 90.61
CA HIS H 434 36.72 -82.87 91.61
C HIS H 434 35.41 -82.43 90.96
N GLN H 435 35.45 -81.42 90.10
CA GLN H 435 34.23 -80.92 89.48
C GLN H 435 33.53 -82.04 88.71
N LEU H 436 32.20 -82.07 88.80
CA LEU H 436 31.38 -83.13 88.25
C LEU H 436 30.79 -82.76 86.90
N THR H 437 30.29 -83.77 86.20
CA THR H 437 29.81 -83.59 84.84
C THR H 437 28.39 -83.03 84.85
N PHE H 438 27.82 -82.91 83.64
CA PHE H 438 26.51 -82.29 83.49
C PHE H 438 25.40 -83.19 84.03
N ILE H 439 25.29 -84.43 83.51
CA ILE H 439 24.23 -85.31 83.96
C ILE H 439 24.41 -85.72 85.41
N GLU H 440 25.63 -85.62 85.94
CA GLU H 440 25.80 -85.82 87.38
C GLU H 440 25.08 -84.72 88.16
N ASP H 441 25.38 -83.46 87.86
CA ASP H 441 24.69 -82.36 88.51
C ASP H 441 23.18 -82.49 88.32
N LEU H 442 22.77 -82.77 87.09
CA LEU H 442 21.35 -82.92 86.77
C LEU H 442 20.70 -83.98 87.64
N GLN H 443 21.33 -85.16 87.70
CA GLN H 443 20.85 -86.23 88.55
C GLN H 443 20.73 -85.74 89.98
N GLU H 444 21.74 -85.03 90.47
CA GLU H 444 21.78 -84.77 91.90
C GLU H 444 20.77 -83.71 92.32
N ARG H 445 20.40 -82.79 91.44
CA ARG H 445 19.31 -81.89 91.84
C ARG H 445 17.97 -82.55 91.61
N TYR H 446 17.88 -83.44 90.61
CA TYR H 446 16.70 -84.29 90.49
C TYR H 446 16.46 -85.08 91.77
N ALA H 447 17.54 -85.46 92.45
CA ALA H 447 17.40 -86.14 93.73
C ALA H 447 17.17 -85.14 94.85
N LYS H 448 17.82 -83.98 94.77
CA LYS H 448 17.61 -82.94 95.78
C LYS H 448 16.14 -82.56 95.88
N GLN H 449 15.35 -82.82 94.85
CA GLN H 449 13.91 -82.62 94.98
C GLN H 449 13.15 -83.93 95.19
N THR H 450 13.84 -85.06 95.36
CA THR H 450 13.18 -86.37 95.22
C THR H 450 12.10 -86.61 96.28
N PRO H 451 12.10 -85.91 97.46
CA PRO H 451 10.83 -85.80 98.20
C PRO H 451 9.76 -85.07 97.39
N PHE H 452 9.05 -85.89 96.63
CA PHE H 452 7.88 -85.50 95.86
C PHE H 452 6.65 -86.16 96.45
N PHE H 453 6.67 -87.49 96.54
CA PHE H 453 5.58 -88.28 97.10
C PHE H 453 5.61 -88.29 98.62
N PRO H 469 -1.20 -70.48 100.86
CA PRO H 469 -1.83 -71.06 99.67
C PRO H 469 -1.98 -70.12 98.45
N PRO H 470 -2.19 -68.80 98.65
CA PRO H 470 -2.09 -67.89 97.50
C PRO H 470 -0.68 -67.37 97.33
N ALA H 471 0.14 -67.46 98.38
CA ALA H 471 1.54 -67.07 98.29
C ALA H 471 2.41 -68.19 97.71
N ARG H 472 1.80 -69.22 97.10
CA ARG H 472 2.55 -70.10 96.22
C ARG H 472 2.74 -69.47 94.84
N LYS H 473 1.84 -68.55 94.47
CA LYS H 473 2.09 -67.71 93.31
C LYS H 473 3.46 -67.06 93.38
N GLU H 474 3.92 -66.72 94.60
CA GLU H 474 5.27 -66.21 94.77
C GLU H 474 6.30 -67.23 94.28
N ALA H 475 6.15 -68.49 94.70
CA ALA H 475 7.09 -69.51 94.26
C ALA H 475 7.08 -69.65 92.74
N ILE H 476 5.88 -69.64 92.16
CA ILE H 476 5.74 -69.63 90.70
C ILE H 476 6.55 -68.50 90.09
N GLY H 477 6.44 -67.30 90.67
CA GLY H 477 7.04 -66.13 90.06
C GLY H 477 8.55 -66.09 90.19
N ARG H 478 9.07 -66.45 91.35
CA ARG H 478 10.52 -66.45 91.49
C ARG H 478 11.15 -67.55 90.64
N LEU H 479 10.48 -68.70 90.52
CA LEU H 479 10.98 -69.73 89.61
C LEU H 479 10.98 -69.22 88.18
N LEU H 480 9.88 -68.63 87.75
CA LEU H 480 9.80 -68.09 86.40
C LEU H 480 10.87 -67.05 86.16
N THR H 481 11.13 -66.17 87.13
CA THR H 481 12.12 -65.12 86.90
C THR H 481 13.54 -65.66 86.88
N HIS H 482 13.83 -66.70 87.68
CA HIS H 482 15.16 -67.30 87.60
C HIS H 482 15.35 -67.99 86.26
N ILE H 483 14.37 -68.80 85.86
CA ILE H 483 14.41 -69.46 84.56
C ILE H 483 14.63 -68.42 83.47
N ALA H 484 13.81 -67.37 83.48
CA ALA H 484 13.99 -66.27 82.56
C ALA H 484 15.44 -65.80 82.54
N SER H 485 16.00 -65.48 83.71
CA SER H 485 17.39 -65.03 83.76
C SER H 485 18.30 -65.94 82.96
N GLN H 486 18.22 -67.24 83.23
CA GLN H 486 19.09 -68.17 82.53
C GLN H 486 18.89 -68.08 81.03
N LEU H 487 17.64 -67.96 80.59
CA LEU H 487 17.39 -67.91 79.16
C LEU H 487 17.91 -66.62 78.54
N LEU H 488 17.78 -65.51 79.25
CA LEU H 488 18.27 -64.24 78.74
C LEU H 488 19.76 -64.29 78.48
N VAL H 489 20.55 -64.76 79.45
CA VAL H 489 21.99 -64.83 79.18
C VAL H 489 22.28 -65.89 78.14
N ASP H 490 21.54 -67.00 78.16
CA ASP H 490 21.94 -68.16 77.36
C ASP H 490 21.64 -67.93 75.89
N PHE H 491 20.52 -67.28 75.57
CA PHE H 491 20.05 -67.06 74.22
C PHE H 491 20.33 -65.63 73.72
N ALA H 492 21.20 -64.90 74.41
CA ALA H 492 21.66 -63.55 74.05
C ALA H 492 20.53 -62.67 73.53
N ILE H 493 19.55 -62.42 74.39
CA ILE H 493 18.54 -61.42 74.08
C ILE H 493 18.38 -60.49 75.28
N SER H 494 17.37 -59.63 75.23
CA SER H 494 17.08 -58.67 76.29
C SER H 494 15.98 -59.18 77.19
N LYS H 495 16.02 -58.75 78.45
CA LYS H 495 14.85 -58.79 79.30
C LYS H 495 13.61 -58.35 78.52
N GLU H 496 13.66 -57.11 78.02
CA GLU H 496 12.52 -56.50 77.35
C GLU H 496 12.13 -57.27 76.10
N GLN H 497 13.11 -57.80 75.37
CA GLN H 497 12.83 -58.63 74.22
C GLN H 497 11.98 -59.84 74.59
N LEU H 498 12.51 -60.66 75.50
CA LEU H 498 11.80 -61.87 75.94
C LEU H 498 10.39 -61.52 76.39
N LYS H 499 10.24 -60.61 77.35
CA LYS H 499 8.90 -60.35 77.87
C LYS H 499 7.99 -59.77 76.79
N ASP H 500 8.54 -59.05 75.82
CA ASP H 500 7.73 -58.66 74.67
C ASP H 500 7.19 -59.89 73.96
N CYS H 501 8.05 -60.88 73.71
CA CYS H 501 7.64 -62.05 72.95
C CYS H 501 6.62 -62.88 73.71
N ILE H 502 6.91 -63.22 74.97
CA ILE H 502 5.98 -64.06 75.71
C ILE H 502 4.72 -63.29 76.07
N SER H 503 4.78 -61.96 76.15
CA SER H 503 3.56 -61.18 76.28
C SER H 503 2.70 -61.32 75.03
N ARG H 504 3.31 -61.06 73.88
CA ARG H 504 2.57 -61.11 72.61
C ARG H 504 1.96 -62.48 72.41
N ILE H 505 2.78 -63.52 72.51
CA ILE H 505 2.30 -64.87 72.23
C ILE H 505 1.41 -65.40 73.36
N LYS H 506 1.50 -64.82 74.56
CA LYS H 506 0.53 -65.12 75.61
C LYS H 506 -0.85 -64.58 75.26
N ASN H 507 -0.92 -63.32 74.82
CA ASN H 507 -2.17 -62.81 74.29
C ASN H 507 -2.59 -63.55 73.03
N ALA H 508 -1.63 -64.16 72.33
CA ALA H 508 -1.90 -64.99 71.17
C ALA H 508 -2.46 -66.35 71.54
N CYS H 509 -2.28 -66.78 72.78
CA CYS H 509 -2.97 -67.99 73.24
C CYS H 509 -4.28 -67.67 73.94
N LEU H 510 -4.35 -66.55 74.66
CA LEU H 510 -5.63 -66.11 75.20
C LEU H 510 -6.62 -65.82 74.08
N HIS H 511 -6.14 -65.28 72.95
CA HIS H 511 -7.03 -64.92 71.86
C HIS H 511 -7.60 -66.16 71.17
N ARG H 512 -6.76 -67.18 70.94
CA ARG H 512 -7.23 -68.43 70.34
C ARG H 512 -7.78 -69.40 71.37
N MET H 513 -7.90 -68.95 72.63
CA MET H 513 -8.57 -69.69 73.69
C MET H 513 -9.94 -69.10 74.03
N ASN H 514 -10.06 -67.77 74.05
CA ASN H 514 -11.33 -67.12 74.34
C ASN H 514 -12.24 -67.13 73.10
N MET I 1 33.75 -52.67 89.02
CA MET I 1 33.38 -51.44 89.67
C MET I 1 34.64 -50.81 90.27
N PHE I 2 35.80 -51.33 89.86
CA PHE I 2 37.07 -50.81 90.32
C PHE I 2 37.89 -50.32 89.12
N GLU I 3 38.86 -49.44 89.43
CA GLU I 3 39.76 -48.89 88.43
C GLU I 3 40.42 -50.02 87.66
N VAL I 4 40.62 -49.82 86.36
CA VAL I 4 41.24 -50.84 85.53
C VAL I 4 42.69 -50.46 85.27
N PRO I 5 43.62 -51.40 85.29
CA PRO I 5 45.03 -51.10 85.01
C PRO I 5 45.35 -51.32 83.53
N ILE I 6 44.60 -50.66 82.66
CA ILE I 6 44.85 -50.65 81.23
C ILE I 6 44.59 -49.25 80.68
N THR I 7 45.30 -48.91 79.61
CA THR I 7 45.01 -47.69 78.86
C THR I 7 43.60 -47.76 78.28
N LEU I 8 42.89 -46.64 78.31
CA LEU I 8 41.47 -46.64 77.99
C LEU I 8 41.25 -46.76 76.49
N THR I 9 40.19 -47.50 76.11
CA THR I 9 39.80 -47.61 74.71
C THR I 9 39.76 -46.21 74.09
N ASN I 10 40.27 -46.11 72.86
CA ASN I 10 40.80 -44.84 72.38
C ASN I 10 39.76 -43.96 71.70
N ARG I 11 39.08 -44.49 70.68
CA ARG I 11 38.51 -43.66 69.61
C ARG I 11 37.65 -42.52 70.12
N LYS I 12 36.53 -42.86 70.76
CA LYS I 12 35.52 -41.84 71.03
C LYS I 12 35.91 -40.91 72.18
N PHE I 13 36.58 -41.45 73.21
CA PHE I 13 36.89 -40.63 74.37
C PHE I 13 37.83 -39.49 74.01
N ALA I 14 38.69 -39.70 73.02
CA ALA I 14 39.61 -38.64 72.58
C ALA I 14 38.88 -37.53 71.84
N GLN I 15 37.93 -37.88 70.96
CA GLN I 15 37.23 -36.85 70.23
C GLN I 15 36.23 -36.11 71.13
N ARG I 16 35.71 -36.78 72.16
CA ARG I 16 34.98 -36.06 73.19
C ARG I 16 35.89 -35.11 73.95
N ARG I 17 37.11 -35.54 74.27
CA ARG I 17 38.07 -34.62 74.88
C ARG I 17 38.30 -33.40 73.99
N LYS I 18 38.38 -33.61 72.68
CA LYS I 18 38.48 -32.51 71.71
C LYS I 18 37.32 -31.54 71.90
N LEU I 19 36.10 -32.01 71.60
CA LEU I 19 34.94 -31.13 71.70
C LEU I 19 34.92 -30.39 73.02
N LYS I 20 35.22 -31.09 74.11
CA LYS I 20 35.16 -30.49 75.44
C LYS I 20 36.16 -29.34 75.54
N TYR I 21 37.45 -29.64 75.35
CA TYR I 21 38.44 -28.59 75.59
C TYR I 21 38.39 -27.48 74.53
N GLN I 22 37.85 -27.76 73.34
CA GLN I 22 37.68 -26.74 72.31
C GLN I 22 36.59 -25.75 72.68
N TYR I 23 35.42 -26.28 73.09
CA TYR I 23 34.37 -25.41 73.62
C TYR I 23 34.84 -24.66 74.87
N ILE I 24 35.56 -25.34 75.76
CA ILE I 24 36.14 -24.69 76.93
C ILE I 24 36.97 -23.49 76.49
N ASN I 25 37.81 -23.70 75.48
CA ASN I 25 38.62 -22.61 74.93
C ASN I 25 37.75 -21.44 74.49
N TYR I 26 36.69 -21.71 73.73
CA TYR I 26 35.92 -20.59 73.20
C TYR I 26 35.22 -19.81 74.31
N ILE I 27 34.64 -20.51 75.28
CA ILE I 27 33.92 -19.84 76.37
C ILE I 27 34.89 -19.04 77.25
N SER I 28 36.02 -19.64 77.61
CA SER I 28 36.95 -18.92 78.50
C SER I 28 37.64 -17.76 77.77
N ARG I 29 37.91 -17.93 76.48
CA ARG I 29 38.41 -16.84 75.65
C ARG I 29 37.45 -15.67 75.70
N ARG I 30 36.18 -15.88 75.32
CA ARG I 30 35.28 -14.74 75.30
C ARG I 30 35.05 -14.19 76.72
N PHE I 31 35.23 -15.02 77.74
CA PHE I 31 35.13 -14.54 79.11
C PHE I 31 36.24 -13.55 79.44
N ASP I 32 37.48 -13.85 79.04
CA ASP I 32 38.56 -12.89 79.26
C ASP I 32 38.44 -11.68 78.34
N ARG I 33 37.80 -11.86 77.17
CA ARG I 33 37.47 -10.71 76.34
C ARG I 33 36.53 -9.77 77.08
N ILE I 34 35.51 -10.32 77.76
CA ILE I 34 34.58 -9.46 78.47
C ILE I 34 35.16 -8.92 79.76
N SER I 35 36.17 -9.58 80.34
CA SER I 35 36.85 -8.97 81.47
C SER I 35 37.84 -7.89 81.05
N LYS I 36 38.30 -7.92 79.80
CA LYS I 36 39.09 -6.81 79.25
C LYS I 36 38.21 -5.59 79.07
N GLN I 74 42.02 -30.83 67.72
CA GLN I 74 43.46 -30.85 67.85
C GLN I 74 43.94 -31.28 69.24
N GLN I 75 44.67 -32.41 69.24
CA GLN I 75 45.35 -32.86 70.45
C GLN I 75 46.16 -31.74 71.08
N LYS I 76 46.71 -30.84 70.24
CA LYS I 76 47.48 -29.72 70.76
C LYS I 76 46.59 -28.65 71.37
N LYS I 77 45.38 -28.44 70.84
CA LYS I 77 44.44 -27.52 71.47
C LYS I 77 44.08 -28.00 72.85
N ARG I 78 43.74 -29.29 72.96
CA ARG I 78 43.57 -29.89 74.27
C ARG I 78 44.82 -29.77 75.12
N ARG I 79 46.00 -29.77 74.49
CA ARG I 79 47.26 -29.79 75.24
C ARG I 79 47.54 -28.44 75.88
N ARG I 80 47.48 -27.36 75.10
CA ARG I 80 47.62 -26.04 75.68
C ARG I 80 46.52 -25.77 76.70
N GLU I 81 45.30 -26.21 76.36
CA GLU I 81 44.14 -25.98 77.22
C GLU I 81 44.34 -26.61 78.60
N ARG I 82 44.55 -27.92 78.65
CA ARG I 82 44.92 -28.55 79.91
C ARG I 82 46.23 -27.99 80.46
N HIS I 83 47.03 -27.33 79.62
CA HIS I 83 48.35 -26.92 80.04
C HIS I 83 48.33 -25.74 81.01
N TRP I 84 47.91 -24.56 80.56
CA TRP I 84 48.25 -23.37 81.36
C TRP I 84 47.47 -23.37 82.67
N ARG I 85 48.02 -24.12 83.63
CA ARG I 85 47.44 -24.44 84.94
C ARG I 85 48.40 -25.29 85.75
N SER I 86 48.59 -24.96 87.03
CA SER I 86 49.43 -25.74 87.94
C SER I 86 49.14 -27.22 87.80
N VAL I 87 50.08 -27.94 87.21
CA VAL I 87 49.81 -29.30 86.72
C VAL I 87 50.00 -30.35 87.81
N SER I 137 51.22 -34.52 116.25
CA SER I 137 51.99 -35.49 117.03
C SER I 137 52.47 -36.67 116.18
N PHE I 138 52.18 -36.64 114.88
CA PHE I 138 52.65 -37.68 113.97
C PHE I 138 53.06 -37.06 112.66
N GLU I 139 53.79 -37.83 111.87
CA GLU I 139 54.62 -37.31 110.77
C GLU I 139 53.79 -36.93 109.53
N ILE I 140 52.90 -35.95 109.73
CA ILE I 140 52.06 -35.47 108.63
C ILE I 140 52.84 -34.54 107.73
N TRP I 141 52.96 -34.94 106.45
CA TRP I 141 53.57 -34.13 105.41
C TRP I 141 52.71 -32.91 105.08
N ARG I 142 52.53 -32.03 106.07
CA ARG I 142 51.48 -31.01 106.08
C ARG I 142 51.35 -30.23 104.77
N THR I 143 50.15 -29.69 104.54
CA THR I 143 49.78 -29.02 103.29
C THR I 143 50.20 -27.55 103.35
N VAL I 144 49.53 -26.68 102.58
CA VAL I 144 49.70 -25.23 102.69
C VAL I 144 48.36 -24.64 103.10
N SER I 145 48.28 -24.14 104.33
CA SER I 145 47.02 -23.70 104.90
C SER I 145 46.63 -22.33 104.32
N SER I 146 45.67 -21.67 104.96
CA SER I 146 45.06 -20.44 104.45
C SER I 146 45.68 -19.25 105.17
N GLN I 147 46.60 -18.57 104.48
CA GLN I 147 46.97 -17.19 104.76
C GLN I 147 47.76 -16.70 103.56
N ASN I 148 47.70 -15.37 103.33
CA ASN I 148 48.23 -14.73 102.12
C ASN I 148 47.46 -15.21 100.89
N LYS I 149 46.15 -14.96 100.89
CA LYS I 149 45.31 -15.24 99.74
C LYS I 149 44.23 -14.15 99.60
N GLN I 150 43.98 -13.78 98.33
CA GLN I 150 43.31 -12.54 97.97
C GLN I 150 41.83 -12.55 98.39
N PRO I 151 41.24 -11.35 98.61
CA PRO I 151 40.04 -11.28 99.47
C PRO I 151 38.77 -11.88 98.92
N ILE I 152 38.32 -11.47 97.72
CA ILE I 152 36.92 -11.69 97.40
C ILE I 152 36.65 -11.59 95.91
N ASN I 153 35.39 -11.83 95.53
CA ASN I 153 34.80 -11.41 94.28
C ASN I 153 33.31 -11.27 94.56
N LYS I 154 32.66 -10.34 93.88
CA LYS I 154 31.23 -10.18 94.03
C LYS I 154 30.55 -10.30 92.67
N GLN I 155 29.48 -11.09 92.64
CA GLN I 155 28.78 -11.63 91.47
C GLN I 155 29.33 -11.22 90.12
N LYS I 156 29.74 -12.20 89.33
CA LYS I 156 30.13 -11.91 87.96
C LYS I 156 29.06 -12.29 86.94
N MET I 157 28.16 -13.21 87.28
CA MET I 157 27.43 -13.92 86.23
C MET I 157 25.91 -13.99 86.45
N THR I 158 25.19 -13.02 85.90
CA THR I 158 23.74 -13.16 85.81
C THR I 158 23.35 -14.00 84.61
N TYR I 159 22.05 -14.30 84.52
CA TYR I 159 21.52 -15.08 83.41
C TYR I 159 21.85 -14.42 82.09
N HIS I 160 21.44 -13.15 81.93
CA HIS I 160 21.67 -12.45 80.68
C HIS I 160 23.15 -12.37 80.34
N ASN I 161 23.99 -12.02 81.32
CA ASN I 161 25.42 -11.91 81.05
C ASN I 161 26.03 -13.26 80.68
N PHE I 162 25.67 -14.32 81.40
CA PHE I 162 26.22 -15.63 81.03
C PHE I 162 25.81 -16.00 79.61
N LYS I 163 24.50 -16.00 79.32
CA LYS I 163 24.08 -16.37 77.96
C LYS I 163 24.68 -15.44 76.93
N LYS I 164 25.05 -14.22 77.30
CA LYS I 164 25.92 -13.41 76.45
C LYS I 164 27.22 -14.14 76.15
N ILE I 165 27.91 -14.61 77.20
CA ILE I 165 29.18 -15.29 76.95
C ILE I 165 28.98 -16.63 76.25
N GLU I 166 27.82 -17.25 76.40
CA GLU I 166 27.63 -18.60 75.88
C GLU I 166 27.13 -18.62 74.45
N LYS I 167 26.43 -17.55 74.02
CA LYS I 167 25.63 -17.63 72.80
C LYS I 167 26.48 -17.95 71.58
N ILE I 168 27.64 -17.33 71.45
CA ILE I 168 28.45 -17.46 70.24
C ILE I 168 29.30 -18.74 70.23
N PRO I 169 30.07 -19.06 71.29
CA PRO I 169 30.94 -20.24 71.21
C PRO I 169 30.17 -21.54 71.01
N LEU I 170 28.86 -21.55 71.20
CA LEU I 170 28.09 -22.76 70.97
C LEU I 170 27.88 -23.02 69.48
N ARG I 171 27.79 -21.99 68.64
CA ARG I 171 27.65 -22.23 67.21
C ARG I 171 28.97 -22.62 66.59
N LYS I 172 30.04 -21.89 66.95
CA LYS I 172 31.38 -22.33 66.56
C LYS I 172 31.50 -23.82 66.80
N MET I 173 31.00 -24.28 67.96
CA MET I 173 30.87 -25.70 68.21
C MET I 173 29.91 -26.36 67.24
N GLU I 174 28.92 -25.62 66.74
CA GLU I 174 28.01 -26.25 65.78
C GLU I 174 28.76 -26.73 64.54
N ILE I 175 29.90 -26.11 64.23
CA ILE I 175 30.66 -26.57 63.06
C ILE I 175 31.26 -27.98 63.24
N PRO I 176 32.18 -28.21 64.21
CA PRO I 176 32.81 -29.53 64.27
C PRO I 176 31.94 -30.60 64.89
N LEU I 177 30.89 -30.19 65.62
CA LEU I 177 29.84 -31.12 66.01
C LEU I 177 29.28 -31.86 64.81
N LEU I 178 29.35 -31.25 63.65
CA LEU I 178 28.83 -31.87 62.46
C LEU I 178 29.75 -32.97 61.94
N HIS I 179 31.01 -32.97 62.38
CA HIS I 179 32.02 -33.94 61.98
C HIS I 179 32.11 -35.12 62.93
N CYS I 180 31.71 -34.94 64.18
CA CYS I 180 31.78 -36.03 65.16
C CYS I 180 30.52 -36.89 65.12
N THR I 181 30.55 -37.96 65.90
CA THR I 181 29.45 -38.92 65.87
C THR I 181 28.26 -38.43 66.68
N LYS I 182 27.11 -39.06 66.42
CA LYS I 182 25.85 -38.63 67.03
C LYS I 182 25.87 -38.81 68.54
N GLU I 183 26.37 -39.95 69.02
CA GLU I 183 26.51 -40.15 70.44
C GLU I 183 27.34 -39.05 71.07
N ASN I 184 28.35 -38.56 70.37
CA ASN I 184 29.17 -37.48 70.91
C ASN I 184 28.58 -36.09 70.65
N LYS I 185 27.70 -35.94 69.65
CA LYS I 185 26.81 -34.78 69.63
C LYS I 185 26.02 -34.69 70.93
N LEU I 186 25.28 -35.76 71.27
CA LEU I 186 24.44 -35.75 72.46
C LEU I 186 25.28 -35.62 73.73
N TYR I 187 26.46 -36.22 73.72
CA TYR I 187 27.41 -36.04 74.80
C TYR I 187 27.74 -34.56 75.00
N PHE I 188 28.21 -33.91 73.94
CA PHE I 188 28.58 -32.51 74.06
C PHE I 188 27.40 -31.66 74.48
N GLN I 189 26.25 -31.88 73.85
CA GLN I 189 25.06 -31.12 74.22
C GLN I 189 24.75 -31.27 75.70
N SER I 190 25.02 -32.44 76.28
CA SER I 190 24.65 -32.67 77.67
C SER I 190 25.68 -32.09 78.64
N ILE I 191 26.98 -32.29 78.38
CA ILE I 191 27.97 -31.67 79.25
C ILE I 191 27.89 -30.16 79.16
N SER I 192 27.49 -29.64 78.00
CA SER I 192 27.37 -28.20 77.79
C SER I 192 26.06 -27.66 78.34
N ARG I 193 25.04 -28.50 78.48
CA ARG I 193 23.92 -28.15 79.34
C ARG I 193 24.31 -28.19 80.81
N GLY I 194 25.39 -28.90 81.15
CA GLY I 194 25.80 -29.05 82.52
C GLY I 194 25.51 -30.40 83.14
N LEU I 195 24.74 -31.25 82.45
CA LEU I 195 24.54 -32.62 82.90
C LEU I 195 25.88 -33.36 83.00
N GLU I 196 25.88 -34.48 83.71
CA GLU I 196 27.04 -35.34 83.85
C GLU I 196 26.69 -36.75 83.39
N PRO I 197 27.61 -37.43 82.72
CA PRO I 197 27.27 -38.75 82.17
C PRO I 197 27.19 -39.78 83.29
N LEU I 198 26.18 -40.66 83.24
CA LEU I 198 26.18 -41.75 84.22
C LEU I 198 26.66 -43.06 83.63
N LYS I 199 27.30 -43.01 82.46
CA LYS I 199 28.07 -44.13 81.92
C LYS I 199 29.55 -43.77 81.98
N THR I 200 30.36 -44.65 82.57
CA THR I 200 31.80 -44.47 82.66
C THR I 200 32.49 -44.83 81.35
N SER I 201 33.77 -44.47 81.23
CA SER I 201 34.55 -44.93 80.09
C SER I 201 34.67 -46.44 80.10
N THR I 202 34.89 -47.02 81.28
CA THR I 202 34.87 -48.47 81.41
C THR I 202 33.50 -49.04 81.03
N SER I 203 32.44 -48.47 81.61
CA SER I 203 31.10 -49.00 81.39
C SER I 203 30.66 -48.96 79.92
N GLU I 204 31.44 -48.36 79.04
CA GLU I 204 31.04 -48.34 77.64
C GLU I 204 32.16 -48.79 76.71
N VAL I 205 33.20 -49.44 77.25
CA VAL I 205 34.23 -50.00 76.40
C VAL I 205 33.68 -51.15 75.58
N ARG I 206 33.08 -52.14 76.24
CA ARG I 206 32.24 -53.15 75.60
C ARG I 206 33.00 -53.89 74.49
N ASN I 207 34.19 -54.34 74.83
CA ASN I 207 34.95 -55.27 73.99
C ASN I 207 35.30 -56.47 74.84
N TYR I 208 35.23 -57.65 74.23
CA TYR I 208 35.42 -58.93 74.92
C TYR I 208 36.57 -58.89 75.92
N ARG I 209 37.80 -58.78 75.42
CA ARG I 209 38.99 -58.87 76.27
C ARG I 209 38.96 -57.84 77.38
N THR I 210 38.55 -56.60 77.09
CA THR I 210 38.59 -55.57 78.13
C THR I 210 37.51 -55.81 79.17
N ARG I 211 36.32 -56.24 78.77
CA ARG I 211 35.29 -56.56 79.75
C ARG I 211 35.72 -57.71 80.64
N HIS I 212 36.45 -58.66 80.07
CA HIS I 212 36.98 -59.76 80.86
C HIS I 212 38.02 -59.27 81.85
N ILE I 213 38.95 -58.43 81.41
CA ILE I 213 39.92 -57.85 82.33
C ILE I 213 39.22 -57.06 83.43
N VAL I 214 38.12 -56.38 83.08
CA VAL I 214 37.36 -55.64 84.09
C VAL I 214 36.85 -56.59 85.16
N THR I 215 36.27 -57.73 84.75
CA THR I 215 35.79 -58.70 85.73
C THR I 215 36.94 -59.29 86.55
N LEU I 216 38.05 -59.60 85.89
CA LEU I 216 39.24 -60.10 86.60
C LEU I 216 39.70 -59.13 87.67
N THR I 217 40.08 -57.92 87.26
CA THR I 217 40.52 -56.90 88.21
C THR I 217 39.52 -56.70 89.34
N ASP I 218 38.24 -56.60 88.99
CA ASP I 218 37.20 -56.49 90.01
C ASP I 218 37.36 -57.59 91.05
N LEU I 219 37.36 -58.85 90.60
CA LEU I 219 37.48 -59.97 91.52
C LEU I 219 38.75 -59.88 92.36
N LEU I 220 39.82 -59.31 91.79
CA LEU I 220 41.00 -59.01 92.60
C LEU I 220 40.63 -58.08 93.74
N HIS I 221 40.09 -56.90 93.42
CA HIS I 221 39.80 -55.93 94.45
C HIS I 221 38.82 -56.48 95.48
N LEU I 222 37.83 -57.24 95.02
CA LEU I 222 36.85 -57.82 95.92
C LEU I 222 37.51 -58.79 96.88
N ASN I 223 38.23 -59.77 96.34
CA ASN I 223 38.87 -60.76 97.21
C ASN I 223 39.85 -60.12 98.18
N VAL I 224 40.62 -59.13 97.72
CA VAL I 224 41.51 -58.41 98.62
C VAL I 224 40.72 -57.69 99.72
N SER I 225 39.50 -57.23 99.42
CA SER I 225 38.68 -56.72 100.51
C SER I 225 38.22 -57.84 101.44
N ARG I 226 38.02 -59.03 100.90
CA ARG I 226 37.43 -60.16 101.60
C ARG I 226 38.45 -61.01 102.35
N HIS I 227 39.67 -60.52 102.52
CA HIS I 227 40.75 -61.24 103.20
C HIS I 227 41.07 -62.56 102.51
N ASN I 228 40.54 -62.81 101.31
CA ASN I 228 40.73 -64.08 100.62
C ASN I 228 42.07 -64.11 99.88
N TRP I 229 43.14 -63.84 100.65
CA TRP I 229 44.47 -63.62 100.09
C TRP I 229 44.91 -64.70 99.12
N SER I 230 44.42 -65.93 99.28
CA SER I 230 44.77 -67.01 98.38
C SER I 230 44.18 -66.77 96.99
N LEU I 231 42.85 -66.72 96.92
CA LEU I 231 42.17 -66.39 95.67
C LEU I 231 42.75 -65.12 95.07
N ALA I 232 42.64 -64.02 95.82
CA ALA I 232 43.20 -62.74 95.42
C ALA I 232 44.58 -62.91 94.80
N TYR I 233 45.42 -63.77 95.39
CA TYR I 233 46.74 -63.97 94.79
C TYR I 233 46.62 -64.61 93.42
N LYS I 234 45.76 -65.61 93.28
CA LYS I 234 45.58 -66.20 91.95
C LYS I 234 45.11 -65.15 90.96
N ILE I 235 44.14 -64.31 91.36
CA ILE I 235 43.66 -63.22 90.53
C ILE I 235 44.82 -62.35 90.09
N PHE I 236 45.67 -61.95 91.05
CA PHE I 236 46.75 -61.03 90.75
C PHE I 236 47.74 -61.64 89.74
N ALA I 237 48.13 -62.90 89.93
CA ALA I 237 49.08 -63.50 89.00
C ALA I 237 48.50 -63.62 87.61
N THR I 238 47.27 -64.13 87.51
CA THR I 238 46.61 -64.24 86.21
C THR I 238 46.47 -62.88 85.54
N LEU I 239 46.24 -61.83 86.34
CA LEU I 239 46.09 -60.49 85.81
C LEU I 239 47.40 -59.96 85.23
N ILE I 240 48.44 -59.82 86.07
CA ILE I 240 49.74 -59.37 85.59
C ILE I 240 50.25 -60.20 84.42
N ARG I 241 49.80 -61.46 84.28
CA ARG I 241 50.15 -62.20 83.07
C ARG I 241 49.68 -61.48 81.80
N ILE I 242 48.55 -60.77 81.87
CA ILE I 242 47.92 -60.29 80.64
C ILE I 242 48.76 -59.17 80.04
N PRO I 243 48.81 -59.04 78.71
CA PRO I 243 49.74 -58.10 78.08
C PRO I 243 49.35 -56.64 78.20
N GLY I 244 48.16 -56.32 78.71
CA GLY I 244 47.72 -54.95 78.70
C GLY I 244 47.95 -54.19 80.00
N VAL I 245 48.18 -54.91 81.09
CA VAL I 245 48.13 -54.31 82.43
C VAL I 245 49.53 -53.86 82.83
N GLN I 246 49.73 -52.55 82.95
CA GLN I 246 50.92 -52.13 83.68
C GLN I 246 50.57 -51.95 85.15
N ILE I 247 51.60 -51.77 85.97
CA ILE I 247 51.52 -52.09 87.38
C ILE I 247 51.17 -50.80 88.13
N LYS I 248 49.87 -50.57 88.30
CA LYS I 248 49.37 -49.84 89.45
C LYS I 248 49.17 -50.79 90.64
N SER I 249 48.92 -52.05 90.35
CA SER I 249 48.47 -53.06 91.31
C SER I 249 49.50 -53.39 92.38
N LEU I 250 50.56 -52.55 92.52
CA LEU I 250 51.65 -52.88 93.43
C LEU I 250 51.22 -52.82 94.89
N TRP I 251 50.33 -51.90 95.28
CA TRP I 251 49.80 -51.94 96.64
C TRP I 251 48.94 -53.17 96.85
N GLY I 252 48.15 -53.54 95.83
CA GLY I 252 47.47 -54.81 95.84
C GLY I 252 48.38 -55.94 96.22
N ILE I 253 49.56 -56.01 95.59
CA ILE I 253 50.47 -57.11 95.94
C ILE I 253 51.23 -56.83 97.24
N GLY I 254 51.42 -55.58 97.63
CA GLY I 254 52.17 -55.23 98.82
C GLY I 254 51.42 -55.72 100.04
N VAL I 255 50.19 -55.24 100.21
CA VAL I 255 49.34 -55.77 101.27
C VAL I 255 48.98 -57.23 101.01
N GLU I 256 49.05 -57.66 99.75
CA GLU I 256 48.74 -59.04 99.40
C GLU I 256 49.73 -60.05 99.97
N ILE I 257 50.97 -59.98 99.50
CA ILE I 257 52.03 -60.85 100.04
C ILE I 257 52.28 -60.55 101.51
N LEU I 258 52.05 -59.30 101.93
CA LEU I 258 52.15 -58.98 103.36
C LEU I 258 51.24 -59.88 104.19
N ASP I 259 49.93 -59.80 103.96
CA ASP I 259 49.03 -60.70 104.66
C ASP I 259 49.12 -62.14 104.18
N ASN I 260 49.91 -62.44 103.15
CA ASN I 260 49.98 -63.81 102.67
C ASN I 260 50.86 -64.66 103.56
N LEU I 261 52.08 -64.18 103.85
CA LEU I 261 53.07 -64.90 104.64
C LEU I 261 53.39 -66.28 104.09
N SER I 262 52.84 -66.62 102.92
CA SER I 262 52.80 -68.02 102.49
C SER I 262 54.13 -68.47 101.90
N ASN I 263 54.50 -67.95 100.74
CA ASN I 263 55.65 -68.48 100.03
C ASN I 263 56.54 -67.40 99.43
N SER I 264 55.98 -66.64 98.52
CA SER I 264 56.77 -65.94 97.51
C SER I 264 57.47 -64.71 98.09
N SER I 265 58.73 -64.51 97.64
CA SER I 265 59.60 -63.42 98.08
C SER I 265 58.78 -62.18 98.41
N SER I 266 58.82 -61.77 99.68
CA SER I 266 57.70 -61.09 100.31
C SER I 266 57.61 -59.62 99.87
N GLY I 267 56.72 -58.88 100.54
CA GLY I 267 56.42 -57.53 100.14
C GLY I 267 57.61 -56.60 100.18
N LEU I 268 58.56 -56.85 101.08
CA LEU I 268 59.81 -56.11 101.02
C LEU I 268 60.54 -56.37 99.70
N ASP I 269 60.71 -57.64 99.34
CA ASP I 269 61.32 -58.00 98.07
C ASP I 269 60.65 -57.27 96.92
N PHE I 270 59.32 -57.31 96.87
CA PHE I 270 58.60 -56.64 95.81
C PHE I 270 58.89 -55.14 95.81
N LEU I 271 58.84 -54.51 97.00
CA LEU I 271 58.99 -53.07 97.08
C LEU I 271 60.36 -52.63 96.61
N GLN I 272 61.43 -53.20 97.18
CA GLN I 272 62.77 -52.87 96.74
C GLN I 272 62.98 -53.24 95.28
N TRP I 273 62.22 -54.21 94.76
CA TRP I 273 62.23 -54.44 93.31
C TRP I 273 61.64 -53.25 92.56
N MET I 274 60.46 -52.78 92.99
CA MET I 274 59.85 -51.61 92.37
C MET I 274 60.81 -50.44 92.33
N CYS I 275 61.53 -50.21 93.44
CA CYS I 275 62.47 -49.11 93.49
C CYS I 275 63.68 -49.36 92.60
N GLN I 276 64.14 -50.61 92.51
CA GLN I 276 65.33 -50.86 91.71
C GLN I 276 65.03 -50.76 90.22
N ILE I 277 63.85 -51.22 89.79
CA ILE I 277 63.53 -51.20 88.38
C ILE I 277 63.04 -49.81 87.94
N TYR I 278 62.27 -49.13 88.80
CA TYR I 278 61.68 -47.86 88.39
C TYR I 278 62.26 -46.66 89.15
N SER I 279 63.59 -46.56 89.22
CA SER I 279 64.24 -45.35 89.73
C SER I 279 65.22 -44.78 88.72
N SER I 280 65.11 -45.19 87.46
CA SER I 280 66.04 -44.75 86.43
C SER I 280 65.33 -44.71 85.09
N LYS I 281 65.72 -43.73 84.27
CA LYS I 281 65.26 -43.67 82.88
C LYS I 281 65.86 -44.84 82.10
N SER I 282 65.40 -46.05 82.40
CA SER I 282 66.02 -47.25 81.87
C SER I 282 64.98 -48.28 81.43
N ARG I 291 51.89 -36.56 80.48
CA ARG I 291 51.52 -37.68 79.63
C ARG I 291 50.29 -38.40 80.18
N SER I 292 49.82 -39.42 79.47
CA SER I 292 48.56 -40.08 79.76
C SER I 292 48.55 -40.84 81.08
N ILE I 293 49.26 -41.97 81.11
CA ILE I 293 49.02 -43.02 82.10
C ILE I 293 49.45 -42.66 83.52
N VAL I 294 50.13 -41.52 83.73
CA VAL I 294 50.94 -41.36 84.95
C VAL I 294 50.36 -40.33 85.92
N PRO I 295 49.58 -40.77 86.91
CA PRO I 295 49.38 -39.98 88.15
C PRO I 295 50.57 -40.11 89.11
N PRO I 296 50.41 -39.87 90.43
CA PRO I 296 51.56 -39.98 91.35
C PRO I 296 51.91 -41.32 91.99
N PHE I 297 51.08 -42.35 91.92
CA PHE I 297 51.46 -43.60 92.59
C PHE I 297 52.34 -44.50 91.73
N GLN I 298 52.67 -44.07 90.50
CA GLN I 298 53.80 -44.57 89.74
C GLN I 298 54.44 -43.38 89.07
N THR I 299 55.76 -43.22 89.24
CA THR I 299 56.36 -41.94 88.93
C THR I 299 57.76 -42.14 88.38
N GLY I 300 58.32 -41.05 87.85
CA GLY I 300 59.66 -41.03 87.28
C GLY I 300 60.63 -40.33 88.20
N SER I 301 61.91 -40.71 88.09
CA SER I 301 62.94 -40.35 89.06
C SER I 301 63.57 -39.00 88.80
N ARG I 302 62.84 -38.06 88.20
CA ARG I 302 63.34 -36.68 88.12
C ARG I 302 63.07 -35.95 89.43
N THR I 303 61.80 -35.77 89.76
CA THR I 303 61.38 -35.38 91.10
C THR I 303 60.44 -36.46 91.62
N HIS I 304 60.08 -36.35 92.90
CA HIS I 304 59.80 -37.49 93.76
C HIS I 304 59.02 -38.64 93.14
N THR I 305 59.70 -39.79 93.01
CA THR I 305 59.05 -41.08 93.02
C THR I 305 58.57 -41.35 94.44
N ALA I 306 57.26 -41.35 94.64
CA ALA I 306 56.73 -41.31 96.00
C ALA I 306 56.47 -42.72 96.53
N LYS I 307 55.24 -43.20 96.36
CA LYS I 307 54.69 -44.34 97.09
C LYS I 307 55.71 -45.43 97.41
N PHE I 308 56.16 -46.18 96.39
CA PHE I 308 56.91 -47.40 96.66
C PHE I 308 58.18 -47.13 97.46
N ALA I 309 58.85 -46.01 97.18
CA ALA I 309 60.10 -45.69 97.86
C ALA I 309 59.87 -45.51 99.35
N ILE I 310 58.99 -44.58 99.71
CA ILE I 310 58.80 -44.32 101.14
C ILE I 310 58.23 -45.54 101.84
N THR I 311 57.48 -46.38 101.11
CA THR I 311 56.90 -47.55 101.77
C THR I 311 57.94 -48.64 102.01
N TYR I 312 58.89 -48.87 101.09
CA TYR I 312 59.95 -49.81 101.42
C TYR I 312 60.87 -49.24 102.50
N LEU I 313 61.03 -47.92 102.54
CA LEU I 313 61.81 -47.25 103.59
C LEU I 313 61.23 -47.55 104.96
N TRP I 314 60.02 -47.05 105.21
CA TRP I 314 59.38 -47.26 106.51
C TRP I 314 59.25 -48.75 106.80
N SER I 315 58.72 -49.52 105.84
CA SER I 315 58.49 -50.94 106.08
C SER I 315 59.78 -51.69 106.38
N SER I 316 60.92 -51.18 105.89
CA SER I 316 62.20 -51.80 106.21
C SER I 316 62.65 -51.43 107.62
N LEU I 317 62.42 -50.17 108.03
CA LEU I 317 62.64 -49.83 109.43
C LEU I 317 61.76 -50.66 110.37
N ILE I 318 60.58 -51.10 109.89
CA ILE I 318 59.78 -52.04 110.65
C ILE I 318 60.35 -53.45 110.56
N ASN I 319 60.99 -53.80 109.45
CA ASN I 319 61.78 -55.03 109.45
C ASN I 319 62.94 -54.97 110.43
N CYS I 320 63.26 -53.78 110.94
CA CYS I 320 64.09 -53.66 112.15
C CYS I 320 63.26 -53.74 113.44
N GLN I 321 62.02 -53.24 113.43
CA GLN I 321 61.11 -53.59 114.51
C GLN I 321 61.09 -55.11 114.72
N LYS I 322 61.35 -55.88 113.65
CA LYS I 322 61.65 -57.30 113.83
C LYS I 322 62.88 -57.51 114.69
N SER I 323 63.88 -56.62 114.59
CA SER I 323 65.08 -56.77 115.40
C SER I 323 64.79 -56.44 116.86
N MET I 324 64.64 -55.16 117.18
CA MET I 324 64.54 -54.78 118.60
C MET I 324 63.15 -54.25 118.97
N LEU I 345 71.19 -54.80 110.32
CA LEU I 345 70.11 -54.39 109.42
C LEU I 345 69.96 -52.86 109.36
N ILE I 346 70.15 -52.17 110.49
CA ILE I 346 69.93 -50.73 110.54
C ILE I 346 70.99 -50.00 109.72
N ASP I 347 72.27 -50.19 110.05
CA ASP I 347 73.32 -49.53 109.29
C ASP I 347 73.31 -49.95 107.83
N LYS I 348 72.60 -51.04 107.50
CA LYS I 348 72.30 -51.34 106.10
C LYS I 348 71.24 -50.38 105.55
N ILE I 349 70.10 -50.27 106.22
CA ILE I 349 69.00 -49.45 105.72
C ILE I 349 69.43 -47.99 105.60
N SER I 350 70.14 -47.48 106.60
CA SER I 350 70.69 -46.14 106.53
C SER I 350 72.01 -46.09 105.78
N GLU I 351 72.57 -47.25 105.40
CA GLU I 351 73.68 -47.27 104.46
C GLU I 351 73.19 -46.94 103.06
N TRP I 352 72.06 -47.53 102.66
CA TRP I 352 71.46 -47.25 101.36
C TRP I 352 70.42 -46.15 101.42
N VAL I 353 70.16 -45.59 102.61
CA VAL I 353 69.59 -44.25 102.71
C VAL I 353 70.70 -43.21 102.67
N LEU I 354 71.90 -43.59 103.13
CA LEU I 354 73.07 -42.73 102.97
C LEU I 354 73.52 -42.69 101.51
N THR I 355 73.30 -43.77 100.76
CA THR I 355 73.80 -43.83 99.39
C THR I 355 73.17 -42.79 98.47
N PRO I 356 71.84 -42.67 98.35
CA PRO I 356 71.29 -41.85 97.28
C PRO I 356 71.39 -40.37 97.62
N PRO I 357 71.84 -39.57 96.66
CA PRO I 357 71.53 -38.13 96.71
C PRO I 357 70.22 -37.81 95.99
N PHE I 358 69.22 -37.37 96.76
CA PHE I 358 67.96 -36.82 96.29
C PHE I 358 67.52 -35.87 97.41
N MET I 359 68.24 -34.76 97.52
CA MET I 359 68.32 -34.02 98.79
C MET I 359 66.98 -33.48 99.24
N GLU I 360 66.07 -33.19 98.32
CA GLU I 360 64.75 -32.70 98.70
C GLU I 360 63.95 -33.73 99.49
N ASP I 361 64.29 -35.02 99.35
CA ASP I 361 63.54 -36.10 99.99
C ASP I 361 63.51 -35.99 101.50
N ALA I 362 62.81 -34.98 102.05
CA ALA I 362 62.81 -34.78 103.50
C ALA I 362 62.30 -36.01 104.23
N GLU I 363 61.25 -36.63 103.72
CA GLU I 363 60.74 -37.81 104.40
C GLU I 363 61.82 -38.87 104.52
N VAL I 364 62.74 -38.94 103.57
CA VAL I 364 63.86 -39.88 103.76
C VAL I 364 64.89 -39.30 104.71
N TRP I 365 64.82 -38.00 105.00
CA TRP I 365 65.61 -37.47 106.10
C TRP I 365 65.05 -37.92 107.45
N PHE I 366 63.71 -37.95 107.57
CA PHE I 366 63.14 -38.46 108.81
C PHE I 366 63.27 -39.99 108.90
N ILE I 367 63.32 -40.67 107.75
CA ILE I 367 63.69 -42.08 107.75
C ILE I 367 65.12 -42.25 108.23
N TYR I 368 66.03 -41.40 107.76
CA TYR I 368 67.42 -41.44 108.16
C TYR I 368 67.54 -41.25 109.67
N ALA I 369 67.02 -40.11 110.17
CA ALA I 369 67.09 -39.83 111.60
C ALA I 369 66.36 -40.88 112.42
N SER I 370 65.37 -41.54 111.84
CA SER I 370 64.70 -42.64 112.54
C SER I 370 65.60 -43.87 112.62
N CYS I 371 66.38 -44.13 111.57
CA CYS I 371 67.38 -45.19 111.63
C CYS I 371 68.42 -44.89 112.71
N HIS I 372 68.78 -43.63 112.88
CA HIS I 372 69.74 -43.27 113.91
C HIS I 372 69.15 -43.33 115.31
N LEU I 373 67.86 -43.02 115.46
CA LEU I 373 67.24 -43.16 116.78
C LEU I 373 67.04 -44.63 117.13
N LEU I 374 66.70 -45.46 116.14
CA LEU I 374 66.57 -46.89 116.40
C LEU I 374 67.93 -47.53 116.67
N LYS I 375 69.00 -47.04 116.04
CA LYS I 375 70.31 -47.57 116.39
C LYS I 375 70.81 -47.02 117.71
N ALA I 376 70.35 -45.83 118.12
CA ALA I 376 70.63 -45.32 119.46
C ALA I 376 69.72 -45.96 120.52
N ASP I 377 68.77 -46.79 120.10
CA ASP I 377 67.92 -47.55 121.01
C ASP I 377 67.07 -46.63 121.87
N ILE I 401 80.35 -46.86 123.62
CA ILE I 401 79.32 -45.99 124.14
C ILE I 401 79.35 -44.63 123.44
N ASN I 402 80.55 -44.05 123.30
CA ASN I 402 80.68 -42.85 122.50
C ASN I 402 80.21 -43.06 121.07
N GLN I 403 80.15 -44.32 120.61
CA GLN I 403 79.54 -44.62 119.31
C GLN I 403 78.06 -44.27 119.34
N VAL I 404 77.33 -44.74 120.36
CA VAL I 404 75.93 -44.36 120.55
C VAL I 404 75.82 -42.83 120.65
N ILE I 405 76.82 -42.19 121.27
CA ILE I 405 76.86 -40.72 121.24
C ILE I 405 76.83 -40.23 119.80
N LYS I 406 77.75 -40.70 118.96
CA LYS I 406 77.80 -40.23 117.58
C LYS I 406 76.49 -40.48 116.85
N HIS I 407 75.79 -41.57 117.18
CA HIS I 407 74.48 -41.80 116.58
C HIS I 407 73.44 -40.79 117.05
N ILE I 408 73.53 -40.35 118.31
CA ILE I 408 72.56 -39.39 118.82
C ILE I 408 72.82 -37.99 118.25
N HIS I 409 74.09 -37.58 118.18
CA HIS I 409 74.41 -36.35 117.45
C HIS I 409 73.97 -36.46 115.99
N TYR I 410 74.08 -37.65 115.42
CA TYR I 410 73.70 -37.88 114.03
C TYR I 410 72.22 -37.60 113.81
N VAL I 411 71.35 -38.23 114.60
CA VAL I 411 69.92 -37.97 114.46
C VAL I 411 69.61 -36.50 114.74
N ARG I 412 70.30 -35.92 115.73
CA ARG I 412 70.17 -34.49 115.99
C ARG I 412 70.44 -33.66 114.74
N THR I 413 71.36 -34.10 113.88
CA THR I 413 71.65 -33.36 112.65
C THR I 413 70.57 -33.57 111.59
N PHE I 414 70.25 -34.84 111.30
CA PHE I 414 69.32 -35.09 110.21
C PHE I 414 67.92 -34.59 110.50
N LEU I 415 67.59 -34.31 111.76
CA LEU I 415 66.30 -33.68 112.05
C LEU I 415 66.23 -32.25 111.51
N LYS I 416 67.33 -31.50 111.58
CA LYS I 416 67.29 -30.13 111.05
C LYS I 416 67.47 -30.14 109.53
N ILE I 417 68.29 -31.05 109.01
CA ILE I 417 68.45 -31.08 107.56
C ILE I 417 67.20 -31.75 107.01
N CYS I 418 66.30 -32.17 107.92
CA CYS I 418 64.94 -32.53 107.57
C CYS I 418 63.95 -31.40 107.81
N LEU I 419 64.28 -30.43 108.66
CA LEU I 419 63.64 -29.12 108.58
C LEU I 419 63.99 -28.40 107.28
N ASP I 420 64.90 -28.98 106.49
CA ASP I 420 65.15 -28.47 105.15
C ASP I 420 63.87 -28.28 104.35
N LYS I 421 62.95 -29.25 104.40
CA LYS I 421 61.84 -29.33 103.45
C LYS I 421 60.52 -29.48 104.21
N GLY I 422 59.42 -29.61 103.45
CA GLY I 422 58.07 -29.75 103.96
C GLY I 422 57.94 -30.66 105.16
N GLY I 423 57.67 -30.04 106.31
CA GLY I 423 58.08 -30.63 107.57
C GLY I 423 57.28 -31.84 108.00
N PHE I 424 58.01 -32.87 108.44
CA PHE I 424 57.49 -33.93 109.31
C PHE I 424 57.97 -33.61 110.72
N ALA I 425 57.06 -33.12 111.56
CA ALA I 425 57.45 -32.74 112.91
C ALA I 425 56.46 -33.32 113.91
N VAL I 426 56.97 -33.65 115.09
CA VAL I 426 56.12 -34.04 116.21
C VAL I 426 56.22 -32.86 117.20
N PRO I 427 57.27 -32.74 118.04
CA PRO I 427 57.70 -31.39 118.42
C PRO I 427 59.22 -31.27 118.46
N SER I 428 59.72 -30.63 119.50
CA SER I 428 61.09 -30.79 119.91
C SER I 428 61.23 -31.80 121.04
N ARG I 429 60.14 -32.10 121.73
CA ARG I 429 60.24 -32.89 122.95
C ARG I 429 60.13 -34.38 122.66
N LEU I 430 59.32 -34.79 121.68
CA LEU I 430 59.40 -36.20 121.29
C LEU I 430 60.65 -36.46 120.48
N ILE I 431 61.14 -35.45 119.75
CA ILE I 431 62.41 -35.59 119.05
C ILE I 431 63.54 -35.80 120.07
N GLU I 432 63.66 -34.88 121.02
CA GLU I 432 64.81 -34.78 121.91
C GLU I 432 64.62 -35.57 123.20
N ASN I 433 63.53 -35.33 123.93
CA ASN I 433 63.24 -36.00 125.20
C ASN I 433 63.55 -37.49 125.17
N GLN I 434 63.30 -38.14 124.04
CA GLN I 434 63.84 -39.48 123.83
C GLN I 434 65.36 -39.45 123.91
N LEU I 435 65.99 -38.47 123.28
CA LEU I 435 67.44 -38.38 123.23
C LEU I 435 68.06 -37.91 124.55
N LYS I 436 67.26 -37.42 125.50
CA LYS I 436 67.72 -37.14 126.85
C LYS I 436 67.51 -38.34 127.75
N SER I 437 66.40 -39.07 127.56
CA SER I 437 66.31 -40.42 128.11
C SER I 437 67.48 -41.28 127.63
N PHE I 438 68.02 -40.95 126.44
CA PHE I 438 69.26 -41.55 125.98
C PHE I 438 70.46 -40.90 126.64
N GLU I 439 70.47 -39.57 126.76
CA GLU I 439 71.58 -38.88 127.41
C GLU I 439 71.77 -39.35 128.84
N SER I 440 70.80 -40.04 129.40
CA SER I 440 70.97 -40.80 130.63
C SER I 440 72.20 -41.71 130.55
N VAL J 20 3.05 29.82 81.11
CA VAL J 20 3.89 30.99 81.37
C VAL J 20 3.03 32.26 81.49
N GLN J 21 2.26 32.55 80.44
CA GLN J 21 1.53 33.82 80.34
C GLN J 21 0.67 34.06 81.58
N GLY J 22 -0.24 33.13 81.88
CA GLY J 22 -1.09 33.27 83.05
C GLY J 22 -0.44 32.85 84.35
N ALA J 23 0.48 31.87 84.29
CA ALA J 23 1.11 31.39 85.51
C ALA J 23 1.92 32.48 86.21
N SER J 24 2.57 33.35 85.44
CA SER J 24 3.34 34.44 86.03
C SER J 24 2.79 35.82 85.66
N LEU J 25 1.62 35.90 85.01
CA LEU J 25 0.77 37.07 85.19
C LEU J 25 0.06 37.01 86.54
N TYR J 26 -0.19 35.80 87.05
CA TYR J 26 -0.82 35.63 88.36
C TYR J 26 0.05 36.24 89.45
N CYS J 27 1.24 35.67 89.66
CA CYS J 27 2.10 36.01 90.80
C CYS J 27 1.42 35.75 92.15
N THR J 49 9.01 26.79 85.03
CA THR J 49 8.78 27.29 83.68
C THR J 49 8.54 26.17 82.67
N LEU J 50 8.15 24.99 83.17
CA LEU J 50 8.03 23.82 82.31
C LEU J 50 6.77 23.88 81.45
N ALA J 51 5.60 23.67 82.06
CA ALA J 51 4.33 23.71 81.33
C ALA J 51 3.15 23.78 82.30
N GLU J 52 2.08 23.06 82.00
CA GLU J 52 1.00 22.84 82.95
C GLU J 52 0.83 21.36 83.30
N ASP J 53 1.63 20.48 82.72
CA ASP J 53 1.30 19.06 82.58
C ASP J 53 2.54 18.31 82.13
N ALA J 54 2.48 16.98 82.26
CA ALA J 54 3.51 16.09 81.75
C ALA J 54 3.23 15.81 80.27
N LEU J 55 3.82 14.74 79.73
CA LEU J 55 4.05 14.60 78.29
C LEU J 55 3.31 13.35 77.76
N ASP J 56 2.23 13.57 77.00
CA ASP J 56 1.40 12.47 76.52
C ASP J 56 0.98 12.67 75.06
N LEU J 57 0.80 11.54 74.34
CA LEU J 57 0.82 11.47 72.88
C LEU J 57 -0.30 10.61 72.29
N HIS J 58 -0.02 9.91 71.21
CA HIS J 58 -1.01 9.37 70.29
C HIS J 58 -0.98 7.84 70.23
N ILE J 59 -2.16 7.21 70.11
CA ILE J 59 -2.30 5.77 69.84
C ILE J 59 -3.49 5.59 68.89
N VAL J 60 -3.67 4.36 68.39
CA VAL J 60 -4.67 4.05 67.35
C VAL J 60 -5.64 2.95 67.83
N VAL J 61 -6.74 2.78 67.06
CA VAL J 61 -7.74 1.70 67.08
C VAL J 61 -8.49 1.74 65.74
N LYS J 62 -8.35 0.70 64.90
CA LYS J 62 -8.69 0.75 63.48
C LYS J 62 -9.90 -0.12 63.14
N SER J 63 -10.58 0.24 62.05
CA SER J 63 -11.76 -0.50 61.60
C SER J 63 -12.15 -0.11 60.19
N LEU J 64 -12.73 -1.06 59.47
CA LEU J 64 -13.29 -0.84 58.13
C LEU J 64 -14.73 -0.35 58.25
N LEU J 65 -15.13 0.58 57.38
CA LEU J 65 -16.49 1.13 57.43
C LEU J 65 -17.29 0.86 56.16
N CYS J 66 -16.81 1.26 54.98
CA CYS J 66 -17.56 1.00 53.76
C CYS J 66 -16.61 1.08 52.57
N ASP J 67 -17.05 0.50 51.45
CA ASP J 67 -16.28 0.48 50.22
C ASP J 67 -17.17 0.99 49.09
N THR J 68 -16.53 1.57 48.07
CA THR J 68 -17.25 2.14 46.95
C THR J 68 -17.18 1.29 45.68
N GLN J 169 0.03 16.31 33.68
CA GLN J 169 -0.58 17.42 34.40
C GLN J 169 -1.10 16.97 35.77
N ASP J 170 -2.09 16.08 35.74
CA ASP J 170 -2.71 15.57 36.97
C ASP J 170 -1.69 14.95 37.91
N ALA J 171 -0.56 14.50 37.39
CA ALA J 171 0.51 13.99 38.24
C ALA J 171 1.17 15.08 39.06
N PHE J 172 1.06 16.35 38.63
CA PHE J 172 1.73 17.44 39.29
C PHE J 172 0.83 18.57 39.77
N PHE J 173 -0.45 18.58 39.40
CA PHE J 173 -1.37 19.62 39.83
C PHE J 173 -2.68 19.00 40.33
N TRP J 174 -3.45 19.80 41.05
CA TRP J 174 -4.71 19.34 41.58
C TRP J 174 -5.73 20.46 41.52
N ASP J 175 -7.00 20.05 41.50
CA ASP J 175 -8.13 20.96 41.42
C ASP J 175 -8.54 21.38 42.81
N PRO J 176 -8.41 22.65 43.17
CA PRO J 176 -8.87 23.08 44.48
C PRO J 176 -10.38 22.98 44.66
N THR J 177 -11.16 23.04 43.57
CA THR J 177 -12.61 23.04 43.71
C THR J 177 -13.17 21.71 44.17
N VAL J 178 -12.34 20.69 44.38
CA VAL J 178 -12.88 19.45 44.91
C VAL J 178 -12.39 19.33 46.34
N ALA J 179 -13.24 19.70 47.30
CA ALA J 179 -12.79 19.71 48.69
C ALA J 179 -12.92 18.31 49.30
N ASN J 180 -14.16 17.86 49.50
CA ASN J 180 -14.41 16.59 50.18
C ASN J 180 -15.64 15.93 49.61
N ARG J 181 -15.51 14.64 49.28
CA ARG J 181 -16.55 13.89 48.61
C ARG J 181 -17.24 12.90 49.54
N LEU J 182 -17.16 13.12 50.86
CA LEU J 182 -17.93 12.34 51.81
C LEU J 182 -18.08 13.13 53.11
N ASP J 183 -19.28 13.08 53.68
CA ASP J 183 -19.59 13.67 54.97
C ASP J 183 -20.36 12.64 55.79
N SER J 184 -20.36 12.83 57.10
CA SER J 184 -21.13 12.02 58.04
C SER J 184 -21.47 12.88 59.25
N GLN J 185 -22.76 12.95 59.59
CA GLN J 185 -23.18 13.94 60.58
C GLN J 185 -24.56 13.56 61.08
N TYR J 186 -24.97 14.19 62.17
CA TYR J 186 -26.26 13.90 62.77
C TYR J 186 -27.36 14.70 62.06
N ILE J 187 -28.32 13.97 61.52
CA ILE J 187 -29.46 14.53 60.81
C ILE J 187 -30.70 14.17 61.59
N GLN J 188 -31.79 14.90 61.34
CA GLN J 188 -33.01 14.72 62.11
C GLN J 188 -34.22 15.07 61.26
N THR J 189 -35.05 14.09 60.97
CA THR J 189 -36.15 14.30 60.04
C THR J 189 -37.39 14.75 60.80
N ALA J 190 -38.52 14.86 60.08
CA ALA J 190 -39.76 15.30 60.70
C ALA J 190 -40.29 14.26 61.67
N SER J 191 -40.42 13.01 61.22
CA SER J 191 -40.89 11.95 62.11
C SER J 191 -40.01 11.79 63.33
N ASP J 192 -38.75 12.23 63.25
CA ASP J 192 -37.91 12.29 64.44
C ASP J 192 -38.27 13.47 65.34
N LEU J 193 -39.01 14.45 64.81
CA LEU J 193 -39.41 15.63 65.59
C LEU J 193 -40.79 15.51 66.20
N ARG J 194 -41.52 14.42 65.91
CA ARG J 194 -42.73 14.12 66.66
C ARG J 194 -42.40 13.65 68.07
N ASN J 195 -41.34 12.86 68.21
CA ASN J 195 -40.93 12.30 69.49
C ASN J 195 -39.86 13.17 70.15
N TYR J 196 -38.96 12.53 70.89
CA TYR J 196 -37.78 13.18 71.46
C TYR J 196 -36.51 12.53 70.96
N ARG J 197 -36.62 11.65 69.96
CA ARG J 197 -35.45 10.96 69.42
C ARG J 197 -34.54 11.94 68.69
N ASP J 198 -33.24 11.82 68.95
CA ASP J 198 -32.26 12.77 68.43
C ASP J 198 -31.79 12.39 67.03
N GLY J 199 -32.73 12.11 66.12
CA GLY J 199 -32.39 11.82 64.74
C GLY J 199 -31.55 10.56 64.59
N THR J 200 -30.62 10.60 63.63
CA THR J 200 -29.69 9.50 63.39
C THR J 200 -28.40 10.05 62.81
N GLU J 201 -27.39 9.19 62.80
CA GLU J 201 -26.12 9.50 62.18
C GLU J 201 -26.10 8.90 60.78
N ILE J 202 -25.77 9.72 59.77
CA ILE J 202 -25.73 9.25 58.40
C ILE J 202 -24.37 9.54 57.79
N ILE J 203 -24.06 8.79 56.74
CA ILE J 203 -22.97 9.08 55.84
C ILE J 203 -23.54 9.30 54.45
N ALA J 204 -22.95 10.25 53.73
CA ALA J 204 -23.18 10.47 52.31
C ALA J 204 -21.82 10.57 51.65
N TYR J 205 -21.60 9.73 50.64
CA TYR J 205 -20.32 9.66 49.97
C TYR J 205 -20.55 9.39 48.49
N ALA J 206 -19.63 9.89 47.67
CA ALA J 206 -19.77 9.80 46.23
C ALA J 206 -19.21 8.47 45.73
N SER J 207 -19.74 8.03 44.58
CA SER J 207 -19.36 6.74 44.00
C SER J 207 -19.53 6.83 42.50
N GLY J 208 -19.04 5.80 41.81
CA GLY J 208 -19.19 5.70 40.37
C GLY J 208 -17.86 5.68 39.65
N LYS J 209 -17.86 5.15 38.42
CA LYS J 209 -16.66 5.24 37.59
C LYS J 209 -16.23 6.70 37.44
N THR J 210 -17.18 7.57 37.10
CA THR J 210 -16.93 9.00 37.00
C THR J 210 -17.22 9.74 38.29
N GLY J 211 -17.43 9.03 39.39
CA GLY J 211 -17.75 9.66 40.67
C GLY J 211 -18.99 10.54 40.65
N SER J 212 -20.06 10.07 39.99
CA SER J 212 -21.23 10.90 39.72
C SER J 212 -22.51 10.34 40.34
N VAL J 213 -22.40 9.50 41.37
CA VAL J 213 -23.58 9.03 42.07
C VAL J 213 -23.44 9.35 43.55
N LEU J 214 -24.54 9.70 44.19
CA LEU J 214 -24.60 10.01 45.60
C LEU J 214 -25.07 8.78 46.36
N ASN J 215 -24.44 8.50 47.49
CA ASN J 215 -24.84 7.39 48.32
C ASN J 215 -25.09 7.93 49.73
N ILE J 216 -26.31 7.72 50.23
CA ILE J 216 -26.67 8.10 51.58
C ILE J 216 -27.17 6.87 52.32
N ALA J 217 -26.63 6.64 53.52
CA ALA J 217 -27.02 5.48 54.33
C ALA J 217 -26.74 5.75 55.80
N VAL J 218 -27.42 4.99 56.65
CA VAL J 218 -27.43 5.24 58.09
C VAL J 218 -26.33 4.46 58.77
N LEU J 219 -25.89 4.98 59.91
CA LEU J 219 -24.93 4.34 60.78
C LEU J 219 -25.57 3.99 62.11
N THR J 220 -25.05 2.95 62.75
CA THR J 220 -25.37 2.64 64.12
C THR J 220 -24.06 2.48 64.88
N ARG J 221 -23.91 3.19 65.98
CA ARG J 221 -22.73 3.11 66.82
C ARG J 221 -23.00 2.20 68.03
N GLN J 222 -22.10 1.25 68.27
CA GLN J 222 -22.21 0.34 69.40
C GLN J 222 -20.86 0.25 70.12
N ASN J 223 -20.11 -0.82 69.88
CA ASN J 223 -18.75 -0.88 70.41
C ASN J 223 -17.85 0.10 69.66
N THR J 224 -17.94 0.09 68.34
CA THR J 224 -17.28 1.05 67.47
C THR J 224 -18.24 1.38 66.34
N LEU J 225 -18.12 2.59 65.81
CA LEU J 225 -19.03 3.04 64.77
C LEU J 225 -19.04 2.06 63.60
N HIS J 226 -20.23 1.80 63.07
CA HIS J 226 -20.35 0.83 62.00
C HIS J 226 -21.58 1.15 61.16
N LEU J 227 -21.53 0.69 59.91
CA LEU J 227 -22.67 0.75 59.01
C LEU J 227 -23.81 -0.13 59.53
N ASN J 228 -25.05 0.23 59.14
CA ASN J 228 -26.23 -0.46 59.64
C ASN J 228 -26.20 -1.95 59.29
N ARG J 229 -26.94 -2.74 60.09
CA ARG J 229 -26.87 -4.20 59.96
C ARG J 229 -27.44 -4.68 58.63
N HIS J 230 -28.53 -4.07 58.17
CA HIS J 230 -29.19 -4.51 56.96
C HIS J 230 -28.51 -4.03 55.69
N ASN J 231 -27.46 -3.20 55.81
CA ASN J 231 -26.72 -2.60 54.71
C ASN J 231 -27.59 -2.31 53.49
N ASN J 232 -28.45 -1.31 53.61
CA ASN J 232 -29.27 -0.85 52.49
C ASN J 232 -28.86 0.58 52.17
N VAL J 233 -27.71 0.72 51.53
CA VAL J 233 -27.27 2.03 51.04
C VAL J 233 -28.27 2.53 50.02
N THR J 234 -28.62 3.79 50.11
CA THR J 234 -29.56 4.40 49.19
C THR J 234 -28.79 5.33 48.28
N SER J 235 -28.57 4.89 47.04
CA SER J 235 -27.76 5.62 46.08
C SER J 235 -28.64 6.14 44.96
N ILE J 236 -28.39 7.40 44.56
CA ILE J 236 -29.13 8.07 43.50
C ILE J 236 -28.11 8.56 42.47
N GLU J 237 -28.42 8.35 41.19
CA GLU J 237 -27.47 8.53 40.10
C GLU J 237 -27.60 9.94 39.51
N LEU J 238 -26.49 10.67 39.49
CA LEU J 238 -26.39 11.91 38.75
C LEU J 238 -25.53 11.69 37.50
N HIS J 239 -25.58 12.66 36.59
CA HIS J 239 -24.81 12.58 35.36
C HIS J 239 -23.58 13.47 35.37
N SER J 240 -23.32 14.18 36.48
CA SER J 240 -22.20 15.07 36.66
C SER J 240 -21.33 14.59 37.83
N PRO J 241 -20.00 14.70 37.72
CA PRO J 241 -19.12 14.27 38.81
C PRO J 241 -19.32 15.12 40.06
N ILE J 242 -19.18 14.49 41.23
CA ILE J 242 -19.35 15.17 42.50
C ILE J 242 -18.04 15.79 42.91
N LYS J 243 -18.04 17.10 43.17
CA LYS J 243 -16.85 17.79 43.63
C LYS J 243 -16.84 18.06 45.13
N SER J 244 -18.02 18.20 45.76
CA SER J 244 -18.09 18.55 47.16
C SER J 244 -19.42 18.07 47.71
N ILE J 245 -19.38 17.45 48.90
CA ILE J 245 -20.57 17.07 49.64
C ILE J 245 -20.40 17.55 51.07
N LYS J 246 -21.46 18.16 51.62
CA LYS J 246 -21.45 18.48 53.03
C LYS J 246 -22.89 18.51 53.55
N ILE J 247 -23.09 17.94 54.73
CA ILE J 247 -24.37 17.97 55.44
C ILE J 247 -24.26 19.01 56.55
N PRO J 248 -25.18 19.96 56.65
CA PRO J 248 -24.88 21.22 57.34
C PRO J 248 -24.97 21.16 58.83
N GLY J 249 -25.89 20.34 59.36
CA GLY J 249 -26.18 20.47 60.77
C GLY J 249 -26.82 21.81 61.13
N ALA J 250 -26.87 22.07 62.44
CA ALA J 250 -27.57 23.24 62.94
C ALA J 250 -27.01 23.70 64.28
N SER J 251 -27.35 24.93 64.66
CA SER J 251 -26.96 25.44 65.95
C SER J 251 -27.72 24.76 67.07
N GLU J 252 -27.16 24.83 68.28
CA GLU J 252 -27.89 24.35 69.45
C GLU J 252 -29.07 25.23 69.79
N SER J 253 -29.08 26.46 69.28
CA SER J 253 -30.13 27.41 69.65
C SER J 253 -31.47 27.08 69.02
N ILE J 254 -31.48 26.36 67.89
CA ILE J 254 -32.72 26.15 67.17
C ILE J 254 -33.50 24.95 67.69
N GLY J 255 -32.86 24.04 68.42
CA GLY J 255 -33.49 22.81 68.90
C GLY J 255 -33.53 21.70 67.88
N ARG J 256 -33.69 22.05 66.61
CA ARG J 256 -33.76 21.08 65.54
C ARG J 256 -32.36 20.71 65.07
N ARG J 257 -32.30 19.78 64.12
CA ARG J 257 -31.08 19.47 63.38
C ARG J 257 -31.42 19.39 61.90
N SER J 258 -30.39 19.47 61.06
CA SER J 258 -30.57 19.54 59.62
C SER J 258 -31.46 18.41 59.12
N ASN J 259 -32.17 18.68 58.02
CA ASN J 259 -33.01 17.68 57.37
C ASN J 259 -32.53 17.36 55.95
N LEU J 260 -31.33 17.78 55.59
CA LEU J 260 -30.95 17.84 54.19
C LEU J 260 -29.44 17.71 54.06
N VAL J 261 -29.00 17.43 52.84
CA VAL J 261 -27.58 17.35 52.51
C VAL J 261 -27.40 17.80 51.06
N GLY J 262 -26.38 18.63 50.82
CA GLY J 262 -26.23 19.32 49.56
C GLY J 262 -24.91 19.02 48.88
N ILE J 263 -24.91 19.14 47.54
CA ILE J 263 -23.76 18.75 46.73
C ILE J 263 -23.51 19.76 45.62
N ILE J 264 -22.23 19.99 45.33
CA ILE J 264 -21.75 20.72 44.16
C ILE J 264 -21.16 19.71 43.19
N THR J 265 -21.62 19.74 41.94
CA THR J 265 -21.11 18.88 40.89
C THR J 265 -20.13 19.65 40.00
N GLU J 266 -19.83 19.13 38.81
CA GLU J 266 -19.21 19.93 37.78
C GLU J 266 -20.25 20.67 36.95
N ASN J 267 -21.54 20.34 37.10
CA ASN J 267 -22.58 20.91 36.28
C ASN J 267 -23.70 21.57 37.06
N SER J 268 -23.89 21.23 38.33
CA SER J 268 -25.11 21.65 39.01
C SER J 268 -24.86 21.80 40.50
N PHE J 269 -25.86 22.33 41.17
CA PHE J 269 -25.86 22.45 42.63
C PHE J 269 -27.21 21.99 43.14
N GLN J 270 -27.21 20.92 43.95
CA GLN J 270 -28.46 20.27 44.33
C GLN J 270 -28.55 20.13 45.84
N ILE J 271 -29.80 20.11 46.35
CA ILE J 271 -30.05 19.93 47.78
C ILE J 271 -31.03 18.78 47.94
N PHE J 272 -30.72 17.85 48.84
CA PHE J 272 -31.56 16.66 49.05
C PHE J 272 -32.20 16.69 50.44
N ARG J 273 -33.51 16.44 50.50
CA ARG J 273 -34.20 16.25 51.77
C ARG J 273 -34.20 14.77 52.12
N ILE J 274 -33.81 14.44 53.34
CA ILE J 274 -34.02 13.11 53.88
C ILE J 274 -35.33 13.16 54.66
N GLU J 275 -36.29 12.33 54.27
CA GLU J 275 -37.62 12.39 54.84
C GLU J 275 -37.99 11.02 55.39
N SER J 276 -38.03 10.91 56.72
CA SER J 276 -38.66 9.80 57.41
C SER J 276 -37.94 8.47 57.22
N VAL J 277 -36.70 8.37 57.71
CA VAL J 277 -36.07 7.07 57.85
C VAL J 277 -36.90 6.24 58.81
N HIS J 278 -36.90 4.92 58.63
CA HIS J 278 -37.71 4.04 59.45
C HIS J 278 -36.97 2.75 59.76
N SER J 279 -37.12 2.29 61.01
CA SER J 279 -36.39 1.14 61.53
C SER J 279 -36.94 -0.19 61.04
N ARG J 280 -38.03 -0.19 60.26
CA ARG J 280 -38.57 -1.43 59.71
C ARG J 280 -37.49 -2.24 59.01
N SER J 281 -36.46 -1.57 58.49
CA SER J 281 -35.39 -2.24 57.77
C SER J 281 -34.22 -1.31 57.51
N CYS J 282 -34.20 -0.16 58.19
CA CYS J 282 -33.13 0.84 58.08
C CYS J 282 -33.09 1.51 56.71
N ASP J 283 -34.26 1.90 56.20
CA ASP J 283 -34.33 2.60 54.94
C ASP J 283 -34.13 4.10 55.12
N VAL J 284 -33.56 4.73 54.10
CA VAL J 284 -33.31 6.16 54.06
C VAL J 284 -33.89 6.75 52.79
N MET J 285 -35.17 7.04 52.76
CA MET J 285 -35.77 7.56 51.53
C MET J 285 -35.54 9.07 51.45
N VAL J 286 -34.97 9.52 50.32
CA VAL J 286 -34.58 10.91 50.11
C VAL J 286 -35.29 11.47 48.87
N SER J 287 -35.38 12.80 48.82
CA SER J 287 -36.04 13.51 47.74
C SER J 287 -35.13 14.61 47.21
N SER J 288 -35.27 14.90 45.91
CA SER J 288 -34.29 15.69 45.15
C SER J 288 -34.76 17.13 45.01
N SER J 289 -34.42 17.95 46.01
CA SER J 289 -34.57 19.39 45.92
C SER J 289 -33.74 19.93 44.76
N GLU J 290 -34.48 20.50 43.79
CA GLU J 290 -34.16 20.41 42.38
C GLU J 290 -32.85 21.13 42.02
N PRO J 291 -32.11 20.61 41.04
CA PRO J 291 -30.86 21.25 40.63
C PRO J 291 -31.09 22.62 40.02
N LEU J 292 -30.00 23.36 39.92
CA LEU J 292 -29.93 24.54 39.06
C LEU J 292 -28.59 24.39 38.35
N TYR J 293 -28.64 23.85 37.13
CA TYR J 293 -27.44 23.51 36.39
C TYR J 293 -26.45 24.67 36.45
N PHE J 294 -26.81 25.78 35.83
CA PHE J 294 -25.97 26.96 35.86
C PHE J 294 -26.82 28.16 35.49
N VAL J 295 -26.47 29.29 36.07
CA VAL J 295 -26.98 30.56 35.59
C VAL J 295 -25.90 31.36 34.87
N GLU J 296 -24.63 31.15 35.22
CA GLU J 296 -23.54 32.01 34.79
C GLU J 296 -22.42 31.27 34.07
N ILE J 297 -22.63 30.01 33.71
CA ILE J 297 -21.54 29.14 33.24
C ILE J 297 -20.34 29.36 34.16
N ASP J 298 -20.53 29.10 35.46
CA ASP J 298 -19.46 29.21 36.44
C ASP J 298 -19.51 28.04 37.41
N ASP J 299 -18.36 27.43 37.65
CA ASP J 299 -18.25 26.44 38.72
C ASP J 299 -18.32 27.16 40.06
N LEU J 300 -18.84 26.46 41.06
CA LEU J 300 -19.04 27.03 42.38
C LEU J 300 -18.14 26.35 43.38
N GLN J 301 -17.39 27.15 44.14
CA GLN J 301 -16.42 26.62 45.09
C GLN J 301 -17.11 25.91 46.24
N VAL J 302 -17.74 26.68 47.13
CA VAL J 302 -18.24 26.15 48.40
C VAL J 302 -19.72 26.48 48.52
N VAL J 303 -20.44 25.56 49.17
CA VAL J 303 -21.82 25.73 49.63
C VAL J 303 -21.79 25.86 51.14
N ASP J 304 -22.56 26.80 51.67
CA ASP J 304 -22.73 26.86 53.12
C ASP J 304 -24.19 27.08 53.45
N PHE J 305 -24.58 26.53 54.60
CA PHE J 305 -25.95 26.59 55.05
C PHE J 305 -26.04 27.38 56.36
N GLN J 314 -34.15 28.39 55.74
CA GLN J 314 -32.84 27.74 55.59
C GLN J 314 -32.09 28.13 54.28
N PHE J 315 -30.79 28.39 54.42
CA PHE J 315 -30.06 29.30 53.53
C PHE J 315 -29.03 28.56 52.67
N ALA J 316 -29.32 28.40 51.39
CA ALA J 316 -28.36 27.86 50.43
C ALA J 316 -27.47 28.98 49.92
N ILE J 317 -26.23 29.03 50.39
CA ILE J 317 -25.26 30.05 50.02
C ILE J 317 -24.22 29.42 49.09
N ILE J 318 -23.99 30.08 47.95
CA ILE J 318 -23.03 29.58 46.97
C ILE J 318 -21.91 30.58 46.79
N ASP J 319 -20.72 30.05 46.49
CA ASP J 319 -19.58 30.84 46.01
C ASP J 319 -19.08 30.26 44.70
N ILE J 320 -19.06 31.09 43.65
CA ILE J 320 -18.31 30.81 42.43
C ILE J 320 -17.10 31.74 42.42
N LYS J 321 -16.08 31.35 41.67
CA LYS J 321 -14.79 32.06 41.65
C LYS J 321 -14.86 33.60 41.63
N GLY J 322 -15.02 34.20 42.81
CA GLY J 322 -14.98 35.64 42.98
C GLY J 322 -16.27 36.22 43.53
N ASN J 323 -17.40 35.56 43.28
CA ASN J 323 -18.70 36.18 43.50
C ASN J 323 -19.67 35.18 44.12
N TRP J 324 -20.49 35.68 45.05
CA TRP J 324 -21.27 34.85 45.94
C TRP J 324 -22.73 35.23 45.85
N SER J 325 -23.58 34.35 46.42
CA SER J 325 -25.02 34.55 46.42
C SER J 325 -25.65 33.86 47.62
N ILE J 326 -26.55 34.59 48.33
CA ILE J 326 -27.40 34.02 49.38
C ILE J 326 -28.72 33.60 48.76
N GLY J 327 -29.17 32.40 49.10
CA GLY J 327 -30.37 31.85 48.49
C GLY J 327 -31.13 31.00 49.49
N ARG J 328 -32.29 30.51 49.05
CA ARG J 328 -33.20 29.75 49.90
C ARG J 328 -33.66 28.48 49.20
N ILE J 329 -34.03 27.48 50.00
CA ILE J 329 -34.41 26.17 49.50
C ILE J 329 -35.93 26.02 49.55
N PRO J 330 -36.55 25.36 48.58
CA PRO J 330 -38.01 25.20 48.61
C PRO J 330 -38.45 24.26 49.72
N LYS J 331 -39.72 24.36 50.08
CA LYS J 331 -40.29 23.44 51.06
C LYS J 331 -40.87 22.20 50.39
N ASN J 332 -40.48 21.05 50.94
CA ASN J 332 -40.66 19.69 50.42
C ASN J 332 -40.79 19.50 48.91
N PHE J 333 -41.93 19.84 48.31
CA PHE J 333 -42.31 19.19 47.06
C PHE J 333 -42.71 20.12 45.93
N ASN J 334 -41.96 20.01 44.82
CA ASN J 334 -42.54 19.93 43.48
C ASN J 334 -43.13 21.27 43.00
N ASN J 335 -42.32 22.32 43.00
CA ASN J 335 -42.78 23.58 42.42
C ASN J 335 -42.99 23.40 40.92
N GLN J 342 -36.37 26.47 41.23
CA GLN J 342 -36.71 25.80 42.48
C GLN J 342 -36.17 26.55 43.69
N LEU J 343 -34.84 26.69 43.78
CA LEU J 343 -34.22 27.51 44.80
C LEU J 343 -33.89 28.88 44.20
N ILE J 344 -34.11 29.95 44.98
CA ILE J 344 -34.03 31.31 44.48
C ILE J 344 -33.00 32.10 45.31
N ASP J 345 -32.71 33.32 44.87
CA ASP J 345 -31.79 34.23 45.56
C ASP J 345 -32.21 35.68 45.29
N ASN J 346 -31.62 36.62 46.04
CA ASN J 346 -31.85 38.05 45.78
C ASN J 346 -30.76 38.96 46.35
N LEU J 347 -29.93 38.42 47.23
CA LEU J 347 -28.79 39.11 47.78
C LEU J 347 -27.54 38.47 47.19
N HIS J 348 -26.65 39.29 46.64
CA HIS J 348 -25.51 38.77 45.89
C HIS J 348 -24.31 39.68 46.13
N GLY J 349 -23.15 39.22 45.66
CA GLY J 349 -21.97 40.02 45.83
C GLY J 349 -20.79 39.42 45.10
N THR J 350 -19.62 39.99 45.35
CA THR J 350 -18.40 39.47 44.75
C THR J 350 -17.19 39.90 45.55
N ILE J 351 -16.18 39.02 45.56
CA ILE J 351 -14.89 39.30 46.19
C ILE J 351 -13.77 39.19 45.17
N PHE J 352 -14.09 39.33 43.88
CA PHE J 352 -13.16 39.02 42.80
C PHE J 352 -11.85 39.78 42.96
N ASP J 353 -10.77 39.12 42.54
CA ASP J 353 -9.43 39.65 42.75
C ASP J 353 -8.55 39.18 41.61
N PRO J 354 -8.41 39.98 40.55
CA PRO J 354 -7.74 39.49 39.34
C PRO J 354 -6.39 38.83 39.59
N GLU J 355 -5.65 39.29 40.60
CA GLU J 355 -4.28 38.84 40.79
C GLU J 355 -4.17 37.63 41.71
N GLU J 356 -5.27 36.92 41.96
CA GLU J 356 -5.20 35.62 42.61
C GLU J 356 -5.68 34.56 41.61
N LEU J 357 -4.73 33.73 41.15
CA LEU J 357 -5.00 32.79 40.07
C LEU J 357 -5.67 31.51 40.54
N SER J 358 -5.40 31.05 41.77
CA SER J 358 -5.95 29.80 42.25
C SER J 358 -7.46 29.87 42.35
N SER J 359 -8.13 28.79 41.97
CA SER J 359 -9.57 28.87 41.80
C SER J 359 -10.34 28.83 43.11
N TRP J 360 -9.79 28.28 44.19
CA TRP J 360 -10.62 28.06 45.37
C TRP J 360 -10.88 29.35 46.12
N LYS J 361 -12.16 29.58 46.41
CA LYS J 361 -12.70 30.52 47.37
C LYS J 361 -13.53 29.71 48.37
N ARG J 362 -14.09 30.37 49.39
CA ARG J 362 -14.79 29.59 50.41
C ARG J 362 -15.75 30.47 51.22
N ILE J 363 -16.99 30.01 51.39
CA ILE J 363 -17.98 30.73 52.19
C ILE J 363 -18.42 29.86 53.38
N GLU J 364 -18.20 30.38 54.59
CA GLU J 364 -18.77 29.78 55.79
C GLU J 364 -19.03 30.93 56.74
N TRP J 365 -20.20 30.94 57.36
CA TRP J 365 -20.50 32.12 58.13
C TRP J 365 -20.08 31.93 59.59
N PHE J 366 -20.57 32.81 60.44
CA PHE J 366 -19.82 33.20 61.62
C PHE J 366 -20.80 33.75 62.65
N SER J 367 -20.75 33.23 63.88
CA SER J 367 -21.60 33.55 65.02
C SER J 367 -23.04 33.08 64.87
N HIS J 368 -23.44 32.52 63.73
CA HIS J 368 -24.87 32.35 63.38
C HIS J 368 -25.60 33.70 63.38
N PHE J 369 -24.87 34.79 63.49
CA PHE J 369 -25.39 36.14 63.51
C PHE J 369 -26.05 36.55 62.19
N GLN J 370 -26.18 35.63 61.22
CA GLN J 370 -26.63 36.02 59.88
C GLN J 370 -25.64 36.99 59.24
N LYS J 371 -24.35 36.60 59.34
CA LYS J 371 -23.18 37.29 58.79
C LYS J 371 -22.17 36.24 58.34
N ILE J 372 -21.57 36.44 57.16
CA ILE J 372 -20.80 35.38 56.48
C ILE J 372 -19.30 35.70 56.41
N LEU J 373 -18.53 34.65 56.14
CA LEU J 373 -17.10 34.72 55.84
C LEU J 373 -16.84 34.21 54.43
N VAL J 374 -16.05 34.97 53.67
CA VAL J 374 -15.67 34.60 52.31
C VAL J 374 -14.15 34.70 52.18
N PHE J 375 -13.55 33.71 51.51
CA PHE J 375 -12.12 33.42 51.56
C PHE J 375 -11.57 33.25 50.15
N ASP J 376 -10.35 33.73 49.93
CA ASP J 376 -9.51 33.12 48.89
C ASP J 376 -8.09 33.05 49.43
N ARG J 377 -7.20 32.38 48.70
CA ARG J 377 -5.86 32.12 49.23
C ARG J 377 -5.09 33.41 49.45
N SER J 378 -5.71 34.56 49.13
CA SER J 378 -5.14 35.88 49.39
C SER J 378 -5.65 36.51 50.67
N LYS J 379 -6.92 36.32 51.03
CA LYS J 379 -7.44 37.10 52.15
C LYS J 379 -8.76 36.53 52.68
N MET J 380 -9.17 37.11 53.81
CA MET J 380 -10.37 36.76 54.56
C MET J 380 -11.23 38.01 54.71
N ILE J 381 -12.44 37.92 54.16
CA ILE J 381 -13.37 39.03 54.09
C ILE J 381 -14.63 38.64 54.86
N GLU J 382 -15.01 39.45 55.84
CA GLU J 382 -16.30 39.32 56.50
C GLU J 382 -17.33 40.16 55.77
N ILE J 383 -18.56 39.65 55.71
CA ILE J 383 -19.64 40.35 55.03
C ILE J 383 -20.89 40.25 55.88
N ASP J 384 -21.27 41.35 56.53
CA ASP J 384 -22.56 41.42 57.20
C ASP J 384 -23.59 41.70 56.11
N PHE J 385 -24.40 40.69 55.81
CA PHE J 385 -25.07 40.60 54.53
C PHE J 385 -26.56 40.88 54.59
N MET J 386 -27.10 41.11 55.78
CA MET J 386 -28.45 41.65 55.85
C MET J 386 -28.48 43.14 56.16
N ASN J 387 -27.33 43.73 56.51
CA ASN J 387 -27.14 45.15 56.30
C ASN J 387 -26.29 45.25 55.03
N ASN J 388 -25.40 46.23 54.95
CA ASN J 388 -24.38 46.27 53.91
C ASN J 388 -23.05 46.40 54.62
N TRP J 389 -22.22 45.36 54.57
CA TRP J 389 -21.02 45.44 55.37
C TRP J 389 -19.96 44.48 54.84
N GLN J 390 -18.71 44.95 54.82
CA GLN J 390 -17.59 44.24 54.20
C GLN J 390 -16.27 44.64 54.86
N THR J 391 -15.44 43.66 55.22
CA THR J 391 -14.16 43.96 55.86
C THR J 391 -13.09 42.96 55.46
N GLU J 392 -11.89 43.48 55.19
CA GLU J 392 -10.70 42.66 54.94
C GLU J 392 -9.91 42.61 56.24
N VAL J 393 -9.89 41.41 56.89
CA VAL J 393 -9.34 41.27 58.23
C VAL J 393 -7.83 41.03 58.22
N VAL J 394 -7.17 41.46 59.31
CA VAL J 394 -6.03 42.38 59.26
C VAL J 394 -4.87 41.93 58.35
N GLN J 395 -4.61 40.64 58.23
CA GLN J 395 -3.52 40.39 57.28
C GLN J 395 -4.08 40.24 55.85
N ALA J 396 -3.18 40.14 54.89
CA ALA J 396 -3.59 39.94 53.52
C ALA J 396 -2.83 38.80 52.86
N LYS J 397 -1.89 39.13 51.97
CA LYS J 397 -1.27 38.17 51.07
C LYS J 397 0.21 38.51 50.89
N ALA J 398 0.94 38.59 52.00
CA ALA J 398 2.34 38.99 51.98
C ALA J 398 3.32 37.85 52.18
N TRP J 399 3.09 36.99 53.18
CA TRP J 399 4.00 35.92 53.51
C TRP J 399 3.37 34.53 53.58
N SER J 400 2.05 34.41 53.50
CA SER J 400 1.40 33.13 53.62
C SER J 400 0.07 33.16 52.91
N ASN J 401 -0.42 31.98 52.55
CA ASN J 401 -1.73 31.84 51.93
C ASN J 401 -2.71 31.30 52.95
N ILE J 402 -3.92 31.85 52.96
CA ILE J 402 -5.02 31.12 53.53
C ILE J 402 -4.98 29.74 52.94
N ARG J 403 -5.02 28.72 53.79
CA ARG J 403 -4.89 27.34 53.35
C ARG J 403 -6.17 26.55 53.54
N ASP J 404 -6.84 26.69 54.67
CA ASP J 404 -8.21 26.20 54.82
C ASP J 404 -8.87 26.97 55.95
N TYR J 405 -10.19 26.81 56.05
CA TYR J 405 -10.95 27.30 57.17
C TYR J 405 -12.16 26.40 57.34
N LYS J 406 -12.44 26.06 58.59
CA LYS J 406 -13.61 25.29 58.99
C LYS J 406 -14.07 25.83 60.34
N ARG J 407 -15.39 25.94 60.51
CA ARG J 407 -15.96 26.53 61.72
C ARG J 407 -15.91 25.50 62.84
N ILE J 408 -15.03 25.73 63.83
CA ILE J 408 -14.96 24.79 64.95
C ILE J 408 -16.32 24.78 65.62
N ASP J 409 -16.88 23.59 65.76
CA ASP J 409 -18.31 23.37 65.56
C ASP J 409 -19.16 24.40 66.29
N ASP J 410 -18.75 24.78 67.50
CA ASP J 410 -19.51 25.75 68.27
C ASP J 410 -19.56 27.08 67.53
N LYS J 411 -20.79 27.51 67.22
CA LYS J 411 -21.14 28.74 66.52
C LYS J 411 -20.05 29.82 66.54
N ASN J 412 -19.80 30.39 67.72
CA ASN J 412 -18.82 31.47 67.81
C ASN J 412 -17.37 30.97 67.82
N GLY J 413 -16.99 30.13 66.84
CA GLY J 413 -15.68 29.50 66.86
C GLY J 413 -15.14 29.11 65.50
N ILE J 414 -13.88 29.45 65.23
CA ILE J 414 -13.31 29.62 63.88
C ILE J 414 -11.92 28.99 63.82
N LEU J 415 -11.74 28.00 62.95
CA LEU J 415 -10.44 27.35 62.84
C LEU J 415 -9.91 27.52 61.42
N LEU J 416 -8.76 28.19 61.28
CA LEU J 416 -8.22 28.57 59.98
C LEU J 416 -6.78 28.10 59.88
N THR J 417 -6.45 27.28 58.85
CA THR J 417 -5.07 26.94 58.53
C THR J 417 -4.55 28.02 57.58
N SER J 418 -3.53 28.74 58.00
CA SER J 418 -2.73 29.50 57.05
C SER J 418 -1.63 28.56 56.59
N ARG J 419 -0.59 29.09 55.95
CA ARG J 419 0.70 28.41 55.94
C ARG J 419 1.41 28.75 57.24
N GLU J 420 1.92 27.71 57.90
CA GLU J 420 2.66 27.86 59.15
C GLU J 420 1.95 28.75 60.15
N ILE J 421 0.69 28.41 60.45
CA ILE J 421 -0.07 28.97 61.56
C ILE J 421 -1.42 28.27 61.64
N ILE J 422 -1.76 27.77 62.83
CA ILE J 422 -3.13 27.39 63.17
C ILE J 422 -3.77 28.60 63.83
N ILE J 423 -4.82 29.13 63.22
CA ILE J 423 -5.48 30.34 63.67
C ILE J 423 -6.81 29.97 64.32
N VAL J 424 -6.98 30.39 65.56
CA VAL J 424 -8.25 30.23 66.26
C VAL J 424 -8.96 31.57 66.25
N GLY J 425 -9.61 31.94 65.14
CA GLY J 425 -10.54 33.04 65.18
C GLY J 425 -11.79 32.58 65.91
N ALA J 426 -12.56 33.55 66.41
CA ALA J 426 -13.78 33.30 67.19
C ALA J 426 -14.10 34.54 68.01
N SER J 427 -15.37 34.90 68.12
CA SER J 427 -15.67 36.18 68.75
C SER J 427 -15.45 36.14 70.26
N GLU J 428 -14.86 37.24 70.77
CA GLU J 428 -15.05 37.65 72.15
C GLU J 428 -15.68 39.04 72.13
N SER J 429 -16.64 39.22 71.23
CA SER J 429 -17.64 40.28 71.29
C SER J 429 -18.81 39.79 70.45
N ASN J 430 -20.02 40.25 70.82
CA ASN J 430 -21.21 39.80 70.11
C ASN J 430 -21.08 40.07 68.62
N ASP J 431 -20.58 41.24 68.25
CA ASP J 431 -20.25 41.52 66.88
C ASP J 431 -19.11 40.60 66.41
N PRO J 432 -18.99 40.41 65.10
CA PRO J 432 -17.94 39.51 64.59
C PRO J 432 -16.56 40.04 64.95
N VAL J 433 -15.54 39.22 64.65
CA VAL J 433 -14.25 39.34 65.33
C VAL J 433 -13.09 39.05 64.39
N ARG J 434 -11.91 39.39 64.87
CA ARG J 434 -10.71 38.58 64.70
C ARG J 434 -10.21 38.13 66.08
N ARG J 435 -9.48 37.00 66.10
CA ARG J 435 -8.68 36.63 67.25
C ARG J 435 -7.20 36.69 66.88
N ILE J 436 -6.44 37.47 67.64
CA ILE J 436 -4.99 37.43 67.64
C ILE J 436 -4.46 36.98 69.00
N SER J 437 -5.35 36.45 69.83
CA SER J 437 -5.01 35.46 70.85
C SER J 437 -4.04 34.47 70.25
N TRP J 438 -2.77 34.51 70.68
CA TRP J 438 -1.68 33.89 69.94
C TRP J 438 -1.94 32.43 69.52
N LYS J 439 -1.16 31.94 68.56
CA LYS J 439 -1.48 30.71 67.85
C LYS J 439 -0.20 29.90 67.61
N HIS J 440 -0.34 28.68 67.10
CA HIS J 440 0.80 27.80 66.81
C HIS J 440 1.08 27.77 65.31
N ASP J 441 2.25 27.23 64.94
CA ASP J 441 2.65 27.23 63.53
C ASP J 441 3.25 25.89 63.09
N LEU J 442 3.04 25.55 61.81
CA LEU J 442 3.16 24.21 61.26
C LEU J 442 3.86 24.28 59.91
N ASP J 443 4.75 23.32 59.59
CA ASP J 443 5.88 23.87 58.83
C ASP J 443 6.07 23.39 57.38
N PRO J 444 5.23 23.81 56.35
CA PRO J 444 5.59 23.52 54.94
C PRO J 444 5.32 24.58 53.84
N ASP J 445 5.51 24.14 52.60
CA ASP J 445 5.23 24.93 51.39
C ASP J 445 4.12 24.33 50.55
N ASP J 446 3.88 23.03 50.71
CA ASP J 446 2.67 22.29 50.38
C ASP J 446 1.43 23.18 50.26
N THR J 447 0.76 23.14 49.11
CA THR J 447 -0.48 23.85 48.90
C THR J 447 -1.70 23.08 49.40
N THR J 448 -1.54 21.80 49.66
CA THR J 448 -2.63 20.83 49.68
C THR J 448 -3.14 20.56 51.08
N LEU J 449 -2.64 21.30 52.07
CA LEU J 449 -3.07 21.17 53.46
C LEU J 449 -4.55 21.48 53.65
N ARG J 450 -5.20 20.68 54.48
CA ARG J 450 -6.57 20.90 54.91
C ARG J 450 -6.61 20.70 56.42
N ILE J 451 -7.77 21.00 57.02
CA ILE J 451 -7.91 20.94 58.48
C ILE J 451 -9.31 20.49 58.87
N THR J 452 -9.40 19.92 60.08
CA THR J 452 -10.65 19.63 60.77
C THR J 452 -10.38 19.65 62.27
N VAL J 453 -11.42 19.92 63.06
CA VAL J 453 -11.34 19.89 64.51
C VAL J 453 -12.34 18.89 65.07
N GLN J 454 -11.95 18.23 66.17
CA GLN J 454 -12.87 17.55 67.06
C GLN J 454 -12.89 18.27 68.40
N LYS J 455 -14.00 18.18 69.10
CA LYS J 455 -14.28 18.99 70.28
C LYS J 455 -14.65 18.06 71.42
N VAL J 456 -13.80 17.98 72.44
CA VAL J 456 -14.07 17.13 73.60
C VAL J 456 -14.36 18.00 74.82
N LYS J 457 -15.27 17.50 75.64
CA LYS J 457 -15.79 18.23 76.80
C LYS J 457 -15.20 17.63 78.07
N LYS J 458 -14.88 18.50 79.02
CA LYS J 458 -14.36 18.09 80.31
C LYS J 458 -14.81 19.13 81.33
N PRO J 459 -14.66 18.83 82.62
CA PRO J 459 -15.16 19.78 83.64
C PRO J 459 -14.46 21.13 83.66
N ASP J 460 -13.13 21.12 83.72
CA ASP J 460 -12.34 22.34 83.90
C ASP J 460 -11.95 23.02 82.60
N HIS J 461 -12.23 22.42 81.45
CA HIS J 461 -11.85 23.00 80.18
C HIS J 461 -12.75 22.44 79.09
N ILE J 462 -12.59 22.97 77.86
CA ILE J 462 -13.34 22.55 76.69
C ILE J 462 -12.40 22.50 75.49
N LEU J 463 -11.82 21.35 75.19
CA LEU J 463 -10.60 21.32 74.37
C LEU J 463 -10.80 20.80 72.95
N LEU J 464 -10.06 21.40 72.01
CA LEU J 464 -10.24 21.21 70.58
C LEU J 464 -8.99 20.62 69.97
N VAL J 465 -9.14 19.55 69.19
CA VAL J 465 -8.02 18.89 68.53
C VAL J 465 -8.06 19.25 67.05
N ALA J 466 -6.92 19.73 66.56
CA ALA J 466 -6.74 20.28 65.22
C ALA J 466 -5.91 19.27 64.41
N PHE J 467 -6.57 18.65 63.42
CA PHE J 467 -5.94 17.75 62.48
C PHE J 467 -5.69 18.54 61.19
N VAL J 468 -4.42 18.77 60.88
CA VAL J 468 -4.01 19.30 59.60
C VAL J 468 -3.38 18.14 58.80
N TYR J 469 -3.97 17.84 57.64
CA TYR J 469 -3.57 16.71 56.80
C TYR J 469 -3.26 17.18 55.38
N SER J 470 -2.68 16.28 54.59
CA SER J 470 -2.16 16.64 53.28
C SER J 470 -2.61 15.63 52.24
N MET J 471 -2.28 15.95 50.98
CA MET J 471 -2.49 15.10 49.82
C MET J 471 -1.17 14.52 49.32
N ARG J 472 -0.06 14.87 49.95
CA ARG J 472 1.26 14.38 49.55
C ARG J 472 1.75 13.21 50.42
N HIS J 473 1.56 13.26 51.73
CA HIS J 473 2.03 12.22 52.62
C HIS J 473 0.95 11.88 53.65
N LYS J 474 0.86 10.60 54.00
CA LYS J 474 -0.22 10.05 54.83
C LYS J 474 -0.07 10.44 56.30
N ARG J 475 0.83 11.36 56.60
CA ARG J 475 1.01 11.82 57.96
C ARG J 475 -0.08 12.82 58.35
N ILE J 476 -0.48 12.76 59.63
CA ILE J 476 -1.46 13.69 60.21
C ILE J 476 -0.75 14.53 61.26
N TYR J 477 -0.97 15.84 61.24
CA TYR J 477 -0.29 16.78 62.11
C TYR J 477 -1.29 17.40 63.06
N MET J 478 -1.10 17.16 64.35
CA MET J 478 -2.10 17.45 65.37
C MET J 478 -1.59 18.46 66.40
N HIS J 479 -2.47 19.41 66.71
CA HIS J 479 -2.27 20.34 67.82
C HIS J 479 -3.57 20.38 68.63
N VAL J 480 -3.46 20.85 69.88
CA VAL J 480 -4.59 20.82 70.81
C VAL J 480 -4.73 22.18 71.50
N PHE J 481 -5.95 22.68 71.60
CA PHE J 481 -6.24 23.92 72.29
C PHE J 481 -7.30 23.64 73.34
N SER J 482 -7.57 24.63 74.18
CA SER J 482 -8.46 24.47 75.33
C SER J 482 -9.27 25.73 75.55
N HIS J 483 -10.55 25.56 75.88
CA HIS J 483 -11.50 26.65 76.11
C HIS J 483 -11.99 26.56 77.55
N ARG J 484 -11.25 27.21 78.44
CA ARG J 484 -11.72 27.50 79.80
C ARG J 484 -12.52 28.79 79.68
N LYS J 485 -13.85 28.68 79.66
CA LYS J 485 -14.62 29.84 79.23
C LYS J 485 -14.55 31.00 80.22
N ALA J 486 -13.35 31.51 80.44
CA ALA J 486 -13.09 32.93 80.51
C ALA J 486 -12.71 33.46 79.13
N ASN J 487 -13.16 32.77 78.08
CA ASN J 487 -12.53 32.79 76.76
C ASN J 487 -11.02 32.68 76.89
N LEU J 488 -10.59 31.66 77.64
CA LEU J 488 -9.19 31.34 77.85
C LEU J 488 -8.75 30.30 76.84
N PHE J 489 -7.65 30.60 76.12
CA PHE J 489 -7.07 29.69 75.14
C PHE J 489 -5.59 29.52 75.43
N GLN J 490 -5.12 28.27 75.55
CA GLN J 490 -3.70 27.97 75.67
C GLN J 490 -3.37 26.77 74.81
N SER J 491 -2.07 26.54 74.60
CA SER J 491 -1.52 25.50 73.73
C SER J 491 -0.43 24.76 74.49
N LEU J 492 -0.18 23.50 74.12
CA LEU J 492 0.61 22.62 74.99
C LEU J 492 1.86 22.03 74.35
N GLY J 493 1.82 21.69 73.08
CA GLY J 493 2.91 20.99 72.43
C GLY J 493 2.34 20.16 71.30
N CYS J 494 3.20 19.84 70.34
CA CYS J 494 2.79 19.31 69.04
C CYS J 494 2.90 17.78 69.00
N SER J 495 2.18 17.17 68.06
CA SER J 495 2.38 15.73 67.83
C SER J 495 1.91 15.35 66.43
N THR J 496 2.56 14.34 65.85
CA THR J 496 2.27 13.90 64.50
C THR J 496 2.30 12.37 64.39
N VAL J 497 1.37 11.82 63.59
CA VAL J 497 1.29 10.38 63.35
C VAL J 497 1.38 10.11 61.86
N LEU J 498 1.62 8.84 61.51
CA LEU J 498 1.70 8.38 60.12
C LEU J 498 0.48 7.52 59.80
N GLU J 499 0.41 7.09 58.55
CA GLU J 499 -0.37 5.91 58.17
C GLU J 499 0.41 5.13 57.11
N ILE J 500 -0.28 4.50 56.16
CA ILE J 500 0.29 3.33 55.48
C ILE J 500 0.55 3.60 53.98
N PRO J 501 0.86 2.56 53.10
CA PRO J 501 1.93 2.74 52.08
C PRO J 501 1.87 3.95 51.13
N GLY J 502 1.45 3.76 49.88
CA GLY J 502 1.45 4.82 48.88
C GLY J 502 0.05 5.40 48.72
N GLY J 503 -0.02 6.73 48.62
CA GLY J 503 -1.27 7.48 48.66
C GLY J 503 -1.22 8.51 49.77
N THR J 504 -2.38 9.15 50.05
CA THR J 504 -2.48 10.19 51.09
C THR J 504 -3.93 10.64 51.34
N PRO J 505 -4.28 11.14 52.59
CA PRO J 505 -5.66 11.57 52.85
C PRO J 505 -6.35 12.48 51.84
N THR J 506 -7.50 12.02 51.31
CA THR J 506 -8.43 12.91 50.63
C THR J 506 -9.56 13.41 51.55
N GLY J 507 -9.84 12.70 52.64
CA GLY J 507 -10.77 13.21 53.65
C GLY J 507 -10.37 12.78 55.05
N ILE J 508 -10.19 13.71 55.97
CA ILE J 508 -10.14 13.44 57.41
C ILE J 508 -11.36 14.11 58.05
N GLU J 509 -12.17 13.33 58.76
CA GLU J 509 -13.43 13.86 59.26
C GLU J 509 -13.71 13.39 60.68
N THR J 510 -13.74 14.32 61.62
CA THR J 510 -14.03 14.04 63.02
C THR J 510 -15.54 14.02 63.25
N ILE J 511 -15.94 13.47 64.39
CA ILE J 511 -17.33 13.43 64.80
C ILE J 511 -17.48 13.86 66.26
N PHE J 531 -7.74 11.49 82.89
CA PHE J 531 -6.51 12.14 82.48
C PHE J 531 -6.01 11.61 81.12
N GLU J 532 -6.93 11.48 80.15
CA GLU J 532 -6.58 10.96 78.84
C GLU J 532 -7.53 11.54 77.80
N LEU J 533 -7.20 11.31 76.52
CA LEU J 533 -7.97 11.85 75.38
C LEU J 533 -8.31 10.73 74.39
N VAL J 534 -9.60 10.67 74.01
CA VAL J 534 -10.07 9.82 72.93
C VAL J 534 -10.64 10.73 71.85
N VAL J 535 -10.09 10.60 70.64
CA VAL J 535 -10.59 11.38 69.51
C VAL J 535 -10.70 10.45 68.31
N ASP J 536 -11.85 10.46 67.65
CA ASP J 536 -12.18 9.45 66.65
C ASP J 536 -12.70 10.10 65.37
N PHE J 537 -12.41 9.47 64.23
CA PHE J 537 -12.70 10.09 62.94
C PHE J 537 -12.70 9.02 61.86
N LEU J 538 -12.91 9.45 60.62
CA LEU J 538 -12.73 8.58 59.47
C LEU J 538 -11.76 9.22 58.50
N VAL J 539 -11.02 8.37 57.77
CA VAL J 539 -10.17 8.82 56.70
C VAL J 539 -10.51 8.10 55.41
N LYS J 540 -10.32 8.81 54.32
CA LYS J 540 -10.38 8.28 52.97
C LYS J 540 -9.10 8.72 52.30
N LEU J 541 -8.41 7.77 51.67
CA LEU J 541 -7.11 8.00 51.07
C LEU J 541 -7.22 8.25 49.57
N ARG J 542 -6.28 9.04 49.06
CA ARG J 542 -6.10 9.18 47.63
C ARG J 542 -6.26 7.83 46.94
N ASN J 543 -7.18 7.77 45.99
CA ASN J 543 -7.32 6.61 45.10
C ASN J 543 -7.39 5.30 45.89
N SER J 544 -8.36 5.26 46.81
CA SER J 544 -8.70 4.02 47.51
C SER J 544 -10.13 4.15 48.00
N SER J 545 -11.03 3.35 47.44
CA SER J 545 -12.46 3.48 47.70
C SER J 545 -12.85 3.15 49.14
N GLU J 546 -11.90 2.77 49.99
CA GLU J 546 -12.22 2.40 51.36
C GLU J 546 -12.37 3.63 52.26
N VAL J 547 -13.15 3.44 53.32
CA VAL J 547 -13.45 4.45 54.32
C VAL J 547 -13.16 3.83 55.68
N TYR J 548 -12.12 4.32 56.36
CA TYR J 548 -11.61 3.64 57.56
C TYR J 548 -11.90 4.47 58.80
N TYR J 549 -12.59 3.85 59.75
CA TYR J 549 -12.80 4.43 61.07
C TYR J 549 -11.55 4.27 61.91
N TYR J 550 -11.14 5.35 62.56
CA TYR J 550 -10.02 5.34 63.48
C TYR J 550 -10.45 5.94 64.80
N ALA J 551 -9.76 5.52 65.86
CA ALA J 551 -9.91 6.05 67.19
C ALA J 551 -8.51 6.23 67.78
N LEU J 552 -8.36 7.25 68.64
CA LEU J 552 -7.08 7.54 69.25
C LEU J 552 -7.24 7.67 70.76
N SER J 553 -6.34 7.01 71.49
CA SER J 553 -6.28 7.01 72.95
C SER J 553 -4.92 7.48 73.43
N ASN J 554 -4.83 7.69 74.75
CA ASN J 554 -3.66 8.32 75.36
C ASN J 554 -2.62 7.30 75.86
N THR J 555 -3.03 6.35 76.71
CA THR J 555 -2.06 5.37 77.18
C THR J 555 -2.51 3.96 76.85
N GLN J 556 -2.00 2.99 77.62
CA GLN J 556 -2.10 1.58 77.28
C GLN J 556 -2.46 0.74 78.50
N ASN J 557 -3.49 1.18 79.24
CA ASN J 557 -4.02 0.42 80.37
C ASN J 557 -5.28 -0.31 79.92
N SER J 558 -5.20 -1.63 79.78
CA SER J 558 -6.34 -2.42 79.35
C SER J 558 -6.19 -3.88 79.79
N ILE J 567 2.17 -6.58 55.88
CA ILE J 567 1.02 -5.98 55.22
C ILE J 567 0.18 -7.07 54.53
N ILE J 568 -1.14 -6.99 54.70
CA ILE J 568 -2.09 -7.84 53.98
C ILE J 568 -1.99 -7.49 52.50
N VAL J 569 -0.93 -7.95 51.86
CA VAL J 569 -0.54 -7.42 50.55
C VAL J 569 -1.61 -7.73 49.51
N ASP J 570 -2.18 -6.68 48.95
CA ASP J 570 -2.79 -6.72 47.63
C ASP J 570 -2.16 -5.54 46.91
N HIS J 571 -0.91 -5.71 46.51
CA HIS J 571 -0.29 -4.80 45.56
C HIS J 571 -0.57 -5.35 44.18
N PRO J 572 -1.64 -4.87 43.51
CA PRO J 572 -2.09 -5.52 42.26
C PRO J 572 -1.02 -5.53 41.18
N GLU J 573 0.04 -4.76 41.35
CA GLU J 573 1.12 -4.79 40.37
C GLU J 573 1.97 -6.04 40.51
N TRP J 574 2.15 -6.54 41.75
CA TRP J 574 2.97 -7.73 41.98
C TRP J 574 2.16 -9.02 41.99
N ALA J 575 0.95 -9.01 42.58
CA ALA J 575 0.08 -10.18 42.51
C ALA J 575 -0.21 -10.59 41.07
N SER J 576 -0.47 -9.60 40.20
CA SER J 576 -0.58 -9.88 38.78
C SER J 576 0.69 -10.52 38.23
N LEU J 577 1.80 -10.39 38.95
CA LEU J 577 3.07 -10.97 38.54
C LEU J 577 3.33 -12.33 39.19
N PHE J 578 2.58 -12.69 40.22
CA PHE J 578 2.84 -13.91 40.97
C PHE J 578 1.78 -14.99 40.82
N ASN J 579 0.54 -14.63 40.50
CA ASN J 579 -0.59 -15.56 40.57
C ASN J 579 -1.03 -16.10 39.21
N ASN J 580 -0.13 -16.11 38.21
CA ASN J 580 -0.55 -16.12 36.81
C ASN J 580 -1.63 -17.16 36.52
N ALA J 581 -2.56 -16.76 35.63
CA ALA J 581 -3.94 -17.25 35.59
C ALA J 581 -4.11 -18.75 35.37
N ASP J 582 -4.08 -19.17 34.11
CA ASP J 582 -4.61 -20.47 33.68
C ASP J 582 -4.08 -21.65 34.48
N GLU J 583 -4.84 -22.75 34.50
CA GLU J 583 -4.46 -23.91 35.28
C GLU J 583 -3.18 -24.55 34.74
N ARG J 584 -3.01 -24.57 33.43
CA ARG J 584 -1.74 -25.01 32.87
C ARG J 584 -0.61 -24.04 33.19
N GLU J 585 -0.93 -22.83 33.62
CA GLU J 585 0.05 -21.90 34.14
C GLU J 585 0.20 -21.99 35.65
N LYS J 586 -0.55 -22.88 36.30
CA LYS J 586 -0.26 -23.34 37.66
C LYS J 586 0.59 -24.61 37.62
N GLU J 587 0.10 -25.65 36.96
CA GLU J 587 0.84 -26.90 36.82
C GLU J 587 2.07 -26.74 35.93
N SER J 588 2.14 -25.64 35.16
CA SER J 588 3.39 -25.30 34.50
C SER J 588 4.46 -24.96 35.54
N ILE J 589 4.15 -24.02 36.42
CA ILE J 589 5.09 -23.64 37.48
C ILE J 589 5.45 -24.85 38.32
N GLY J 590 4.44 -25.64 38.72
CA GLY J 590 4.71 -26.83 39.51
C GLY J 590 5.61 -27.82 38.79
N ALA J 591 5.42 -27.97 37.48
CA ALA J 591 6.29 -28.83 36.68
C ALA J 591 7.75 -28.38 36.77
N LEU J 592 8.00 -27.09 36.53
CA LEU J 592 9.36 -26.58 36.63
C LEU J 592 9.94 -26.79 38.03
N VAL J 593 9.14 -26.55 39.06
CA VAL J 593 9.58 -26.71 40.45
C VAL J 593 10.00 -28.15 40.72
N SER J 594 9.24 -29.13 40.21
CA SER J 594 9.62 -30.51 40.38
C SER J 594 10.91 -30.83 39.62
N GLN J 595 11.02 -30.35 38.38
CA GLN J 595 12.25 -30.52 37.61
C GLN J 595 13.46 -30.11 38.44
N ILE J 596 13.45 -28.88 38.95
CA ILE J 596 14.62 -28.42 39.70
C ILE J 596 14.76 -29.17 41.02
N LYS J 597 13.65 -29.58 41.65
CA LYS J 597 13.76 -30.21 42.96
C LYS J 597 14.46 -31.57 42.87
N LEU J 598 14.01 -32.43 41.95
CA LEU J 598 14.73 -33.68 41.72
C LEU J 598 16.16 -33.42 41.25
N LYS J 599 16.38 -32.39 40.42
CA LYS J 599 17.75 -32.04 40.07
C LYS J 599 18.59 -31.79 41.31
N GLU J 600 18.03 -31.06 42.28
CA GLU J 600 18.76 -30.78 43.50
C GLU J 600 19.08 -32.06 44.25
N ARG J 601 18.15 -33.03 44.22
CA ARG J 601 18.47 -34.34 44.76
C ARG J 601 19.67 -34.96 44.06
N GLU J 602 19.73 -34.82 42.73
CA GLU J 602 20.89 -35.30 42.00
C GLU J 602 22.16 -34.62 42.49
N ARG J 603 22.10 -33.31 42.78
CA ARG J 603 23.27 -32.61 43.30
C ARG J 603 23.70 -33.22 44.64
N ILE J 604 22.74 -33.45 45.55
CA ILE J 604 23.06 -33.95 46.89
C ILE J 604 23.71 -35.32 46.80
N SER J 605 22.97 -36.30 46.26
CA SER J 605 23.52 -37.65 46.12
C SER J 605 24.85 -37.63 45.39
N ARG J 606 24.97 -36.78 44.37
CA ARG J 606 26.17 -36.68 43.56
C ARG J 606 27.38 -36.27 44.40
N VAL J 607 27.34 -35.06 44.94
CA VAL J 607 28.50 -34.53 45.66
C VAL J 607 28.79 -35.31 46.94
N GLN J 608 27.81 -36.03 47.49
CA GLN J 608 27.99 -36.74 48.75
C GLN J 608 29.29 -37.54 48.78
N ASN J 609 29.46 -38.47 47.84
CA ASN J 609 30.67 -39.30 47.83
C ASN J 609 31.92 -38.46 47.62
N LEU J 610 31.82 -37.40 46.82
CA LEU J 610 32.94 -36.47 46.70
C LEU J 610 33.33 -35.90 48.05
N ILE J 611 32.35 -35.75 48.94
CA ILE J 611 32.68 -35.33 50.30
C ILE J 611 33.24 -36.50 51.10
N GLU J 612 32.78 -37.73 50.82
CA GLU J 612 33.34 -38.91 51.47
C GLU J 612 34.85 -38.99 51.25
N HIS J 613 35.31 -38.58 50.07
CA HIS J 613 36.75 -38.53 49.79
C HIS J 613 37.24 -37.11 50.03
N GLU J 614 37.76 -36.87 51.23
CA GLU J 614 38.55 -35.68 51.51
C GLU J 614 39.91 -36.13 52.01
N ASN J 615 40.95 -35.37 51.66
CA ASN J 615 42.33 -35.68 52.01
C ASN J 615 42.74 -37.10 51.60
N SER J 616 41.90 -37.78 50.82
CA SER J 616 42.23 -39.10 50.31
C SER J 616 43.35 -39.03 49.27
N HIS J 617 44.01 -40.16 49.05
CA HIS J 617 44.97 -40.21 47.96
C HIS J 617 44.29 -40.09 46.61
N ASP J 618 43.01 -40.48 46.53
CA ASP J 618 42.27 -40.32 45.28
C ASP J 618 42.06 -38.84 44.95
N GLU J 619 41.58 -38.06 45.93
CA GLU J 619 41.44 -36.62 45.73
C GLU J 619 42.79 -35.92 45.56
N ASP J 620 43.87 -36.52 46.07
CA ASP J 620 45.19 -36.00 45.77
C ASP J 620 45.55 -36.21 44.31
N LYS J 621 45.44 -37.45 43.82
CA LYS J 621 45.61 -37.74 42.40
C LYS J 621 44.81 -36.76 41.56
N TYR J 622 43.55 -36.55 41.96
CA TYR J 622 42.67 -35.68 41.20
C TYR J 622 43.13 -34.23 41.23
N LEU J 623 43.66 -33.76 42.37
CA LEU J 623 44.13 -32.38 42.40
C LEU J 623 45.44 -32.22 41.63
N GLN J 624 46.24 -33.28 41.53
CA GLN J 624 47.43 -33.25 40.70
C GLN J 624 47.06 -33.16 39.22
N ASP J 625 46.54 -34.28 38.68
CA ASP J 625 46.23 -34.34 37.26
C ASP J 625 45.23 -33.27 36.88
N LEU J 626 44.43 -32.82 37.84
CA LEU J 626 43.60 -31.64 37.66
C LEU J 626 44.46 -30.41 37.45
N GLY J 627 45.23 -30.03 38.48
CA GLY J 627 45.97 -28.79 38.43
C GLY J 627 46.86 -28.67 37.22
N TYR J 628 47.56 -29.75 36.86
CA TYR J 628 48.50 -29.60 35.77
C TYR J 628 47.95 -30.08 34.43
N ARG J 629 46.83 -30.81 34.43
CA ARG J 629 46.03 -30.94 33.21
C ARG J 629 45.54 -29.57 32.77
N LEU J 630 44.87 -28.86 33.67
CA LEU J 630 44.50 -27.47 33.43
C LEU J 630 45.71 -26.63 33.06
N SER J 631 46.88 -26.93 33.65
CA SER J 631 48.07 -26.20 33.24
C SER J 631 48.40 -26.43 31.76
N ILE J 632 48.27 -27.67 31.28
CA ILE J 632 48.54 -27.96 29.88
C ILE J 632 47.57 -27.19 28.97
N ALA J 633 46.27 -27.26 29.28
CA ALA J 633 45.29 -26.53 28.46
C ALA J 633 45.56 -25.03 28.49
N THR J 634 45.93 -24.51 29.66
CA THR J 634 46.25 -23.10 29.81
C THR J 634 47.42 -22.70 28.92
N ASN J 635 48.45 -23.55 28.86
CA ASN J 635 49.57 -23.26 27.98
C ASN J 635 49.12 -23.25 26.52
N GLU J 636 48.31 -24.24 26.12
CA GLU J 636 47.80 -24.26 24.74
C GLU J 636 47.10 -22.96 24.39
N LEU J 637 46.19 -22.52 25.26
CA LEU J 637 45.50 -21.26 25.02
C LEU J 637 46.48 -20.08 25.03
N LEU J 638 47.62 -20.21 25.71
CA LEU J 638 48.62 -19.14 25.68
C LEU J 638 49.37 -19.12 24.35
N GLU J 639 49.59 -20.30 23.74
CA GLU J 639 50.16 -20.35 22.40
C GLU J 639 49.21 -19.72 21.38
N SER J 640 47.93 -20.14 21.40
CA SER J 640 46.95 -19.51 20.52
C SER J 640 46.67 -18.07 20.90
N TRP J 641 47.19 -17.59 22.04
CA TRP J 641 47.30 -16.15 22.29
C TRP J 641 48.57 -15.56 21.72
N GLN J 642 49.61 -16.37 21.49
CA GLN J 642 50.80 -15.85 20.83
C GLN J 642 50.55 -15.63 19.35
N LYS J 643 49.79 -16.54 18.70
CA LYS J 643 49.55 -16.38 17.27
C LYS J 643 48.76 -15.11 16.96
N THR J 644 47.76 -14.79 17.79
CA THR J 644 46.94 -13.60 17.62
C THR J 644 47.45 -12.43 18.46
N LYS J 645 48.70 -12.49 18.93
CA LYS J 645 49.21 -11.48 19.85
C LYS J 645 49.23 -10.10 19.22
N ASP J 646 49.61 -10.00 17.95
CA ASP J 646 49.81 -8.71 17.31
C ASP J 646 48.52 -8.08 16.82
N GLU J 647 47.43 -8.25 17.55
CA GLU J 647 46.18 -7.61 17.16
C GLU J 647 46.25 -6.11 17.33
N SER J 648 46.57 -5.65 18.54
CA SER J 648 46.82 -4.25 18.84
C SER J 648 45.65 -3.34 18.50
N ILE J 649 44.49 -3.93 18.21
CA ILE J 649 43.27 -3.16 17.97
C ILE J 649 42.45 -3.01 19.25
N LEU J 650 42.42 -4.07 20.07
CA LEU J 650 41.85 -4.11 21.41
C LEU J 650 42.94 -4.50 22.41
N SER J 651 42.54 -4.73 23.67
CA SER J 651 43.46 -5.21 24.68
C SER J 651 42.81 -6.23 25.61
N GLY J 652 41.69 -6.81 25.20
CA GLY J 652 41.08 -7.89 25.95
C GLY J 652 41.07 -9.19 25.16
N SER J 653 41.88 -10.16 25.59
CA SER J 653 41.93 -11.43 24.89
C SER J 653 40.57 -12.12 24.93
N LEU J 654 40.37 -13.01 23.95
CA LEU J 654 39.06 -13.62 23.73
C LEU J 654 38.75 -14.70 24.76
N SER J 655 37.55 -14.62 25.33
CA SER J 655 37.00 -15.62 26.25
C SER J 655 38.04 -16.09 27.26
N HIS J 656 38.81 -15.14 27.78
CA HIS J 656 39.99 -15.45 28.57
C HIS J 656 39.68 -16.19 29.86
N SER J 657 39.29 -15.46 30.91
CA SER J 657 39.18 -16.01 32.26
C SER J 657 38.34 -17.27 32.33
N LYS J 658 38.96 -18.41 32.58
CA LYS J 658 38.19 -19.65 32.68
C LYS J 658 38.97 -20.80 33.34
N LEU J 659 38.25 -21.90 33.52
CA LEU J 659 38.81 -23.23 33.61
C LEU J 659 39.46 -23.67 32.30
N LYS J 660 39.20 -22.93 31.21
CA LYS J 660 39.64 -23.22 29.85
C LYS J 660 39.22 -24.61 29.38
N ASN J 661 38.04 -24.67 28.76
CA ASN J 661 37.43 -25.83 28.11
C ASN J 661 37.93 -27.17 28.63
N LEU J 662 37.75 -27.37 29.93
CA LEU J 662 37.68 -28.71 30.52
C LEU J 662 36.84 -28.48 31.77
N LEU J 663 35.58 -28.92 31.76
CA LEU J 663 34.65 -28.54 32.80
C LEU J 663 34.45 -29.61 33.87
N GLU J 664 34.50 -30.89 33.51
CA GLU J 664 34.33 -31.93 34.52
C GLU J 664 35.43 -31.85 35.58
N ASN J 665 36.57 -31.29 35.21
CA ASN J 665 37.72 -31.26 36.10
C ASN J 665 37.50 -30.35 37.31
N SER J 666 36.68 -29.31 37.15
CA SER J 666 36.32 -28.48 38.29
C SER J 666 35.74 -29.34 39.40
N ASP J 667 34.50 -29.79 39.21
CA ASP J 667 33.65 -30.21 40.32
C ASP J 667 34.33 -31.22 41.24
N SER J 668 34.86 -32.31 40.68
CA SER J 668 34.91 -33.59 41.40
C SER J 668 35.66 -33.53 42.73
N PHE J 669 36.53 -32.56 42.95
CA PHE J 669 37.17 -32.48 44.26
C PHE J 669 36.16 -31.97 45.30
N ALA J 670 36.60 -31.89 46.57
CA ALA J 670 35.70 -31.44 47.63
C ALA J 670 36.42 -31.06 48.91
N SER J 671 37.54 -30.36 48.81
CA SER J 671 38.31 -29.94 49.98
C SER J 671 38.83 -28.54 49.72
N ILE J 672 38.13 -27.54 50.25
CA ILE J 672 38.49 -26.15 49.96
C ILE J 672 39.97 -25.83 50.22
N PRO J 673 40.59 -26.23 51.35
CA PRO J 673 41.96 -25.76 51.61
C PRO J 673 43.01 -26.33 50.69
N GLU J 674 42.89 -27.61 50.32
CA GLU J 674 43.82 -28.19 49.36
C GLU J 674 43.61 -27.63 47.97
N PHE J 675 42.43 -27.10 47.71
CA PHE J 675 42.11 -26.47 46.44
C PHE J 675 42.64 -25.03 46.37
N SER J 676 42.54 -24.29 47.48
CA SER J 676 43.24 -23.02 47.60
C SER J 676 44.74 -23.21 47.45
N SER J 677 45.28 -24.30 48.01
CA SER J 677 46.71 -24.54 47.84
C SER J 677 47.04 -24.91 46.39
N LEU J 678 46.15 -25.65 45.72
CA LEU J 678 46.31 -25.88 44.28
C LEU J 678 46.45 -24.57 43.55
N LEU J 679 45.50 -23.66 43.75
CA LEU J 679 45.51 -22.39 43.03
C LEU J 679 46.75 -21.55 43.37
N ASP J 680 47.16 -21.54 44.63
CA ASP J 680 48.36 -20.79 45.00
C ASP J 680 49.59 -21.33 44.27
N GLN J 681 49.65 -22.65 44.11
CA GLN J 681 50.79 -23.24 43.40
C GLN J 681 50.62 -23.21 41.88
N PHE J 682 49.42 -22.93 41.38
CA PHE J 682 49.21 -22.68 39.95
C PHE J 682 49.65 -21.26 39.59
N PHE J 683 49.18 -20.28 40.33
CA PHE J 683 49.69 -18.92 40.18
C PHE J 683 51.20 -18.91 40.34
N GLN J 684 51.71 -19.64 41.34
CA GLN J 684 53.16 -19.80 41.47
C GLN J 684 53.76 -20.37 40.18
N TYR J 685 53.11 -21.39 39.60
CA TYR J 685 53.70 -22.10 38.47
C TYR J 685 53.78 -21.21 37.23
N TYR J 686 52.73 -20.45 36.95
CA TYR J 686 52.73 -19.58 35.78
C TYR J 686 53.31 -18.19 36.07
N GLN J 687 54.24 -18.10 37.02
CA GLN J 687 54.93 -16.84 37.30
C GLN J 687 55.83 -16.41 36.14
N ASP J 688 56.13 -17.31 35.20
CA ASP J 688 56.69 -16.92 33.92
C ASP J 688 55.84 -15.80 33.35
N GLN J 689 56.47 -14.65 33.13
CA GLN J 689 55.77 -13.37 33.09
C GLN J 689 54.86 -13.25 31.86
N ASP J 690 54.32 -12.04 31.66
CA ASP J 690 53.27 -11.76 30.67
C ASP J 690 52.07 -12.69 30.91
N VAL J 691 51.54 -12.64 32.13
CA VAL J 691 50.37 -13.40 32.52
C VAL J 691 49.64 -12.65 33.62
N THR J 692 48.34 -12.89 33.72
CA THR J 692 47.49 -12.13 34.61
C THR J 692 47.77 -12.44 36.08
N PHE J 693 47.56 -11.44 36.93
CA PHE J 693 47.61 -11.60 38.37
C PHE J 693 46.42 -10.85 38.98
N ILE J 694 45.64 -11.55 39.81
CA ILE J 694 44.51 -10.96 40.53
C ILE J 694 44.38 -11.62 41.89
N GLY J 695 44.48 -10.83 42.96
CA GLY J 695 44.45 -11.36 44.31
C GLY J 695 43.05 -11.45 44.86
N PHE J 696 42.59 -12.68 45.11
CA PHE J 696 41.18 -12.91 45.42
C PHE J 696 40.77 -12.25 46.73
N GLU J 697 41.52 -12.52 47.81
CA GLU J 697 41.20 -12.04 49.15
C GLU J 697 40.66 -10.61 49.17
N LYS J 698 41.40 -9.69 48.55
CA LYS J 698 41.00 -8.29 48.49
C LYS J 698 39.66 -8.12 47.80
N LEU J 699 39.17 -9.15 47.10
CA LEU J 699 37.86 -9.08 46.45
C LEU J 699 36.76 -9.77 47.25
N LEU J 700 37.08 -10.84 47.99
CA LEU J 700 36.12 -11.40 48.94
C LEU J 700 35.75 -10.36 49.98
N HIS J 701 36.67 -9.44 50.27
CA HIS J 701 36.36 -8.18 50.95
C HIS J 701 34.99 -7.62 50.54
N LEU J 702 34.64 -7.69 49.24
CA LEU J 702 33.33 -7.23 48.78
C LEU J 702 32.21 -8.18 49.12
N PHE J 703 32.51 -9.46 49.35
CA PHE J 703 31.48 -10.45 49.61
C PHE J 703 31.03 -10.42 51.06
N LEU J 704 31.96 -10.59 51.99
CA LEU J 704 31.61 -10.69 53.42
C LEU J 704 31.75 -9.39 54.17
N HIS J 705 32.29 -8.36 53.52
CA HIS J 705 32.38 -7.00 54.06
C HIS J 705 33.33 -6.89 55.24
N GLU J 706 34.27 -7.80 55.35
CA GLU J 706 35.41 -7.65 56.23
C GLU J 706 36.60 -8.28 55.54
N ASP J 707 37.79 -8.03 56.05
CA ASP J 707 38.96 -8.59 55.40
C ASP J 707 38.85 -10.11 55.42
N VAL J 708 38.95 -10.71 54.25
CA VAL J 708 38.89 -12.16 54.12
C VAL J 708 40.26 -12.61 53.63
N PRO J 709 41.26 -12.75 54.52
CA PRO J 709 42.61 -13.11 54.07
C PRO J 709 42.67 -14.39 53.26
N GLY J 710 42.20 -15.48 53.85
CA GLY J 710 42.26 -16.77 53.20
C GLY J 710 41.00 -17.11 52.42
N LEU J 711 41.21 -17.86 51.33
CA LEU J 711 40.08 -18.46 50.62
C LEU J 711 39.32 -19.41 51.53
N ASP J 712 39.95 -19.86 52.62
CA ASP J 712 39.31 -20.78 53.55
C ASP J 712 38.35 -20.07 54.49
N ILE J 713 38.82 -19.00 55.16
CA ILE J 713 38.01 -18.28 56.11
C ILE J 713 36.69 -17.85 55.49
N PHE J 714 36.71 -17.56 54.18
CA PHE J 714 35.49 -17.38 53.41
C PHE J 714 34.53 -18.54 53.64
N TYR J 715 35.02 -19.76 53.42
CA TYR J 715 34.24 -20.96 53.62
C TYR J 715 33.81 -21.14 55.08
N ASN J 716 34.71 -20.83 56.02
CA ASN J 716 34.34 -20.90 57.43
C ASN J 716 33.12 -20.04 57.73
N LYS J 717 33.20 -18.75 57.41
CA LYS J 717 32.12 -17.84 57.78
C LYS J 717 30.80 -18.25 57.12
N LEU J 718 30.85 -18.52 55.81
CA LEU J 718 29.62 -18.96 55.15
C LEU J 718 29.09 -20.23 55.82
N LEU J 719 29.99 -21.11 56.26
CA LEU J 719 29.56 -22.37 56.84
C LEU J 719 28.96 -22.19 58.23
N GLN J 720 29.46 -21.24 59.03
CA GLN J 720 28.78 -20.91 60.27
C GLN J 720 27.34 -20.51 59.98
N CYS J 721 27.20 -19.48 59.16
CA CYS J 721 25.88 -18.95 58.82
C CYS J 721 24.93 -20.08 58.41
N TRP J 722 25.35 -20.91 57.47
CA TRP J 722 24.41 -21.85 56.89
C TRP J 722 24.29 -23.13 57.70
N VAL J 723 25.31 -23.49 58.46
CA VAL J 723 25.19 -24.62 59.38
C VAL J 723 24.15 -24.31 60.43
N LEU J 724 23.84 -23.03 60.66
CA LEU J 724 22.68 -22.77 61.50
C LEU J 724 21.35 -23.12 60.83
N VAL J 725 21.30 -23.42 59.53
CA VAL J 725 20.04 -23.31 58.80
C VAL J 725 19.75 -24.47 57.84
N SER J 726 20.78 -25.14 57.34
CA SER J 726 20.44 -26.15 56.36
C SER J 726 21.15 -27.47 56.66
N PRO J 727 20.52 -28.59 56.33
CA PRO J 727 21.26 -29.86 56.31
C PRO J 727 22.23 -29.88 55.14
N GLN J 728 23.29 -30.65 55.28
CA GLN J 728 24.38 -30.65 54.30
C GLN J 728 24.78 -29.22 53.95
N ALA J 729 24.71 -28.33 54.94
CA ALA J 729 25.26 -27.00 54.76
C ALA J 729 26.73 -27.07 54.42
N GLU J 730 27.44 -28.12 54.88
CA GLU J 730 28.82 -28.32 54.45
C GLU J 730 28.92 -28.61 52.96
N LEU J 731 28.00 -29.43 52.44
CA LEU J 731 28.05 -29.79 51.03
C LEU J 731 27.69 -28.60 50.15
N LEU J 732 26.60 -27.91 50.46
CA LEU J 732 26.24 -26.72 49.68
C LEU J 732 27.31 -25.64 49.82
N THR J 733 27.67 -25.27 51.05
CA THR J 733 28.69 -24.25 51.24
C THR J 733 29.99 -24.60 50.48
N LYS J 734 30.34 -25.89 50.40
CA LYS J 734 31.52 -26.25 49.63
C LYS J 734 31.25 -26.11 48.15
N GLU J 735 30.06 -26.51 47.70
CA GLU J 735 29.68 -26.43 46.30
C GLU J 735 29.57 -24.98 45.82
N ILE J 736 29.35 -24.04 46.74
CA ILE J 736 29.09 -22.66 46.40
C ILE J 736 30.38 -21.87 46.54
N VAL J 737 31.24 -22.23 47.50
CA VAL J 737 32.56 -21.61 47.48
C VAL J 737 33.35 -22.12 46.28
N LYS J 738 33.13 -23.37 45.88
CA LYS J 738 33.69 -23.85 44.62
C LYS J 738 33.11 -23.08 43.44
N ASP J 739 31.79 -22.91 43.42
CA ASP J 739 31.16 -22.20 42.31
C ASP J 739 31.66 -20.76 42.22
N ILE J 740 31.81 -20.10 43.36
CA ILE J 740 32.30 -18.71 43.38
C ILE J 740 33.75 -18.66 42.91
N ILE J 741 34.61 -19.46 43.54
CA ILE J 741 36.03 -19.44 43.24
C ILE J 741 36.25 -19.76 41.76
N TRP J 742 35.33 -20.51 41.15
CA TRP J 742 35.39 -20.77 39.72
C TRP J 742 34.91 -19.56 38.91
N SER J 743 33.72 -19.03 39.27
CA SER J 743 33.18 -17.85 38.59
C SER J 743 34.17 -16.71 38.54
N LEU J 744 35.04 -16.59 39.54
CA LEU J 744 36.04 -15.53 39.56
C LEU J 744 37.42 -16.00 39.12
N ALA J 745 37.63 -17.32 38.96
CA ALA J 745 38.91 -17.91 38.60
C ALA J 745 39.56 -17.21 37.43
N ARG J 746 40.59 -16.40 37.72
CA ARG J 746 41.12 -15.48 36.73
C ARG J 746 41.91 -16.20 35.63
N LEU J 747 41.89 -15.61 34.43
CA LEU J 747 42.89 -15.81 33.38
C LEU J 747 42.63 -14.83 32.24
N GLU J 748 42.73 -13.53 32.50
CA GLU J 748 42.42 -12.52 31.50
C GLU J 748 43.53 -12.39 30.46
N LYS J 749 43.52 -11.30 29.69
CA LYS J 749 44.48 -11.11 28.62
C LYS J 749 45.92 -11.15 29.12
N PRO J 750 46.89 -11.38 28.23
CA PRO J 750 48.30 -11.17 28.61
C PRO J 750 48.48 -9.85 29.36
N SER J 751 49.33 -9.90 30.38
CA SER J 751 49.27 -8.91 31.45
C SER J 751 49.90 -7.58 31.03
N LEU J 752 49.89 -6.66 31.99
CA LEU J 752 50.24 -5.24 31.91
C LEU J 752 51.17 -4.82 30.76
N PHE J 753 52.09 -5.68 30.34
CA PHE J 753 52.93 -5.29 29.22
C PHE J 753 52.22 -5.38 27.89
N GLU J 754 51.16 -6.18 27.80
CA GLU J 754 50.39 -6.28 26.56
C GLU J 754 49.38 -5.13 26.42
N PRO J 755 48.70 -4.70 27.50
CA PRO J 755 47.78 -3.56 27.33
C PRO J 755 48.43 -2.27 26.85
N ILE J 756 49.63 -1.93 27.34
CA ILE J 756 50.23 -0.65 27.00
C ILE J 756 50.48 -0.53 25.50
N GLN J 757 50.60 -1.66 24.80
CA GLN J 757 50.75 -1.66 23.35
C GLN J 757 49.54 -1.04 22.67
N ASN J 758 48.35 -1.59 22.93
CA ASN J 758 47.13 -1.03 22.35
C ASN J 758 46.78 0.31 22.99
N GLU J 759 47.17 0.52 24.24
CA GLU J 759 46.99 1.80 24.90
C GLU J 759 47.63 2.92 24.08
N ILE J 760 48.93 2.79 23.81
CA ILE J 760 49.61 3.82 23.04
C ILE J 760 49.13 3.83 21.59
N SER J 761 48.84 2.64 21.02
CA SER J 761 48.49 2.60 19.60
C SER J 761 47.09 3.16 19.32
N ARG J 762 46.17 3.09 20.29
CA ARG J 762 44.92 3.83 20.17
C ARG J 762 45.14 5.30 20.49
N SER J 763 46.01 5.59 21.46
CA SER J 763 46.48 6.95 21.69
C SER J 763 47.32 7.49 20.54
N LEU J 764 47.41 6.77 19.42
CA LEU J 764 48.03 7.28 18.20
C LEU J 764 46.98 7.67 17.18
N SER J 765 46.12 6.72 16.78
CA SER J 765 45.13 6.96 15.75
C SER J 765 44.21 8.13 16.09
N GLY J 766 44.18 8.55 17.35
CA GLY J 766 43.46 9.75 17.72
C GLY J 766 44.21 11.00 17.31
N PRO J 767 43.47 12.06 16.99
CA PRO J 767 44.11 13.32 16.59
C PRO J 767 45.04 13.85 17.67
N TYR J 768 45.99 14.69 17.22
CA TYR J 768 47.23 14.90 17.97
C TYR J 768 47.02 15.55 19.34
N GLN J 769 46.03 16.43 19.49
CA GLN J 769 45.91 17.18 20.73
C GLN J 769 44.90 16.59 21.71
N ASP J 770 44.00 15.72 21.26
CA ASP J 770 43.39 14.79 22.20
C ASP J 770 44.46 13.85 22.74
N ILE J 771 45.39 13.43 21.88
CA ILE J 771 46.56 12.68 22.34
C ILE J 771 47.35 13.52 23.33
N ILE J 772 47.33 14.84 23.17
CA ILE J 772 47.98 15.70 24.14
C ILE J 772 47.16 15.81 25.43
N SER J 773 45.84 15.62 25.34
CA SER J 773 45.01 15.69 26.55
C SER J 773 45.07 14.40 27.37
N SER J 774 45.26 13.26 26.72
CA SER J 774 45.40 11.99 27.42
C SER J 774 46.53 12.12 28.45
N TRP J 775 46.17 11.95 29.71
CA TRP J 775 47.04 12.36 30.82
C TRP J 775 46.97 11.34 31.93
N ASP J 776 48.08 10.67 32.19
CA ASP J 776 48.21 9.82 33.36
C ASP J 776 48.77 10.65 34.53
N MET J 777 48.76 10.04 35.71
CA MET J 777 49.18 10.64 36.99
C MET J 777 48.84 12.12 37.09
N ASP J 778 47.62 12.43 37.54
CA ASP J 778 47.19 13.82 37.67
C ASP J 778 47.89 14.50 38.85
N ASP J 779 47.37 14.28 40.06
CA ASP J 779 47.94 14.82 41.29
C ASP J 779 47.32 14.14 42.50
N LYS K 94 38.52 35.92 30.86
CA LYS K 94 38.94 35.08 31.99
C LYS K 94 38.93 33.58 31.62
N LEU K 95 37.74 33.02 31.43
CA LEU K 95 37.61 31.59 31.18
C LEU K 95 37.60 31.28 29.67
N ILE K 96 38.00 30.06 29.34
CA ILE K 96 38.18 29.63 27.95
C ILE K 96 36.90 29.81 27.14
N GLY K 97 37.06 29.91 25.83
CA GLY K 97 35.93 29.90 24.92
C GLY K 97 36.05 28.87 23.84
N HIS K 98 34.99 28.07 23.67
CA HIS K 98 34.73 27.30 22.46
C HIS K 98 35.76 26.22 22.13
N GLU K 99 36.89 26.18 22.83
CA GLU K 99 37.71 24.98 22.77
C GLU K 99 38.14 24.56 24.17
N ALA K 100 37.26 24.77 25.15
CA ALA K 100 37.44 24.26 26.49
C ALA K 100 36.94 22.83 26.49
N LYS K 101 36.83 22.23 25.30
CA LYS K 101 36.74 20.78 25.22
C LYS K 101 37.94 20.14 25.92
N LEU K 102 39.12 20.74 25.76
CA LEU K 102 40.32 20.22 26.40
C LEU K 102 40.21 20.30 27.92
N LEU K 103 39.82 21.47 28.45
CA LEU K 103 39.70 21.62 29.89
C LEU K 103 38.59 20.72 30.43
N PHE K 104 37.49 20.63 29.69
CA PHE K 104 36.39 19.75 30.07
C PHE K 104 36.89 18.32 30.23
N LEU K 105 37.39 17.73 29.14
CA LEU K 105 37.89 16.37 29.23
C LEU K 105 39.03 16.24 30.23
N LYS K 106 39.69 17.34 30.61
CA LYS K 106 40.76 17.24 31.61
C LYS K 106 40.20 17.16 33.03
N SER K 107 39.22 18.00 33.38
CA SER K 107 38.58 17.82 34.68
C SER K 107 37.84 16.50 34.76
N PHE K 108 37.28 16.03 33.64
CA PHE K 108 36.59 14.75 33.62
C PHE K 108 37.55 13.59 33.86
N GLN K 109 38.58 13.50 33.02
CA GLN K 109 39.57 12.44 33.17
C GLN K 109 40.25 12.51 34.54
N PHE K 110 40.58 13.72 35.00
CA PHE K 110 41.18 13.87 36.32
C PHE K 110 40.25 13.34 37.41
N ILE K 111 38.96 13.64 37.32
CA ILE K 111 38.01 13.13 38.31
C ILE K 111 37.96 11.61 38.24
N LEU K 112 38.03 11.04 37.04
CA LEU K 112 38.03 9.59 36.89
C LEU K 112 39.22 8.98 37.63
N LYS K 113 40.44 9.34 37.23
CA LYS K 113 41.59 8.76 37.91
C LYS K 113 41.56 9.03 39.41
N ARG K 114 40.94 10.14 39.83
CA ARG K 114 40.75 10.36 41.27
C ARG K 114 39.90 9.26 41.90
N GLN K 115 38.79 8.92 41.23
CA GLN K 115 37.93 7.84 41.74
C GLN K 115 38.66 6.49 41.73
N ILE K 116 39.43 6.21 40.67
CA ILE K 116 40.20 4.97 40.63
C ILE K 116 41.17 4.91 41.79
N ARG K 117 41.87 6.01 42.07
CA ARG K 117 42.73 6.08 43.24
C ARG K 117 41.97 5.68 44.49
N TRP K 118 40.74 6.19 44.64
CA TRP K 118 39.98 5.81 45.83
C TRP K 118 39.54 4.35 45.81
N LEU K 119 39.42 3.71 44.63
CA LEU K 119 38.93 2.34 44.73
C LEU K 119 40.05 1.29 44.78
N ILE K 120 41.20 1.49 44.12
CA ILE K 120 42.33 0.63 44.41
C ILE K 120 42.77 0.83 45.86
N THR K 121 42.93 2.08 46.27
CA THR K 121 43.35 2.40 47.63
C THR K 121 42.32 1.89 48.65
N GLU K 122 41.16 2.55 48.71
CA GLU K 122 40.22 2.29 49.79
C GLU K 122 39.33 1.08 49.54
N MET K 123 39.26 0.55 48.32
CA MET K 123 38.47 -0.63 48.04
C MET K 123 39.30 -1.82 47.61
N ARG K 124 40.62 -1.69 47.64
CA ARG K 124 41.52 -2.81 47.36
C ARG K 124 41.17 -3.50 46.04
N PHE K 125 41.02 -2.68 44.99
CA PHE K 125 40.93 -3.14 43.61
C PHE K 125 42.31 -3.59 43.12
N PRO K 126 42.37 -4.28 41.98
CA PRO K 126 43.66 -4.54 41.33
C PRO K 126 44.16 -3.39 40.46
N LYS K 127 45.48 -3.30 40.33
CA LYS K 127 46.08 -2.21 39.55
C LYS K 127 45.76 -2.32 38.07
N GLU K 128 45.34 -3.51 37.61
CA GLU K 128 45.02 -3.72 36.20
C GLU K 128 43.80 -2.91 35.78
N PHE K 129 42.85 -2.73 36.71
CA PHE K 129 41.67 -1.94 36.43
C PHE K 129 42.03 -0.62 35.77
N GLU K 130 43.08 0.04 36.27
CA GLU K 130 43.46 1.34 35.74
C GLU K 130 43.75 1.27 34.25
N HIS K 131 44.52 0.27 33.82
CA HIS K 131 44.81 0.13 32.40
C HIS K 131 43.55 -0.20 31.61
N VAL K 132 42.65 -1.02 32.17
CA VAL K 132 41.39 -1.28 31.47
C VAL K 132 40.59 0.01 31.31
N ALA K 133 40.70 0.92 32.29
CA ALA K 133 40.00 2.19 32.21
C ALA K 133 40.64 3.12 31.18
N LYS K 134 41.97 3.16 31.13
CA LYS K 134 42.64 3.89 30.05
C LYS K 134 42.25 3.36 28.68
N ILE K 135 41.97 2.06 28.58
CA ILE K 135 41.60 1.51 27.28
C ILE K 135 40.17 1.91 26.91
N ILE K 136 39.22 1.83 27.85
CA ILE K 136 37.84 2.14 27.50
C ILE K 136 37.65 3.64 27.31
N TRP K 137 38.07 4.43 28.30
CA TRP K 137 38.07 5.88 28.18
C TRP K 137 38.91 6.35 27.00
N LEU K 138 39.94 5.57 26.64
CA LEU K 138 40.72 5.85 25.45
C LEU K 138 39.88 5.61 24.18
N LYS K 139 39.10 4.53 24.17
CA LYS K 139 38.29 4.21 23.00
C LYS K 139 37.24 5.29 22.77
N ILE K 140 36.52 5.68 23.82
CA ILE K 140 35.48 6.68 23.60
C ILE K 140 36.05 8.09 23.50
N LEU K 141 37.23 8.33 24.08
CA LEU K 141 37.92 9.60 23.82
C LEU K 141 38.30 9.71 22.35
N LYS K 142 38.84 8.63 21.79
CA LYS K 142 39.15 8.57 20.37
C LYS K 142 37.88 8.66 19.52
N THR K 143 36.74 8.22 20.04
CA THR K 143 35.53 8.32 19.24
C THR K 143 34.93 9.73 19.26
N ILE K 144 35.05 10.45 20.38
CA ILE K 144 34.54 11.82 20.38
C ILE K 144 35.53 12.78 19.75
N ASN K 145 36.81 12.39 19.70
CA ASN K 145 37.79 13.12 18.92
C ASN K 145 38.02 12.49 17.55
N ASP K 146 37.09 11.62 17.11
CA ASP K 146 36.83 11.42 15.70
C ASP K 146 35.49 12.03 15.32
N GLN K 147 34.98 12.87 16.17
CA GLN K 147 33.81 13.63 15.81
C GLN K 147 34.20 15.08 15.58
N PRO K 148 33.59 15.74 14.60
CA PRO K 148 34.12 17.02 14.15
C PRO K 148 33.68 18.21 14.99
N GLN K 149 32.37 18.43 15.03
CA GLN K 149 31.79 19.76 15.21
C GLN K 149 32.39 20.50 16.40
N GLU K 150 32.50 21.82 16.27
CA GLU K 150 32.80 22.64 17.43
C GLU K 150 31.63 22.66 18.40
N GLU K 151 30.41 22.48 17.90
CA GLU K 151 29.30 22.10 18.76
C GLU K 151 29.64 20.76 19.40
N LEU K 152 29.69 20.76 20.74
CA LEU K 152 30.36 19.70 21.47
C LEU K 152 29.66 18.36 21.26
N LYS K 153 28.35 18.32 21.48
CA LYS K 153 27.54 17.11 21.31
C LYS K 153 27.98 15.98 22.22
N LEU K 154 28.95 16.23 23.10
CA LEU K 154 29.35 15.21 24.06
C LEU K 154 28.55 15.37 25.35
N GLN K 155 28.25 14.23 25.99
CA GLN K 155 27.59 14.19 27.29
C GLN K 155 28.46 13.34 28.21
N LEU K 156 29.51 13.96 28.74
CA LEU K 156 30.31 13.35 29.79
C LEU K 156 29.70 13.77 31.12
N HIS K 157 28.56 13.15 31.44
CA HIS K 157 27.99 13.22 32.77
C HIS K 157 28.70 12.24 33.69
N MET K 158 28.39 12.33 34.98
CA MET K 158 28.99 11.43 35.96
C MET K 158 28.65 9.97 35.67
N THR K 159 27.44 9.73 35.18
CA THR K 159 27.04 8.42 34.70
C THR K 159 28.03 7.82 33.71
N SER K 160 28.80 8.65 33.01
CA SER K 160 29.83 8.11 32.12
C SER K 160 31.03 7.63 32.91
N THR K 161 31.42 8.39 33.95
CA THR K 161 32.46 7.92 34.87
C THR K 161 32.12 6.55 35.43
N ILE K 162 30.97 6.48 36.11
CA ILE K 162 30.55 5.20 36.67
C ILE K 162 30.36 4.17 35.56
N SER K 163 29.95 4.62 34.37
CA SER K 163 29.71 3.70 33.28
C SER K 163 30.99 3.00 32.84
N ILE K 164 32.09 3.72 32.76
CA ILE K 164 33.31 3.04 32.32
C ILE K 164 33.95 2.30 33.47
N LEU K 165 33.73 2.74 34.71
CA LEU K 165 34.16 1.93 35.84
C LEU K 165 33.48 0.56 35.83
N TYR K 166 32.14 0.54 35.76
CA TYR K 166 31.42 -0.73 35.68
C TYR K 166 31.81 -1.52 34.44
N LEU K 167 31.94 -0.86 33.29
CA LEU K 167 32.32 -1.56 32.07
C LEU K 167 33.66 -2.29 32.27
N ALA K 168 34.66 -1.58 32.78
CA ALA K 168 35.97 -2.18 32.99
C ALA K 168 35.91 -3.29 34.03
N SER K 169 35.24 -3.03 35.16
CA SER K 169 35.08 -4.03 36.19
C SER K 169 34.45 -5.31 35.64
N THR K 170 33.47 -5.16 34.75
CA THR K 170 32.77 -6.31 34.19
C THR K 170 33.63 -7.08 33.20
N HIS K 171 34.43 -6.37 32.39
CA HIS K 171 35.43 -7.08 31.60
C HIS K 171 36.31 -7.93 32.50
N LEU K 172 36.84 -7.32 33.56
CA LEU K 172 37.71 -8.05 34.48
C LEU K 172 36.98 -9.04 35.37
N SER K 173 35.66 -9.23 35.22
CA SER K 173 34.93 -10.29 35.93
C SER K 173 35.00 -10.16 37.45
N LEU K 174 35.28 -8.96 37.96
CA LEU K 174 35.26 -8.73 39.40
C LEU K 174 33.82 -8.78 39.91
N PRO K 175 33.61 -9.23 41.16
CA PRO K 175 32.24 -9.48 41.62
C PRO K 175 31.61 -8.21 42.14
N VAL K 176 31.95 -7.09 41.54
CA VAL K 176 31.31 -5.83 41.85
C VAL K 176 30.13 -5.65 40.91
N TYR K 177 29.05 -5.09 41.43
CA TYR K 177 27.82 -4.88 40.67
C TYR K 177 27.37 -3.45 40.89
N THR K 178 26.36 -3.05 40.11
CA THR K 178 25.95 -1.65 40.09
C THR K 178 25.62 -1.12 41.47
N CYS K 179 24.97 -1.94 42.30
CA CYS K 179 24.55 -1.55 43.64
C CYS K 179 25.72 -1.23 44.55
N ASP K 180 26.84 -1.94 44.37
CA ASP K 180 28.08 -1.53 45.02
C ASP K 180 28.43 -0.09 44.68
N TYR K 181 28.32 0.28 43.40
CA TYR K 181 28.63 1.64 42.99
C TYR K 181 27.65 2.64 43.60
N ILE K 182 26.35 2.39 43.45
CA ILE K 182 25.33 3.29 44.01
C ILE K 182 25.59 3.52 45.50
N LYS K 183 25.82 2.44 46.25
CA LYS K 183 26.15 2.59 47.66
C LYS K 183 27.40 3.46 47.84
N TRP K 184 28.45 3.14 47.08
CA TRP K 184 29.74 3.80 47.24
C TRP K 184 29.63 5.31 47.02
N ILE K 185 28.83 5.72 46.05
CA ILE K 185 28.76 7.13 45.72
C ILE K 185 27.74 7.86 46.59
N CYS K 186 26.59 7.23 46.86
CA CYS K 186 25.59 7.90 47.69
C CYS K 186 26.06 8.05 49.12
N THR K 187 27.02 7.25 49.58
CA THR K 187 27.58 7.43 50.92
C THR K 187 28.82 8.30 50.93
N ALA K 188 29.02 9.09 49.88
CA ALA K 188 30.07 10.11 49.82
C ALA K 188 31.48 9.55 49.99
N LYS K 189 31.60 8.22 50.07
CA LYS K 189 32.92 7.62 50.18
C LYS K 189 33.68 7.88 48.89
N MET K 190 33.24 7.27 47.81
CA MET K 190 33.79 7.55 46.50
C MET K 190 33.39 8.94 46.05
N PRO K 191 34.32 9.88 45.89
CA PRO K 191 33.96 11.24 45.50
C PRO K 191 33.17 11.26 44.20
N TYR K 192 32.08 12.03 44.19
CA TYR K 192 31.17 12.01 43.04
C TYR K 192 30.52 13.36 42.79
N PHE K 193 29.78 13.87 43.77
CA PHE K 193 28.71 14.82 43.46
C PHE K 193 29.17 16.22 43.03
N GLN K 194 30.44 16.57 43.18
CA GLN K 194 30.87 17.93 42.93
C GLN K 194 31.87 17.94 41.78
N ALA K 195 31.59 18.71 40.75
CA ALA K 195 32.58 18.96 39.72
C ALA K 195 33.77 19.65 40.37
N SER K 196 34.89 18.93 40.54
CA SER K 196 36.05 19.40 41.29
C SER K 196 35.61 19.99 42.63
N GLU K 197 35.41 19.13 43.63
CA GLU K 197 34.81 19.52 44.91
C GLU K 197 35.51 20.73 45.54
N ILE K 198 34.81 21.42 46.44
CA ILE K 198 35.28 22.68 47.02
C ILE K 198 36.67 22.50 47.61
N LEU K 199 37.57 23.42 47.24
CA LEU K 199 38.93 23.44 47.75
C LEU K 199 39.58 24.80 47.49
N ARG K 204 39.91 25.65 42.30
CA ARG K 204 40.42 24.61 41.42
C ARG K 204 40.59 25.19 40.02
N ILE K 205 39.52 25.13 39.22
CA ILE K 205 39.51 25.64 37.85
C ILE K 205 38.18 26.33 37.61
N GLN K 206 38.22 27.41 36.82
CA GLN K 206 37.02 28.10 36.38
C GLN K 206 36.84 27.85 34.88
N LEU K 207 35.76 27.16 34.54
CA LEU K 207 35.48 26.71 33.18
C LEU K 207 34.25 27.43 32.67
N PRO K 208 33.96 27.38 31.37
CA PRO K 208 32.70 27.95 30.88
C PRO K 208 31.50 27.27 31.53
N ASN K 209 30.61 28.09 32.09
CA ASN K 209 29.44 27.62 32.83
C ASN K 209 28.61 26.62 32.03
N TYR K 210 28.81 26.54 30.72
CA TYR K 210 28.14 25.52 29.91
C TYR K 210 28.62 24.12 30.29
N TYR K 211 29.91 23.97 30.56
CA TYR K 211 30.46 22.66 30.92
C TYR K 211 30.22 22.32 32.39
N VAL K 212 30.36 23.28 33.31
CA VAL K 212 30.00 23.03 34.69
C VAL K 212 28.58 22.48 34.77
N SER K 213 27.67 23.03 33.96
CA SER K 213 26.34 22.46 33.87
C SER K 213 26.35 21.09 33.19
N ILE K 214 27.23 20.89 32.21
CA ILE K 214 27.31 19.57 31.57
C ILE K 214 27.80 18.51 32.56
N LEU K 215 28.43 18.92 33.67
CA LEU K 215 28.88 17.99 34.70
C LEU K 215 27.81 17.83 35.78
N GLU K 216 27.44 18.93 36.44
CA GLU K 216 26.48 18.83 37.54
C GLU K 216 25.15 18.27 37.08
N GLY K 217 24.80 18.46 35.81
CA GLY K 217 23.56 17.95 35.31
C GLY K 217 23.62 16.47 35.00
N SER K 218 22.44 15.86 34.99
CA SER K 218 22.29 14.41 34.78
C SER K 218 23.09 13.62 35.81
N ILE K 219 23.05 14.07 37.06
CA ILE K 219 23.91 13.51 38.08
C ILE K 219 23.36 12.20 38.62
N SER K 220 22.03 12.04 38.62
CA SER K 220 21.43 10.93 39.36
C SER K 220 21.51 9.64 38.55
N PRO K 221 21.74 8.51 39.21
CA PRO K 221 21.64 7.20 38.56
C PRO K 221 20.31 6.50 38.76
N PHE K 222 19.34 7.16 39.39
CA PHE K 222 18.38 6.49 40.25
C PHE K 222 17.14 5.97 39.54
N ASN K 223 17.04 6.11 38.22
CA ASN K 223 15.91 5.46 37.56
C ASN K 223 16.41 4.44 36.55
N GLY K 224 17.56 3.84 36.83
CA GLY K 224 18.22 3.05 35.83
C GLY K 224 19.10 3.84 34.90
N GLN K 225 19.31 5.13 35.20
CA GLN K 225 20.23 5.94 34.39
C GLN K 225 21.57 5.26 34.24
N LEU K 226 21.98 4.49 35.25
CA LEU K 226 23.26 3.80 35.16
C LEU K 226 23.19 2.65 34.16
N TYR K 227 22.16 1.82 34.24
CA TYR K 227 22.03 0.72 33.28
C TYR K 227 21.95 1.24 31.87
N ASN K 228 21.21 2.32 31.65
CA ASN K 228 21.03 2.92 30.33
C ASN K 228 22.33 3.56 29.85
N LYS K 229 23.10 4.16 30.75
CA LYS K 229 24.35 4.79 30.36
C LYS K 229 25.46 3.76 30.12
N ILE K 230 25.38 2.60 30.78
CA ILE K 230 26.39 1.58 30.52
C ILE K 230 26.08 0.85 29.23
N ALA K 231 24.79 0.67 28.90
CA ALA K 231 24.47 0.13 27.59
C ALA K 231 24.80 1.14 26.49
N LEU K 232 24.63 2.43 26.79
CA LEU K 232 24.96 3.46 25.82
C LEU K 232 26.46 3.51 25.54
N THR K 233 27.28 3.50 26.60
CA THR K 233 28.73 3.34 26.41
C THR K 233 29.05 2.05 25.66
N CYS K 234 28.29 0.97 25.95
CA CYS K 234 28.51 -0.33 25.31
C CYS K 234 28.20 -0.31 23.83
N GLY K 235 27.40 0.64 23.38
CA GLY K 235 27.33 0.91 21.96
C GLY K 235 28.47 1.83 21.50
N MET K 236 28.69 2.91 22.26
CA MET K 236 29.64 3.95 21.85
C MET K 236 30.98 3.35 21.43
N ILE K 237 31.52 2.44 22.24
CA ILE K 237 32.53 1.53 21.75
C ILE K 237 32.05 0.12 22.05
N HIS K 238 32.28 -0.80 21.11
CA HIS K 238 31.52 -2.04 21.07
C HIS K 238 32.01 -3.03 22.13
N PHE K 239 31.05 -3.61 22.86
CA PHE K 239 31.38 -4.60 23.89
C PHE K 239 31.97 -5.87 23.29
N LYS K 240 31.44 -6.31 22.16
CA LYS K 240 31.52 -7.70 21.74
C LYS K 240 32.94 -8.18 21.54
N GLU K 241 33.59 -7.71 20.48
CA GLU K 241 34.95 -8.17 20.21
C GLU K 241 35.94 -7.56 21.18
N PHE K 242 35.80 -6.26 21.46
CA PHE K 242 36.85 -5.57 22.21
C PHE K 242 36.95 -6.06 23.65
N PHE K 243 35.83 -6.43 24.26
CA PHE K 243 35.83 -6.80 25.66
C PHE K 243 34.99 -8.05 25.88
N ASN K 244 34.96 -8.49 27.13
CA ASN K 244 34.20 -9.66 27.54
C ASN K 244 33.15 -9.14 28.50
N SER K 245 31.95 -8.97 27.97
CA SER K 245 30.86 -8.33 28.71
C SER K 245 29.88 -9.35 29.27
N GLU K 246 30.42 -10.36 29.94
CA GLU K 246 29.64 -11.31 30.73
C GLU K 246 29.69 -10.87 32.19
N ILE K 247 28.52 -10.80 32.83
CA ILE K 247 28.47 -10.32 34.21
C ILE K 247 28.91 -11.43 35.17
N SER K 248 29.38 -11.02 36.35
CA SER K 248 29.86 -11.96 37.37
C SER K 248 28.67 -12.51 38.15
N CYS K 249 27.98 -13.47 37.53
CA CYS K 249 26.61 -13.80 37.92
C CYS K 249 26.54 -14.44 39.30
N GLN K 250 27.43 -15.39 39.56
CA GLN K 250 27.24 -16.28 40.70
C GLN K 250 27.55 -15.57 42.02
N GLY K 251 28.56 -14.70 42.03
CA GLY K 251 28.75 -13.84 43.18
C GLY K 251 27.57 -12.90 43.45
N LEU K 252 26.82 -12.53 42.40
CA LEU K 252 25.62 -11.75 42.62
C LEU K 252 24.53 -12.59 43.27
N LEU K 253 24.45 -13.86 42.87
CA LEU K 253 23.57 -14.80 43.55
C LEU K 253 23.92 -14.90 45.03
N LEU K 254 25.20 -15.08 45.35
CA LEU K 254 25.62 -15.16 46.75
C LEU K 254 25.26 -13.87 47.49
N LYS K 255 25.67 -12.74 46.92
CA LYS K 255 25.37 -11.40 47.43
C LYS K 255 23.89 -11.33 47.78
N LEU K 256 23.07 -11.96 46.95
CA LEU K 256 21.63 -11.82 47.02
C LEU K 256 21.02 -12.72 48.08
N VAL K 257 21.48 -13.97 48.18
CA VAL K 257 20.98 -14.87 49.23
C VAL K 257 21.38 -14.34 50.60
N MET K 258 22.68 -14.05 50.80
CA MET K 258 23.11 -13.39 52.03
C MET K 258 22.40 -12.06 52.26
N GLN K 259 22.04 -11.35 51.19
CA GLN K 259 21.35 -10.07 51.39
C GLN K 259 19.96 -10.30 51.96
N CYS K 260 19.28 -11.34 51.51
CA CYS K 260 18.14 -11.85 52.27
C CYS K 260 18.70 -12.66 53.42
N ALA K 261 17.96 -13.64 53.91
CA ALA K 261 18.59 -14.60 54.80
C ALA K 261 18.23 -15.98 54.33
N LEU K 262 18.22 -16.13 53.02
CA LEU K 262 17.75 -17.37 52.45
C LEU K 262 18.75 -18.48 52.71
N PRO K 263 18.27 -19.71 52.91
CA PRO K 263 19.18 -20.84 53.01
C PRO K 263 19.88 -21.08 51.70
N PRO K 264 21.11 -21.66 51.74
CA PRO K 264 21.93 -21.72 50.53
C PRO K 264 21.34 -22.56 49.40
N GLU K 265 20.18 -23.19 49.61
CA GLU K 265 19.53 -23.89 48.51
C GLU K 265 19.07 -22.92 47.43
N PHE K 266 18.68 -21.71 47.80
CA PHE K 266 18.14 -20.78 46.83
C PHE K 266 19.21 -20.26 45.88
N TYR K 267 20.48 -20.32 46.27
CA TYR K 267 21.54 -20.06 45.31
C TYR K 267 21.45 -21.02 44.14
N PHE K 268 21.30 -22.31 44.44
CA PHE K 268 21.24 -23.27 43.35
C PHE K 268 19.88 -23.28 42.67
N TYR K 269 18.79 -23.05 43.40
CA TYR K 269 17.50 -22.81 42.80
C TYR K 269 17.58 -21.74 41.71
N THR K 270 17.85 -20.50 42.12
CA THR K 270 17.85 -19.40 41.17
C THR K 270 18.90 -19.62 40.09
N LYS K 271 20.07 -20.14 40.46
CA LYS K 271 21.07 -20.48 39.44
C LYS K 271 20.48 -21.43 38.40
N GLN K 272 19.58 -22.31 38.82
CA GLN K 272 19.02 -23.28 37.89
C GLN K 272 17.94 -22.67 37.01
N VAL K 273 17.03 -21.86 37.57
CA VAL K 273 16.08 -21.15 36.71
C VAL K 273 16.84 -20.28 35.71
N ILE K 274 17.91 -19.65 36.18
CA ILE K 274 18.80 -18.87 35.31
C ILE K 274 19.27 -19.71 34.13
N GLU K 275 19.90 -20.87 34.42
CA GLU K 275 20.33 -21.74 33.34
C GLU K 275 19.15 -22.19 32.49
N PHE K 276 17.95 -22.22 33.06
CA PHE K 276 16.78 -22.75 32.37
C PHE K 276 16.34 -21.82 31.25
N GLU K 277 16.27 -20.53 31.53
CA GLU K 277 15.84 -19.61 30.48
C GLU K 277 16.99 -19.14 29.59
N GLU K 278 18.21 -19.07 30.13
CA GLU K 278 19.35 -18.56 29.36
C GLU K 278 20.38 -19.61 28.95
N THR K 279 20.67 -20.60 29.81
CA THR K 279 21.87 -21.45 29.75
C THR K 279 23.15 -20.66 30.02
N ASP K 280 23.00 -19.55 30.73
CA ASP K 280 24.06 -18.66 31.20
C ASP K 280 24.85 -18.03 30.07
N ILE K 281 24.25 -17.04 29.44
CA ILE K 281 24.88 -16.13 28.48
C ILE K 281 24.29 -14.76 28.75
N ARG K 282 25.13 -13.80 29.14
CA ARG K 282 24.64 -12.51 29.61
C ARG K 282 25.48 -11.37 29.06
N ASN K 283 24.83 -10.46 28.34
CA ASN K 283 25.44 -9.43 27.53
C ASN K 283 25.42 -8.09 28.28
N LEU K 284 25.98 -7.05 27.63
CA LEU K 284 25.98 -5.69 28.16
C LEU K 284 25.32 -4.64 27.26
N THR K 285 25.38 -4.77 25.94
CA THR K 285 24.70 -3.79 25.11
C THR K 285 23.20 -4.01 25.18
N LEU K 286 22.47 -2.91 25.21
CA LEU K 286 21.06 -2.82 24.87
C LEU K 286 20.87 -1.67 23.92
N TRP K 287 21.85 -1.48 23.05
CA TRP K 287 22.08 -0.24 22.33
C TRP K 287 21.50 -0.32 20.92
N GLU K 288 20.71 0.69 20.57
CA GLU K 288 20.42 1.11 19.19
C GLU K 288 20.25 2.62 19.30
N ARG K 289 21.36 3.37 19.15
CA ARG K 289 21.44 4.74 19.65
C ARG K 289 20.22 5.55 19.23
N THR K 290 19.50 6.03 20.24
CA THR K 290 18.26 6.77 20.04
C THR K 290 17.85 7.38 21.36
N ASP K 291 16.55 7.64 21.48
CA ASP K 291 15.86 7.41 22.74
C ASP K 291 14.81 6.32 22.60
N GLU K 292 14.43 5.97 21.36
CA GLU K 292 13.25 5.18 21.11
C GLU K 292 13.45 3.71 21.48
N ARG K 293 12.43 3.15 22.13
CA ARG K 293 12.35 1.75 22.55
C ARG K 293 10.96 1.54 23.14
N HIS K 294 10.35 0.39 22.84
CA HIS K 294 9.03 0.15 23.41
C HIS K 294 8.65 -1.32 23.57
N THR K 295 9.48 -2.25 23.09
CA THR K 295 9.23 -3.67 23.40
C THR K 295 10.50 -4.48 23.21
N GLY K 296 10.66 -5.49 24.07
CA GLY K 296 11.81 -6.36 24.08
C GLY K 296 12.99 -5.85 24.89
N ARG K 297 12.99 -4.58 25.28
CA ARG K 297 14.18 -3.92 25.82
C ARG K 297 13.91 -3.18 27.12
N VAL K 298 12.98 -3.68 27.94
CA VAL K 298 12.96 -3.32 29.35
C VAL K 298 13.84 -4.27 30.15
N SER K 299 14.10 -5.46 29.61
CA SER K 299 14.78 -6.55 30.29
C SER K 299 15.85 -7.05 29.33
N ASN K 300 16.98 -6.35 29.31
CA ASN K 300 18.16 -6.93 28.67
C ASN K 300 19.42 -6.31 29.25
N HIS K 301 19.30 -5.65 30.38
CA HIS K 301 20.41 -5.47 31.32
C HIS K 301 20.44 -6.70 32.21
N ALA K 302 21.55 -7.43 32.15
CA ALA K 302 21.62 -8.77 32.74
C ALA K 302 21.14 -8.78 34.19
N GLU K 303 21.70 -7.88 35.00
CA GLU K 303 21.40 -7.86 36.41
C GLU K 303 19.90 -7.87 36.66
N LEU K 304 19.18 -6.87 36.13
CA LEU K 304 17.75 -6.77 36.37
C LEU K 304 17.02 -8.09 36.10
N ARG K 305 17.47 -8.82 35.07
CA ARG K 305 16.92 -10.15 34.83
C ARG K 305 17.31 -11.12 35.94
N VAL K 306 18.54 -11.01 36.44
CA VAL K 306 18.97 -11.84 37.57
C VAL K 306 18.05 -11.62 38.77
N LEU K 307 17.86 -10.37 39.17
CA LEU K 307 16.91 -10.08 40.24
C LEU K 307 15.54 -10.65 39.92
N SER K 308 15.13 -10.58 38.65
CA SER K 308 13.80 -11.07 38.28
C SER K 308 13.68 -12.57 38.48
N TYR K 309 14.68 -13.33 38.01
CA TYR K 309 14.74 -14.76 38.27
C TYR K 309 14.76 -15.05 39.77
N PHE K 310 15.46 -14.22 40.53
CA PHE K 310 15.57 -14.41 41.97
C PHE K 310 14.19 -14.34 42.62
N MET K 311 13.51 -13.21 42.43
CA MET K 311 12.13 -13.05 42.90
C MET K 311 11.25 -14.21 42.46
N LEU K 312 11.22 -14.43 41.15
CA LEU K 312 10.39 -15.51 40.59
C LEU K 312 10.67 -16.81 41.31
N THR K 313 11.93 -17.23 41.31
CA THR K 313 12.37 -18.41 42.04
C THR K 313 11.71 -18.47 43.40
N ILE K 314 11.88 -17.43 44.23
CA ILE K 314 11.34 -17.48 45.59
C ILE K 314 9.83 -17.73 45.55
N ASN K 315 9.12 -17.03 44.65
CA ASN K 315 7.66 -17.18 44.59
C ASN K 315 7.25 -18.60 44.19
N TRP K 316 7.75 -19.07 43.07
CA TRP K 316 7.44 -20.40 42.57
C TRP K 316 7.84 -21.44 43.60
N MET K 317 9.15 -21.59 43.81
CA MET K 317 9.72 -22.49 44.80
C MET K 317 8.93 -22.53 46.10
N LEU K 318 8.65 -21.38 46.70
CA LEU K 318 7.99 -21.41 48.00
C LEU K 318 6.51 -21.74 47.89
N SER K 319 5.86 -21.35 46.80
CA SER K 319 4.43 -21.62 46.65
C SER K 319 4.15 -22.98 46.02
N PHE K 320 5.18 -23.78 45.75
CA PHE K 320 4.98 -25.12 45.21
C PHE K 320 5.91 -26.14 45.87
N ASP K 321 6.21 -25.95 47.16
CA ASP K 321 6.93 -26.96 47.92
C ASP K 321 5.95 -28.04 48.39
N ARG K 322 5.34 -28.72 47.42
CA ARG K 322 4.40 -29.79 47.74
C ARG K 322 4.99 -30.79 48.72
N ASP K 323 6.31 -30.83 48.84
CA ASP K 323 6.98 -31.48 49.95
C ASP K 323 6.59 -30.87 51.29
N ARG K 324 6.29 -29.56 51.32
CA ARG K 324 6.17 -28.77 52.55
C ARG K 324 7.52 -28.67 53.25
N GLN K 325 8.55 -28.33 52.47
CA GLN K 325 9.91 -28.18 52.98
C GLN K 325 10.10 -26.86 53.69
N TYR K 326 9.32 -25.83 53.34
CA TYR K 326 9.51 -24.48 53.88
C TYR K 326 8.27 -24.05 54.63
N PRO K 327 8.32 -24.06 55.96
CA PRO K 327 7.09 -23.97 56.76
C PRO K 327 6.30 -22.69 56.54
N LEU K 328 4.99 -22.80 56.74
CA LEU K 328 4.10 -21.64 56.70
C LEU K 328 4.57 -20.54 57.66
N LYS K 329 5.29 -20.92 58.71
CA LYS K 329 5.80 -20.00 59.72
C LYS K 329 7.16 -19.40 59.33
N TRP K 330 8.13 -20.25 58.98
CA TRP K 330 9.48 -19.79 58.68
C TRP K 330 9.50 -18.75 57.57
N ILE K 331 8.47 -18.67 56.74
CA ILE K 331 8.35 -17.55 55.82
C ILE K 331 8.07 -16.27 56.57
N LEU K 332 7.25 -16.36 57.62
CA LEU K 332 7.03 -15.20 58.48
C LEU K 332 8.29 -14.82 59.24
N SER K 333 8.91 -15.78 59.92
CA SER K 333 10.12 -15.47 60.69
C SER K 333 11.24 -14.97 59.80
N LEU K 334 11.28 -15.44 58.56
CA LEU K 334 12.20 -14.88 57.57
C LEU K 334 11.85 -13.42 57.28
N THR K 335 10.56 -13.14 57.05
CA THR K 335 10.15 -11.76 56.81
C THR K 335 10.51 -10.86 57.98
N GLU K 336 10.38 -11.35 59.22
CA GLU K 336 10.62 -10.50 60.38
C GLU K 336 12.12 -10.31 60.62
N SER K 337 12.92 -11.36 60.47
CA SER K 337 14.37 -11.20 60.59
C SER K 337 14.92 -10.29 59.51
N LEU K 338 14.26 -10.28 58.34
CA LEU K 338 14.59 -9.33 57.29
C LEU K 338 14.14 -7.91 57.65
N THR K 339 13.05 -7.79 58.40
CA THR K 339 12.45 -6.47 58.64
C THR K 339 13.11 -5.74 59.81
N GLN K 340 13.61 -6.46 60.81
CA GLN K 340 14.15 -5.86 62.02
C GLN K 340 15.29 -4.88 61.70
N ARG K 341 15.00 -3.58 61.80
CA ARG K 341 16.00 -2.56 61.54
C ARG K 341 17.10 -2.61 62.59
N THR K 342 18.28 -3.09 62.18
CA THR K 342 19.44 -3.17 63.05
C THR K 342 20.58 -2.38 62.43
N THR K 343 21.60 -2.07 63.24
CA THR K 343 22.61 -1.08 62.89
C THR K 343 23.93 -1.76 62.55
N THR K 344 24.03 -2.23 61.31
CA THR K 344 25.28 -2.63 60.70
C THR K 344 25.68 -1.60 59.65
N SER K 345 26.95 -1.65 59.23
CA SER K 345 27.41 -0.77 58.16
C SER K 345 26.47 -0.82 56.98
N GLU K 346 26.03 -2.02 56.60
CA GLU K 346 25.16 -2.17 55.43
C GLU K 346 23.84 -1.44 55.60
N SER K 347 23.01 -1.86 56.56
CA SER K 347 21.68 -1.26 56.69
C SER K 347 21.78 0.25 56.88
N ILE K 348 22.75 0.71 57.67
CA ILE K 348 22.98 2.16 57.78
C ILE K 348 23.22 2.76 56.40
N GLY K 349 24.02 2.09 55.57
CA GLY K 349 24.22 2.54 54.21
C GLY K 349 22.92 2.63 53.44
N ARG K 350 22.15 1.54 53.42
CA ARG K 350 20.88 1.52 52.69
C ARG K 350 19.95 2.63 53.18
N ASN K 351 20.02 3.00 54.46
CA ASN K 351 19.32 4.20 54.90
C ASN K 351 19.86 5.43 54.19
N ILE K 352 21.19 5.56 54.13
CA ILE K 352 21.80 6.72 53.46
C ILE K 352 21.37 6.79 51.99
N VAL K 353 21.24 5.65 51.32
CA VAL K 353 20.77 5.66 49.95
C VAL K 353 19.27 5.95 49.90
N LYS K 354 18.52 5.43 50.87
CA LYS K 354 17.08 5.73 50.95
C LYS K 354 16.84 7.23 50.98
N VAL K 355 17.78 8.00 51.53
CA VAL K 355 17.53 9.44 51.67
C VAL K 355 17.51 10.13 50.31
N VAL K 356 18.22 9.62 49.31
CA VAL K 356 18.35 10.28 48.00
C VAL K 356 17.72 9.45 46.88
N TYR K 357 16.83 8.54 47.21
CA TYR K 357 16.00 7.80 46.28
C TYR K 357 14.77 8.62 45.95
N PRO K 358 14.45 8.70 44.66
CA PRO K 358 13.42 9.65 44.20
C PRO K 358 12.03 9.47 44.78
N ASP K 359 11.55 8.23 44.91
CA ASP K 359 10.15 7.96 45.19
C ASP K 359 9.89 7.70 46.68
N LYS K 360 8.75 8.21 47.16
CA LYS K 360 8.13 7.63 48.34
C LYS K 360 7.70 6.21 47.99
N PRO K 361 7.66 5.28 48.97
CA PRO K 361 7.86 5.40 50.42
C PRO K 361 9.26 5.74 50.95
N THR K 362 10.33 5.16 50.41
CA THR K 362 11.67 5.13 51.01
C THR K 362 12.02 6.34 51.89
N SER K 363 11.47 7.50 51.58
CA SER K 363 11.65 8.65 52.46
C SER K 363 10.75 8.55 53.71
N SER K 364 9.52 8.07 53.58
CA SER K 364 8.80 7.62 54.79
C SER K 364 9.63 6.62 55.57
N ASP K 365 10.49 5.86 54.88
CA ASP K 365 11.39 4.97 55.58
C ASP K 365 12.40 5.74 56.42
N TYR K 366 12.93 6.86 55.93
CA TYR K 366 13.75 7.64 56.88
C TYR K 366 12.91 8.16 58.04
N PHE K 367 11.60 8.33 57.81
CA PHE K 367 10.70 8.75 58.88
C PHE K 367 10.68 7.75 60.03
N GLN K 368 10.73 6.45 59.69
CA GLN K 368 10.56 5.40 60.70
C GLN K 368 11.88 4.85 61.28
N TRP K 369 12.97 5.62 61.24
CA TRP K 369 14.26 5.14 61.75
C TRP K 369 14.22 4.98 63.25
N SER K 370 14.90 3.95 63.75
CA SER K 370 15.07 3.76 65.19
C SER K 370 16.06 4.79 65.72
N GLU K 371 16.09 4.93 67.05
CA GLU K 371 16.97 5.94 67.64
C GLU K 371 18.43 5.66 67.31
N GLU K 372 18.81 4.39 67.25
CA GLU K 372 20.21 4.08 66.95
C GLU K 372 20.50 4.34 65.48
N GLU K 373 19.53 4.06 64.59
CA GLU K 373 19.69 4.40 63.17
C GLU K 373 19.91 5.90 63.00
N THR K 374 19.05 6.71 63.62
CA THR K 374 19.24 8.17 63.58
C THR K 374 20.61 8.55 64.15
N LEU K 375 21.05 7.87 65.21
CA LEU K 375 22.31 8.23 65.84
C LEU K 375 23.49 7.95 64.93
N GLU K 376 23.63 6.70 64.47
CA GLU K 376 24.66 6.39 63.49
C GLU K 376 24.53 7.25 62.24
N PHE K 377 23.32 7.78 61.99
CA PHE K 377 23.13 8.70 60.88
C PHE K 377 23.86 10.01 61.15
N LEU K 378 23.56 10.66 62.28
CA LEU K 378 24.29 11.88 62.61
C LEU K 378 25.79 11.65 62.67
N LYS K 379 26.20 10.44 63.08
CA LYS K 379 27.61 10.09 63.02
C LYS K 379 28.12 10.21 61.60
N TRP K 380 27.44 9.54 60.66
CA TRP K 380 27.84 9.63 59.26
C TRP K 380 27.74 11.04 58.71
N MET K 381 26.92 11.87 59.34
CA MET K 381 26.77 13.26 58.92
C MET K 381 27.99 14.09 59.32
N GLU K 382 28.42 13.98 60.58
CA GLU K 382 29.62 14.70 60.99
C GLU K 382 30.89 14.10 60.41
N LYS K 383 30.86 12.84 59.96
CA LYS K 383 32.03 12.25 59.33
C LYS K 383 32.13 12.60 57.86
N GLN K 384 31.08 12.31 57.09
CA GLN K 384 31.13 12.40 55.64
C GLN K 384 30.44 13.62 55.07
N PHE K 385 29.83 14.46 55.91
CA PHE K 385 29.48 15.83 55.52
C PHE K 385 30.45 16.84 56.10
N LEU K 386 31.70 16.44 56.27
CA LEU K 386 32.82 17.35 56.20
C LEU K 386 33.17 17.46 54.71
N PRO K 387 32.96 16.39 53.90
CA PRO K 387 32.78 16.60 52.45
C PRO K 387 31.55 17.42 52.12
N THR K 388 31.50 18.64 52.65
CA THR K 388 30.45 19.60 52.35
C THR K 388 30.86 20.40 51.12
N GLN K 389 30.09 21.43 50.80
CA GLN K 389 30.36 22.26 49.63
C GLN K 389 30.12 23.72 49.96
N THR K 390 31.00 24.58 49.44
CA THR K 390 31.07 26.00 49.81
C THR K 390 31.13 26.18 51.33
N ASP K 405 35.74 39.09 63.01
CA ASP K 405 34.44 39.74 63.02
C ASP K 405 33.30 38.74 63.20
N GLN K 406 32.38 38.73 62.24
CA GLN K 406 31.23 37.84 62.31
C GLN K 406 31.64 36.38 62.14
N LYS K 407 32.73 36.12 61.41
CA LYS K 407 33.15 34.75 61.17
C LYS K 407 33.65 34.09 62.45
N ILE K 408 34.65 34.70 63.09
CA ILE K 408 35.08 34.21 64.40
C ILE K 408 33.94 34.30 65.40
N ALA K 409 33.04 35.28 65.20
CA ALA K 409 31.84 35.35 66.03
C ALA K 409 30.93 34.14 65.84
N ARG K 410 31.04 33.45 64.71
CA ARG K 410 30.33 32.20 64.49
C ARG K 410 31.18 30.98 64.80
N ARG K 411 32.50 31.15 64.99
CA ARG K 411 33.29 30.06 65.55
C ARG K 411 33.11 29.96 67.06
N LYS K 412 33.05 31.12 67.74
CA LYS K 412 32.64 31.13 69.14
C LYS K 412 31.14 30.92 69.28
N LEU K 413 30.38 31.49 68.34
CA LEU K 413 28.92 31.32 68.35
C LEU K 413 28.53 29.86 68.24
N TYR K 414 29.06 29.15 67.24
CA TYR K 414 28.80 27.72 67.18
C TYR K 414 29.51 26.97 68.31
N LYS K 415 30.70 27.44 68.71
CA LYS K 415 31.40 26.86 69.85
C LYS K 415 30.67 27.15 71.18
N ILE K 416 29.47 27.73 71.12
CA ILE K 416 28.63 27.89 72.30
C ILE K 416 27.95 26.56 72.65
N PHE K 417 27.65 25.74 71.66
CA PHE K 417 26.99 24.46 71.89
C PHE K 417 27.80 23.34 71.26
N PRO K 418 28.05 22.26 72.00
CA PRO K 418 29.16 21.35 71.65
C PRO K 418 28.97 20.66 70.32
N LEU K 419 30.01 20.75 69.48
CA LEU K 419 30.03 20.02 68.21
C LEU K 419 30.15 18.52 68.43
N ASP K 420 30.73 18.10 69.55
CA ASP K 420 30.88 16.68 69.89
C ASP K 420 31.66 15.90 68.84
N SER K 432 34.80 -3.20 72.59
CA SER K 432 34.02 -2.05 73.07
C SER K 432 33.32 -1.30 71.94
N THR K 433 33.30 -1.90 70.74
CA THR K 433 32.55 -1.34 69.62
C THR K 433 31.17 -2.00 69.58
N HIS K 434 30.13 -1.19 69.77
CA HIS K 434 28.79 -1.74 69.98
C HIS K 434 28.20 -2.33 68.69
N GLN K 435 28.06 -1.51 67.65
CA GLN K 435 27.47 -1.98 66.41
C GLN K 435 28.27 -3.16 65.86
N LEU K 436 27.56 -4.15 65.33
CA LEU K 436 28.14 -5.41 64.89
C LEU K 436 28.38 -5.42 63.38
N THR K 437 29.18 -6.40 62.95
CA THR K 437 29.59 -6.47 61.54
C THR K 437 28.49 -7.13 60.70
N PHE K 438 28.80 -7.33 59.42
CA PHE K 438 27.83 -7.84 58.46
C PHE K 438 27.54 -9.32 58.71
N ILE K 439 28.58 -10.17 58.67
CA ILE K 439 28.36 -11.59 58.88
C ILE K 439 27.87 -11.90 60.29
N GLU K 440 28.12 -11.01 61.24
CA GLU K 440 27.54 -11.18 62.57
C GLU K 440 26.02 -11.06 62.50
N ASP K 441 25.52 -9.95 61.92
CA ASP K 441 24.08 -9.80 61.75
C ASP K 441 23.50 -10.96 60.94
N LEU K 442 24.19 -11.32 59.86
CA LEU K 442 23.73 -12.40 58.99
C LEU K 442 23.60 -13.69 59.78
N GLN K 443 24.65 -14.05 60.51
CA GLN K 443 24.60 -15.21 61.39
C GLN K 443 23.41 -15.13 62.32
N GLU K 444 23.19 -13.97 62.92
CA GLU K 444 22.23 -13.92 64.01
C GLU K 444 20.80 -14.00 63.51
N ARG K 445 20.51 -13.54 62.29
CA ARG K 445 19.15 -13.77 61.80
C ARG K 445 19.03 -15.17 61.23
N TYR K 446 20.12 -15.71 60.70
CA TYR K 446 20.14 -17.14 60.37
C TYR K 446 19.79 -17.99 61.58
N ALA K 447 20.20 -17.55 62.76
CA ALA K 447 19.84 -18.25 63.99
C ALA K 447 18.44 -17.87 64.44
N LYS K 448 18.06 -16.61 64.26
CA LYS K 448 16.73 -16.16 64.61
C LYS K 448 15.66 -16.98 63.89
N GLN K 449 16.01 -17.62 62.77
CA GLN K 449 15.09 -18.55 62.14
C GLN K 449 15.42 -20.02 62.43
N THR K 450 16.41 -20.30 63.29
CA THR K 450 16.98 -21.64 63.33
C THR K 450 15.99 -22.72 63.78
N PRO K 451 14.86 -22.38 64.50
CA PRO K 451 13.71 -23.30 64.49
C PRO K 451 13.17 -23.50 63.07
N PHE K 452 13.78 -24.47 62.41
CA PHE K 452 13.37 -24.98 61.12
C PHE K 452 12.82 -26.39 61.27
N PHE K 453 13.64 -27.29 61.82
CA PHE K 453 13.29 -28.68 62.06
C PHE K 453 12.43 -28.84 63.31
N PRO K 469 -3.80 -21.99 55.66
CA PRO K 469 -3.06 -22.72 54.61
C PRO K 469 -3.06 -22.05 53.22
N PRO K 470 -4.12 -21.33 52.82
CA PRO K 470 -4.01 -20.51 51.60
C PRO K 470 -3.52 -19.11 51.91
N ALA K 471 -3.64 -18.70 53.17
CA ALA K 471 -3.12 -17.41 53.61
C ALA K 471 -1.64 -17.46 53.94
N ARG K 472 -0.94 -18.53 53.53
CA ARG K 472 0.52 -18.48 53.48
C ARG K 472 0.98 -17.75 52.23
N LYS K 473 0.15 -17.74 51.18
CA LYS K 473 0.39 -16.86 50.05
C LYS K 473 0.63 -15.44 50.51
N GLU K 474 -0.03 -15.02 51.59
CA GLU K 474 0.23 -13.71 52.17
C GLU K 474 1.68 -13.59 52.61
N ALA K 475 2.18 -14.59 53.34
CA ALA K 475 3.58 -14.56 53.77
C ALA K 475 4.51 -14.49 52.56
N ILE K 476 4.23 -15.29 51.53
CA ILE K 476 4.97 -15.22 50.29
C ILE K 476 5.02 -13.78 49.77
N GLY K 477 3.85 -13.13 49.76
CA GLY K 477 3.74 -11.83 49.11
C GLY K 477 4.42 -10.72 49.89
N ARG K 478 4.25 -10.71 51.22
CA ARG K 478 4.92 -9.67 52.00
C ARG K 478 6.43 -9.85 51.98
N LEU K 479 6.90 -11.11 51.98
CA LEU K 479 8.34 -11.34 51.84
C LEU K 479 8.83 -10.84 50.50
N LEU K 480 8.14 -11.19 49.42
CA LEU K 480 8.51 -10.72 48.10
C LEU K 480 8.53 -9.20 48.01
N THR K 481 7.53 -8.54 48.63
CA THR K 481 7.48 -7.08 48.53
C THR K 481 8.56 -6.41 49.36
N HIS K 482 8.92 -6.99 50.50
CA HIS K 482 10.04 -6.43 51.26
C HIS K 482 11.34 -6.60 50.51
N ILE K 483 11.60 -7.82 50.04
CA ILE K 483 12.79 -8.07 49.22
C ILE K 483 12.85 -7.08 48.07
N ALA K 484 11.74 -6.98 47.33
CA ALA K 484 11.66 -5.99 46.27
C ALA K 484 12.09 -4.61 46.76
N SER K 485 11.50 -4.12 47.86
CA SER K 485 11.89 -2.81 48.38
C SER K 485 13.41 -2.68 48.45
N GLN K 486 14.05 -3.64 49.12
CA GLN K 486 15.50 -3.57 49.27
C GLN K 486 16.19 -3.47 47.92
N LEU K 487 15.72 -4.24 46.94
CA LEU K 487 16.38 -4.24 45.64
C LEU K 487 16.17 -2.91 44.92
N LEU K 488 14.98 -2.34 45.04
CA LEU K 488 14.71 -1.06 44.39
C LEU K 488 15.64 0.02 44.90
N VAL K 489 15.80 0.15 46.21
CA VAL K 489 16.72 1.19 46.69
C VAL K 489 18.16 0.81 46.35
N ASP K 490 18.49 -0.48 46.42
CA ASP K 490 19.89 -0.89 46.36
C ASP K 490 20.44 -0.79 44.94
N PHE K 491 19.62 -1.13 43.95
CA PHE K 491 20.01 -1.16 42.55
C PHE K 491 19.51 0.07 41.76
N ALA K 492 19.09 1.12 42.48
CA ALA K 492 18.66 2.40 41.91
C ALA K 492 17.82 2.23 40.65
N ILE K 493 16.68 1.56 40.80
CA ILE K 493 15.69 1.56 39.73
C ILE K 493 14.32 1.94 40.30
N SER K 494 13.28 1.80 39.50
CA SER K 494 11.91 2.13 39.88
C SER K 494 11.15 0.87 40.28
N LYS K 495 10.18 1.05 41.17
CA LYS K 495 9.12 0.06 41.33
C LYS K 495 8.66 -0.45 39.99
N GLU K 496 8.17 0.48 39.16
CA GLU K 496 7.57 0.15 37.87
C GLU K 496 8.58 -0.51 36.95
N GLN K 497 9.83 -0.06 37.00
CA GLN K 497 10.89 -0.71 36.22
C GLN K 497 11.02 -2.19 36.57
N LEU K 498 11.29 -2.47 37.84
CA LEU K 498 11.47 -3.84 38.30
C LEU K 498 10.28 -4.70 37.91
N LYS K 499 9.07 -4.30 38.29
CA LYS K 499 7.92 -5.16 38.00
C LYS K 499 7.69 -5.29 36.50
N ASP K 500 8.07 -4.29 35.70
CA ASP K 500 8.05 -4.48 34.26
C ASP K 500 8.98 -5.63 33.88
N CYS K 501 10.19 -5.64 34.43
CA CYS K 501 11.17 -6.64 34.02
C CYS K 501 10.75 -8.03 34.47
N ILE K 502 10.40 -8.20 35.75
CA ILE K 502 10.04 -9.53 36.22
C ILE K 502 8.70 -9.98 35.65
N SER K 503 7.84 -9.03 35.28
CA SER K 503 6.63 -9.42 34.55
C SER K 503 7.00 -9.98 33.18
N ARG K 504 7.80 -9.24 32.43
CA ARG K 504 8.18 -9.65 31.08
C ARG K 504 8.86 -11.01 31.12
N ILE K 505 9.90 -11.13 31.96
CA ILE K 505 10.69 -12.36 31.99
C ILE K 505 9.94 -13.49 32.69
N LYS K 506 8.91 -13.18 33.49
CA LYS K 506 8.02 -14.21 34.01
C LYS K 506 7.17 -14.80 32.90
N ASN K 507 6.57 -13.95 32.06
CA ASN K 507 5.90 -14.45 30.87
C ASN K 507 6.89 -15.11 29.91
N ALA K 508 8.16 -14.74 30.01
CA ALA K 508 9.23 -15.37 29.23
C ALA K 508 9.61 -16.74 29.76
N CYS K 509 9.27 -17.04 31.02
CA CYS K 509 9.43 -18.41 31.49
C CYS K 509 8.17 -19.24 31.33
N LEU K 510 6.99 -18.61 31.51
CA LEU K 510 5.75 -19.30 31.20
C LEU K 510 5.70 -19.70 29.72
N HIS K 511 6.24 -18.86 28.84
CA HIS K 511 6.17 -19.13 27.41
C HIS K 511 7.08 -20.30 27.02
N ARG K 512 8.29 -20.37 27.58
CA ARG K 512 9.21 -21.47 27.32
C ARG K 512 8.96 -22.65 28.25
N MET K 513 7.89 -22.58 29.06
CA MET K 513 7.42 -23.69 29.88
C MET K 513 6.14 -24.32 29.34
N ASN K 514 5.19 -23.52 28.88
CA ASN K 514 3.94 -24.05 28.32
C ASN K 514 4.18 -24.65 26.94
N MET L 1 9.24 16.84 55.75
CA MET L 1 7.87 17.34 55.70
C MET L 1 7.76 18.60 56.56
N PHE L 2 8.92 19.13 56.94
CA PHE L 2 8.98 20.36 57.71
C PHE L 2 9.77 21.43 56.95
N GLU L 3 9.51 22.70 57.31
CA GLU L 3 10.20 23.83 56.73
C GLU L 3 11.71 23.64 56.81
N VAL L 4 12.41 24.07 55.76
CA VAL L 4 13.86 23.92 55.73
C VAL L 4 14.49 25.26 56.07
N PRO L 5 15.58 25.30 56.85
CA PRO L 5 16.26 26.55 57.17
C PRO L 5 17.40 26.81 56.19
N ILE L 6 17.09 26.80 54.89
CA ILE L 6 18.04 27.16 53.85
C ILE L 6 17.32 27.98 52.79
N THR L 7 18.07 28.86 52.13
CA THR L 7 17.58 29.54 50.95
C THR L 7 17.22 28.54 49.86
N LEU L 8 16.13 28.79 49.16
CA LEU L 8 15.59 27.79 48.24
C LEU L 8 16.41 27.73 46.95
N THR L 9 16.56 26.51 46.42
CA THR L 9 17.22 26.31 45.13
C THR L 9 16.67 27.30 44.12
N ASN L 10 17.56 27.89 43.33
CA ASN L 10 17.28 29.19 42.72
C ASN L 10 16.57 29.11 41.38
N ARG L 11 17.15 28.36 40.42
CA ARG L 11 16.95 28.64 39.00
C ARG L 11 15.48 28.72 38.61
N LYS L 12 14.75 27.62 38.72
CA LYS L 12 13.43 27.54 38.12
C LYS L 12 12.38 28.32 38.90
N PHE L 13 12.48 28.33 40.24
CA PHE L 13 11.45 28.98 41.04
C PHE L 13 11.39 30.47 40.77
N ALA L 14 12.53 31.08 40.44
CA ALA L 14 12.57 32.50 40.13
C ALA L 14 11.91 32.81 38.79
N GLN L 15 12.16 32.00 37.76
CA GLN L 15 11.53 32.27 36.48
C GLN L 15 10.05 31.94 36.50
N ARG L 16 9.63 30.99 37.33
CA ARG L 16 8.20 30.82 37.57
C ARG L 16 7.62 32.04 38.27
N ARG L 17 8.35 32.60 39.24
CA ARG L 17 7.89 33.84 39.85
C ARG L 17 7.73 34.94 38.82
N LYS L 18 8.66 35.01 37.85
CA LYS L 18 8.54 35.94 36.73
C LYS L 18 7.24 35.73 35.99
N LEU L 19 7.09 34.57 35.34
CA LEU L 19 5.87 34.30 34.59
C LEU L 19 4.63 34.65 35.39
N LYS L 20 4.60 34.25 36.66
CA LYS L 20 3.43 34.48 37.50
C LYS L 20 3.14 35.97 37.65
N TYR L 21 4.10 36.73 38.17
CA TYR L 21 3.81 38.13 38.45
C TYR L 21 3.67 38.97 37.18
N GLN L 22 4.25 38.52 36.07
CA GLN L 22 4.10 39.21 34.79
C GLN L 22 2.69 39.04 34.24
N TYR L 23 2.19 37.79 34.22
CA TYR L 23 0.80 37.55 33.86
C TYR L 23 -0.16 38.26 34.82
N ILE L 24 0.16 38.22 36.11
CA ILE L 24 -0.64 38.95 37.10
C ILE L 24 -0.74 40.41 36.72
N ASN L 25 0.40 40.98 36.32
CA ASN L 25 0.43 42.38 35.87
C ASN L 25 -0.52 42.60 34.71
N TYR L 26 -0.46 41.74 33.69
CA TYR L 26 -1.27 42.00 32.51
C TYR L 26 -2.76 41.88 32.81
N ILE L 27 -3.16 40.89 33.59
CA ILE L 27 -4.58 40.69 33.91
C ILE L 27 -5.10 41.82 34.79
N SER L 28 -4.34 42.21 35.82
CA SER L 28 -4.84 43.27 36.70
C SER L 28 -4.82 44.63 36.01
N ARG L 29 -3.83 44.85 35.15
CA ARG L 29 -3.81 46.05 34.31
C ARG L 29 -5.08 46.15 33.50
N ARG L 30 -5.37 45.13 32.68
CA ARG L 30 -6.56 45.25 31.84
C ARG L 30 -7.83 45.30 32.69
N PHE L 31 -7.79 44.75 33.90
CA PHE L 31 -8.94 44.84 34.79
C PHE L 31 -9.20 46.29 35.22
N ASP L 32 -8.15 47.03 35.58
CA ASP L 32 -8.33 48.44 35.92
C ASP L 32 -8.65 49.27 34.68
N ARG L 33 -8.19 48.83 33.51
CA ARG L 33 -8.62 49.46 32.27
C ARG L 33 -10.12 49.33 32.08
N ILE L 34 -10.68 48.14 32.37
CA ILE L 34 -12.11 47.96 32.21
C ILE L 34 -12.91 48.60 33.33
N SER L 35 -12.31 48.83 34.51
CA SER L 35 -12.99 49.60 35.52
C SER L 35 -12.93 51.10 35.26
N LYS L 36 -11.97 51.56 34.46
CA LYS L 36 -11.96 52.94 34.00
C LYS L 36 -13.10 53.16 33.00
N GLN L 74 11.55 40.10 34.52
CA GLN L 74 12.24 41.13 35.29
C GLN L 74 11.96 41.02 36.80
N GLN L 75 13.05 40.78 37.53
CA GLN L 75 13.01 40.83 38.99
C GLN L 75 12.33 42.11 39.46
N LYS L 76 12.51 43.21 38.73
CA LYS L 76 11.90 44.47 39.10
C LYS L 76 10.40 44.48 38.81
N LYS L 77 9.96 43.80 37.75
CA LYS L 77 8.52 43.68 37.50
C LYS L 77 7.86 42.91 38.63
N ARG L 78 8.46 41.80 39.02
CA ARG L 78 8.02 41.11 40.23
C ARG L 78 8.08 42.01 41.45
N ARG L 79 9.05 42.93 41.48
CA ARG L 79 9.28 43.75 42.66
C ARG L 79 8.18 44.79 42.84
N ARG L 80 7.91 45.57 41.79
CA ARG L 80 6.79 46.51 41.86
C ARG L 80 5.48 45.76 42.08
N GLU L 81 5.33 44.62 41.41
CA GLU L 81 4.10 43.83 41.49
C GLU L 81 3.82 43.40 42.92
N ARG L 82 4.75 42.66 43.54
CA ARG L 82 4.61 42.36 44.95
C ARG L 82 4.61 43.62 45.80
N HIS L 83 5.07 44.74 45.24
CA HIS L 83 5.24 45.94 46.06
C HIS L 83 3.93 46.61 46.42
N TRP L 84 3.21 47.16 45.43
CA TRP L 84 2.15 48.12 45.82
C TRP L 84 1.02 47.40 46.53
N ARG L 85 1.22 47.18 47.83
CA ARG L 85 0.38 46.39 48.73
C ARG L 85 0.97 46.41 50.15
N SER L 86 0.12 46.63 51.15
CA SER L 86 0.52 46.63 52.56
C SER L 86 1.41 45.42 52.84
N VAL L 87 2.70 45.67 53.04
CA VAL L 87 3.71 44.62 53.01
C VAL L 87 3.86 43.92 54.35
N SER L 137 -9.08 38.70 79.52
CA SER L 137 -8.51 38.51 80.85
C SER L 137 -7.02 38.16 80.80
N PHE L 138 -6.44 38.11 79.59
CA PHE L 138 -5.02 37.85 79.46
C PHE L 138 -4.46 38.73 78.35
N GLU L 139 -3.12 38.83 78.31
CA GLU L 139 -2.42 39.91 77.62
C GLU L 139 -2.39 39.71 76.10
N ILE L 140 -3.57 39.71 75.50
CA ILE L 140 -3.70 39.54 74.06
C ILE L 140 -3.37 40.84 73.35
N TRP L 141 -2.34 40.81 72.51
CA TRP L 141 -1.95 41.92 71.65
C TRP L 141 -2.97 42.16 70.55
N ARG L 142 -4.20 42.52 70.96
CA ARG L 142 -5.40 42.45 70.11
C ARG L 142 -5.22 43.02 68.72
N THR L 143 -6.05 42.55 67.78
CA THR L 143 -5.96 42.88 66.36
C THR L 143 -6.72 44.16 66.08
N VAL L 144 -7.19 44.36 64.84
CA VAL L 144 -8.09 45.46 64.49
C VAL L 144 -9.39 44.84 64.00
N SER L 145 -10.45 44.98 64.79
CA SER L 145 -11.70 44.30 64.50
C SER L 145 -12.45 45.01 63.37
N SER L 146 -13.73 44.68 63.21
CA SER L 146 -14.54 45.13 62.08
C SER L 146 -15.41 46.31 62.51
N GLN L 147 -14.98 47.52 62.14
CA GLN L 147 -15.84 48.69 62.05
C GLN L 147 -15.07 49.74 61.27
N ASN L 148 -15.82 50.61 60.59
CA ASN L 148 -15.27 51.57 59.62
C ASN L 148 -14.65 50.84 58.42
N LYS L 149 -15.48 50.04 57.74
CA LYS L 149 -15.06 49.37 56.52
C LYS L 149 -16.23 49.35 55.53
N GLN L 150 -15.90 49.53 54.25
CA GLN L 150 -16.82 49.95 53.19
C GLN L 150 -17.80 48.83 52.84
N PRO L 151 -19.00 49.18 52.33
CA PRO L 151 -20.15 48.28 52.45
C PRO L 151 -20.09 47.00 51.62
N ILE L 152 -19.91 47.10 50.31
CA ILE L 152 -20.30 45.97 49.48
C ILE L 152 -19.64 46.02 48.11
N ASN L 153 -19.92 44.98 47.31
CA ASN L 153 -19.78 44.98 45.87
C ASN L 153 -20.78 43.96 45.35
N LYS L 154 -21.33 44.20 44.17
CA LYS L 154 -22.26 43.26 43.57
C LYS L 154 -21.73 42.84 42.20
N GLN L 155 -21.76 41.52 41.96
CA GLN L 155 -21.10 40.78 40.87
C GLN L 155 -20.31 41.62 39.89
N LYS L 156 -19.02 41.36 39.79
CA LYS L 156 -18.23 41.98 38.75
C LYS L 156 -17.96 41.06 37.57
N MET L 157 -18.02 39.74 37.76
CA MET L 157 -17.34 38.85 36.81
C MET L 157 -18.18 37.68 36.33
N THR L 158 -18.86 37.87 35.19
CA THR L 158 -19.46 36.74 34.51
C THR L 158 -18.42 36.03 33.64
N TYR L 159 -18.85 34.89 33.09
CA TYR L 159 -17.99 34.10 32.22
C TYR L 159 -17.49 34.96 31.06
N HIS L 160 -18.43 35.52 30.29
CA HIS L 160 -18.05 36.31 29.12
C HIS L 160 -17.14 37.47 29.51
N ASN L 161 -17.49 38.21 30.57
CA ASN L 161 -16.68 39.35 30.96
C ASN L 161 -15.29 38.93 31.43
N PHE L 162 -15.20 37.87 32.23
CA PHE L 162 -13.89 37.42 32.64
C PHE L 162 -13.04 37.03 31.42
N LYS L 163 -13.55 36.11 30.59
CA LYS L 163 -12.74 35.71 29.43
C LYS L 163 -12.44 36.90 28.52
N LYS L 164 -13.25 37.96 28.56
CA LYS L 164 -12.84 39.23 27.98
C LYS L 164 -11.54 39.71 28.61
N ILE L 165 -11.49 39.78 29.94
CA ILE L 165 -10.26 40.26 30.58
C ILE L 165 -9.10 39.30 30.38
N GLU L 166 -9.37 38.00 30.20
CA GLU L 166 -8.32 37.01 30.16
C GLU L 166 -7.75 36.80 28.77
N LYS L 167 -8.53 37.08 27.72
CA LYS L 167 -8.19 36.58 26.39
C LYS L 167 -6.85 37.11 25.90
N ILE L 168 -6.59 38.39 26.12
CA ILE L 168 -5.40 39.03 25.54
C ILE L 168 -4.15 38.78 26.38
N PRO L 169 -4.15 39.01 27.71
CA PRO L 169 -2.90 38.85 28.47
C PRO L 169 -2.33 37.44 28.41
N LEU L 170 -3.11 36.46 27.95
CA LEU L 170 -2.60 35.11 27.85
C LEU L 170 -1.68 34.93 26.65
N ARG L 171 -1.92 35.67 25.55
CA ARG L 171 -1.02 35.56 24.41
C ARG L 171 0.26 36.33 24.65
N LYS L 172 0.14 37.56 25.18
CA LYS L 172 1.32 38.26 25.64
C LYS L 172 2.20 37.31 26.42
N MET L 173 1.59 36.52 27.30
CA MET L 173 2.30 35.43 27.95
C MET L 173 2.77 34.39 26.95
N GLU L 174 2.09 34.24 25.82
CA GLU L 174 2.57 33.27 24.85
C GLU L 174 3.96 33.62 24.36
N ILE L 175 4.33 34.90 24.40
CA ILE L 175 5.69 35.29 23.97
C ILE L 175 6.79 34.74 24.90
N PRO L 176 6.86 35.13 26.19
CA PRO L 176 8.00 34.70 27.00
C PRO L 176 7.88 33.27 27.48
N LEU L 177 6.67 32.70 27.43
CA LEU L 177 6.51 31.26 27.60
C LEU L 177 7.38 30.48 26.64
N LEU L 178 7.70 31.09 25.51
CA LEU L 178 8.51 30.42 24.52
C LEU L 178 9.99 30.40 24.92
N HIS L 179 10.36 31.28 25.85
CA HIS L 179 11.73 31.39 26.33
C HIS L 179 12.01 30.54 27.56
N CYS L 180 10.98 30.23 28.35
CA CYS L 180 11.14 29.45 29.55
C CYS L 180 11.08 27.95 29.25
N THR L 181 11.32 27.15 30.28
CA THR L 181 11.41 25.71 30.09
C THR L 181 10.02 25.08 30.03
N LYS L 182 9.99 23.85 29.50
CA LYS L 182 8.72 23.17 29.26
C LYS L 182 7.98 22.87 30.56
N GLU L 183 8.70 22.41 31.59
CA GLU L 183 8.08 22.21 32.89
C GLU L 183 7.45 23.49 33.40
N ASN L 184 8.05 24.64 33.10
CA ASN L 184 7.46 25.90 33.53
C ASN L 184 6.42 26.45 32.56
N LYS L 185 6.43 26.01 31.29
CA LYS L 185 5.25 26.16 30.46
C LYS L 185 4.04 25.50 31.13
N LEU L 186 4.17 24.20 31.44
CA LEU L 186 3.05 23.45 32.02
C LEU L 186 2.68 24.00 33.39
N TYR L 187 3.67 24.46 34.14
CA TYR L 187 3.42 25.16 35.40
C TYR L 187 2.52 26.36 35.18
N PHE L 188 2.95 27.28 34.31
CA PHE L 188 2.17 28.49 34.07
C PHE L 188 0.78 28.16 33.56
N GLN L 189 0.69 27.23 32.60
CA GLN L 189 -0.63 26.85 32.08
C GLN L 189 -1.53 26.35 33.19
N SER L 190 -0.97 25.68 34.20
CA SER L 190 -1.80 25.10 35.25
C SER L 190 -2.20 26.13 36.30
N ILE L 191 -1.26 26.96 36.75
CA ILE L 191 -1.65 28.01 37.70
C ILE L 191 -2.60 28.99 37.05
N SER L 192 -2.48 29.18 35.74
CA SER L 192 -3.34 30.09 35.00
C SER L 192 -4.68 29.44 34.66
N ARG L 193 -4.75 28.12 34.60
CA ARG L 193 -6.04 27.45 34.66
C ARG L 193 -6.65 27.53 36.06
N GLY L 194 -5.83 27.78 37.07
CA GLY L 194 -6.32 27.84 38.43
C GLY L 194 -5.94 26.63 39.28
N LEU L 195 -5.40 25.57 38.68
CA LEU L 195 -4.89 24.45 39.45
C LEU L 195 -3.78 24.92 40.40
N GLU L 196 -3.48 24.07 41.38
CA GLU L 196 -2.41 24.32 42.33
C GLU L 196 -1.40 23.16 42.29
N PRO L 197 -0.11 23.44 42.42
CA PRO L 197 0.87 22.36 42.28
C PRO L 197 0.87 21.48 43.51
N LEU L 198 0.97 20.16 43.31
CA LEU L 198 1.11 19.31 44.49
C LEU L 198 2.54 18.84 44.70
N LYS L 199 3.50 19.47 44.04
CA LYS L 199 4.92 19.35 44.34
C LYS L 199 5.41 20.65 44.94
N THR L 200 6.06 20.57 46.11
CA THR L 200 6.61 21.73 46.78
C THR L 200 7.95 22.14 46.16
N SER L 201 8.43 23.33 46.51
CA SER L 201 9.77 23.72 46.12
C SER L 201 10.80 22.78 46.72
N THR L 202 10.61 22.41 47.98
CA THR L 202 11.47 21.40 48.60
C THR L 202 11.35 20.07 47.87
N SER L 203 10.12 19.60 47.65
CA SER L 203 9.90 18.29 47.04
C SER L 203 10.50 18.17 45.63
N GLU L 204 11.00 19.25 45.04
CA GLU L 204 11.59 19.12 43.73
C GLU L 204 12.98 19.74 43.65
N VAL L 205 13.62 19.98 44.80
CA VAL L 205 15.00 20.47 44.78
C VAL L 205 15.92 19.38 44.27
N ARG L 206 15.86 18.19 44.89
CA ARG L 206 16.46 16.98 44.34
C ARG L 206 17.96 17.15 44.05
N ASN L 207 18.67 17.67 45.04
CA ASN L 207 20.12 17.70 45.03
C ASN L 207 20.59 17.03 46.32
N TYR L 208 21.66 16.25 46.21
CA TYR L 208 22.19 15.45 47.32
C TYR L 208 22.18 16.19 48.65
N ARG L 209 23.02 17.22 48.77
CA ARG L 209 23.20 17.93 50.03
C ARG L 209 21.88 18.46 50.57
N THR L 210 21.05 19.04 49.69
CA THR L 210 19.81 19.65 50.17
C THR L 210 18.82 18.59 50.63
N ARG L 211 18.72 17.48 49.90
CA ARG L 211 17.84 16.40 50.33
C ARG L 211 18.29 15.84 51.66
N HIS L 212 19.60 15.78 51.88
CA HIS L 212 20.13 15.34 53.16
C HIS L 212 19.78 16.31 54.28
N ILE L 213 19.97 17.61 54.04
CA ILE L 213 19.56 18.60 55.02
C ILE L 213 18.06 18.50 55.31
N VAL L 214 17.27 18.20 54.28
CA VAL L 214 15.83 18.03 54.49
C VAL L 214 15.57 16.89 55.46
N THR L 215 16.23 15.76 55.26
CA THR L 215 16.06 14.63 56.18
C THR L 215 16.54 14.98 57.58
N LEU L 216 17.69 15.66 57.68
CA LEU L 216 18.22 16.09 58.96
C LEU L 216 17.21 16.96 59.71
N THR L 217 16.85 18.10 59.12
CA THR L 217 15.88 19.01 59.73
C THR L 217 14.61 18.29 60.12
N ASP L 218 14.08 17.46 59.21
CA ASP L 218 12.90 16.67 59.53
C ASP L 218 13.10 15.92 60.83
N LEU L 219 14.16 15.11 60.92
CA LEU L 219 14.42 14.34 62.13
C LEU L 219 14.53 15.24 63.35
N LEU L 220 15.04 16.46 63.18
CA LEU L 220 14.99 17.42 64.27
C LEU L 220 13.54 17.65 64.70
N HIS L 221 12.70 18.09 63.77
CA HIS L 221 11.32 18.43 64.14
C HIS L 221 10.59 17.23 64.72
N LEU L 222 10.85 16.04 64.15
CA LEU L 222 10.21 14.83 64.64
C LEU L 222 10.62 14.56 66.07
N ASN L 223 11.93 14.48 66.31
CA ASN L 223 12.39 14.16 67.67
C ASN L 223 11.92 15.19 68.68
N VAL L 224 11.94 16.48 68.31
CA VAL L 224 11.41 17.51 69.19
C VAL L 224 9.92 17.29 69.46
N SER L 225 9.19 16.75 68.50
CA SER L 225 7.80 16.38 68.82
C SER L 225 7.76 15.19 69.78
N ARG L 226 8.74 14.28 69.66
CA ARG L 226 8.76 13.00 70.37
C ARG L 226 9.40 13.09 71.75
N HIS L 227 9.61 14.29 72.27
CA HIS L 227 10.24 14.50 73.56
C HIS L 227 11.64 13.92 73.63
N ASN L 228 12.21 13.51 72.50
CA ASN L 228 13.52 12.87 72.48
C ASN L 228 14.64 13.91 72.51
N TRP L 229 14.58 14.77 73.54
CA TRP L 229 15.43 15.96 73.61
C TRP L 229 16.91 15.65 73.41
N SER L 230 17.35 14.44 73.75
CA SER L 230 18.75 14.07 73.57
C SER L 230 19.08 13.97 72.09
N LEU L 231 18.43 13.03 71.41
CA LEU L 231 18.58 12.91 69.96
C LEU L 231 18.39 14.25 69.27
N ALA L 232 17.21 14.85 69.46
CA ALA L 232 16.89 16.17 68.93
C ALA L 232 18.06 17.11 69.11
N TYR L 233 18.70 17.09 70.28
CA TYR L 233 19.85 17.97 70.49
C TYR L 233 20.99 17.62 69.54
N LYS L 234 21.28 16.32 69.38
CA LYS L 234 22.31 15.94 68.42
C LYS L 234 21.96 16.43 67.02
N ILE L 235 20.70 16.24 66.61
CA ILE L 235 20.23 16.73 65.33
C ILE L 235 20.51 18.22 65.20
N PHE L 236 20.14 18.99 66.22
CA PHE L 236 20.28 20.44 66.15
C PHE L 236 21.73 20.86 65.99
N ALA L 237 22.64 20.27 66.78
CA ALA L 237 24.04 20.66 66.69
C ALA L 237 24.63 20.31 65.33
N THR L 238 24.39 19.08 64.86
CA THR L 238 24.86 18.69 63.53
C THR L 238 24.29 19.58 62.44
N LEU L 239 23.05 20.04 62.61
CA LEU L 239 22.41 20.90 61.63
C LEU L 239 23.07 22.27 61.58
N ILE L 240 23.03 23.01 62.70
CA ILE L 240 23.67 24.33 62.75
C ILE L 240 25.14 24.27 62.32
N ARG L 241 25.79 23.11 62.44
CA ARG L 241 27.14 22.99 61.89
C ARG L 241 27.17 23.29 60.38
N ILE L 242 26.09 22.94 59.67
CA ILE L 242 26.17 22.95 58.21
C ILE L 242 26.22 24.39 57.71
N PRO L 243 26.91 24.66 56.59
CA PRO L 243 27.14 26.05 56.19
C PRO L 243 25.94 26.74 55.59
N GLY L 244 24.84 26.03 55.35
CA GLY L 244 23.73 26.65 54.65
C GLY L 244 22.62 27.18 55.53
N VAL L 245 22.56 26.73 56.78
CA VAL L 245 21.40 26.95 57.63
C VAL L 245 21.59 28.23 58.44
N GLN L 246 20.79 29.24 58.17
CA GLN L 246 20.71 30.31 59.15
C GLN L 246 19.58 30.01 60.12
N ILE L 247 19.53 30.78 61.19
CA ILE L 247 18.88 30.36 62.42
C ILE L 247 17.45 30.90 62.41
N LYS L 248 16.53 30.08 61.87
CA LYS L 248 15.14 30.08 62.31
C LYS L 248 14.98 29.16 63.52
N SER L 249 15.84 28.14 63.62
CA SER L 249 15.71 27.03 64.55
C SER L 249 15.82 27.44 66.02
N LEU L 250 15.74 28.76 66.30
CA LEU L 250 15.99 29.21 67.67
C LEU L 250 14.90 28.77 68.64
N TRP L 251 13.63 28.71 68.22
CA TRP L 251 12.60 28.14 69.10
C TRP L 251 12.83 26.65 69.31
N GLY L 252 13.25 25.95 68.26
CA GLY L 252 13.72 24.59 68.40
C GLY L 252 14.70 24.44 69.54
N ILE L 253 15.71 25.33 69.58
CA ILE L 253 16.67 25.20 70.69
C ILE L 253 16.14 25.79 71.99
N GLY L 254 15.22 26.75 71.95
CA GLY L 254 14.69 27.38 73.14
C GLY L 254 13.94 26.36 73.96
N VAL L 255 12.89 25.77 73.36
CA VAL L 255 12.20 24.68 74.04
C VAL L 255 13.11 23.47 74.17
N GLU L 256 14.14 23.37 73.33
CA GLU L 256 15.06 22.24 73.39
C GLU L 256 15.90 22.20 74.67
N ILE L 257 16.76 23.21 74.84
CA ILE L 257 17.54 23.33 76.07
C ILE L 257 16.63 23.55 77.28
N LEU L 258 15.47 24.18 77.07
CA LEU L 258 14.50 24.31 78.16
C LEU L 258 14.15 22.94 78.73
N ASP L 259 13.56 22.07 77.91
CA ASP L 259 13.28 20.72 78.40
C ASP L 259 14.52 19.86 78.55
N ASN L 260 15.70 20.35 78.18
CA ASN L 260 16.90 19.52 78.31
C ASN L 260 17.38 19.50 79.75
N LEU L 261 17.54 20.68 80.37
CA LEU L 261 18.04 20.82 81.73
C LEU L 261 19.41 20.18 81.92
N SER L 262 20.02 19.68 80.83
CA SER L 262 21.14 18.75 80.96
C SER L 262 22.44 19.47 81.27
N ASN L 263 22.95 20.23 80.30
CA ASN L 263 24.29 20.80 80.45
C ASN L 263 24.40 22.24 79.99
N SER L 264 24.14 22.45 78.70
CA SER L 264 24.67 23.61 78.01
C SER L 264 23.92 24.88 78.37
N SER L 265 24.68 25.98 78.50
CA SER L 265 24.17 27.31 78.88
C SER L 265 22.77 27.51 78.33
N SER L 266 21.80 27.68 79.22
CA SER L 266 20.43 27.26 78.99
C SER L 266 19.69 28.23 78.06
N GLY L 267 18.38 28.01 77.94
CA GLY L 267 17.57 28.76 76.99
C GLY L 267 17.59 30.25 77.24
N LEU L 268 17.70 30.67 78.49
CA LEU L 268 17.89 32.09 78.77
C LEU L 268 19.19 32.60 78.13
N ASP L 269 20.29 31.88 78.37
CA ASP L 269 21.57 32.24 77.73
C ASP L 269 21.42 32.37 76.23
N PHE L 270 20.79 31.38 75.60
CA PHE L 270 20.59 31.44 74.16
C PHE L 270 19.78 32.67 73.76
N LEU L 271 18.68 32.92 74.48
CA LEU L 271 17.78 34.00 74.10
C LEU L 271 18.46 35.36 74.20
N GLN L 272 19.04 35.67 75.36
CA GLN L 272 19.77 36.93 75.49
C GLN L 272 20.95 36.99 74.54
N TRP L 273 21.48 35.83 74.10
CA TRP L 273 22.45 35.85 73.03
C TRP L 273 21.82 36.32 71.71
N MET L 274 20.68 35.73 71.35
CA MET L 274 19.96 36.14 70.14
C MET L 274 19.72 37.65 70.14
N CYS L 275 19.32 38.19 71.29
CA CYS L 275 19.05 39.62 71.38
C CYS L 275 20.33 40.43 71.29
N GLN L 276 21.43 39.93 71.88
CA GLN L 276 22.66 40.72 71.87
C GLN L 276 23.29 40.74 70.49
N ILE L 277 23.22 39.62 69.76
CA ILE L 277 23.86 39.56 68.44
C ILE L 277 22.96 40.19 67.38
N TYR L 278 21.64 40.00 67.47
CA TYR L 278 20.76 40.48 66.42
C TYR L 278 19.85 41.62 66.87
N SER L 279 20.42 42.65 67.51
CA SER L 279 19.69 43.88 67.80
C SER L 279 20.39 45.10 67.22
N SER L 280 21.32 44.89 66.29
CA SER L 280 22.10 45.98 65.73
C SER L 280 22.48 45.65 64.30
N LYS L 281 22.52 46.69 63.45
CA LYS L 281 23.03 46.55 62.09
C LYS L 281 24.54 46.29 62.16
N SER L 282 24.91 45.09 62.62
CA SER L 282 26.31 44.79 62.91
C SER L 282 26.68 43.39 62.43
N ARG L 291 13.01 41.93 51.45
CA ARG L 291 14.04 41.01 50.98
C ARG L 291 13.55 39.56 51.12
N SER L 292 14.39 38.62 50.69
CA SER L 292 14.00 37.22 50.58
C SER L 292 13.73 36.54 51.92
N ILE L 293 14.80 36.28 52.68
CA ILE L 293 14.78 35.29 53.75
C ILE L 293 13.96 35.68 54.96
N VAL L 294 13.46 36.91 55.05
CA VAL L 294 13.06 37.48 56.34
C VAL L 294 11.55 37.65 56.51
N PRO L 295 10.87 36.67 57.11
CA PRO L 295 9.56 36.93 57.74
C PRO L 295 9.70 37.59 59.11
N PRO L 296 8.71 37.48 60.03
CA PRO L 296 8.84 38.13 61.35
C PRO L 296 9.51 37.40 62.51
N PHE L 297 9.80 36.11 62.43
CA PHE L 297 10.41 35.45 63.59
C PHE L 297 11.94 35.59 63.63
N GLN L 298 12.53 36.26 62.64
CA GLN L 298 13.87 36.83 62.72
C GLN L 298 13.80 38.18 62.04
N THR L 299 14.28 39.22 62.73
CA THR L 299 13.93 40.56 62.30
C THR L 299 15.09 41.51 62.57
N GLY L 300 14.97 42.71 62.00
CA GLY L 300 15.97 43.76 62.14
C GLY L 300 15.50 44.84 63.10
N SER L 301 16.46 45.53 63.73
CA SER L 301 16.20 46.40 64.86
C SER L 301 15.79 47.82 64.47
N ARG L 302 15.17 48.00 63.30
CA ARG L 302 14.57 49.29 62.98
C ARG L 302 13.21 49.43 63.66
N THR L 303 12.26 48.60 63.27
CA THR L 303 11.03 48.40 64.03
C THR L 303 10.95 46.92 64.39
N HIS L 304 9.97 46.59 65.24
CA HIS L 304 10.06 45.52 66.22
C HIS L 304 10.76 44.25 65.76
N THR L 305 11.92 43.98 66.37
CA THR L 305 12.41 42.62 66.55
C THR L 305 11.53 41.93 67.58
N ALA L 306 10.75 40.96 67.14
CA ALA L 306 9.69 40.44 67.98
C ALA L 306 10.14 39.24 68.80
N LYS L 307 9.92 38.05 68.27
CA LYS L 307 9.96 36.79 69.01
C LYS L 307 11.00 36.76 70.14
N PHE L 308 12.28 36.69 69.77
CA PHE L 308 13.31 36.37 70.78
C PHE L 308 13.32 37.40 71.92
N ALA L 309 13.11 38.68 71.60
CA ALA L 309 13.14 39.72 72.62
C ALA L 309 12.06 39.50 73.66
N ILE L 310 10.80 39.46 73.22
CA ILE L 310 9.72 39.33 74.19
C ILE L 310 9.83 38.01 74.93
N THR L 311 10.39 36.97 74.29
CA THR L 311 10.48 35.68 74.98
C THR L 311 11.57 35.67 76.05
N TYR L 312 12.73 36.31 75.81
CA TYR L 312 13.68 36.40 76.91
C TYR L 312 13.17 37.33 78.01
N LEU L 313 12.38 38.34 77.64
CA LEU L 313 11.76 39.24 78.62
C LEU L 313 10.86 38.46 79.57
N TRP L 314 9.78 37.90 79.03
CA TRP L 314 8.85 37.14 79.87
C TRP L 314 9.57 36.00 80.58
N SER L 315 10.35 35.21 79.83
CA SER L 315 11.01 34.05 80.42
C SER L 315 11.98 34.45 81.54
N SER L 316 12.51 35.67 81.47
CA SER L 316 13.37 36.14 82.55
C SER L 316 12.56 36.55 83.77
N LEU L 317 11.41 37.19 83.55
CA LEU L 317 10.49 37.43 84.67
C LEU L 317 10.04 36.12 85.31
N ILE L 318 10.00 35.03 84.53
CA ILE L 318 9.76 33.71 85.13
C ILE L 318 11.01 33.18 85.82
N ASN L 319 12.20 33.54 85.34
CA ASN L 319 13.39 33.28 86.13
C ASN L 319 13.38 34.05 87.44
N CYS L 320 12.49 35.03 87.59
CA CYS L 320 12.15 35.57 88.90
C CYS L 320 11.04 34.77 89.60
N GLN L 321 10.09 34.21 88.83
CA GLN L 321 9.23 33.18 89.43
C GLN L 321 10.08 32.13 90.12
N LYS L 322 11.32 31.93 89.66
CA LYS L 322 12.28 31.15 90.44
C LYS L 322 12.54 31.80 91.79
N SER L 323 12.55 33.14 91.84
CA SER L 323 12.79 33.81 93.11
C SER L 323 11.60 33.65 94.05
N MET L 324 10.51 34.38 93.78
CA MET L 324 9.40 34.40 94.74
C MET L 324 8.14 33.72 94.22
N LEU L 345 17.53 40.17 91.10
CA LEU L 345 17.24 39.77 89.73
C LEU L 345 16.22 40.69 89.06
N ILE L 346 15.23 41.17 89.82
CA ILE L 346 14.16 41.99 89.24
C ILE L 346 14.69 43.35 88.80
N ASP L 347 15.28 44.10 89.74
CA ASP L 347 15.83 45.40 89.37
C ASP L 347 16.92 45.27 88.31
N LYS L 348 17.45 44.06 88.10
CA LYS L 348 18.29 43.80 86.94
C LYS L 348 17.46 43.75 85.67
N ILE L 349 16.41 42.91 85.65
CA ILE L 349 15.61 42.73 84.44
C ILE L 349 14.95 44.04 84.02
N SER L 350 14.42 44.79 84.98
CA SER L 350 13.88 46.12 84.70
C SER L 350 14.96 47.19 84.68
N GLU L 351 16.19 46.85 85.05
CA GLU L 351 17.31 47.76 84.80
C GLU L 351 17.66 47.78 83.32
N TRP L 352 17.68 46.61 82.68
CA TRP L 352 17.95 46.52 81.24
C TRP L 352 16.66 46.49 80.41
N VAL L 353 15.50 46.55 81.06
CA VAL L 353 14.29 47.03 80.41
C VAL L 353 14.22 48.55 80.53
N LEU L 354 14.81 49.11 81.58
CA LEU L 354 14.94 50.56 81.68
C LEU L 354 15.97 51.09 80.70
N THR L 355 16.98 50.28 80.37
CA THR L 355 18.05 50.75 79.51
C THR L 355 17.59 51.11 78.10
N PRO L 356 16.91 50.24 77.35
CA PRO L 356 16.71 50.52 75.94
C PRO L 356 15.62 51.55 75.72
N PRO L 357 15.87 52.53 74.86
CA PRO L 357 14.76 53.28 74.25
C PRO L 357 14.31 52.63 72.94
N PHE L 358 13.07 52.11 72.96
CA PHE L 358 12.34 51.62 71.79
C PHE L 358 10.87 51.81 72.15
N MET L 359 10.45 53.07 72.19
CA MET L 359 9.31 53.49 72.99
C MET L 359 8.01 52.82 72.55
N GLU L 360 7.90 52.46 71.28
CA GLU L 360 6.68 51.81 70.80
C GLU L 360 6.49 50.44 71.44
N ASP L 361 7.57 49.83 71.94
CA ASP L 361 7.52 48.47 72.51
C ASP L 361 6.57 48.35 73.69
N ALA L 362 5.25 48.47 73.45
CA ALA L 362 4.29 48.43 74.55
C ALA L 362 4.40 47.15 75.35
N GLU L 363 4.55 46.02 74.67
CA GLU L 363 4.68 44.77 75.41
C GLU L 363 5.83 44.82 76.39
N VAL L 364 6.90 45.55 76.07
CA VAL L 364 7.95 45.70 77.06
C VAL L 364 7.56 46.72 78.11
N TRP L 365 6.53 47.54 77.85
CA TRP L 365 5.96 48.35 78.92
C TRP L 365 5.19 47.47 79.91
N PHE L 366 4.46 46.48 79.42
CA PHE L 366 3.79 45.56 80.33
C PHE L 366 4.78 44.62 81.01
N ILE L 367 5.91 44.33 80.34
CA ILE L 367 7.01 43.64 81.01
C ILE L 367 7.57 44.51 82.13
N TYR L 368 7.76 45.79 81.85
CA TYR L 368 8.25 46.74 82.85
C TYR L 368 7.33 46.78 84.06
N ALA L 369 6.06 47.11 83.82
CA ALA L 369 5.09 47.19 84.91
C ALA L 369 4.93 45.86 85.63
N SER L 370 5.17 44.75 84.91
CA SER L 370 5.14 43.45 85.57
C SER L 370 6.35 43.26 86.49
N CYS L 371 7.51 43.78 86.08
CA CYS L 371 8.67 43.77 86.97
C CYS L 371 8.38 44.59 88.22
N HIS L 372 7.65 45.70 88.08
CA HIS L 372 7.33 46.53 89.24
C HIS L 372 6.27 45.89 90.13
N LEU L 373 5.34 45.14 89.54
CA LEU L 373 4.35 44.45 90.37
C LEU L 373 4.99 43.26 91.09
N LEU L 374 5.91 42.57 90.43
CA LEU L 374 6.62 41.48 91.08
C LEU L 374 7.58 42.00 92.16
N LYS L 375 8.17 43.18 91.96
CA LYS L 375 8.98 43.73 93.05
C LYS L 375 8.12 44.32 94.16
N ALA L 376 6.89 44.75 93.85
CA ALA L 376 5.94 45.13 94.88
C ALA L 376 5.28 43.93 95.56
N ASP L 377 5.56 42.72 95.06
CA ASP L 377 5.10 41.49 95.70
C ASP L 377 3.59 41.39 95.68
N ILE L 401 9.51 50.68 103.30
CA ILE L 401 8.12 50.46 102.93
C ILE L 401 7.67 51.48 101.89
N ASN L 402 7.98 52.76 102.13
CA ASN L 402 7.73 53.78 101.11
C ASN L 402 8.46 53.45 99.81
N GLN L 403 9.49 52.61 99.86
CA GLN L 403 10.10 52.10 98.63
C GLN L 403 9.11 51.27 97.84
N VAL L 404 8.46 50.30 98.51
CA VAL L 404 7.39 49.53 97.87
C VAL L 404 6.31 50.46 97.36
N ILE L 405 6.04 51.55 98.09
CA ILE L 405 5.14 52.58 97.57
C ILE L 405 5.62 53.05 96.20
N LYS L 406 6.88 53.50 96.12
CA LYS L 406 7.39 54.02 94.85
C LYS L 406 7.30 52.98 93.74
N HIS L 407 7.45 51.69 94.07
CA HIS L 407 7.28 50.64 93.07
C HIS L 407 5.83 50.53 92.61
N ILE L 408 4.87 50.75 93.52
CA ILE L 408 3.47 50.64 93.15
C ILE L 408 3.03 51.83 92.31
N HIS L 409 3.46 53.04 92.67
CA HIS L 409 3.24 54.18 91.80
C HIS L 409 3.92 53.97 90.46
N TYR L 410 5.08 53.30 90.46
CA TYR L 410 5.82 53.04 89.23
C TYR L 410 5.01 52.18 88.27
N VAL L 411 4.51 51.02 88.74
CA VAL L 411 3.69 50.17 87.87
C VAL L 411 2.43 50.92 87.44
N ARG L 412 1.86 51.70 88.35
CA ARG L 412 0.71 52.54 87.99
C ARG L 412 1.03 53.43 86.79
N THR L 413 2.28 53.91 86.68
CA THR L 413 2.65 54.77 85.55
C THR L 413 2.85 53.96 84.27
N PHE L 414 3.66 52.91 84.35
CA PHE L 414 3.97 52.18 83.12
C PHE L 414 2.77 51.46 82.52
N LEU L 415 1.70 51.27 83.30
CA LEU L 415 0.48 50.73 82.71
C LEU L 415 -0.17 51.72 81.75
N LYS L 416 -0.14 53.02 82.04
CA LYS L 416 -0.72 53.96 81.10
C LYS L 416 0.23 54.27 79.95
N ILE L 417 1.54 54.31 80.23
CA ILE L 417 2.47 54.57 79.14
C ILE L 417 2.57 53.26 78.35
N CYS L 418 1.86 52.23 78.82
CA CYS L 418 1.60 51.04 78.05
C CYS L 418 0.23 51.06 77.38
N LEU L 419 -0.70 51.87 77.88
CA LEU L 419 -1.83 52.29 77.05
C LEU L 419 -1.36 53.19 75.91
N ASP L 420 -0.08 53.55 75.89
CA ASP L 420 0.49 54.22 74.72
C ASP L 420 0.16 53.51 73.41
N LYS L 421 0.29 52.18 73.37
CA LYS L 421 0.32 51.43 72.12
C LYS L 421 -0.68 50.28 72.19
N GLY L 422 -0.73 49.48 71.10
CA GLY L 422 -1.61 48.34 70.95
C GLY L 422 -1.79 47.50 72.19
N GLY L 423 -2.98 47.58 72.78
CA GLY L 423 -3.12 47.35 74.21
C GLY L 423 -2.98 45.90 74.62
N PHE L 424 -2.21 45.67 75.69
CA PHE L 424 -2.29 44.47 76.51
C PHE L 424 -3.05 44.86 77.77
N ALA L 425 -4.32 44.46 77.87
CA ALA L 425 -5.13 44.84 79.01
C ALA L 425 -5.83 43.61 79.58
N VAL L 426 -6.04 43.62 80.89
CA VAL L 426 -6.86 42.62 81.54
C VAL L 426 -8.13 43.37 81.96
N PRO L 427 -8.15 44.12 83.09
CA PRO L 427 -9.02 45.30 83.11
C PRO L 427 -8.35 46.49 83.80
N SER L 428 -9.11 47.16 84.65
CA SER L 428 -8.53 48.00 85.67
C SER L 428 -8.45 47.29 87.01
N ARG L 429 -9.21 46.22 87.18
CA ARG L 429 -9.35 45.61 88.50
C ARG L 429 -8.28 44.56 88.75
N LEU L 430 -7.87 43.81 87.73
CA LEU L 430 -6.71 42.96 87.94
C LEU L 430 -5.43 43.78 87.96
N ILE L 431 -5.42 44.90 87.24
CA ILE L 431 -4.28 45.82 87.30
C ILE L 431 -4.15 46.37 88.71
N GLU L 432 -5.23 46.98 89.22
CA GLU L 432 -5.21 47.77 90.44
C GLU L 432 -5.54 46.95 91.68
N ASN L 433 -6.66 46.23 91.68
CA ASN L 433 -7.11 45.43 92.82
C ASN L 433 -5.97 44.65 93.48
N GLN L 434 -5.04 44.14 92.67
CA GLN L 434 -3.78 43.67 93.23
C GLN L 434 -3.07 44.78 93.98
N LEU L 435 -3.02 45.98 93.40
CA LEU L 435 -2.31 47.10 94.00
C LEU L 435 -3.04 47.70 95.19
N LYS L 436 -4.32 47.35 95.42
CA LYS L 436 -5.03 47.72 96.64
C LYS L 436 -4.88 46.65 97.70
N SER L 437 -4.86 45.37 97.29
CA SER L 437 -4.35 44.33 98.18
C SER L 437 -2.94 44.65 98.62
N PHE L 438 -2.20 45.40 97.80
CA PHE L 438 -0.91 45.95 98.20
C PHE L 438 -1.09 47.18 99.07
N GLU L 439 -2.01 48.09 98.69
CA GLU L 439 -2.27 49.28 99.48
C GLU L 439 -2.68 48.94 100.91
N SER L 440 -3.05 47.69 101.16
CA SER L 440 -3.18 47.17 102.52
C SER L 440 -1.91 47.46 103.32
N VAL M 20 -55.55 32.35 -89.64
CA VAL M 20 -56.78 32.91 -90.19
C VAL M 20 -57.16 32.19 -91.48
N GLN M 21 -56.24 32.19 -92.46
CA GLN M 21 -56.54 31.70 -93.80
C GLN M 21 -57.11 30.28 -93.77
N GLY M 22 -56.37 29.34 -93.17
CA GLY M 22 -56.84 27.97 -93.08
C GLY M 22 -57.80 27.72 -91.93
N ALA M 23 -57.65 28.46 -90.83
CA ALA M 23 -58.50 28.24 -89.65
C ALA M 23 -59.97 28.51 -89.97
N SER M 24 -60.25 29.53 -90.80
CA SER M 24 -61.62 29.82 -91.18
C SER M 24 -61.89 29.65 -92.68
N LEU M 25 -60.94 29.09 -93.43
CA LEU M 25 -61.32 28.33 -94.62
C LEU M 25 -61.86 26.96 -94.23
N TYR M 26 -61.40 26.42 -93.09
CA TYR M 26 -61.91 25.14 -92.59
C TYR M 26 -63.41 25.22 -92.31
N CYS M 27 -63.80 26.04 -91.33
CA CYS M 27 -65.16 26.08 -90.81
C CYS M 27 -65.62 24.73 -90.23
N THR M 49 -59.32 34.79 -83.31
CA THR M 49 -58.57 35.40 -84.40
C THR M 49 -57.14 35.76 -83.99
N LEU M 50 -56.63 35.12 -82.95
CA LEU M 50 -55.33 35.49 -82.39
C LEU M 50 -54.19 34.98 -83.27
N ALA M 51 -53.93 33.67 -83.24
CA ALA M 51 -52.87 33.07 -84.03
C ALA M 51 -53.00 31.55 -84.08
N GLU M 52 -51.89 30.83 -83.97
CA GLU M 52 -51.90 29.39 -83.75
C GLU M 52 -51.24 29.00 -82.44
N ASP M 53 -50.72 29.97 -81.70
CA ASP M 53 -49.68 29.74 -80.69
C ASP M 53 -49.54 30.99 -79.83
N ALA M 54 -48.85 30.83 -78.71
CA ALA M 54 -48.48 31.93 -77.84
C ALA M 54 -47.19 32.56 -78.35
N LEU M 55 -46.50 33.33 -77.50
CA LEU M 55 -45.55 34.34 -77.94
C LEU M 55 -44.14 34.02 -77.40
N ASP M 56 -43.23 33.59 -78.29
CA ASP M 56 -41.89 33.17 -77.88
C ASP M 56 -40.81 33.68 -78.84
N LEU M 57 -39.62 33.94 -78.28
CA LEU M 57 -38.59 34.80 -78.85
C LEU M 57 -37.17 34.22 -78.79
N HIS M 58 -36.18 35.07 -78.59
CA HIS M 58 -34.78 34.77 -78.90
C HIS M 58 -33.90 34.79 -77.65
N ILE M 59 -32.91 33.88 -77.60
CA ILE M 59 -31.85 33.89 -76.58
C ILE M 59 -30.55 33.47 -77.26
N VAL M 60 -29.43 33.57 -76.53
CA VAL M 60 -28.08 33.37 -77.07
C VAL M 60 -27.32 32.27 -76.29
N VAL M 61 -26.18 31.83 -76.88
CA VAL M 61 -25.11 30.97 -76.33
C VAL M 61 -23.88 31.15 -77.21
N LYS M 62 -22.79 31.73 -76.67
CA LYS M 62 -21.69 32.29 -77.46
C LYS M 62 -20.40 31.49 -77.32
N SER M 63 -19.54 31.57 -78.32
CA SER M 63 -18.27 30.85 -78.33
C SER M 63 -17.34 31.39 -79.42
N LEU M 64 -16.04 31.31 -79.14
CA LEU M 64 -15.00 31.65 -80.11
C LEU M 64 -14.68 30.42 -80.98
N LEU M 65 -14.42 30.66 -82.27
CA LEU M 65 -14.11 29.54 -83.17
C LEU M 65 -12.72 29.62 -83.79
N CYS M 66 -12.38 30.70 -84.47
CA CYS M 66 -11.04 30.81 -85.05
C CYS M 66 -10.72 32.27 -85.31
N ASP M 67 -9.43 32.55 -85.47
CA ASP M 67 -8.94 33.89 -85.74
C ASP M 67 -8.03 33.87 -86.96
N THR M 68 -7.97 34.99 -87.66
CA THR M 68 -7.19 35.08 -88.88
C THR M 68 -5.88 35.86 -88.72
N GLN M 169 -14.26 57.28 -100.39
CA GLN M 169 -15.09 56.40 -101.21
C GLN M 169 -15.52 55.17 -100.42
N ASP M 170 -14.54 54.35 -100.03
CA ASP M 170 -14.79 53.11 -99.30
C ASP M 170 -15.58 53.36 -98.01
N ALA M 171 -15.50 54.59 -97.47
CA ALA M 171 -16.29 54.92 -96.30
C ALA M 171 -17.78 55.02 -96.61
N PHE M 172 -18.15 55.23 -97.89
CA PHE M 172 -19.54 55.42 -98.27
C PHE M 172 -20.06 54.44 -99.32
N PHE M 173 -19.21 53.61 -99.93
CA PHE M 173 -19.65 52.64 -100.91
C PHE M 173 -19.02 51.28 -100.64
N TRP M 174 -19.61 50.26 -101.24
CA TRP M 174 -19.10 48.90 -101.08
C TRP M 174 -19.20 48.16 -102.41
N ASP M 175 -18.37 47.12 -102.51
CA ASP M 175 -18.28 46.28 -103.69
C ASP M 175 -19.28 45.15 -103.57
N PRO M 176 -20.30 45.08 -104.42
CA PRO M 176 -21.22 43.94 -104.35
C PRO M 176 -20.57 42.62 -104.72
N THR M 177 -19.51 42.62 -105.52
CA THR M 177 -18.92 41.37 -105.97
C THR M 177 -18.21 40.61 -104.86
N VAL M 178 -18.17 41.13 -103.64
CA VAL M 178 -17.58 40.35 -102.56
C VAL M 178 -18.72 39.91 -101.65
N ALA M 179 -19.19 38.67 -101.84
CA ALA M 179 -20.34 38.20 -101.08
C ALA M 179 -19.90 37.70 -99.71
N ASN M 180 -19.21 36.57 -99.67
CA ASN M 180 -18.85 35.93 -98.41
C ASN M 180 -17.50 35.25 -98.54
N ARG M 181 -16.62 35.51 -97.58
CA ARG M 181 -15.25 35.03 -97.62
C ARG M 181 -15.00 33.91 -96.63
N LEU M 182 -16.06 33.20 -96.21
CA LEU M 182 -15.92 31.99 -95.41
C LEU M 182 -17.17 31.14 -95.54
N ASP M 183 -16.96 29.83 -95.69
CA ASP M 183 -18.03 28.85 -95.70
C ASP M 183 -17.63 27.71 -94.76
N SER M 184 -18.64 26.94 -94.35
CA SER M 184 -18.45 25.74 -93.54
C SER M 184 -19.61 24.78 -93.83
N GLN M 185 -19.27 23.55 -94.18
CA GLN M 185 -20.30 22.66 -94.72
C GLN M 185 -19.77 21.23 -94.66
N TYR M 186 -20.68 20.27 -94.84
CA TYR M 186 -20.32 18.87 -94.80
C TYR M 186 -19.77 18.43 -96.15
N ILE M 187 -18.54 17.94 -96.12
CA ILE M 187 -17.82 17.46 -97.29
C ILE M 187 -17.57 15.97 -97.09
N GLN M 188 -17.31 15.27 -98.19
CA GLN M 188 -17.16 13.82 -98.13
C GLN M 188 -16.21 13.36 -99.21
N THR M 189 -15.06 12.82 -98.83
CA THR M 189 -14.02 12.48 -99.78
C THR M 189 -14.20 11.04 -100.26
N ALA M 190 -13.25 10.55 -101.06
CA ALA M 190 -13.32 9.20 -101.59
C ALA M 190 -13.15 8.16 -100.49
N SER M 191 -12.09 8.29 -99.70
CA SER M 191 -11.86 7.36 -98.59
C SER M 191 -13.03 7.35 -97.62
N ASP M 192 -13.82 8.42 -97.57
CA ASP M 192 -15.06 8.41 -96.81
C ASP M 192 -16.16 7.63 -97.51
N LEU M 193 -16.01 7.38 -98.81
CA LEU M 193 -17.01 6.63 -99.59
C LEU M 193 -16.70 5.15 -99.70
N ARG M 194 -15.55 4.69 -99.18
CA ARG M 194 -15.32 3.26 -99.02
C ARG M 194 -16.17 2.70 -97.90
N ASN M 195 -16.32 3.46 -96.81
CA ASN M 195 -17.08 3.03 -95.64
C ASN M 195 -18.51 3.52 -95.69
N TYR M 196 -19.09 3.79 -94.52
CA TYR M 196 -20.40 4.43 -94.41
C TYR M 196 -20.29 5.75 -93.64
N ARG M 197 -19.06 6.20 -93.39
CA ARG M 197 -18.85 7.44 -92.65
C ARG M 197 -19.35 8.63 -93.47
N ASP M 198 -20.06 9.54 -92.80
CA ASP M 198 -20.70 10.66 -93.47
C ASP M 198 -19.76 11.86 -93.60
N GLY M 199 -18.55 11.62 -94.10
CA GLY M 199 -17.59 12.69 -94.35
C GLY M 199 -17.19 13.42 -93.07
N THR M 200 -17.00 14.74 -93.21
CA THR M 200 -16.66 15.60 -92.08
C THR M 200 -17.17 17.00 -92.34
N GLU M 201 -17.16 17.80 -91.28
CA GLU M 201 -17.51 19.21 -91.37
C GLU M 201 -16.23 20.02 -91.47
N ILE M 202 -16.16 20.91 -92.48
CA ILE M 202 -14.98 21.72 -92.69
C ILE M 202 -15.37 23.19 -92.72
N ILE M 203 -14.37 24.02 -92.46
CA ILE M 203 -14.45 25.46 -92.72
C ILE M 203 -13.35 25.81 -93.72
N ALA M 204 -13.68 26.75 -94.61
CA ALA M 204 -12.72 27.40 -95.49
C ALA M 204 -12.97 28.89 -95.38
N TYR M 205 -11.92 29.63 -95.06
CA TYR M 205 -12.03 31.07 -94.85
C TYR M 205 -10.76 31.74 -95.35
N ALA M 206 -10.91 32.97 -95.81
CA ALA M 206 -9.81 33.70 -96.41
C ALA M 206 -8.99 34.40 -95.35
N SER M 207 -7.71 34.63 -95.67
CA SER M 207 -6.78 35.25 -94.73
C SER M 207 -5.73 35.99 -95.53
N GLY M 208 -4.91 36.75 -94.80
CA GLY M 208 -3.81 37.48 -95.40
C GLY M 208 -3.93 38.97 -95.24
N LYS M 209 -2.81 39.68 -95.34
CA LYS M 209 -2.85 41.14 -95.35
C LYS M 209 -3.77 41.62 -96.48
N THR M 210 -3.58 41.07 -97.68
CA THR M 210 -4.43 41.38 -98.82
C THR M 210 -5.60 40.41 -98.97
N GLY M 211 -5.84 39.56 -97.97
CA GLY M 211 -6.92 38.57 -98.04
C GLY M 211 -6.80 37.62 -99.21
N SER M 212 -5.59 37.13 -99.49
CA SER M 212 -5.32 36.37 -100.71
C SER M 212 -4.83 34.96 -100.42
N VAL M 213 -5.09 34.41 -99.23
CA VAL M 213 -4.76 33.01 -98.95
C VAL M 213 -6.02 32.29 -98.51
N LEU M 214 -6.12 31.03 -98.90
CA LEU M 214 -7.24 30.17 -98.55
C LEU M 214 -6.83 29.30 -97.37
N ASN M 215 -7.75 29.15 -96.42
CA ASN M 215 -7.51 28.29 -95.26
C ASN M 215 -8.64 27.29 -95.19
N ILE M 216 -8.30 26.00 -95.20
CA ILE M 216 -9.27 24.92 -95.06
C ILE M 216 -8.84 24.04 -93.89
N ALA M 217 -9.78 23.78 -92.98
CA ALA M 217 -9.49 22.95 -91.82
C ALA M 217 -10.77 22.33 -91.30
N VAL M 218 -10.61 21.26 -90.53
CA VAL M 218 -11.71 20.40 -90.11
C VAL M 218 -12.26 20.88 -88.77
N LEU M 219 -13.54 20.59 -88.55
CA LEU M 219 -14.22 20.83 -87.29
C LEU M 219 -14.62 19.51 -86.65
N THR M 220 -14.71 19.53 -85.33
CA THR M 220 -15.33 18.46 -84.57
C THR M 220 -16.37 19.08 -83.66
N ARG M 221 -17.59 18.56 -83.71
CA ARG M 221 -18.68 19.03 -82.85
C ARG M 221 -18.85 18.08 -81.67
N GLN M 222 -18.91 18.64 -80.45
CA GLN M 222 -19.12 17.86 -79.24
C GLN M 222 -20.20 18.53 -78.39
N ASN M 223 -19.79 19.24 -77.34
CA ASN M 223 -20.76 20.03 -76.57
C ASN M 223 -21.22 21.22 -77.40
N THR M 224 -20.27 21.93 -78.00
CA THR M 224 -20.53 23.00 -78.95
C THR M 224 -19.49 22.89 -80.06
N LEU M 225 -19.88 23.34 -81.26
CA LEU M 225 -18.98 23.22 -82.41
C LEU M 225 -17.64 23.87 -82.11
N HIS M 226 -16.57 23.20 -82.55
CA HIS M 226 -15.23 23.69 -82.25
C HIS M 226 -14.27 23.21 -83.33
N LEU M 227 -13.18 23.98 -83.47
CA LEU M 227 -12.07 23.58 -84.32
C LEU M 227 -11.37 22.33 -83.76
N ASN M 228 -10.74 21.56 -84.66
CA ASN M 228 -10.14 20.30 -84.29
C ASN M 228 -9.07 20.48 -83.20
N ARG M 229 -8.83 19.39 -82.44
CA ARG M 229 -7.95 19.48 -81.27
C ARG M 229 -6.51 19.78 -81.66
N HIS M 230 -6.03 19.19 -82.76
CA HIS M 230 -4.63 19.34 -83.15
C HIS M 230 -4.36 20.66 -83.88
N ASN M 231 -5.41 21.45 -84.13
CA ASN M 231 -5.35 22.73 -84.86
C ASN M 231 -4.28 22.73 -85.94
N ASN M 232 -4.51 22.00 -87.02
CA ASN M 232 -3.61 22.01 -88.17
C ASN M 232 -4.40 22.57 -89.36
N VAL M 233 -4.58 23.89 -89.34
CA VAL M 233 -5.19 24.56 -90.49
C VAL M 233 -4.31 24.37 -91.71
N THR M 234 -4.93 24.07 -92.83
CA THR M 234 -4.19 23.86 -94.06
C THR M 234 -4.45 25.06 -94.97
N SER M 235 -3.47 25.95 -95.07
CA SER M 235 -3.61 27.19 -95.82
C SER M 235 -2.72 27.15 -97.06
N ILE M 236 -3.27 27.62 -98.18
CA ILE M 236 -2.58 27.67 -99.46
C ILE M 236 -2.63 29.11 -99.95
N GLU M 237 -1.51 29.60 -100.46
CA GLU M 237 -1.31 31.02 -100.77
C GLU M 237 -1.64 31.30 -102.23
N LEU M 238 -2.56 32.22 -102.45
CA LEU M 238 -2.80 32.79 -103.77
C LEU M 238 -2.23 34.20 -103.83
N HIS M 239 -2.13 34.73 -105.05
CA HIS M 239 -1.61 36.08 -105.26
C HIS M 239 -2.70 37.09 -105.57
N SER M 240 -3.97 36.67 -105.56
CA SER M 240 -5.13 37.50 -105.83
C SER M 240 -6.07 37.51 -104.62
N PRO M 241 -6.68 38.65 -104.30
CA PRO M 241 -7.60 38.70 -103.15
C PRO M 241 -8.83 37.84 -103.37
N ILE M 242 -9.31 37.24 -102.28
CA ILE M 242 -10.49 36.38 -102.34
C ILE M 242 -11.74 37.23 -102.21
N LYS M 243 -12.65 37.11 -103.18
CA LYS M 243 -13.92 37.83 -103.14
C LYS M 243 -15.09 36.97 -102.72
N SER M 244 -15.04 35.66 -102.97
CA SER M 244 -16.16 34.78 -102.65
C SER M 244 -15.64 33.36 -102.49
N ILE M 245 -16.12 32.69 -101.44
CA ILE M 245 -15.85 31.27 -101.20
C ILE M 245 -17.17 30.58 -100.92
N LYS M 246 -17.39 29.44 -101.55
CA LYS M 246 -18.54 28.62 -101.18
C LYS M 246 -18.22 27.15 -101.48
N ILE M 247 -18.61 26.29 -100.56
CA ILE M 247 -18.51 24.84 -100.73
C ILE M 247 -19.90 24.30 -101.06
N PRO M 248 -20.05 23.53 -102.13
CA PRO M 248 -21.38 23.41 -102.75
C PRO M 248 -22.32 22.45 -102.07
N GLY M 249 -21.79 21.37 -101.49
CA GLY M 249 -22.68 20.32 -101.07
C GLY M 249 -23.38 19.61 -102.25
N ALA M 250 -24.38 18.81 -101.91
CA ALA M 250 -25.06 17.98 -102.90
C ALA M 250 -26.50 17.67 -102.49
N SER M 251 -27.28 17.21 -103.46
CA SER M 251 -28.64 16.79 -103.19
C SER M 251 -28.64 15.50 -102.39
N GLU M 252 -29.77 15.24 -101.72
CA GLU M 252 -29.96 13.97 -101.05
C GLU M 252 -30.13 12.83 -102.05
N SER M 253 -30.47 13.16 -103.30
CA SER M 253 -30.76 12.12 -104.29
C SER M 253 -29.50 11.41 -104.76
N ILE M 254 -28.34 12.03 -104.66
CA ILE M 254 -27.14 11.44 -105.24
C ILE M 254 -26.45 10.47 -104.29
N GLY M 255 -26.74 10.54 -102.99
CA GLY M 255 -26.09 9.71 -101.99
C GLY M 255 -24.75 10.23 -101.54
N ARG M 256 -24.01 10.85 -102.44
CA ARG M 256 -22.70 11.40 -102.13
C ARG M 256 -22.83 12.81 -101.55
N ARG M 257 -21.69 13.37 -101.18
CA ARG M 257 -21.59 14.78 -100.82
C ARG M 257 -20.38 15.37 -101.53
N SER M 258 -20.35 16.70 -101.59
CA SER M 258 -19.31 17.41 -102.35
C SER M 258 -17.92 16.93 -101.96
N ASN M 259 -16.97 17.02 -102.90
CA ASN M 259 -15.58 16.69 -102.66
C ASN M 259 -14.66 17.90 -102.83
N LEU M 260 -15.22 19.09 -102.93
CA LEU M 260 -14.48 20.22 -103.47
C LEU M 260 -15.04 21.52 -102.89
N VAL M 261 -14.25 22.58 -103.05
CA VAL M 261 -14.65 23.92 -102.62
C VAL M 261 -14.00 24.93 -103.57
N GLY M 262 -14.78 25.92 -104.01
CA GLY M 262 -14.38 26.81 -105.08
C GLY M 262 -14.37 28.26 -104.67
N ILE M 263 -13.54 29.04 -105.35
CA ILE M 263 -13.30 30.45 -104.99
C ILE M 263 -13.24 31.33 -106.24
N ILE M 264 -13.77 32.55 -106.10
CA ILE M 264 -13.61 33.64 -107.06
C ILE M 264 -12.66 34.66 -106.44
N THR M 265 -11.62 35.02 -107.18
CA THR M 265 -10.65 36.02 -106.75
C THR M 265 -10.95 37.36 -107.45
N GLU M 266 -9.99 38.27 -107.42
CA GLU M 266 -10.02 39.41 -108.32
C GLU M 266 -9.38 39.08 -109.66
N ASN M 267 -8.69 37.95 -109.76
CA ASN M 267 -7.96 37.60 -110.97
C ASN M 267 -8.34 36.25 -111.57
N SER M 268 -8.93 35.35 -110.80
CA SER M 268 -9.04 33.97 -111.25
C SER M 268 -10.27 33.32 -110.65
N PHE M 269 -10.55 32.11 -111.14
CA PHE M 269 -11.61 31.27 -110.59
C PHE M 269 -11.07 29.86 -110.46
N GLN M 270 -11.00 29.35 -109.22
CA GLN M 270 -10.31 28.09 -108.95
C GLN M 270 -11.22 27.13 -108.20
N ILE M 271 -10.97 25.82 -108.40
CA ILE M 271 -11.72 24.78 -107.71
C ILE M 271 -10.73 23.85 -107.03
N PHE M 272 -10.96 23.55 -105.75
CA PHE M 272 -10.05 22.71 -104.97
C PHE M 272 -10.70 21.38 -104.61
N ARG M 273 -9.99 20.28 -104.83
CA ARG M 273 -10.42 18.97 -104.35
C ARG M 273 -9.82 18.72 -102.98
N ILE M 274 -10.66 18.31 -102.04
CA ILE M 274 -10.17 17.78 -100.77
C ILE M 274 -10.11 16.26 -100.93
N GLU M 275 -8.93 15.69 -100.75
CA GLU M 275 -8.72 14.27 -101.02
C GLU M 275 -8.15 13.62 -99.77
N SER M 276 -8.97 12.79 -99.12
CA SER M 276 -8.52 11.85 -98.11
C SER M 276 -7.99 12.50 -96.84
N VAL M 277 -8.85 13.22 -96.11
CA VAL M 277 -8.50 13.61 -94.75
C VAL M 277 -8.31 12.34 -93.93
N HIS M 278 -7.45 12.42 -92.91
CA HIS M 278 -7.13 11.25 -92.11
C HIS M 278 -6.96 11.63 -90.65
N SER M 279 -7.48 10.77 -89.77
CA SER M 279 -7.54 11.00 -88.33
C SER M 279 -6.20 10.80 -87.63
N ARG M 280 -5.16 10.39 -88.37
CA ARG M 280 -3.83 10.23 -87.77
C ARG M 280 -3.40 11.49 -87.03
N SER M 281 -3.90 12.65 -87.45
CA SER M 281 -3.54 13.92 -86.84
C SER M 281 -4.45 15.04 -87.31
N CYS M 282 -5.57 14.71 -87.96
CA CYS M 282 -6.57 15.66 -88.46
C CYS M 282 -6.02 16.52 -89.61
N ASP M 283 -5.35 15.88 -90.56
CA ASP M 283 -4.84 16.58 -91.72
C ASP M 283 -5.91 16.68 -92.81
N VAL M 284 -5.83 17.77 -93.58
CA VAL M 284 -6.73 18.03 -94.70
C VAL M 284 -5.91 18.33 -95.95
N MET M 285 -5.45 17.32 -96.65
CA MET M 285 -4.62 17.57 -97.83
C MET M 285 -5.52 17.84 -99.04
N VAL M 286 -5.28 18.98 -99.71
CA VAL M 286 -6.10 19.46 -100.81
C VAL M 286 -5.24 19.63 -102.06
N SER M 287 -5.91 19.63 -103.22
CA SER M 287 -5.27 19.76 -104.51
C SER M 287 -5.96 20.85 -105.33
N SER M 288 -5.17 21.50 -106.19
CA SER M 288 -5.55 22.76 -106.84
C SER M 288 -6.05 22.51 -108.26
N SER M 289 -7.34 22.22 -108.37
CA SER M 289 -8.02 22.19 -109.66
C SER M 289 -7.92 23.55 -110.34
N GLU M 290 -7.24 23.55 -111.48
CA GLU M 290 -6.38 24.63 -111.92
C GLU M 290 -7.16 25.91 -112.21
N PRO M 291 -6.55 27.07 -111.95
CA PRO M 291 -7.22 28.34 -112.22
C PRO M 291 -7.46 28.57 -113.70
N LEU M 292 -8.33 29.52 -113.98
CA LEU M 292 -8.44 30.11 -115.31
C LEU M 292 -8.49 31.61 -115.03
N TYR M 293 -7.35 32.27 -115.15
CA TYR M 293 -7.21 33.68 -114.77
C TYR M 293 -8.38 34.47 -115.36
N PHE M 294 -8.40 34.58 -116.67
CA PHE M 294 -9.48 35.27 -117.34
C PHE M 294 -9.50 34.84 -118.79
N VAL M 295 -10.69 34.82 -119.36
CA VAL M 295 -10.83 34.73 -120.80
C VAL M 295 -11.31 36.05 -121.40
N GLU M 296 -12.02 36.87 -120.61
CA GLU M 296 -12.73 38.03 -121.14
C GLU M 296 -12.36 39.34 -120.45
N ILE M 297 -11.30 39.34 -119.63
CA ILE M 297 -11.02 40.47 -118.75
C ILE M 297 -12.33 40.90 -118.10
N ASP M 298 -12.98 39.98 -117.38
CA ASP M 298 -14.21 40.29 -116.66
C ASP M 298 -14.18 39.63 -115.28
N ASP M 299 -14.54 40.40 -114.26
CA ASP M 299 -14.76 39.83 -112.95
C ASP M 299 -16.04 39.01 -112.98
N LEU M 300 -16.09 37.98 -112.14
CA LEU M 300 -17.22 37.06 -112.11
C LEU M 300 -17.95 37.19 -110.78
N GLN M 301 -19.26 37.38 -110.84
CA GLN M 301 -20.07 37.60 -109.66
C GLN M 301 -20.14 36.34 -108.81
N VAL M 302 -20.86 35.32 -109.27
CA VAL M 302 -21.19 34.17 -108.45
C VAL M 302 -20.77 32.90 -109.18
N VAL M 303 -20.35 31.91 -108.39
CA VAL M 303 -20.10 30.54 -108.81
C VAL M 303 -21.23 29.68 -108.25
N ASP M 304 -21.74 28.76 -109.06
CA ASP M 304 -22.69 27.79 -108.53
C ASP M 304 -22.36 26.41 -109.07
N PHE M 305 -22.63 25.41 -108.25
CA PHE M 305 -22.35 24.03 -108.58
C PHE M 305 -23.62 23.22 -108.68
N GLN M 314 -19.95 17.06 -112.63
CA GLN M 314 -20.11 18.19 -111.70
C GLN M 314 -19.79 19.56 -112.33
N PHE M 315 -20.63 20.54 -112.04
CA PHE M 315 -20.89 21.68 -112.92
C PHE M 315 -20.38 23.00 -112.32
N ALA M 316 -19.28 23.51 -112.86
CA ALA M 316 -18.76 24.83 -112.50
C ALA M 316 -19.47 25.90 -113.34
N ILE M 317 -20.42 26.62 -112.73
CA ILE M 317 -21.19 27.65 -113.41
C ILE M 317 -20.69 29.01 -112.95
N ILE M 318 -20.39 29.90 -113.90
CA ILE M 318 -19.89 31.22 -113.58
C ILE M 318 -20.86 32.28 -114.10
N ASP M 319 -20.92 33.41 -113.37
CA ASP M 319 -21.57 34.62 -113.84
C ASP M 319 -20.60 35.78 -113.76
N ILE M 320 -20.35 36.44 -114.90
CA ILE M 320 -19.71 37.74 -114.96
C ILE M 320 -20.79 38.76 -115.30
N LYS M 321 -20.55 40.03 -114.98
CA LYS M 321 -21.54 41.09 -115.11
C LYS M 321 -22.35 41.10 -116.40
N GLY M 322 -23.43 40.30 -116.44
CA GLY M 322 -24.37 40.27 -117.53
C GLY M 322 -24.46 38.93 -118.23
N ASN M 323 -23.39 38.15 -118.20
CA ASN M 323 -23.27 36.97 -119.06
C ASN M 323 -22.68 35.80 -118.30
N TRP M 324 -23.21 34.60 -118.60
CA TRP M 324 -22.97 33.42 -117.79
C TRP M 324 -22.45 32.29 -118.65
N SER M 325 -21.93 31.25 -117.96
CA SER M 325 -21.37 30.09 -118.63
C SER M 325 -21.50 28.85 -117.76
N ILE M 326 -21.97 27.74 -118.36
CA ILE M 326 -21.97 26.42 -117.73
C ILE M 326 -20.69 25.70 -118.11
N GLY M 327 -20.04 25.08 -117.12
CA GLY M 327 -18.75 24.47 -117.35
C GLY M 327 -18.59 23.24 -116.48
N ARG M 328 -17.48 22.53 -116.69
CA ARG M 328 -17.20 21.27 -116.00
C ARG M 328 -15.79 21.27 -115.42
N ILE M 329 -15.60 20.47 -114.38
CA ILE M 329 -14.34 20.42 -113.63
C ILE M 329 -13.57 19.16 -114.02
N PRO M 330 -12.25 19.20 -114.12
CA PRO M 330 -11.49 18.00 -114.49
C PRO M 330 -11.51 16.98 -113.37
N LYS M 331 -11.21 15.72 -113.74
CA LYS M 331 -11.10 14.67 -112.75
C LYS M 331 -9.67 14.56 -112.22
N ASN M 332 -9.59 14.50 -110.90
CA ASN M 332 -8.39 14.63 -110.05
C ASN M 332 -7.19 15.40 -110.61
N PHE M 333 -6.43 14.85 -111.56
CA PHE M 333 -5.03 15.24 -111.70
C PHE M 333 -4.61 15.62 -113.10
N ASN M 334 -4.15 16.86 -113.24
CA ASN M 334 -2.91 17.18 -113.98
C ASN M 334 -3.06 17.02 -115.49
N ASN M 335 -4.03 17.71 -116.08
CA ASN M 335 -4.12 17.72 -117.54
C ASN M 335 -2.90 18.42 -118.13
N GLN M 342 -7.96 23.72 -118.20
CA GLN M 342 -8.28 22.67 -117.22
C GLN M 342 -9.78 22.42 -117.12
N LEU M 343 -10.53 23.45 -116.74
CA LEU M 343 -11.99 23.38 -116.75
C LEU M 343 -12.50 24.04 -118.02
N ILE M 344 -13.53 23.45 -118.64
CA ILE M 344 -13.99 23.85 -119.97
C ILE M 344 -15.47 24.20 -119.89
N ASP M 345 -16.00 24.74 -120.99
CA ASP M 345 -17.42 25.11 -121.11
C ASP M 345 -17.85 24.98 -122.58
N ASN M 346 -19.17 25.04 -122.82
CA ASN M 346 -19.69 25.05 -124.20
C ASN M 346 -21.10 25.62 -124.32
N LEU M 347 -21.77 25.76 -123.19
CA LEU M 347 -23.08 26.39 -123.11
C LEU M 347 -22.91 27.73 -122.41
N HIS M 348 -23.41 28.80 -123.02
CA HIS M 348 -23.15 30.14 -122.53
C HIS M 348 -24.38 31.01 -122.76
N GLY M 349 -24.35 32.21 -122.19
CA GLY M 349 -25.50 33.07 -122.35
C GLY M 349 -25.21 34.43 -121.77
N THR M 350 -26.25 35.25 -121.71
CA THR M 350 -26.11 36.59 -121.13
C THR M 350 -27.48 37.12 -120.70
N ILE M 351 -27.48 37.90 -119.62
CA ILE M 351 -28.66 38.57 -119.12
C ILE M 351 -28.43 40.09 -119.08
N PHE M 352 -27.48 40.58 -119.88
CA PHE M 352 -27.01 41.95 -119.78
C PHE M 352 -28.17 42.95 -119.87
N ASP M 353 -28.02 44.04 -119.14
CA ASP M 353 -29.09 45.03 -119.02
C ASP M 353 -28.46 46.39 -118.82
N PRO M 354 -28.27 47.15 -119.90
CA PRO M 354 -27.47 48.39 -119.80
C PRO M 354 -27.91 49.31 -118.66
N GLU M 355 -29.20 49.34 -118.34
CA GLU M 355 -29.72 50.31 -117.41
C GLU M 355 -29.72 49.83 -115.97
N GLU M 356 -28.97 48.77 -115.65
CA GLU M 356 -28.72 48.41 -114.26
C GLU M 356 -27.23 48.58 -113.99
N LEU M 357 -26.90 49.59 -113.17
CA LEU M 357 -25.52 49.97 -112.96
C LEU M 357 -24.80 49.12 -111.93
N SER M 358 -25.51 48.60 -110.92
CA SER M 358 -24.87 47.83 -109.86
C SER M 358 -24.26 46.55 -110.41
N SER M 359 -23.07 46.20 -109.92
CA SER M 359 -22.33 45.14 -110.58
C SER M 359 -22.82 43.74 -110.24
N TRP M 360 -23.50 43.54 -109.11
CA TRP M 360 -23.79 42.17 -108.69
C TRP M 360 -24.91 41.57 -109.52
N LYS M 361 -24.64 40.37 -110.02
CA LYS M 361 -25.57 39.38 -110.57
C LYS M 361 -25.40 38.10 -109.76
N ARG M 362 -26.19 37.07 -110.05
CA ARG M 362 -26.13 35.88 -109.21
C ARG M 362 -26.71 34.66 -109.91
N ILE M 363 -25.99 33.54 -109.89
CA ILE M 363 -26.47 32.29 -110.48
C ILE M 363 -26.59 31.22 -109.38
N GLU M 364 -27.79 30.70 -109.21
CA GLU M 364 -28.01 29.52 -108.38
C GLU M 364 -29.17 28.78 -109.00
N TRP M 365 -29.06 27.46 -109.14
CA TRP M 365 -30.11 26.81 -109.89
C TRP M 365 -31.19 26.29 -108.95
N PHE M 366 -32.03 25.42 -109.47
CA PHE M 366 -33.41 25.35 -109.00
C PHE M 366 -33.94 23.97 -109.34
N SER M 367 -34.52 23.28 -108.35
CA SER M 367 -35.08 21.93 -108.42
C SER M 367 -34.03 20.84 -108.60
N HIS M 368 -32.75 21.16 -108.78
CA HIS M 368 -31.75 20.21 -109.30
C HIS M 368 -32.15 19.66 -110.66
N PHE M 369 -33.19 20.24 -111.26
CA PHE M 369 -33.72 19.84 -112.55
C PHE M 369 -32.73 20.08 -113.70
N GLN M 370 -31.50 20.49 -113.41
CA GLN M 370 -30.58 20.93 -114.48
C GLN M 370 -31.17 22.14 -115.21
N LYS M 371 -31.63 23.12 -114.40
CA LYS M 371 -32.17 24.41 -114.82
C LYS M 371 -31.76 25.46 -113.79
N ILE M 372 -31.35 26.65 -114.26
CA ILE M 372 -30.68 27.63 -113.41
C ILE M 372 -31.51 28.90 -113.19
N LEU M 373 -31.10 29.66 -112.16
CA LEU M 373 -31.60 30.98 -111.86
C LEU M 373 -30.48 32.00 -111.97
N VAL M 374 -30.76 33.11 -112.65
CA VAL M 374 -29.82 34.22 -112.82
C VAL M 374 -30.50 35.53 -112.43
N PHE M 375 -29.77 36.37 -111.69
CA PHE M 375 -30.31 37.49 -110.92
C PHE M 375 -29.52 38.76 -111.19
N ASP M 376 -30.21 39.89 -111.27
CA ASP M 376 -29.56 41.16 -110.92
C ASP M 376 -30.55 41.99 -110.13
N ARG M 377 -30.10 43.12 -109.59
CA ARG M 377 -30.94 43.89 -108.68
C ARG M 377 -32.18 44.43 -109.39
N SER M 378 -32.31 44.14 -110.69
CA SER M 378 -33.50 44.49 -111.47
C SER M 378 -34.49 43.34 -111.60
N LYS M 379 -34.04 42.10 -111.75
CA LYS M 379 -34.98 41.04 -112.06
C LYS M 379 -34.40 39.65 -111.82
N MET M 380 -35.31 38.67 -111.94
CA MET M 380 -35.06 37.25 -111.75
C MET M 380 -35.44 36.51 -113.02
N ILE M 381 -34.45 35.84 -113.61
CA ILE M 381 -34.59 35.17 -114.89
C ILE M 381 -34.31 33.69 -114.66
N GLU M 382 -35.25 32.83 -115.05
CA GLU M 382 -35.03 31.38 -115.09
C GLU M 382 -34.50 31.01 -116.46
N ILE M 383 -33.60 30.03 -116.50
CA ILE M 383 -33.02 29.58 -117.76
C ILE M 383 -32.96 28.06 -117.73
N ASP M 384 -33.83 27.41 -118.50
CA ASP M 384 -33.71 25.98 -118.71
C ASP M 384 -32.65 25.79 -119.77
N PHE M 385 -31.49 25.28 -119.35
CA PHE M 385 -30.25 25.48 -120.08
C PHE M 385 -29.77 24.25 -120.82
N MET M 386 -30.45 23.12 -120.68
CA MET M 386 -30.16 22.00 -121.57
C MET M 386 -31.20 21.85 -122.67
N ASN M 387 -32.31 22.58 -122.59
CA ASN M 387 -33.05 22.91 -123.80
C ASN M 387 -32.65 24.34 -124.15
N ASN M 388 -33.56 25.14 -124.68
CA ASN M 388 -33.35 26.58 -124.81
C ASN M 388 -34.53 27.25 -124.14
N TRP M 389 -34.30 27.91 -123.00
CA TRP M 389 -35.46 28.43 -122.30
C TRP M 389 -35.07 29.56 -121.36
N GLN M 390 -35.90 30.60 -121.33
CA GLN M 390 -35.61 31.85 -120.62
C GLN M 390 -36.90 32.54 -120.20
N THR M 391 -36.99 32.97 -118.94
CA THR M 391 -38.20 33.64 -118.46
C THR M 391 -37.87 34.71 -117.42
N GLU M 392 -38.53 35.86 -117.56
CA GLU M 392 -38.47 36.95 -116.58
C GLU M 392 -39.69 36.82 -115.69
N VAL M 393 -39.48 36.43 -114.40
CA VAL M 393 -40.57 36.07 -113.50
C VAL M 393 -41.14 37.30 -112.80
N VAL M 394 -42.44 37.20 -112.43
CA VAL M 394 -43.46 38.19 -112.81
C VAL M 394 -43.13 39.64 -112.43
N GLN M 395 -42.45 39.90 -111.34
CA GLN M 395 -42.17 41.32 -111.16
C GLN M 395 -40.86 41.69 -111.86
N ALA M 396 -40.57 42.99 -111.89
CA ALA M 396 -39.33 43.45 -112.47
C ALA M 396 -38.60 44.42 -111.54
N LYS M 397 -38.62 45.71 -111.88
CA LYS M 397 -37.76 46.72 -111.28
C LYS M 397 -38.52 48.02 -111.11
N ALA M 398 -39.67 47.97 -110.43
CA ALA M 398 -40.55 49.13 -110.30
C ALA M 398 -40.48 49.78 -108.91
N TRP M 399 -40.57 48.96 -107.85
CA TRP M 399 -40.64 49.48 -106.48
C TRP M 399 -39.60 48.89 -105.54
N SER M 400 -38.86 47.88 -105.95
CA SER M 400 -37.91 47.23 -105.05
C SER M 400 -36.82 46.57 -105.87
N ASN M 401 -35.69 46.33 -105.22
CA ASN M 401 -34.58 45.64 -105.82
C ASN M 401 -34.49 44.24 -105.27
N ILE M 402 -34.23 43.27 -106.14
CA ILE M 402 -33.70 42.01 -105.67
C ILE M 402 -32.54 42.34 -104.76
N ARG M 403 -32.54 41.78 -103.56
CA ARG M 403 -31.52 42.10 -102.57
C ARG M 403 -30.60 40.94 -102.28
N ASP M 404 -31.14 39.73 -102.13
CA ASP M 404 -30.32 38.52 -102.16
C ASP M 404 -31.21 37.35 -102.53
N TYR M 405 -30.56 36.23 -102.81
CA TYR M 405 -31.24 34.97 -102.98
C TYR M 405 -30.28 33.85 -102.58
N LYS M 406 -30.81 32.88 -101.85
CA LYS M 406 -30.09 31.69 -101.45
C LYS M 406 -31.10 30.53 -101.47
N ARG M 407 -30.66 29.37 -101.93
CA ARG M 407 -31.54 28.22 -102.09
C ARG M 407 -31.76 27.55 -100.74
N ILE M 408 -32.97 27.70 -100.18
CA ILE M 408 -33.24 27.08 -98.89
C ILE M 408 -33.05 25.58 -99.05
N ASP M 409 -32.20 25.01 -98.19
CA ASP M 409 -31.27 23.97 -98.62
C ASP M 409 -31.96 22.88 -99.44
N ASP M 410 -33.19 22.51 -99.08
CA ASP M 410 -33.89 21.48 -99.82
C ASP M 410 -34.11 21.92 -101.26
N LYS M 411 -33.57 21.10 -102.18
CA LYS M 411 -33.61 21.27 -103.62
C LYS M 411 -34.74 22.17 -104.11
N ASN M 412 -35.99 21.71 -104.00
CA ASN M 412 -37.12 22.48 -104.50
C ASN M 412 -37.52 23.64 -103.58
N GLY M 413 -36.57 24.49 -103.18
CA GLY M 413 -36.84 25.53 -102.19
C GLY M 413 -35.95 26.74 -102.29
N ILE M 414 -36.56 27.94 -102.25
CA ILE M 414 -36.00 29.19 -102.78
C ILE M 414 -36.27 30.32 -101.79
N LEU M 415 -35.21 30.96 -101.30
CA LEU M 415 -35.38 32.06 -100.35
C LEU M 415 -34.75 33.33 -100.93
N LEU M 416 -35.57 34.35 -101.15
CA LEU M 416 -35.16 35.56 -101.85
C LEU M 416 -35.51 36.79 -101.00
N THR M 417 -34.50 37.62 -100.67
CA THR M 417 -34.74 38.92 -100.05
C THR M 417 -34.94 39.93 -101.15
N SER M 418 -36.12 40.53 -101.21
CA SER M 418 -36.27 41.76 -101.97
C SER M 418 -35.95 42.91 -101.03
N ARG M 419 -36.32 44.13 -101.38
CA ARG M 419 -36.52 45.15 -100.37
C ARG M 419 -37.92 44.98 -99.82
N GLU M 420 -38.04 44.98 -98.50
CA GLU M 420 -39.31 44.85 -97.80
C GLU M 420 -40.17 43.70 -98.36
N ILE M 421 -39.59 42.50 -98.40
CA ILE M 421 -40.30 41.25 -98.63
C ILE M 421 -39.31 40.09 -98.49
N ILE M 422 -39.68 39.11 -97.68
CA ILE M 422 -39.05 37.79 -97.69
C ILE M 422 -39.89 36.92 -98.61
N ILE M 423 -39.28 36.44 -99.69
CA ILE M 423 -39.96 35.68 -100.72
C ILE M 423 -39.57 34.21 -100.59
N VAL M 424 -40.56 33.36 -100.46
CA VAL M 424 -40.35 31.92 -100.47
C VAL M 424 -40.77 31.39 -101.83
N GLY M 425 -39.90 31.52 -102.83
CA GLY M 425 -40.11 30.77 -104.05
C GLY M 425 -39.76 29.32 -103.78
N ALA M 426 -40.29 28.43 -104.62
CA ALA M 426 -40.11 26.98 -104.52
C ALA M 426 -41.20 26.28 -105.30
N SER M 427 -40.89 25.20 -105.99
CA SER M 427 -41.88 24.62 -106.87
C SER M 427 -43.00 23.92 -106.11
N GLU M 428 -44.23 24.13 -106.58
CA GLU M 428 -45.31 23.17 -106.38
C GLU M 428 -45.79 22.73 -107.76
N SER M 429 -44.82 22.48 -108.64
CA SER M 429 -44.99 21.68 -109.84
C SER M 429 -43.60 21.19 -110.22
N ASN M 430 -43.53 20.02 -110.85
CA ASN M 430 -42.24 19.46 -111.21
C ASN M 430 -41.43 20.44 -112.04
N ASP M 431 -42.07 21.10 -113.00
CA ASP M 431 -41.45 22.18 -113.73
C ASP M 431 -41.15 23.34 -112.77
N PRO M 432 -40.21 24.21 -113.14
CA PRO M 432 -39.86 25.33 -112.25
C PRO M 432 -41.03 26.26 -112.05
N VAL M 433 -40.87 27.23 -111.14
CA VAL M 433 -42.00 27.87 -110.51
C VAL M 433 -41.75 29.35 -110.27
N ARG M 434 -42.83 30.05 -109.92
CA ARG M 434 -42.80 31.09 -108.91
C ARG M 434 -43.73 30.68 -107.75
N ARG M 435 -43.45 31.21 -106.56
CA ARG M 435 -44.41 31.19 -105.45
C ARG M 435 -44.88 32.60 -105.16
N ILE M 436 -46.20 32.79 -105.20
CA ILE M 436 -46.87 33.96 -104.66
C ILE M 436 -47.79 33.58 -103.51
N SER M 437 -47.64 32.34 -103.02
CA SER M 437 -47.94 32.00 -101.64
C SER M 437 -47.43 33.11 -100.75
N TRP M 438 -48.33 33.89 -100.15
CA TRP M 438 -48.00 35.20 -99.59
C TRP M 438 -46.78 35.18 -98.64
N LYS M 439 -46.20 36.35 -98.39
CA LYS M 439 -44.88 36.47 -97.78
C LYS M 439 -44.88 37.61 -96.76
N HIS M 440 -43.77 37.78 -96.04
CA HIS M 440 -43.61 38.84 -95.04
C HIS M 440 -42.71 39.94 -95.57
N ASP M 441 -42.70 41.09 -94.89
CA ASP M 441 -41.94 42.25 -95.36
C ASP M 441 -41.18 42.96 -94.23
N LEU M 442 -40.02 43.52 -94.59
CA LEU M 442 -38.95 43.90 -93.69
C LEU M 442 -38.39 45.26 -94.11
N ASP M 443 -38.06 46.14 -93.14
CA ASP M 443 -38.38 47.51 -93.54
C ASP M 443 -37.22 48.51 -93.71
N PRO M 444 -36.35 48.44 -94.80
CA PRO M 444 -35.40 49.54 -95.06
C PRO M 444 -35.12 50.01 -96.51
N ASP M 445 -34.11 50.88 -96.61
CA ASP M 445 -33.61 51.39 -97.90
C ASP M 445 -32.17 50.96 -98.16
N ASP M 446 -31.43 50.63 -97.11
CA ASP M 446 -30.22 49.81 -97.07
C ASP M 446 -30.07 48.91 -98.29
N THR M 447 -28.95 49.03 -98.99
CA THR M 447 -28.62 48.17 -100.11
C THR M 447 -27.95 46.88 -99.69
N THR M 448 -27.46 46.82 -98.45
CA THR M 448 -26.43 45.90 -98.02
C THR M 448 -26.99 44.64 -97.35
N LEU M 449 -28.32 44.48 -97.36
CA LEU M 449 -29.00 43.33 -96.79
C LEU M 449 -28.60 42.02 -97.47
N ARG M 450 -28.41 40.98 -96.67
CA ARG M 450 -28.19 39.64 -97.15
C ARG M 450 -29.08 38.70 -96.34
N ILE M 451 -29.11 37.42 -96.73
CA ILE M 451 -29.99 36.46 -96.07
C ILE M 451 -29.36 35.09 -96.02
N THR M 452 -29.81 34.29 -95.03
CA THR M 452 -29.53 32.86 -94.95
C THR M 452 -30.68 32.20 -94.21
N VAL M 453 -30.88 30.89 -94.46
CA VAL M 453 -31.89 30.11 -93.75
C VAL M 453 -31.24 28.95 -93.04
N GLN M 454 -31.79 28.60 -91.87
CA GLN M 454 -31.59 27.30 -91.23
C GLN M 454 -32.90 26.54 -91.25
N LYS M 455 -32.80 25.22 -91.25
CA LYS M 455 -33.92 24.33 -91.50
C LYS M 455 -34.01 23.33 -90.36
N VAL M 456 -35.05 23.43 -89.55
CA VAL M 456 -35.24 22.50 -88.43
C VAL M 456 -36.42 21.58 -88.71
N LYS M 457 -36.27 20.34 -88.26
CA LYS M 457 -37.22 19.26 -88.52
C LYS M 457 -38.02 18.97 -87.27
N LYS M 458 -39.31 18.70 -87.47
CA LYS M 458 -40.20 18.35 -86.37
C LYS M 458 -41.27 17.44 -86.93
N PRO M 459 -42.05 16.79 -86.07
CA PRO M 459 -43.04 15.81 -86.58
C PRO M 459 -44.14 16.41 -87.45
N ASP M 460 -44.82 17.46 -86.95
CA ASP M 460 -45.99 18.02 -87.60
C ASP M 460 -45.67 19.12 -88.61
N HIS M 461 -44.42 19.55 -88.70
CA HIS M 461 -44.06 20.62 -89.61
C HIS M 461 -42.58 20.51 -89.94
N ILE M 462 -42.12 21.38 -90.87
CA ILE M 462 -40.72 21.44 -91.30
C ILE M 462 -40.32 22.91 -91.47
N LEU M 463 -39.75 23.52 -90.44
CA LEU M 463 -39.76 24.98 -90.35
C LEU M 463 -38.39 25.64 -90.60
N LEU M 464 -38.44 26.80 -91.25
CA LEU M 464 -37.27 27.49 -91.78
C LEU M 464 -37.11 28.85 -91.12
N VAL M 465 -35.92 29.14 -90.64
CA VAL M 465 -35.62 30.42 -89.99
C VAL M 465 -34.80 31.27 -90.95
N ALA M 466 -35.27 32.49 -91.18
CA ALA M 466 -34.76 33.44 -92.16
C ALA M 466 -34.04 34.54 -91.40
N PHE M 467 -32.71 34.57 -91.54
CA PHE M 467 -31.85 35.61 -91.00
C PHE M 467 -31.53 36.60 -92.12
N VAL M 468 -32.05 37.82 -92.00
CA VAL M 468 -31.68 38.93 -92.87
C VAL M 468 -30.78 39.87 -92.05
N TYR M 469 -29.53 40.05 -92.52
CA TYR M 469 -28.52 40.83 -91.82
C TYR M 469 -27.96 41.92 -92.71
N SER M 470 -27.19 42.82 -92.12
CA SER M 470 -26.76 44.02 -92.81
C SER M 470 -25.27 44.24 -92.60
N MET M 471 -24.75 45.26 -93.29
CA MET M 471 -23.38 45.75 -93.17
C MET M 471 -23.33 47.08 -92.44
N ARG M 472 -24.49 47.64 -92.07
CA ARG M 472 -24.56 48.91 -91.38
C ARG M 472 -24.71 48.77 -89.87
N HIS M 473 -25.54 47.84 -89.39
CA HIS M 473 -25.78 47.68 -87.97
C HIS M 473 -25.79 46.19 -87.62
N LYS M 474 -25.27 45.86 -86.44
CA LYS M 474 -25.01 44.50 -85.99
C LYS M 474 -26.30 43.76 -85.61
N ARG M 475 -27.45 44.34 -85.92
CA ARG M 475 -28.72 43.71 -85.64
C ARG M 475 -29.03 42.62 -86.68
N ILE M 476 -29.70 41.55 -86.21
CA ILE M 476 -30.14 40.45 -87.07
C ILE M 476 -31.67 40.42 -87.05
N TYR M 477 -32.26 40.31 -88.24
CA TYR M 477 -33.72 40.38 -88.38
C TYR M 477 -34.24 39.02 -88.83
N MET M 478 -35.09 38.42 -88.00
CA MET M 478 -35.46 37.03 -88.13
C MET M 478 -36.96 36.86 -88.33
N HIS M 479 -37.30 36.00 -89.29
CA HIS M 479 -38.67 35.53 -89.49
C HIS M 479 -38.63 34.02 -89.63
N VAL M 480 -39.79 33.38 -89.45
CA VAL M 480 -39.88 31.92 -89.41
C VAL M 480 -41.05 31.45 -90.27
N PHE M 481 -40.82 30.41 -91.06
CA PHE M 481 -41.85 29.81 -91.89
C PHE M 481 -41.92 28.32 -91.56
N SER M 482 -42.92 27.64 -92.11
CA SER M 482 -43.18 26.26 -91.78
C SER M 482 -43.65 25.52 -93.01
N HIS M 483 -43.19 24.27 -93.17
CA HIS M 483 -43.49 23.40 -94.31
C HIS M 483 -44.20 22.17 -93.77
N ARG M 484 -45.53 22.26 -93.64
CA ARG M 484 -46.38 21.09 -93.46
C ARG M 484 -46.65 20.55 -94.85
N LYS M 485 -45.95 19.49 -95.24
CA LYS M 485 -45.94 19.13 -96.66
C LYS M 485 -47.30 18.65 -97.15
N ALA M 486 -48.31 19.51 -97.05
CA ALA M 486 -49.27 19.72 -98.11
C ALA M 486 -48.80 20.86 -99.02
N ASN M 487 -47.50 21.09 -99.07
CA ASN M 487 -46.91 22.37 -99.45
C ASN M 487 -47.65 23.51 -98.77
N LEU M 488 -47.78 23.39 -97.44
CA LEU M 488 -48.42 24.38 -96.59
C LEU M 488 -47.34 25.31 -96.04
N PHE M 489 -47.54 26.63 -96.21
CA PHE M 489 -46.63 27.64 -95.69
C PHE M 489 -47.43 28.67 -94.90
N GLN M 490 -47.03 28.94 -93.66
CA GLN M 490 -47.62 30.02 -92.87
C GLN M 490 -46.52 30.75 -92.13
N SER M 491 -46.86 31.92 -91.58
CA SER M 491 -45.94 32.83 -90.90
C SER M 491 -46.55 33.25 -89.57
N LEU M 492 -45.71 33.63 -88.60
CA LEU M 492 -46.19 33.74 -87.23
C LEU M 492 -45.99 35.10 -86.58
N GLY M 493 -44.93 35.81 -86.88
CA GLY M 493 -44.61 37.05 -86.19
C GLY M 493 -43.11 37.24 -86.21
N CYS M 494 -42.68 38.48 -86.06
CA CYS M 494 -41.31 38.89 -86.33
C CYS M 494 -40.47 38.95 -85.05
N SER M 495 -39.14 38.90 -85.21
CA SER M 495 -38.28 39.17 -84.06
C SER M 495 -36.89 39.58 -84.52
N THR M 496 -36.23 40.41 -83.70
CA THR M 496 -34.93 40.97 -84.04
C THR M 496 -34.00 41.01 -82.82
N VAL M 497 -32.72 40.70 -83.04
CA VAL M 497 -31.72 40.72 -81.98
C VAL M 497 -30.59 41.67 -82.39
N LEU M 498 -29.76 42.04 -81.41
CA LEU M 498 -28.59 42.89 -81.61
C LEU M 498 -27.31 42.08 -81.47
N GLU M 499 -26.18 42.75 -81.68
CA GLU M 499 -24.90 42.29 -81.15
C GLU M 499 -24.10 43.51 -80.69
N ILE M 500 -22.78 43.50 -80.84
CA ILE M 500 -21.93 44.33 -79.97
C ILE M 500 -21.18 45.42 -80.76
N PRO M 501 -20.14 46.15 -80.19
CA PRO M 501 -20.06 47.62 -80.40
C PRO M 501 -20.07 48.17 -81.84
N GLY M 502 -18.92 48.55 -82.38
CA GLY M 502 -18.83 49.17 -83.70
C GLY M 502 -18.38 48.15 -84.74
N GLY M 503 -19.03 48.19 -85.91
CA GLY M 503 -18.89 47.17 -86.94
C GLY M 503 -20.25 46.60 -87.30
N THR M 504 -20.25 45.52 -88.11
CA THR M 504 -21.49 44.87 -88.55
C THR M 504 -21.24 43.55 -89.32
N PRO M 505 -22.19 42.56 -89.31
CA PRO M 505 -21.95 41.29 -90.03
C PRO M 505 -21.46 41.36 -91.46
N THR M 506 -20.29 40.74 -91.73
CA THR M 506 -19.89 40.40 -93.09
C THR M 506 -20.26 38.96 -93.48
N GLY M 507 -20.49 38.07 -92.50
CA GLY M 507 -21.01 36.74 -92.81
C GLY M 507 -21.91 36.23 -91.70
N ILE M 508 -23.15 35.86 -92.01
CA ILE M 508 -23.99 35.05 -91.14
C ILE M 508 -24.24 33.71 -91.84
N GLU M 509 -23.91 32.61 -91.16
CA GLU M 509 -23.95 31.32 -91.83
C GLU M 509 -24.53 30.25 -90.90
N THR M 510 -25.67 29.70 -91.27
CA THR M 510 -26.32 28.64 -90.53
C THR M 510 -25.77 27.28 -90.94
N ILE M 511 -26.05 26.27 -90.12
CA ILE M 511 -25.64 24.89 -90.39
C ILE M 511 -26.81 23.94 -90.15
N PHE M 531 -41.37 22.00 -77.47
CA PHE M 531 -42.04 23.27 -77.75
C PHE M 531 -41.06 24.45 -77.74
N GLU M 532 -39.90 24.27 -78.37
CA GLU M 532 -38.87 25.31 -78.40
C GLU M 532 -38.04 25.17 -79.67
N LEU M 533 -37.20 26.17 -79.93
CA LEU M 533 -36.36 26.24 -81.14
C LEU M 533 -34.90 26.50 -80.77
N VAL M 534 -34.00 25.68 -81.32
CA VAL M 534 -32.56 25.90 -81.28
C VAL M 534 -32.07 26.11 -82.70
N VAL M 535 -31.44 27.26 -82.94
CA VAL M 535 -30.86 27.54 -84.26
C VAL M 535 -29.48 28.13 -84.05
N ASP M 536 -28.48 27.60 -84.76
CA ASP M 536 -27.09 27.88 -84.47
C ASP M 536 -26.34 28.22 -85.75
N PHE M 537 -25.35 29.09 -85.64
CA PHE M 537 -24.68 29.64 -86.82
C PHE M 537 -23.35 30.26 -86.42
N LEU M 538 -22.65 30.82 -87.40
CA LEU M 538 -21.46 31.60 -87.13
C LEU M 538 -21.61 32.98 -87.73
N VAL M 539 -20.98 33.97 -87.09
CA VAL M 539 -20.92 35.31 -87.64
C VAL M 539 -19.47 35.76 -87.72
N LYS M 540 -19.21 36.58 -88.73
CA LYS M 540 -17.96 37.30 -88.90
C LYS M 540 -18.37 38.74 -89.11
N LEU M 541 -17.73 39.64 -88.36
CA LEU M 541 -18.05 41.06 -88.36
C LEU M 541 -17.13 41.85 -89.28
N ARG M 542 -17.66 42.94 -89.82
CA ARG M 542 -16.86 43.94 -90.51
C ARG M 542 -15.57 44.16 -89.74
N ASN M 543 -14.44 43.98 -90.44
CA ASN M 543 -13.12 44.34 -89.92
C ASN M 543 -12.89 43.77 -88.52
N SER M 544 -13.03 42.46 -88.41
CA SER M 544 -12.65 41.74 -87.20
C SER M 544 -12.38 40.29 -87.59
N SER M 545 -11.13 39.87 -87.49
CA SER M 545 -10.70 38.57 -87.99
C SER M 545 -11.33 37.39 -87.24
N GLU M 546 -12.15 37.66 -86.21
CA GLU M 546 -12.71 36.59 -85.40
C GLU M 546 -13.93 35.97 -86.06
N VAL M 547 -14.19 34.71 -85.72
CA VAL M 547 -15.30 33.92 -86.23
C VAL M 547 -16.01 33.34 -85.00
N TYR M 548 -17.23 33.81 -84.74
CA TYR M 548 -17.91 33.48 -83.49
C TYR M 548 -19.08 32.54 -83.73
N TYR M 549 -19.06 31.41 -83.03
CA TYR M 549 -20.18 30.48 -83.01
C TYR M 549 -21.25 30.99 -82.06
N TYR M 550 -22.49 30.97 -82.53
CA TYR M 550 -23.64 31.33 -81.72
C TYR M 550 -24.68 30.23 -81.79
N ALA M 551 -25.48 30.17 -80.72
CA ALA M 551 -26.62 29.27 -80.62
C ALA M 551 -27.78 30.05 -80.03
N LEU M 552 -29.00 29.73 -80.45
CA LEU M 552 -30.19 30.42 -79.97
C LEU M 552 -31.22 29.40 -79.46
N SER M 553 -31.76 29.68 -78.28
CA SER M 553 -32.78 28.87 -77.61
C SER M 553 -34.01 29.71 -77.30
N ASN M 554 -35.07 29.02 -76.87
CA ASN M 554 -36.38 29.62 -76.72
C ASN M 554 -36.64 30.13 -75.31
N THR M 555 -36.50 29.28 -74.29
CA THR M 555 -36.73 29.76 -72.93
C THR M 555 -35.51 29.54 -72.06
N GLN M 556 -35.72 29.48 -70.74
CA GLN M 556 -34.65 29.57 -69.76
C GLN M 556 -34.83 28.52 -68.66
N ASN M 557 -35.11 27.27 -69.04
CA ASN M 557 -35.20 26.16 -68.11
C ASN M 557 -33.89 25.38 -68.15
N SER M 558 -33.10 25.50 -67.09
CA SER M 558 -31.81 24.80 -67.03
C SER M 558 -31.36 24.62 -65.58
N ILE M 567 -17.57 45.26 -70.99
CA ILE M 567 -16.90 44.75 -72.18
C ILE M 567 -15.44 44.44 -71.88
N ILE M 568 -14.98 43.27 -72.35
CA ILE M 568 -13.56 42.90 -72.28
C ILE M 568 -12.80 43.85 -73.19
N VAL M 569 -12.60 45.09 -72.71
CA VAL M 569 -12.20 46.17 -73.60
C VAL M 569 -10.82 45.90 -74.17
N ASP M 570 -10.75 45.81 -75.49
CA ASP M 570 -9.54 46.08 -76.25
C ASP M 570 -10.00 47.05 -77.32
N HIS M 571 -10.23 48.30 -76.92
CA HIS M 571 -10.40 49.38 -77.88
C HIS M 571 -9.01 49.94 -78.14
N PRO M 572 -8.32 49.49 -79.19
CA PRO M 572 -6.90 49.84 -79.36
C PRO M 572 -6.66 51.32 -79.45
N GLU M 573 -7.71 52.12 -79.64
CA GLU M 573 -7.54 53.56 -79.68
C GLU M 573 -7.33 54.13 -78.27
N TRP M 574 -7.96 53.54 -77.26
CA TRP M 574 -7.84 54.02 -75.89
C TRP M 574 -6.74 53.32 -75.10
N ALA M 575 -6.58 52.00 -75.27
CA ALA M 575 -5.47 51.30 -74.63
C ALA M 575 -4.13 51.90 -75.04
N SER M 576 -3.97 52.22 -76.33
CA SER M 576 -2.79 52.96 -76.76
C SER M 576 -2.66 54.29 -76.03
N LEU M 577 -3.75 54.77 -75.43
CA LEU M 577 -3.74 56.01 -74.68
C LEU M 577 -3.54 55.81 -73.19
N PHE M 578 -3.68 54.58 -72.69
CA PHE M 578 -3.62 54.33 -71.26
C PHE M 578 -2.42 53.52 -70.81
N ASN M 579 -1.81 52.71 -71.69
CA ASN M 579 -0.81 51.72 -71.28
C ASN M 579 0.61 52.15 -71.59
N ASN M 580 0.88 53.46 -71.71
CA ASN M 580 2.05 53.95 -72.46
C ASN M 580 3.33 53.21 -72.11
N ALA M 581 4.15 52.98 -73.15
CA ALA M 581 5.10 51.89 -73.25
C ALA M 581 6.17 51.83 -72.17
N ASP M 582 7.27 52.58 -72.37
CA ASP M 582 8.53 52.35 -71.67
C ASP M 582 8.40 52.28 -70.16
N GLU M 583 9.37 51.62 -69.51
CA GLU M 583 9.31 51.43 -68.06
C GLU M 583 9.43 52.75 -67.32
N ARG M 584 10.25 53.68 -67.84
CA ARG M 584 10.28 55.01 -67.26
C ARG M 584 8.99 55.77 -67.52
N GLU M 585 8.17 55.29 -68.45
CA GLU M 585 6.83 55.82 -68.66
C GLU M 585 5.78 55.05 -67.85
N LYS M 586 6.20 54.03 -67.09
CA LYS M 586 5.39 53.45 -66.02
C LYS M 586 5.72 54.12 -64.68
N GLU M 587 7.00 54.07 -64.29
CA GLU M 587 7.44 54.72 -63.06
C GLU M 587 7.39 56.24 -63.15
N SER M 588 7.26 56.79 -64.37
CA SER M 588 6.92 58.20 -64.51
C SER M 588 5.53 58.47 -63.95
N ILE M 589 4.53 57.73 -64.45
CA ILE M 589 3.17 57.88 -63.97
C ILE M 589 3.10 57.64 -62.47
N GLY M 590 3.75 56.56 -62.00
CA GLY M 590 3.76 56.29 -60.57
C GLY M 590 4.39 57.40 -59.75
N ALA M 591 5.45 58.02 -60.29
CA ALA M 591 6.06 59.16 -59.61
C ALA M 591 5.07 60.30 -59.44
N LEU M 592 4.38 60.68 -60.53
CA LEU M 592 3.39 61.74 -60.43
C LEU M 592 2.28 61.39 -59.42
N VAL M 593 1.82 60.14 -59.46
CA VAL M 593 0.77 59.67 -58.55
C VAL M 593 1.19 59.81 -57.10
N SER M 594 2.45 59.46 -56.79
CA SER M 594 2.92 59.63 -55.42
C SER M 594 2.99 61.11 -55.04
N GLN M 595 3.53 61.94 -55.95
CA GLN M 595 3.56 63.38 -55.71
C GLN M 595 2.20 63.89 -55.27
N ILE M 596 1.17 63.63 -56.07
CA ILE M 596 -0.14 64.15 -55.70
C ILE M 596 -0.69 63.47 -54.45
N LYS M 597 -0.37 62.18 -54.23
CA LYS M 597 -0.95 61.49 -53.09
C LYS M 597 -0.45 62.06 -51.76
N LEU M 598 0.87 62.22 -51.62
CA LEU M 598 1.38 62.89 -50.44
C LEU M 598 0.88 64.33 -50.35
N LYS M 599 0.77 65.02 -51.49
CA LYS M 599 0.17 66.35 -51.46
C LYS M 599 -1.21 66.31 -50.82
N GLU M 600 -2.03 65.32 -51.19
CA GLU M 600 -3.35 65.19 -50.63
C GLU M 600 -3.28 64.98 -49.13
N ARG M 601 -2.29 64.21 -48.66
CA ARG M 601 -2.07 64.10 -47.23
C ARG M 601 -1.82 65.47 -46.61
N GLU M 602 -1.02 66.30 -47.28
CA GLU M 602 -0.80 67.66 -46.81
C GLU M 602 -2.12 68.42 -46.71
N ARG M 603 -3.01 68.24 -47.69
CA ARG M 603 -4.31 68.90 -47.61
C ARG M 603 -5.08 68.44 -46.37
N ILE M 604 -5.12 67.13 -46.13
CA ILE M 604 -5.90 66.60 -45.01
C ILE M 604 -5.38 67.12 -43.69
N SER M 605 -4.11 66.81 -43.37
CA SER M 605 -3.52 67.29 -42.13
C SER M 605 -3.66 68.80 -42.00
N ARG M 606 -3.50 69.52 -43.12
CA ARG M 606 -3.56 70.98 -43.13
C ARG M 606 -4.93 71.47 -42.67
N VAL M 607 -5.98 71.17 -43.45
CA VAL M 607 -7.31 71.69 -43.16
C VAL M 607 -7.87 71.16 -41.86
N GLN M 608 -7.37 70.01 -41.37
CA GLN M 608 -7.91 69.39 -40.16
C GLN M 608 -8.11 70.41 -39.03
N ASN M 609 -7.02 71.08 -38.61
CA ASN M 609 -7.12 72.03 -37.51
C ASN M 609 -8.04 73.19 -37.86
N LEU M 610 -8.04 73.62 -39.13
CA LEU M 610 -9.01 74.62 -39.54
C LEU M 610 -10.42 74.15 -39.28
N ILE M 611 -10.67 72.84 -39.35
CA ILE M 611 -11.98 72.33 -38.98
C ILE M 611 -12.12 72.27 -37.47
N GLU M 612 -11.02 72.03 -36.74
CA GLU M 612 -11.07 72.08 -35.29
C GLU M 612 -11.58 73.42 -34.79
N HIS M 613 -11.23 74.51 -35.47
CA HIS M 613 -11.74 75.83 -35.13
C HIS M 613 -12.93 76.13 -36.03
N GLU M 614 -14.13 75.85 -35.52
CA GLU M 614 -15.37 76.36 -36.11
C GLU M 614 -16.08 77.17 -35.03
N ASN M 615 -16.76 78.23 -35.45
CA ASN M 615 -17.47 79.14 -34.56
C ASN M 615 -16.59 79.67 -33.43
N SER M 616 -15.28 79.42 -33.50
CA SER M 616 -14.34 79.95 -32.52
C SER M 616 -14.22 81.46 -32.64
N HIS M 617 -13.74 82.09 -31.56
CA HIS M 617 -13.42 83.51 -31.66
C HIS M 617 -12.24 83.75 -32.60
N ASP M 618 -11.38 82.75 -32.78
CA ASP M 618 -10.27 82.88 -33.71
C ASP M 618 -10.78 82.95 -35.15
N GLU M 619 -11.65 82.02 -35.55
CA GLU M 619 -12.25 82.07 -36.87
C GLU M 619 -13.17 83.27 -37.04
N ASP M 620 -13.68 83.84 -35.95
CA ASP M 620 -14.41 85.10 -36.04
C ASP M 620 -13.46 86.24 -36.39
N LYS M 621 -12.37 86.39 -35.62
CA LYS M 621 -11.33 87.36 -35.95
C LYS M 621 -10.92 87.23 -37.40
N TYR M 622 -10.73 85.99 -37.85
CA TYR M 622 -10.27 85.75 -39.21
C TYR M 622 -11.33 86.16 -40.22
N LEU M 623 -12.62 85.92 -39.92
CA LEU M 623 -13.65 86.33 -40.88
C LEU M 623 -13.82 87.84 -40.91
N GLN M 624 -13.55 88.51 -39.79
CA GLN M 624 -13.56 89.98 -39.77
C GLN M 624 -12.43 90.54 -40.61
N ASP M 625 -11.19 90.40 -40.11
CA ASP M 625 -10.04 90.98 -40.79
C ASP M 625 -9.91 90.42 -42.21
N LEU M 626 -10.44 89.23 -42.42
CA LEU M 626 -10.59 88.70 -43.77
C LEU M 626 -11.54 89.57 -44.58
N GLY M 627 -12.81 89.61 -44.17
CA GLY M 627 -13.83 90.26 -44.97
C GLY M 627 -13.49 91.71 -45.29
N TYR M 628 -12.97 92.44 -44.31
CA TYR M 628 -12.75 93.84 -44.58
C TYR M 628 -11.31 94.17 -44.96
N ARG M 629 -10.37 93.25 -44.75
CA ARG M 629 -9.10 93.31 -45.46
C ARG M 629 -9.33 93.21 -46.96
N LEU M 630 -10.03 92.15 -47.38
CA LEU M 630 -10.48 92.03 -48.76
C LEU M 630 -11.27 93.26 -49.19
N SER M 631 -12.05 93.86 -48.28
CA SER M 631 -12.74 95.09 -48.65
C SER M 631 -11.77 96.21 -48.99
N ILE M 632 -10.67 96.34 -48.23
CA ILE M 632 -9.68 97.38 -48.52
C ILE M 632 -9.05 97.15 -49.89
N ALA M 633 -8.61 95.91 -50.15
CA ALA M 633 -8.00 95.63 -51.45
C ALA M 633 -8.99 95.87 -52.59
N THR M 634 -10.25 95.50 -52.38
CA THR M 634 -11.30 95.72 -53.37
C THR M 634 -11.47 97.20 -53.66
N ASN M 635 -11.44 98.04 -52.63
CA ASN M 635 -11.52 99.46 -52.87
C ASN M 635 -10.32 99.95 -53.69
N GLU M 636 -9.11 99.51 -53.33
CA GLU M 636 -7.92 99.91 -54.09
C GLU M 636 -8.08 99.58 -55.57
N LEU M 637 -8.49 98.35 -55.86
CA LEU M 637 -8.72 97.98 -57.26
C LEU M 637 -9.84 98.81 -57.88
N LEU M 638 -10.77 99.31 -57.07
CA LEU M 638 -11.82 100.17 -57.62
C LEU M 638 -11.28 101.57 -57.95
N GLU M 639 -10.32 102.06 -57.17
CA GLU M 639 -9.63 103.31 -57.52
C GLU M 639 -8.85 103.15 -58.82
N SER M 640 -8.04 102.10 -58.92
CA SER M 640 -7.33 101.84 -60.16
C SER M 640 -8.26 101.42 -61.30
N TRP M 641 -9.55 101.21 -61.01
CA TRP M 641 -10.58 101.19 -62.04
C TRP M 641 -11.12 102.58 -62.34
N GLN M 642 -11.00 103.53 -61.41
CA GLN M 642 -11.40 104.89 -61.70
C GLN M 642 -10.40 105.56 -62.63
N LYS M 643 -9.10 105.30 -62.43
CA LYS M 643 -8.09 105.96 -63.28
C LYS M 643 -8.23 105.54 -64.73
N THR M 644 -8.50 104.25 -64.97
CA THR M 644 -8.66 103.72 -66.32
C THR M 644 -10.13 103.69 -66.76
N LYS M 645 -11.01 104.42 -66.06
CA LYS M 645 -12.44 104.31 -66.30
C LYS M 645 -12.80 104.74 -67.72
N ASP M 646 -12.17 105.79 -68.22
CA ASP M 646 -12.56 106.37 -69.51
C ASP M 646 -11.97 105.64 -70.70
N GLU M 647 -11.86 104.31 -70.62
CA GLU M 647 -11.36 103.56 -71.75
C GLU M 647 -12.37 103.57 -72.89
N SER M 648 -13.59 103.13 -72.63
CA SER M 648 -14.70 103.20 -73.57
C SER M 648 -14.41 102.48 -74.88
N ILE M 649 -13.35 101.69 -74.93
CA ILE M 649 -13.04 100.87 -76.10
C ILE M 649 -13.61 99.46 -75.94
N LEU M 650 -13.56 98.93 -74.72
CA LEU M 650 -14.19 97.68 -74.29
C LEU M 650 -15.17 97.97 -73.15
N SER M 651 -15.70 96.90 -72.55
CA SER M 651 -16.56 97.04 -71.38
C SER M 651 -16.31 95.95 -70.36
N GLY M 652 -15.18 95.26 -70.44
CA GLY M 652 -14.80 94.29 -69.43
C GLY M 652 -13.53 94.71 -68.71
N SER M 653 -13.65 95.08 -67.44
CA SER M 653 -12.48 95.49 -66.67
C SER M 653 -11.48 94.34 -66.56
N LEU M 654 -10.22 94.74 -66.33
CA LEU M 654 -9.11 93.79 -66.38
C LEU M 654 -9.05 92.90 -65.15
N SER M 655 -8.93 91.59 -65.39
CA SER M 655 -8.73 90.58 -64.34
C SER M 655 -9.64 90.82 -63.14
N HIS M 656 -10.89 91.16 -63.43
CA HIS M 656 -11.81 91.65 -62.41
C HIS M 656 -12.14 90.60 -61.34
N SER M 657 -13.07 89.70 -61.61
CA SER M 657 -13.64 88.80 -60.61
C SER M 657 -12.56 88.04 -59.84
N LYS M 658 -12.39 88.35 -58.55
CA LYS M 658 -11.40 87.62 -57.77
C LYS M 658 -11.58 87.83 -56.26
N LEU M 659 -10.73 87.12 -55.51
CA LEU M 659 -10.31 87.49 -54.18
C LEU M 659 -9.49 88.76 -54.17
N LYS M 660 -9.05 89.22 -55.34
CA LYS M 660 -8.15 90.36 -55.54
C LYS M 660 -6.86 90.27 -54.75
N ASN M 661 -5.85 89.67 -55.39
CA ASN M 661 -4.46 89.53 -54.93
C ASN M 661 -4.30 89.58 -53.42
N LEU M 662 -4.98 88.66 -52.74
CA LEU M 662 -4.61 88.22 -51.40
C LEU M 662 -5.19 86.81 -51.33
N LEU M 663 -4.34 85.80 -51.42
CA LEU M 663 -4.82 84.44 -51.60
C LEU M 663 -4.85 83.61 -50.32
N GLU M 664 -3.91 83.82 -49.41
CA GLU M 664 -3.93 83.06 -48.15
C GLU M 664 -5.20 83.34 -47.37
N ASN M 665 -5.82 84.49 -47.60
CA ASN M 665 -6.99 84.90 -46.82
C ASN M 665 -8.20 84.04 -47.13
N SER M 666 -8.30 83.51 -48.34
CA SER M 666 -9.37 82.56 -48.65
C SER M 666 -9.37 81.42 -47.64
N ASP M 667 -8.40 80.51 -47.80
CA ASP M 667 -8.52 79.16 -47.26
C ASP M 667 -8.89 79.14 -45.79
N SER M 668 -8.15 79.87 -44.95
CA SER M 668 -7.94 79.45 -43.56
C SER M 668 -9.24 79.27 -42.76
N PHE M 669 -10.35 79.87 -43.16
CA PHE M 669 -11.59 79.62 -42.42
C PHE M 669 -12.10 78.21 -42.74
N ALA M 670 -13.21 77.83 -42.09
CA ALA M 670 -13.76 76.50 -42.31
C ALA M 670 -15.19 76.33 -41.81
N SER M 671 -16.05 77.32 -42.04
CA SER M 671 -17.44 77.26 -41.60
C SER M 671 -18.29 77.89 -42.69
N ILE M 672 -18.89 77.05 -43.52
CA ILE M 672 -19.64 77.55 -44.67
C ILE M 672 -20.69 78.61 -44.32
N PRO M 673 -21.53 78.42 -43.28
CA PRO M 673 -22.62 79.39 -43.08
C PRO M 673 -22.16 80.77 -42.63
N GLU M 674 -21.14 80.84 -41.77
CA GLU M 674 -20.60 82.15 -41.39
C GLU M 674 -19.87 82.81 -42.55
N PHE M 675 -19.45 82.02 -43.52
CA PHE M 675 -18.78 82.53 -44.71
C PHE M 675 -19.78 83.04 -45.74
N SER M 676 -20.90 82.34 -45.90
CA SER M 676 -22.01 82.88 -46.65
C SER M 676 -22.53 84.17 -46.03
N SER M 677 -22.56 84.25 -44.70
CA SER M 677 -22.97 85.49 -44.07
C SER M 677 -21.94 86.59 -44.28
N LEU M 678 -20.65 86.25 -44.28
CA LEU M 678 -19.61 87.20 -44.67
C LEU M 678 -19.91 87.79 -46.03
N LEU M 679 -20.13 86.92 -47.03
CA LEU M 679 -20.36 87.41 -48.38
C LEU M 679 -21.64 88.23 -48.49
N ASP M 680 -22.69 87.83 -47.79
CA ASP M 680 -23.93 88.61 -47.84
C ASP M 680 -23.71 90.01 -47.27
N GLN M 681 -22.88 90.12 -46.23
CA GLN M 681 -22.61 91.43 -45.67
C GLN M 681 -21.52 92.19 -46.42
N PHE M 682 -20.76 91.52 -47.29
CA PHE M 682 -19.84 92.20 -48.19
C PHE M 682 -20.60 92.81 -49.37
N PHE M 683 -21.44 92.01 -50.03
CA PHE M 683 -22.34 92.57 -51.03
C PHE M 683 -23.16 93.69 -50.44
N GLN M 684 -23.67 93.50 -49.22
CA GLN M 684 -24.34 94.59 -48.53
C GLN M 684 -23.43 95.81 -48.42
N TYR M 685 -22.16 95.60 -48.05
CA TYR M 685 -21.28 96.72 -47.76
C TYR M 685 -20.96 97.54 -49.00
N TYR M 686 -20.71 96.87 -50.14
CA TYR M 686 -20.40 97.59 -51.36
C TYR M 686 -21.65 97.93 -52.19
N GLN M 687 -22.79 98.12 -51.51
CA GLN M 687 -24.01 98.56 -52.17
C GLN M 687 -23.89 99.98 -52.74
N ASP M 688 -22.89 100.74 -52.30
CA ASP M 688 -22.50 101.97 -53.00
C ASP M 688 -22.35 101.65 -54.48
N GLN M 689 -23.14 102.31 -55.29
CA GLN M 689 -23.50 101.81 -56.61
C GLN M 689 -22.31 101.80 -57.58
N ASP M 690 -22.59 101.52 -58.85
CA ASP M 690 -21.59 101.26 -59.88
C ASP M 690 -20.65 100.13 -59.44
N VAL M 691 -21.27 98.99 -59.13
CA VAL M 691 -20.54 97.78 -58.73
C VAL M 691 -21.38 96.57 -59.12
N THR M 692 -20.69 95.45 -59.33
CA THR M 692 -21.33 94.26 -59.87
C THR M 692 -22.28 93.62 -58.87
N PHE M 693 -23.31 92.98 -59.40
CA PHE M 693 -24.24 92.16 -58.62
C PHE M 693 -24.51 90.88 -59.38
N ILE M 694 -24.31 89.74 -58.71
CA ILE M 694 -24.61 88.42 -59.28
C ILE M 694 -25.09 87.50 -58.17
N GLY M 695 -26.30 86.97 -58.33
CA GLY M 695 -26.91 86.14 -57.32
C GLY M 695 -26.58 84.67 -57.48
N PHE M 696 -25.84 84.12 -56.51
CA PHE M 696 -25.26 82.79 -56.68
C PHE M 696 -26.33 81.71 -56.79
N GLU M 697 -27.26 81.68 -55.83
CA GLU M 697 -28.29 80.64 -55.75
C GLU M 697 -28.85 80.24 -57.12
N LYS M 698 -29.29 81.23 -57.88
CA LYS M 698 -29.86 80.99 -59.20
C LYS M 698 -28.85 80.31 -60.13
N LEU M 699 -27.57 80.29 -59.76
CA LEU M 699 -26.54 79.62 -60.56
C LEU M 699 -26.18 78.24 -60.03
N LEU M 700 -26.22 78.03 -58.70
CA LEU M 700 -26.12 76.69 -58.15
C LEU M 700 -27.23 75.79 -58.68
N HIS M 701 -28.38 76.40 -59.00
CA HIS M 701 -29.39 75.79 -59.86
C HIS M 701 -28.78 74.94 -60.98
N LEU M 702 -27.70 75.42 -61.60
CA LEU M 702 -27.04 74.65 -62.65
C LEU M 702 -26.20 73.51 -62.11
N PHE M 703 -25.79 73.59 -60.84
CA PHE M 703 -24.91 72.57 -60.28
C PHE M 703 -25.71 71.35 -59.82
N LEU M 704 -26.68 71.55 -58.93
CA LEU M 704 -27.42 70.43 -58.35
C LEU M 704 -28.74 70.14 -59.05
N HIS M 705 -29.14 70.98 -59.99
CA HIS M 705 -30.30 70.79 -60.84
C HIS M 705 -31.61 70.86 -60.08
N GLU M 706 -31.62 71.54 -58.95
CA GLU M 706 -32.85 71.94 -58.29
C GLU M 706 -32.58 73.29 -57.66
N ASP M 707 -33.63 73.96 -57.22
CA ASP M 707 -33.42 75.27 -56.63
C ASP M 707 -32.53 75.12 -55.41
N VAL M 708 -31.44 75.87 -55.39
CA VAL M 708 -30.51 75.85 -54.27
C VAL M 708 -30.56 77.24 -53.64
N PRO M 709 -31.57 77.53 -52.79
CA PRO M 709 -31.70 78.87 -52.21
C PRO M 709 -30.46 79.35 -51.49
N GLY M 710 -30.01 78.60 -50.49
CA GLY M 710 -28.87 78.98 -49.69
C GLY M 710 -27.57 78.40 -50.20
N LEU M 711 -26.50 79.19 -50.01
CA LEU M 711 -25.15 78.68 -50.20
C LEU M 711 -24.88 77.51 -49.27
N ASP M 712 -25.66 77.36 -48.20
CA ASP M 712 -25.48 76.27 -47.25
C ASP M 712 -26.07 74.97 -47.77
N ILE M 713 -27.33 75.00 -48.19
CA ILE M 713 -28.01 73.79 -48.65
C ILE M 713 -27.20 73.11 -49.74
N PHE M 714 -26.49 73.90 -50.55
CA PHE M 714 -25.48 73.38 -51.46
C PHE M 714 -24.54 72.41 -50.73
N TYR M 715 -23.96 72.91 -49.64
CA TYR M 715 -23.03 72.12 -48.85
C TYR M 715 -23.73 70.91 -48.21
N ASN M 716 -24.96 71.09 -47.74
CA ASN M 716 -25.71 69.96 -47.19
C ASN M 716 -25.82 68.83 -48.19
N LYS M 717 -26.37 69.11 -49.38
CA LYS M 717 -26.62 68.06 -50.35
C LYS M 717 -25.31 67.38 -50.76
N LEU M 718 -24.29 68.16 -51.09
CA LEU M 718 -23.02 67.53 -51.44
C LEU M 718 -22.51 66.67 -50.29
N LEU M 719 -22.74 67.13 -49.06
CA LEU M 719 -22.23 66.40 -47.91
C LEU M 719 -22.99 65.10 -47.65
N GLN M 720 -24.30 65.06 -47.91
CA GLN M 720 -25.00 63.79 -47.88
C GLN M 720 -24.36 62.82 -48.84
N CYS M 721 -24.31 63.22 -50.12
CA CYS M 721 -23.75 62.35 -51.15
C CYS M 721 -22.40 61.80 -50.75
N TRP M 722 -21.49 62.67 -50.32
CA TRP M 722 -20.13 62.21 -50.12
C TRP M 722 -19.90 61.59 -48.75
N VAL M 723 -20.69 61.98 -47.75
CA VAL M 723 -20.61 61.31 -46.46
C VAL M 723 -21.01 59.85 -46.62
N LEU M 724 -21.76 59.51 -47.68
CA LEU M 724 -21.92 58.08 -47.94
C LEU M 724 -20.64 57.38 -48.41
N VAL M 725 -19.57 58.10 -48.74
CA VAL M 725 -18.53 57.52 -49.60
C VAL M 725 -17.09 57.82 -49.16
N SER M 726 -16.87 58.93 -48.48
CA SER M 726 -15.48 59.20 -48.18
C SER M 726 -15.27 59.54 -46.72
N PRO M 727 -14.11 59.20 -46.16
CA PRO M 727 -13.73 59.76 -44.86
C PRO M 727 -13.38 61.23 -45.03
N GLN M 728 -13.54 61.99 -43.94
CA GLN M 728 -13.40 63.45 -44.01
C GLN M 728 -14.16 64.02 -45.20
N ALA M 729 -15.29 63.40 -45.54
CA ALA M 729 -16.18 64.00 -46.51
C ALA M 729 -16.60 65.40 -46.07
N GLU M 730 -16.66 65.66 -44.76
CA GLU M 730 -16.91 67.02 -44.30
C GLU M 730 -15.77 67.96 -44.69
N LEU M 731 -14.53 67.50 -44.56
CA LEU M 731 -13.38 68.36 -44.86
C LEU M 731 -13.30 68.63 -46.36
N LEU M 732 -13.36 67.58 -47.19
CA LEU M 732 -13.34 67.79 -48.63
C LEU M 732 -14.55 68.62 -49.08
N THR M 733 -15.76 68.19 -48.71
CA THR M 733 -16.94 68.94 -49.12
C THR M 733 -16.84 70.41 -48.70
N LYS M 734 -16.24 70.70 -47.55
CA LYS M 734 -16.06 72.10 -47.17
C LYS M 734 -15.00 72.75 -48.06
N GLU M 735 -13.93 72.04 -48.35
CA GLU M 735 -12.84 72.56 -49.15
C GLU M 735 -13.27 72.79 -50.60
N ILE M 736 -14.32 72.10 -51.04
CA ILE M 736 -14.75 72.15 -52.44
C ILE M 736 -15.89 73.12 -52.57
N VAL M 737 -16.75 73.23 -51.55
CA VAL M 737 -17.70 74.33 -51.61
C VAL M 737 -16.97 75.67 -51.44
N LYS M 738 -15.88 75.69 -50.67
CA LYS M 738 -15.02 76.87 -50.62
C LYS M 738 -14.38 77.12 -51.97
N ASP M 739 -13.83 76.07 -52.59
CA ASP M 739 -13.19 76.25 -53.88
C ASP M 739 -14.17 76.74 -54.94
N ILE M 740 -15.40 76.21 -54.93
CA ILE M 740 -16.42 76.63 -55.89
C ILE M 740 -16.81 78.07 -55.64
N ILE M 741 -17.21 78.37 -54.39
CA ILE M 741 -17.67 79.71 -54.05
C ILE M 741 -16.59 80.74 -54.36
N TRP M 742 -15.33 80.33 -54.33
CA TRP M 742 -14.23 81.21 -54.72
C TRP M 742 -14.13 81.33 -56.24
N SER M 743 -14.12 80.19 -56.93
CA SER M 743 -14.07 80.17 -58.40
C SER M 743 -15.15 81.05 -59.03
N LEU M 744 -16.30 81.17 -58.37
CA LEU M 744 -17.38 81.99 -58.89
C LEU M 744 -17.46 83.35 -58.22
N ALA M 745 -16.72 83.57 -57.12
CA ALA M 745 -16.74 84.80 -56.34
C ALA M 745 -16.66 86.05 -57.20
N ARG M 746 -17.78 86.73 -57.38
CA ARG M 746 -17.88 87.76 -58.40
C ARG M 746 -17.10 89.02 -58.01
N LEU M 747 -16.61 89.73 -59.04
CA LEU M 747 -16.24 91.15 -58.98
C LEU M 747 -15.89 91.65 -60.39
N GLU M 748 -16.86 91.61 -61.31
CA GLU M 748 -16.60 91.97 -62.70
C GLU M 748 -16.49 93.49 -62.87
N LYS M 749 -16.57 93.97 -64.11
CA LYS M 749 -16.40 95.38 -64.42
C LYS M 749 -17.40 96.24 -63.64
N PRO M 750 -17.13 97.56 -63.52
CA PRO M 750 -18.16 98.48 -63.03
C PRO M 750 -19.50 98.22 -63.71
N SER M 751 -20.57 98.30 -62.93
CA SER M 751 -21.83 97.66 -63.30
C SER M 751 -22.58 98.45 -64.36
N LEU M 752 -23.75 97.92 -64.70
CA LEU M 752 -24.65 98.29 -65.79
C LEU M 752 -24.54 99.71 -66.32
N PHE M 753 -24.22 100.69 -65.47
CA PHE M 753 -24.07 102.04 -65.99
C PHE M 753 -22.78 102.24 -66.75
N GLU M 754 -21.77 101.40 -66.51
CA GLU M 754 -20.51 101.51 -67.24
C GLU M 754 -20.58 100.80 -68.60
N PRO M 755 -21.24 99.64 -68.73
CA PRO M 755 -21.32 99.02 -70.07
C PRO M 755 -22.03 99.87 -71.11
N ILE M 756 -23.12 100.57 -70.76
CA ILE M 756 -23.89 101.30 -71.75
C ILE M 756 -23.06 102.38 -72.43
N GLN M 757 -22.00 102.86 -71.76
CA GLN M 757 -21.09 103.83 -72.34
C GLN M 757 -20.40 103.26 -73.59
N ASN M 758 -19.71 102.13 -73.43
CA ASN M 758 -19.06 101.50 -74.57
C ASN M 758 -20.07 100.88 -75.53
N GLU M 759 -21.23 100.48 -75.00
CA GLU M 759 -22.31 99.99 -75.85
C GLU M 759 -22.68 101.02 -76.91
N ILE M 760 -23.04 102.23 -76.46
CA ILE M 760 -23.42 103.26 -77.41
C ILE M 760 -22.22 103.71 -78.22
N SER M 761 -21.02 103.79 -77.61
CA SER M 761 -19.87 104.34 -78.32
C SER M 761 -19.34 103.37 -79.39
N ARG M 762 -19.53 102.06 -79.22
CA ARG M 762 -19.27 101.14 -80.32
C ARG M 762 -20.41 101.18 -81.33
N SER M 763 -21.65 101.33 -80.84
CA SER M 763 -22.79 101.61 -81.69
C SER M 763 -22.70 102.99 -82.36
N LEU M 764 -21.58 103.70 -82.22
CA LEU M 764 -21.33 104.92 -82.96
C LEU M 764 -20.35 104.67 -84.10
N SER M 765 -19.15 104.20 -83.77
CA SER M 765 -18.11 104.00 -84.78
C SER M 765 -18.58 103.10 -85.92
N GLY M 766 -19.65 102.35 -85.73
CA GLY M 766 -20.23 101.58 -86.81
C GLY M 766 -21.01 102.47 -87.76
N PRO M 767 -21.03 102.09 -89.04
CA PRO M 767 -21.78 102.89 -90.02
C PRO M 767 -23.25 103.02 -89.67
N TYR M 768 -23.86 104.07 -90.22
CA TYR M 768 -25.07 104.65 -89.63
C TYR M 768 -26.27 103.69 -89.64
N GLN M 769 -26.40 102.84 -90.65
CA GLN M 769 -27.61 102.03 -90.77
C GLN M 769 -27.47 100.62 -90.20
N ASP M 770 -26.25 100.13 -89.99
CA ASP M 770 -26.09 99.06 -89.02
C ASP M 770 -26.43 99.57 -87.63
N ILE M 771 -26.04 100.82 -87.34
CA ILE M 771 -26.47 101.47 -86.11
C ILE M 771 -28.00 101.56 -86.09
N ILE M 772 -28.63 101.67 -87.26
CA ILE M 772 -30.08 101.66 -87.31
C ILE M 772 -30.62 100.24 -87.13
N SER M 773 -29.83 99.22 -87.47
CA SER M 773 -30.30 97.85 -87.28
C SER M 773 -30.16 97.37 -85.85
N SER M 774 -29.17 97.87 -85.11
CA SER M 774 -29.00 97.53 -83.71
C SER M 774 -30.29 97.84 -82.97
N TRP M 775 -30.90 96.81 -82.40
CA TRP M 775 -32.28 96.88 -81.95
C TRP M 775 -32.44 96.13 -80.63
N ASP M 776 -32.76 96.87 -79.57
CA ASP M 776 -33.15 96.25 -78.32
C ASP M 776 -34.66 96.05 -78.30
N MET M 777 -35.13 95.32 -77.27
CA MET M 777 -36.52 94.93 -77.06
C MET M 777 -37.27 94.64 -78.36
N ASP M 778 -37.18 93.41 -78.84
CA ASP M 778 -37.84 93.01 -80.09
C ASP M 778 -39.35 92.91 -79.88
N ASP M 779 -39.81 91.78 -79.36
CA ASP M 779 -41.21 91.53 -79.06
C ASP M 779 -41.35 90.30 -78.18
N LYS N 94 -41.53 90.71 -104.39
CA LYS N 94 -42.02 90.36 -103.06
C LYS N 94 -40.92 90.53 -101.98
N LEU N 95 -39.91 89.66 -102.01
CA LEU N 95 -38.88 89.66 -100.99
C LEU N 95 -37.68 90.51 -101.40
N ILE N 96 -36.95 90.99 -100.38
CA ILE N 96 -35.86 91.95 -100.57
C ILE N 96 -34.81 91.38 -101.53
N GLY N 97 -34.05 92.29 -102.14
CA GLY N 97 -32.90 91.91 -102.92
C GLY N 97 -31.62 92.62 -102.51
N HIS N 98 -30.56 91.83 -102.28
CA HIS N 98 -29.18 92.30 -102.30
C HIS N 98 -28.84 93.29 -101.18
N GLU N 99 -29.83 93.79 -100.44
CA GLU N 99 -29.50 94.45 -99.18
C GLU N 99 -30.42 93.96 -98.07
N ALA N 100 -30.80 92.69 -98.13
CA ALA N 100 -31.49 92.04 -97.04
C ALA N 100 -30.46 91.60 -96.04
N LYS N 101 -29.26 92.19 -96.10
CA LYS N 101 -28.36 92.11 -94.98
C LYS N 101 -29.04 92.64 -93.73
N LEU N 102 -29.82 93.72 -93.87
CA LEU N 102 -30.53 94.30 -92.74
C LEU N 102 -31.55 93.32 -92.17
N LEU N 103 -32.38 92.74 -93.04
CA LEU N 103 -33.39 91.79 -92.57
C LEU N 103 -32.74 90.55 -92.00
N PHE N 104 -31.65 90.10 -92.62
CA PHE N 104 -30.91 88.95 -92.10
C PHE N 104 -30.45 89.21 -90.68
N LEU N 105 -29.61 90.23 -90.50
CA LEU N 105 -29.13 90.55 -89.15
C LEU N 105 -30.28 90.88 -88.20
N LYS N 106 -31.47 91.23 -88.72
CA LYS N 106 -32.60 91.49 -87.83
C LYS N 106 -33.27 90.22 -87.33
N SER N 107 -33.50 89.24 -88.21
CA SER N 107 -33.99 87.96 -87.73
C SER N 107 -32.95 87.27 -86.86
N PHE N 108 -31.66 87.46 -87.15
CA PHE N 108 -30.60 86.87 -86.35
C PHE N 108 -30.57 87.48 -84.95
N GLN N 109 -30.43 88.80 -84.89
CA GLN N 109 -30.41 89.48 -83.59
C GLN N 109 -31.69 89.23 -82.81
N PHE N 110 -32.84 89.26 -83.49
CA PHE N 110 -34.11 88.97 -82.82
C PHE N 110 -34.13 87.57 -82.24
N ILE N 111 -33.61 86.58 -82.98
CA ILE N 111 -33.56 85.22 -82.45
C ILE N 111 -32.63 85.18 -81.24
N LEU N 112 -31.52 85.92 -81.27
CA LEU N 112 -30.62 85.97 -80.14
C LEU N 112 -31.34 86.46 -78.89
N LYS N 113 -31.84 87.70 -78.93
CA LYS N 113 -32.52 88.22 -77.75
C LYS N 113 -33.67 87.33 -77.33
N ARG N 114 -34.29 86.60 -78.27
CA ARG N 114 -35.30 85.62 -77.90
C ARG N 114 -34.70 84.53 -77.00
N GLN N 115 -33.55 84.01 -77.40
CA GLN N 115 -32.88 82.99 -76.59
C GLN N 115 -32.46 83.54 -75.23
N ILE N 116 -31.95 84.77 -75.19
CA ILE N 116 -31.58 85.38 -73.92
C ILE N 116 -32.80 85.47 -73.01
N ARG N 117 -33.93 85.91 -73.56
CA ARG N 117 -35.17 85.94 -72.80
C ARG N 117 -35.45 84.57 -72.18
N TRP N 118 -35.27 83.51 -72.96
CA TRP N 118 -35.49 82.18 -72.39
C TRP N 118 -34.45 81.80 -71.35
N LEU N 119 -33.23 82.36 -71.38
CA LEU N 119 -32.29 81.87 -70.37
C LEU N 119 -32.26 82.69 -69.09
N ILE N 120 -32.47 84.02 -69.14
CA ILE N 120 -32.72 84.75 -67.89
C ILE N 120 -34.03 84.27 -67.27
N THR N 121 -35.09 84.20 -68.09
CA THR N 121 -36.39 83.74 -67.60
C THR N 121 -36.31 82.30 -67.10
N GLU N 122 -36.18 81.35 -68.02
CA GLU N 122 -36.32 79.94 -67.67
C GLU N 122 -35.05 79.32 -67.08
N MET N 123 -33.89 79.98 -67.21
CA MET N 123 -32.66 79.46 -66.63
C MET N 123 -32.10 80.35 -65.53
N ARG N 124 -32.81 81.41 -65.18
CA ARG N 124 -32.42 82.26 -64.05
C ARG N 124 -30.97 82.73 -64.19
N PHE N 125 -30.64 83.25 -65.38
CA PHE N 125 -29.40 83.98 -65.64
C PHE N 125 -29.47 85.37 -65.01
N PRO N 126 -28.33 86.07 -64.92
CA PRO N 126 -28.36 87.48 -64.53
C PRO N 126 -28.64 88.43 -65.70
N LYS N 127 -29.23 89.58 -65.37
CA LYS N 127 -29.59 90.56 -66.39
C LYS N 127 -28.37 91.16 -67.07
N GLU N 128 -27.20 91.06 -66.44
CA GLU N 128 -25.97 91.61 -67.00
C GLU N 128 -25.56 90.89 -68.27
N PHE N 129 -25.85 89.61 -68.34
CA PHE N 129 -25.54 88.82 -69.53
C PHE N 129 -26.01 89.53 -70.79
N GLU N 130 -27.21 90.11 -70.75
CA GLU N 130 -27.76 90.77 -71.93
C GLU N 130 -26.83 91.89 -72.42
N HIS N 131 -26.36 92.73 -71.50
CA HIS N 131 -25.44 93.80 -71.91
C HIS N 131 -24.13 93.22 -72.44
N VAL N 132 -23.63 92.14 -71.81
CA VAL N 132 -22.41 91.52 -72.34
C VAL N 132 -22.65 91.02 -73.77
N ALA N 133 -23.87 90.56 -74.05
CA ALA N 133 -24.21 90.08 -75.38
C ALA N 133 -24.32 91.22 -76.39
N LYS N 134 -24.95 92.34 -75.99
CA LYS N 134 -24.95 93.52 -76.84
C LYS N 134 -23.53 93.99 -77.12
N ILE N 135 -22.60 93.79 -76.18
CA ILE N 135 -21.22 94.23 -76.44
C ILE N 135 -20.53 93.31 -77.42
N ILE N 136 -20.68 91.98 -77.27
CA ILE N 136 -19.95 91.08 -78.18
C ILE N 136 -20.58 91.08 -79.57
N TRP N 137 -21.90 90.87 -79.63
CA TRP N 137 -22.64 90.99 -80.88
C TRP N 137 -22.48 92.38 -81.49
N LEU N 138 -22.28 93.39 -80.65
CA LEU N 138 -21.98 94.73 -81.14
C LEU N 138 -20.61 94.79 -81.78
N LYS N 139 -19.62 94.14 -81.17
CA LYS N 139 -18.27 94.16 -81.72
C LYS N 139 -18.22 93.47 -83.07
N ILE N 140 -18.82 92.29 -83.18
CA ILE N 140 -18.74 91.60 -84.47
C ILE N 140 -19.73 92.18 -85.48
N LEU N 141 -20.82 92.78 -85.02
CA LEU N 141 -21.69 93.54 -85.93
C LEU N 141 -20.92 94.71 -86.54
N LYS N 142 -20.19 95.44 -85.70
CA LYS N 142 -19.33 96.52 -86.17
C LYS N 142 -18.21 96.00 -87.07
N THR N 143 -17.79 94.75 -86.87
CA THR N 143 -16.72 94.25 -87.73
C THR N 143 -17.24 93.79 -89.09
N ILE N 144 -18.46 93.26 -89.16
CA ILE N 144 -19.00 92.89 -90.47
C ILE N 144 -19.58 94.10 -91.18
N ASN N 145 -19.92 95.14 -90.45
CA ASN N 145 -20.26 96.43 -91.05
C ASN N 145 -19.08 97.39 -91.04
N ASP N 146 -17.87 96.87 -90.85
CA ASP N 146 -16.66 97.47 -91.40
C ASP N 146 -16.12 96.64 -92.54
N GLN N 147 -16.92 95.75 -93.04
CA GLN N 147 -16.55 95.04 -94.23
C GLN N 147 -17.40 95.53 -95.39
N PRO N 148 -16.82 95.64 -96.58
CA PRO N 148 -17.49 96.38 -97.66
C PRO N 148 -18.51 95.55 -98.43
N GLN N 149 -18.05 94.47 -99.05
CA GLN N 149 -18.64 93.94 -100.27
C GLN N 149 -20.15 93.74 -100.15
N GLU N 150 -20.85 93.96 -101.26
CA GLU N 150 -22.25 93.55 -101.33
C GLU N 150 -22.36 92.03 -101.32
N GLU N 151 -21.34 91.34 -101.83
CA GLU N 151 -21.20 89.92 -101.51
C GLU N 151 -21.04 89.78 -100.01
N LEU N 152 -21.97 89.03 -99.40
CA LEU N 152 -22.18 89.12 -97.96
C LEU N 152 -20.97 88.63 -97.19
N LYS N 153 -20.47 87.44 -97.52
CA LYS N 153 -19.30 86.85 -96.89
C LYS N 153 -19.49 86.63 -95.40
N LEU N 154 -20.68 86.91 -94.86
CA LEU N 154 -20.95 86.64 -93.46
C LEU N 154 -21.54 85.24 -93.31
N GLN N 155 -21.20 84.59 -92.19
CA GLN N 155 -21.75 83.29 -91.82
C GLN N 155 -22.31 83.43 -90.41
N LEU N 156 -23.51 83.98 -90.32
CA LEU N 156 -24.26 83.99 -89.07
C LEU N 156 -25.12 82.73 -89.05
N HIS N 157 -24.46 81.61 -88.80
CA HIS N 157 -25.12 80.36 -88.47
C HIS N 157 -25.52 80.37 -87.01
N MET N 158 -26.31 79.36 -86.62
CA MET N 158 -26.75 79.25 -85.24
C MET N 158 -25.58 79.09 -84.28
N THR N 159 -24.54 78.39 -84.72
CA THR N 159 -23.29 78.31 -83.98
C THR N 159 -22.75 79.68 -83.58
N SER N 160 -23.10 80.74 -84.31
CA SER N 160 -22.67 82.07 -83.89
C SER N 160 -23.52 82.57 -82.73
N THR N 161 -24.82 82.29 -82.75
CA THR N 161 -25.68 82.59 -81.61
C THR N 161 -25.13 81.93 -80.34
N ILE N 162 -25.02 80.60 -80.37
CA ILE N 162 -24.47 79.90 -79.22
C ILE N 162 -23.06 80.36 -78.93
N SER N 163 -22.31 80.75 -79.97
CA SER N 163 -20.93 81.16 -79.77
C SER N 163 -20.84 82.43 -78.93
N ILE N 164 -21.72 83.40 -79.18
CA ILE N 164 -21.61 84.62 -78.39
C ILE N 164 -22.28 84.44 -77.04
N LEU N 165 -23.26 83.56 -76.94
CA LEU N 165 -23.77 83.20 -75.62
C LEU N 165 -22.67 82.62 -74.74
N TYR N 166 -21.99 81.57 -75.22
CA TYR N 166 -20.88 81.00 -74.45
C TYR N 166 -19.77 82.03 -74.21
N LEU N 167 -19.44 82.83 -75.22
CA LEU N 167 -18.39 83.83 -75.02
C LEU N 167 -18.74 84.77 -73.89
N ALA N 168 -19.97 85.30 -73.88
CA ALA N 168 -20.38 86.23 -72.84
C ALA N 168 -20.45 85.52 -71.49
N SER N 169 -21.04 84.33 -71.45
CA SER N 169 -21.10 83.55 -70.21
C SER N 169 -19.72 83.34 -69.63
N THR N 170 -18.72 83.07 -70.47
CA THR N 170 -17.37 82.79 -70.02
C THR N 170 -16.67 84.05 -69.51
N HIS N 171 -16.89 85.20 -70.18
CA HIS N 171 -16.42 86.44 -69.60
C HIS N 171 -16.98 86.60 -68.19
N LEU N 172 -18.30 86.42 -68.04
CA LEU N 172 -18.93 86.57 -66.74
C LEU N 172 -18.61 85.43 -65.77
N SER N 173 -17.79 84.44 -66.14
CA SER N 173 -17.32 83.40 -65.21
C SER N 173 -18.47 82.57 -64.62
N LEU N 174 -19.63 82.52 -65.30
CA LEU N 174 -20.73 81.68 -64.86
C LEU N 174 -20.37 80.21 -65.11
N PRO N 175 -20.87 79.29 -64.25
CA PRO N 175 -20.40 77.92 -64.32
C PRO N 175 -21.15 77.13 -65.37
N VAL N 176 -21.54 77.79 -66.44
CA VAL N 176 -22.16 77.12 -67.57
C VAL N 176 -21.07 76.74 -68.54
N TYR N 177 -21.21 75.56 -69.15
CA TYR N 177 -20.25 75.03 -70.09
C TYR N 177 -20.98 74.57 -71.33
N THR N 178 -20.20 74.22 -72.36
CA THR N 178 -20.78 73.97 -73.67
C THR N 178 -21.87 72.90 -73.62
N CYS N 179 -21.66 71.86 -72.79
CA CYS N 179 -22.59 70.75 -72.69
C CYS N 179 -23.95 71.18 -72.14
N ASP N 180 -23.96 72.17 -71.24
CA ASP N 180 -25.21 72.80 -70.85
C ASP N 180 -25.95 73.33 -72.08
N TYR N 181 -25.23 74.01 -72.98
CA TYR N 181 -25.86 74.54 -74.19
C TYR N 181 -26.37 73.42 -75.10
N ILE N 182 -25.51 72.44 -75.41
CA ILE N 182 -25.92 71.33 -76.25
C ILE N 182 -27.18 70.67 -75.70
N LYS N 183 -27.20 70.39 -74.39
CA LYS N 183 -28.40 69.82 -73.78
C LYS N 183 -29.59 70.75 -73.98
N TRP N 184 -29.40 72.04 -73.67
CA TRP N 184 -30.49 73.00 -73.70
C TRP N 184 -31.13 73.09 -75.08
N ILE N 185 -30.33 73.02 -76.13
CA ILE N 185 -30.87 73.21 -77.48
C ILE N 185 -31.38 71.90 -78.06
N CYS N 186 -30.67 70.79 -77.83
CA CYS N 186 -31.14 69.51 -78.36
C CYS N 186 -32.42 69.05 -77.68
N THR N 187 -32.74 69.54 -76.48
CA THR N 187 -34.00 69.21 -75.84
C THR N 187 -35.09 70.23 -76.12
N ALA N 188 -34.93 71.04 -77.17
CA ALA N 188 -35.95 71.94 -77.66
C ALA N 188 -36.40 72.96 -76.63
N LYS N 189 -35.77 72.98 -75.46
CA LYS N 189 -36.13 73.97 -74.45
C LYS N 189 -35.75 75.35 -74.97
N MET N 190 -34.46 75.59 -75.09
CA MET N 190 -34.00 76.83 -75.71
C MET N 190 -34.28 76.80 -77.20
N PRO N 191 -35.15 77.68 -77.72
CA PRO N 191 -35.48 77.67 -79.15
C PRO N 191 -34.22 77.79 -80.00
N TYR N 192 -34.14 76.94 -81.04
CA TYR N 192 -32.91 76.87 -81.84
C TYR N 192 -33.19 76.54 -83.30
N PHE N 193 -33.80 75.39 -83.55
CA PHE N 193 -33.61 74.72 -84.84
C PHE N 193 -34.33 75.39 -86.02
N GLN N 194 -35.23 76.34 -85.80
CA GLN N 194 -36.03 76.89 -86.88
C GLN N 194 -35.73 78.37 -87.04
N ALA N 195 -35.31 78.76 -88.24
CA ALA N 195 -35.22 80.19 -88.54
C ALA N 195 -36.62 80.79 -88.42
N SER N 196 -36.85 81.56 -87.35
CA SER N 196 -38.17 82.08 -87.01
C SER N 196 -39.21 80.96 -87.06
N GLU N 197 -39.32 80.18 -85.99
CA GLU N 197 -40.12 78.96 -85.94
C GLU N 197 -41.56 79.19 -86.44
N ILE N 198 -42.23 78.11 -86.85
CA ILE N 198 -43.55 78.19 -87.46
C ILE N 198 -44.51 78.97 -86.59
N LEU N 199 -45.20 79.95 -87.19
CA LEU N 199 -46.20 80.74 -86.50
C LEU N 199 -47.09 81.47 -87.50
N ARG N 204 -44.19 84.80 -90.38
CA ARG N 204 -43.26 85.70 -89.72
C ARG N 204 -42.70 86.68 -90.76
N ILE N 205 -41.62 86.28 -91.43
CA ILE N 205 -40.97 87.08 -92.45
C ILE N 205 -40.58 86.17 -93.61
N GLN N 206 -40.66 86.70 -94.83
CA GLN N 206 -40.18 86.01 -96.03
C GLN N 206 -38.94 86.74 -96.54
N LEU N 207 -37.81 86.05 -96.50
CA LEU N 207 -36.50 86.61 -96.82
C LEU N 207 -35.98 85.93 -98.07
N PRO N 208 -34.93 86.46 -98.70
CA PRO N 208 -34.32 85.74 -99.82
C PRO N 208 -33.82 84.37 -99.40
N ASN N 209 -34.24 83.35 -100.15
CA ASN N 209 -33.93 81.96 -99.83
C ASN N 209 -32.44 81.71 -99.65
N TYR N 210 -31.60 82.64 -100.10
CA TYR N 210 -30.16 82.54 -99.86
C TYR N 210 -29.85 82.66 -98.36
N TYR N 211 -30.56 83.55 -97.65
CA TYR N 211 -30.32 83.73 -96.22
C TYR N 211 -31.03 82.68 -95.36
N VAL N 212 -32.25 82.28 -95.72
CA VAL N 212 -32.88 81.16 -95.02
C VAL N 212 -31.95 79.96 -95.03
N SER N 213 -31.28 79.73 -96.17
CA SER N 213 -30.28 78.67 -96.21
C SER N 213 -29.06 79.03 -95.36
N ILE N 214 -28.69 80.32 -95.33
CA ILE N 214 -27.56 80.71 -94.49
C ILE N 214 -27.85 80.50 -93.01
N LEU N 215 -29.13 80.38 -92.63
CA LEU N 215 -29.52 80.09 -91.25
C LEU N 215 -29.66 78.59 -91.02
N GLU N 216 -30.56 77.94 -91.77
CA GLU N 216 -30.80 76.52 -91.54
C GLU N 216 -29.55 75.69 -91.75
N GLY N 217 -28.62 76.17 -92.59
CA GLY N 217 -27.41 75.44 -92.82
C GLY N 217 -26.39 75.62 -91.72
N SER N 218 -25.49 74.64 -91.62
CA SER N 218 -24.47 74.61 -90.57
C SER N 218 -25.10 74.62 -89.18
N ILE N 219 -26.19 73.86 -89.02
CA ILE N 219 -26.97 73.96 -87.81
C ILE N 219 -26.34 73.17 -86.68
N SER N 220 -25.63 72.06 -87.00
CA SER N 220 -25.22 71.12 -85.97
C SER N 220 -23.98 71.62 -85.24
N PRO N 221 -23.91 71.38 -83.93
CA PRO N 221 -22.68 71.65 -83.16
C PRO N 221 -21.79 70.42 -82.95
N PHE N 222 -22.14 69.30 -83.57
CA PHE N 222 -21.88 68.00 -82.97
C PHE N 222 -20.53 67.39 -83.30
N ASN N 223 -19.66 68.08 -84.02
CA ASN N 223 -18.32 67.55 -84.18
C ASN N 223 -17.30 68.50 -83.60
N GLY N 224 -17.70 69.26 -82.58
CA GLY N 224 -16.88 70.35 -82.12
C GLY N 224 -17.11 71.64 -82.89
N GLN N 225 -18.13 71.67 -83.75
CA GLN N 225 -18.47 72.89 -84.45
C GLN N 225 -18.62 74.06 -83.49
N LEU N 226 -19.06 73.78 -82.27
CA LEU N 226 -19.23 74.84 -81.28
C LEU N 226 -17.88 75.34 -80.79
N TYR N 227 -16.97 74.43 -80.42
CA TYR N 227 -15.64 74.85 -79.98
C TYR N 227 -14.93 75.65 -81.08
N ASN N 228 -15.05 75.19 -82.33
CA ASN N 228 -14.40 75.84 -83.47
C ASN N 228 -15.03 77.19 -83.77
N LYS N 229 -16.34 77.31 -83.60
CA LYS N 229 -17.02 78.57 -83.85
C LYS N 229 -16.81 79.57 -82.70
N ILE N 230 -16.56 79.09 -81.48
CA ILE N 230 -16.30 80.03 -80.40
C ILE N 230 -14.86 80.51 -80.47
N ALA N 231 -13.93 79.65 -80.90
CA ALA N 231 -12.58 80.15 -81.15
C ALA N 231 -12.57 81.10 -82.35
N LEU N 232 -13.40 80.82 -83.36
CA LEU N 232 -13.49 81.69 -84.52
C LEU N 232 -14.03 83.06 -84.16
N THR N 233 -15.13 83.11 -83.39
CA THR N 233 -15.59 84.39 -82.84
C THR N 233 -14.50 85.05 -81.99
N CYS N 234 -13.74 84.23 -81.24
CA CYS N 234 -12.68 84.74 -80.37
C CYS N 234 -11.53 85.35 -81.14
N GLY N 235 -11.38 85.00 -82.41
CA GLY N 235 -10.54 85.79 -83.29
C GLY N 235 -11.27 87.00 -83.84
N MET N 236 -12.51 86.78 -84.33
CA MET N 236 -13.27 87.83 -85.03
C MET N 236 -13.28 89.13 -84.24
N ILE N 237 -13.58 89.07 -82.95
CA ILE N 237 -13.21 90.14 -82.05
C ILE N 237 -12.38 89.53 -80.93
N HIS N 238 -11.34 90.24 -80.50
CA HIS N 238 -10.25 89.61 -79.76
C HIS N 238 -10.65 89.36 -78.32
N PHE N 239 -10.36 88.13 -77.84
CA PHE N 239 -10.66 87.77 -76.46
C PHE N 239 -9.83 88.55 -75.46
N LYS N 240 -8.55 88.79 -75.78
CA LYS N 240 -7.52 89.04 -74.79
C LYS N 240 -7.78 90.30 -73.98
N GLU N 241 -7.65 91.46 -74.61
CA GLU N 241 -7.84 92.70 -73.88
C GLU N 241 -9.31 92.95 -73.60
N PHE N 242 -10.17 92.71 -74.60
CA PHE N 242 -11.56 93.14 -74.49
C PHE N 242 -12.32 92.36 -73.41
N PHE N 243 -11.99 91.09 -73.22
CA PHE N 243 -12.74 90.26 -72.29
C PHE N 243 -11.78 89.41 -71.47
N ASN N 244 -12.37 88.63 -70.56
CA ASN N 244 -11.63 87.75 -69.67
C ASN N 244 -12.07 86.35 -70.07
N SER N 245 -11.24 85.67 -70.84
CA SER N 245 -11.57 84.38 -71.44
C SER N 245 -10.92 83.22 -70.68
N GLU N 246 -11.06 83.24 -69.36
CA GLU N 246 -10.70 82.12 -68.51
C GLU N 246 -11.96 81.32 -68.21
N ILE N 247 -11.89 80.00 -68.39
CA ILE N 247 -13.06 79.15 -68.21
C ILE N 247 -13.31 78.91 -66.71
N SER N 248 -14.56 78.62 -66.37
CA SER N 248 -14.96 78.37 -64.97
C SER N 248 -14.61 76.92 -64.60
N CYS N 249 -13.31 76.70 -64.32
CA CYS N 249 -12.76 75.35 -64.35
C CYS N 249 -13.31 74.47 -63.24
N GLN N 250 -13.35 75.01 -62.02
CA GLN N 250 -13.55 74.17 -60.84
C GLN N 250 -14.99 73.68 -60.73
N GLY N 251 -15.96 74.52 -61.11
CA GLY N 251 -17.32 74.02 -61.25
C GLY N 251 -17.48 72.94 -62.31
N LEU N 252 -16.63 72.96 -63.35
CA LEU N 252 -16.65 71.87 -64.33
C LEU N 252 -16.09 70.58 -63.72
N LEU N 253 -15.07 70.72 -62.87
CA LEU N 253 -14.60 69.58 -62.11
C LEU N 253 -15.70 68.99 -61.24
N LEU N 254 -16.42 69.84 -60.50
CA LEU N 254 -17.52 69.35 -59.68
C LEU N 254 -18.58 68.67 -60.54
N LYS N 255 -19.01 69.36 -61.59
CA LYS N 255 -19.96 68.88 -62.58
C LYS N 255 -19.57 67.47 -63.00
N LEU N 256 -18.26 67.26 -63.13
CA LEU N 256 -17.71 66.05 -63.72
C LEU N 256 -17.63 64.91 -62.73
N VAL N 257 -17.24 65.19 -61.48
CA VAL N 257 -17.20 64.15 -60.45
C VAL N 257 -18.62 63.69 -60.14
N MET N 258 -19.53 64.64 -59.86
CA MET N 258 -20.93 64.29 -59.70
C MET N 258 -21.50 63.61 -60.94
N GLN N 259 -21.00 63.96 -62.13
CA GLN N 259 -21.54 63.33 -63.34
C GLN N 259 -21.15 61.86 -63.40
N CYS N 260 -19.93 61.54 -62.96
CA CYS N 260 -19.63 60.16 -62.61
C CYS N 260 -20.20 59.93 -61.23
N ALA N 261 -19.64 59.02 -60.47
CA ALA N 261 -20.00 58.95 -59.05
C ALA N 261 -18.75 58.91 -58.24
N LEU N 262 -17.76 59.65 -58.70
CA LEU N 262 -16.46 59.58 -58.10
C LEU N 262 -16.49 60.20 -56.70
N PRO N 263 -15.71 59.64 -55.77
CA PRO N 263 -15.56 60.28 -54.47
C PRO N 263 -14.88 61.63 -54.61
N PRO N 264 -15.15 62.57 -53.70
CA PRO N 264 -14.68 63.95 -53.88
C PRO N 264 -13.16 64.09 -53.89
N GLU N 265 -12.40 63.03 -53.68
CA GLU N 265 -10.95 63.13 -53.82
C GLU N 265 -10.54 63.42 -55.26
N PHE N 266 -11.30 62.91 -56.24
CA PHE N 266 -10.90 63.08 -57.62
C PHE N 266 -11.06 64.51 -58.12
N TYR N 267 -11.88 65.32 -57.44
CA TYR N 267 -11.88 66.75 -57.70
C TYR N 267 -10.50 67.32 -57.45
N PHE N 268 -9.90 66.98 -56.31
CA PHE N 268 -8.60 67.54 -56.01
C PHE N 268 -7.49 66.85 -56.79
N TYR N 269 -7.61 65.55 -57.03
CA TYR N 269 -6.72 64.86 -57.94
C TYR N 269 -6.61 65.60 -59.28
N THR N 270 -7.73 65.60 -60.02
CA THR N 270 -7.69 66.21 -61.35
C THR N 270 -7.34 67.68 -61.28
N LYS N 271 -7.85 68.41 -60.29
CA LYS N 271 -7.43 69.80 -60.09
C LYS N 271 -5.91 69.90 -59.97
N GLN N 272 -5.27 68.90 -59.38
CA GLN N 272 -3.83 68.95 -59.18
C GLN N 272 -3.07 68.61 -60.46
N VAL N 273 -3.48 67.58 -61.19
CA VAL N 273 -2.84 67.33 -62.49
C VAL N 273 -3.02 68.56 -63.38
N ILE N 274 -4.20 69.18 -63.31
CA ILE N 274 -4.46 70.43 -64.03
C ILE N 274 -3.40 71.47 -63.70
N GLU N 275 -3.25 71.77 -62.40
CA GLU N 275 -2.22 72.73 -62.00
C GLU N 275 -0.84 72.26 -62.41
N PHE N 276 -0.65 70.95 -62.57
CA PHE N 276 0.67 70.38 -62.84
C PHE N 276 1.13 70.71 -64.25
N GLU N 277 0.24 70.54 -65.22
CA GLU N 277 0.64 70.84 -66.60
C GLU N 277 0.44 72.30 -66.97
N GLU N 278 -0.54 72.99 -66.38
CA GLU N 278 -0.83 74.37 -66.74
C GLU N 278 -0.45 75.40 -65.69
N THR N 279 -0.63 75.11 -64.39
CA THR N 279 -0.66 76.08 -63.29
C THR N 279 -1.90 76.98 -63.36
N ASP N 280 -2.94 76.49 -64.02
CA ASP N 280 -4.26 77.09 -64.18
C ASP N 280 -4.21 78.42 -64.92
N ILE N 281 -4.06 78.33 -66.24
CA ILE N 281 -4.21 79.42 -67.18
C ILE N 281 -4.89 78.84 -68.41
N ARG N 282 -6.10 79.33 -68.73
CA ARG N 282 -6.91 78.69 -69.76
C ARG N 282 -7.57 79.73 -70.65
N ASN N 283 -7.27 79.66 -71.94
CA ASN N 283 -7.60 80.65 -72.94
C ASN N 283 -8.85 80.24 -73.71
N LEU N 284 -9.26 81.09 -74.68
CA LEU N 284 -10.38 80.81 -75.57
C LEU N 284 -10.04 80.85 -77.06
N THR N 285 -9.10 81.68 -77.51
CA THR N 285 -8.77 81.64 -78.94
C THR N 285 -7.99 80.37 -79.25
N LEU N 286 -8.29 79.81 -80.40
CA LEU N 286 -7.44 78.86 -81.11
C LEU N 286 -7.35 79.30 -82.56
N TRP N 287 -7.32 80.63 -82.74
CA TRP N 287 -7.63 81.26 -84.01
C TRP N 287 -6.36 81.62 -84.77
N GLU N 288 -6.33 81.21 -86.04
CA GLU N 288 -5.48 81.79 -87.09
C GLU N 288 -6.33 81.64 -88.36
N ARG N 289 -7.16 82.65 -88.64
CA ARG N 289 -8.31 82.47 -89.53
C ARG N 289 -7.92 81.76 -90.81
N THR N 290 -8.54 80.60 -91.02
CA THR N 290 -8.23 79.73 -92.15
C THR N 290 -9.27 78.63 -92.22
N ASP N 291 -8.89 77.52 -92.83
CA ASP N 291 -9.28 76.22 -92.33
C ASP N 291 -8.09 75.42 -91.86
N GLU N 292 -6.88 75.82 -92.24
CA GLU N 292 -5.70 74.99 -92.11
C GLU N 292 -5.22 74.89 -90.67
N ARG N 293 -4.87 73.67 -90.28
CA ARG N 293 -4.33 73.32 -88.96
C ARG N 293 -3.95 71.84 -89.01
N HIS N 294 -2.81 71.48 -88.40
CA HIS N 294 -2.44 70.08 -88.43
C HIS N 294 -1.55 69.64 -87.27
N THR N 295 -1.09 70.55 -86.42
CA THR N 295 -0.39 70.14 -85.21
C THR N 295 -0.40 71.24 -84.17
N GLY N 296 -0.50 70.83 -82.90
CA GLY N 296 -0.56 71.73 -81.77
C GLY N 296 -1.95 72.22 -81.43
N ARG N 297 -2.94 72.04 -82.31
CA ARG N 297 -4.22 72.72 -82.19
C ARG N 297 -5.39 71.75 -82.33
N VAL N 298 -5.23 70.51 -81.88
CA VAL N 298 -6.39 69.66 -81.57
C VAL N 298 -6.81 69.89 -80.12
N SER N 299 -5.90 70.37 -79.29
CA SER N 299 -6.06 70.49 -77.84
C SER N 299 -5.65 71.90 -77.48
N ASN N 300 -6.55 72.85 -77.67
CA ASN N 300 -6.34 74.17 -77.06
C ASN N 300 -7.68 74.87 -76.87
N HIS N 301 -8.77 74.13 -76.96
CA HIS N 301 -10.02 74.49 -76.32
C HIS N 301 -9.96 73.95 -74.89
N ALA N 302 -10.04 74.86 -73.91
CA ALA N 302 -9.71 74.53 -72.54
C ALA N 302 -10.47 73.30 -72.05
N GLU N 303 -11.78 73.30 -72.24
CA GLU N 303 -12.61 72.22 -71.73
C GLU N 303 -12.06 70.87 -72.14
N LEU N 304 -11.91 70.65 -73.46
CA LEU N 304 -11.47 69.34 -73.95
C LEU N 304 -10.21 68.87 -73.24
N ARG N 305 -9.31 69.80 -72.92
CA ARG N 305 -8.14 69.45 -72.12
C ARG N 305 -8.54 69.10 -70.68
N VAL N 306 -9.52 69.81 -70.12
CA VAL N 306 -10.02 69.45 -68.80
C VAL N 306 -10.52 68.00 -68.77
N LEU N 307 -11.42 67.66 -69.69
CA LEU N 307 -11.85 66.27 -69.80
C LEU N 307 -10.67 65.33 -69.95
N SER N 308 -9.66 65.75 -70.71
CA SER N 308 -8.51 64.88 -70.94
C SER N 308 -7.74 64.61 -69.65
N TYR N 309 -7.46 65.66 -68.88
CA TYR N 309 -6.86 65.52 -67.56
C TYR N 309 -7.73 64.66 -66.65
N PHE N 310 -9.05 64.81 -66.76
CA PHE N 310 -9.97 64.04 -65.92
C PHE N 310 -9.80 62.55 -66.18
N MET N 311 -9.99 62.14 -67.43
CA MET N 311 -9.75 60.76 -67.84
C MET N 311 -8.39 60.27 -67.39
N LEU N 312 -7.34 60.99 -67.80
CA LEU N 312 -5.97 60.61 -67.44
C LEU N 312 -5.84 60.38 -65.95
N THR N 313 -6.19 61.40 -65.16
CA THR N 313 -6.25 61.28 -63.72
C THR N 313 -6.84 59.94 -63.30
N ILE N 314 -8.08 59.64 -63.72
CA ILE N 314 -8.71 58.40 -63.28
C ILE N 314 -7.83 57.20 -63.61
N ASN N 315 -7.27 57.17 -64.84
CA ASN N 315 -6.47 56.02 -65.25
C ASN N 315 -5.21 55.87 -64.40
N TRP N 316 -4.41 56.93 -64.33
CA TRP N 316 -3.19 56.93 -63.56
C TRP N 316 -3.48 56.61 -62.11
N MET N 317 -4.16 57.55 -61.43
CA MET N 317 -4.60 57.40 -60.05
C MET N 317 -5.08 55.99 -59.71
N LEU N 318 -6.01 55.45 -60.50
CA LEU N 318 -6.56 54.15 -60.15
C LEU N 318 -5.60 53.01 -60.43
N SER N 319 -4.78 53.12 -61.47
CA SER N 319 -3.85 52.05 -61.80
C SER N 319 -2.53 52.15 -61.07
N PHE N 320 -2.38 53.12 -60.16
CA PHE N 320 -1.17 53.24 -59.36
C PHE N 320 -1.48 53.57 -57.90
N ASP N 321 -2.60 53.06 -57.38
CA ASP N 321 -2.89 53.18 -55.95
C ASP N 321 -2.14 52.07 -55.20
N ARG N 322 -0.82 52.13 -55.28
CA ARG N 322 0.01 51.14 -54.59
C ARG N 322 -0.38 51.01 -53.12
N ASP N 323 -1.06 52.02 -52.57
CA ASP N 323 -1.76 51.89 -51.31
C ASP N 323 -2.83 50.79 -51.36
N ARG N 324 -3.44 50.57 -52.54
CA ARG N 324 -4.67 49.78 -52.69
C ARG N 324 -5.84 50.47 -51.99
N GLN N 325 -5.98 51.77 -52.26
CA GLN N 325 -7.05 52.58 -51.68
C GLN N 325 -8.38 52.35 -52.39
N TYR N 326 -8.34 51.97 -53.66
CA TYR N 326 -9.56 51.85 -54.48
C TYR N 326 -9.73 50.41 -54.95
N PRO N 327 -10.65 49.67 -54.33
CA PRO N 327 -10.67 48.21 -54.48
C PRO N 327 -10.87 47.75 -55.91
N LEU N 328 -10.32 46.56 -56.19
CA LEU N 328 -10.52 45.90 -57.47
C LEU N 328 -12.00 45.75 -57.80
N LYS N 329 -12.86 45.70 -56.77
CA LYS N 329 -14.30 45.56 -56.91
C LYS N 329 -15.00 46.90 -57.11
N TRP N 330 -14.73 47.87 -56.22
CA TRP N 330 -15.43 49.15 -56.25
C TRP N 330 -15.29 49.85 -57.60
N ILE N 331 -14.27 49.50 -58.39
CA ILE N 331 -14.22 49.98 -59.76
C ILE N 331 -15.32 49.34 -60.60
N LEU N 332 -15.60 48.06 -60.34
CA LEU N 332 -16.72 47.43 -61.01
C LEU N 332 -18.05 48.02 -60.54
N SER N 333 -18.27 48.08 -59.22
CA SER N 333 -19.53 48.62 -58.71
C SER N 333 -19.74 50.07 -59.14
N LEU N 334 -18.65 50.80 -59.28
CA LEU N 334 -18.73 52.14 -59.85
C LEU N 334 -19.19 52.07 -61.30
N THR N 335 -18.58 51.18 -62.09
CA THR N 335 -19.00 51.03 -63.48
C THR N 335 -20.48 50.67 -63.59
N GLU N 336 -20.97 49.82 -62.67
CA GLU N 336 -22.36 49.36 -62.78
C GLU N 336 -23.33 50.43 -62.32
N SER N 337 -23.03 51.14 -61.23
CA SER N 337 -23.87 52.25 -60.80
C SER N 337 -23.91 53.36 -61.84
N LEU N 338 -22.81 53.50 -62.59
CA LEU N 338 -22.78 54.43 -63.72
C LEU N 338 -23.61 53.90 -64.89
N THR N 339 -23.68 52.58 -65.05
CA THR N 339 -24.30 51.99 -66.23
C THR N 339 -25.82 51.85 -66.10
N GLN N 340 -26.32 51.66 -64.88
CA GLN N 340 -27.74 51.41 -64.66
C GLN N 340 -28.61 52.54 -65.20
N ARG N 341 -29.27 52.29 -66.34
CA ARG N 341 -30.14 53.28 -66.96
C ARG N 341 -31.34 53.56 -66.06
N THR N 342 -31.35 54.73 -65.44
CA THR N 342 -32.44 55.16 -64.57
C THR N 342 -33.01 56.48 -65.11
N THR N 343 -34.20 56.84 -64.64
CA THR N 343 -35.00 57.89 -65.27
C THR N 343 -35.01 59.14 -64.40
N THR N 344 -33.96 59.92 -64.52
CA THR N 344 -33.90 61.28 -64.02
C THR N 344 -33.95 62.26 -65.18
N SER N 345 -34.24 63.53 -64.88
CA SER N 345 -34.22 64.55 -65.92
C SER N 345 -32.94 64.49 -66.73
N GLU N 346 -31.80 64.32 -66.06
CA GLU N 346 -30.51 64.30 -66.75
C GLU N 346 -30.41 63.15 -67.75
N SER N 347 -30.45 61.91 -67.27
CA SER N 347 -30.25 60.77 -68.16
C SER N 347 -31.26 60.78 -69.30
N ILE N 348 -32.52 61.11 -69.00
CA ILE N 348 -33.52 61.28 -70.05
C ILE N 348 -33.02 62.30 -71.08
N GLY N 349 -32.47 63.42 -70.60
CA GLY N 349 -31.89 64.40 -71.51
C GLY N 349 -30.81 63.79 -72.38
N ARG N 350 -29.82 63.15 -71.75
CA ARG N 350 -28.73 62.55 -72.52
C ARG N 350 -29.23 61.54 -73.54
N ASN N 351 -30.35 60.88 -73.26
CA ASN N 351 -30.99 60.08 -74.30
C ASN N 351 -31.45 60.97 -75.46
N ILE N 352 -32.11 62.09 -75.12
CA ILE N 352 -32.59 63.01 -76.16
C ILE N 352 -31.43 63.52 -77.02
N VAL N 353 -30.27 63.77 -76.41
CA VAL N 353 -29.11 64.19 -77.17
C VAL N 353 -28.56 63.02 -77.97
N LYS N 354 -28.57 61.82 -77.38
CA LYS N 354 -28.11 60.62 -78.09
C LYS N 354 -28.84 60.46 -79.40
N VAL N 355 -30.10 60.90 -79.47
CA VAL N 355 -30.89 60.68 -80.69
C VAL N 355 -30.34 61.48 -81.87
N VAL N 356 -29.72 62.63 -81.63
CA VAL N 356 -29.25 63.52 -82.70
C VAL N 356 -27.73 63.64 -82.74
N TYR N 357 -27.02 62.71 -82.15
CA TYR N 357 -25.58 62.55 -82.23
C TYR N 357 -25.24 61.78 -83.50
N PRO N 358 -24.26 62.28 -84.25
CA PRO N 358 -23.98 61.74 -85.59
C PRO N 358 -23.64 60.26 -85.66
N ASP N 359 -22.78 59.77 -84.77
CA ASP N 359 -22.18 58.45 -84.90
C ASP N 359 -22.90 57.36 -84.12
N LYS N 360 -23.00 56.17 -84.71
CA LYS N 360 -23.18 54.96 -83.94
C LYS N 360 -21.94 54.79 -83.07
N PRO N 361 -22.07 54.16 -81.88
CA PRO N 361 -23.21 53.46 -81.28
C PRO N 361 -24.42 54.28 -80.84
N THR N 362 -24.22 55.46 -80.24
CA THR N 362 -25.25 56.19 -79.47
C THR N 362 -26.71 56.00 -79.96
N SER N 363 -26.88 55.77 -81.24
CA SER N 363 -28.21 55.43 -81.73
C SER N 363 -28.59 53.97 -81.41
N SER N 364 -27.65 53.03 -81.52
CA SER N 364 -27.88 51.72 -80.86
C SER N 364 -28.23 51.91 -79.39
N ASP N 365 -27.74 52.99 -78.78
CA ASP N 365 -28.14 53.28 -77.41
C ASP N 365 -29.63 53.62 -77.32
N TYR N 366 -30.17 54.37 -78.29
CA TYR N 366 -31.64 54.50 -78.22
C TYR N 366 -32.32 53.15 -78.45
N PHE N 367 -31.64 52.24 -79.14
CA PHE N 367 -32.19 50.90 -79.34
C PHE N 367 -32.40 50.19 -78.01
N GLN N 368 -31.46 50.38 -77.06
CA GLN N 368 -31.48 49.62 -75.82
C GLN N 368 -32.20 50.31 -74.65
N TRP N 369 -33.13 51.24 -74.91
CA TRP N 369 -33.78 51.98 -73.83
C TRP N 369 -34.71 51.07 -73.04
N SER N 370 -34.79 51.30 -71.73
CA SER N 370 -35.73 50.59 -70.89
C SER N 370 -37.14 51.10 -71.16
N GLU N 371 -38.14 50.36 -70.67
CA GLU N 371 -39.52 50.75 -70.93
C GLU N 371 -39.82 52.12 -70.35
N GLU N 372 -39.26 52.42 -69.18
CA GLU N 372 -39.52 53.72 -68.58
C GLU N 372 -38.81 54.83 -69.35
N GLU N 373 -37.60 54.55 -69.85
CA GLU N 373 -36.91 55.52 -70.69
C GLU N 373 -37.73 55.85 -71.93
N THR N 374 -38.21 54.82 -72.62
CA THR N 374 -39.08 55.04 -73.78
C THR N 374 -40.34 55.82 -73.38
N LEU N 375 -40.88 55.54 -72.20
CA LEU N 375 -42.11 56.20 -71.78
C LEU N 375 -41.89 57.69 -71.53
N GLU N 376 -40.93 58.03 -70.66
CA GLU N 376 -40.57 59.42 -70.46
C GLU N 376 -40.14 60.07 -71.77
N PHE N 377 -39.70 59.27 -72.73
CA PHE N 377 -39.38 59.80 -74.05
C PHE N 377 -40.63 60.27 -74.78
N LEU N 378 -41.63 59.38 -74.92
CA LEU N 378 -42.89 59.81 -75.53
C LEU N 378 -43.50 60.98 -74.78
N LYS N 379 -43.31 61.03 -73.46
CA LYS N 379 -43.73 62.21 -72.70
C LYS N 379 -43.07 63.45 -73.24
N TRP N 380 -41.73 63.44 -73.33
CA TRP N 380 -41.01 64.59 -73.88
C TRP N 380 -41.38 64.87 -75.33
N MET N 381 -41.90 63.86 -76.03
CA MET N 381 -42.33 64.01 -77.41
C MET N 381 -43.63 64.79 -77.50
N GLU N 382 -44.63 64.41 -76.70
CA GLU N 382 -45.88 65.16 -76.69
C GLU N 382 -45.75 66.52 -76.00
N LYS N 383 -44.71 66.71 -75.18
CA LYS N 383 -44.51 68.01 -74.54
C LYS N 383 -43.76 68.96 -75.46
N GLN N 384 -42.58 68.55 -75.91
CA GLN N 384 -41.66 69.45 -76.61
C GLN N 384 -41.64 69.26 -78.13
N PHE N 385 -42.39 68.30 -78.66
CA PHE N 385 -42.72 68.28 -80.07
C PHE N 385 -44.15 68.75 -80.32
N LEU N 386 -44.63 69.66 -79.47
CA LEU N 386 -45.61 70.64 -79.88
C LEU N 386 -44.84 71.80 -80.49
N PRO N 387 -43.58 72.07 -80.04
CA PRO N 387 -42.62 72.78 -80.91
C PRO N 387 -42.28 72.01 -82.17
N THR N 388 -43.30 71.69 -82.96
CA THR N 388 -43.15 71.05 -84.25
C THR N 388 -42.94 72.13 -85.32
N GLN N 389 -42.94 71.73 -86.58
CA GLN N 389 -42.75 72.66 -87.68
C GLN N 389 -43.68 72.32 -88.83
N THR N 390 -44.22 73.36 -89.47
CA THR N 390 -45.31 73.25 -90.45
C THR N 390 -46.47 72.42 -89.91
N ASP N 405 -63.83 69.69 -93.81
CA ASP N 405 -63.60 68.65 -94.81
C ASP N 405 -62.63 67.59 -94.30
N GLN N 406 -61.53 67.41 -95.04
CA GLN N 406 -60.54 66.41 -94.67
C GLN N 406 -59.79 66.80 -93.40
N LYS N 407 -59.67 68.10 -93.12
CA LYS N 407 -58.93 68.54 -91.94
C LYS N 407 -59.67 68.16 -90.66
N ILE N 408 -60.91 68.62 -90.52
CA ILE N 408 -61.73 68.19 -89.40
C ILE N 408 -61.92 66.67 -89.45
N ALA N 409 -61.92 66.09 -90.64
CA ALA N 409 -61.96 64.64 -90.76
C ALA N 409 -60.72 63.98 -90.17
N ARG N 410 -59.61 64.72 -90.06
CA ARG N 410 -58.43 64.23 -89.37
C ARG N 410 -58.36 64.69 -87.91
N ARG N 411 -59.20 65.66 -87.51
CA ARG N 411 -59.34 65.94 -86.09
C ARG N 411 -60.23 64.90 -85.41
N LYS N 412 -61.30 64.48 -86.08
CA LYS N 412 -62.08 63.33 -85.62
C LYS N 412 -61.35 62.04 -85.92
N LEU N 413 -60.67 61.97 -87.06
CA LEU N 413 -59.90 60.80 -87.43
C LEU N 413 -58.81 60.50 -86.40
N TYR N 414 -57.99 61.50 -86.06
CA TYR N 414 -57.01 61.28 -85.01
C TYR N 414 -57.69 61.17 -83.65
N LYS N 415 -58.79 61.91 -83.44
CA LYS N 415 -59.57 61.78 -82.21
C LYS N 415 -60.30 60.42 -82.12
N ILE N 416 -60.02 59.50 -83.06
CA ILE N 416 -60.51 58.13 -82.95
C ILE N 416 -59.69 57.34 -81.93
N PHE N 417 -58.40 57.66 -81.80
CA PHE N 417 -57.53 56.94 -80.89
C PHE N 417 -56.85 57.93 -79.94
N PRO N 418 -56.88 57.67 -78.64
CA PRO N 418 -56.64 58.73 -77.65
C PRO N 418 -55.25 59.35 -77.73
N LEU N 419 -55.22 60.68 -77.82
CA LEU N 419 -53.97 61.42 -77.78
C LEU N 419 -53.33 61.34 -76.40
N ASP N 420 -54.13 61.15 -75.34
CA ASP N 420 -53.63 61.02 -73.97
C ASP N 420 -52.85 62.26 -73.52
N SER N 432 -46.16 62.01 -54.98
CA SER N 432 -46.76 61.13 -55.98
C SER N 432 -46.07 61.24 -57.34
N THR N 433 -44.92 61.92 -57.39
CA THR N 433 -44.11 61.98 -58.60
C THR N 433 -43.07 60.87 -58.56
N HIS N 434 -43.15 59.93 -59.52
CA HIS N 434 -42.35 58.72 -59.43
C HIS N 434 -40.88 58.97 -59.71
N GLN N 435 -40.57 59.49 -60.90
CA GLN N 435 -39.18 59.73 -61.27
C GLN N 435 -38.52 60.66 -60.24
N LEU N 436 -37.27 60.36 -59.91
CA LEU N 436 -36.53 61.06 -58.86
C LEU N 436 -35.61 62.14 -59.43
N THR N 437 -35.12 63.00 -58.54
CA THR N 437 -34.34 64.15 -58.96
C THR N 437 -32.89 63.75 -59.17
N PHE N 438 -32.05 64.75 -59.46
CA PHE N 438 -30.65 64.50 -59.79
C PHE N 438 -29.86 64.06 -58.57
N ILE N 439 -29.84 64.90 -57.52
CA ILE N 439 -29.06 64.56 -56.32
C ILE N 439 -29.63 63.34 -55.61
N GLU N 440 -30.90 63.01 -55.84
CA GLU N 440 -31.42 61.76 -55.32
C GLU N 440 -30.72 60.57 -55.99
N ASP N 441 -30.73 60.53 -57.33
CA ASP N 441 -30.03 59.48 -58.04
C ASP N 441 -28.55 59.44 -57.64
N LEU N 442 -27.93 60.62 -57.61
CA LEU N 442 -26.52 60.73 -57.24
C LEU N 442 -26.27 60.13 -55.87
N GLN N 443 -27.07 60.53 -54.88
CA GLN N 443 -26.98 59.95 -53.55
C GLN N 443 -27.10 58.44 -53.63
N GLU N 444 -28.06 57.94 -54.40
CA GLU N 444 -28.37 56.53 -54.28
C GLU N 444 -27.32 55.66 -54.94
N ARG N 445 -26.62 56.16 -55.95
CA ARG N 445 -25.51 55.35 -56.46
C ARG N 445 -24.26 55.53 -55.60
N TYR N 446 -24.12 56.70 -54.99
CA TYR N 446 -23.09 56.87 -53.97
C TYR N 446 -23.28 55.85 -52.86
N ALA N 447 -24.53 55.50 -52.56
CA ALA N 447 -24.80 54.47 -51.56
C ALA N 447 -24.66 53.08 -52.17
N LYS N 448 -25.07 52.93 -53.43
CA LYS N 448 -24.92 51.64 -54.11
C LYS N 448 -23.47 51.19 -54.12
N GLN N 449 -22.51 52.11 -53.96
CA GLN N 449 -21.13 51.69 -53.79
C GLN N 449 -20.65 51.75 -52.35
N THR N 450 -21.55 52.04 -51.38
CA THR N 450 -21.10 52.44 -50.04
C THR N 450 -20.33 51.33 -49.30
N PRO N 451 -20.48 50.02 -49.66
CA PRO N 451 -19.41 49.07 -49.30
C PRO N 451 -18.08 49.45 -49.96
N PHE N 452 -17.37 50.30 -49.23
CA PHE N 452 -16.01 50.71 -49.52
C PHE N 452 -15.07 50.14 -48.49
N PHE N 453 -15.32 50.44 -47.22
CA PHE N 453 -14.53 49.98 -46.09
C PHE N 453 -14.88 48.54 -45.70
N PRO N 469 -5.89 40.10 -60.42
CA PRO N 469 -5.12 41.29 -60.02
C PRO N 469 -4.55 42.14 -61.18
N PRO N 470 -4.18 41.53 -62.33
CA PRO N 470 -3.87 42.35 -63.50
C PRO N 470 -5.10 42.61 -64.35
N ALA N 471 -6.13 41.78 -64.17
CA ALA N 471 -7.39 41.98 -64.86
C ALA N 471 -8.29 42.99 -64.16
N ARG N 472 -7.75 43.76 -63.21
CA ARG N 472 -8.41 44.98 -62.77
C ARG N 472 -8.20 46.11 -63.76
N LYS N 473 -7.10 46.05 -64.52
CA LYS N 473 -6.94 46.94 -65.65
C LYS N 473 -8.16 46.91 -66.55
N GLU N 474 -8.81 45.75 -66.65
CA GLU N 474 -10.07 45.66 -67.39
C GLU N 474 -11.12 46.59 -66.78
N ALA N 475 -11.28 46.53 -65.46
CA ALA N 475 -12.26 47.41 -64.81
C ALA N 475 -11.92 48.87 -65.08
N ILE N 476 -10.64 49.23 -64.96
CA ILE N 476 -10.18 50.57 -65.30
C ILE N 476 -10.65 50.95 -66.71
N GLY N 477 -10.46 50.04 -67.66
CA GLY N 477 -10.71 50.37 -69.05
C GLY N 477 -12.18 50.48 -69.39
N ARG N 478 -13.01 49.56 -68.88
CA ARG N 478 -14.44 49.68 -69.17
C ARG N 478 -15.03 50.90 -68.48
N LEU N 479 -14.55 51.25 -67.29
CA LEU N 479 -15.00 52.49 -66.65
C LEU N 479 -14.61 53.70 -67.50
N LEU N 480 -13.35 53.74 -67.92
CA LEU N 480 -12.89 54.85 -68.75
C LEU N 480 -13.69 54.95 -70.05
N THR N 481 -14.01 53.81 -70.67
CA THR N 481 -14.74 53.88 -71.94
C THR N 481 -16.18 54.28 -71.74
N HIS N 482 -16.81 53.90 -70.62
CA HIS N 482 -18.16 54.36 -70.37
C HIS N 482 -18.18 55.86 -70.11
N ILE N 483 -17.29 56.31 -69.21
CA ILE N 483 -17.14 57.73 -68.94
C ILE N 483 -16.95 58.48 -70.25
N ALA N 484 -16.00 58.02 -71.06
CA ALA N 484 -15.77 58.61 -72.37
C ALA N 484 -17.08 58.71 -73.15
N SER N 485 -17.83 57.62 -73.27
CA SER N 485 -19.11 57.67 -73.98
C SER N 485 -19.95 58.86 -73.51
N GLN N 486 -20.15 58.96 -72.21
CA GLN N 486 -20.99 60.04 -71.69
C GLN N 486 -20.45 61.40 -72.12
N LEU N 487 -19.13 61.58 -72.07
CA LEU N 487 -18.55 62.86 -72.43
C LEU N 487 -18.72 63.16 -73.91
N LEU N 488 -18.57 62.14 -74.76
CA LEU N 488 -18.70 62.33 -76.19
C LEU N 488 -20.10 62.83 -76.54
N VAL N 489 -21.15 62.19 -76.02
CA VAL N 489 -22.48 62.70 -76.34
C VAL N 489 -22.71 64.04 -75.67
N ASP N 490 -22.19 64.21 -74.45
CA ASP N 490 -22.58 65.38 -73.66
C ASP N 490 -21.94 66.65 -74.18
N PHE N 491 -20.69 66.57 -74.62
CA PHE N 491 -19.89 67.70 -75.08
C PHE N 491 -19.81 67.79 -76.61
N ALA N 492 -20.68 67.07 -77.31
CA ALA N 492 -20.83 67.09 -78.77
C ALA N 492 -19.48 67.14 -79.48
N ILE N 493 -18.67 66.10 -79.27
CA ILE N 493 -17.48 65.93 -80.08
C ILE N 493 -17.43 64.50 -80.63
N SER N 494 -16.31 64.13 -81.24
CA SER N 494 -16.11 62.81 -81.80
C SER N 494 -15.33 61.93 -80.85
N LYS N 495 -15.58 60.63 -80.94
CA LYS N 495 -14.64 59.64 -80.42
C LYS N 495 -13.21 60.05 -80.77
N GLU N 496 -12.94 60.16 -82.07
CA GLU N 496 -11.60 60.42 -82.57
C GLU N 496 -11.08 61.76 -82.08
N GLN N 497 -11.95 62.76 -81.98
CA GLN N 497 -11.56 64.06 -81.43
C GLN N 497 -11.02 63.91 -80.01
N LEU N 498 -11.85 63.38 -79.11
CA LEU N 498 -11.48 63.20 -77.72
C LEU N 498 -10.16 62.44 -77.59
N LYS N 499 -10.09 61.24 -78.19
CA LYS N 499 -8.87 60.47 -78.01
C LYS N 499 -7.66 61.15 -78.63
N ASP N 500 -7.86 61.95 -79.68
CA ASP N 500 -6.76 62.79 -80.16
C ASP N 500 -6.28 63.72 -79.06
N CYS N 501 -7.23 64.38 -78.38
CA CYS N 501 -6.85 65.38 -77.38
C CYS N 501 -6.19 64.73 -76.17
N ILE N 502 -6.80 63.68 -75.61
CA ILE N 502 -6.20 63.09 -74.43
C ILE N 502 -4.93 62.32 -74.78
N SER N 503 -4.80 61.86 -76.02
CA SER N 503 -3.51 61.31 -76.45
C SER N 503 -2.45 62.39 -76.45
N ARG N 504 -2.73 63.50 -77.13
CA ARG N 504 -1.76 64.59 -77.24
C ARG N 504 -1.35 65.07 -75.86
N ILE N 505 -2.33 65.41 -75.03
CA ILE N 505 -2.04 66.00 -73.73
C ILE N 505 -1.52 64.94 -72.74
N LYS N 506 -1.75 63.67 -73.02
CA LYS N 506 -1.10 62.60 -72.24
C LYS N 506 0.38 62.54 -72.54
N ASN N 507 0.75 62.58 -73.83
CA ASN N 507 2.16 62.72 -74.17
C ASN N 507 2.71 64.06 -73.70
N ALA N 508 1.84 65.05 -73.51
CA ALA N 508 2.21 66.34 -72.97
C ALA N 508 2.45 66.30 -71.47
N CYS N 509 1.93 65.28 -70.78
CA CYS N 509 2.29 65.09 -69.38
C CYS N 509 3.47 64.14 -69.21
N LEU N 510 3.56 63.11 -70.07
CA LEU N 510 4.73 62.26 -70.07
C LEU N 510 5.98 63.06 -70.41
N HIS N 511 5.86 64.04 -71.30
CA HIS N 511 7.02 64.82 -71.73
C HIS N 511 7.51 65.75 -70.61
N ARG N 512 6.59 66.40 -69.90
CA ARG N 512 6.96 67.25 -68.77
C ARG N 512 7.11 66.47 -67.48
N MET N 513 7.02 65.14 -67.55
CA MET N 513 7.31 64.24 -66.43
C MET N 513 8.64 63.51 -66.59
N ASN N 514 8.98 63.04 -67.78
CA ASN N 514 10.23 62.33 -68.00
C ASN N 514 11.41 63.29 -68.03
N MET O 1 -33.93 51.85 -87.89
CA MET O 1 -33.53 50.79 -88.81
C MET O 1 -34.78 50.24 -89.52
N PHE O 2 -35.88 50.97 -89.39
CA PHE O 2 -37.11 50.61 -90.03
C PHE O 2 -37.57 51.72 -90.98
N GLU O 3 -38.41 51.33 -91.95
CA GLU O 3 -38.97 52.27 -92.92
C GLU O 3 -39.62 53.44 -92.19
N VAL O 4 -39.49 54.63 -92.76
CA VAL O 4 -40.07 55.81 -92.14
C VAL O 4 -41.35 56.18 -92.89
N PRO O 5 -42.42 56.59 -92.20
CA PRO O 5 -43.65 57.00 -92.86
C PRO O 5 -43.68 58.51 -93.10
N ILE O 6 -42.64 59.02 -93.77
CA ILE O 6 -42.57 60.41 -94.19
C ILE O 6 -41.97 60.47 -95.59
N THR O 7 -42.37 61.50 -96.35
CA THR O 7 -41.71 61.80 -97.61
C THR O 7 -40.25 62.13 -97.38
N LEU O 8 -39.39 61.66 -98.28
CA LEU O 8 -37.96 61.73 -98.05
C LEU O 8 -37.43 63.14 -98.28
N THR O 9 -36.47 63.54 -97.44
CA THR O 9 -35.79 64.83 -97.62
C THR O 9 -35.39 64.99 -99.08
N ASN O 10 -35.58 66.20 -99.60
CA ASN O 10 -35.78 66.36 -101.03
C ASN O 10 -34.48 66.59 -101.81
N ARG O 11 -33.69 67.60 -101.42
CA ARG O 11 -32.78 68.27 -102.35
C ARG O 11 -31.86 67.30 -103.10
N LYS O 12 -30.98 66.61 -102.38
CA LYS O 12 -29.90 65.89 -103.05
C LYS O 12 -30.38 64.60 -103.71
N PHE O 13 -31.34 63.91 -103.10
CA PHE O 13 -31.77 62.62 -103.64
C PHE O 13 -32.40 62.78 -105.01
N ALA O 14 -33.05 63.92 -105.27
CA ALA O 14 -33.66 64.17 -106.56
C ALA O 14 -32.60 64.43 -107.64
N GLN O 15 -31.56 65.21 -107.33
CA GLN O 15 -30.55 65.47 -108.33
C GLN O 15 -29.67 64.24 -108.58
N ARG O 16 -29.51 63.38 -107.57
CA ARG O 16 -28.91 62.08 -107.82
C ARG O 16 -29.80 61.24 -108.72
N ARG O 17 -31.12 61.28 -108.51
CA ARG O 17 -32.01 60.58 -109.43
C ARG O 17 -31.86 61.10 -110.85
N LYS O 18 -31.67 62.42 -111.01
CA LYS O 18 -31.38 63.01 -112.30
C LYS O 18 -30.14 62.37 -112.91
N LEU O 19 -28.99 62.58 -112.28
CA LEU O 19 -27.75 62.03 -112.82
C LEU O 19 -27.89 60.57 -113.20
N LYS O 20 -28.54 59.79 -112.32
CA LYS O 20 -28.67 58.36 -112.56
C LYS O 20 -29.47 58.09 -113.82
N TYR O 21 -30.71 58.59 -113.88
CA TYR O 21 -31.55 58.23 -115.02
C TYR O 21 -31.08 58.89 -116.32
N GLN O 22 -30.34 59.99 -116.23
CA GLN O 22 -29.79 60.64 -117.42
C GLN O 22 -28.66 59.81 -118.01
N TYR O 23 -27.72 59.39 -117.16
CA TYR O 23 -26.67 58.46 -117.60
C TYR O 23 -27.28 57.14 -118.10
N ILE O 24 -28.28 56.63 -117.40
CA ILE O 24 -28.99 55.43 -117.83
C ILE O 24 -29.50 55.62 -119.26
N ASN O 25 -30.10 56.79 -119.50
CA ASN O 25 -30.59 57.12 -120.84
C ASN O 25 -29.46 57.04 -121.87
N TYR O 26 -28.32 57.67 -121.58
CA TYR O 26 -27.28 57.71 -122.60
C TYR O 26 -26.72 56.32 -122.90
N ILE O 27 -26.50 55.51 -121.87
CA ILE O 27 -25.94 54.18 -122.08
C ILE O 27 -26.92 53.26 -122.80
N SER O 28 -28.20 53.29 -122.41
CA SER O 28 -29.16 52.40 -123.06
C SER O 28 -29.47 52.87 -124.48
N ARG O 29 -29.48 54.18 -124.70
CA ARG O 29 -29.59 54.72 -126.05
C ARG O 29 -28.49 54.17 -126.94
N ARG O 30 -27.22 54.40 -126.56
CA ARG O 30 -26.16 53.92 -127.44
C ARG O 30 -26.17 52.39 -127.55
N PHE O 31 -26.71 51.70 -126.55
CA PHE O 31 -26.82 50.24 -126.64
C PHE O 31 -27.80 49.83 -127.73
N ASP O 32 -28.95 50.50 -127.81
CA ASP O 32 -29.90 50.19 -128.90
C ASP O 32 -29.36 50.68 -130.24
N ARG O 33 -28.53 51.73 -130.23
CA ARG O 33 -27.84 52.12 -131.45
C ARG O 33 -26.94 51.00 -131.94
N ILE O 34 -26.21 50.35 -131.03
CA ILE O 34 -25.32 49.27 -131.45
C ILE O 34 -26.07 47.99 -131.77
N SER O 35 -27.27 47.81 -131.23
CA SER O 35 -28.08 46.67 -131.65
C SER O 35 -28.77 46.92 -133.00
N LYS O 36 -28.94 48.19 -133.39
CA LYS O 36 -29.40 48.51 -134.74
C LYS O 36 -28.31 48.17 -135.74
N GLN O 74 -33.61 66.87 -115.67
CA GLN O 74 -35.05 67.00 -115.94
C GLN O 74 -35.88 65.89 -115.28
N GLN O 75 -36.76 66.34 -114.38
CA GLN O 75 -37.75 65.44 -113.80
C GLN O 75 -38.48 64.66 -114.88
N LYS O 76 -38.68 65.27 -116.05
CA LYS O 76 -39.36 64.59 -117.15
C LYS O 76 -38.46 63.55 -117.80
N LYS O 77 -37.15 63.79 -117.87
CA LYS O 77 -36.23 62.77 -118.37
C LYS O 77 -36.26 61.54 -117.48
N ARG O 78 -36.18 61.78 -116.17
CA ARG O 78 -36.40 60.68 -115.23
C ARG O 78 -37.77 60.06 -115.41
N ARG O 79 -38.76 60.85 -115.83
CA ARG O 79 -40.14 60.36 -115.89
C ARG O 79 -40.33 59.40 -117.07
N ARG O 80 -39.93 59.81 -118.27
CA ARG O 80 -39.97 58.91 -119.41
C ARG O 80 -39.09 57.68 -119.15
N GLU O 81 -37.92 57.93 -118.55
CA GLU O 81 -36.96 56.86 -118.29
C GLU O 81 -37.55 55.78 -117.41
N ARG O 82 -37.99 56.15 -116.21
CA ARG O 82 -38.72 55.20 -115.36
C ARG O 82 -40.01 54.74 -116.04
N HIS O 83 -40.48 55.47 -117.05
CA HIS O 83 -41.79 55.18 -117.63
C HIS O 83 -41.79 53.92 -118.48
N TRP O 84 -41.08 53.92 -119.62
CA TRP O 84 -41.38 52.88 -120.62
C TRP O 84 -40.92 51.53 -120.10
N ARG O 85 -41.80 50.92 -119.27
CA ARG O 85 -41.58 49.68 -118.51
C ARG O 85 -42.82 49.33 -117.70
N SER O 86 -43.23 48.05 -117.75
CA SER O 86 -44.37 47.57 -116.98
C SER O 86 -44.30 48.08 -115.55
N VAL O 87 -45.19 49.01 -115.22
CA VAL O 87 -45.05 49.82 -114.01
C VAL O 87 -45.64 49.14 -112.78
N SER O 137 -53.76 23.75 -101.91
CA SER O 137 -54.82 23.44 -100.97
C SER O 137 -55.29 24.67 -100.17
N PHE O 138 -54.72 25.84 -100.46
CA PHE O 138 -55.15 27.07 -99.81
C PHE O 138 -55.15 28.19 -100.83
N GLU O 139 -55.82 29.28 -100.46
CA GLU O 139 -56.27 30.30 -101.41
C GLU O 139 -55.14 31.21 -101.90
N ILE O 140 -54.17 30.60 -102.60
CA ILE O 140 -53.04 31.34 -103.13
C ILE O 140 -53.45 32.07 -104.40
N TRP O 141 -53.34 33.39 -104.37
CA TRP O 141 -53.56 34.25 -105.53
C TRP O 141 -52.46 34.06 -106.57
N ARG O 142 -52.36 32.85 -107.13
CA ARG O 142 -51.19 32.36 -107.86
C ARG O 142 -50.65 33.35 -108.89
N THR O 143 -49.35 33.21 -109.20
CA THR O 143 -48.61 34.13 -110.06
C THR O 143 -48.78 33.70 -111.52
N VAL O 144 -47.83 34.05 -112.39
CA VAL O 144 -47.79 33.57 -113.77
C VAL O 144 -46.49 32.79 -113.93
N SER O 145 -46.60 31.47 -114.05
CA SER O 145 -45.43 30.59 -114.06
C SER O 145 -44.71 30.68 -115.41
N SER O 146 -43.81 29.73 -115.66
CA SER O 146 -42.91 29.74 -116.81
C SER O 146 -43.47 28.83 -117.90
N GLN O 147 -44.09 29.42 -118.91
CA GLN O 147 -44.29 28.81 -120.23
C GLN O 147 -44.71 29.93 -121.16
N ASN O 148 -44.38 29.74 -122.45
CA ASN O 148 -44.51 30.78 -123.47
C ASN O 148 -43.58 31.96 -123.18
N LYS O 149 -42.28 31.67 -123.11
CA LYS O 149 -41.26 32.70 -122.95
C LYS O 149 -40.03 32.35 -123.77
N GLN O 150 -39.42 33.38 -124.38
CA GLN O 150 -38.50 33.24 -125.51
C GLN O 150 -37.17 32.62 -125.08
N PRO O 151 -36.46 31.96 -126.01
CA PRO O 151 -35.49 30.93 -125.62
C PRO O 151 -34.24 31.42 -124.91
N ILE O 152 -33.48 32.34 -125.49
CA ILE O 152 -32.10 32.48 -125.06
C ILE O 152 -31.50 33.82 -125.48
N ASN O 153 -30.25 34.03 -125.07
CA ASN O 153 -29.33 34.99 -125.65
C ASN O 153 -27.94 34.44 -125.39
N LYS O 154 -27.01 34.69 -126.31
CA LYS O 154 -25.63 34.26 -126.11
C LYS O 154 -24.71 35.47 -126.19
N GLN O 155 -23.79 35.56 -125.22
CA GLN O 155 -22.95 36.70 -124.85
C GLN O 155 -23.13 37.94 -125.70
N LYS O 156 -23.52 39.05 -125.07
CA LYS O 156 -23.53 40.32 -125.76
C LYS O 156 -22.34 41.20 -125.44
N MET O 157 -21.70 41.01 -124.28
CA MET O 157 -20.87 42.08 -123.73
C MET O 157 -19.49 41.65 -123.26
N THR O 158 -18.50 41.76 -124.16
CA THR O 158 -17.13 41.64 -123.73
C THR O 158 -16.63 42.97 -123.16
N TYR O 159 -15.40 42.91 -122.61
CA TYR O 159 -14.78 44.09 -122.04
C TYR O 159 -14.70 45.21 -123.08
N HIS O 160 -14.06 44.91 -124.21
CA HIS O 160 -13.88 45.93 -125.25
C HIS O 160 -15.22 46.46 -125.73
N ASN O 161 -16.19 45.58 -125.99
CA ASN O 161 -17.48 46.04 -126.49
C ASN O 161 -18.22 46.88 -125.45
N PHE O 162 -18.22 46.45 -124.18
CA PHE O 162 -18.86 47.27 -123.17
C PHE O 162 -18.22 48.65 -123.09
N LYS O 163 -16.90 48.71 -122.88
CA LYS O 163 -16.26 50.02 -122.77
C LYS O 163 -16.45 50.84 -124.05
N LYS O 164 -16.70 50.18 -125.19
CA LYS O 164 -17.19 50.90 -126.35
C LYS O 164 -18.51 51.60 -126.03
N ILE O 165 -19.48 50.87 -125.47
CA ILE O 165 -20.76 51.51 -125.15
C ILE O 165 -20.63 52.54 -124.03
N GLU O 166 -19.64 52.38 -123.16
CA GLU O 166 -19.56 53.22 -121.98
C GLU O 166 -18.78 54.50 -122.22
N LYS O 167 -17.84 54.48 -123.18
CA LYS O 167 -16.81 55.51 -123.24
C LYS O 167 -17.41 56.91 -123.43
N ILE O 168 -18.41 57.03 -124.30
CA ILE O 168 -18.92 58.35 -124.66
C ILE O 168 -19.95 58.86 -123.65
N PRO O 169 -20.98 58.10 -123.25
CA PRO O 169 -21.99 58.67 -122.34
C PRO O 169 -21.43 59.11 -121.01
N LEU O 170 -20.21 58.71 -120.67
CA LEU O 170 -19.62 59.16 -119.41
C LEU O 170 -19.12 60.60 -119.48
N ARG O 171 -18.68 61.07 -120.65
CA ARG O 171 -18.26 62.46 -120.76
C ARG O 171 -19.47 63.39 -120.84
N LYS O 172 -20.46 63.02 -121.67
CA LYS O 172 -21.73 63.72 -121.65
C LYS O 172 -22.14 63.96 -120.21
N MET O 173 -22.00 62.92 -119.38
CA MET O 173 -22.16 63.07 -117.94
C MET O 173 -21.13 64.02 -117.35
N GLU O 174 -19.95 64.11 -117.96
CA GLU O 174 -18.96 65.04 -117.42
C GLU O 174 -19.50 66.48 -117.43
N ILE O 175 -20.42 66.79 -118.34
CA ILE O 175 -20.98 68.14 -118.38
C ILE O 175 -21.82 68.47 -117.14
N PRO O 176 -22.96 67.80 -116.88
CA PRO O 176 -23.80 68.23 -115.76
C PRO O 176 -23.28 67.80 -114.41
N LEU O 177 -22.36 66.83 -114.37
CA LEU O 177 -21.60 66.55 -113.17
C LEU O 177 -20.91 67.80 -112.64
N LEU O 178 -20.64 68.74 -113.53
CA LEU O 178 -19.96 69.96 -113.13
C LEU O 178 -20.90 70.92 -112.43
N HIS O 179 -22.21 70.71 -112.60
CA HIS O 179 -23.25 71.54 -112.01
C HIS O 179 -23.73 71.01 -110.68
N CYS O 180 -23.60 69.71 -110.44
CA CYS O 180 -24.08 69.10 -109.20
C CYS O 180 -23.00 69.20 -108.11
N THR O 181 -23.35 68.76 -106.92
CA THR O 181 -22.47 68.90 -105.77
C THR O 181 -21.42 67.80 -105.76
N LYS O 182 -20.35 68.04 -104.99
CA LYS O 182 -19.21 67.14 -104.96
C LYS O 182 -19.58 65.76 -104.41
N GLU O 183 -20.35 65.73 -103.33
CA GLU O 183 -20.84 64.45 -102.80
C GLU O 183 -21.60 63.68 -103.87
N ASN O 184 -22.33 64.38 -104.74
CA ASN O 184 -23.06 63.68 -105.79
C ASN O 184 -22.21 63.42 -107.03
N LYS O 185 -21.11 64.17 -107.23
CA LYS O 185 -20.07 63.70 -108.14
C LYS O 185 -19.58 62.32 -107.72
N LEU O 186 -19.11 62.20 -106.46
CA LEU O 186 -18.58 60.93 -105.97
C LEU O 186 -19.63 59.83 -105.97
N TYR O 187 -20.87 60.21 -105.66
CA TYR O 187 -21.99 59.30 -105.77
C TYR O 187 -22.12 58.73 -107.18
N PHE O 188 -22.22 59.62 -108.17
CA PHE O 188 -22.38 59.17 -109.55
C PHE O 188 -21.20 58.33 -109.99
N GLN O 189 -19.98 58.79 -109.70
CA GLN O 189 -18.80 58.01 -110.05
C GLN O 189 -18.85 56.62 -109.45
N SER O 190 -19.43 56.47 -108.26
CA SER O 190 -19.42 55.16 -107.61
C SER O 190 -20.52 54.25 -108.14
N ILE O 191 -21.74 54.77 -108.31
CA ILE O 191 -22.79 53.93 -108.89
C ILE O 191 -22.44 53.56 -110.31
N SER O 192 -21.71 54.43 -111.01
CA SER O 192 -21.31 54.19 -112.39
C SER O 192 -20.09 53.31 -112.48
N ARG O 193 -19.27 53.25 -111.43
CA ARG O 193 -18.33 52.15 -111.29
C ARG O 193 -19.04 50.84 -110.96
N GLY O 194 -20.27 50.90 -110.45
CA GLY O 194 -21.00 49.72 -110.05
C GLY O 194 -21.07 49.49 -108.55
N LEU O 195 -20.33 50.25 -107.75
CA LEU O 195 -20.46 50.19 -106.30
C LEU O 195 -21.89 50.54 -105.89
N GLU O 196 -22.22 50.19 -104.64
CA GLU O 196 -23.51 50.51 -104.05
C GLU O 196 -23.30 51.31 -102.76
N PRO O 197 -24.16 52.29 -102.48
CA PRO O 197 -23.93 53.13 -101.31
C PRO O 197 -24.26 52.36 -100.05
N LEU O 198 -23.43 52.52 -99.00
CA LEU O 198 -23.83 51.90 -97.73
C LEU O 198 -24.38 52.92 -96.75
N LYS O 199 -24.75 54.11 -97.22
CA LYS O 199 -25.55 55.06 -96.48
C LYS O 199 -26.93 55.14 -97.13
N THR O 200 -27.97 54.98 -96.33
CA THR O 200 -29.35 55.08 -96.79
C THR O 200 -29.78 56.53 -96.93
N SER O 201 -30.92 56.75 -97.60
CA SER O 201 -31.50 58.08 -97.62
C SER O 201 -31.88 58.53 -96.22
N THR O 202 -32.43 57.63 -95.43
CA THR O 202 -32.69 57.93 -94.02
C THR O 202 -31.40 58.24 -93.28
N SER O 203 -30.41 57.35 -93.43
CA SER O 203 -29.14 57.49 -92.70
C SER O 203 -28.40 58.78 -93.01
N GLU O 204 -28.85 59.57 -93.97
CA GLU O 204 -28.15 60.82 -94.25
C GLU O 204 -29.11 62.00 -94.31
N VAL O 205 -30.33 61.86 -93.79
CA VAL O 205 -31.23 63.00 -93.71
C VAL O 205 -30.71 64.02 -92.71
N ARG O 206 -30.43 63.58 -91.49
CA ARG O 206 -29.67 64.34 -90.50
C ARG O 206 -30.27 65.73 -90.25
N ASN O 207 -31.57 65.75 -90.01
CA ASN O 207 -32.26 66.93 -89.52
C ASN O 207 -32.99 66.53 -88.24
N TYR O 208 -32.99 67.45 -87.27
CA TYR O 208 -33.53 67.20 -85.93
C TYR O 208 -34.85 66.43 -85.97
N ARG O 209 -35.91 67.07 -86.49
CA ARG O 209 -37.25 66.50 -86.45
C ARG O 209 -37.29 65.14 -87.12
N THR O 210 -36.63 64.99 -88.26
CA THR O 210 -36.72 63.72 -88.97
C THR O 210 -35.96 62.62 -88.24
N ARG O 211 -34.80 62.94 -87.69
CA ARG O 211 -34.06 61.94 -86.92
C ARG O 211 -34.86 61.51 -85.69
N HIS O 212 -35.61 62.45 -85.10
CA HIS O 212 -36.47 62.10 -83.99
C HIS O 212 -37.61 61.20 -84.42
N ILE O 213 -38.26 61.53 -85.54
CA ILE O 213 -39.30 60.65 -86.06
C ILE O 213 -38.74 59.27 -86.37
N VAL O 214 -37.50 59.21 -86.85
CA VAL O 214 -36.86 57.92 -87.13
C VAL O 214 -36.77 57.10 -85.85
N THR O 215 -36.30 57.73 -84.76
CA THR O 215 -36.22 57.01 -83.50
C THR O 215 -37.60 56.59 -82.99
N LEU O 216 -38.58 57.49 -83.11
CA LEU O 216 -39.96 57.18 -82.72
C LEU O 216 -40.48 55.95 -83.46
N THR O 217 -40.55 56.04 -84.80
CA THR O 217 -41.01 54.92 -85.61
C THR O 217 -40.26 53.63 -85.29
N ASP O 218 -38.94 53.72 -85.20
CA ASP O 218 -38.15 52.56 -84.80
C ASP O 218 -38.72 51.94 -83.54
N LEU O 219 -38.82 52.73 -82.47
CA LEU O 219 -39.33 52.20 -81.20
C LEU O 219 -40.71 51.60 -81.35
N LEU O 220 -41.53 52.15 -82.26
CA LEU O 220 -42.79 51.49 -82.60
C LEU O 220 -42.54 50.08 -83.10
N HIS O 221 -41.76 49.96 -84.19
CA HIS O 221 -41.54 48.64 -84.77
C HIS O 221 -40.92 47.67 -83.77
N LEU O 222 -39.99 48.18 -82.95
CA LEU O 222 -39.33 47.33 -81.97
C LEU O 222 -40.33 46.81 -80.95
N ASN O 223 -41.07 47.73 -80.32
CA ASN O 223 -42.04 47.31 -79.31
C ASN O 223 -43.08 46.37 -79.89
N VAL O 224 -43.55 46.64 -81.11
CA VAL O 224 -44.49 45.72 -81.76
C VAL O 224 -43.85 44.35 -81.96
N SER O 225 -42.54 44.30 -82.21
CA SER O 225 -41.90 42.99 -82.23
C SER O 225 -41.84 42.36 -80.85
N ARG O 226 -41.74 43.18 -79.81
CA ARG O 226 -41.51 42.75 -78.44
C ARG O 226 -42.79 42.46 -77.68
N HIS O 227 -43.93 42.36 -78.37
CA HIS O 227 -45.23 42.12 -77.76
C HIS O 227 -45.61 43.20 -76.75
N ASN O 228 -44.88 44.32 -76.71
CA ASN O 228 -45.12 45.38 -75.74
C ASN O 228 -46.26 46.27 -76.20
N TRP O 229 -47.41 45.66 -76.47
CA TRP O 229 -48.54 46.34 -77.13
C TRP O 229 -48.91 47.65 -76.45
N SER O 230 -48.69 47.76 -75.14
CA SER O 230 -49.01 49.00 -74.43
C SER O 230 -48.10 50.14 -74.88
N LEU O 231 -46.80 49.96 -74.66
CA LEU O 231 -45.82 50.94 -75.13
C LEU O 231 -46.01 51.23 -76.60
N ALA O 232 -45.90 50.19 -77.43
CA ALA O 232 -46.14 50.28 -78.85
C ALA O 232 -47.35 51.14 -79.16
N TYR O 233 -48.44 50.97 -78.39
CA TYR O 233 -49.61 51.82 -78.63
C TYR O 233 -49.30 53.28 -78.35
N LYS O 234 -48.60 53.56 -77.25
CA LYS O 234 -48.23 54.95 -77.00
C LYS O 234 -47.38 55.50 -78.14
N ILE O 235 -46.42 54.71 -78.61
CA ILE O 235 -45.59 55.10 -79.74
C ILE O 235 -46.46 55.45 -80.93
N PHE O 236 -47.42 54.57 -81.25
CA PHE O 236 -48.25 54.77 -82.43
C PHE O 236 -49.07 56.06 -82.33
N ALA O 237 -49.70 56.31 -81.18
CA ALA O 237 -50.52 57.51 -81.07
C ALA O 237 -49.67 58.77 -81.17
N THR O 238 -48.54 58.81 -80.44
CA THR O 238 -47.64 59.95 -80.54
C THR O 238 -47.13 60.16 -81.96
N LEU O 239 -46.91 59.07 -82.69
CA LEU O 239 -46.43 59.15 -84.06
C LEU O 239 -47.48 59.76 -84.98
N ILE O 240 -48.64 59.09 -85.12
CA ILE O 240 -49.71 59.62 -85.96
C ILE O 240 -50.07 61.06 -85.58
N ARG O 241 -49.82 61.48 -84.34
CA ARG O 241 -50.01 62.90 -84.03
C ARG O 241 -49.17 63.81 -84.93
N ILE O 242 -47.99 63.36 -85.33
CA ILE O 242 -47.03 64.27 -85.95
C ILE O 242 -47.52 64.65 -87.34
N PRO O 243 -47.24 65.86 -87.82
CA PRO O 243 -47.86 66.33 -89.07
C PRO O 243 -47.26 65.72 -90.32
N GLY O 244 -46.18 64.95 -90.22
CA GLY O 244 -45.53 64.48 -91.42
C GLY O 244 -45.90 63.09 -91.87
N VAL O 245 -46.49 62.30 -90.97
CA VAL O 245 -46.63 60.87 -91.18
C VAL O 245 -47.99 60.58 -91.81
N GLN O 246 -48.00 60.12 -93.05
CA GLN O 246 -49.23 59.51 -93.54
C GLN O 246 -49.18 58.01 -93.25
N ILE O 247 -50.32 57.37 -93.44
CA ILE O 247 -50.61 56.11 -92.77
C ILE O 247 -50.24 54.97 -93.72
N LYS O 248 -48.97 54.54 -93.60
CA LYS O 248 -48.62 53.15 -93.88
C LYS O 248 -48.85 52.28 -92.65
N SER O 249 -48.75 52.88 -91.46
CA SER O 249 -48.70 52.20 -90.18
C SER O 249 -49.98 51.45 -89.82
N LEU O 250 -50.88 51.25 -90.83
CA LEU O 250 -52.18 50.67 -90.51
C LEU O 250 -52.08 49.20 -90.10
N TRP O 251 -51.16 48.42 -90.66
CA TRP O 251 -50.96 47.05 -90.18
C TRP O 251 -50.38 47.07 -88.77
N GLY O 252 -49.46 48.01 -88.51
CA GLY O 252 -49.01 48.27 -87.15
C GLY O 252 -50.18 48.39 -86.19
N ILE O 253 -51.17 49.21 -86.55
CA ILE O 253 -52.31 49.34 -85.63
C ILE O 253 -53.28 48.16 -85.72
N GLY O 254 -53.34 47.45 -86.85
CA GLY O 254 -54.27 46.36 -87.02
C GLY O 254 -53.90 45.23 -86.10
N VAL O 255 -52.67 44.72 -86.23
CA VAL O 255 -52.18 43.73 -85.29
C VAL O 255 -52.01 44.36 -83.90
N GLU O 256 -51.89 45.69 -83.83
CA GLU O 256 -51.72 46.36 -82.55
C GLU O 256 -52.96 46.28 -81.68
N ILE O 257 -54.05 46.91 -82.12
CA ILE O 257 -55.32 46.83 -81.41
C ILE O 257 -55.84 45.40 -81.38
N LEU O 258 -55.51 44.59 -82.39
CA LEU O 258 -55.87 43.18 -82.36
C LEU O 258 -55.31 42.51 -81.09
N ASP O 259 -53.99 42.50 -80.94
CA ASP O 259 -53.43 41.94 -79.71
C ASP O 259 -53.65 42.83 -78.50
N ASN O 260 -54.22 44.02 -78.66
CA ASN O 260 -54.41 44.88 -77.49
C ASN O 260 -55.61 44.43 -76.67
N LEU O 261 -56.77 44.23 -77.31
CA LEU O 261 -58.01 43.85 -76.66
C LEU O 261 -58.43 44.83 -75.56
N SER O 262 -57.70 45.94 -75.42
CA SER O 262 -57.79 46.74 -74.21
C SER O 262 -59.02 47.65 -74.22
N ASN O 263 -59.03 48.65 -75.09
CA ASN O 263 -60.06 49.66 -75.02
C ASN O 263 -60.61 50.06 -76.39
N SER O 264 -59.75 50.61 -77.21
CA SER O 264 -60.16 51.48 -78.31
C SER O 264 -60.76 50.69 -79.46
N SER O 265 -61.84 51.26 -80.04
CA SER O 265 -62.59 50.67 -81.15
C SER O 265 -61.67 49.86 -82.05
N SER O 266 -61.93 48.56 -82.14
CA SER O 266 -60.88 47.58 -82.38
C SER O 266 -60.45 47.55 -83.84
N GLY O 267 -59.61 46.55 -84.17
CA GLY O 267 -59.01 46.47 -85.48
C GLY O 267 -60.03 46.38 -86.60
N LEU O 268 -61.18 45.76 -86.35
CA LEU O 268 -62.25 45.80 -87.34
C LEU O 268 -62.70 47.23 -87.58
N ASP O 269 -62.98 47.97 -86.51
CA ASP O 269 -63.36 49.38 -86.63
C ASP O 269 -62.33 50.14 -87.47
N PHE O 270 -61.05 49.97 -87.14
CA PHE O 270 -60.01 50.66 -87.89
C PHE O 270 -60.04 50.26 -89.36
N LEU O 271 -60.15 48.97 -89.64
CA LEU O 271 -60.08 48.49 -91.02
C LEU O 271 -61.23 49.03 -91.86
N GLN O 272 -62.47 48.82 -91.39
CA GLN O 272 -63.60 49.37 -92.13
C GLN O 272 -63.55 50.89 -92.19
N TRP O 273 -62.86 51.53 -91.25
CA TRP O 273 -62.59 52.96 -91.39
C TRP O 273 -61.67 53.23 -92.58
N MET O 274 -60.56 52.50 -92.65
CA MET O 274 -59.63 52.63 -93.77
C MET O 274 -60.35 52.48 -95.10
N CYS O 275 -61.24 51.50 -95.18
CA CYS O 275 -61.98 51.28 -96.42
C CYS O 275 -62.99 52.40 -96.68
N GLN O 276 -63.63 52.92 -95.63
CA GLN O 276 -64.64 53.94 -95.86
C GLN O 276 -64.00 55.28 -96.26
N ILE O 277 -62.85 55.61 -95.68
CA ILE O 277 -62.22 56.89 -95.99
C ILE O 277 -61.42 56.80 -97.29
N TYR O 278 -60.77 55.68 -97.55
CA TYR O 278 -59.90 55.58 -98.72
C TYR O 278 -60.42 54.63 -99.79
N SER O 279 -61.69 54.75 -100.16
CA SER O 279 -62.24 54.02 -101.31
C SER O 279 -62.86 54.96 -102.32
N SER O 280 -62.55 56.25 -102.24
CA SER O 280 -63.15 57.24 -103.11
C SER O 280 -62.17 58.37 -103.34
N LYS O 281 -62.19 58.94 -104.55
CA LYS O 281 -61.44 60.15 -104.86
C LYS O 281 -62.03 61.31 -104.09
N SER O 282 -61.85 61.32 -102.77
CA SER O 282 -62.54 62.26 -101.91
C SER O 282 -61.61 62.81 -100.83
N ARG O 291 -46.87 58.11 -109.21
CA ARG O 291 -46.51 59.20 -108.30
C ARG O 291 -45.57 58.69 -107.22
N SER O 292 -45.14 59.59 -106.34
CA SER O 292 -44.09 59.29 -105.35
C SER O 292 -44.50 58.27 -104.30
N ILE O 293 -45.39 58.68 -103.39
CA ILE O 293 -45.55 58.01 -102.10
C ILE O 293 -46.21 56.65 -102.17
N VAL O 294 -46.71 56.22 -103.32
CA VAL O 294 -47.73 55.17 -103.36
C VAL O 294 -47.22 53.85 -103.95
N PRO O 295 -46.77 52.92 -103.12
CA PRO O 295 -46.72 51.49 -103.52
C PRO O 295 -48.09 50.83 -103.40
N PRO O 296 -48.18 49.49 -103.25
CA PRO O 296 -49.50 48.84 -103.17
C PRO O 296 -50.19 48.68 -101.82
N PHE O 297 -49.56 48.92 -100.68
CA PHE O 297 -50.27 48.72 -99.41
C PHE O 297 -51.09 49.93 -98.99
N GLN O 298 -51.07 51.01 -99.78
CA GLN O 298 -52.08 52.07 -99.74
C GLN O 298 -52.35 52.45 -101.18
N THR O 299 -53.62 52.46 -101.57
CA THR O 299 -53.91 52.48 -102.99
C THR O 299 -55.18 53.28 -103.26
N GLY O 300 -55.42 53.55 -104.54
CA GLY O 300 -56.57 54.31 -105.00
C GLY O 300 -57.60 53.40 -105.63
N SER O 301 -58.86 53.83 -105.58
CA SER O 301 -60.01 52.97 -105.89
C SER O 301 -60.34 52.93 -107.38
N ARG O 302 -59.35 53.10 -108.26
CA ARG O 302 -59.58 52.85 -109.68
C ARG O 302 -59.48 51.36 -109.98
N THR O 303 -58.30 50.78 -109.79
CA THR O 303 -58.12 49.34 -109.72
C THR O 303 -57.51 49.02 -108.36
N HIS O 304 -57.44 47.72 -108.07
CA HIS O 304 -57.55 47.20 -106.71
C HIS O 304 -56.84 47.99 -105.61
N THR O 305 -57.66 48.56 -104.72
CA THR O 305 -57.25 48.82 -103.35
C THR O 305 -57.16 47.48 -102.62
N ALA O 306 -55.94 47.07 -102.29
CA ALA O 306 -55.71 45.70 -101.86
C ALA O 306 -55.81 45.56 -100.35
N LYS O 307 -54.67 45.66 -99.67
CA LYS O 307 -54.50 45.22 -98.29
C LYS O 307 -55.73 45.40 -97.40
N PHE O 308 -56.06 46.65 -97.06
CA PHE O 308 -57.05 46.88 -96.01
C PHE O 308 -58.41 46.26 -96.35
N ALA O 309 -58.80 46.31 -97.62
CA ALA O 309 -60.10 45.78 -98.02
C ALA O 309 -60.17 44.28 -97.75
N ILE O 310 -59.27 43.51 -98.36
CA ILE O 310 -59.34 42.07 -98.20
C ILE O 310 -59.15 41.68 -96.74
N THR O 311 -58.40 42.49 -95.96
CA THR O 311 -58.19 42.11 -94.57
C THR O 311 -59.42 42.38 -93.71
N TYR O 312 -60.17 43.47 -93.94
CA TYR O 312 -61.42 43.60 -93.19
C TYR O 312 -62.44 42.57 -93.65
N LEU O 313 -62.39 42.16 -94.93
CA LEU O 313 -63.26 41.12 -95.46
C LEU O 313 -63.05 39.81 -94.72
N TRP O 314 -61.85 39.23 -94.86
CA TRP O 314 -61.57 37.96 -94.18
C TRP O 314 -61.75 38.11 -92.68
N SER O 315 -61.16 39.15 -92.08
CA SER O 315 -61.22 39.31 -90.63
C SER O 315 -62.66 39.45 -90.13
N SER O 316 -63.55 39.95 -90.99
CA SER O 316 -64.95 40.04 -90.60
C SER O 316 -65.63 38.68 -90.68
N LEU O 317 -65.29 37.89 -91.72
CA LEU O 317 -65.75 36.50 -91.75
C LEU O 317 -65.25 35.72 -90.52
N ILE O 318 -64.10 36.11 -89.98
CA ILE O 318 -63.64 35.53 -88.72
C ILE O 318 -64.41 36.12 -87.54
N ASN O 319 -64.84 37.38 -87.63
CA ASN O 319 -65.79 37.87 -86.64
C ASN O 319 -67.12 37.11 -86.71
N CYS O 320 -67.35 36.34 -87.77
CA CYS O 320 -68.38 35.30 -87.76
C CYS O 320 -67.88 33.98 -87.18
N GLN O 321 -66.61 33.64 -87.38
CA GLN O 321 -66.03 32.57 -86.57
C GLN O 321 -66.31 32.82 -85.09
N LYS O 322 -66.46 34.08 -84.69
CA LYS O 322 -67.02 34.38 -83.38
C LYS O 322 -68.43 33.83 -83.23
N SER O 323 -69.21 33.84 -84.31
CA SER O 323 -70.56 33.31 -84.23
C SER O 323 -70.55 31.79 -84.10
N MET O 324 -70.26 31.09 -85.20
CA MET O 324 -70.41 29.62 -85.17
C MET O 324 -69.08 28.90 -85.28
N LEU O 345 -74.99 38.53 -88.72
CA LEU O 345 -73.70 39.08 -89.10
C LEU O 345 -73.28 38.67 -90.51
N ILE O 346 -73.60 37.44 -90.91
CA ILE O 346 -73.16 36.93 -92.22
C ILE O 346 -73.88 37.66 -93.35
N ASP O 347 -75.22 37.61 -93.36
CA ASP O 347 -75.96 38.31 -94.41
C ASP O 347 -75.68 39.82 -94.38
N LYS O 348 -75.12 40.32 -93.28
CA LYS O 348 -74.56 41.67 -93.28
C LYS O 348 -73.27 41.75 -94.10
N ILE O 349 -72.31 40.88 -93.78
CA ILE O 349 -71.00 40.95 -94.44
C ILE O 349 -71.13 40.69 -95.94
N SER O 350 -71.95 39.72 -96.32
CA SER O 350 -72.25 39.48 -97.73
C SER O 350 -73.36 40.39 -98.25
N GLU O 351 -74.00 41.18 -97.37
CA GLU O 351 -74.86 42.26 -97.84
C GLU O 351 -74.02 43.41 -98.39
N TRP O 352 -72.94 43.77 -97.70
CA TRP O 352 -72.04 44.81 -98.16
C TRP O 352 -70.86 44.25 -98.95
N VAL O 353 -70.79 42.94 -99.13
CA VAL O 353 -70.04 42.36 -100.23
C VAL O 353 -70.94 42.27 -101.46
N LEU O 354 -72.25 42.14 -101.26
CA LEU O 354 -73.19 42.23 -102.37
C LEU O 354 -73.31 43.67 -102.88
N THR O 355 -73.10 44.65 -102.00
CA THR O 355 -73.29 46.04 -102.40
C THR O 355 -72.31 46.51 -103.47
N PRO O 356 -71.00 46.37 -103.32
CA PRO O 356 -70.10 47.04 -104.24
C PRO O 356 -70.01 46.31 -105.57
N PRO O 357 -70.10 47.04 -106.68
CA PRO O 357 -69.58 46.53 -107.94
C PRO O 357 -68.11 46.90 -108.15
N PHE O 358 -67.25 45.89 -108.14
CA PHE O 358 -65.83 45.96 -108.50
C PHE O 358 -65.49 44.55 -109.00
N MET O 359 -66.03 44.23 -110.19
CA MET O 359 -66.27 42.85 -110.58
C MET O 359 -64.99 42.03 -110.67
N GLU O 360 -63.86 42.68 -110.98
CA GLU O 360 -62.60 41.95 -111.07
C GLU O 360 -62.17 41.38 -109.71
N ASP O 361 -62.68 41.94 -108.61
CA ASP O 361 -62.28 41.54 -107.27
C ASP O 361 -62.56 40.07 -106.98
N ALA O 362 -61.85 39.15 -107.63
CA ALA O 362 -62.13 37.72 -107.47
C ALA O 362 -62.01 37.31 -106.01
N GLU O 363 -60.98 37.79 -105.32
CA GLU O 363 -60.83 37.42 -103.92
C GLU O 363 -62.08 37.79 -103.12
N VAL O 364 -62.78 38.86 -103.50
CA VAL O 364 -64.03 39.14 -102.83
C VAL O 364 -65.14 38.24 -103.34
N TRP O 365 -64.94 37.58 -104.48
CA TRP O 365 -65.85 36.52 -104.87
C TRP O 365 -65.67 35.29 -103.99
N PHE O 366 -64.42 34.95 -103.65
CA PHE O 366 -64.21 33.85 -102.71
C PHE O 366 -64.63 34.23 -101.30
N ILE O 367 -64.53 35.51 -100.95
CA ILE O 367 -65.12 36.00 -99.69
C ILE O 367 -66.62 35.82 -99.72
N TYR O 368 -67.25 36.18 -100.85
CA TYR O 368 -68.69 36.02 -101.02
C TYR O 368 -69.11 34.57 -100.84
N ALA O 369 -68.53 33.69 -101.66
CA ALA O 369 -68.86 32.27 -101.59
C ALA O 369 -68.52 31.69 -100.23
N SER O 370 -67.54 32.26 -99.54
CA SER O 370 -67.23 31.82 -98.18
C SER O 370 -68.32 32.25 -97.20
N CYS O 371 -68.88 33.44 -97.40
CA CYS O 371 -70.03 33.86 -96.60
C CYS O 371 -71.22 32.93 -96.83
N HIS O 372 -71.38 32.45 -98.06
CA HIS O 372 -72.49 31.54 -98.34
C HIS O 372 -72.23 30.13 -97.80
N LEU O 373 -70.97 29.70 -97.77
CA LEU O 373 -70.68 28.40 -97.17
C LEU O 373 -70.82 28.45 -95.66
N LEU O 374 -70.41 29.57 -95.05
CA LEU O 374 -70.58 29.73 -93.61
C LEU O 374 -72.05 29.88 -93.24
N LYS O 375 -72.86 30.52 -94.09
CA LYS O 375 -74.29 30.55 -93.78
C LYS O 375 -74.97 29.22 -94.08
N ALA O 376 -74.42 28.42 -95.00
CA ALA O 376 -74.90 27.06 -95.20
C ALA O 376 -74.36 26.09 -94.14
N ASP O 377 -73.49 26.57 -93.25
CA ASP O 377 -73.00 25.80 -92.11
C ASP O 377 -72.22 24.57 -92.57
N ILE O 401 -85.42 25.19 -94.83
CA ILE O 401 -84.39 24.27 -95.30
C ILE O 401 -84.04 24.55 -96.76
N ASN O 402 -85.08 24.70 -97.59
CA ASN O 402 -84.83 25.12 -98.97
C ASN O 402 -84.10 26.46 -99.02
N GLN O 403 -84.14 27.25 -97.94
CA GLN O 403 -83.32 28.45 -97.87
C GLN O 403 -81.83 28.08 -97.86
N VAL O 404 -81.45 27.14 -96.99
CA VAL O 404 -80.08 26.62 -97.01
C VAL O 404 -79.74 26.07 -98.39
N ILE O 405 -80.73 25.45 -99.06
CA ILE O 405 -80.52 25.06 -100.45
C ILE O 405 -80.08 26.26 -101.28
N LYS O 406 -80.87 27.35 -101.24
CA LYS O 406 -80.54 28.51 -102.05
C LYS O 406 -79.16 29.06 -101.71
N HIS O 407 -78.74 28.95 -100.45
CA HIS O 407 -77.39 29.38 -100.10
C HIS O 407 -76.33 28.46 -100.70
N ILE O 408 -76.62 27.16 -100.82
CA ILE O 408 -75.64 26.24 -101.38
C ILE O 408 -75.52 26.41 -102.89
N HIS O 409 -76.66 26.57 -103.58
CA HIS O 409 -76.60 26.95 -104.99
C HIS O 409 -75.89 28.28 -105.16
N TYR O 410 -76.06 29.20 -104.20
CA TYR O 410 -75.42 30.51 -104.26
C TYR O 410 -73.90 30.38 -104.26
N VAL O 411 -73.34 29.68 -103.28
CA VAL O 411 -71.89 29.49 -103.24
C VAL O 411 -71.43 28.75 -104.49
N ARG O 412 -72.20 27.76 -104.93
CA ARG O 412 -71.89 27.08 -106.19
C ARG O 412 -71.74 28.06 -107.34
N THR O 413 -72.51 29.14 -107.35
CA THR O 413 -72.40 30.14 -108.42
C THR O 413 -71.17 31.03 -108.25
N PHE O 414 -71.00 31.61 -107.06
CA PHE O 414 -69.91 32.57 -106.89
C PHE O 414 -68.54 31.91 -106.98
N LEU O 415 -68.46 30.58 -106.86
CA LEU O 415 -67.18 29.92 -107.09
C LEU O 415 -66.76 30.01 -108.56
N LYS O 416 -67.71 29.89 -109.49
CA LYS O 416 -67.32 29.99 -110.90
C LYS O 416 -67.16 31.45 -111.32
N ILE O 417 -68.00 32.34 -110.78
CA ILE O 417 -67.83 33.75 -111.15
C ILE O 417 -66.62 34.25 -110.38
N CYS O 418 -66.03 33.38 -109.57
CA CYS O 418 -64.70 33.58 -109.01
C CYS O 418 -63.61 32.86 -109.80
N LEU O 419 -63.97 31.83 -110.57
CA LEU O 419 -63.11 31.42 -111.68
C LEU O 419 -63.06 32.49 -112.76
N ASP O 420 -63.84 33.55 -112.62
CA ASP O 420 -63.70 34.71 -113.50
C ASP O 420 -62.25 35.20 -113.60
N LYS O 421 -61.54 35.29 -112.48
CA LYS O 421 -60.29 36.02 -112.39
C LYS O 421 -59.20 35.14 -111.76
N GLY O 422 -58.00 35.70 -111.60
CA GLY O 422 -56.83 35.04 -111.03
C GLY O 422 -57.12 34.15 -109.84
N GLY O 423 -57.02 32.85 -110.07
CA GLY O 423 -57.79 31.89 -109.29
C GLY O 423 -57.32 31.72 -107.86
N PHE O 424 -58.29 31.72 -106.94
CA PHE O 424 -58.14 31.12 -105.61
C PHE O 424 -58.86 29.78 -105.65
N ALA O 425 -58.10 28.70 -105.71
CA ALA O 425 -58.70 27.37 -105.80
C ALA O 425 -58.06 26.44 -104.78
N VAL O 426 -58.88 25.51 -104.29
CA VAL O 426 -58.37 24.42 -103.45
C VAL O 426 -58.48 23.18 -104.33
N PRO O 427 -59.65 22.52 -104.47
CA PRO O 427 -59.93 21.83 -105.73
C PRO O 427 -61.37 22.02 -106.17
N SER O 428 -61.97 20.92 -106.62
CA SER O 428 -63.42 20.81 -106.67
C SER O 428 -63.97 20.07 -105.47
N ARG O 429 -63.11 19.32 -104.77
CA ARG O 429 -63.62 18.41 -103.73
C ARG O 429 -63.69 19.11 -102.38
N LEU O 430 -62.77 20.02 -102.06
CA LEU O 430 -62.99 20.81 -100.86
C LEU O 430 -64.06 21.86 -101.09
N ILE O 431 -64.21 22.33 -102.33
CA ILE O 431 -65.30 23.24 -102.66
C ILE O 431 -66.63 22.53 -102.45
N GLU O 432 -66.81 21.38 -103.11
CA GLU O 432 -68.09 20.71 -103.22
C GLU O 432 -68.32 19.69 -102.11
N ASN O 433 -67.39 18.76 -101.91
CA ASN O 433 -67.50 17.70 -100.89
C ASN O 433 -68.04 18.22 -99.56
N GLN O 434 -67.66 19.44 -99.19
CA GLN O 434 -68.36 20.11 -98.10
C GLN O 434 -69.83 20.27 -98.44
N LEU O 435 -70.14 20.69 -99.67
CA LEU O 435 -71.51 20.95 -100.09
C LEU O 435 -72.32 19.68 -100.32
N LYS O 436 -71.67 18.50 -100.37
CA LYS O 436 -72.36 17.22 -100.39
C LYS O 436 -72.56 16.69 -98.98
N SER O 437 -71.58 16.90 -98.10
CA SER O 437 -71.84 16.76 -96.66
C SER O 437 -72.99 17.66 -96.24
N PHE O 438 -73.19 18.77 -96.96
CA PHE O 438 -74.38 19.59 -96.79
C PHE O 438 -75.58 18.97 -97.50
N GLU O 439 -75.38 18.47 -98.73
CA GLU O 439 -76.48 17.84 -99.46
C GLU O 439 -77.07 16.66 -98.69
N SER O 440 -76.37 16.17 -97.67
CA SER O 440 -76.93 15.27 -96.69
C SER O 440 -78.24 15.82 -96.13
N VAL P 20 10.88 30.11 -160.85
CA VAL P 20 10.22 29.66 -162.07
C VAL P 20 11.22 29.04 -163.04
N GLN P 21 12.24 29.81 -163.42
CA GLN P 21 13.17 29.41 -164.47
C GLN P 21 13.78 28.03 -164.20
N GLY P 22 14.42 27.87 -163.05
CA GLY P 22 15.01 26.59 -162.70
C GLY P 22 14.03 25.60 -162.11
N ALA P 23 13.00 26.08 -161.41
CA ALA P 23 12.05 25.18 -160.78
C ALA P 23 11.30 24.35 -161.80
N SER P 24 10.98 24.92 -162.97
CA SER P 24 10.30 24.17 -164.02
C SER P 24 11.13 24.03 -165.29
N LEU P 25 12.40 24.42 -165.27
CA LEU P 25 13.38 23.77 -166.14
C LEU P 25 13.76 22.40 -165.59
N TYR P 26 13.68 22.23 -164.26
CA TYR P 26 13.97 20.94 -163.64
C TYR P 26 13.00 19.87 -164.12
N CYS P 27 11.71 20.04 -163.80
CA CYS P 27 10.69 19.01 -164.01
C CYS P 27 11.00 17.70 -163.28
N THR P 49 3.79 28.28 -158.33
CA THR P 49 4.40 29.37 -159.08
C THR P 49 4.65 30.61 -158.23
N LEU P 50 4.72 30.43 -156.91
CA LEU P 50 4.84 31.56 -155.99
C LEU P 50 6.25 32.14 -156.00
N ALA P 51 7.21 31.43 -155.38
CA ALA P 51 8.59 31.90 -155.32
C ALA P 51 9.52 30.77 -154.89
N GLU P 52 10.49 31.08 -154.04
CA GLU P 52 11.29 30.08 -153.35
C GLU P 52 11.14 30.15 -151.84
N ASP P 53 10.35 31.09 -151.33
CA ASP P 53 10.46 31.57 -149.96
C ASP P 53 9.23 32.42 -149.64
N ALA P 54 9.04 32.68 -148.35
CA ALA P 54 8.03 33.60 -147.86
C ALA P 54 8.57 35.03 -147.90
N LEU P 55 7.94 35.96 -147.18
CA LEU P 55 8.02 37.38 -147.45
C LEU P 55 8.65 38.12 -146.26
N ASP P 56 9.89 38.59 -146.41
CA ASP P 56 10.61 39.24 -145.31
C ASP P 56 11.38 40.47 -145.77
N LEU P 57 11.50 41.45 -144.85
CA LEU P 57 11.81 42.84 -145.16
C LEU P 57 12.87 43.47 -144.25
N HIS P 58 12.71 44.75 -143.93
CA HIS P 58 13.79 45.60 -143.43
C HIS P 58 13.52 46.11 -142.02
N ILE P 59 14.57 46.20 -141.19
CA ILE P 59 14.52 46.86 -139.88
C ILE P 59 15.85 47.61 -139.69
N VAL P 60 15.94 48.41 -138.60
CA VAL P 60 17.07 49.32 -138.36
C VAL P 60 17.71 49.04 -136.98
N VAL P 61 18.91 49.63 -136.77
CA VAL P 61 19.69 49.75 -135.53
C VAL P 61 20.71 50.88 -135.75
N LYS P 62 20.59 52.00 -135.02
CA LYS P 62 21.25 53.26 -135.35
C LYS P 62 22.33 53.65 -134.34
N SER P 63 23.30 54.45 -134.80
CA SER P 63 24.41 54.88 -133.96
C SER P 63 25.15 56.04 -134.61
N LEU P 64 25.70 56.91 -133.78
CA LEU P 64 26.58 58.00 -134.19
C LEU P 64 28.02 57.50 -134.32
N LEU P 65 28.75 57.99 -135.32
CA LEU P 65 30.13 57.56 -135.53
C LEU P 65 31.14 58.70 -135.42
N CYS P 66 31.00 59.77 -136.19
CA CYS P 66 31.95 60.88 -136.10
C CYS P 66 31.32 62.13 -136.68
N ASP P 67 31.89 63.28 -136.32
CA ASP P 67 31.42 64.57 -136.78
C ASP P 67 32.60 65.35 -137.35
N THR P 68 32.30 66.24 -138.29
CA THR P 68 33.35 67.01 -138.96
C THR P 68 33.43 68.48 -138.50
N GLN P 169 22.00 78.23 -159.47
CA GLN P 169 22.62 77.13 -160.20
C GLN P 169 22.74 75.89 -159.32
N ASP P 170 23.55 76.00 -158.27
CA ASP P 170 23.79 74.90 -157.34
C ASP P 170 22.51 74.35 -156.75
N ALA P 171 21.45 75.17 -156.71
CA ALA P 171 20.16 74.69 -156.24
C ALA P 171 19.53 73.69 -157.20
N PHE P 172 19.93 73.71 -158.48
CA PHE P 172 19.31 72.89 -159.51
C PHE P 172 20.28 71.96 -160.24
N PHE P 173 21.59 72.09 -160.05
CA PHE P 173 22.55 71.22 -160.72
C PHE P 173 23.58 70.73 -159.72
N TRP P 174 24.30 69.68 -160.12
CA TRP P 174 25.33 69.11 -159.28
C TRP P 174 26.52 68.70 -160.13
N ASP P 175 27.67 68.62 -159.47
CA ASP P 175 28.92 68.25 -160.10
C ASP P 175 29.08 66.74 -160.05
N PRO P 176 29.08 66.05 -161.18
CA PRO P 176 29.31 64.60 -161.15
C PRO P 176 30.71 64.21 -160.68
N THR P 177 31.70 65.09 -160.84
CA THR P 177 33.06 64.71 -160.49
C THR P 177 33.28 64.58 -158.99
N VAL P 178 32.27 64.83 -158.16
CA VAL P 178 32.45 64.60 -156.74
C VAL P 178 31.64 63.37 -156.38
N ALA P 179 32.31 62.22 -156.30
CA ALA P 179 31.59 60.98 -156.05
C ALA P 179 31.35 60.78 -154.56
N ASN P 180 32.42 60.51 -153.80
CA ASN P 180 32.29 60.22 -152.38
C ASN P 180 33.50 60.75 -151.63
N ARG P 181 33.22 61.45 -150.53
CA ARG P 181 34.25 62.13 -149.75
C ARG P 181 34.53 61.43 -148.42
N LEU P 182 34.19 60.14 -148.33
CA LEU P 182 34.60 59.33 -147.18
C LEU P 182 34.60 57.86 -147.57
N ASP P 183 35.63 57.14 -147.12
CA ASP P 183 35.72 55.70 -147.26
C ASP P 183 36.12 55.11 -145.92
N SER P 184 35.86 53.80 -145.77
CA SER P 184 36.27 53.03 -144.60
C SER P 184 36.47 51.58 -145.03
N GLN P 185 37.64 51.03 -144.74
CA GLN P 185 37.99 49.74 -145.32
C GLN P 185 39.15 49.15 -144.52
N TYR P 186 39.40 47.87 -144.75
CA TYR P 186 40.47 47.18 -144.04
C TYR P 186 41.80 47.43 -144.73
N ILE P 187 42.73 47.99 -143.97
CA ILE P 187 44.07 48.32 -144.42
C ILE P 187 45.04 47.47 -143.61
N GLN P 188 46.25 47.32 -144.14
CA GLN P 188 47.24 46.45 -143.50
C GLN P 188 48.63 46.95 -143.78
N THR P 189 49.35 47.37 -142.75
CA THR P 189 50.64 47.99 -142.92
C THR P 189 51.75 46.95 -142.89
N ALA P 190 53.00 47.41 -142.92
CA ALA P 190 54.14 46.49 -142.91
C ALA P 190 54.26 45.79 -141.57
N SER P 191 54.27 46.55 -140.47
CA SER P 191 54.36 45.95 -139.14
C SER P 191 53.21 44.99 -138.88
N ASP P 192 52.10 45.14 -139.59
CA ASP P 192 51.03 44.14 -139.54
C ASP P 192 51.37 42.90 -140.34
N LEU P 193 52.35 42.97 -141.24
CA LEU P 193 52.77 41.85 -142.06
C LEU P 193 53.95 41.07 -141.48
N ARG P 194 54.53 41.54 -140.37
CA ARG P 194 55.48 40.72 -139.62
C ARG P 194 54.76 39.58 -138.91
N ASN P 195 53.59 39.87 -138.36
CA ASN P 195 52.82 38.89 -137.60
C ASN P 195 51.78 38.20 -138.49
N TYR P 196 50.65 37.82 -137.89
CA TYR P 196 49.50 37.29 -138.62
C TYR P 196 48.29 38.18 -138.42
N ARG P 197 48.46 39.35 -137.82
CA ARG P 197 47.35 40.25 -137.56
C ARG P 197 46.79 40.79 -138.87
N ASP P 198 45.47 40.80 -138.98
CA ASP P 198 44.80 41.19 -140.22
C ASP P 198 44.58 42.70 -140.32
N GLY P 199 45.65 43.47 -140.09
CA GLY P 199 45.59 44.92 -140.23
C GLY P 199 44.59 45.56 -139.27
N THR P 200 43.93 46.61 -139.76
CA THR P 200 42.90 47.30 -138.99
C THR P 200 41.88 47.90 -139.93
N GLU P 201 40.77 48.34 -139.36
CA GLU P 201 39.72 49.05 -140.09
C GLU P 201 39.92 50.54 -139.87
N ILE P 202 39.96 51.30 -140.97
CA ILE P 202 40.16 52.74 -140.89
C ILE P 202 39.03 53.44 -141.61
N ILE P 203 38.83 54.71 -141.23
CA ILE P 203 38.03 55.66 -141.99
C ILE P 203 38.93 56.81 -142.42
N ALA P 204 38.67 57.31 -143.63
CA ALA P 204 39.24 58.55 -144.14
C ALA P 204 38.09 59.36 -144.69
N TYR P 205 37.96 60.59 -144.21
CA TYR P 205 36.87 61.47 -144.60
C TYR P 205 37.37 62.89 -144.66
N ALA P 206 36.76 63.68 -145.55
CA ALA P 206 37.19 65.04 -145.80
C ALA P 206 36.55 65.99 -144.80
N SER P 207 37.24 67.11 -144.55
CA SER P 207 36.79 68.09 -143.58
C SER P 207 37.30 69.46 -144.00
N GLY P 208 36.81 70.49 -143.31
CA GLY P 208 37.25 71.84 -143.56
C GLY P 208 36.12 72.75 -144.01
N LYS P 209 36.31 74.06 -143.83
CA LYS P 209 35.35 75.01 -144.38
C LYS P 209 35.22 74.80 -145.89
N THR P 210 36.34 74.70 -146.59
CA THR P 210 36.36 74.43 -148.01
C THR P 210 36.48 72.94 -148.33
N GLY P 211 36.33 72.08 -147.32
CA GLY P 211 36.46 70.63 -147.52
C GLY P 211 37.80 70.20 -148.08
N SER P 212 38.89 70.78 -147.57
CA SER P 212 40.22 70.61 -148.16
C SER P 212 41.21 69.97 -147.20
N VAL P 213 40.75 69.27 -146.16
CA VAL P 213 41.65 68.54 -145.28
C VAL P 213 41.23 67.08 -145.25
N LEU P 214 42.22 66.20 -145.17
CA LEU P 214 42.00 64.76 -145.10
C LEU P 214 42.08 64.34 -143.64
N ASN P 215 41.18 63.46 -143.23
CA ASN P 215 41.20 62.92 -141.88
C ASN P 215 41.22 61.40 -141.98
N ILE P 216 42.24 60.79 -141.39
CA ILE P 216 42.36 59.33 -141.33
C ILE P 216 42.47 58.91 -139.87
N ALA P 217 41.65 57.94 -139.47
CA ALA P 217 41.66 57.46 -138.08
C ALA P 217 41.11 56.05 -138.03
N VAL P 218 41.44 55.35 -136.95
CA VAL P 218 41.20 53.93 -136.81
C VAL P 218 39.85 53.69 -136.16
N LEU P 219 39.26 52.54 -136.46
CA LEU P 219 38.04 52.07 -135.84
C LEU P 219 38.31 50.81 -135.03
N THR P 220 37.51 50.60 -134.00
CA THR P 220 37.44 49.34 -133.29
C THR P 220 35.99 48.90 -133.24
N ARG P 221 35.73 47.66 -133.65
CA ARG P 221 34.40 47.10 -133.62
C ARG P 221 34.25 46.19 -132.40
N GLN P 222 33.16 46.39 -131.65
CA GLN P 222 32.86 45.56 -130.48
C GLN P 222 31.40 45.13 -130.52
N ASN P 223 30.55 45.79 -129.74
CA ASN P 223 29.11 45.54 -129.85
C ASN P 223 28.58 46.11 -131.15
N THR P 224 28.95 47.34 -131.45
CA THR P 224 28.67 47.99 -132.72
C THR P 224 29.89 48.80 -133.11
N LEU P 225 30.10 48.96 -134.42
CA LEU P 225 31.28 49.66 -134.90
C LEU P 225 31.38 51.05 -134.27
N HIS P 226 32.60 51.43 -133.90
CA HIS P 226 32.80 52.69 -133.21
C HIS P 226 34.21 53.19 -133.47
N LEU P 227 34.37 54.51 -133.35
CA LEU P 227 35.67 55.15 -133.39
C LEU P 227 36.51 54.74 -132.19
N ASN P 228 37.84 54.79 -132.34
CA ASN P 228 38.75 54.32 -131.31
C ASN P 228 38.56 55.10 -130.01
N ARG P 229 38.95 54.45 -128.90
CA ARG P 229 38.67 55.02 -127.57
C ARG P 229 39.43 56.31 -127.34
N HIS P 230 40.68 56.39 -127.78
CA HIS P 230 41.52 57.55 -127.53
C HIS P 230 41.22 58.72 -128.46
N ASN P 231 40.31 58.53 -129.43
CA ASN P 231 39.94 59.52 -130.44
C ASN P 231 41.10 60.43 -130.83
N ASN P 232 42.08 59.89 -131.55
CA ASN P 232 43.19 60.67 -132.09
C ASN P 232 43.10 60.62 -133.61
N VAL P 233 42.14 61.38 -134.16
CA VAL P 233 42.06 61.52 -135.61
C VAL P 233 43.33 62.18 -136.11
N THR P 234 43.85 61.65 -137.20
CA THR P 234 45.06 62.20 -137.80
C THR P 234 44.67 62.91 -139.09
N SER P 235 44.65 64.24 -139.03
CA SER P 235 44.21 65.07 -140.14
C SER P 235 45.39 65.84 -140.73
N ILE P 236 45.46 65.87 -142.06
CA ILE P 236 46.50 66.56 -142.81
C ILE P 236 45.83 67.56 -143.75
N GLU P 237 46.37 68.77 -143.80
CA GLU P 237 45.73 69.90 -144.47
C GLU P 237 46.22 70.02 -145.91
N LEU P 238 45.29 70.01 -146.85
CA LEU P 238 45.55 70.37 -148.23
C LEU P 238 44.97 71.74 -148.52
N HIS P 239 45.38 72.31 -149.65
CA HIS P 239 44.89 73.62 -150.06
C HIS P 239 43.85 73.55 -151.17
N SER P 240 43.49 72.34 -151.61
CA SER P 240 42.51 72.10 -152.65
C SER P 240 41.34 71.29 -152.10
N PRO P 241 40.11 71.57 -152.53
CA PRO P 241 38.96 70.82 -152.04
C PRO P 241 39.00 69.36 -152.48
N ILE P 242 38.51 68.47 -151.62
CA ILE P 242 38.50 67.04 -151.89
C ILE P 242 37.23 66.69 -152.66
N LYS P 243 37.40 66.07 -153.83
CA LYS P 243 36.27 65.62 -154.63
C LYS P 243 35.99 64.14 -154.51
N SER P 244 37.00 63.32 -154.22
CA SER P 244 36.82 61.88 -154.17
C SER P 244 37.90 61.28 -153.30
N ILE P 245 37.50 60.36 -152.42
CA ILE P 245 38.42 59.56 -151.61
C ILE P 245 38.02 58.10 -151.74
N LYS P 246 39.01 57.23 -151.95
CA LYS P 246 38.74 55.81 -151.88
C LYS P 246 40.01 55.08 -151.46
N ILE P 247 39.85 54.11 -150.58
CA ILE P 247 40.93 53.22 -150.15
C ILE P 247 40.75 51.88 -150.87
N PRO P 248 41.78 51.36 -151.53
CA PRO P 248 41.55 50.39 -152.62
C PRO P 248 41.29 48.98 -152.15
N GLY P 249 41.94 48.57 -151.05
CA GLY P 249 41.92 47.16 -150.75
C GLY P 249 42.67 46.32 -151.78
N ALA P 250 42.49 45.00 -151.68
CA ALA P 250 43.24 44.07 -152.50
C ALA P 250 42.47 42.76 -152.72
N SER P 251 42.93 42.00 -153.70
CA SER P 251 42.34 40.69 -153.96
C SER P 251 42.72 39.71 -152.85
N GLU P 252 41.92 38.65 -152.74
CA GLU P 252 42.28 37.57 -151.83
C GLU P 252 43.50 36.80 -152.31
N SER P 253 43.82 36.90 -153.60
CA SER P 253 44.90 36.11 -154.17
C SER P 253 46.28 36.59 -153.72
N ILE P 254 46.41 37.86 -153.34
CA ILE P 254 47.73 38.38 -153.04
C ILE P 254 48.17 38.12 -151.61
N GLY P 255 47.24 37.81 -150.71
CA GLY P 255 47.54 37.60 -149.29
C GLY P 255 47.63 38.88 -148.49
N ARG P 256 48.11 39.95 -149.11
CA ARG P 256 48.25 41.23 -148.45
C ARG P 256 46.95 42.02 -148.54
N ARG P 257 46.94 43.19 -147.91
CA ARG P 257 45.89 44.17 -148.08
C ARG P 257 46.53 45.54 -148.30
N SER P 258 45.72 46.47 -148.82
CA SER P 258 46.22 47.79 -149.21
C SER P 258 47.01 48.44 -148.07
N ASN P 259 47.98 49.28 -148.45
CA ASN P 259 48.77 50.05 -147.49
C ASN P 259 48.57 51.55 -147.64
N LEU P 260 47.56 51.97 -148.41
CA LEU P 260 47.52 53.34 -148.90
C LEU P 260 46.08 53.74 -149.15
N VAL P 261 45.88 55.05 -149.28
CA VAL P 261 44.57 55.61 -149.61
C VAL P 261 44.78 56.88 -150.42
N GLY P 262 44.00 57.02 -151.50
CA GLY P 262 44.25 58.04 -152.50
C GLY P 262 43.08 58.99 -152.69
N ILE P 263 43.39 60.21 -153.13
CA ILE P 263 42.40 61.28 -153.22
C ILE P 263 42.58 62.07 -154.51
N ILE P 264 41.45 62.51 -155.08
CA ILE P 264 41.36 63.47 -156.18
C ILE P 264 40.84 64.78 -155.60
N THR P 265 41.57 65.86 -155.85
CA THR P 265 41.16 67.20 -155.42
C THR P 265 40.55 67.96 -156.59
N GLU P 266 40.44 69.28 -156.46
CA GLU P 266 40.21 70.12 -157.61
C GLU P 266 41.50 70.51 -158.29
N ASN P 267 42.64 70.26 -157.65
CA ASN P 267 43.92 70.69 -158.17
C ASN P 267 44.94 69.58 -158.35
N SER P 268 44.78 68.44 -157.67
CA SER P 268 45.88 67.49 -157.61
C SER P 268 45.33 66.08 -157.44
N PHE P 269 46.25 65.13 -157.55
CA PHE P 269 45.94 63.72 -157.29
C PHE P 269 47.05 63.13 -156.43
N GLN P 270 46.70 62.71 -155.21
CA GLN P 270 47.70 62.32 -154.22
C GLN P 270 47.44 60.92 -153.69
N ILE P 271 48.51 60.24 -153.27
CA ILE P 271 48.42 58.90 -152.69
C ILE P 271 49.13 58.92 -151.35
N PHE P 272 48.47 58.40 -150.31
CA PHE P 272 49.04 58.42 -148.96
C PHE P 272 49.36 56.99 -148.50
N ARG P 273 50.56 56.79 -147.94
CA ARG P 273 50.90 55.53 -147.29
C ARG P 273 50.59 55.64 -145.81
N ILE P 274 49.89 54.65 -145.28
CA ILE P 274 49.76 54.50 -143.84
C ILE P 274 50.84 53.54 -143.40
N GLU P 275 51.72 53.98 -142.50
CA GLU P 275 52.88 53.21 -142.12
C GLU P 275 52.89 53.03 -140.62
N SER P 276 52.63 51.80 -140.17
CA SER P 276 52.89 51.37 -138.80
C SER P 276 52.02 52.05 -137.76
N VAL P 277 50.69 51.83 -137.82
CA VAL P 277 49.86 52.19 -136.69
C VAL P 277 50.30 51.38 -135.48
N HIS P 278 50.11 51.94 -134.29
CA HIS P 278 50.57 51.29 -133.07
C HIS P 278 49.57 51.50 -131.94
N SER P 279 49.36 50.44 -131.16
CA SER P 279 48.36 50.39 -130.11
C SER P 279 48.77 51.15 -128.86
N ARG P 280 49.99 51.71 -128.82
CA ARG P 280 50.43 52.49 -127.67
C ARG P 280 49.42 53.57 -127.31
N SER P 281 48.65 54.04 -128.30
CA SER P 281 47.67 55.09 -128.08
C SER P 281 46.75 55.26 -129.29
N CYS P 282 46.78 54.28 -130.21
CA CYS P 282 45.93 54.26 -131.42
C CYS P 282 46.32 55.37 -132.40
N ASP P 283 47.62 55.54 -132.63
CA ASP P 283 48.08 56.52 -133.59
C ASP P 283 48.08 55.94 -135.01
N VAL P 284 47.87 56.82 -135.99
CA VAL P 284 47.88 56.47 -137.41
C VAL P 284 48.80 57.41 -138.15
N MET P 285 50.11 57.14 -138.15
CA MET P 285 51.04 58.05 -138.83
C MET P 285 51.10 57.72 -140.31
N VAL P 286 50.87 58.74 -141.15
CA VAL P 286 50.77 58.60 -142.60
C VAL P 286 51.80 59.48 -143.28
N SER P 287 52.13 59.12 -144.53
CA SER P 287 53.11 59.83 -145.34
C SER P 287 52.53 60.15 -146.71
N SER P 288 53.01 61.26 -147.28
CA SER P 288 52.36 61.93 -148.42
C SER P 288 53.09 61.55 -149.71
N SER P 289 52.67 60.43 -150.30
CA SER P 289 53.08 60.07 -151.65
C SER P 289 52.63 61.14 -152.64
N GLU P 290 53.64 61.77 -153.25
CA GLU P 290 53.63 63.18 -153.61
C GLU P 290 52.57 63.52 -154.65
N PRO P 291 51.99 64.71 -154.57
CA PRO P 291 50.98 65.12 -155.56
C PRO P 291 51.56 65.26 -156.95
N LEU P 292 50.66 65.32 -157.92
CA LEU P 292 50.99 65.79 -159.26
C LEU P 292 49.82 66.73 -159.59
N TYR P 293 50.05 68.03 -159.39
CA TYR P 293 49.01 69.02 -159.52
C TYR P 293 48.23 68.79 -160.82
N PHE P 294 48.90 68.99 -161.93
CA PHE P 294 48.28 68.75 -163.22
C PHE P 294 49.38 68.61 -164.25
N VAL P 295 49.11 67.80 -165.27
CA VAL P 295 49.91 67.80 -166.47
C VAL P 295 49.17 68.42 -167.63
N GLU P 296 47.83 68.37 -167.63
CA GLU P 296 47.01 68.69 -168.79
C GLU P 296 45.97 69.77 -168.52
N ILE P 297 46.04 70.45 -167.38
CA ILE P 297 44.96 71.32 -166.93
C ILE P 297 43.65 70.59 -167.16
N ASP P 298 43.49 69.41 -166.54
CA ASP P 298 42.26 68.63 -166.64
C ASP P 298 41.92 68.06 -165.27
N ASP P 299 40.65 68.20 -164.88
CA ASP P 299 40.15 67.49 -163.71
C ASP P 299 40.03 66.01 -164.03
N LEU P 300 40.20 65.19 -163.01
CA LEU P 300 40.20 63.74 -163.17
C LEU P 300 39.00 63.14 -162.46
N GLN P 301 38.24 62.32 -163.19
CA GLN P 301 37.02 61.74 -162.68
C GLN P 301 37.30 60.74 -161.56
N VAL P 302 37.84 59.58 -161.92
CA VAL P 302 37.95 58.46 -161.00
C VAL P 302 39.40 58.00 -160.95
N VAL P 303 39.80 57.54 -159.75
CA VAL P 303 41.06 56.83 -159.49
C VAL P 303 40.72 55.37 -159.24
N ASP P 304 41.50 54.48 -159.82
CA ASP P 304 41.34 53.07 -159.48
C ASP P 304 42.71 52.45 -159.27
N PHE P 305 42.75 51.47 -158.38
CA PHE P 305 43.97 50.79 -158.03
C PHE P 305 43.91 49.32 -158.41
N GLN P 314 51.99 48.27 -157.72
CA GLN P 314 50.66 48.81 -157.45
C GLN P 314 50.30 50.04 -158.31
N PHE P 315 49.06 50.05 -158.82
CA PHE P 315 48.72 50.74 -160.05
C PHE P 315 47.78 51.94 -159.80
N ALA P 316 48.32 53.16 -159.91
CA ALA P 316 47.51 54.38 -159.85
C ALA P 316 46.96 54.67 -161.23
N ILE P 317 45.66 54.42 -161.43
CA ILE P 317 44.99 54.64 -162.70
C ILE P 317 44.10 55.87 -162.58
N ILE P 318 44.23 56.79 -163.54
CA ILE P 318 43.43 58.01 -163.52
C ILE P 318 42.57 58.08 -164.76
N ASP P 319 41.41 58.72 -164.60
CA ASP P 319 40.55 59.12 -165.71
C ASP P 319 40.26 60.61 -165.61
N ILE P 320 40.61 61.35 -166.66
CA ILE P 320 40.12 62.72 -166.88
C ILE P 320 39.11 62.66 -168.02
N LYS P 321 38.24 63.66 -168.09
CA LYS P 321 37.11 63.67 -169.03
C LYS P 321 37.44 63.23 -170.47
N GLY P 322 37.42 61.91 -170.69
CA GLY P 322 37.58 61.34 -172.02
C GLY P 322 38.80 60.44 -172.15
N ASN P 323 39.83 60.68 -171.35
CA ASN P 323 41.14 60.06 -171.58
C ASN P 323 41.76 59.61 -170.27
N TRP P 324 42.44 58.46 -170.33
CA TRP P 324 42.85 57.74 -169.14
C TRP P 324 44.35 57.46 -169.20
N SER P 325 44.88 57.05 -168.04
CA SER P 325 46.30 56.75 -167.91
C SER P 325 46.53 55.71 -166.81
N ILE P 326 47.35 54.69 -167.12
CA ILE P 326 47.84 53.72 -166.14
C ILE P 326 49.17 54.22 -165.61
N GLY P 327 49.34 54.17 -164.29
CA GLY P 327 50.53 54.71 -163.66
C GLY P 327 50.91 53.90 -162.44
N ARG P 328 52.05 54.25 -161.84
CA ARG P 328 52.60 53.51 -160.70
C ARG P 328 52.99 54.47 -159.58
N ILE P 329 53.00 53.94 -158.36
CA ILE P 329 53.26 54.74 -157.16
C ILE P 329 54.69 54.48 -156.67
N PRO P 330 55.39 55.49 -156.16
CA PRO P 330 56.75 55.27 -155.69
C PRO P 330 56.77 54.43 -154.42
N LYS P 331 57.94 53.85 -154.14
CA LYS P 331 58.11 53.10 -152.91
C LYS P 331 58.62 54.00 -151.78
N ASN P 332 57.94 53.88 -150.64
CA ASN P 332 57.99 54.74 -149.45
C ASN P 332 58.42 56.18 -149.63
N PHE P 333 59.70 56.47 -149.86
CA PHE P 333 60.23 57.77 -149.46
C PHE P 333 61.02 58.50 -150.54
N ASN P 334 60.53 59.69 -150.88
CA ASN P 334 61.37 60.89 -151.03
C ASN P 334 62.25 60.85 -152.27
N ASN P 335 61.65 60.69 -153.44
CA ASN P 335 62.43 60.78 -154.68
C ASN P 335 62.93 62.21 -154.84
N GLN P 342 57.01 62.12 -159.11
CA GLN P 342 56.95 61.08 -158.09
C GLN P 342 56.29 59.81 -158.61
N LEU P 343 55.02 59.91 -159.02
CA LEU P 343 54.33 58.82 -159.67
C LEU P 343 54.36 59.03 -161.18
N ILE P 344 54.59 57.96 -161.94
CA ILE P 344 54.84 58.04 -163.37
C ILE P 344 53.82 57.19 -164.12
N ASP P 345 53.83 57.31 -165.45
CA ASP P 345 52.94 56.53 -166.33
C ASP P 345 53.65 56.30 -167.67
N ASN P 346 53.06 55.41 -168.50
CA ASN P 346 53.58 55.20 -169.87
C ASN P 346 52.56 54.57 -170.82
N LEU P 347 51.49 54.04 -170.26
CA LEU P 347 50.38 53.51 -171.03
C LEU P 347 49.19 54.46 -170.84
N HIS P 348 48.60 54.89 -171.95
CA HIS P 348 47.58 55.94 -171.91
C HIS P 348 46.53 55.66 -172.96
N GLY P 349 45.45 56.43 -172.92
CA GLY P 349 44.40 56.21 -173.89
C GLY P 349 43.34 57.28 -173.76
N THR P 350 42.24 57.07 -174.50
CA THR P 350 41.12 58.00 -174.43
C THR P 350 39.84 57.31 -174.91
N ILE P 351 38.73 57.73 -174.30
CA ILE P 351 37.40 57.26 -174.67
C ILE P 351 36.52 58.45 -175.07
N PHE P 352 37.15 59.57 -175.46
CA PHE P 352 36.44 60.82 -175.65
C PHE P 352 35.27 60.67 -176.61
N ASP P 353 34.22 61.43 -176.34
CA ASP P 353 32.97 61.30 -177.08
C ASP P 353 32.30 62.66 -177.11
N PRO P 354 32.52 63.44 -178.17
CA PRO P 354 32.07 64.85 -178.17
C PRO P 354 30.60 65.02 -177.77
N GLU P 355 29.74 64.07 -178.12
CA GLU P 355 28.31 64.24 -177.94
C GLU P 355 27.81 63.75 -176.59
N GLU P 356 28.69 63.54 -175.62
CA GLU P 356 28.26 63.32 -174.25
C GLU P 356 28.77 64.48 -173.39
N LEU P 357 27.83 65.32 -172.95
CA LEU P 357 28.16 66.57 -172.28
C LEU P 357 28.48 66.39 -170.79
N SER P 358 27.87 65.40 -170.12
CA SER P 358 28.09 65.22 -168.69
C SER P 358 29.53 64.86 -168.40
N SER P 359 30.08 65.43 -167.33
CA SER P 359 31.52 65.32 -167.14
C SER P 359 31.97 63.97 -166.60
N TRP P 360 31.11 63.21 -165.92
CA TRP P 360 31.61 62.02 -165.24
C TRP P 360 31.92 60.90 -166.22
N LYS P 361 33.11 60.35 -166.07
CA LYS P 361 33.58 59.07 -166.59
C LYS P 361 34.02 58.23 -165.39
N ARG P 362 34.43 56.98 -165.62
CA ARG P 362 34.76 56.13 -164.48
C ARG P 362 35.65 54.96 -164.90
N ILE P 363 36.73 54.73 -164.15
CA ILE P 363 37.63 53.60 -164.40
C ILE P 363 37.63 52.66 -163.18
N GLU P 364 37.26 51.41 -163.42
CA GLU P 364 37.43 50.36 -162.42
C GLU P 364 37.67 49.08 -163.20
N TRP P 365 38.66 48.30 -162.79
CA TRP P 365 38.97 47.18 -163.64
C TRP P 365 38.21 45.94 -163.19
N PHE P 366 38.65 44.79 -163.70
CA PHE P 366 37.73 43.69 -163.93
C PHE P 366 38.54 42.40 -163.97
N SER P 367 38.12 41.40 -163.18
CA SER P 367 38.74 40.09 -163.01
C SER P 367 40.08 40.13 -162.29
N HIS P 368 40.63 41.30 -161.95
CA HIS P 368 42.04 41.44 -161.57
C HIS P 368 42.99 40.93 -162.68
N PHE P 369 42.42 40.64 -163.84
CA PHE P 369 43.14 40.13 -165.00
C PHE P 369 44.14 41.14 -165.56
N GLN P 370 44.35 42.30 -164.90
CA GLN P 370 45.14 43.37 -165.51
C GLN P 370 44.47 43.86 -166.80
N LYS P 371 43.15 44.09 -166.71
CA LYS P 371 42.27 44.62 -167.75
C LYS P 371 41.23 45.51 -167.10
N ILE P 372 40.93 46.66 -167.73
CA ILE P 372 40.16 47.72 -167.07
C ILE P 372 38.79 47.96 -167.72
N LEU P 373 37.94 48.64 -166.97
CA LEU P 373 36.64 49.14 -167.43
C LEU P 373 36.60 50.66 -167.35
N VAL P 374 36.14 51.29 -168.44
CA VAL P 374 36.02 52.74 -168.53
C VAL P 374 34.60 53.09 -169.01
N PHE P 375 34.01 54.11 -168.36
CA PHE P 375 32.57 54.38 -168.38
C PHE P 375 32.31 55.85 -168.68
N ASP P 376 31.27 56.12 -169.46
CA ASP P 376 30.60 57.41 -169.34
C ASP P 376 29.10 57.15 -169.45
N ARG P 377 28.30 58.18 -169.19
CA ARG P 377 26.86 57.99 -169.13
C ARG P 377 26.28 57.54 -170.46
N SER P 378 27.14 57.40 -171.48
CA SER P 378 26.76 56.87 -172.79
C SER P 378 27.07 55.39 -172.95
N LYS P 379 28.18 54.89 -172.41
CA LYS P 379 28.57 53.52 -172.73
C LYS P 379 29.62 52.96 -171.76
N MET P 380 29.85 51.66 -171.94
CA MET P 380 30.78 50.85 -171.16
C MET P 380 31.79 50.22 -172.10
N ILE P 381 33.06 50.56 -171.90
CA ILE P 381 34.16 50.15 -172.76
C ILE P 381 35.14 49.33 -171.92
N GLU P 382 35.42 48.11 -172.35
CA GLU P 382 36.48 47.30 -171.78
C GLU P 382 37.78 47.58 -172.52
N ILE P 383 38.89 47.58 -171.78
CA ILE P 383 40.20 47.84 -172.38
C ILE P 383 41.20 46.86 -171.78
N ASP P 384 41.60 45.86 -172.57
CA ASP P 384 42.71 45.00 -172.17
C ASP P 384 43.97 45.77 -172.50
N PHE P 385 44.65 46.22 -171.45
CA PHE P 385 45.56 47.34 -171.53
C PHE P 385 47.02 46.94 -171.46
N MET P 386 47.33 45.66 -171.26
CA MET P 386 48.69 45.22 -171.46
C MET P 386 48.89 44.50 -172.77
N ASN P 387 47.81 44.18 -173.49
CA ASN P 387 47.91 44.00 -174.93
C ASN P 387 47.40 45.30 -175.53
N ASN P 388 46.73 45.25 -176.67
CA ASN P 388 45.98 46.39 -177.19
C ASN P 388 44.56 45.91 -177.43
N TRP P 389 43.61 46.38 -176.64
CA TRP P 389 42.28 45.80 -176.79
C TRP P 389 41.22 46.75 -176.25
N GLN P 390 40.10 46.84 -176.97
CA GLN P 390 39.05 47.82 -176.71
C GLN P 390 37.70 47.30 -177.21
N THR P 391 36.65 47.39 -176.37
CA THR P 391 35.34 46.92 -176.78
C THR P 391 34.23 47.77 -176.17
N GLU P 392 33.22 48.06 -176.98
CA GLU P 392 31.99 48.73 -176.56
C GLU P 392 30.94 47.65 -176.35
N VAL P 393 30.58 47.39 -175.06
CA VAL P 393 29.75 46.25 -174.71
C VAL P 393 28.25 46.59 -174.83
N VAL P 394 27.45 45.55 -175.08
CA VAL P 394 26.51 45.51 -176.22
C VAL P 394 25.52 46.69 -176.29
N GLN P 395 25.08 47.24 -175.17
CA GLN P 395 24.20 48.38 -175.39
C GLN P 395 25.03 49.67 -175.48
N ALA P 396 24.35 50.76 -175.83
CA ALA P 396 25.03 52.05 -175.90
C ALA P 396 24.24 53.13 -175.17
N LYS P 397 23.59 54.02 -175.91
CA LYS P 397 23.04 55.26 -175.37
C LYS P 397 21.71 55.57 -176.06
N ALA P 398 20.78 54.63 -176.01
CA ALA P 398 19.51 54.76 -176.73
C ALA P 398 18.33 55.08 -175.81
N TRP P 399 18.19 54.33 -174.69
CA TRP P 399 17.06 54.48 -173.80
C TRP P 399 17.42 54.71 -172.33
N SER P 400 18.69 54.63 -171.96
CA SER P 400 19.07 54.78 -170.57
C SER P 400 20.53 55.21 -170.50
N ASN P 401 20.88 55.79 -169.36
CA ASN P 401 22.24 56.21 -169.10
C ASN P 401 22.87 55.25 -168.11
N ILE P 402 24.13 54.88 -168.37
CA ILE P 402 24.95 54.37 -167.28
C ILE P 402 24.80 55.33 -166.13
N ARG P 403 24.49 54.82 -164.95
CA ARG P 403 24.23 55.66 -163.80
C ARG P 403 25.28 55.51 -162.72
N ASP P 404 25.70 54.28 -162.41
CA ASP P 404 26.92 54.07 -161.63
C ASP P 404 27.42 52.67 -161.93
N TYR P 405 28.64 52.41 -161.45
CA TYR P 405 29.21 51.08 -161.47
C TYR P 405 30.17 50.97 -160.30
N LYS P 406 30.12 49.85 -159.60
CA LYS P 406 31.03 49.51 -158.51
C LYS P 406 31.26 48.00 -158.58
N ARG P 407 32.51 47.59 -158.34
CA ARG P 407 32.89 46.19 -158.47
C ARG P 407 32.43 45.42 -157.24
N ILE P 408 31.40 44.58 -157.39
CA ILE P 408 30.94 43.81 -156.24
C ILE P 408 32.08 42.96 -155.76
N ASP P 409 32.40 43.09 -154.47
CA ASP P 409 33.78 43.10 -154.01
C ASP P 409 34.61 41.97 -154.61
N ASP P 410 34.00 40.78 -154.74
CA ASP P 410 34.73 39.65 -155.30
C ASP P 410 35.16 39.95 -156.73
N LYS P 411 36.48 39.91 -156.95
CA LYS P 411 37.18 40.16 -158.21
C LYS P 411 36.30 40.01 -159.44
N ASN P 412 35.89 38.77 -159.76
CA ASN P 412 35.11 38.53 -160.96
C ASN P 412 33.63 38.92 -160.80
N GLY P 413 33.34 40.14 -160.33
CA GLY P 413 31.97 40.52 -160.04
C GLY P 413 31.70 42.01 -160.14
N ILE P 414 30.60 42.37 -160.81
CA ILE P 414 30.38 43.69 -161.43
C ILE P 414 28.95 44.15 -161.15
N LEU P 415 28.80 45.29 -160.49
CA LEU P 415 27.47 45.81 -160.18
C LEU P 415 27.30 47.19 -160.81
N LEU P 416 26.34 47.31 -161.73
CA LEU P 416 26.17 48.51 -162.55
C LEU P 416 24.73 48.99 -162.45
N THR P 417 24.51 50.24 -162.01
CA THR P 417 23.20 50.87 -162.08
C THR P 417 23.08 51.53 -163.45
N SER P 418 22.12 51.09 -164.24
CA SER P 418 21.69 51.91 -165.37
C SER P 418 20.58 52.80 -164.85
N ARG P 419 19.81 53.41 -165.75
CA ARG P 419 18.46 53.84 -165.38
C ARG P 419 17.54 52.64 -165.52
N GLU P 420 16.74 52.40 -164.50
CA GLU P 420 15.78 51.30 -164.47
C GLU P 420 16.39 49.97 -164.91
N ILE P 421 17.49 49.60 -164.25
CA ILE P 421 18.06 48.25 -164.32
C ILE P 421 19.22 48.16 -163.34
N ILE P 422 19.20 47.13 -162.49
CA ILE P 422 20.37 46.70 -161.74
C ILE P 422 21.04 45.61 -162.57
N ILE P 423 22.27 45.86 -163.00
CA ILE P 423 23.00 44.96 -163.89
C ILE P 423 24.08 44.25 -163.07
N VAL P 424 24.04 42.93 -163.11
CA VAL P 424 25.08 42.11 -162.51
C VAL P 424 25.99 41.60 -163.63
N GLY P 425 26.91 42.43 -164.11
CA GLY P 425 27.99 41.90 -164.92
C GLY P 425 28.96 41.16 -164.03
N ALA P 426 29.74 40.27 -164.64
CA ALA P 426 30.71 39.41 -163.95
C ALA P 426 31.04 38.22 -164.84
N SER P 427 32.29 37.81 -164.87
CA SER P 427 32.66 36.79 -165.84
C SER P 427 32.11 35.42 -165.48
N GLU P 428 31.60 34.72 -166.49
CA GLU P 428 31.57 33.26 -166.51
C GLU P 428 32.39 32.75 -167.68
N SER P 429 33.54 33.40 -167.86
CA SER P 429 34.66 32.87 -168.63
C SER P 429 35.90 33.60 -168.13
N ASN P 430 37.05 32.92 -168.20
CA ASN P 430 38.28 33.53 -167.69
C ASN P 430 38.53 34.89 -168.34
N ASP P 431 38.33 34.97 -169.66
CA ASP P 431 38.36 36.24 -170.34
C ASP P 431 37.22 37.14 -169.85
N PRO P 432 37.36 38.45 -170.02
CA PRO P 432 36.31 39.36 -169.54
C PRO P 432 34.99 39.11 -170.25
N VAL P 433 33.95 39.79 -169.78
CA VAL P 433 32.57 39.32 -170.01
C VAL P 433 31.62 40.48 -170.22
N ARG P 434 30.42 40.13 -170.68
CA ARG P 434 29.18 40.73 -170.22
C ARG P 434 28.31 39.65 -169.56
N ARG P 435 27.43 40.07 -168.66
CA ARG P 435 26.33 39.23 -168.18
C ARG P 435 25.02 39.82 -168.66
N ILE P 436 24.25 38.99 -169.37
CA ILE P 436 22.84 39.23 -169.66
C ILE P 436 21.96 38.17 -169.01
N SER P 437 22.55 37.38 -168.11
CA SER P 437 21.83 36.77 -166.99
C SER P 437 20.87 37.80 -166.42
N TRP P 438 19.56 37.60 -166.64
CA TRP P 438 18.58 38.66 -166.48
C TRP P 438 18.67 39.44 -165.15
N LYS P 439 18.06 40.62 -165.09
CA LYS P 439 18.31 41.59 -164.05
C LYS P 439 17.00 42.27 -163.63
N HIS P 440 17.05 43.09 -162.58
CA HIS P 440 15.87 43.79 -162.08
C HIS P 440 15.93 45.26 -162.49
N ASP P 441 14.80 45.97 -162.33
CA ASP P 441 14.72 47.35 -162.78
C ASP P 441 14.00 48.25 -161.76
N LEU P 442 14.43 49.53 -161.72
CA LEU P 442 14.22 50.45 -160.62
C LEU P 442 13.86 51.83 -161.20
N ASP P 443 12.91 52.56 -160.56
CA ASP P 443 12.10 53.29 -161.52
C ASP P 443 12.15 54.83 -161.47
N PRO P 444 13.25 55.55 -161.94
CA PRO P 444 13.18 57.02 -162.11
C PRO P 444 13.84 57.70 -163.33
N ASP P 445 13.87 59.03 -163.27
CA ASP P 445 14.53 59.89 -164.25
C ASP P 445 15.68 60.67 -163.65
N ASP P 446 15.66 60.86 -162.34
CA ASP P 446 16.78 61.19 -161.46
C ASP P 446 18.14 60.85 -162.05
N THR P 447 19.03 61.84 -162.14
CA THR P 447 20.39 61.61 -162.60
C THR P 447 21.33 61.18 -161.49
N THR P 448 20.90 61.34 -160.24
CA THR P 448 21.79 61.41 -159.09
C THR P 448 21.92 60.07 -158.36
N LEU P 449 21.36 59.01 -158.93
CA LEU P 449 21.44 57.67 -158.36
C LEU P 449 22.86 57.15 -158.27
N ARG P 450 23.17 56.50 -157.16
CA ARG P 450 24.43 55.80 -156.98
C ARG P 450 24.11 54.42 -156.40
N ILE P 451 25.14 53.57 -156.27
CA ILE P 451 24.93 52.20 -155.80
C ILE P 451 26.12 51.73 -154.97
N THR P 452 25.84 50.75 -154.10
CA THR P 452 26.85 49.97 -153.39
C THR P 452 26.26 48.60 -153.08
N VAL P 453 27.14 47.61 -152.90
CA VAL P 453 26.73 46.25 -152.53
C VAL P 453 27.41 45.87 -151.22
N GLN P 454 26.68 45.08 -150.42
CA GLN P 454 27.27 44.29 -149.34
C GLN P 454 27.10 42.82 -149.69
N LYS P 455 28.01 42.00 -149.16
CA LYS P 455 28.14 40.60 -149.57
C LYS P 455 28.09 39.73 -148.32
N VAL P 456 27.03 38.94 -148.18
CA VAL P 456 26.90 38.05 -147.03
C VAL P 456 27.06 36.61 -147.48
N LYS P 457 27.67 35.82 -146.60
CA LYS P 457 28.02 34.44 -146.87
C LYS P 457 27.08 33.51 -146.11
N LYS P 458 26.71 32.42 -146.76
CA LYS P 458 25.86 31.41 -146.16
C LYS P 458 26.23 30.07 -146.79
N PRO P 459 25.75 28.96 -146.22
CA PRO P 459 26.17 27.64 -146.74
C PRO P 459 25.71 27.35 -148.16
N ASP P 460 24.42 27.51 -148.45
CA ASP P 460 23.82 27.11 -149.71
C ASP P 460 23.85 28.21 -150.77
N HIS P 461 24.27 29.42 -150.42
CA HIS P 461 24.29 30.51 -151.38
C HIS P 461 25.30 31.55 -150.93
N ILE P 462 25.50 32.57 -151.77
CA ILE P 462 26.42 33.68 -151.51
C ILE P 462 25.77 34.98 -151.98
N LEU P 463 25.08 35.70 -151.10
CA LEU P 463 24.09 36.67 -151.55
C LEU P 463 24.51 38.14 -151.36
N LEU P 464 24.10 38.96 -152.33
CA LEU P 464 24.57 40.34 -152.47
C LEU P 464 23.39 41.30 -152.34
N VAL P 465 23.53 42.33 -151.51
CA VAL P 465 22.50 43.32 -151.29
C VAL P 465 22.91 44.61 -151.98
N ALA P 466 22.01 45.12 -152.83
CA ALA P 466 22.21 46.25 -153.73
C ALA P 466 21.44 47.43 -153.18
N PHE P 467 22.18 48.43 -152.70
CA PHE P 467 21.64 49.70 -152.23
C PHE P 467 21.80 50.72 -153.34
N VAL P 468 20.69 51.15 -153.93
CA VAL P 468 20.67 52.29 -154.84
C VAL P 468 20.05 53.48 -154.10
N TYR P 469 20.83 54.56 -153.99
CA TYR P 469 20.45 55.75 -153.22
C TYR P 469 20.54 56.99 -154.08
N SER P 470 20.01 58.10 -153.56
CA SER P 470 19.85 59.30 -154.35
C SER P 470 20.34 60.52 -153.57
N MET P 471 20.36 61.67 -154.26
CA MET P 471 20.66 62.97 -153.69
C MET P 471 19.42 63.83 -153.56
N ARG P 472 18.26 63.31 -153.98
CA ARG P 472 17.00 64.04 -153.92
C ARG P 472 16.16 63.67 -152.70
N HIS P 473 16.06 62.38 -152.36
CA HIS P 473 15.23 61.93 -151.26
C HIS P 473 15.99 60.88 -150.44
N LYS P 474 15.80 60.91 -149.12
CA LYS P 474 16.55 60.10 -148.16
C LYS P 474 16.14 58.63 -148.18
N ARG P 475 15.36 58.21 -149.18
CA ARG P 475 14.97 56.84 -149.31
C ARG P 475 16.09 55.99 -149.91
N ILE P 476 16.18 54.73 -149.47
CA ILE P 476 17.16 53.75 -149.95
C ILE P 476 16.40 52.63 -150.64
N TYR P 477 16.83 52.26 -151.84
CA TYR P 477 16.12 51.26 -152.65
C TYR P 477 16.99 50.03 -152.78
N MET P 478 16.47 48.90 -152.26
CA MET P 478 17.26 47.69 -152.05
C MET P 478 16.70 46.52 -152.85
N HIS P 479 17.64 45.79 -153.48
CA HIS P 479 17.36 44.52 -154.11
C HIS P 479 18.43 43.53 -153.67
N VAL P 480 18.14 42.23 -153.81
CA VAL P 480 19.01 41.17 -153.32
C VAL P 480 19.22 40.10 -154.39
N PHE P 481 20.47 39.66 -154.55
CA PHE P 481 20.79 38.60 -155.48
C PHE P 481 21.53 37.51 -154.72
N SER P 482 21.76 36.38 -155.39
CA SER P 482 22.33 35.20 -154.74
C SER P 482 23.28 34.50 -155.70
N HIS P 483 24.41 34.03 -155.17
CA HIS P 483 25.46 33.35 -155.93
C HIS P 483 25.58 31.93 -155.38
N ARG P 484 24.78 31.01 -155.92
CA ARG P 484 24.99 29.58 -155.75
C ARG P 484 25.99 29.18 -156.81
N LYS P 485 27.26 29.01 -156.42
CA LYS P 485 28.29 28.94 -157.45
C LYS P 485 28.20 27.69 -158.31
N ALA P 486 27.08 27.53 -158.99
CA ALA P 486 27.05 27.09 -160.38
C ALA P 486 27.08 28.30 -161.31
N ASN P 487 27.63 29.42 -160.83
CA ASN P 487 27.31 30.75 -161.32
C ASN P 487 25.81 30.92 -161.50
N LEU P 488 25.07 30.58 -160.45
CA LEU P 488 23.62 30.69 -160.40
C LEU P 488 23.25 32.04 -159.78
N PHE P 489 22.41 32.80 -160.49
CA PHE P 489 21.91 34.09 -160.01
C PHE P 489 20.39 34.11 -160.11
N GLN P 490 19.71 34.45 -159.00
CA GLN P 490 18.27 34.66 -159.01
C GLN P 490 17.94 35.87 -158.16
N SER P 491 16.70 36.35 -158.29
CA SER P 491 16.20 37.56 -157.64
C SER P 491 14.85 37.25 -156.98
N LEU P 492 14.49 38.01 -155.95
CA LEU P 492 13.39 37.57 -155.09
C LEU P 492 12.23 38.56 -154.97
N GLY P 493 12.50 39.84 -154.96
CA GLY P 493 11.48 40.85 -154.70
C GLY P 493 12.12 42.06 -154.07
N CYS P 494 11.45 43.20 -154.21
CA CYS P 494 12.05 44.51 -153.94
C CYS P 494 11.71 45.00 -152.54
N SER P 495 12.51 45.95 -152.04
CA SER P 495 12.12 46.62 -150.80
C SER P 495 12.82 47.97 -150.69
N THR P 496 12.15 48.93 -150.02
CA THR P 496 12.65 50.28 -149.89
C THR P 496 12.41 50.84 -148.49
N VAL P 497 13.39 51.59 -147.95
CA VAL P 497 13.27 52.21 -146.65
C VAL P 497 13.47 53.71 -146.80
N LEU P 498 13.09 54.46 -145.75
CA LEU P 498 13.25 55.91 -145.67
C LEU P 498 14.35 56.27 -144.68
N GLU P 499 14.62 57.56 -144.58
CA GLU P 499 15.27 58.13 -143.39
C GLU P 499 14.63 59.49 -143.09
N ILE P 500 15.39 60.46 -142.59
CA ILE P 500 14.80 61.53 -141.78
C ILE P 500 14.93 62.91 -142.46
N PRO P 501 14.66 64.09 -141.78
CA PRO P 501 13.88 65.18 -142.44
C PRO P 501 14.34 65.70 -143.82
N GLY P 502 14.99 66.87 -143.85
CA GLY P 502 15.40 67.51 -145.10
C GLY P 502 16.87 67.26 -145.39
N GLY P 503 17.17 66.94 -146.66
CA GLY P 503 18.49 66.48 -147.08
C GLY P 503 18.37 65.14 -147.79
N THR P 504 19.54 64.51 -148.05
CA THR P 504 19.57 63.21 -148.75
C THR P 504 20.99 62.59 -148.80
N PRO P 505 21.13 61.23 -148.88
CA PRO P 505 22.47 60.61 -148.90
C PRO P 505 23.50 61.19 -149.87
N THR P 506 24.64 61.64 -149.32
CA THR P 506 25.84 61.85 -150.12
C THR P 506 26.80 60.67 -150.10
N GLY P 507 26.71 59.78 -149.10
CA GLY P 507 27.47 58.54 -149.12
C GLY P 507 26.73 57.41 -148.43
N ILE P 508 26.50 56.29 -149.13
CA ILE P 508 26.09 55.03 -148.52
C ILE P 508 27.23 54.04 -148.71
N GLU P 509 27.71 53.44 -147.62
CA GLU P 509 28.90 52.62 -147.72
C GLU P 509 28.76 51.38 -146.86
N THR P 510 28.75 50.21 -147.49
CA THR P 510 28.68 48.93 -146.80
C THR P 510 30.08 48.47 -146.41
N ILE P 511 30.12 47.48 -145.51
CA ILE P 511 31.36 46.89 -145.06
C ILE P 511 31.25 45.35 -145.06
N PHE P 531 17.84 32.00 -140.76
CA PHE P 531 16.85 32.40 -141.74
C PHE P 531 16.58 33.92 -141.71
N GLU P 532 17.64 34.72 -141.62
CA GLU P 532 17.51 36.17 -141.54
C GLU P 532 18.75 36.81 -142.15
N LEU P 533 18.69 38.15 -142.32
CA LEU P 533 19.75 38.94 -142.94
C LEU P 533 20.13 40.13 -142.07
N VAL P 534 21.43 40.29 -141.82
CA VAL P 534 21.99 41.48 -141.19
C VAL P 534 22.92 42.15 -142.20
N VAL P 535 22.65 43.41 -142.50
CA VAL P 535 23.49 44.16 -143.41
C VAL P 535 23.70 45.55 -142.83
N ASP P 536 24.96 46.00 -142.75
CA ASP P 536 25.33 47.17 -141.97
C ASP P 536 26.23 48.09 -142.79
N PHE P 537 26.09 49.39 -142.55
CA PHE P 537 26.77 50.38 -143.40
C PHE P 537 26.83 51.73 -142.68
N LEU P 538 27.37 52.72 -143.36
CA LEU P 538 27.31 54.08 -142.85
C LEU P 538 26.68 54.98 -143.91
N VAL P 539 26.02 56.04 -143.44
CA VAL P 539 25.51 57.05 -144.34
C VAL P 539 25.99 58.42 -143.91
N LYS P 540 26.18 59.27 -144.90
CA LYS P 540 26.44 60.68 -144.73
C LYS P 540 25.42 61.40 -145.60
N LEU P 541 24.74 62.37 -145.01
CA LEU P 541 23.67 63.10 -145.67
C LEU P 541 24.15 64.41 -146.27
N ARG P 542 23.49 64.82 -147.35
CA ARG P 542 23.64 66.16 -147.87
C ARG P 542 23.73 67.18 -146.75
N ASN P 543 24.81 67.94 -146.73
CA ASN P 543 24.95 69.09 -145.83
C ASN P 543 24.62 68.71 -144.39
N SER P 544 25.35 67.71 -143.89
CA SER P 544 25.31 67.35 -142.47
C SER P 544 26.60 66.61 -142.15
N SER P 545 27.45 67.23 -141.33
CA SER P 545 28.79 66.71 -141.08
C SER P 545 28.80 65.38 -140.34
N GLU P 546 27.63 64.84 -139.97
CA GLU P 546 27.57 63.62 -139.19
C GLU P 546 27.73 62.38 -140.08
N VAL P 547 28.21 61.31 -139.47
CA VAL P 547 28.45 60.03 -140.11
C VAL P 547 27.76 58.97 -139.25
N TYR P 548 26.69 58.37 -139.76
CA TYR P 548 25.84 57.51 -138.94
C TYR P 548 25.98 56.05 -139.34
N TYR P 549 26.33 55.22 -138.36
CA TYR P 549 26.34 53.78 -138.52
C TYR P 549 24.92 53.23 -138.42
N TYR P 550 24.56 52.38 -139.37
CA TYR P 550 23.28 51.69 -139.37
C TYR P 550 23.51 50.19 -139.51
N ALA P 551 22.53 49.45 -139.00
CA ALA P 551 22.47 48.01 -139.12
C ALA P 551 21.02 47.63 -139.45
N LEU P 552 20.86 46.57 -140.24
CA LEU P 552 19.54 46.10 -140.64
C LEU P 552 19.39 44.62 -140.34
N SER P 553 18.25 44.27 -139.73
CA SER P 553 17.87 42.91 -139.37
C SER P 553 16.52 42.55 -139.97
N ASN P 554 16.20 41.25 -139.87
CA ASN P 554 15.05 40.69 -140.57
C ASN P 554 13.77 40.68 -139.72
N THR P 555 13.82 40.09 -138.52
CA THR P 555 12.62 40.10 -137.70
C THR P 555 12.88 40.74 -136.34
N GLN P 556 12.07 40.40 -135.35
CA GLN P 556 12.00 41.11 -134.08
C GLN P 556 11.95 40.15 -132.90
N ASN P 557 12.83 39.15 -132.89
CA ASN P 557 12.97 38.22 -131.78
C ASN P 557 14.16 38.65 -130.94
N SER P 558 13.90 39.18 -129.75
CA SER P 558 14.96 39.63 -128.85
C SER P 558 14.47 39.67 -127.41
N ILE P 567 11.28 64.35 -132.75
CA ILE P 567 12.64 64.62 -133.24
C ILE P 567 13.40 65.43 -132.20
N ILE P 568 14.66 65.03 -131.95
CA ILE P 568 15.58 65.81 -131.12
C ILE P 568 15.87 67.11 -131.84
N VAL P 569 14.91 68.04 -131.81
CA VAL P 569 14.92 69.16 -132.73
C VAL P 569 16.12 70.05 -132.46
N ASP P 570 16.98 70.18 -133.46
CA ASP P 570 17.84 71.34 -133.63
C ASP P 570 17.60 71.78 -135.06
N HIS P 571 16.45 72.41 -135.29
CA HIS P 571 16.21 73.13 -136.52
C HIS P 571 16.70 74.56 -136.30
N PRO P 572 17.94 74.87 -136.67
CA PRO P 572 18.54 76.16 -136.28
C PRO P 572 17.76 77.36 -136.77
N GLU P 573 16.82 77.15 -137.69
CA GLU P 573 16.00 78.25 -138.15
C GLU P 573 14.93 78.62 -137.12
N TRP P 574 14.41 77.64 -136.38
CA TRP P 574 13.37 77.91 -135.37
C TRP P 574 13.95 78.13 -133.98
N ALA P 575 14.98 77.38 -133.58
CA ALA P 575 15.64 77.64 -132.30
C ALA P 575 16.17 79.07 -132.23
N SER P 576 16.76 79.56 -133.32
CA SER P 576 17.14 80.97 -133.38
C SER P 576 15.94 81.88 -133.20
N LEU P 577 14.73 81.34 -133.39
CA LEU P 577 13.50 82.11 -133.22
C LEU P 577 12.89 81.93 -131.84
N PHE P 578 13.33 80.94 -131.07
CA PHE P 578 12.70 80.65 -129.78
C PHE P 578 13.58 80.92 -128.58
N ASN P 579 14.90 80.92 -128.73
CA ASN P 579 15.82 80.93 -127.58
C ASN P 579 16.44 82.30 -127.33
N ASN P 580 15.80 83.39 -127.76
CA ASN P 580 16.50 84.65 -128.02
C ASN P 580 17.44 85.05 -126.88
N ALA P 581 18.60 85.61 -127.27
CA ALA P 581 19.85 85.56 -126.52
C ALA P 581 19.81 86.18 -125.12
N ASP P 582 20.00 87.51 -125.05
CA ASP P 582 20.39 88.20 -123.82
C ASP P 582 19.51 87.88 -122.63
N GLU P 583 20.06 88.05 -121.42
CA GLU P 583 19.32 87.73 -120.20
C GLU P 583 18.11 88.62 -120.02
N ARG P 584 18.23 89.90 -120.39
CA ARG P 584 17.05 90.76 -120.37
C ARG P 584 16.06 90.36 -121.46
N GLU P 585 16.48 89.55 -122.42
CA GLU P 585 15.57 88.96 -123.39
C GLU P 585 15.08 87.58 -122.95
N LYS P 586 15.51 87.11 -121.77
CA LYS P 586 14.86 86.02 -121.06
C LYS P 586 13.84 86.55 -120.07
N GLU P 587 14.30 87.41 -119.14
CA GLU P 587 13.40 88.02 -118.17
C GLU P 587 12.45 89.02 -118.82
N SER P 588 12.71 89.43 -120.05
CA SER P 588 11.72 90.16 -120.83
C SER P 588 10.51 89.27 -121.11
N ILE P 589 10.78 88.10 -121.72
CA ILE P 589 9.70 87.15 -122.00
C ILE P 589 8.98 86.77 -120.72
N GLY P 590 9.73 86.45 -119.66
CA GLY P 590 9.10 86.11 -118.39
C GLY P 590 8.24 87.23 -117.84
N ALA P 591 8.68 88.48 -118.00
CA ALA P 591 7.87 89.62 -117.58
C ALA P 591 6.52 89.64 -118.30
N LEU P 592 6.55 89.53 -119.63
CA LEU P 592 5.30 89.52 -120.39
C LEU P 592 4.40 88.36 -119.96
N VAL P 593 4.99 87.17 -119.75
CA VAL P 593 4.23 86.00 -119.34
C VAL P 593 3.53 86.24 -118.01
N SER P 594 4.21 86.87 -117.06
CA SER P 594 3.56 87.18 -115.78
C SER P 594 2.45 88.19 -115.97
N GLN P 595 2.70 89.24 -116.76
CA GLN P 595 1.66 90.21 -117.06
C GLN P 595 0.37 89.51 -117.51
N ILE P 596 0.48 88.68 -118.54
CA ILE P 596 -0.74 88.04 -119.03
C ILE P 596 -1.28 87.03 -118.02
N LYS P 597 -0.42 86.37 -117.24
CA LYS P 597 -0.92 85.33 -116.32
C LYS P 597 -1.80 85.93 -115.22
N LEU P 598 -1.31 86.98 -114.56
CA LEU P 598 -2.15 87.69 -113.60
C LEU P 598 -3.38 88.28 -114.28
N LYS P 599 -3.24 88.80 -115.50
CA LYS P 599 -4.42 89.26 -116.22
C LYS P 599 -5.47 88.15 -116.33
N GLU P 600 -5.02 86.94 -116.65
CA GLU P 600 -5.94 85.81 -116.75
C GLU P 600 -6.62 85.55 -115.43
N ARG P 601 -5.88 85.69 -114.33
CA ARG P 601 -6.52 85.62 -113.01
C ARG P 601 -7.63 86.65 -112.88
N GLU P 602 -7.36 87.88 -113.36
CA GLU P 602 -8.40 88.91 -113.36
C GLU P 602 -9.62 88.45 -114.14
N ARG P 603 -9.40 87.79 -115.29
CA ARG P 603 -10.53 87.29 -116.06
C ARG P 603 -11.34 86.28 -115.24
N ILE P 604 -10.65 85.34 -114.59
CA ILE P 604 -11.35 84.27 -113.86
C ILE P 604 -12.17 84.85 -112.72
N SER P 605 -11.51 85.53 -111.78
CA SER P 605 -12.23 86.15 -110.66
C SER P 605 -13.35 87.06 -111.16
N ARG P 606 -13.09 87.79 -112.25
CA ARG P 606 -14.07 88.73 -112.81
C ARG P 606 -15.33 88.00 -113.25
N VAL P 607 -15.22 87.13 -114.25
CA VAL P 607 -16.40 86.48 -114.81
C VAL P 607 -17.08 85.56 -113.81
N GLN P 608 -16.37 85.09 -112.79
CA GLN P 608 -16.94 84.14 -111.83
C GLN P 608 -18.34 84.57 -111.37
N ASN P 609 -18.45 85.75 -110.76
CA ASN P 609 -19.74 86.20 -110.25
C ASN P 609 -20.77 86.36 -111.36
N LEU P 610 -20.32 86.78 -112.55
CA LEU P 610 -21.22 86.82 -113.69
C LEU P 610 -21.79 85.43 -113.97
N ILE P 611 -21.03 84.38 -113.67
CA ILE P 611 -21.57 83.03 -113.79
C ILE P 611 -22.48 82.71 -112.60
N GLU P 612 -22.18 83.26 -111.42
CA GLU P 612 -23.05 83.10 -110.26
C GLU P 612 -24.47 83.57 -110.59
N HIS P 613 -24.59 84.65 -111.37
CA HIS P 613 -25.89 85.14 -111.80
C HIS P 613 -26.19 84.58 -113.18
N GLU P 614 -26.91 83.46 -113.23
CA GLU P 614 -27.54 82.97 -114.45
C GLU P 614 -29.03 82.87 -114.20
N ASN P 615 -29.83 83.15 -115.23
CA ASN P 615 -31.29 83.14 -115.15
C ASN P 615 -31.82 84.01 -114.01
N SER P 616 -30.95 84.80 -113.39
CA SER P 616 -31.36 85.72 -112.34
C SER P 616 -32.21 86.86 -112.92
N HIS P 617 -32.99 87.50 -112.06
CA HIS P 617 -33.68 88.70 -112.49
C HIS P 617 -32.70 89.83 -112.80
N ASP P 618 -31.53 89.80 -112.18
CA ASP P 618 -30.51 90.81 -112.48
C ASP P 618 -29.99 90.65 -113.91
N GLU P 619 -29.61 89.42 -114.29
CA GLU P 619 -29.20 89.18 -115.67
C GLU P 619 -30.34 89.35 -116.66
N ASP P 620 -31.59 89.23 -116.21
CA ASP P 620 -32.72 89.57 -117.06
C ASP P 620 -32.77 91.08 -117.32
N LYS P 621 -32.77 91.88 -116.25
CA LYS P 621 -32.66 93.33 -116.38
C LYS P 621 -31.54 93.70 -117.33
N TYR P 622 -30.39 93.05 -117.16
CA TYR P 622 -29.23 93.38 -117.97
C TYR P 622 -29.44 93.00 -119.43
N LEU P 623 -30.12 91.87 -119.70
CA LEU P 623 -30.36 91.51 -121.09
C LEU P 623 -31.41 92.41 -121.73
N GLN P 624 -32.34 92.93 -120.94
CA GLN P 624 -33.30 93.92 -121.44
C GLN P 624 -32.61 95.22 -121.80
N ASP P 625 -32.18 95.97 -120.79
CA ASP P 625 -31.57 97.28 -121.01
C ASP P 625 -30.34 97.16 -121.91
N LEU P 626 -29.72 95.98 -121.90
CA LEU P 626 -28.68 95.67 -122.88
C LEU P 626 -29.25 95.65 -124.29
N GLY P 627 -30.16 94.70 -124.55
CA GLY P 627 -30.66 94.50 -125.90
C GLY P 627 -31.23 95.77 -126.51
N TYR P 628 -32.00 96.52 -125.74
CA TYR P 628 -32.64 97.67 -126.36
C TYR P 628 -31.90 98.99 -126.12
N ARG P 629 -30.95 99.02 -125.19
CA ARG P 629 -29.94 100.07 -125.21
C ARG P 629 -29.13 99.99 -126.50
N LEU P 630 -28.57 98.82 -126.79
CA LEU P 630 -27.93 98.59 -128.08
C LEU P 630 -28.87 98.89 -129.23
N SER P 631 -30.18 98.63 -129.06
CA SER P 631 -31.11 98.99 -130.11
C SER P 631 -31.15 100.49 -130.34
N ILE P 632 -31.11 101.30 -129.27
CA ILE P 632 -31.11 102.75 -129.41
C ILE P 632 -29.86 103.21 -130.16
N ALA P 633 -28.68 102.72 -129.73
CA ALA P 633 -27.44 103.12 -130.41
C ALA P 633 -27.46 102.70 -131.88
N THR P 634 -28.00 101.51 -132.14
CA THR P 634 -28.09 101.01 -133.52
C THR P 634 -28.97 101.93 -134.36
N ASN P 635 -30.07 102.39 -133.80
CA ASN P 635 -30.91 103.33 -134.55
C ASN P 635 -30.15 104.62 -134.83
N GLU P 636 -29.45 105.17 -133.82
CA GLU P 636 -28.66 106.38 -134.03
C GLU P 636 -27.69 106.21 -135.20
N LEU P 637 -26.93 105.12 -135.18
CA LEU P 637 -26.02 104.86 -136.30
C LEU P 637 -26.77 104.67 -137.61
N LEU P 638 -28.04 104.25 -137.56
CA LEU P 638 -28.81 104.14 -138.80
C LEU P 638 -29.25 105.51 -139.31
N GLU P 639 -29.51 106.46 -138.42
CA GLU P 639 -29.77 107.83 -138.83
C GLU P 639 -28.53 108.45 -139.48
N SER P 640 -27.38 108.34 -138.80
CA SER P 640 -26.14 108.82 -139.40
C SER P 640 -25.71 107.99 -140.59
N TRP P 641 -26.38 106.87 -140.88
CA TRP P 641 -26.30 106.24 -142.19
C TRP P 641 -27.30 106.80 -143.18
N GLN P 642 -28.38 107.43 -142.69
CA GLN P 642 -29.29 108.09 -143.61
C GLN P 642 -28.70 109.39 -144.13
N LYS P 643 -27.97 110.13 -143.28
CA LYS P 643 -27.40 111.39 -143.74
C LYS P 643 -26.38 111.18 -144.84
N THR P 644 -25.54 110.16 -144.71
CA THR P 644 -24.52 109.83 -145.69
C THR P 644 -24.99 108.79 -146.70
N LYS P 645 -26.31 108.56 -146.80
CA LYS P 645 -26.83 107.48 -147.63
C LYS P 645 -26.48 107.67 -149.10
N ASP P 646 -26.56 108.91 -149.59
CA ASP P 646 -26.40 109.16 -151.01
C ASP P 646 -24.95 109.23 -151.45
N GLU P 647 -24.08 108.40 -150.87
CA GLU P 647 -22.70 108.39 -151.28
C GLU P 647 -22.56 107.80 -152.68
N SER P 648 -23.05 106.58 -152.87
CA SER P 648 -23.13 105.92 -154.17
C SER P 648 -21.76 105.79 -154.85
N ILE P 649 -20.68 106.04 -154.12
CA ILE P 649 -19.33 105.84 -154.64
C ILE P 649 -18.81 104.45 -154.27
N LEU P 650 -19.14 104.00 -153.06
CA LEU P 650 -18.89 102.65 -152.55
C LEU P 650 -20.23 101.99 -152.18
N SER P 651 -20.15 100.81 -151.57
CA SER P 651 -21.35 100.14 -151.07
C SER P 651 -21.10 99.46 -149.73
N GLY P 652 -20.03 99.84 -149.03
CA GLY P 652 -19.79 99.34 -147.69
C GLY P 652 -19.82 100.46 -146.68
N SER P 653 -20.84 100.48 -145.82
CA SER P 653 -20.95 101.51 -144.81
C SER P 653 -19.76 101.46 -143.85
N LEU P 654 -19.49 102.60 -143.22
CA LEU P 654 -18.29 102.78 -142.42
C LEU P 654 -18.39 102.08 -141.07
N SER P 655 -17.36 101.31 -140.74
CA SER P 655 -17.19 100.64 -139.44
C SER P 655 -18.50 100.01 -138.97
N HIS P 656 -19.19 99.37 -139.90
CA HIS P 656 -20.56 98.92 -139.67
C HIS P 656 -20.65 97.85 -138.57
N SER P 657 -20.39 96.58 -138.91
CA SER P 657 -20.67 95.45 -138.02
C SER P 657 -20.08 95.62 -136.63
N LYS P 658 -20.93 95.82 -135.62
CA LYS P 658 -20.42 95.95 -134.26
C LYS P 658 -21.50 95.79 -133.19
N LEU P 659 -21.03 95.85 -131.94
CA LEU P 659 -21.80 96.24 -130.80
C LEU P 659 -22.21 97.70 -130.86
N LYS P 660 -21.60 98.47 -131.78
CA LYS P 660 -21.78 99.91 -131.94
C LYS P 660 -21.49 100.69 -130.66
N ASN P 661 -20.23 101.10 -130.51
CA ASN P 661 -19.69 101.95 -129.45
C ASN P 661 -20.51 101.94 -128.16
N LEU P 662 -20.65 100.74 -127.60
CA LEU P 662 -20.93 100.57 -126.18
C LEU P 662 -20.37 99.18 -125.90
N LEU P 663 -19.22 99.11 -125.21
CA LEU P 663 -18.49 97.86 -125.10
C LEU P 663 -18.71 97.14 -123.77
N GLU P 664 -18.90 97.86 -122.67
CA GLU P 664 -19.13 97.18 -121.39
C GLU P 664 -20.40 96.35 -121.43
N ASN P 665 -21.33 96.72 -122.31
CA ASN P 665 -22.63 96.06 -122.37
C ASN P 665 -22.52 94.63 -122.86
N SER P 666 -21.54 94.33 -123.70
CA SER P 666 -21.30 92.96 -124.11
C SER P 666 -21.13 92.07 -122.89
N ASP P 667 -19.97 92.17 -122.24
CA ASP P 667 -19.45 91.11 -121.38
C ASP P 667 -20.47 90.65 -120.34
N SER P 668 -21.04 91.59 -119.58
CA SER P 668 -21.47 91.30 -118.21
C SER P 668 -22.46 90.15 -118.09
N PHE P 669 -23.20 89.80 -119.13
CA PHE P 669 -24.08 88.65 -119.02
C PHE P 669 -23.26 87.35 -119.01
N ALA P 670 -23.95 86.21 -118.86
CA ALA P 670 -23.24 84.93 -118.82
C ALA P 670 -24.15 83.72 -119.01
N SER P 671 -25.10 83.80 -119.93
CA SER P 671 -26.03 82.71 -120.20
C SER P 671 -26.24 82.62 -121.70
N ILE P 672 -25.52 81.72 -122.36
CA ILE P 672 -25.58 81.65 -123.82
C ILE P 672 -27.00 81.55 -124.38
N PRO P 673 -27.90 80.70 -123.85
CA PRO P 673 -29.20 80.55 -124.54
C PRO P 673 -30.10 81.76 -124.45
N GLU P 674 -30.12 82.46 -123.31
CA GLU P 674 -30.91 83.69 -123.22
C GLU P 674 -30.30 84.80 -124.06
N PHE P 675 -29.01 84.70 -124.36
CA PHE P 675 -28.33 85.66 -125.21
C PHE P 675 -28.59 85.39 -126.69
N SER P 676 -28.61 84.12 -127.08
CA SER P 676 -29.10 83.76 -128.41
C SER P 676 -30.54 84.19 -128.59
N SER P 677 -31.37 84.07 -127.55
CA SER P 677 -32.75 84.54 -127.67
C SER P 677 -32.81 86.06 -127.76
N LEU P 678 -31.92 86.76 -127.04
CA LEU P 678 -31.79 88.21 -127.22
C LEU P 678 -31.56 88.55 -128.68
N LEU P 679 -30.53 87.92 -129.28
CA LEU P 679 -30.18 88.24 -130.66
C LEU P 679 -31.31 87.87 -131.63
N ASP P 680 -31.99 86.75 -131.40
CA ASP P 680 -33.10 86.39 -132.29
C ASP P 680 -34.21 87.42 -132.22
N GLN P 681 -34.45 87.98 -131.04
CA GLN P 681 -35.48 89.00 -130.92
C GLN P 681 -34.98 90.40 -131.31
N PHE P 682 -33.67 90.60 -131.42
CA PHE P 682 -33.11 91.82 -131.98
C PHE P 682 -33.22 91.83 -133.50
N PHE P 683 -32.76 90.75 -134.14
CA PHE P 683 -33.01 90.59 -135.57
C PHE P 683 -34.49 90.69 -135.87
N GLN P 684 -35.32 90.04 -135.04
CA GLN P 684 -36.76 90.22 -135.18
C GLN P 684 -37.15 91.69 -135.09
N TYR P 685 -36.57 92.42 -134.13
CA TYR P 685 -37.00 93.80 -133.89
C TYR P 685 -36.66 94.72 -135.05
N TYR P 686 -35.47 94.59 -135.63
CA TYR P 686 -35.07 95.43 -136.74
C TYR P 686 -35.47 94.85 -138.09
N GLN P 687 -36.55 94.08 -138.14
CA GLN P 687 -37.07 93.57 -139.40
C GLN P 687 -37.61 94.68 -140.30
N ASP P 688 -37.83 95.88 -139.75
CA ASP P 688 -38.03 97.07 -140.59
C ASP P 688 -36.89 97.13 -141.60
N GLN P 689 -37.26 97.09 -142.87
CA GLN P 689 -36.37 96.65 -143.94
C GLN P 689 -35.21 97.61 -144.15
N ASP P 690 -34.44 97.36 -145.22
CA ASP P 690 -33.18 98.03 -145.52
C ASP P 690 -32.23 97.89 -144.32
N VAL P 691 -31.99 96.63 -143.95
CA VAL P 691 -31.07 96.30 -142.87
C VAL P 691 -30.48 94.92 -143.13
N THR P 692 -29.29 94.68 -142.59
CA THR P 692 -28.56 93.48 -142.90
C THR P 692 -29.20 92.23 -142.29
N PHE P 693 -29.01 91.11 -142.97
CA PHE P 693 -29.40 89.80 -142.47
C PHE P 693 -28.27 88.82 -142.77
N ILE P 694 -27.82 88.12 -141.72
CA ILE P 694 -26.81 87.08 -141.85
C ILE P 694 -27.09 85.97 -140.84
N GLY P 695 -27.29 84.74 -141.35
CA GLY P 695 -27.63 83.62 -140.51
C GLY P 695 -26.42 82.89 -139.96
N PHE P 696 -26.23 82.95 -138.63
CA PHE P 696 -24.99 82.49 -138.03
C PHE P 696 -24.78 80.99 -138.23
N GLU P 697 -25.78 80.18 -137.86
CA GLU P 697 -25.68 78.72 -137.91
C GLU P 697 -24.93 78.20 -139.13
N LYS P 698 -25.37 78.64 -140.31
CA LYS P 698 -24.74 78.21 -141.55
C LYS P 698 -23.26 78.59 -141.61
N LEU P 699 -22.81 79.46 -140.71
CA LEU P 699 -21.40 79.83 -140.65
C LEU P 699 -20.62 79.11 -139.56
N LEU P 700 -21.26 78.80 -138.43
CA LEU P 700 -20.65 77.90 -137.45
C LEU P 700 -20.35 76.54 -138.08
N HIS P 701 -21.15 76.16 -139.08
CA HIS P 701 -20.79 75.10 -140.03
C HIS P 701 -19.30 75.10 -140.36
N LEU P 702 -18.70 76.27 -140.55
CA LEU P 702 -17.25 76.36 -140.82
C LEU P 702 -16.40 76.13 -139.59
N PHE P 703 -16.96 76.34 -138.40
CA PHE P 703 -16.18 76.21 -137.17
C PHE P 703 -16.06 74.76 -136.73
N LEU P 704 -17.20 74.08 -136.52
CA LEU P 704 -17.19 72.72 -135.99
C LEU P 704 -17.28 71.65 -137.06
N HIS P 705 -17.48 72.04 -138.32
CA HIS P 705 -17.46 71.17 -139.48
C HIS P 705 -18.62 70.17 -139.49
N GLU P 706 -19.70 70.50 -138.81
CA GLU P 706 -20.96 69.80 -138.98
C GLU P 706 -22.05 70.84 -138.81
N ASP P 707 -23.27 70.49 -139.18
CA ASP P 707 -24.34 71.46 -139.08
C ASP P 707 -24.50 71.85 -137.62
N VAL P 708 -24.45 73.16 -137.36
CA VAL P 708 -24.59 73.69 -136.02
C VAL P 708 -25.87 74.53 -136.03
N PRO P 709 -27.05 73.89 -135.88
CA PRO P 709 -28.31 74.64 -135.96
C PRO P 709 -28.41 75.78 -134.98
N GLY P 710 -28.25 75.48 -133.69
CA GLY P 710 -28.37 76.47 -132.64
C GLY P 710 -27.05 77.10 -132.26
N LEU P 711 -27.12 78.38 -131.89
CA LEU P 711 -25.99 79.03 -131.24
C LEU P 711 -25.61 78.34 -129.95
N ASP P 712 -26.53 77.54 -129.38
CA ASP P 712 -26.28 76.83 -128.14
C ASP P 712 -25.45 75.57 -128.37
N ILE P 713 -25.88 74.73 -129.31
CA ILE P 713 -25.18 73.46 -129.56
C ILE P 713 -23.71 73.70 -129.84
N PHE P 714 -23.40 74.87 -130.44
CA PHE P 714 -22.01 75.34 -130.54
C PHE P 714 -21.33 75.29 -129.18
N TYR P 715 -21.97 75.93 -128.19
CA TYR P 715 -21.45 75.98 -126.84
C TYR P 715 -21.38 74.59 -126.21
N ASN P 716 -22.39 73.76 -126.45
CA ASN P 716 -22.36 72.38 -125.95
C ASN P 716 -21.11 71.66 -126.43
N LYS P 717 -20.92 71.58 -127.74
CA LYS P 717 -19.82 70.79 -128.26
C LYS P 717 -18.47 71.32 -127.74
N LEU P 718 -18.27 72.64 -127.84
CA LEU P 718 -17.01 73.17 -127.32
C LEU P 718 -16.85 72.84 -125.85
N LEU P 719 -17.96 72.82 -125.11
CA LEU P 719 -17.88 72.58 -123.68
C LEU P 719 -17.59 71.12 -123.36
N GLN P 720 -18.08 70.17 -124.15
CA GLN P 720 -17.64 68.79 -123.99
C GLN P 720 -16.14 68.71 -124.14
N CYS P 721 -15.65 69.17 -125.30
CA CYS P 721 -14.22 69.11 -125.58
C CYS P 721 -13.40 69.66 -124.43
N TRP P 722 -13.74 70.86 -123.96
CA TRP P 722 -12.85 71.52 -123.01
C TRP P 722 -13.12 71.11 -121.58
N VAL P 723 -14.34 70.69 -121.27
CA VAL P 723 -14.60 70.14 -119.95
C VAL P 723 -13.79 68.88 -119.75
N LEU P 724 -13.34 68.24 -120.83
CA LEU P 724 -12.36 67.18 -120.62
C LEU P 724 -10.99 67.67 -120.15
N VAL P 725 -10.71 68.99 -120.20
CA VAL P 725 -9.31 69.44 -120.21
C VAL P 725 -9.03 70.64 -119.30
N SER P 726 -10.01 71.46 -119.02
CA SER P 726 -9.65 72.64 -118.25
C SER P 726 -10.60 72.85 -117.08
N PRO P 727 -10.10 73.40 -115.97
CA PRO P 727 -11.01 73.90 -114.93
C PRO P 727 -11.68 75.17 -115.42
N GLN P 728 -12.87 75.45 -114.90
CA GLN P 728 -13.71 76.54 -115.39
C GLN P 728 -13.78 76.51 -116.91
N ALA P 729 -13.78 75.30 -117.48
CA ALA P 729 -14.06 75.18 -118.90
C ALA P 729 -15.41 75.77 -119.24
N GLU P 730 -16.37 75.76 -118.29
CA GLU P 730 -17.63 76.46 -118.52
C GLU P 730 -17.43 77.96 -118.65
N LEU P 731 -16.57 78.53 -117.81
CA LEU P 731 -16.35 79.98 -117.82
C LEU P 731 -15.64 80.40 -119.10
N LEU P 732 -14.53 79.73 -119.43
CA LEU P 732 -13.83 80.05 -120.67
C LEU P 732 -14.71 79.78 -121.89
N THR P 733 -15.27 78.58 -122.00
CA THR P 733 -16.13 78.27 -123.14
C THR P 733 -17.26 79.29 -123.27
N LYS P 734 -17.80 79.80 -122.15
CA LYS P 734 -18.82 80.83 -122.27
C LYS P 734 -18.20 82.14 -122.74
N GLU P 735 -17.02 82.48 -122.21
CA GLU P 735 -16.34 83.72 -122.56
C GLU P 735 -15.89 83.73 -124.02
N ILE P 736 -15.73 82.54 -124.62
CA ILE P 736 -15.18 82.42 -125.97
C ILE P 736 -16.33 82.26 -126.96
N VAL P 737 -17.42 81.61 -126.55
CA VAL P 737 -18.58 81.66 -127.43
C VAL P 737 -19.16 83.07 -127.44
N LYS P 738 -19.07 83.78 -126.30
CA LYS P 738 -19.40 85.21 -126.29
C LYS P 738 -18.47 85.99 -127.19
N ASP P 739 -17.16 85.74 -127.07
CA ASP P 739 -16.21 86.49 -127.88
C ASP P 739 -16.42 86.23 -129.37
N ILE P 740 -16.71 84.98 -129.74
CA ILE P 740 -16.96 84.64 -131.14
C ILE P 740 -18.24 85.31 -131.62
N ILE P 741 -19.33 85.08 -130.90
CA ILE P 741 -20.62 85.60 -131.31
C ILE P 741 -20.56 87.13 -131.44
N TRP P 742 -19.66 87.77 -130.69
CA TRP P 742 -19.45 89.20 -130.82
C TRP P 742 -18.61 89.54 -132.04
N SER P 743 -17.47 88.84 -132.20
CA SER P 743 -16.61 89.04 -133.37
C SER P 743 -17.35 88.92 -134.67
N LEU P 744 -18.40 88.09 -134.72
CA LEU P 744 -19.19 87.92 -135.94
C LEU P 744 -20.50 88.70 -135.90
N ALA P 745 -20.87 89.27 -134.75
CA ALA P 745 -22.12 90.00 -134.56
C ALA P 745 -22.39 91.00 -135.67
N ARG P 746 -23.30 90.67 -136.58
CA ARG P 746 -23.44 91.42 -137.82
C ARG P 746 -24.08 92.79 -137.58
N LEU P 747 -23.71 93.74 -138.44
CA LEU P 747 -24.46 94.97 -138.73
C LEU P 747 -23.80 95.71 -139.90
N GLU P 748 -23.74 95.09 -141.08
CA GLU P 748 -23.04 95.69 -142.22
C GLU P 748 -23.87 96.81 -142.83
N LYS P 749 -23.52 97.21 -144.06
CA LYS P 749 -24.17 98.34 -144.73
C LYS P 749 -25.67 98.11 -144.88
N PRO P 750 -26.44 99.18 -145.11
CA PRO P 750 -27.85 99.00 -145.51
C PRO P 750 -27.97 97.94 -146.60
N SER P 751 -29.02 97.11 -146.48
CA SER P 751 -29.03 95.82 -147.14
C SER P 751 -29.34 95.92 -148.62
N LEU P 752 -29.39 94.74 -149.24
CA LEU P 752 -29.47 94.47 -150.68
C LEU P 752 -30.04 95.57 -151.57
N PHE P 753 -30.98 96.38 -151.07
CA PHE P 753 -31.48 97.45 -151.91
C PHE P 753 -30.50 98.62 -152.00
N GLU P 754 -29.60 98.76 -151.04
CA GLU P 754 -28.60 99.83 -151.11
C GLU P 754 -27.41 99.45 -151.99
N PRO P 755 -26.92 98.20 -151.99
CA PRO P 755 -25.81 97.87 -152.89
C PRO P 755 -26.12 98.05 -154.37
N ILE P 756 -27.33 97.70 -154.82
CA ILE P 756 -27.63 97.74 -156.26
C ILE P 756 -27.51 99.16 -156.81
N GLN P 757 -27.66 100.17 -155.94
CA GLN P 757 -27.49 101.56 -156.35
C GLN P 757 -26.06 101.82 -156.84
N ASN P 758 -25.08 101.54 -155.99
CA ASN P 758 -23.68 101.71 -156.40
C ASN P 758 -23.26 100.66 -157.41
N GLU P 759 -23.88 99.48 -157.38
CA GLU P 759 -23.64 98.46 -158.39
C GLU P 759 -23.89 99.02 -159.78
N ILE P 760 -25.11 99.52 -160.02
CA ILE P 760 -25.43 100.06 -161.34
C ILE P 760 -24.64 101.34 -161.60
N SER P 761 -24.43 102.18 -160.58
CA SER P 761 -23.78 103.47 -160.82
C SER P 761 -22.28 103.33 -161.11
N ARG P 762 -21.64 102.29 -160.59
CA ARG P 762 -20.29 101.97 -161.05
C ARG P 762 -20.32 101.28 -162.40
N SER P 763 -21.33 100.43 -162.62
CA SER P 763 -21.61 99.89 -163.94
C SER P 763 -22.07 100.96 -164.93
N LEU P 764 -22.03 102.23 -164.55
CA LEU P 764 -22.27 103.34 -165.48
C LEU P 764 -20.97 104.01 -165.87
N SER P 765 -20.22 104.53 -164.89
CA SER P 765 -18.99 105.25 -165.16
C SER P 765 -17.99 104.44 -165.98
N GLY P 766 -18.17 103.12 -166.05
CA GLY P 766 -17.36 102.30 -166.92
C GLY P 766 -17.78 102.45 -168.37
N PRO P 767 -16.82 102.33 -169.29
CA PRO P 767 -17.15 102.43 -170.72
C PRO P 767 -18.20 101.42 -171.15
N TYR P 768 -18.88 101.75 -172.26
CA TYR P 768 -20.21 101.20 -172.54
C TYR P 768 -20.20 99.68 -172.76
N GLN P 769 -19.14 99.12 -173.33
CA GLN P 769 -19.17 97.71 -173.71
C GLN P 769 -18.51 96.79 -172.67
N ASP P 770 -17.69 97.32 -171.77
CA ASP P 770 -17.47 96.60 -170.52
C ASP P 770 -18.77 96.54 -169.74
N ILE P 771 -19.53 97.64 -169.76
CA ILE P 771 -20.88 97.62 -169.20
C ILE P 771 -21.72 96.58 -169.90
N ILE P 772 -21.44 96.33 -171.18
CA ILE P 772 -22.15 95.27 -171.89
C ILE P 772 -21.62 93.89 -171.48
N SER P 773 -20.36 93.81 -171.03
CA SER P 773 -19.83 92.51 -170.61
C SER P 773 -20.27 92.13 -169.21
N SER P 774 -20.50 93.11 -168.34
CA SER P 774 -21.00 92.83 -166.99
C SER P 774 -22.29 92.02 -167.09
N TRP P 775 -22.25 90.81 -166.54
CA TRP P 775 -23.26 89.81 -166.84
C TRP P 775 -23.61 89.06 -165.57
N ASP P 776 -24.85 89.20 -165.12
CA ASP P 776 -25.37 88.35 -164.05
C ASP P 776 -26.02 87.11 -164.66
N MET P 777 -26.38 86.16 -163.78
CA MET P 777 -26.97 84.86 -164.11
C MET P 777 -26.42 84.27 -165.41
N ASP P 778 -25.29 83.55 -165.32
CA ASP P 778 -24.68 82.95 -166.50
C ASP P 778 -25.50 81.75 -167.00
N ASP P 779 -25.30 80.59 -166.37
CA ASP P 779 -26.03 79.39 -166.68
C ASP P 779 -25.81 78.33 -165.61
N LYS Q 94 -11.21 81.48 -187.14
CA LYS Q 94 -12.00 80.74 -186.15
C LYS Q 94 -12.15 81.52 -184.84
N LEU Q 95 -11.06 81.66 -184.10
CA LEU Q 95 -11.11 82.29 -182.78
C LEU Q 95 -10.81 83.79 -182.87
N ILE Q 96 -11.33 84.54 -181.88
CA ILE Q 96 -11.28 86.00 -181.88
C ILE Q 96 -9.83 86.49 -181.97
N GLY Q 97 -9.69 87.73 -182.44
CA GLY Q 97 -8.40 88.40 -182.42
C GLY Q 97 -8.45 89.76 -181.74
N HIS Q 98 -7.52 89.96 -180.81
CA HIS Q 98 -7.13 91.29 -180.33
C HIS Q 98 -8.22 92.09 -179.64
N GLU Q 99 -9.47 91.63 -179.67
CA GLU Q 99 -10.44 92.16 -178.73
C GLU Q 99 -11.23 91.04 -178.06
N ALA Q 100 -10.57 89.91 -177.83
CA ALA Q 100 -11.12 88.84 -177.03
C ALA Q 100 -10.88 89.18 -175.58
N LYS Q 101 -10.62 90.45 -175.30
CA LYS Q 101 -10.74 90.93 -173.93
C LYS Q 101 -12.15 90.65 -173.42
N LEU Q 102 -13.16 90.83 -174.28
CA LEU Q 102 -14.53 90.57 -173.88
C LEU Q 102 -14.75 89.10 -173.55
N LEU Q 103 -14.30 88.20 -174.43
CA LEU Q 103 -14.47 86.77 -174.17
C LEU Q 103 -13.66 86.35 -172.95
N PHE Q 104 -12.46 86.89 -172.81
CA PHE Q 104 -11.64 86.60 -171.64
C PHE Q 104 -12.38 86.95 -170.37
N LEU Q 105 -12.72 88.24 -170.19
CA LEU Q 105 -13.44 88.63 -169.00
C LEU Q 105 -14.79 87.92 -168.87
N LYS Q 106 -15.32 87.36 -169.96
CA LYS Q 106 -16.57 86.61 -169.84
C LYS Q 106 -16.38 85.21 -169.28
N SER Q 107 -15.37 84.48 -169.77
CA SER Q 107 -15.06 83.20 -169.13
C SER Q 107 -14.58 83.38 -167.70
N PHE Q 108 -13.88 84.48 -167.42
CA PHE Q 108 -13.42 84.76 -166.07
C PHE Q 108 -14.59 85.04 -165.14
N GLN Q 109 -15.41 86.03 -165.49
CA GLN Q 109 -16.57 86.36 -164.67
C GLN Q 109 -17.51 85.16 -164.53
N PHE Q 110 -17.74 84.43 -165.62
CA PHE Q 110 -18.58 83.24 -165.57
C PHE Q 110 -18.01 82.21 -164.58
N ILE Q 111 -16.69 82.00 -164.60
CA ILE Q 111 -16.10 81.05 -163.66
C ILE Q 111 -16.27 81.55 -162.23
N LEU Q 112 -16.16 82.87 -162.03
CA LEU Q 112 -16.37 83.43 -160.69
C LEU Q 112 -17.77 83.10 -160.19
N LYS Q 113 -18.80 83.58 -160.88
CA LYS Q 113 -20.16 83.30 -160.43
C LYS Q 113 -20.40 81.81 -160.29
N ARG Q 114 -19.73 80.98 -161.09
CA ARG Q 114 -19.82 79.53 -160.90
C ARG Q 114 -19.32 79.12 -159.51
N GLN Q 115 -18.17 79.67 -159.12
CA GLN Q 115 -17.63 79.37 -157.80
C GLN Q 115 -18.54 79.89 -156.68
N ILE Q 116 -19.10 81.10 -156.86
CA ILE Q 116 -20.03 81.63 -155.86
C ILE Q 116 -21.23 80.70 -155.71
N ARG Q 117 -21.78 80.24 -156.84
CA ARG Q 117 -22.86 79.26 -156.80
C ARG Q 117 -22.46 78.07 -155.93
N TRP Q 118 -21.24 77.56 -156.11
CA TRP Q 118 -20.83 76.44 -155.28
C TRP Q 118 -20.65 76.82 -153.81
N LEU Q 119 -20.37 78.08 -153.49
CA LEU Q 119 -20.15 78.33 -152.06
C LEU Q 119 -21.40 78.76 -151.30
N ILE Q 120 -22.33 79.51 -151.91
CA ILE Q 120 -23.63 79.68 -151.27
C ILE Q 120 -24.34 78.33 -151.19
N THR Q 121 -24.37 77.61 -152.31
CA THR Q 121 -25.02 76.30 -152.35
C THR Q 121 -24.34 75.33 -151.39
N GLU Q 122 -23.13 74.87 -151.74
CA GLU Q 122 -22.50 73.78 -151.01
C GLU Q 122 -21.78 74.22 -149.74
N MET Q 123 -21.55 75.52 -149.54
CA MET Q 123 -20.91 76.00 -148.32
C MET Q 123 -21.82 76.88 -147.50
N ARG Q 124 -23.07 77.04 -147.89
CA ARG Q 124 -24.05 77.78 -147.11
C ARG Q 124 -23.54 79.17 -146.71
N PHE Q 125 -23.04 79.89 -147.72
CA PHE Q 125 -22.72 81.31 -147.62
C PHE Q 125 -24.01 82.14 -147.64
N PRO Q 126 -23.93 83.42 -147.28
CA PRO Q 126 -25.08 84.32 -147.48
C PRO Q 126 -25.17 84.88 -148.90
N LYS Q 127 -26.40 85.19 -149.32
CA LYS Q 127 -26.63 85.72 -150.67
C LYS Q 127 -26.01 87.09 -150.86
N GLU Q 128 -25.72 87.81 -149.78
CA GLU Q 128 -25.12 89.13 -149.86
C GLU Q 128 -23.72 89.09 -150.47
N PHE Q 129 -23.00 88.02 -150.19
CA PHE Q 129 -21.65 87.84 -150.75
C PHE Q 129 -21.65 88.14 -152.23
N GLU Q 130 -22.66 87.64 -152.96
CA GLU Q 130 -22.69 87.82 -154.40
C GLU Q 130 -22.65 89.30 -154.78
N HIS Q 131 -23.47 90.12 -154.12
CA HIS Q 131 -23.46 91.55 -154.40
C HIS Q 131 -22.13 92.18 -154.03
N VAL Q 132 -21.52 91.74 -152.91
CA VAL Q 132 -20.20 92.26 -152.57
C VAL Q 132 -19.19 91.91 -153.66
N ALA Q 133 -19.35 90.75 -154.29
CA ALA Q 133 -18.45 90.32 -155.36
C ALA Q 133 -18.68 91.14 -156.62
N LYS Q 134 -19.95 91.39 -156.98
CA LYS Q 134 -20.24 92.30 -158.09
C LYS Q 134 -19.65 93.67 -157.84
N ILE Q 135 -19.57 94.10 -156.58
CA ILE Q 135 -19.03 95.43 -156.32
C ILE Q 135 -17.50 95.43 -156.47
N ILE Q 136 -16.81 94.41 -155.95
CA ILE Q 136 -15.34 94.43 -156.03
C ILE Q 136 -14.88 94.14 -157.45
N TRP Q 137 -15.38 93.05 -158.04
CA TRP Q 137 -15.11 92.73 -159.43
C TRP Q 137 -15.60 93.84 -160.36
N LEU Q 138 -16.62 94.58 -159.93
CA LEU Q 138 -17.06 95.75 -160.67
C LEU Q 138 -16.02 96.86 -160.59
N LYS Q 139 -15.45 97.08 -159.41
CA LYS Q 139 -14.46 98.13 -159.24
C LYS Q 139 -13.21 97.85 -160.07
N ILE Q 140 -12.70 96.63 -160.02
CA ILE Q 140 -11.49 96.38 -160.78
C ILE Q 140 -11.78 96.17 -162.26
N LEU Q 141 -13.00 95.72 -162.61
CA LEU Q 141 -13.40 95.71 -164.01
C LEU Q 141 -13.42 97.13 -164.57
N LYS Q 142 -14.00 98.06 -163.80
CA LYS Q 142 -13.99 99.47 -164.18
C LYS Q 142 -12.58 100.03 -164.21
N THR Q 143 -11.66 99.48 -163.43
CA THR Q 143 -10.31 100.02 -163.46
C THR Q 143 -9.51 99.48 -164.64
N ILE Q 144 -9.73 98.24 -165.07
CA ILE Q 144 -9.03 97.75 -166.24
C ILE Q 144 -9.69 98.23 -167.52
N ASN Q 145 -10.97 98.60 -167.45
CA ASN Q 145 -11.62 99.29 -168.55
C ASN Q 145 -11.65 100.80 -168.35
N ASP Q 146 -10.81 101.31 -167.45
CA ASP Q 146 -10.27 102.66 -167.56
C ASP Q 146 -8.81 102.62 -167.95
N GLN Q 147 -8.35 101.49 -168.40
CA GLN Q 147 -7.02 101.40 -168.95
C GLN Q 147 -7.12 101.26 -170.46
N PRO Q 148 -6.21 101.89 -171.20
CA PRO Q 148 -6.41 102.02 -172.64
C PRO Q 148 -5.97 100.82 -173.45
N GLN Q 149 -4.69 100.49 -173.36
CA GLN Q 149 -3.96 99.84 -174.44
C GLN Q 149 -4.67 98.59 -174.96
N GLU Q 150 -4.53 98.36 -176.26
CA GLU Q 150 -4.94 97.08 -176.81
C GLU Q 150 -4.02 95.96 -176.32
N GLU Q 151 -2.77 96.30 -176.02
CA GLU Q 151 -1.95 95.41 -175.19
C GLU Q 151 -2.64 95.24 -173.85
N LEU Q 152 -2.98 94.00 -173.52
CA LEU Q 152 -3.96 93.73 -172.47
C LEU Q 152 -3.46 94.20 -171.11
N LYS Q 153 -2.25 93.79 -170.73
CA LYS Q 153 -1.64 94.18 -169.47
C LYS Q 153 -2.44 93.71 -168.26
N LEU Q 154 -3.53 92.98 -168.48
CA LEU Q 154 -4.29 92.43 -167.37
C LEU Q 154 -3.78 91.04 -167.01
N GLN Q 155 -3.82 90.73 -165.71
CA GLN Q 155 -3.48 89.40 -165.19
C GLN Q 155 -4.65 88.93 -164.36
N LEU Q 156 -5.68 88.42 -165.03
CA LEU Q 156 -6.77 87.74 -164.35
C LEU Q 156 -6.40 86.26 -164.29
N HIS Q 157 -5.49 85.96 -163.37
CA HIS Q 157 -5.21 84.58 -162.97
C HIS Q 157 -6.25 84.14 -161.95
N MET Q 158 -6.24 82.84 -161.66
CA MET Q 158 -7.18 82.27 -160.69
C MET Q 158 -7.03 82.92 -159.32
N THR Q 159 -5.79 83.26 -158.96
CA THR Q 159 -5.52 84.02 -157.75
C THR Q 159 -6.35 85.30 -157.67
N SER Q 160 -6.80 85.84 -158.79
CA SER Q 160 -7.68 87.00 -158.73
C SER Q 160 -9.10 86.60 -158.35
N THR Q 161 -9.58 85.46 -158.87
CA THR Q 161 -10.85 84.91 -158.42
C THR Q 161 -10.86 84.71 -156.91
N ILE Q 162 -9.92 83.91 -156.42
CA ILE Q 162 -9.85 83.69 -154.98
C ILE Q 162 -9.58 85.00 -154.26
N SER Q 163 -8.87 85.92 -154.90
CA SER Q 163 -8.54 87.19 -154.25
C SER Q 163 -9.78 88.01 -153.97
N ILE Q 164 -10.72 88.06 -154.92
CA ILE Q 164 -11.91 88.88 -154.67
C ILE Q 164 -12.90 88.12 -153.82
N LEU Q 165 -12.89 86.77 -153.87
CA LEU Q 165 -13.67 86.02 -152.90
C LEU Q 165 -13.24 86.33 -151.47
N TYR Q 166 -11.94 86.19 -151.17
CA TYR Q 166 -11.45 86.51 -149.83
C TYR Q 166 -11.68 87.98 -149.49
N LEU Q 167 -11.44 88.89 -150.44
CA LEU Q 167 -11.66 90.30 -150.17
C LEU Q 167 -13.10 90.55 -149.73
N ALA Q 168 -14.06 90.01 -150.48
CA ALA Q 168 -15.46 90.22 -150.15
C ALA Q 168 -15.83 89.55 -148.82
N SER Q 169 -15.37 88.30 -148.65
CA SER Q 169 -15.61 87.58 -147.40
C SER Q 169 -15.10 88.38 -146.19
N THR Q 170 -13.94 89.01 -146.34
CA THR Q 170 -13.33 89.76 -145.25
C THR Q 170 -14.07 91.07 -144.97
N HIS Q 171 -14.54 91.76 -146.02
CA HIS Q 171 -15.44 92.87 -145.78
C HIS Q 171 -16.62 92.42 -144.94
N LEU Q 172 -17.27 91.33 -145.35
CA LEU Q 172 -18.43 90.82 -144.64
C LEU Q 172 -18.09 90.17 -143.30
N SER Q 173 -16.82 90.13 -142.86
CA SER Q 173 -16.43 89.66 -141.53
C SER Q 173 -16.82 88.19 -141.29
N LEU Q 174 -16.99 87.41 -142.35
CA LEU Q 174 -17.25 85.98 -142.20
C LEU Q 174 -15.99 85.27 -141.71
N PRO Q 175 -16.14 84.20 -140.92
CA PRO Q 175 -14.97 83.62 -140.27
C PRO Q 175 -14.25 82.65 -141.19
N VAL Q 176 -14.26 82.94 -142.47
CA VAL Q 176 -13.51 82.16 -143.44
C VAL Q 176 -12.14 82.80 -143.59
N TYR Q 177 -11.12 81.97 -143.75
CA TYR Q 177 -9.75 82.43 -143.87
C TYR Q 177 -9.12 81.73 -145.07
N THR Q 178 -7.92 82.18 -145.42
CA THR Q 178 -7.30 81.72 -146.66
C THR Q 178 -7.20 80.21 -146.74
N CYS Q 179 -6.90 79.57 -145.60
CA CYS Q 179 -6.70 78.12 -145.54
C CYS Q 179 -7.99 77.37 -145.87
N ASP Q 180 -9.14 77.92 -145.50
CA ASP Q 180 -10.41 77.40 -145.98
C ASP Q 180 -10.42 77.34 -147.49
N TYR Q 181 -9.98 78.42 -148.15
CA TYR Q 181 -9.96 78.47 -149.60
C TYR Q 181 -8.99 77.45 -150.18
N ILE Q 182 -7.75 77.45 -149.69
CA ILE Q 182 -6.75 76.49 -150.18
C ILE Q 182 -7.28 75.07 -150.07
N LYS Q 183 -7.85 74.71 -148.91
CA LYS Q 183 -8.44 73.40 -148.76
C LYS Q 183 -9.54 73.18 -149.80
N TRP Q 184 -10.44 74.15 -149.93
CA TRP Q 184 -11.61 74.01 -150.80
C TRP Q 184 -11.21 73.77 -152.25
N ILE Q 185 -10.16 74.42 -152.71
CA ILE Q 185 -9.80 74.30 -154.12
C ILE Q 185 -8.89 73.11 -154.35
N CYS Q 186 -7.94 72.85 -153.45
CA CYS Q 186 -7.05 71.71 -153.64
C CYS Q 186 -7.79 70.39 -153.51
N THR Q 187 -8.95 70.35 -152.86
CA THR Q 187 -9.74 69.14 -152.79
C THR Q 187 -10.80 69.07 -153.88
N ALA Q 188 -10.64 69.85 -154.95
CA ALA Q 188 -11.47 69.78 -156.15
C ALA Q 188 -12.94 70.02 -155.88
N LYS Q 189 -13.31 70.37 -154.64
CA LYS Q 189 -14.69 70.65 -154.33
C LYS Q 189 -15.10 71.92 -155.08
N MET Q 190 -14.53 73.04 -154.68
CA MET Q 190 -14.74 74.29 -155.40
C MET Q 190 -14.01 74.23 -156.74
N PRO Q 191 -14.73 74.25 -157.86
CA PRO Q 191 -14.07 74.16 -159.16
C PRO Q 191 -13.02 75.26 -159.34
N TYR Q 192 -11.85 74.87 -159.85
CA TYR Q 192 -10.73 75.80 -159.91
C TYR Q 192 -9.82 75.53 -161.10
N PHE Q 193 -9.24 74.34 -161.18
CA PHE Q 193 -7.98 74.18 -161.91
C PHE Q 193 -8.10 74.23 -163.43
N GLN Q 194 -9.30 74.20 -164.01
CA GLN Q 194 -9.45 74.13 -165.45
C GLN Q 194 -10.16 75.35 -165.97
N ALA Q 195 -9.52 76.07 -166.90
CA ALA Q 195 -10.22 77.12 -167.60
C ALA Q 195 -11.38 76.50 -168.35
N SER Q 196 -12.62 76.74 -167.87
CA SER Q 196 -13.82 76.09 -168.38
C SER Q 196 -13.59 74.58 -168.50
N GLU Q 197 -13.75 73.85 -167.39
CA GLU Q 197 -13.41 72.44 -167.30
C GLU Q 197 -14.02 71.61 -168.43
N ILE Q 198 -13.43 70.44 -168.70
CA ILE Q 198 -13.80 69.59 -169.84
C ILE Q 198 -15.30 69.33 -169.83
N LEU Q 199 -15.93 69.56 -170.98
CA LEU Q 199 -17.35 69.29 -171.17
C LEU Q 199 -17.70 69.24 -172.66
N ARG Q 204 -16.73 73.94 -174.85
CA ARG Q 204 -17.20 75.16 -174.21
C ARG Q 204 -16.96 76.34 -175.15
N ILE Q 205 -15.77 76.93 -175.06
CA ILE Q 205 -15.37 78.07 -175.88
C ILE Q 205 -13.93 77.87 -176.31
N GLN Q 206 -13.62 78.31 -177.53
CA GLN Q 206 -12.25 78.32 -178.04
C GLN Q 206 -11.80 79.77 -178.14
N LEU Q 207 -10.80 80.13 -177.35
CA LEU Q 207 -10.30 81.48 -177.22
C LEU Q 207 -8.89 81.56 -177.75
N PRO Q 208 -8.33 82.74 -177.97
CA PRO Q 208 -6.92 82.83 -178.36
C PRO Q 208 -6.02 82.22 -177.29
N ASN Q 209 -5.15 81.31 -177.73
CA ASN Q 209 -4.27 80.56 -176.84
C ASN Q 209 -3.46 81.45 -175.91
N TYR Q 210 -3.38 82.75 -176.22
CA TYR Q 210 -2.72 83.70 -175.32
C TYR Q 210 -3.49 83.84 -174.01
N TYR Q 211 -4.83 83.84 -174.08
CA TYR Q 211 -5.64 83.97 -172.88
C TYR Q 211 -5.80 82.65 -172.12
N VAL Q 212 -5.96 81.53 -172.83
CA VAL Q 212 -5.96 80.24 -172.16
C VAL Q 212 -4.71 80.10 -171.31
N SER Q 213 -3.56 80.56 -171.84
CA SER Q 213 -2.35 80.58 -171.03
C SER Q 213 -2.45 81.61 -169.92
N ILE Q 214 -3.10 82.75 -170.17
CA ILE Q 214 -3.26 83.74 -169.11
C ILE Q 214 -4.11 83.21 -167.97
N LEU Q 215 -4.90 82.16 -168.21
CA LEU Q 215 -5.71 81.52 -167.16
C LEU Q 215 -4.95 80.37 -166.50
N GLU Q 216 -4.56 79.37 -167.29
CA GLU Q 216 -3.89 78.20 -166.72
C GLU Q 216 -2.60 78.59 -166.02
N GLY Q 217 -1.96 79.67 -166.45
CA GLY Q 217 -0.72 80.08 -165.82
C GLY Q 217 -0.95 80.83 -164.52
N SER Q 218 0.08 80.81 -163.67
CA SER Q 218 0.01 81.41 -162.34
C SER Q 218 -1.11 80.80 -161.50
N ILE Q 219 -1.26 79.48 -161.60
CA ILE Q 219 -2.42 78.83 -161.00
C ILE Q 219 -2.21 78.62 -159.51
N SER Q 220 -0.97 78.43 -159.06
CA SER Q 220 -0.74 77.98 -157.70
C SER Q 220 -0.84 79.14 -156.71
N PRO Q 221 -1.39 78.88 -155.53
CA PRO Q 221 -1.37 79.86 -154.44
C PRO Q 221 -0.25 79.65 -153.43
N PHE Q 222 0.65 78.71 -153.67
CA PHE Q 222 1.28 77.94 -152.61
C PHE Q 222 2.55 78.55 -152.04
N ASN Q 223 2.96 79.74 -152.48
CA ASN Q 223 4.09 80.37 -151.81
C ASN Q 223 3.65 81.70 -151.20
N GLY Q 224 2.39 81.80 -150.83
CA GLY Q 224 1.85 83.09 -150.48
C GLY Q 224 1.33 83.87 -151.66
N GLN Q 225 1.28 83.26 -152.84
CA GLN Q 225 0.70 83.91 -154.01
C GLN Q 225 -0.67 84.48 -153.70
N LEU Q 226 -1.40 83.83 -152.80
CA LEU Q 226 -2.73 84.32 -152.45
C LEU Q 226 -2.64 85.60 -151.62
N TYR Q 227 -1.80 85.60 -150.58
CA TYR Q 227 -1.65 86.79 -149.76
C TYR Q 227 -1.18 87.97 -150.60
N ASN Q 228 -0.23 87.71 -151.51
CA ASN Q 228 0.32 88.75 -152.37
C ASN Q 228 -0.70 89.24 -153.38
N LYS Q 229 -1.54 88.34 -153.88
CA LYS Q 229 -2.56 88.74 -154.85
C LYS Q 229 -3.75 89.44 -154.18
N ILE Q 230 -4.00 89.16 -152.90
CA ILE Q 230 -5.09 89.86 -152.24
C ILE Q 230 -4.63 91.25 -151.81
N ALA Q 231 -3.35 91.39 -151.43
CA ALA Q 231 -2.84 92.73 -151.19
C ALA Q 231 -2.77 93.52 -152.49
N LEU Q 232 -2.43 92.84 -153.60
CA LEU Q 232 -2.38 93.50 -154.89
C LEU Q 232 -3.76 93.99 -155.33
N THR Q 233 -4.78 93.13 -155.23
CA THR Q 233 -6.15 93.60 -155.46
C THR Q 233 -6.50 94.74 -154.49
N CYS Q 234 -6.02 94.65 -153.24
CA CYS Q 234 -6.30 95.67 -152.23
C CYS Q 234 -5.68 97.01 -152.55
N GLY Q 235 -4.64 97.03 -153.39
CA GLY Q 235 -4.23 98.27 -153.99
C GLY Q 235 -5.07 98.62 -155.21
N MET Q 236 -5.28 97.64 -156.09
CA MET Q 236 -5.94 97.87 -157.38
C MET Q 236 -7.23 98.65 -157.21
N ILE Q 237 -8.07 98.25 -156.27
CA ILE Q 237 -9.09 99.14 -155.76
C ILE Q 237 -8.91 99.20 -154.24
N HIS Q 238 -9.08 100.39 -153.68
CA HIS Q 238 -8.55 100.67 -152.35
C HIS Q 238 -9.41 100.04 -151.26
N PHE Q 239 -8.75 99.37 -150.31
CA PHE Q 239 -9.44 98.74 -149.18
C PHE Q 239 -10.09 99.77 -148.27
N LYS Q 240 -9.41 100.89 -148.03
CA LYS Q 240 -9.62 101.70 -146.84
C LYS Q 240 -11.02 102.27 -146.75
N GLU Q 241 -11.34 103.23 -147.62
CA GLU Q 241 -12.65 103.84 -147.55
C GLU Q 241 -13.72 102.91 -148.09
N PHE Q 242 -13.44 102.24 -149.21
CA PHE Q 242 -14.49 101.50 -149.90
C PHE Q 242 -14.99 100.31 -149.10
N PHE Q 243 -14.11 99.66 -148.35
CA PHE Q 243 -14.48 98.44 -147.64
C PHE Q 243 -13.92 98.48 -146.23
N ASN Q 244 -14.24 97.42 -145.48
CA ASN Q 244 -13.79 97.25 -144.11
C ASN Q 244 -12.90 96.03 -144.13
N SER Q 245 -11.59 96.26 -144.16
CA SER Q 245 -10.61 95.19 -144.34
C SER Q 245 -9.97 94.79 -143.01
N GLU Q 246 -10.81 94.54 -142.01
CA GLU Q 246 -10.38 93.95 -140.75
C GLU Q 246 -10.69 92.46 -140.80
N ILE Q 247 -9.69 91.64 -140.44
CA ILE Q 247 -9.85 90.20 -140.53
C ILE Q 247 -10.67 89.69 -139.34
N SER Q 248 -11.32 88.53 -139.53
CA SER Q 248 -12.16 87.92 -138.49
C SER Q 248 -11.27 87.15 -137.51
N CYS Q 249 -10.63 87.91 -136.61
CA CYS Q 249 -9.46 87.41 -135.89
C CYS Q 249 -9.80 86.29 -134.93
N GLN Q 250 -10.87 86.47 -134.16
CA GLN Q 250 -11.10 85.62 -132.99
C GLN Q 250 -11.56 84.23 -133.39
N GLY Q 251 -12.39 84.13 -134.44
CA GLY Q 251 -12.68 82.84 -135.01
C GLY Q 251 -11.46 82.11 -135.55
N LEU Q 252 -10.44 82.86 -136.01
CA LEU Q 252 -9.20 82.22 -136.42
C LEU Q 252 -8.43 81.69 -135.22
N LEU Q 253 -8.48 82.42 -134.10
CA LEU Q 253 -7.94 81.90 -132.85
C LEU Q 253 -8.62 80.60 -132.47
N LEU Q 254 -9.96 80.57 -132.49
CA LEU Q 254 -10.67 79.34 -132.16
C LEU Q 254 -10.27 78.21 -133.11
N LYS Q 255 -10.34 78.49 -134.41
CA LYS Q 255 -9.95 77.57 -135.47
C LYS Q 255 -8.59 76.96 -135.14
N LEU Q 256 -7.74 77.79 -134.55
CA LEU Q 256 -6.33 77.44 -134.36
C LEU Q 256 -6.14 76.60 -133.11
N VAL Q 257 -6.80 76.94 -132.01
CA VAL Q 257 -6.71 76.14 -130.78
C VAL Q 257 -7.31 74.76 -131.02
N MET Q 258 -8.55 74.72 -131.55
CA MET Q 258 -9.13 73.43 -131.93
C MET Q 258 -8.27 72.71 -132.96
N GLN Q 259 -7.56 73.44 -133.83
CA GLN Q 259 -6.75 72.76 -134.83
C GLN Q 259 -5.57 72.05 -134.18
N CYS Q 260 -4.98 72.68 -133.16
CA CYS Q 260 -4.14 71.93 -132.24
C CYS Q 260 -5.08 71.20 -131.30
N ALA Q 261 -4.64 70.89 -130.09
CA ALA Q 261 -5.59 70.42 -129.08
C ALA Q 261 -5.37 71.21 -127.83
N LEU Q 262 -5.10 72.49 -128.00
CA LEU Q 262 -4.73 73.31 -126.88
C LEU Q 262 -5.94 73.56 -126.00
N PRO Q 263 -5.71 73.65 -124.69
CA PRO Q 263 -6.79 74.03 -123.79
C PRO Q 263 -7.23 75.46 -124.04
N PRO Q 264 -8.50 75.78 -123.77
CA PRO Q 264 -9.05 77.08 -124.20
C PRO Q 264 -8.37 78.29 -123.56
N GLU Q 265 -7.40 78.08 -122.67
CA GLU Q 265 -6.66 79.23 -122.14
C GLU Q 265 -5.81 79.89 -123.23
N PHE Q 266 -5.33 79.11 -124.20
CA PHE Q 266 -4.44 79.66 -125.20
C PHE Q 266 -5.16 80.58 -126.18
N TYR Q 267 -6.49 80.45 -126.30
CA TYR Q 267 -7.25 81.45 -127.02
C TYR Q 267 -7.06 82.82 -126.39
N PHE Q 268 -7.20 82.89 -125.06
CA PHE Q 268 -7.06 84.18 -124.42
C PHE Q 268 -5.60 84.61 -124.30
N TYR Q 269 -4.68 83.66 -124.07
CA TYR Q 269 -3.26 83.96 -124.17
C TYR Q 269 -2.94 84.69 -125.46
N THR Q 270 -3.06 83.97 -126.59
CA THR Q 270 -2.68 84.55 -127.87
C THR Q 270 -3.49 85.80 -128.18
N LYS Q 271 -4.79 85.81 -127.85
CA LYS Q 271 -5.58 87.03 -128.00
C LYS Q 271 -4.95 88.19 -127.25
N GLN Q 272 -4.32 87.91 -126.11
CA GLN Q 272 -3.72 88.97 -125.31
C GLN Q 272 -2.39 89.44 -125.87
N VAL Q 273 -1.51 88.52 -126.30
CA VAL Q 273 -0.29 88.98 -126.97
C VAL Q 273 -0.66 89.78 -128.22
N ILE Q 274 -1.70 89.33 -128.93
CA ILE Q 274 -2.23 90.07 -130.07
C ILE Q 274 -2.56 91.50 -129.68
N GLU Q 275 -3.41 91.67 -128.66
CA GLU Q 275 -3.73 93.02 -128.21
C GLU Q 275 -2.49 93.76 -127.74
N PHE Q 276 -1.46 93.02 -127.29
CA PHE Q 276 -0.27 93.62 -126.72
C PHE Q 276 0.55 94.34 -127.78
N GLU Q 277 0.78 93.70 -128.91
CA GLU Q 277 1.56 94.35 -129.96
C GLU Q 277 0.73 95.23 -130.86
N GLU Q 278 -0.55 94.92 -131.08
CA GLU Q 278 -1.38 95.68 -132.01
C GLU Q 278 -2.46 96.54 -131.34
N THR Q 279 -3.10 96.06 -130.27
CA THR Q 279 -4.37 96.56 -129.72
C THR Q 279 -5.54 96.30 -130.69
N ASP Q 280 -5.37 95.27 -131.52
CA ASP Q 280 -6.33 94.74 -132.47
C ASP Q 280 -6.75 95.76 -133.52
N ILE Q 281 -5.86 95.96 -134.50
CA ILE Q 281 -6.11 96.70 -135.72
C ILE Q 281 -5.37 95.95 -136.82
N ARG Q 282 -6.12 95.44 -137.80
CA ARG Q 282 -5.54 94.54 -138.80
C ARG Q 282 -6.04 94.86 -140.20
N ASN Q 283 -5.09 95.16 -141.08
CA ASN Q 283 -5.34 95.72 -142.40
C ASN Q 283 -5.27 94.62 -143.46
N LEU Q 284 -5.47 95.01 -144.73
CA LEU Q 284 -5.36 94.12 -145.88
C LEU Q 284 -4.36 94.56 -146.95
N THR Q 285 -4.16 95.85 -147.17
CA THR Q 285 -3.16 96.22 -148.17
C THR Q 285 -1.77 95.98 -147.61
N LEU Q 286 -0.89 95.51 -148.48
CA LEU Q 286 0.55 95.57 -148.33
C LEU Q 286 1.13 96.10 -149.62
N TRP Q 287 0.41 97.03 -150.23
CA TRP Q 287 0.57 97.39 -151.63
C TRP Q 287 1.41 98.64 -151.79
N GLU Q 288 2.42 98.55 -152.66
CA GLU Q 288 3.07 99.67 -153.34
C GLU Q 288 3.47 99.10 -154.70
N ARG Q 289 2.56 99.21 -155.68
CA ARG Q 289 2.59 98.35 -156.87
C ARG Q 289 3.99 98.29 -157.47
N THR Q 290 4.54 97.09 -157.51
CA THR Q 290 5.90 96.86 -157.97
C THR Q 290 6.10 95.37 -158.12
N ASP Q 291 7.37 94.96 -158.05
CA ASP Q 291 7.72 93.73 -157.36
C ASP Q 291 8.58 94.01 -156.14
N GLU Q 292 9.15 95.22 -156.05
CA GLU Q 292 10.22 95.49 -155.10
C GLU Q 292 9.70 95.60 -153.67
N ARG Q 293 10.44 94.99 -152.74
CA ARG Q 293 10.20 94.99 -151.31
C ARG Q 293 11.36 94.27 -150.65
N HIS Q 294 11.83 94.79 -149.51
CA HIS Q 294 12.94 94.11 -148.85
C HIS Q 294 13.02 94.32 -147.34
N THR Q 295 12.17 95.18 -146.77
CA THR Q 295 12.11 95.27 -145.31
C THR Q 295 10.80 95.89 -144.87
N GLY Q 296 10.29 95.41 -143.73
CA GLY Q 296 9.04 95.83 -143.17
C GLY Q 296 7.81 95.11 -143.69
N ARG Q 297 7.93 94.38 -144.80
CA ARG Q 297 6.77 93.88 -145.53
C ARG Q 297 6.89 92.39 -145.85
N VAL Q 298 7.51 91.61 -144.96
CA VAL Q 298 7.28 90.17 -144.94
C VAL Q 298 6.09 89.84 -144.04
N SER Q 299 5.77 90.74 -143.12
CA SER Q 299 4.79 90.53 -142.07
C SER Q 299 3.89 91.75 -142.08
N ASN Q 300 2.93 91.75 -142.99
CA ASN Q 300 1.83 92.73 -142.87
C ASN Q 300 0.59 92.21 -143.58
N HIS Q 301 0.57 90.92 -143.88
CA HIS Q 301 -0.67 90.18 -144.06
C HIS Q 301 -1.11 89.70 -142.68
N ALA Q 302 -2.29 90.15 -142.25
CA ALA Q 302 -2.70 90.00 -140.85
C ALA Q 302 -2.55 88.56 -140.38
N GLU Q 303 -3.12 87.63 -141.14
CA GLU Q 303 -3.14 86.24 -140.73
C GLU Q 303 -1.75 85.76 -140.32
N LEU Q 304 -0.78 85.86 -141.24
CA LEU Q 304 0.56 85.36 -140.96
C LEU Q 304 1.09 85.89 -139.63
N ARG Q 305 0.76 87.13 -139.29
CA ARG Q 305 1.14 87.66 -137.98
C ARG Q 305 0.35 86.96 -136.88
N VAL Q 306 -0.92 86.67 -137.12
CA VAL Q 306 -1.71 85.91 -136.15
C VAL Q 306 -1.04 84.57 -135.84
N LEU Q 307 -0.76 83.78 -136.88
CA LEU Q 307 -0.03 82.53 -136.67
C LEU Q 307 1.27 82.78 -135.92
N SER Q 308 1.95 83.88 -136.21
CA SER Q 308 3.23 84.16 -135.56
C SER Q 308 3.05 84.40 -134.06
N TYR Q 309 2.08 85.23 -133.69
CA TYR Q 309 1.71 85.41 -132.29
C TYR Q 309 1.31 84.09 -131.64
N PHE Q 310 0.62 83.24 -132.39
CA PHE Q 310 0.16 81.96 -131.86
C PHE Q 310 1.36 81.10 -131.46
N MET Q 311 2.24 80.82 -132.42
CA MET Q 311 3.48 80.11 -132.16
C MET Q 311 4.24 80.72 -130.98
N LEU Q 312 4.53 82.02 -131.09
CA LEU Q 312 5.27 82.73 -130.04
C LEU Q 312 4.63 82.47 -128.69
N THR Q 313 3.35 82.81 -128.58
CA THR Q 313 2.57 82.55 -127.38
C THR Q 313 2.89 81.16 -126.83
N ILE Q 314 2.70 80.11 -127.64
CA ILE Q 314 2.94 78.76 -127.13
C ILE Q 314 4.35 78.62 -126.57
N ASN Q 315 5.34 79.15 -127.29
CA ASN Q 315 6.73 78.99 -126.84
C ASN Q 315 6.98 79.72 -125.52
N TRP Q 316 6.66 81.00 -125.47
CA TRP Q 316 6.85 81.81 -124.28
C TRP Q 316 6.07 81.21 -123.12
N MET Q 317 4.74 81.28 -123.23
CA MET Q 317 3.83 80.69 -122.25
C MET Q 317 4.29 79.35 -121.69
N LEU Q 318 4.62 78.41 -122.57
CA LEU Q 318 4.96 77.09 -122.07
C LEU Q 318 6.36 77.05 -121.46
N SER Q 319 7.29 77.85 -121.96
CA SER Q 319 8.64 77.83 -121.43
C SER Q 319 8.84 78.78 -120.26
N PHE Q 320 7.76 79.44 -119.79
CA PHE Q 320 7.85 80.31 -118.62
C PHE Q 320 6.65 80.12 -117.70
N ASP Q 321 6.11 78.91 -117.61
CA ASP Q 321 5.07 78.61 -116.62
C ASP Q 321 5.73 78.32 -115.28
N ARG Q 322 6.43 79.33 -114.75
CA ARG Q 322 7.08 79.19 -113.45
C ARG Q 322 6.14 78.64 -112.40
N ASP Q 323 4.83 78.77 -112.63
CA ASP Q 323 3.84 78.02 -111.87
C ASP Q 323 4.03 76.51 -112.02
N ARG Q 324 4.52 76.05 -113.17
CA ARG Q 324 4.50 74.65 -113.58
C ARG Q 324 3.06 74.18 -113.79
N GLN Q 325 2.30 74.99 -114.54
CA GLN Q 325 0.91 74.69 -114.84
C GLN Q 325 0.79 73.65 -115.95
N TYR Q 326 1.77 73.56 -116.84
CA TYR Q 326 1.70 72.70 -118.02
C TYR Q 326 2.80 71.65 -117.97
N PRO Q 327 2.46 70.41 -117.62
CA PRO Q 327 3.48 69.42 -117.24
C PRO Q 327 4.49 69.13 -118.32
N LEU Q 328 5.70 68.76 -117.88
CA LEU Q 328 6.75 68.32 -118.78
C LEU Q 328 6.27 67.17 -119.67
N LYS Q 329 5.28 66.40 -119.21
CA LYS Q 329 4.72 65.27 -119.94
C LYS Q 329 3.61 65.68 -120.91
N TRP Q 330 2.61 66.42 -120.41
CA TRP Q 330 1.46 66.79 -121.21
C TRP Q 330 1.84 67.52 -122.49
N ILE Q 331 3.04 68.11 -122.54
CA ILE Q 331 3.53 68.64 -123.80
C ILE Q 331 3.87 67.51 -124.76
N LEU Q 332 4.41 66.41 -124.22
CA LEU Q 332 4.62 65.24 -125.06
C LEU Q 332 3.30 64.62 -125.50
N SER Q 333 2.39 64.34 -124.55
CA SER Q 333 1.11 63.73 -124.92
C SER Q 333 0.32 64.61 -125.87
N LEU Q 334 0.47 65.92 -125.73
CA LEU Q 334 -0.10 66.83 -126.72
C LEU Q 334 0.54 66.63 -128.08
N THR Q 335 1.87 66.55 -128.12
CA THR Q 335 2.57 66.31 -129.40
C THR Q 335 2.10 65.00 -130.03
N GLU Q 336 1.87 63.96 -129.22
CA GLU Q 336 1.52 62.66 -129.77
C GLU Q 336 0.07 62.62 -130.23
N SER Q 337 -0.85 63.20 -129.45
CA SER Q 337 -2.24 63.28 -129.89
C SER Q 337 -2.37 64.12 -131.15
N LEU Q 338 -1.49 65.11 -131.31
CA LEU Q 338 -1.43 65.87 -132.55
C LEU Q 338 -0.84 65.06 -133.69
N THR Q 339 0.07 64.13 -133.38
CA THR Q 339 0.81 63.42 -134.41
C THR Q 339 0.05 62.22 -134.96
N GLN Q 340 -0.77 61.57 -134.12
CA GLN Q 340 -1.46 60.34 -134.51
C GLN Q 340 -2.32 60.54 -135.77
N ARG Q 341 -1.85 60.03 -136.90
CA ARG Q 341 -2.58 60.13 -138.15
C ARG Q 341 -3.89 59.34 -138.08
N THR Q 342 -5.00 60.05 -137.99
CA THR Q 342 -6.32 59.46 -137.95
C THR Q 342 -7.15 59.99 -139.10
N THR Q 343 -8.26 59.31 -139.40
CA THR Q 343 -8.99 59.51 -140.65
C THR Q 343 -10.30 60.24 -140.39
N THR Q 344 -10.20 61.57 -140.29
CA THR Q 344 -11.34 62.47 -140.34
C THR Q 344 -11.32 63.22 -141.66
N SER Q 345 -12.46 63.84 -141.99
CA SER Q 345 -12.53 64.67 -143.21
C SER Q 345 -11.36 65.64 -143.25
N GLU Q 346 -11.05 66.28 -142.12
CA GLU Q 346 -9.99 67.28 -142.07
C GLU Q 346 -8.63 66.70 -142.44
N SER Q 347 -8.12 65.77 -141.62
CA SER Q 347 -6.78 65.25 -141.85
C SER Q 347 -6.64 64.66 -143.26
N ILE Q 348 -7.68 63.94 -143.71
CA ILE Q 348 -7.70 63.45 -145.08
C ILE Q 348 -7.52 64.61 -146.06
N GLY Q 349 -8.22 65.72 -145.80
CA GLY Q 349 -8.03 66.90 -146.62
C GLY Q 349 -6.60 67.38 -146.62
N ARG Q 350 -6.04 67.60 -145.42
CA ARG Q 350 -4.66 68.08 -145.33
C ARG Q 350 -3.68 67.14 -146.03
N ASN Q 351 -3.98 65.84 -146.08
CA ASN Q 351 -3.20 64.96 -146.93
C ASN Q 351 -3.35 65.34 -148.40
N ILE Q 352 -4.59 65.58 -148.84
CA ILE Q 352 -4.85 65.98 -150.23
C ILE Q 352 -4.09 67.27 -150.58
N VAL Q 353 -4.02 68.21 -149.63
CA VAL Q 353 -3.26 69.43 -149.87
C VAL Q 353 -1.76 69.12 -149.86
N LYS Q 354 -1.33 68.23 -148.94
CA LYS Q 354 0.07 67.84 -148.88
C LYS Q 354 0.56 67.34 -150.23
N VAL Q 355 -0.34 66.75 -151.03
CA VAL Q 355 0.10 66.17 -152.30
C VAL Q 355 0.54 67.24 -153.30
N VAL Q 356 -0.03 68.45 -153.23
CA VAL Q 356 0.26 69.52 -154.19
C VAL Q 356 0.98 70.70 -153.57
N TYR Q 357 1.60 70.51 -152.44
CA TYR Q 357 2.48 71.47 -151.78
C TYR Q 357 3.87 71.35 -152.36
N PRO Q 358 4.47 72.49 -152.70
CA PRO Q 358 5.73 72.47 -153.49
C PRO Q 358 6.90 71.73 -152.85
N ASP Q 359 7.12 71.90 -151.55
CA ASP Q 359 8.38 71.48 -150.93
C ASP Q 359 8.26 70.12 -150.22
N LYS Q 360 9.32 69.33 -150.33
CA LYS Q 360 9.57 68.28 -149.36
C LYS Q 360 9.81 68.97 -148.02
N PRO Q 361 9.48 68.31 -146.89
CA PRO Q 361 9.01 66.93 -146.67
C PRO Q 361 7.60 66.56 -147.16
N THR Q 362 6.60 67.43 -147.00
CA THR Q 362 5.17 67.09 -147.11
C THR Q 362 4.84 65.96 -148.10
N SER Q 363 5.63 65.83 -149.15
CA SER Q 363 5.45 64.69 -150.04
C SER Q 363 6.00 63.39 -149.44
N SER Q 364 7.15 63.44 -148.75
CA SER Q 364 7.50 62.32 -147.87
C SER Q 364 6.36 62.01 -146.89
N ASP Q 365 5.57 63.03 -146.55
CA ASP Q 365 4.39 62.78 -145.73
C ASP Q 365 3.37 61.93 -146.47
N TYR Q 366 3.16 62.15 -147.77
CA TYR Q 366 2.30 61.16 -148.44
C TYR Q 366 2.94 59.79 -148.47
N PHE Q 367 4.27 59.73 -148.37
CA PHE Q 367 4.96 58.45 -148.31
C PHE Q 367 4.56 57.67 -147.07
N GLN Q 368 4.37 58.36 -145.94
CA GLN Q 368 4.15 57.69 -144.66
C GLN Q 368 2.66 57.52 -144.29
N TRP Q 369 1.75 57.52 -145.26
CA TRP Q 369 0.32 57.39 -144.95
C TRP Q 369 -0.01 56.01 -144.43
N SER Q 370 -0.94 55.95 -143.48
CA SER Q 370 -1.46 54.69 -142.98
C SER Q 370 -2.34 54.04 -144.03
N GLU Q 371 -2.65 52.76 -143.81
CA GLU Q 371 -3.46 52.05 -144.81
C GLU Q 371 -4.83 52.68 -144.95
N GLU Q 372 -5.40 53.17 -143.85
CA GLU Q 372 -6.72 53.79 -143.94
C GLU Q 372 -6.64 55.14 -144.63
N GLU Q 373 -5.56 55.89 -144.38
CA GLU Q 373 -5.35 57.16 -145.10
C GLU Q 373 -5.27 56.92 -146.61
N THR Q 374 -4.46 55.95 -147.02
CA THR Q 374 -4.38 55.60 -148.44
C THR Q 374 -5.74 55.16 -148.96
N LEU Q 375 -6.53 54.46 -148.14
CA LEU Q 375 -7.81 53.96 -148.60
C LEU Q 375 -8.80 55.10 -148.84
N GLU Q 376 -9.03 55.92 -147.81
CA GLU Q 376 -9.85 57.11 -147.99
C GLU Q 376 -9.31 58.00 -149.09
N PHE Q 377 -8.01 57.89 -149.38
CA PHE Q 377 -7.44 58.63 -150.50
C PHE Q 377 -7.97 58.11 -151.82
N LEU Q 378 -7.82 56.81 -152.08
CA LEU Q 378 -8.39 56.26 -153.31
C LEU Q 378 -9.88 56.51 -153.40
N LYS Q 379 -10.57 56.55 -152.26
CA LYS Q 379 -11.97 56.93 -152.25
C LYS Q 379 -12.13 58.33 -152.83
N TRP Q 380 -11.40 59.30 -152.29
CA TRP Q 380 -11.46 60.66 -152.81
C TRP Q 380 -11.01 60.75 -154.26
N MET Q 381 -10.22 59.76 -154.71
CA MET Q 381 -9.74 59.72 -156.08
C MET Q 381 -10.86 59.31 -157.02
N GLU Q 382 -11.57 58.23 -156.70
CA GLU Q 382 -12.70 57.83 -157.55
C GLU Q 382 -13.89 58.77 -157.41
N LYS Q 383 -13.97 59.56 -156.33
CA LYS Q 383 -15.07 60.50 -156.19
C LYS Q 383 -14.77 61.81 -156.92
N GLN Q 384 -13.64 62.44 -156.60
CA GLN Q 384 -13.36 63.79 -157.07
C GLN Q 384 -12.36 63.86 -158.21
N PHE Q 385 -11.82 62.72 -158.65
CA PHE Q 385 -11.17 62.63 -159.96
C PHE Q 385 -12.06 61.95 -160.98
N LEU Q 386 -13.37 62.11 -160.84
CA LEU Q 386 -14.28 62.09 -161.96
C LEU Q 386 -14.27 63.52 -162.52
N PRO Q 387 -14.07 64.57 -161.67
CA PRO Q 387 -13.56 65.85 -162.19
C PRO Q 387 -12.16 65.72 -162.78
N THR Q 388 -12.02 64.85 -163.78
CA THR Q 388 -10.80 64.67 -164.53
C THR Q 388 -10.78 65.67 -165.68
N GLN Q 389 -9.80 65.55 -166.58
CA GLN Q 389 -9.67 66.45 -167.71
C GLN Q 389 -9.28 65.67 -168.95
N THR Q 390 -9.84 66.06 -170.09
CA THR Q 390 -9.77 65.30 -171.34
C THR Q 390 -10.14 63.84 -171.14
N ASP Q 405 -14.98 49.81 -181.34
CA ASP Q 405 -13.62 49.39 -181.67
C ASP Q 405 -12.73 49.33 -180.43
N GLN Q 406 -11.64 50.08 -180.47
CA GLN Q 406 -10.71 50.09 -179.35
C GLN Q 406 -11.30 50.75 -178.11
N LYS Q 407 -12.23 51.68 -178.30
CA LYS Q 407 -12.81 52.39 -177.16
C LYS Q 407 -13.68 51.45 -176.32
N ILE Q 408 -14.69 50.83 -176.94
CA ILE Q 408 -15.47 49.81 -176.25
C ILE Q 408 -14.57 48.66 -175.83
N ALA Q 409 -13.50 48.41 -176.60
CA ALA Q 409 -12.51 47.42 -176.20
C ALA Q 409 -11.80 47.80 -174.91
N ARG Q 410 -11.78 49.08 -174.57
CA ARG Q 410 -11.25 49.54 -173.29
C ARG Q 410 -12.34 49.72 -172.24
N ARG Q 411 -13.62 49.73 -172.64
CA ARG Q 411 -14.68 49.65 -171.66
C ARG Q 411 -14.86 48.23 -171.14
N LYS Q 412 -14.75 47.24 -172.03
CA LYS Q 412 -14.67 45.85 -171.61
C LYS Q 412 -13.29 45.54 -171.05
N LEU Q 413 -12.25 46.11 -171.64
CA LEU Q 413 -10.89 45.92 -171.17
C LEU Q 413 -10.73 46.40 -169.73
N TYR Q 414 -11.15 47.63 -169.43
CA TYR Q 414 -11.12 48.07 -168.04
C TYR Q 414 -12.17 47.35 -167.21
N LYS Q 415 -13.32 47.02 -167.82
CA LYS Q 415 -14.33 46.22 -167.13
C LYS Q 415 -13.88 44.76 -166.90
N ILE Q 416 -12.62 44.45 -167.21
CA ILE Q 416 -12.05 43.15 -166.86
C ILE Q 416 -11.70 43.10 -165.38
N PHE Q 417 -11.32 44.23 -164.79
CA PHE Q 417 -10.94 44.28 -163.38
C PHE Q 417 -11.77 45.34 -162.67
N PRO Q 418 -12.36 45.00 -161.52
CA PRO Q 418 -13.49 45.77 -160.99
C PRO Q 418 -13.13 47.21 -160.63
N LEU Q 419 -13.93 48.14 -161.17
CA LEU Q 419 -13.79 49.54 -160.81
C LEU Q 419 -14.20 49.81 -159.37
N ASP Q 420 -15.08 48.96 -158.82
CA ASP Q 420 -15.53 49.08 -157.43
C ASP Q 420 -16.19 50.43 -157.13
N SER Q 432 -23.21 53.00 -138.89
CA SER Q 432 -22.37 52.09 -139.67
C SER Q 432 -21.31 52.82 -140.51
N THR Q 433 -21.13 54.11 -140.25
CA THR Q 433 -20.07 54.88 -140.89
C THR Q 433 -18.85 54.89 -139.98
N HIS Q 434 -17.75 54.30 -140.45
CA HIS Q 434 -16.59 54.05 -139.59
C HIS Q 434 -15.85 55.33 -139.23
N GLN Q 435 -15.36 56.05 -140.24
CA GLN Q 435 -14.59 57.27 -139.98
C GLN Q 435 -15.44 58.25 -139.19
N LEU Q 436 -14.80 58.93 -138.23
CA LEU Q 436 -15.47 59.81 -137.29
C LEU Q 436 -15.37 61.27 -137.71
N THR Q 437 -16.19 62.10 -137.09
CA THR Q 437 -16.29 63.51 -137.46
C THR Q 437 -15.17 64.32 -136.82
N PHE Q 438 -15.22 65.63 -137.02
CA PHE Q 438 -14.16 66.52 -136.56
C PHE Q 438 -14.19 66.66 -135.04
N ILE Q 439 -15.31 67.10 -134.48
CA ILE Q 439 -15.38 67.31 -133.03
C ILE Q 439 -15.28 66.00 -132.28
N GLU Q 440 -15.58 64.87 -132.93
CA GLU Q 440 -15.32 63.58 -132.30
C GLU Q 440 -13.83 63.37 -132.11
N ASP Q 441 -13.05 63.49 -133.18
CA ASP Q 441 -11.60 63.38 -133.06
C ASP Q 441 -11.06 64.38 -132.05
N LEU Q 442 -11.53 65.63 -132.14
CA LEU Q 442 -11.10 66.68 -131.24
C LEU Q 442 -11.36 66.30 -129.79
N GLN Q 443 -12.59 65.87 -129.50
CA GLN Q 443 -12.93 65.39 -128.17
C GLN Q 443 -11.98 64.29 -127.74
N GLU Q 444 -11.70 63.34 -128.64
CA GLU Q 444 -11.01 62.14 -128.19
C GLU Q 444 -9.53 62.40 -127.94
N ARG Q 445 -8.91 63.36 -128.62
CA ARG Q 445 -7.54 63.68 -128.22
C ARG Q 445 -7.52 64.60 -127.02
N TYR Q 446 -8.54 65.45 -126.88
CA TYR Q 446 -8.72 66.18 -125.64
C TYR Q 446 -8.79 65.23 -124.45
N ALA Q 447 -9.38 64.06 -124.65
CA ALA Q 447 -9.42 63.05 -123.59
C ALA Q 447 -8.10 62.29 -123.53
N LYS Q 448 -7.49 62.04 -124.68
CA LYS Q 448 -6.21 61.35 -124.72
C LYS Q 448 -5.16 62.09 -123.90
N GLN Q 449 -5.37 63.38 -123.64
CA GLN Q 449 -4.50 64.10 -122.74
C GLN Q 449 -5.11 64.32 -121.35
N THR Q 450 -6.30 63.74 -121.09
CA THR Q 450 -7.09 64.19 -119.93
C THR Q 450 -6.42 63.91 -118.59
N PRO Q 451 -5.43 62.95 -118.47
CA PRO Q 451 -4.48 63.06 -117.35
C PRO Q 451 -3.68 64.35 -117.41
N PHE Q 452 -4.28 65.36 -116.79
CA PHE Q 452 -3.68 66.66 -116.55
C PHE Q 452 -3.42 66.84 -115.06
N PHE Q 453 -4.47 66.71 -114.26
CA PHE Q 453 -4.42 66.84 -112.82
C PHE Q 453 -3.88 65.57 -112.16
N PRO Q 469 14.52 68.10 -116.97
CA PRO Q 469 13.93 69.42 -116.72
C PRO Q 469 14.33 70.53 -117.71
N PRO Q 470 15.57 70.53 -118.25
CA PRO Q 470 15.86 71.45 -119.36
C PRO Q 470 15.55 70.82 -120.71
N ALA Q 471 15.47 69.50 -120.75
CA ALA Q 471 15.09 68.79 -121.95
C ALA Q 471 13.57 68.75 -122.16
N ARG Q 472 12.82 69.56 -121.41
CA ARG Q 472 11.43 69.83 -121.79
C ARG Q 472 11.38 70.88 -122.89
N LYS Q 473 12.41 71.71 -123.00
CA LYS Q 473 12.56 72.57 -124.17
C LYS Q 473 12.48 71.77 -125.44
N GLU Q 474 12.95 70.51 -125.40
CA GLU Q 474 12.78 69.62 -126.56
C GLU Q 474 11.31 69.42 -126.87
N ALA Q 475 10.50 69.11 -125.86
CA ALA Q 475 9.07 68.92 -126.08
C ALA Q 475 8.46 70.18 -126.67
N ILE Q 476 8.82 71.33 -126.11
CA ILE Q 476 8.38 72.62 -126.66
C ILE Q 476 8.70 72.70 -128.15
N GLY Q 477 9.92 72.31 -128.51
CA GLY Q 477 10.38 72.52 -129.87
C GLY Q 477 9.75 71.57 -130.87
N ARG Q 478 9.62 70.28 -130.50
CA ARG Q 478 8.99 69.37 -131.44
C ARG Q 478 7.51 69.69 -131.60
N LEU Q 479 6.85 70.15 -130.52
CA LEU Q 479 5.46 70.57 -130.65
C LEU Q 479 5.36 71.76 -131.58
N LEU Q 480 6.21 72.77 -131.37
CA LEU Q 480 6.20 73.95 -132.23
C LEU Q 480 6.47 73.57 -133.68
N THR Q 481 7.41 72.65 -133.93
CA THR Q 481 7.71 72.31 -135.32
C THR Q 481 6.59 71.51 -135.97
N HIS Q 482 5.90 70.65 -135.21
CA HIS Q 482 4.75 69.95 -135.80
C HIS Q 482 3.63 70.93 -136.12
N ILE Q 483 3.28 71.78 -135.14
CA ILE Q 483 2.29 72.82 -135.37
C ILE Q 483 2.66 73.63 -136.61
N ALA Q 484 3.91 74.10 -136.66
CA ALA Q 484 4.39 74.80 -137.84
C ALA Q 484 4.08 74.01 -139.11
N SER Q 485 4.49 72.74 -139.17
CA SER Q 485 4.21 71.93 -140.36
C SER Q 485 2.75 72.07 -140.79
N GLN Q 486 1.83 71.84 -139.85
CA GLN Q 486 0.42 71.90 -140.20
C GLN Q 486 0.07 73.25 -140.78
N LEU Q 487 0.60 74.32 -140.22
CA LEU Q 487 0.26 75.65 -140.69
C LEU Q 487 0.83 75.91 -142.07
N LEU Q 488 2.05 75.45 -142.33
CA LEU Q 488 2.67 75.65 -143.63
C LEU Q 488 1.84 75.00 -144.73
N VAL Q 489 1.41 73.74 -144.55
CA VAL Q 489 0.59 73.16 -145.60
C VAL Q 489 -0.77 73.82 -145.65
N ASP Q 490 -1.32 74.18 -144.49
CA ASP Q 490 -2.71 74.58 -144.43
C ASP Q 490 -2.92 75.98 -145.01
N PHE Q 491 -1.97 76.88 -144.76
CA PHE Q 491 -2.04 78.27 -145.18
C PHE Q 491 -1.18 78.57 -146.42
N ALA Q 492 -0.75 77.52 -147.13
CA ALA Q 492 -0.01 77.60 -148.40
C ALA Q 492 1.05 78.70 -148.37
N ILE Q 493 2.01 78.56 -147.46
CA ILE Q 493 3.19 79.41 -147.50
C ILE Q 493 4.44 78.54 -147.40
N SER Q 494 5.59 79.17 -147.26
CA SER Q 494 6.88 78.48 -147.16
C SER Q 494 7.31 78.34 -145.71
N LYS Q 495 8.08 77.30 -145.44
CA LYS Q 495 8.89 77.26 -144.22
C LYS Q 495 9.56 78.61 -143.99
N GLU Q 496 10.36 79.03 -144.97
CA GLU Q 496 11.16 80.23 -144.85
C GLU Q 496 10.29 81.46 -144.69
N GLN Q 497 9.13 81.48 -145.37
CA GLN Q 497 8.19 82.59 -145.20
C GLN Q 497 7.75 82.72 -143.76
N LEU Q 498 7.16 81.64 -143.22
CA LEU Q 498 6.67 81.64 -141.84
C LEU Q 498 7.75 82.07 -140.87
N LYS Q 499 8.89 81.39 -140.88
CA LYS Q 499 9.92 81.73 -139.90
C LYS Q 499 10.45 83.15 -140.10
N ASP Q 500 10.43 83.67 -141.34
CA ASP Q 500 10.73 85.07 -141.52
C ASP Q 500 9.73 85.93 -140.73
N CYS Q 501 8.45 85.61 -140.85
CA CYS Q 501 7.42 86.45 -140.23
C CYS Q 501 7.49 86.37 -138.71
N ILE Q 502 7.53 85.15 -138.16
CA ILE Q 502 7.54 85.04 -136.71
C ILE Q 502 8.89 85.48 -136.13
N SER Q 503 9.96 85.41 -136.92
CA SER Q 503 11.21 86.02 -136.48
C SER Q 503 11.07 87.52 -136.37
N ARG Q 504 10.58 88.15 -137.45
CA ARG Q 504 10.45 89.60 -137.48
C ARG Q 504 9.55 90.08 -136.33
N ILE Q 505 8.36 89.50 -136.23
CA ILE Q 505 7.39 89.95 -135.26
C ILE Q 505 7.76 89.51 -133.84
N LYS Q 506 8.63 88.49 -133.72
CA LYS Q 506 9.20 88.16 -132.42
C LYS Q 506 10.17 89.24 -131.96
N ASN Q 507 11.07 89.68 -132.84
CA ASN Q 507 11.89 90.83 -132.51
C ASN Q 507 11.04 92.09 -132.35
N ALA Q 508 9.84 92.10 -132.95
CA ALA Q 508 8.90 93.19 -132.80
C ALA Q 508 8.19 93.17 -131.46
N CYS Q 509 8.18 92.02 -130.78
CA CYS Q 509 7.70 91.99 -129.40
C CYS Q 509 8.82 92.17 -128.39
N LEU Q 510 10.00 91.63 -128.68
CA LEU Q 510 11.16 91.93 -127.83
C LEU Q 510 11.47 93.41 -127.82
N HIS Q 511 11.28 94.09 -128.96
CA HIS Q 511 11.61 95.51 -129.05
C HIS Q 511 10.63 96.36 -128.24
N ARG Q 512 9.33 96.05 -128.31
CA ARG Q 512 8.33 96.77 -127.53
C ARG Q 512 8.16 96.20 -126.13
N MET Q 513 9.02 95.25 -125.76
CA MET Q 513 9.11 94.72 -124.40
C MET Q 513 10.34 95.20 -123.66
N ASN Q 514 11.51 95.26 -124.32
CA ASN Q 514 12.72 95.74 -123.66
C ASN Q 514 12.69 97.25 -123.49
N MET R 1 8.37 58.83 -156.39
CA MET R 1 9.77 58.50 -156.58
C MET R 1 9.89 57.31 -157.53
N PHE R 2 8.79 56.99 -158.20
CA PHE R 2 8.76 55.91 -159.17
C PHE R 2 8.35 56.44 -160.54
N GLU R 3 8.73 55.69 -161.58
CA GLU R 3 8.38 56.01 -162.96
C GLU R 3 6.88 56.25 -163.09
N VAL R 4 6.51 57.22 -163.90
CA VAL R 4 5.10 57.53 -164.09
C VAL R 4 4.64 56.93 -165.42
N PRO R 5 3.43 56.36 -165.49
CA PRO R 5 2.91 55.82 -166.75
C PRO R 5 2.07 56.84 -167.49
N ILE R 6 2.65 58.02 -167.74
CA ILE R 6 2.03 59.06 -168.55
C ILE R 6 3.09 59.69 -169.44
N THR R 7 2.66 60.18 -170.60
CA THR R 7 3.51 61.01 -171.44
C THR R 7 3.92 62.28 -170.69
N LEU R 8 5.18 62.68 -170.86
CA LEU R 8 5.73 63.74 -170.04
C LEU R 8 5.22 65.12 -170.48
N THR R 9 4.97 66.00 -169.50
CA THR R 9 4.59 67.38 -169.78
C THR R 9 5.52 67.95 -170.85
N ASN R 10 4.93 68.68 -171.80
CA ASN R 10 5.54 68.82 -173.12
C ASN R 10 6.50 70.00 -173.24
N ARG R 11 6.04 71.20 -172.90
CA ARG R 11 6.60 72.43 -173.47
C ARG R 11 8.11 72.52 -173.33
N LYS R 12 8.60 72.62 -172.09
CA LYS R 12 9.99 72.99 -171.89
C LYS R 12 10.96 71.85 -172.19
N PHE R 13 10.57 70.61 -171.88
CA PHE R 13 11.50 69.50 -172.07
C PHE R 13 11.85 69.29 -173.53
N ALA R 14 10.92 69.63 -174.43
CA ALA R 14 11.18 69.51 -175.85
C ALA R 14 12.16 70.57 -176.35
N GLN R 15 12.02 71.82 -175.89
CA GLN R 15 12.94 72.84 -176.35
C GLN R 15 14.32 72.67 -175.70
N ARG R 16 14.38 72.11 -174.50
CA ARG R 16 15.68 71.69 -173.96
C ARG R 16 16.28 70.58 -174.81
N ARG R 17 15.46 69.62 -175.26
CA ARG R 17 15.97 68.59 -176.16
C ARG R 17 16.53 69.23 -177.43
N LYS R 18 15.87 70.27 -177.94
CA LYS R 18 16.37 71.04 -179.08
C LYS R 18 17.76 71.57 -178.78
N LEU R 19 17.86 72.50 -177.82
CA LEU R 19 19.15 73.10 -177.49
C LEU R 19 20.23 72.03 -177.34
N LYS R 20 19.89 70.93 -176.65
CA LYS R 20 20.88 69.89 -176.39
C LYS R 20 21.37 69.27 -177.69
N TYR R 21 20.46 68.72 -178.48
CA TYR R 21 20.92 67.98 -179.66
C TYR R 21 21.48 68.92 -180.74
N GLN R 22 21.08 70.20 -180.72
CA GLN R 22 21.62 71.17 -181.66
C GLN R 22 23.07 71.51 -181.34
N TYR R 23 23.35 71.81 -180.06
CA TYR R 23 24.73 71.99 -179.62
C TYR R 23 25.55 70.71 -179.83
N ILE R 24 24.96 69.56 -179.52
CA ILE R 24 25.63 68.28 -179.79
C ILE R 24 26.05 68.21 -181.24
N ASN R 25 25.14 68.59 -182.14
CA ASN R 25 25.44 68.61 -183.56
C ASN R 25 26.64 69.48 -183.87
N TYR R 26 26.66 70.70 -183.33
CA TYR R 26 27.75 71.61 -183.69
C TYR R 26 29.10 71.12 -183.18
N ILE R 27 29.14 70.59 -181.95
CA ILE R 27 30.41 70.13 -181.38
C ILE R 27 30.90 68.89 -182.10
N SER R 28 30.01 67.93 -182.38
CA SER R 28 30.47 66.69 -183.03
C SER R 28 30.82 66.95 -184.50
N ARG R 29 30.09 67.86 -185.16
CA ARG R 29 30.46 68.29 -186.49
C ARG R 29 31.87 68.82 -186.51
N ARG R 30 32.16 69.86 -185.70
CA ARG R 30 33.52 70.41 -185.75
C ARG R 30 34.56 69.39 -185.31
N PHE R 31 34.16 68.41 -184.49
CA PHE R 31 35.09 67.35 -184.10
C PHE R 31 35.49 66.48 -185.29
N ASP R 32 34.51 66.10 -186.13
CA ASP R 32 34.84 65.34 -187.34
C ASP R 32 35.57 66.22 -188.37
N ARG R 33 35.31 67.53 -188.35
CA ARG R 33 36.10 68.44 -189.16
C ARG R 33 37.56 68.39 -188.75
N ILE R 34 37.84 68.38 -187.45
CA ILE R 34 39.22 68.35 -186.99
C ILE R 34 39.84 66.96 -187.14
N SER R 35 39.04 65.90 -187.19
CA SER R 35 39.61 64.59 -187.51
C SER R 35 39.86 64.43 -189.00
N LYS R 36 39.18 65.19 -189.85
CA LYS R 36 39.51 65.24 -191.27
C LYS R 36 40.85 65.93 -191.47
N GLN R 74 14.67 72.40 -184.22
CA GLN R 74 14.01 71.48 -185.14
C GLN R 74 13.92 70.06 -184.59
N GLN R 75 12.67 69.61 -184.43
CA GLN R 75 12.40 68.22 -184.09
C GLN R 75 13.15 67.28 -185.02
N LYS R 76 13.32 67.68 -186.29
CA LYS R 76 14.05 66.85 -187.25
C LYS R 76 15.55 66.88 -187.00
N LYS R 77 16.09 68.00 -186.53
CA LYS R 77 17.51 68.04 -186.16
C LYS R 77 17.78 67.09 -185.01
N ARG R 78 16.93 67.15 -183.99
CA ARG R 78 16.98 66.14 -182.93
C ARG R 78 16.79 64.74 -183.49
N ARG R 79 16.00 64.60 -184.57
CA ARG R 79 15.66 63.28 -185.09
C ARG R 79 16.84 62.63 -185.79
N ARG R 80 17.47 63.34 -186.72
CA ARG R 80 18.68 62.82 -187.34
C ARG R 80 19.77 62.61 -186.30
N GLU R 81 19.87 63.55 -185.36
CA GLU R 81 20.90 63.50 -184.33
C GLU R 81 20.79 62.24 -183.49
N ARG R 82 19.65 62.03 -182.84
CA ARG R 82 19.41 60.77 -182.16
C ARG R 82 19.43 59.59 -183.14
N HIS R 83 19.30 59.86 -184.44
CA HIS R 83 19.14 58.77 -185.40
C HIS R 83 20.45 58.02 -185.64
N TRP R 84 21.44 58.67 -186.26
CA TRP R 84 22.53 57.86 -186.83
C TRP R 84 23.35 57.21 -185.72
N ARG R 85 22.82 56.08 -185.22
CA ARG R 85 23.30 55.32 -184.07
C ARG R 85 22.44 54.08 -183.86
N SER R 86 23.07 52.93 -183.63
CA SER R 86 22.37 51.67 -183.35
C SER R 86 21.26 51.91 -182.34
N VAL R 87 20.01 51.86 -182.81
CA VAL R 87 18.88 52.37 -182.05
C VAL R 87 18.32 51.33 -181.08
N SER R 137 24.35 27.01 -166.92
CA SER R 137 23.48 25.91 -166.54
C SER R 137 22.00 26.30 -166.54
N PHE R 138 21.69 27.54 -166.94
CA PHE R 138 20.31 27.99 -167.03
C PHE R 138 20.16 28.86 -168.27
N GLU R 139 18.92 29.08 -168.66
CA GLU R 139 18.56 29.55 -170.01
C GLU R 139 18.84 31.04 -170.21
N ILE R 140 20.11 31.41 -170.11
CA ILE R 140 20.52 32.80 -170.29
C ILE R 140 20.57 33.14 -171.77
N TRP R 141 19.75 34.10 -172.18
CA TRP R 141 19.75 34.66 -173.53
C TRP R 141 21.03 35.45 -173.81
N ARG R 142 22.17 34.77 -173.77
CA ARG R 142 23.50 35.38 -173.65
C ARG R 142 23.73 36.55 -174.59
N THR R 143 24.66 37.44 -174.20
CA THR R 143 24.93 38.69 -174.89
C THR R 143 25.95 38.46 -176.01
N VAL R 144 26.70 39.49 -176.41
CA VAL R 144 27.82 39.34 -177.33
C VAL R 144 29.08 39.78 -176.58
N SER R 145 29.95 38.82 -176.28
CA SER R 145 31.10 39.08 -175.43
C SER R 145 32.19 39.82 -176.24
N SER R 146 33.40 39.85 -175.68
CA SER R 146 34.51 40.65 -176.21
C SER R 146 35.44 39.75 -177.03
N GLN R 147 35.30 39.82 -178.35
CA GLN R 147 36.34 39.42 -179.29
C GLN R 147 35.95 39.97 -180.64
N ASN R 148 36.97 40.24 -181.47
CA ASN R 148 36.82 40.95 -182.74
C ASN R 148 36.37 42.40 -182.50
N LYS R 149 37.18 43.14 -181.75
CA LYS R 149 36.94 44.56 -181.51
C LYS R 149 38.27 45.31 -181.49
N GLN R 150 38.26 46.52 -182.06
CA GLN R 150 39.45 47.23 -182.51
C GLN R 150 40.29 47.72 -181.33
N PRO R 151 41.62 47.91 -181.52
CA PRO R 151 42.54 47.86 -180.39
C PRO R 151 42.46 49.02 -179.41
N ILE R 152 42.59 50.27 -179.87
CA ILE R 152 42.96 51.31 -178.93
C ILE R 152 42.64 52.70 -179.46
N ASN R 153 42.91 53.71 -178.63
CA ASN R 153 43.08 55.09 -179.04
C ASN R 153 44.00 55.71 -177.98
N LYS R 154 44.82 56.66 -178.39
CA LYS R 154 45.69 57.35 -177.44
C LYS R 154 45.43 58.85 -177.51
N GLN R 155 45.28 59.46 -176.33
CA GLN R 155 44.78 60.80 -176.06
C GLN R 155 44.37 61.61 -177.27
N LYS R 156 43.10 62.01 -177.33
CA LYS R 156 42.67 62.93 -178.36
C LYS R 156 42.53 64.36 -177.86
N MET R 157 42.33 64.56 -176.56
CA MET R 157 41.73 65.82 -176.10
C MET R 157 42.45 66.48 -174.93
N THR R 158 43.39 67.38 -175.26
CA THR R 158 43.92 68.26 -174.23
C THR R 158 43.01 69.45 -174.00
N TYR R 159 43.35 70.24 -172.98
CA TYR R 159 42.58 71.43 -172.65
C TYR R 159 42.49 72.35 -173.85
N HIS R 160 43.65 72.75 -174.37
CA HIS R 160 43.68 73.68 -175.50
C HIS R 160 42.93 73.13 -176.69
N ASN R 161 43.15 71.86 -177.04
CA ASN R 161 42.48 71.28 -178.20
C ASN R 161 40.97 71.20 -177.98
N PHE R 162 40.52 70.77 -176.80
CA PHE R 162 39.09 70.74 -176.56
C PHE R 162 38.48 72.13 -176.70
N LYS R 163 38.99 73.10 -175.94
CA LYS R 163 38.41 74.44 -176.03
C LYS R 163 38.51 75.01 -177.45
N LYS R 164 39.47 74.53 -178.25
CA LYS R 164 39.41 74.76 -179.68
C LYS R 164 38.11 74.25 -180.26
N ILE R 165 37.77 72.99 -180.00
CA ILE R 165 36.53 72.46 -180.57
C ILE R 165 35.29 73.12 -179.96
N GLU R 166 35.39 73.62 -178.73
CA GLU R 166 34.22 74.11 -178.04
C GLU R 166 33.93 75.58 -178.32
N LYS R 167 34.96 76.36 -178.67
CA LYS R 167 34.85 77.81 -178.61
C LYS R 167 33.76 78.34 -179.53
N ILE R 168 33.66 77.80 -180.74
CA ILE R 168 32.76 78.35 -181.75
C ILE R 168 31.33 77.84 -181.58
N PRO R 169 31.07 76.53 -181.45
CA PRO R 169 29.68 76.07 -181.38
C PRO R 169 28.92 76.62 -180.20
N LEU R 170 29.61 77.20 -179.22
CA LEU R 170 28.91 77.79 -178.09
C LEU R 170 28.26 79.13 -178.43
N ARG R 171 28.86 79.91 -179.35
CA ARG R 171 28.23 81.17 -179.74
C ARG R 171 27.07 80.91 -180.69
N LYS R 172 27.27 80.05 -181.68
CA LYS R 172 26.15 79.60 -182.49
C LYS R 172 24.98 79.30 -181.60
N MET R 173 25.24 78.59 -180.49
CA MET R 173 24.24 78.42 -179.45
C MET R 173 23.83 79.74 -178.84
N GLU R 174 24.72 80.74 -178.83
CA GLU R 174 24.32 82.03 -178.26
C GLU R 174 23.13 82.62 -179.03
N ILE R 175 22.98 82.26 -180.31
CA ILE R 175 21.83 82.77 -181.07
C ILE R 175 20.49 82.23 -180.57
N PRO R 176 20.19 80.92 -180.63
CA PRO R 176 18.85 80.47 -180.27
C PRO R 176 18.62 80.41 -178.77
N LEU R 177 19.69 80.43 -177.98
CA LEU R 177 19.57 80.66 -176.54
C LEU R 177 18.82 81.94 -176.25
N LEU R 178 18.86 82.87 -177.17
CA LEU R 178 18.19 84.14 -176.97
C LEU R 178 16.69 84.01 -177.18
N HIS R 179 16.26 82.94 -177.85
CA HIS R 179 14.86 82.67 -178.14
C HIS R 179 14.19 81.81 -177.09
N CYS R 180 14.96 81.00 -176.37
CA CYS R 180 14.39 80.12 -175.36
C CYS R 180 14.27 80.85 -174.02
N THR R 181 13.68 80.15 -173.05
CA THR R 181 13.40 80.75 -171.76
C THR R 181 14.64 80.77 -170.88
N LYS R 182 14.58 81.61 -169.84
CA LYS R 182 15.74 81.83 -168.97
C LYS R 182 16.12 80.57 -168.20
N GLU R 183 15.12 79.86 -167.67
CA GLU R 183 15.40 78.59 -167.02
C GLU R 183 16.12 77.63 -167.95
N ASN R 184 15.80 77.67 -169.24
CA ASN R 184 16.47 76.79 -170.20
C ASN R 184 17.78 77.38 -170.72
N LYS R 185 17.96 78.71 -170.66
CA LYS R 185 19.32 79.26 -170.74
C LYS R 185 20.21 78.62 -169.67
N LEU R 186 19.81 78.72 -168.40
CA LEU R 186 20.63 78.22 -167.31
C LEU R 186 20.79 76.70 -167.40
N TYR R 187 19.75 76.02 -167.84
CA TYR R 187 19.83 74.60 -168.12
C TYR R 187 20.94 74.30 -169.13
N PHE R 188 20.87 74.94 -170.30
CA PHE R 188 21.86 74.67 -171.33
C PHE R 188 23.26 75.01 -170.85
N GLN R 189 23.41 76.17 -170.20
CA GLN R 189 24.72 76.54 -169.68
C GLN R 189 25.26 75.50 -168.73
N SER R 190 24.38 74.83 -167.97
CA SER R 190 24.85 73.89 -166.98
C SER R 190 25.18 72.54 -167.58
N ILE R 191 24.32 72.02 -168.47
CA ILE R 191 24.66 70.75 -169.12
C ILE R 191 25.89 70.91 -169.99
N SER R 192 26.09 72.11 -170.54
CA SER R 192 27.24 72.40 -171.39
C SER R 192 28.49 72.71 -170.59
N ARG R 193 28.34 73.13 -169.34
CA ARG R 193 29.45 73.06 -168.40
C ARG R 193 29.74 71.61 -167.98
N GLY R 194 28.77 70.72 -168.16
CA GLY R 194 28.94 69.34 -167.74
C GLY R 194 28.20 68.96 -166.47
N LEU R 195 27.65 69.93 -165.75
CA LEU R 195 26.79 69.61 -164.61
C LEU R 195 25.60 68.76 -165.05
N GLU R 196 24.94 68.14 -164.07
CA GLU R 196 23.76 67.35 -164.29
C GLU R 196 22.61 67.91 -163.44
N PRO R 197 21.38 67.91 -163.95
CA PRO R 197 20.29 68.51 -163.18
C PRO R 197 19.90 67.61 -162.03
N LEU R 198 19.60 68.18 -160.86
CA LEU R 198 19.07 67.34 -159.79
C LEU R 198 17.58 67.51 -159.60
N LYS R 199 16.91 68.12 -160.57
CA LYS R 199 15.45 68.10 -160.69
C LYS R 199 15.08 67.23 -161.88
N THR R 200 14.18 66.26 -161.65
CA THR R 200 13.68 65.37 -162.69
C THR R 200 12.60 66.06 -163.52
N SER R 201 12.26 65.46 -164.66
CA SER R 201 11.12 65.95 -165.42
C SER R 201 9.84 65.82 -164.62
N THR R 202 9.69 64.71 -163.90
CA THR R 202 8.56 64.57 -163.00
C THR R 202 8.60 65.64 -161.90
N SER R 203 9.77 65.78 -161.24
CA SER R 203 9.90 66.70 -160.13
C SER R 203 9.62 68.15 -160.50
N GLU R 204 9.42 68.47 -161.76
CA GLU R 204 9.14 69.85 -162.11
C GLU R 204 7.92 69.96 -163.03
N VAL R 205 7.10 68.91 -163.11
CA VAL R 205 5.85 69.02 -163.86
C VAL R 205 4.90 69.97 -163.18
N ARG R 206 4.62 69.73 -161.90
CA ARG R 206 3.97 70.69 -161.02
C ARG R 206 2.62 71.17 -161.58
N ASN R 207 1.80 70.21 -161.99
CA ASN R 207 0.42 70.45 -162.33
C ASN R 207 -0.43 69.52 -161.49
N TYR R 208 -1.56 70.02 -161.00
CA TYR R 208 -2.45 69.30 -160.10
C TYR R 208 -2.60 67.82 -160.48
N ARG R 209 -3.27 67.56 -161.60
CA ARG R 209 -3.61 66.19 -161.98
C ARG R 209 -2.36 65.30 -162.06
N THR R 210 -1.27 65.82 -162.63
CA THR R 210 -0.10 64.98 -162.81
C THR R 210 0.59 64.69 -161.47
N ARG R 211 0.65 65.69 -160.58
CA ARG R 211 1.22 65.46 -159.26
C ARG R 211 0.39 64.44 -158.49
N HIS R 212 -0.93 64.48 -158.68
CA HIS R 212 -1.79 63.49 -158.06
C HIS R 212 -1.52 62.10 -158.61
N ILE R 213 -1.44 61.97 -159.94
CA ILE R 213 -1.11 60.68 -160.53
C ILE R 213 0.26 60.19 -160.04
N VAL R 214 1.20 61.12 -159.83
CA VAL R 214 2.51 60.74 -159.31
C VAL R 214 2.35 60.11 -157.93
N THR R 215 1.58 60.74 -157.05
CA THR R 215 1.35 60.17 -155.72
C THR R 215 0.63 58.83 -155.80
N LEU R 216 -0.38 58.73 -156.67
CA LEU R 216 -1.10 57.48 -156.87
C LEU R 216 -0.15 56.36 -157.28
N THR R 217 0.52 56.52 -158.42
CA THR R 217 1.46 55.52 -158.90
C THR R 217 2.50 55.15 -157.84
N ASP R 218 3.07 56.16 -157.19
CA ASP R 218 3.99 55.89 -156.08
C ASP R 218 3.38 54.92 -155.09
N LEU R 219 2.20 55.26 -154.55
CA LEU R 219 1.56 54.39 -153.57
C LEU R 219 1.33 52.99 -154.12
N LEU R 220 1.09 52.87 -155.43
CA LEU R 220 1.06 51.55 -156.06
C LEU R 220 2.39 50.84 -155.85
N HIS R 221 3.48 51.44 -156.32
CA HIS R 221 4.78 50.78 -156.23
C HIS R 221 5.14 50.47 -154.78
N LEU R 222 4.83 51.38 -153.87
CA LEU R 222 5.14 51.17 -152.46
C LEU R 222 4.38 49.98 -151.92
N ASN R 223 3.05 49.99 -152.07
CA ASN R 223 2.26 48.89 -151.54
C ASN R 223 2.66 47.56 -152.16
N VAL R 224 2.94 47.54 -153.46
CA VAL R 224 3.43 46.31 -154.09
C VAL R 224 4.76 45.88 -153.49
N SER R 225 5.59 46.82 -153.06
CA SER R 225 6.78 46.40 -152.33
C SER R 225 6.42 45.84 -150.96
N ARG R 226 5.36 46.37 -150.34
CA ARG R 226 4.97 46.08 -148.97
C ARG R 226 4.06 44.87 -148.84
N HIS R 227 3.95 44.05 -149.89
CA HIS R 227 3.09 42.88 -149.90
C HIS R 227 1.62 43.22 -149.64
N ASN R 228 1.25 44.50 -149.67
CA ASN R 228 -0.11 44.92 -149.37
C ASN R 228 -1.01 44.75 -150.60
N TRP R 229 -1.03 43.53 -151.13
CA TRP R 229 -1.67 43.25 -152.41
C TRP R 229 -3.09 43.79 -152.50
N SER R 230 -3.80 43.89 -151.37
CA SER R 230 -5.17 44.40 -151.38
C SER R 230 -5.18 45.88 -151.74
N LEU R 231 -4.54 46.70 -150.88
CA LEU R 231 -4.40 48.12 -151.17
C LEU R 231 -3.84 48.33 -152.57
N ALA R 232 -2.66 47.79 -152.82
CA ALA R 232 -2.02 47.85 -154.11
C ALA R 232 -3.01 47.59 -155.23
N TYR R 233 -3.89 46.60 -155.05
CA TYR R 233 -4.89 46.35 -156.08
C TYR R 233 -5.84 47.53 -156.24
N LYS R 234 -6.29 48.11 -155.12
CA LYS R 234 -7.14 49.30 -155.23
C LYS R 234 -6.42 50.42 -155.97
N ILE R 235 -5.14 50.63 -155.62
CA ILE R 235 -4.32 51.63 -156.31
C ILE R 235 -4.31 51.36 -157.81
N PHE R 236 -4.05 50.12 -158.19
CA PHE R 236 -3.94 49.78 -159.60
C PHE R 236 -5.23 50.06 -160.35
N ALA R 237 -6.38 49.62 -159.81
CA ALA R 237 -7.64 49.83 -160.51
C ALA R 237 -7.96 51.31 -160.66
N THR R 238 -7.83 52.07 -159.56
CA THR R 238 -8.05 53.51 -159.63
C THR R 238 -7.12 54.19 -160.62
N LEU R 239 -5.90 53.68 -160.74
CA LEU R 239 -4.91 54.25 -161.65
C LEU R 239 -5.30 54.01 -163.10
N ILE R 240 -5.38 52.74 -163.51
CA ILE R 240 -5.79 52.41 -164.87
C ILE R 240 -7.12 53.07 -165.24
N ARG R 241 -7.97 53.40 -164.27
CA ARG R 241 -9.17 54.18 -164.60
C ARG R 241 -8.80 55.52 -165.26
N ILE R 242 -7.68 56.11 -164.89
CA ILE R 242 -7.43 57.50 -165.28
C ILE R 242 -7.12 57.55 -166.77
N PRO R 243 -7.49 58.64 -167.47
CA PRO R 243 -7.40 58.65 -168.93
C PRO R 243 -5.99 58.82 -169.46
N GLY R 244 -5.00 59.07 -168.62
CA GLY R 244 -3.68 59.37 -169.14
C GLY R 244 -2.72 58.19 -169.16
N VAL R 245 -3.03 57.14 -168.41
CA VAL R 245 -2.05 56.08 -168.14
C VAL R 245 -2.20 54.98 -169.17
N GLN R 246 -1.20 54.81 -170.03
CA GLN R 246 -1.16 53.55 -170.77
C GLN R 246 -0.34 52.54 -169.98
N ILE R 247 -0.39 51.30 -170.43
CA ILE R 247 -0.11 50.15 -169.57
C ILE R 247 1.35 49.77 -169.76
N LYS R 248 2.22 50.37 -168.94
CA LYS R 248 3.45 49.73 -168.50
C LYS R 248 3.18 48.82 -167.31
N SER R 249 2.17 49.16 -166.51
CA SER R 249 1.91 48.60 -165.20
C SER R 249 1.53 47.11 -165.23
N LEU R 250 1.77 46.45 -166.38
CA LEU R 250 1.31 45.07 -166.52
C LEU R 250 2.07 44.10 -165.62
N TRP R 251 3.37 44.31 -165.38
CA TRP R 251 4.07 43.48 -164.40
C TRP R 251 3.55 43.75 -163.00
N GLY R 252 3.27 45.03 -162.70
CA GLY R 252 2.56 45.37 -161.48
C GLY R 252 1.34 44.50 -161.28
N ILE R 253 0.51 44.36 -162.31
CA ILE R 253 -0.67 43.52 -162.13
C ILE R 253 -0.36 42.03 -162.23
N GLY R 254 0.70 41.64 -162.93
CA GLY R 254 1.05 40.25 -163.11
C GLY R 254 1.42 39.65 -161.78
N VAL R 255 2.46 40.21 -161.15
CA VAL R 255 2.80 39.78 -159.80
C VAL R 255 1.70 40.17 -158.81
N GLU R 256 0.87 41.15 -159.17
CA GLU R 256 -0.22 41.57 -158.29
C GLU R 256 -1.30 40.52 -158.13
N ILE R 257 -2.01 40.20 -159.21
CA ILE R 257 -3.01 39.14 -159.19
C ILE R 257 -2.37 37.80 -158.89
N LEU R 258 -1.10 37.61 -159.28
CA LEU R 258 -0.40 36.39 -158.91
C LEU R 258 -0.40 36.19 -157.39
N ASP R 259 0.20 37.13 -156.66
CA ASP R 259 0.14 37.02 -155.20
C ASP R 259 -1.24 37.32 -154.63
N ASN R 260 -2.20 37.72 -155.45
CA ASN R 260 -3.52 38.03 -154.89
C ASN R 260 -4.32 36.76 -154.62
N LEU R 261 -4.40 35.87 -155.61
CA LEU R 261 -5.16 34.62 -155.51
C LEU R 261 -6.62 34.86 -155.16
N SER R 262 -7.05 36.13 -155.11
CA SER R 262 -8.31 36.46 -154.44
C SER R 262 -9.52 36.18 -155.33
N ASN R 263 -9.66 36.95 -156.41
CA ASN R 263 -10.89 36.88 -157.19
C ASN R 263 -10.64 36.90 -158.69
N SER R 264 -10.08 38.01 -159.17
CA SER R 264 -10.24 38.42 -160.55
C SER R 264 -9.38 37.57 -161.49
N SER R 265 -9.96 37.24 -162.66
CA SER R 265 -9.33 36.42 -163.70
C SER R 265 -7.83 36.66 -163.71
N SER R 266 -7.07 35.60 -163.44
CA SER R 266 -5.77 35.72 -162.80
C SER R 266 -4.69 36.18 -163.79
N GLY R 267 -3.44 36.16 -163.31
CA GLY R 267 -2.33 36.68 -164.08
C GLY R 267 -2.15 36.01 -165.42
N LEU R 268 -2.48 34.73 -165.52
CA LEU R 268 -2.49 34.09 -166.84
C LEU R 268 -3.50 34.76 -167.75
N ASP R 269 -4.74 34.94 -167.27
CA ASP R 269 -5.77 35.63 -168.05
C ASP R 269 -5.26 36.98 -168.52
N PHE R 270 -4.67 37.77 -167.62
CA PHE R 270 -4.17 39.07 -167.99
C PHE R 270 -3.09 38.95 -169.05
N LEU R 271 -2.15 38.03 -168.87
CA LEU R 271 -1.02 37.92 -169.79
C LEU R 271 -1.47 37.54 -171.19
N GLN R 272 -2.23 36.44 -171.32
CA GLN R 272 -2.74 36.08 -172.63
C GLN R 272 -3.66 37.15 -173.20
N TRP R 273 -4.27 37.98 -172.34
CA TRP R 273 -4.97 39.15 -172.84
C TRP R 273 -4.00 40.14 -173.49
N MET R 274 -2.92 40.47 -172.77
CA MET R 274 -1.89 41.36 -173.31
C MET R 274 -1.41 40.89 -174.67
N CYS R 275 -1.18 39.59 -174.80
CA CYS R 275 -0.71 39.04 -176.06
C CYS R 275 -1.79 39.10 -177.13
N GLN R 276 -3.05 38.86 -176.75
CA GLN R 276 -4.09 38.84 -177.77
C GLN R 276 -4.40 40.26 -178.28
N ILE R 277 -4.36 41.26 -177.39
CA ILE R 277 -4.68 42.61 -177.81
C ILE R 277 -3.49 43.29 -178.47
N TYR R 278 -2.27 43.03 -177.98
CA TYR R 278 -1.11 43.74 -178.51
C TYR R 278 -0.14 42.83 -179.26
N SER R 279 -0.66 42.02 -180.20
CA SER R 279 0.18 41.28 -181.12
C SER R 279 -0.16 41.58 -182.57
N SER R 280 -0.88 42.67 -182.81
CA SER R 280 -1.33 43.00 -184.15
C SER R 280 -1.43 44.51 -184.29
N LYS R 281 -1.11 45.01 -185.48
CA LYS R 281 -1.33 46.41 -185.82
C LYS R 281 -2.83 46.67 -185.89
N SER R 282 -3.49 46.66 -184.73
CA SER R 282 -4.94 46.70 -184.69
C SER R 282 -5.44 47.62 -183.57
N ARG R 291 9.88 56.12 -181.94
CA ARG R 291 8.84 57.01 -181.42
C ARG R 291 9.03 57.22 -179.91
N SER R 292 8.18 58.04 -179.32
CA SER R 292 8.33 58.49 -177.94
C SER R 292 8.19 57.39 -176.91
N ILE R 293 6.95 56.92 -176.71
CA ILE R 293 6.57 56.20 -175.50
C ILE R 293 7.15 54.80 -175.38
N VAL R 294 7.82 54.28 -176.40
CA VAL R 294 8.01 52.83 -176.53
C VAL R 294 9.45 52.39 -176.30
N PRO R 295 9.81 51.99 -175.08
CA PRO R 295 10.98 51.11 -174.87
C PRO R 295 10.65 49.64 -175.18
N PRO R 296 11.37 48.65 -174.62
CA PRO R 296 11.07 47.24 -174.93
C PRO R 296 10.05 46.46 -174.10
N PHE R 297 9.57 46.96 -172.97
CA PHE R 297 8.62 46.15 -172.18
C PHE R 297 7.18 46.34 -172.65
N GLN R 298 6.94 47.18 -173.65
CA GLN R 298 5.72 47.15 -174.47
C GLN R 298 6.16 47.39 -175.91
N THR R 299 5.73 46.51 -176.81
CA THR R 299 6.37 46.46 -178.11
C THR R 299 5.36 46.13 -179.19
N GLY R 300 5.80 46.28 -180.45
CA GLY R 300 4.98 46.02 -181.61
C GLY R 300 5.41 44.72 -182.29
N SER R 301 4.47 44.08 -182.98
CA SER R 301 4.61 42.72 -183.46
C SER R 301 5.32 42.62 -184.80
N ARG R 302 6.22 43.55 -185.12
CA ARG R 302 7.07 43.38 -186.30
C ARG R 302 8.24 42.48 -185.96
N THR R 303 9.12 42.91 -185.06
CA THR R 303 10.09 42.06 -184.41
C THR R 303 9.84 42.14 -182.91
N HIS R 304 10.54 41.28 -182.17
CA HIS R 304 10.05 40.68 -180.93
C HIS R 304 9.27 41.60 -180.00
N THR R 305 7.98 41.31 -179.85
CA THR R 305 7.24 41.62 -178.64
C THR R 305 7.74 40.69 -177.53
N ALA R 306 8.44 41.26 -176.55
CA ALA R 306 9.19 40.45 -175.61
C ALA R 306 8.37 40.11 -174.37
N LYS R 307 8.49 40.92 -173.33
CA LYS R 307 8.08 40.59 -171.98
C LYS R 307 6.82 39.72 -171.89
N PHE R 308 5.66 40.29 -172.20
CA PHE R 308 4.40 39.61 -171.88
C PHE R 308 4.31 38.24 -172.56
N ALA R 309 4.80 38.13 -173.79
CA ALA R 309 4.72 36.87 -174.53
C ALA R 309 5.49 35.78 -173.81
N ILE R 310 6.79 35.99 -173.60
CA ILE R 310 7.59 34.94 -173.00
C ILE R 310 7.11 34.64 -171.58
N THR R 311 6.53 35.64 -170.90
CA THR R 311 6.07 35.38 -169.53
C THR R 311 4.79 34.56 -169.49
N TYR R 312 3.85 34.79 -170.41
CA TYR R 312 2.69 33.88 -170.44
C TYR R 312 3.10 32.49 -170.92
N LEU R 313 4.11 32.41 -171.79
CA LEU R 313 4.65 31.13 -172.24
C LEU R 313 5.17 30.32 -171.07
N TRP R 314 6.23 30.80 -170.43
CA TRP R 314 6.81 30.08 -169.31
C TRP R 314 5.76 29.87 -168.21
N SER R 315 5.05 30.93 -167.83
CA SER R 315 4.10 30.82 -166.73
C SER R 315 2.99 29.82 -167.04
N SER R 316 2.69 29.60 -168.33
CA SER R 316 1.70 28.60 -168.69
C SER R 316 2.28 27.20 -168.58
N LEU R 317 3.55 27.02 -168.98
CA LEU R 317 4.23 25.75 -168.72
C LEU R 317 4.30 25.45 -167.23
N ILE R 318 4.32 26.49 -166.39
CA ILE R 318 4.21 26.28 -164.94
C ILE R 318 2.75 25.99 -164.54
N ASN R 319 1.78 26.54 -165.27
CA ASN R 319 0.42 26.07 -165.08
C ASN R 319 0.27 24.60 -165.48
N CYS R 320 1.26 24.03 -166.18
CA CYS R 320 1.40 22.58 -166.27
C CYS R 320 2.16 21.98 -165.09
N GLN R 321 3.15 22.70 -164.54
CA GLN R 321 3.67 22.30 -163.24
C GLN R 321 2.53 22.10 -162.25
N LYS R 322 1.40 22.79 -162.46
CA LYS R 322 0.18 22.44 -161.74
C LYS R 322 -0.26 21.02 -162.07
N SER R 323 -0.05 20.58 -163.31
CA SER R 323 -0.46 19.23 -163.69
C SER R 323 0.47 18.21 -163.03
N MET R 324 1.68 18.07 -163.55
CA MET R 324 2.54 16.96 -163.07
C MET R 324 3.75 17.45 -162.28
N LEU R 345 -3.51 20.06 -171.23
CA LEU R 345 -2.99 21.42 -171.14
C LEU R 345 -1.71 21.61 -171.96
N ILE R 346 -0.84 20.59 -171.99
CA ILE R 346 0.45 20.72 -172.67
C ILE R 346 0.26 20.82 -174.18
N ASP R 347 -0.38 19.81 -174.78
CA ASP R 347 -0.62 19.86 -176.23
C ASP R 347 -1.46 21.08 -176.61
N LYS R 348 -2.12 21.72 -175.64
CA LYS R 348 -2.71 23.03 -175.87
C LYS R 348 -1.64 24.11 -175.96
N ILE R 349 -0.77 24.19 -174.95
CA ILE R 349 0.24 25.25 -174.91
C ILE R 349 1.18 25.16 -176.10
N SER R 350 1.61 23.95 -176.44
CA SER R 350 2.40 23.74 -177.65
C SER R 350 1.55 23.61 -178.90
N GLU R 351 0.23 23.58 -178.76
CA GLU R 351 -0.64 23.73 -179.93
C GLU R 351 -0.64 25.18 -180.40
N TRP R 352 -0.72 26.12 -179.46
CA TRP R 352 -0.67 27.55 -179.80
C TRP R 352 0.74 28.12 -179.70
N VAL R 353 1.72 27.30 -179.33
CA VAL R 353 3.11 27.57 -179.68
C VAL R 353 3.41 27.01 -181.07
N LEU R 354 2.72 25.94 -181.46
CA LEU R 354 2.79 25.45 -182.82
C LEU R 354 2.11 26.40 -183.81
N THR R 355 1.08 27.11 -183.34
CA THR R 355 0.31 27.96 -184.25
C THR R 355 1.13 29.11 -184.84
N PRO R 356 1.80 29.95 -184.06
CA PRO R 356 2.35 31.17 -184.64
C PRO R 356 3.62 30.89 -185.41
N PRO R 357 3.74 31.45 -186.62
CA PRO R 357 5.06 31.63 -187.23
C PRO R 357 5.68 32.97 -186.85
N PHE R 358 6.77 32.92 -186.09
CA PHE R 358 7.65 34.03 -185.76
C PHE R 358 9.02 33.38 -185.51
N MET R 359 9.62 32.91 -186.61
CA MET R 359 10.62 31.85 -186.55
C MET R 359 11.85 32.24 -185.73
N GLU R 360 12.19 33.53 -185.70
CA GLU R 360 13.35 33.96 -184.93
C GLU R 360 13.16 33.73 -183.43
N ASP R 361 11.91 33.63 -182.96
CA ASP R 361 11.60 33.48 -181.55
C ASP R 361 12.24 32.24 -180.92
N ALA R 362 13.57 32.22 -180.80
CA ALA R 362 14.25 31.03 -180.28
C ALA R 362 13.75 30.67 -178.89
N GLU R 363 13.56 31.67 -178.03
CA GLU R 363 13.08 31.37 -176.69
C GLU R 363 11.76 30.61 -176.74
N VAL R 364 10.93 30.87 -177.77
CA VAL R 364 9.72 30.06 -177.89
C VAL R 364 10.03 28.71 -178.50
N TRP R 365 11.22 28.55 -179.09
CA TRP R 365 11.66 27.21 -179.46
C TRP R 365 12.04 26.41 -178.21
N PHE R 366 12.70 27.05 -177.23
CA PHE R 366 12.99 26.34 -175.99
C PHE R 366 11.72 26.14 -175.15
N ILE R 367 10.73 27.03 -175.29
CA ILE R 367 9.41 26.80 -174.72
C ILE R 367 8.77 25.58 -175.37
N TYR R 368 8.87 25.50 -176.70
CA TYR R 368 8.33 24.37 -177.45
C TYR R 368 8.95 23.06 -176.97
N ALA R 369 10.28 22.98 -177.06
CA ALA R 369 10.99 21.77 -176.65
C ALA R 369 10.76 21.46 -175.18
N SER R 370 10.49 22.49 -174.36
CA SER R 370 10.16 22.25 -172.96
C SER R 370 8.77 21.64 -172.83
N CYS R 371 7.83 22.07 -173.67
CA CYS R 371 6.52 21.42 -173.70
C CYS R 371 6.65 19.96 -174.10
N HIS R 372 7.58 19.65 -175.01
CA HIS R 372 7.76 18.26 -175.42
C HIS R 372 8.48 17.44 -174.37
N LEU R 373 9.38 18.05 -173.60
CA LEU R 373 10.03 17.31 -172.52
C LEU R 373 9.06 17.08 -171.37
N LEU R 374 8.20 18.06 -171.08
CA LEU R 374 7.20 17.88 -170.04
C LEU R 374 6.13 16.88 -170.47
N LYS R 375 5.80 16.80 -171.77
CA LYS R 375 4.88 15.76 -172.19
C LYS R 375 5.56 14.40 -172.27
N ALA R 376 6.88 14.36 -172.48
CA ALA R 376 7.63 13.12 -172.37
C ALA R 376 7.91 12.74 -170.93
N ASP R 377 7.54 13.60 -169.97
CA ASP R 377 7.65 13.28 -168.54
C ASP R 377 9.10 13.08 -168.13
N ILE R 401 3.27 4.16 -176.25
CA ILE R 401 4.65 4.34 -175.83
C ILE R 401 5.48 4.94 -176.96
N ASN R 402 5.34 4.40 -178.18
CA ASN R 402 5.97 5.02 -179.32
C ASN R 402 5.52 6.46 -179.51
N GLN R 403 4.36 6.84 -178.93
CA GLN R 403 3.96 8.24 -178.91
C GLN R 403 4.95 9.07 -178.09
N VAL R 404 5.26 8.62 -176.87
CA VAL R 404 6.30 9.26 -176.07
C VAL R 404 7.62 9.29 -176.84
N ILE R 405 7.89 8.23 -177.62
CA ILE R 405 9.04 8.28 -178.52
C ILE R 405 8.97 9.50 -179.42
N LYS R 406 7.84 9.67 -180.14
CA LYS R 406 7.72 10.79 -181.06
C LYS R 406 7.88 12.12 -180.35
N HIS R 407 7.44 12.21 -179.09
CA HIS R 407 7.66 13.44 -178.32
C HIS R 407 9.13 13.66 -178.00
N ILE R 408 9.89 12.58 -177.77
CA ILE R 408 11.30 12.73 -177.45
C ILE R 408 12.12 13.10 -178.69
N HIS R 409 11.83 12.47 -179.83
CA HIS R 409 12.41 12.93 -181.08
C HIS R 409 12.02 14.38 -181.36
N TYR R 410 10.79 14.75 -181.00
CA TYR R 410 10.30 16.11 -181.22
C TYR R 410 11.16 17.14 -180.48
N VAL R 411 11.33 16.95 -179.16
CA VAL R 411 12.17 17.88 -178.41
C VAL R 411 13.60 17.85 -178.93
N ARG R 412 14.09 16.66 -179.31
CA ARG R 412 15.41 16.58 -179.93
C ARG R 412 15.51 17.49 -181.15
N THR R 413 14.42 17.67 -181.91
CA THR R 413 14.45 18.54 -183.08
C THR R 413 14.42 20.02 -182.69
N PHE R 414 13.44 20.40 -181.86
CA PHE R 414 13.29 21.81 -181.56
C PHE R 414 14.46 22.38 -180.76
N LEU R 415 15.28 21.52 -180.15
CA LEU R 415 16.50 22.04 -179.51
C LEU R 415 17.50 22.56 -180.55
N LYS R 416 17.62 21.90 -181.70
CA LYS R 416 18.55 22.41 -182.71
C LYS R 416 17.93 23.57 -183.49
N ILE R 417 16.62 23.50 -183.76
CA ILE R 417 16.02 24.62 -184.49
C ILE R 417 15.87 25.75 -183.48
N CYS R 418 16.27 25.50 -182.23
CA CYS R 418 16.50 26.54 -181.24
C CYS R 418 17.97 26.93 -181.14
N LEU R 419 18.89 26.06 -181.57
CA LEU R 419 20.22 26.54 -181.92
C LEU R 419 20.19 27.41 -183.15
N ASP R 420 19.01 27.57 -183.76
CA ASP R 420 18.84 28.55 -184.83
C ASP R 420 19.32 29.93 -184.43
N LYS R 421 18.98 30.38 -183.21
CA LYS R 421 19.11 31.79 -182.83
C LYS R 421 19.87 31.90 -181.50
N GLY R 422 20.02 33.14 -181.02
CA GLY R 422 20.71 33.48 -179.79
C GLY R 422 20.46 32.53 -178.64
N GLY R 423 21.48 31.74 -178.30
CA GLY R 423 21.26 30.45 -177.70
C GLY R 423 20.80 30.51 -176.26
N PHE R 424 19.79 29.70 -175.94
CA PHE R 424 19.48 29.25 -174.59
C PHE R 424 20.00 27.83 -174.47
N ALA R 425 21.12 27.65 -173.79
CA ALA R 425 21.73 26.33 -173.67
C ALA R 425 22.07 26.04 -172.22
N VAL R 426 21.97 24.76 -171.85
CA VAL R 426 22.45 24.31 -170.55
C VAL R 426 23.70 23.48 -170.87
N PRO R 427 23.61 22.20 -171.28
CA PRO R 427 24.63 21.68 -172.20
C PRO R 427 24.03 20.80 -173.29
N SER R 428 24.69 19.67 -173.53
CA SER R 428 24.05 18.56 -174.21
C SER R 428 23.56 17.52 -173.21
N ARG R 429 24.07 17.54 -171.99
CA ARG R 429 23.82 16.46 -171.05
C ARG R 429 22.55 16.71 -170.23
N LEU R 430 22.25 17.97 -169.88
CA LEU R 430 20.95 18.21 -169.28
C LEU R 430 19.86 18.17 -170.34
N ILE R 431 20.19 18.52 -171.58
CA ILE R 431 19.23 18.37 -172.67
C ILE R 431 18.90 16.90 -172.87
N GLU R 432 19.92 16.07 -173.07
CA GLU R 432 19.76 14.69 -173.51
C GLU R 432 19.67 13.70 -172.35
N ASN R 433 20.63 13.73 -171.42
CA ASN R 433 20.67 12.82 -170.28
C ASN R 433 19.31 12.62 -169.63
N GLN R 434 18.51 13.68 -169.57
CA GLN R 434 17.10 13.51 -169.26
C GLN R 434 16.42 12.58 -170.26
N LEU R 435 16.71 12.79 -171.55
CA LEU R 435 16.07 12.01 -172.62
C LEU R 435 16.63 10.59 -172.73
N LYS R 436 17.73 10.27 -172.05
CA LYS R 436 18.22 8.90 -171.94
C LYS R 436 17.66 8.23 -170.68
N SER R 437 17.52 8.99 -169.59
CA SER R 437 16.67 8.55 -168.50
C SER R 437 15.26 8.26 -169.00
N PHE R 438 14.85 8.94 -170.07
CA PHE R 438 13.62 8.62 -170.77
C PHE R 438 13.80 7.41 -171.68
N GLU R 439 14.93 7.36 -172.42
CA GLU R 439 15.19 6.21 -173.29
C GLU R 439 15.21 4.90 -172.52
N SER R 440 15.31 4.98 -171.19
CA SER R 440 15.04 3.83 -170.33
C SER R 440 13.70 3.19 -170.68
#